data_8BAP
#
_entry.id   8BAP
#
_cell.length_a   113.556
_cell.length_b   142.995
_cell.length_c   154.600
_cell.angle_alpha   114.870
_cell.angle_beta   97.000
_cell.angle_gamma   93.280
#
_symmetry.space_group_name_H-M   'P 1'
#
loop_
_entity.id
_entity.type
_entity.pdbx_description
1 polymer 'Probable vanillyl-alcohol oxidase'
2 non-polymer 'FLAVIN-ADENINE DINUCLEOTIDE'
3 non-polymer 4-[(1E)-3-hydroxyprop-1-en-1-yl]-2,6-dimethoxyphenol
4 non-polymer 'CALCIUM ION'
5 water water
#
_entity_poly.entity_id   1
_entity_poly.type   'polypeptide(L)'
_entity_poly.pdbx_seq_one_letter_code
;MTRTLPPGVSDERFDAALQRFRDVVGDKWVLSTADELEAFRDPYPVGAAEANLPSAVVSPESTEQVQDIVRIANEYGIPL
HPVSTGKNNGYGGAAPRLSGSVIVKTGERMNRILEVNEKYGYALLEPGVTYFDLYEYLQSHDSGLMLDCPDLGWGSVVGN
TLDRGVGYTPYGDHFMWQTGLEVVLPQGEVMRTGMGALPGSDAWQLFPYGFGPFPDGMFTQSNLGIVTKMGIALMQRPPA
SQSFLITFDKEEDLEQIVDIMLPLRINMAPLQNVPVLRNIFMDAAAVSKRTEWFDGDGPMPAEAIERMKKDLDLGFWNFY
GTLYGPPPLIEMYYGMIKEAFGKIPGARFFTHEERDDRGGHVLQDRHKINNGIPSLDELQQLDWVPNGGHIGFVPVSAPD
GREAMKQFEMVRNRANEYNKDYMAQFVIGLREMYHVCLFIYDTADPEAREEILQMTKVLVREAAEAGYGEYRTHNALMDD
VMATFNWGDGALLKFHEKIKDALDPNGIIAPGKSGIWPQRFRGQNL
;
_entity_poly.pdbx_strand_id   A,B,C,D,E,F,G,H,I,J,K,L,M,N,O,P
#
# COMPACT_ATOMS: atom_id res chain seq x y z
N THR A 2 -17.18 2.55 -59.18
CA THR A 2 -16.77 3.74 -59.93
C THR A 2 -15.46 4.33 -59.44
N ARG A 3 -14.71 4.92 -60.36
CA ARG A 3 -13.43 5.52 -60.01
C ARG A 3 -13.65 6.70 -59.09
N THR A 4 -12.81 6.80 -58.07
CA THR A 4 -12.86 7.91 -57.14
C THR A 4 -11.98 9.03 -57.65
N LEU A 5 -12.58 10.20 -57.92
CA LEU A 5 -11.90 11.33 -58.49
C LEU A 5 -11.95 12.56 -57.59
N PRO A 6 -10.91 13.39 -57.62
CA PRO A 6 -10.98 14.64 -56.87
C PRO A 6 -12.12 15.49 -57.35
N PRO A 7 -12.74 16.26 -56.46
CA PRO A 7 -13.80 17.19 -56.89
C PRO A 7 -13.33 18.13 -58.01
N GLY A 8 -14.14 18.18 -59.07
CA GLY A 8 -13.92 19.06 -60.20
C GLY A 8 -12.82 18.67 -61.16
N VAL A 9 -12.18 17.52 -60.99
CA VAL A 9 -11.09 17.08 -61.84
C VAL A 9 -11.58 15.94 -62.72
N SER A 10 -11.39 16.07 -64.03
CA SER A 10 -11.86 15.07 -64.99
C SER A 10 -11.00 13.80 -64.94
N ASP A 11 -11.52 12.74 -65.56
CA ASP A 11 -10.73 11.50 -65.68
C ASP A 11 -9.41 11.75 -66.38
N GLU A 12 -9.40 12.57 -67.44
CA GLU A 12 -8.17 12.78 -68.18
C GLU A 12 -7.20 13.63 -67.40
N ARG A 13 -7.67 14.72 -66.78
CA ARG A 13 -6.78 15.56 -65.97
C ARG A 13 -6.19 14.78 -64.79
N PHE A 14 -6.96 13.86 -64.20
CA PHE A 14 -6.44 13.08 -63.08
C PHE A 14 -5.33 12.16 -63.55
N ASP A 15 -5.56 11.47 -64.68
CA ASP A 15 -4.57 10.53 -65.23
C ASP A 15 -3.26 11.22 -65.59
N ALA A 16 -3.34 12.46 -66.10
CA ALA A 16 -2.12 13.22 -66.34
C ALA A 16 -1.42 13.53 -65.02
N ALA A 17 -2.21 13.92 -64.02
CA ALA A 17 -1.63 14.29 -62.73
C ALA A 17 -0.92 13.11 -62.08
N LEU A 18 -1.54 11.93 -62.11
CA LEU A 18 -0.91 10.74 -61.56
C LEU A 18 0.42 10.45 -62.27
N GLN A 19 0.44 10.57 -63.60
CA GLN A 19 1.69 10.32 -64.33
C GLN A 19 2.78 11.26 -63.86
N ARG A 20 2.46 12.54 -63.68
CA ARG A 20 3.44 13.49 -63.12
C ARG A 20 3.89 13.05 -61.74
N PHE A 21 2.98 12.57 -60.89
CA PHE A 21 3.39 11.97 -59.62
C PHE A 21 4.38 10.85 -59.85
N ARG A 22 4.04 9.94 -60.77
CA ARG A 22 4.94 8.84 -61.12
C ARG A 22 6.33 9.34 -61.51
N ASP A 23 6.42 10.40 -62.31
CA ASP A 23 7.73 10.92 -62.69
C ASP A 23 8.52 11.47 -61.50
N VAL A 24 7.87 11.74 -60.37
CA VAL A 24 8.55 12.32 -59.21
C VAL A 24 9.01 11.25 -58.24
N VAL A 25 8.14 10.29 -57.92
CA VAL A 25 8.42 9.31 -56.86
C VAL A 25 8.73 7.91 -57.39
N GLY A 26 8.46 7.63 -58.67
CA GLY A 26 8.64 6.31 -59.22
C GLY A 26 7.31 5.58 -59.32
N ASP A 27 7.12 4.76 -60.38
CA ASP A 27 5.80 4.18 -60.65
C ASP A 27 5.33 3.26 -59.54
N LYS A 28 6.26 2.62 -58.82
CA LYS A 28 5.94 1.72 -57.72
C LYS A 28 5.15 2.44 -56.63
N TRP A 29 5.36 3.74 -56.47
CA TRP A 29 4.97 4.47 -55.27
C TRP A 29 3.75 5.36 -55.51
N VAL A 30 2.92 5.03 -56.51
CA VAL A 30 1.68 5.73 -56.84
C VAL A 30 0.61 4.65 -57.02
N LEU A 31 -0.18 4.42 -55.96
CA LEU A 31 -1.30 3.47 -55.98
C LEU A 31 -2.56 4.19 -56.45
N SER A 32 -3.36 3.51 -57.29
CA SER A 32 -4.56 4.17 -57.80
C SER A 32 -5.68 3.22 -58.21
N THR A 33 -5.51 1.91 -58.03
CA THR A 33 -6.58 0.99 -58.41
C THR A 33 -7.50 0.74 -57.22
N ALA A 34 -8.71 0.24 -57.51
CA ALA A 34 -9.64 -0.12 -56.45
C ALA A 34 -9.01 -1.07 -55.45
N ASP A 35 -8.26 -2.06 -55.95
CA ASP A 35 -7.63 -3.05 -55.09
C ASP A 35 -6.53 -2.44 -54.23
N GLU A 36 -5.68 -1.60 -54.83
CA GLU A 36 -4.60 -1.03 -54.03
C GLU A 36 -5.13 -0.07 -52.97
N LEU A 37 -6.31 0.51 -53.17
CA LEU A 37 -6.82 1.53 -52.26
C LEU A 37 -7.56 0.96 -51.05
N GLU A 38 -8.07 -0.27 -51.13
CA GLU A 38 -8.93 -0.81 -50.06
C GLU A 38 -8.25 -0.75 -48.70
N ALA A 39 -6.92 -0.93 -48.67
CA ALA A 39 -6.17 -0.93 -47.42
C ALA A 39 -6.03 0.47 -46.81
N PHE A 40 -6.27 1.54 -47.57
CA PHE A 40 -6.19 2.91 -47.09
C PHE A 40 -7.56 3.47 -46.73
N ARG A 41 -8.61 2.67 -46.80
CA ARG A 41 -9.90 3.08 -46.30
C ARG A 41 -9.87 3.05 -44.78
N ASP A 42 -10.76 3.82 -44.17
CA ASP A 42 -10.93 3.81 -42.74
C ASP A 42 -11.14 2.36 -42.26
N PRO A 43 -10.24 1.80 -41.46
CA PRO A 43 -10.46 0.43 -40.96
C PRO A 43 -11.59 0.33 -39.94
N TYR A 44 -11.96 1.44 -39.28
CA TYR A 44 -13.10 1.49 -38.37
C TYR A 44 -14.15 2.43 -38.95
N PRO A 45 -14.73 2.09 -40.11
CA PRO A 45 -15.64 3.03 -40.77
C PRO A 45 -16.82 3.41 -39.87
N VAL A 46 -17.28 4.65 -40.05
CA VAL A 46 -18.33 5.28 -39.25
C VAL A 46 -19.47 5.64 -40.19
N GLY A 47 -20.68 5.22 -39.86
CA GLY A 47 -21.86 5.46 -40.70
C GLY A 47 -22.06 4.38 -41.75
N ALA A 48 -23.31 4.21 -42.18
CA ALA A 48 -23.61 3.18 -43.17
C ALA A 48 -23.00 3.53 -44.53
N ALA A 49 -23.14 4.79 -44.97
CA ALA A 49 -22.71 5.22 -46.29
C ALA A 49 -21.19 5.14 -46.49
N GLU A 50 -20.80 5.12 -47.76
CA GLU A 50 -19.41 5.35 -48.15
C GLU A 50 -19.00 6.79 -47.82
N ALA A 51 -17.77 6.96 -47.36
CA ALA A 51 -17.26 8.28 -47.04
C ALA A 51 -15.75 8.22 -46.96
N ASN A 52 -15.12 9.38 -47.15
CA ASN A 52 -13.68 9.55 -46.99
C ASN A 52 -12.89 8.66 -47.97
N LEU A 53 -13.20 8.78 -49.26
CA LEU A 53 -12.51 7.83 -50.14
C LEU A 53 -11.26 8.47 -50.73
N PRO A 54 -10.12 7.78 -50.69
CA PRO A 54 -8.92 8.30 -51.37
C PRO A 54 -8.96 8.00 -52.87
N SER A 55 -8.50 8.96 -53.65
CA SER A 55 -8.40 8.80 -55.09
C SER A 55 -7.07 8.17 -55.52
N ALA A 56 -6.01 8.40 -54.74
CA ALA A 56 -4.71 7.77 -54.96
C ALA A 56 -3.85 7.94 -53.70
N VAL A 57 -2.73 7.21 -53.67
CA VAL A 57 -1.74 7.32 -52.61
C VAL A 57 -0.37 7.51 -53.25
N VAL A 58 0.32 8.57 -52.86
CA VAL A 58 1.65 8.88 -53.36
C VAL A 58 2.62 8.75 -52.19
N SER A 59 3.75 8.09 -52.42
CA SER A 59 4.74 7.82 -51.39
C SER A 59 6.08 8.48 -51.70
N PRO A 60 6.33 9.69 -51.21
CA PRO A 60 7.61 10.38 -51.52
C PRO A 60 8.80 9.87 -50.71
N GLU A 61 10.00 10.11 -51.27
CA GLU A 61 11.26 9.67 -50.68
C GLU A 61 12.03 10.80 -50.00
N SER A 62 11.69 12.06 -50.29
CA SER A 62 12.51 13.16 -49.83
C SER A 62 11.62 14.39 -49.72
N THR A 63 12.11 15.38 -48.95
CA THR A 63 11.48 16.71 -48.94
C THR A 63 11.31 17.26 -50.35
N GLU A 64 12.35 17.17 -51.19
CA GLU A 64 12.29 17.72 -52.55
C GLU A 64 11.15 17.12 -53.35
N GLN A 65 10.93 15.81 -53.20
CA GLN A 65 9.80 15.17 -53.87
C GLN A 65 8.46 15.67 -53.33
N VAL A 66 8.36 15.86 -52.00
CA VAL A 66 7.16 16.45 -51.42
C VAL A 66 6.87 17.80 -52.07
N GLN A 67 7.87 18.69 -52.13
CA GLN A 67 7.72 19.95 -52.84
C GLN A 67 7.14 19.75 -54.23
N ASP A 68 7.72 18.82 -55.01
CA ASP A 68 7.25 18.58 -56.36
C ASP A 68 5.80 18.08 -56.37
N ILE A 69 5.45 17.17 -55.45
CA ILE A 69 4.07 16.70 -55.36
C ILE A 69 3.11 17.86 -55.17
N VAL A 70 3.45 18.77 -54.26
CA VAL A 70 2.58 19.90 -53.93
C VAL A 70 2.47 20.87 -55.10
N ARG A 71 3.57 21.06 -55.85
CA ARG A 71 3.52 21.91 -57.04
C ARG A 71 2.61 21.32 -58.10
N ILE A 72 2.69 20.01 -58.33
CA ILE A 72 1.81 19.36 -59.29
C ILE A 72 0.37 19.51 -58.84
N ALA A 73 0.12 19.31 -57.55
CA ALA A 73 -1.24 19.43 -57.03
C ALA A 73 -1.79 20.82 -57.26
N ASN A 74 -0.96 21.87 -57.09
CA ASN A 74 -1.45 23.23 -57.30
C ASN A 74 -1.84 23.45 -58.76
N GLU A 75 -1.07 22.86 -59.68
CA GLU A 75 -1.32 23.02 -61.09
C GLU A 75 -2.60 22.32 -61.52
N TYR A 76 -2.96 21.21 -60.90
CA TYR A 76 -4.16 20.45 -61.24
C TYR A 76 -5.30 20.59 -60.23
N GLY A 77 -5.15 21.42 -59.20
CA GLY A 77 -6.16 21.49 -58.15
C GLY A 77 -6.52 20.14 -57.56
N ILE A 78 -5.52 19.28 -57.35
CA ILE A 78 -5.70 17.98 -56.70
C ILE A 78 -5.50 18.17 -55.20
N PRO A 79 -6.47 17.83 -54.35
CA PRO A 79 -6.27 17.93 -52.89
C PRO A 79 -5.38 16.81 -52.35
N LEU A 80 -4.65 17.14 -51.28
CA LEU A 80 -3.64 16.26 -50.71
C LEU A 80 -3.90 16.08 -49.22
N HIS A 81 -4.01 14.83 -48.80
CA HIS A 81 -4.14 14.49 -47.40
C HIS A 81 -2.78 13.93 -46.93
N PRO A 82 -1.94 14.71 -46.26
CA PRO A 82 -0.65 14.19 -45.79
C PRO A 82 -0.84 13.38 -44.52
N VAL A 83 -0.15 12.25 -44.44
CA VAL A 83 -0.10 11.44 -43.23
C VAL A 83 1.32 10.93 -43.03
N SER A 84 1.60 10.46 -41.83
CA SER A 84 2.91 9.93 -41.53
C SER A 84 2.87 8.41 -41.69
N THR A 85 2.41 7.69 -40.67
CA THR A 85 2.19 6.26 -40.82
C THR A 85 0.76 5.96 -41.22
N GLY A 86 -0.19 6.81 -40.82
CA GLY A 86 -1.56 6.65 -41.25
C GLY A 86 -2.32 5.66 -40.41
N LYS A 87 -1.96 5.54 -39.12
CA LYS A 87 -2.61 4.69 -38.15
C LYS A 87 -3.48 5.49 -37.17
N ASN A 88 -4.04 6.62 -37.64
CA ASN A 88 -4.94 7.43 -36.83
C ASN A 88 -6.28 6.71 -36.63
N ASN A 89 -6.24 5.50 -36.08
CA ASN A 89 -7.43 4.68 -35.97
C ASN A 89 -8.27 5.16 -34.79
N GLY A 90 -9.58 5.26 -35.02
CA GLY A 90 -10.50 5.94 -34.13
C GLY A 90 -10.85 7.31 -34.62
N TYR A 91 -10.09 7.80 -35.59
CA TYR A 91 -10.32 9.14 -36.09
C TYR A 91 -10.37 9.19 -37.60
N GLY A 92 -10.29 8.06 -38.28
CA GLY A 92 -10.30 8.03 -39.73
C GLY A 92 -9.28 7.10 -40.36
N GLY A 93 -8.28 6.67 -39.56
CA GLY A 93 -7.13 5.94 -40.08
C GLY A 93 -6.25 6.80 -40.98
N ALA A 94 -6.04 6.37 -42.22
CA ALA A 94 -5.41 7.21 -43.24
C ALA A 94 -6.43 7.92 -44.14
N ALA A 95 -7.72 7.70 -43.95
CA ALA A 95 -8.71 8.20 -44.91
C ALA A 95 -8.76 9.73 -44.90
N PRO A 96 -8.90 10.36 -46.06
CA PRO A 96 -9.02 11.83 -46.09
C PRO A 96 -10.38 12.26 -45.63
N ARG A 97 -10.43 13.44 -45.01
CA ARG A 97 -11.72 14.07 -44.74
C ARG A 97 -12.55 14.26 -46.02
N LEU A 98 -11.93 14.80 -47.09
CA LEU A 98 -12.60 15.09 -48.37
C LEU A 98 -12.36 13.97 -49.36
N SER A 99 -13.43 13.25 -49.72
CA SER A 99 -13.31 12.16 -50.69
C SER A 99 -12.74 12.67 -52.01
N GLY A 100 -11.90 11.85 -52.65
CA GLY A 100 -11.23 12.27 -53.86
C GLY A 100 -9.84 12.85 -53.63
N SER A 101 -9.45 13.02 -52.37
CA SER A 101 -8.11 13.46 -52.03
C SER A 101 -7.10 12.37 -52.29
N VAL A 102 -5.88 12.80 -52.63
CA VAL A 102 -4.73 11.90 -52.73
C VAL A 102 -4.00 11.90 -51.39
N ILE A 103 -3.84 10.72 -50.81
CA ILE A 103 -3.00 10.58 -49.63
C ILE A 103 -1.53 10.71 -50.01
N VAL A 104 -0.82 11.59 -49.33
CA VAL A 104 0.63 11.67 -49.41
C VAL A 104 1.18 10.98 -48.16
N LYS A 105 1.64 9.74 -48.31
CA LYS A 105 2.09 8.96 -47.16
C LYS A 105 3.58 9.19 -46.96
N THR A 106 3.93 10.26 -46.23
CA THR A 106 5.33 10.61 -46.02
C THR A 106 6.10 9.52 -45.28
N GLY A 107 5.44 8.70 -44.47
CA GLY A 107 6.19 7.78 -43.63
C GLY A 107 6.66 6.52 -44.32
N GLU A 108 6.12 6.20 -45.49
CA GLU A 108 6.46 4.91 -46.10
C GLU A 108 7.96 4.86 -46.44
N ARG A 109 8.50 5.94 -47.02
CA ARG A 109 9.92 6.04 -47.36
C ARG A 109 10.69 7.04 -46.53
N MET A 110 10.04 8.12 -46.05
CA MET A 110 10.70 9.08 -45.15
C MET A 110 10.54 8.60 -43.71
N ASN A 111 11.34 7.58 -43.39
CA ASN A 111 11.21 6.82 -42.16
C ASN A 111 12.51 6.79 -41.38
N ARG A 112 13.37 7.78 -41.57
CA ARG A 112 14.71 7.72 -41.02
C ARG A 112 14.85 8.60 -39.79
N ILE A 113 15.52 8.05 -38.79
CA ILE A 113 15.97 8.82 -37.65
C ILE A 113 17.16 9.65 -38.09
N LEU A 114 17.03 10.99 -38.02
CA LEU A 114 18.09 11.87 -38.51
C LEU A 114 19.10 12.23 -37.43
N GLU A 115 18.68 12.29 -36.17
CA GLU A 115 19.64 12.53 -35.12
C GLU A 115 19.03 12.06 -33.81
N VAL A 116 19.85 11.41 -32.98
CA VAL A 116 19.49 11.23 -31.58
C VAL A 116 20.69 11.71 -30.79
N ASN A 117 20.49 12.77 -30.03
CA ASN A 117 21.55 13.43 -29.29
C ASN A 117 21.45 12.98 -27.84
N GLU A 118 22.45 12.23 -27.37
CA GLU A 118 22.40 11.70 -26.02
C GLU A 118 22.61 12.79 -24.99
N LYS A 119 23.37 13.82 -25.34
CA LYS A 119 23.80 14.80 -24.35
C LYS A 119 22.67 15.75 -23.99
N TYR A 120 21.95 16.27 -24.98
CA TYR A 120 20.86 17.18 -24.71
C TYR A 120 19.51 16.48 -24.71
N GLY A 121 19.47 15.18 -25.03
CA GLY A 121 18.22 14.46 -25.02
C GLY A 121 17.19 14.91 -26.04
N TYR A 122 17.51 14.81 -27.34
CA TYR A 122 16.46 15.06 -28.31
C TYR A 122 16.62 14.10 -29.47
N ALA A 123 15.55 14.01 -30.25
CA ALA A 123 15.55 13.33 -31.54
C ALA A 123 15.16 14.31 -32.62
N LEU A 124 15.74 14.13 -33.81
CA LEU A 124 15.24 14.73 -35.05
C LEU A 124 14.84 13.58 -35.97
N LEU A 125 13.55 13.60 -36.36
CA LEU A 125 12.86 12.45 -36.95
C LEU A 125 12.16 12.84 -38.23
N GLU A 126 12.07 11.89 -39.11
CA GLU A 126 11.16 11.94 -40.23
C GLU A 126 9.84 11.29 -39.85
N PRO A 127 8.78 11.48 -40.64
CA PRO A 127 7.45 11.05 -40.20
C PRO A 127 7.25 9.55 -40.09
N GLY A 128 8.13 8.73 -40.69
CA GLY A 128 7.94 7.30 -40.76
C GLY A 128 8.44 6.53 -39.56
N VAL A 129 9.13 7.23 -38.66
CA VAL A 129 9.72 6.62 -37.48
C VAL A 129 8.60 6.27 -36.51
N THR A 130 8.34 4.98 -36.34
CA THR A 130 7.36 4.52 -35.38
C THR A 130 7.96 4.54 -33.97
N TYR A 131 7.08 4.34 -32.97
CA TYR A 131 7.57 4.26 -31.59
C TYR A 131 8.44 3.02 -31.39
N PHE A 132 8.08 1.89 -32.03
CA PHE A 132 8.93 0.70 -32.06
C PHE A 132 10.30 0.97 -32.68
N ASP A 133 10.34 1.66 -33.84
CA ASP A 133 11.62 1.98 -34.49
C ASP A 133 12.53 2.78 -33.57
N LEU A 134 11.98 3.82 -32.96
CA LEU A 134 12.78 4.67 -32.08
C LEU A 134 13.18 3.92 -30.82
N TYR A 135 12.28 3.07 -30.28
CA TYR A 135 12.66 2.24 -29.14
C TYR A 135 13.80 1.30 -29.52
N GLU A 136 13.75 0.75 -30.73
CA GLU A 136 14.80 -0.16 -31.17
C GLU A 136 16.13 0.56 -31.28
N TYR A 137 16.11 1.78 -31.84
CA TYR A 137 17.31 2.59 -31.93
C TYR A 137 17.91 2.86 -30.55
N LEU A 138 17.07 3.29 -29.60
CA LEU A 138 17.55 3.58 -28.25
C LEU A 138 18.14 2.33 -27.61
N GLN A 139 17.52 1.17 -27.82
CA GLN A 139 18.06 -0.05 -27.23
C GLN A 139 19.41 -0.42 -27.88
N SER A 140 19.49 -0.40 -29.22
CA SER A 140 20.76 -0.74 -29.89
C SER A 140 21.90 0.21 -29.53
N HIS A 141 21.61 1.46 -29.13
CA HIS A 141 22.68 2.43 -28.89
C HIS A 141 22.94 2.66 -27.40
N ASP A 142 22.52 1.73 -26.55
CA ASP A 142 22.76 1.83 -25.09
C ASP A 142 22.37 3.20 -24.55
N SER A 143 21.31 3.74 -25.10
CA SER A 143 20.90 5.09 -24.81
C SER A 143 20.43 5.22 -23.36
N GLY A 144 20.71 6.36 -22.76
CA GLY A 144 20.18 6.69 -21.46
C GLY A 144 18.84 7.39 -21.54
N LEU A 145 18.28 7.56 -22.73
CA LEU A 145 17.01 8.22 -22.94
C LEU A 145 15.88 7.21 -23.01
N MET A 146 14.65 7.72 -22.91
CA MET A 146 13.43 6.93 -23.09
C MET A 146 12.41 7.79 -23.84
N LEU A 147 11.58 7.13 -24.62
CA LEU A 147 10.63 7.90 -25.39
C LEU A 147 9.33 7.98 -24.62
N ASP A 148 8.34 8.66 -25.21
CA ASP A 148 6.99 8.72 -24.69
C ASP A 148 6.05 8.25 -25.80
N CYS A 149 5.30 7.18 -25.53
CA CYS A 149 4.45 6.55 -26.53
C CYS A 149 2.99 6.52 -26.10
N PRO A 150 2.06 6.59 -27.07
CA PRO A 150 0.64 6.28 -26.82
C PRO A 150 0.42 4.80 -26.54
N ASP A 151 -0.84 4.40 -26.45
CA ASP A 151 -1.18 3.01 -26.12
C ASP A 151 -0.70 2.03 -27.17
N LEU A 152 -0.69 2.45 -28.44
CA LEU A 152 -0.28 1.62 -29.58
C LEU A 152 1.04 2.12 -30.12
N GLY A 153 2.07 1.26 -30.09
CA GLY A 153 3.40 1.64 -30.54
C GLY A 153 3.64 1.67 -32.04
N TRP A 154 2.65 1.32 -32.86
CA TRP A 154 2.89 1.20 -34.30
C TRP A 154 2.63 2.50 -35.05
N GLY A 155 2.40 3.59 -34.33
CA GLY A 155 2.18 4.87 -34.96
C GLY A 155 3.45 5.70 -35.02
N SER A 156 3.31 6.89 -35.60
CA SER A 156 4.40 7.81 -35.86
C SER A 156 4.62 8.75 -34.68
N VAL A 157 5.90 8.94 -34.30
CA VAL A 157 6.19 9.97 -33.32
C VAL A 157 5.75 11.33 -33.87
N VAL A 158 5.99 11.56 -35.16
CA VAL A 158 5.66 12.85 -35.76
C VAL A 158 4.15 12.98 -35.95
N GLY A 159 3.56 12.03 -36.68
CA GLY A 159 2.13 12.03 -36.94
C GLY A 159 1.29 12.15 -35.68
N ASN A 160 1.60 11.37 -34.66
CA ASN A 160 0.86 11.50 -33.41
C ASN A 160 1.01 12.91 -32.84
N THR A 161 2.22 13.48 -32.90
CA THR A 161 2.41 14.84 -32.41
C THR A 161 1.57 15.85 -33.20
N LEU A 162 1.56 15.73 -34.53
CA LEU A 162 0.81 16.67 -35.37
C LEU A 162 -0.71 16.62 -35.18
N ASP A 163 -1.26 15.58 -34.55
CA ASP A 163 -2.66 15.59 -34.16
C ASP A 163 -2.82 15.86 -32.67
N ARG A 164 -1.74 16.33 -32.02
CA ARG A 164 -1.68 16.58 -30.58
C ARG A 164 -2.18 15.37 -29.78
N GLY A 165 -1.71 14.20 -30.18
CA GLY A 165 -1.83 12.99 -29.38
C GLY A 165 -1.00 13.06 -28.12
N VAL A 166 -1.18 12.07 -27.25
CA VAL A 166 -0.55 12.09 -25.93
C VAL A 166 -0.12 10.69 -25.49
N GLY A 167 0.90 10.66 -24.63
CA GLY A 167 1.37 9.46 -23.98
C GLY A 167 1.32 9.61 -22.47
N TYR A 168 2.09 8.82 -21.71
CA TYR A 168 1.77 8.71 -20.30
C TYR A 168 2.95 8.87 -19.34
N THR A 169 4.15 9.17 -19.82
CA THR A 169 5.30 9.46 -18.97
C THR A 169 5.25 10.94 -18.60
N PRO A 170 6.19 11.48 -17.80
CA PRO A 170 6.21 12.94 -17.57
C PRO A 170 6.27 13.77 -18.86
N TYR A 171 6.79 13.22 -19.96
CA TYR A 171 6.79 13.88 -21.27
C TYR A 171 5.53 13.55 -22.09
N GLY A 172 4.41 13.24 -21.43
CA GLY A 172 3.23 12.79 -22.16
C GLY A 172 2.57 13.79 -23.10
N ASP A 173 2.79 15.09 -22.92
CA ASP A 173 2.24 16.13 -23.80
C ASP A 173 3.20 16.31 -24.97
N HIS A 174 2.96 15.55 -26.05
CA HIS A 174 3.95 15.46 -27.14
C HIS A 174 4.20 16.80 -27.79
N PHE A 175 3.15 17.61 -27.99
CA PHE A 175 3.36 18.88 -28.66
C PHE A 175 4.23 19.81 -27.82
N MET A 176 4.06 19.77 -26.50
CA MET A 176 4.89 20.62 -25.65
C MET A 176 6.38 20.37 -25.91
N TRP A 177 6.78 19.10 -26.03
CA TRP A 177 8.20 18.73 -26.14
C TRP A 177 8.67 18.70 -27.60
N GLN A 178 7.75 18.84 -28.54
CA GLN A 178 8.13 19.11 -29.92
C GLN A 178 8.97 20.37 -29.94
N THR A 179 10.06 20.33 -30.72
CA THR A 179 11.06 21.39 -30.75
C THR A 179 11.63 21.42 -32.17
N GLY A 180 11.15 22.34 -32.98
CA GLY A 180 11.61 22.51 -34.34
C GLY A 180 10.84 21.64 -35.30
N LEU A 181 10.53 22.15 -36.49
CA LEU A 181 10.02 21.32 -37.55
C LEU A 181 10.41 21.91 -38.91
N GLU A 182 10.25 21.09 -39.95
CA GLU A 182 10.41 21.52 -41.33
C GLU A 182 9.12 21.22 -42.07
N VAL A 183 8.65 22.17 -42.87
CA VAL A 183 7.33 22.00 -43.48
C VAL A 183 7.35 22.51 -44.91
N VAL A 184 6.66 21.79 -45.78
CA VAL A 184 6.39 22.26 -47.13
C VAL A 184 5.02 22.92 -47.10
N LEU A 185 5.02 24.25 -47.17
CA LEU A 185 3.85 25.10 -47.21
C LEU A 185 3.04 24.80 -48.47
N PRO A 186 1.77 25.20 -48.53
CA PRO A 186 0.84 24.60 -49.49
C PRO A 186 1.10 24.91 -50.95
N GLN A 187 1.98 25.86 -51.26
CA GLN A 187 2.33 26.13 -52.64
C GLN A 187 3.72 25.62 -53.00
N GLY A 188 4.33 24.82 -52.13
CA GLY A 188 5.55 24.10 -52.44
C GLY A 188 6.82 24.65 -51.85
N GLU A 189 6.76 25.80 -51.16
CA GLU A 189 7.97 26.34 -50.55
C GLU A 189 8.24 25.63 -49.22
N VAL A 190 9.51 25.51 -48.86
CA VAL A 190 9.88 24.81 -47.63
C VAL A 190 10.32 25.82 -46.57
N MET A 191 10.02 25.51 -45.31
CA MET A 191 10.29 26.42 -44.20
C MET A 191 10.74 25.64 -42.96
N ARG A 192 11.64 26.24 -42.21
CA ARG A 192 12.05 25.69 -40.91
C ARG A 192 11.69 26.65 -39.78
N THR A 193 11.12 26.14 -38.69
CA THR A 193 10.73 26.97 -37.54
C THR A 193 11.82 27.05 -36.47
N GLY A 194 11.66 28.04 -35.59
CA GLY A 194 12.54 28.21 -34.43
C GLY A 194 13.97 28.51 -34.85
N MET A 195 14.93 27.90 -34.15
CA MET A 195 16.34 28.07 -34.49
C MET A 195 16.71 27.43 -35.81
N GLY A 196 15.90 26.50 -36.34
CA GLY A 196 16.17 25.97 -37.66
C GLY A 196 16.16 27.01 -38.76
N ALA A 197 15.55 28.18 -38.52
CA ALA A 197 15.56 29.25 -39.50
C ALA A 197 16.86 30.05 -39.50
N LEU A 198 17.69 29.89 -38.46
CA LEU A 198 19.01 30.51 -38.43
C LEU A 198 20.03 29.55 -39.03
N PRO A 199 20.60 29.85 -40.19
CA PRO A 199 21.55 28.93 -40.82
C PRO A 199 22.75 28.68 -39.92
N GLY A 200 23.02 27.40 -39.66
CA GLY A 200 24.20 27.01 -38.90
C GLY A 200 24.01 26.88 -37.41
N SER A 201 22.77 26.99 -36.90
CA SER A 201 22.51 26.86 -35.48
C SER A 201 22.48 25.39 -35.07
N ASP A 202 23.13 25.08 -33.95
CA ASP A 202 23.01 23.77 -33.33
C ASP A 202 21.77 23.64 -32.47
N ALA A 203 20.89 24.64 -32.43
CA ALA A 203 19.89 24.74 -31.38
C ALA A 203 18.47 24.47 -31.86
N TRP A 204 18.29 23.93 -33.05
CA TRP A 204 16.95 23.68 -33.58
C TRP A 204 16.08 22.86 -32.62
N GLN A 205 16.65 21.81 -32.03
CA GLN A 205 15.95 20.94 -31.10
C GLN A 205 16.27 21.30 -29.64
N LEU A 206 16.84 22.47 -29.40
CA LEU A 206 17.16 22.91 -28.05
C LEU A 206 16.30 24.06 -27.56
N PHE A 207 16.00 25.02 -28.42
CA PHE A 207 15.19 26.18 -28.05
C PHE A 207 14.00 26.25 -28.99
N PRO A 208 12.78 26.08 -28.49
CA PRO A 208 11.64 25.88 -29.38
C PRO A 208 11.20 27.12 -30.14
N TYR A 209 11.41 28.33 -29.60
CA TYR A 209 10.71 29.51 -30.10
C TYR A 209 11.43 30.27 -31.22
N GLY A 210 12.76 30.29 -31.25
CA GLY A 210 13.41 31.17 -32.22
C GLY A 210 13.12 32.65 -31.94
N PHE A 211 12.56 33.35 -32.92
CA PHE A 211 12.35 34.79 -32.85
C PHE A 211 11.16 35.19 -33.71
N GLY A 212 10.38 36.18 -33.24
CA GLY A 212 9.14 36.54 -33.88
C GLY A 212 8.00 35.64 -33.44
N PRO A 213 6.86 35.73 -34.10
CA PRO A 213 5.69 34.93 -33.70
C PRO A 213 5.98 33.44 -33.75
N PHE A 214 5.45 32.69 -32.76
CA PHE A 214 5.74 31.27 -32.60
C PHE A 214 4.73 30.44 -33.41
N PRO A 215 5.13 29.79 -34.50
CA PRO A 215 4.14 29.23 -35.44
C PRO A 215 3.86 27.72 -35.31
N ASP A 216 4.66 26.98 -34.54
CA ASP A 216 4.63 25.52 -34.69
C ASP A 216 3.26 24.95 -34.35
N GLY A 217 2.59 25.51 -33.34
CA GLY A 217 1.21 25.15 -33.06
C GLY A 217 0.25 25.22 -34.24
N MET A 218 0.48 26.15 -35.18
CA MET A 218 -0.42 26.29 -36.32
C MET A 218 -0.34 25.11 -37.29
N PHE A 219 0.67 24.25 -37.16
CA PHE A 219 0.79 23.05 -37.97
C PHE A 219 0.31 21.79 -37.24
N THR A 220 -0.28 21.92 -36.06
CA THR A 220 -0.91 20.78 -35.40
C THR A 220 -2.43 20.83 -35.62
N GLN A 221 -3.04 19.64 -35.78
CA GLN A 221 -4.48 19.50 -36.12
C GLN A 221 -4.89 20.48 -37.21
N SER A 222 -4.09 20.53 -38.26
CA SER A 222 -4.04 21.66 -39.18
C SER A 222 -3.86 21.16 -40.61
N ASN A 223 -4.16 22.05 -41.55
CA ASN A 223 -3.95 21.76 -42.97
C ASN A 223 -3.22 22.90 -43.64
N LEU A 224 -2.19 23.46 -42.98
CA LEU A 224 -1.36 24.50 -43.56
C LEU A 224 -0.05 24.00 -44.16
N GLY A 225 0.17 22.68 -44.26
CA GLY A 225 1.36 22.21 -44.95
C GLY A 225 1.62 20.74 -44.75
N ILE A 226 2.67 20.27 -45.40
CA ILE A 226 3.14 18.89 -45.23
C ILE A 226 4.45 18.93 -44.47
N VAL A 227 4.46 18.33 -43.25
CA VAL A 227 5.63 18.33 -42.36
C VAL A 227 6.57 17.20 -42.77
N THR A 228 7.87 17.52 -42.91
CA THR A 228 8.88 16.59 -43.41
C THR A 228 9.97 16.27 -42.41
N LYS A 229 10.19 17.11 -41.41
CA LYS A 229 11.07 16.80 -40.30
C LYS A 229 10.49 17.42 -39.04
N MET A 230 10.76 16.78 -37.91
CA MET A 230 10.27 17.30 -36.64
C MET A 230 11.17 16.81 -35.53
N GLY A 231 11.58 17.73 -34.66
CA GLY A 231 12.31 17.37 -33.45
C GLY A 231 11.40 17.24 -32.24
N ILE A 232 11.91 16.54 -31.24
CA ILE A 232 11.18 16.30 -30.01
C ILE A 232 12.20 16.01 -28.93
N ALA A 233 11.93 16.54 -27.75
CA ALA A 233 12.80 16.31 -26.62
C ALA A 233 12.53 14.91 -26.05
N LEU A 234 13.56 14.33 -25.45
CA LEU A 234 13.51 12.98 -24.91
C LEU A 234 14.03 13.02 -23.48
N MET A 235 13.25 12.47 -22.56
CA MET A 235 13.57 12.48 -21.15
C MET A 235 14.65 11.42 -20.84
N GLN A 236 15.49 11.72 -19.85
CA GLN A 236 16.41 10.72 -19.30
C GLN A 236 15.62 9.63 -18.58
N ARG A 237 15.97 8.37 -18.84
CA ARG A 237 15.33 7.28 -18.12
C ARG A 237 15.72 7.39 -16.65
N PRO A 238 14.78 7.32 -15.71
CA PRO A 238 15.11 7.39 -14.26
C PRO A 238 15.81 6.13 -13.79
N PRO A 239 16.41 6.14 -12.59
CA PRO A 239 17.08 4.91 -12.12
C PRO A 239 16.11 3.78 -11.77
N ALA A 240 14.85 4.10 -11.49
CA ALA A 240 13.88 3.09 -11.09
C ALA A 240 12.49 3.60 -11.41
N SER A 241 11.54 2.67 -11.47
CA SER A 241 10.13 2.99 -11.62
C SER A 241 9.31 1.93 -10.92
N GLN A 242 8.11 2.30 -10.52
CA GLN A 242 7.15 1.36 -9.97
C GLN A 242 5.76 1.76 -10.43
N SER A 243 5.04 0.79 -10.97
CA SER A 243 3.66 0.99 -11.35
C SER A 243 2.73 0.47 -10.27
N PHE A 244 1.48 0.95 -10.31
CA PHE A 244 0.48 0.58 -9.32
C PHE A 244 -0.93 0.66 -9.90
N LEU A 245 -1.79 -0.15 -9.30
CA LEU A 245 -3.21 -0.22 -9.61
C LEU A 245 -3.96 0.06 -8.33
N ILE A 246 -4.94 0.96 -8.39
CA ILE A 246 -5.94 1.11 -7.34
C ILE A 246 -7.29 0.74 -7.94
N THR A 247 -7.92 -0.29 -7.36
CA THR A 247 -9.27 -0.66 -7.72
C THR A 247 -10.28 0.02 -6.79
N PHE A 248 -11.39 0.46 -7.37
CA PHE A 248 -12.50 1.09 -6.65
C PHE A 248 -13.79 0.35 -6.99
N ASP A 249 -14.55 -0.02 -5.96
CA ASP A 249 -15.65 -0.97 -6.10
C ASP A 249 -16.88 -0.39 -6.82
N LYS A 250 -17.22 0.88 -6.56
CA LYS A 250 -18.52 1.43 -6.97
C LYS A 250 -18.41 2.40 -8.14
N GLU A 251 -19.30 2.25 -9.13
CA GLU A 251 -19.56 3.29 -10.12
C GLU A 251 -19.46 4.71 -9.56
N GLU A 252 -20.17 4.94 -8.45
CA GLU A 252 -20.29 6.25 -7.83
C GLU A 252 -18.98 6.77 -7.24
N ASP A 253 -17.93 5.95 -7.15
CA ASP A 253 -16.68 6.43 -6.57
C ASP A 253 -15.96 7.43 -7.44
N LEU A 254 -16.29 7.50 -8.74
CA LEU A 254 -15.63 8.39 -9.68
C LEU A 254 -15.45 9.79 -9.11
N GLU A 255 -16.46 10.31 -8.41
CA GLU A 255 -16.40 11.68 -7.91
C GLU A 255 -15.30 11.82 -6.85
N GLN A 256 -15.23 10.88 -5.91
CA GLN A 256 -14.21 10.97 -4.88
C GLN A 256 -12.81 10.68 -5.44
N ILE A 257 -12.70 9.75 -6.38
CA ILE A 257 -11.38 9.45 -6.95
C ILE A 257 -10.76 10.71 -7.54
N VAL A 258 -11.52 11.41 -8.37
CA VAL A 258 -11.02 12.63 -9.02
C VAL A 258 -10.70 13.71 -8.00
N ASP A 259 -11.56 13.91 -6.99
CA ASP A 259 -11.35 15.00 -6.03
C ASP A 259 -10.17 14.74 -5.10
N ILE A 260 -9.93 13.48 -4.73
CA ILE A 260 -8.72 13.16 -3.98
C ILE A 260 -7.52 13.23 -4.89
N MET A 261 -7.67 12.89 -6.17
CA MET A 261 -6.55 12.88 -7.12
C MET A 261 -5.91 14.27 -7.28
N LEU A 262 -6.71 15.29 -7.60
CA LEU A 262 -6.21 16.62 -7.99
C LEU A 262 -5.07 17.15 -7.11
N PRO A 263 -5.19 17.22 -5.78
CA PRO A 263 -4.06 17.75 -4.97
C PRO A 263 -2.77 16.93 -5.05
N LEU A 264 -2.82 15.63 -5.36
CA LEU A 264 -1.60 14.84 -5.56
C LEU A 264 -1.03 15.00 -6.95
N ARG A 265 -1.77 15.57 -7.89
CA ARG A 265 -1.37 15.63 -9.29
C ARG A 265 -0.93 17.01 -9.74
N ILE A 266 -1.47 18.08 -9.15
CA ILE A 266 -1.33 19.40 -9.73
C ILE A 266 0.10 19.94 -9.65
N ASN A 267 0.89 19.47 -8.68
CA ASN A 267 2.30 19.80 -8.60
C ASN A 267 3.20 18.76 -9.25
N MET A 268 2.63 17.88 -10.08
CA MET A 268 3.36 16.77 -10.72
C MET A 268 4.02 15.84 -9.72
N ALA A 269 3.63 15.90 -8.44
CA ALA A 269 4.16 14.94 -7.46
C ALA A 269 3.19 14.89 -6.29
N PRO A 270 2.91 13.71 -5.70
CA PRO A 270 3.47 12.39 -6.01
C PRO A 270 3.01 11.72 -7.32
N LEU A 271 1.95 12.20 -7.96
CA LEU A 271 1.56 11.65 -9.27
C LEU A 271 2.42 12.28 -10.36
N GLN A 272 3.56 11.64 -10.66
CA GLN A 272 4.56 12.18 -11.58
C GLN A 272 4.24 11.89 -13.04
N ASN A 273 3.59 10.77 -13.29
CA ASN A 273 3.23 10.34 -14.62
C ASN A 273 1.81 10.82 -14.91
N VAL A 274 1.29 10.43 -16.07
CA VAL A 274 -0.06 10.77 -16.50
C VAL A 274 -0.96 9.63 -16.07
N PRO A 275 -1.62 9.73 -14.91
CA PRO A 275 -2.51 8.65 -14.48
C PRO A 275 -3.67 8.47 -15.42
N VAL A 276 -4.15 7.24 -15.53
CA VAL A 276 -5.35 6.92 -16.28
C VAL A 276 -6.35 6.27 -15.32
N LEU A 277 -7.64 6.56 -15.52
CA LEU A 277 -8.71 5.98 -14.71
C LEU A 277 -9.65 5.26 -15.65
N ARG A 278 -9.65 3.93 -15.61
CA ARG A 278 -10.37 3.14 -16.59
C ARG A 278 -11.55 2.44 -15.92
N ASN A 279 -12.65 2.26 -16.66
CA ASN A 279 -13.77 1.53 -16.11
C ASN A 279 -13.67 0.03 -16.44
N ILE A 280 -14.50 -0.76 -15.75
CA ILE A 280 -14.38 -2.22 -15.80
C ILE A 280 -14.56 -2.75 -17.21
N PHE A 281 -15.40 -2.10 -18.03
CA PHE A 281 -15.59 -2.53 -19.41
C PHE A 281 -14.31 -2.37 -20.21
N MET A 282 -13.63 -1.24 -20.01
CA MET A 282 -12.37 -0.98 -20.70
C MET A 282 -11.32 -2.02 -20.31
N ASP A 283 -11.25 -2.37 -19.02
CA ASP A 283 -10.29 -3.36 -18.58
C ASP A 283 -10.69 -4.78 -19.00
N ALA A 284 -11.99 -5.11 -18.95
CA ALA A 284 -12.42 -6.41 -19.45
C ALA A 284 -12.19 -6.52 -20.95
N ALA A 285 -12.51 -5.47 -21.71
CA ALA A 285 -12.32 -5.55 -23.15
C ALA A 285 -10.86 -5.82 -23.53
N ALA A 286 -9.90 -5.41 -22.69
CA ALA A 286 -8.51 -5.67 -22.99
C ALA A 286 -8.13 -7.14 -22.81
N VAL A 287 -8.89 -7.92 -22.03
CA VAL A 287 -8.47 -9.28 -21.72
C VAL A 287 -9.53 -10.34 -22.00
N SER A 288 -10.65 -9.97 -22.62
CA SER A 288 -11.76 -10.92 -22.78
C SER A 288 -12.78 -10.39 -23.77
N LYS A 289 -13.59 -11.30 -24.30
CA LYS A 289 -14.71 -11.04 -25.21
C LYS A 289 -15.99 -10.75 -24.42
N ARG A 290 -16.89 -10.00 -25.05
CA ARG A 290 -18.15 -9.66 -24.38
C ARG A 290 -18.93 -10.91 -24.01
N THR A 291 -18.91 -11.92 -24.89
CA THR A 291 -19.69 -13.14 -24.68
C THR A 291 -19.19 -13.98 -23.49
N GLU A 292 -17.99 -13.72 -22.95
CA GLU A 292 -17.59 -14.39 -21.71
C GLU A 292 -18.43 -13.91 -20.54
N TRP A 293 -19.15 -12.82 -20.71
CA TRP A 293 -19.95 -12.22 -19.65
C TRP A 293 -21.44 -12.19 -19.94
N PHE A 294 -21.83 -12.12 -21.21
CA PHE A 294 -23.22 -11.90 -21.59
C PHE A 294 -23.48 -12.18 -23.06
N ASP A 295 -24.47 -13.02 -23.35
CA ASP A 295 -24.73 -13.49 -24.69
C ASP A 295 -25.86 -12.76 -25.40
N GLY A 296 -26.74 -12.12 -24.65
CA GLY A 296 -28.01 -11.77 -25.22
C GLY A 296 -28.23 -10.30 -25.46
N ASP A 297 -29.28 -9.80 -24.80
CA ASP A 297 -30.09 -8.67 -25.27
C ASP A 297 -29.55 -7.36 -24.72
N GLY A 298 -28.80 -6.62 -25.56
CA GLY A 298 -28.54 -5.22 -25.35
C GLY A 298 -27.58 -4.93 -24.21
N PRO A 299 -27.89 -3.92 -23.40
CA PRO A 299 -26.94 -3.45 -22.39
C PRO A 299 -26.55 -4.56 -21.41
N MET A 300 -25.36 -4.46 -20.87
CA MET A 300 -24.90 -5.52 -19.99
C MET A 300 -25.56 -5.40 -18.61
N PRO A 301 -26.16 -6.47 -18.10
CA PRO A 301 -26.87 -6.38 -16.82
C PRO A 301 -25.91 -6.28 -15.64
N ALA A 302 -26.48 -5.89 -14.50
CA ALA A 302 -25.66 -5.65 -13.32
C ALA A 302 -24.98 -6.93 -12.83
N GLU A 303 -25.66 -8.06 -12.88
CA GLU A 303 -25.02 -9.31 -12.47
C GLU A 303 -23.75 -9.56 -13.28
N ALA A 304 -23.78 -9.26 -14.58
CA ALA A 304 -22.64 -9.55 -15.44
C ALA A 304 -21.45 -8.65 -15.11
N ILE A 305 -21.70 -7.35 -14.94
CA ILE A 305 -20.65 -6.44 -14.51
C ILE A 305 -20.00 -6.94 -13.23
N GLU A 306 -20.81 -7.43 -12.29
CA GLU A 306 -20.26 -7.94 -11.05
C GLU A 306 -19.41 -9.18 -11.29
N ARG A 307 -19.78 -9.98 -12.30
CA ARG A 307 -18.98 -11.15 -12.64
C ARG A 307 -17.62 -10.74 -13.20
N MET A 308 -17.57 -9.68 -14.01
CA MET A 308 -16.28 -9.20 -14.53
C MET A 308 -15.38 -8.75 -13.40
N LYS A 309 -15.93 -7.95 -12.49
CA LYS A 309 -15.13 -7.46 -11.36
C LYS A 309 -14.60 -8.61 -10.53
N LYS A 310 -15.47 -9.57 -10.19
CA LYS A 310 -15.04 -10.66 -9.33
C LYS A 310 -14.04 -11.54 -10.07
N ASP A 311 -14.29 -11.83 -11.36
CA ASP A 311 -13.41 -12.73 -12.10
C ASP A 311 -12.03 -12.11 -12.41
N LEU A 312 -11.95 -10.79 -12.57
CA LEU A 312 -10.68 -10.12 -12.85
C LEU A 312 -10.03 -9.50 -11.63
N ASP A 313 -10.71 -9.54 -10.47
CA ASP A 313 -10.26 -8.86 -9.25
C ASP A 313 -9.96 -7.39 -9.53
N LEU A 314 -10.89 -6.72 -10.22
CA LEU A 314 -10.80 -5.32 -10.55
C LEU A 314 -12.04 -4.62 -10.02
N GLY A 315 -11.96 -3.31 -9.89
CA GLY A 315 -13.13 -2.52 -9.53
C GLY A 315 -13.92 -2.06 -10.75
N PHE A 316 -14.91 -1.22 -10.47
CA PHE A 316 -15.60 -0.56 -11.58
C PHE A 316 -14.72 0.52 -12.18
N TRP A 317 -13.96 1.21 -11.32
CA TRP A 317 -12.95 2.18 -11.72
C TRP A 317 -11.60 1.69 -11.24
N ASN A 318 -10.61 1.72 -12.15
CA ASN A 318 -9.26 1.21 -11.90
C ASN A 318 -8.24 2.27 -12.30
N PHE A 319 -7.46 2.71 -11.32
CA PHE A 319 -6.54 3.84 -11.43
C PHE A 319 -5.12 3.31 -11.61
N TYR A 320 -4.44 3.77 -12.66
CA TYR A 320 -3.12 3.27 -13.01
C TYR A 320 -2.15 4.44 -13.06
N GLY A 321 -1.07 4.33 -12.30
CA GLY A 321 -0.02 5.33 -12.32
C GLY A 321 1.34 4.67 -12.25
N THR A 322 2.37 5.52 -12.41
CA THR A 322 3.77 5.10 -12.29
C THR A 322 4.59 6.18 -11.58
N LEU A 323 5.48 5.73 -10.71
CA LEU A 323 6.41 6.58 -9.97
C LEU A 323 7.83 6.34 -10.47
N TYR A 324 8.67 7.38 -10.41
CA TYR A 324 10.03 7.31 -10.93
C TYR A 324 11.05 7.86 -9.94
N GLY A 325 12.20 7.20 -9.83
CA GLY A 325 13.34 7.77 -9.15
C GLY A 325 14.03 6.81 -8.20
N PRO A 326 14.81 7.34 -7.26
CA PRO A 326 15.43 6.48 -6.25
C PRO A 326 14.36 5.81 -5.41
N PRO A 327 14.57 4.57 -5.00
CA PRO A 327 13.54 3.82 -4.25
C PRO A 327 13.04 4.54 -2.99
N PRO A 328 13.86 5.36 -2.30
CA PRO A 328 13.26 6.16 -1.22
C PRO A 328 12.15 7.07 -1.69
N LEU A 329 12.36 7.75 -2.82
CA LEU A 329 11.35 8.65 -3.36
C LEU A 329 10.08 7.90 -3.74
N ILE A 330 10.24 6.82 -4.53
CA ILE A 330 9.10 6.00 -4.91
C ILE A 330 8.28 5.63 -3.68
N GLU A 331 8.96 5.19 -2.61
CA GLU A 331 8.24 4.70 -1.46
C GLU A 331 7.52 5.85 -0.76
N MET A 332 8.19 6.98 -0.62
CA MET A 332 7.54 8.16 -0.06
C MET A 332 6.31 8.52 -0.87
N TYR A 333 6.45 8.66 -2.20
CA TYR A 333 5.32 9.05 -3.02
C TYR A 333 4.21 8.01 -2.97
N TYR A 334 4.57 6.73 -2.94
CA TYR A 334 3.55 5.69 -2.94
C TYR A 334 2.81 5.67 -1.62
N GLY A 335 3.51 6.01 -0.53
CA GLY A 335 2.85 6.09 0.76
C GLY A 335 1.85 7.22 0.82
N MET A 336 2.18 8.34 0.18
CA MET A 336 1.25 9.45 0.09
C MET A 336 0.01 9.07 -0.71
N ILE A 337 0.21 8.38 -1.83
CA ILE A 337 -0.90 7.94 -2.67
C ILE A 337 -1.80 6.98 -1.91
N LYS A 338 -1.21 6.06 -1.12
CA LYS A 338 -2.04 5.10 -0.38
C LYS A 338 -2.84 5.79 0.70
N GLU A 339 -2.21 6.75 1.39
CA GLU A 339 -2.87 7.43 2.50
C GLU A 339 -4.03 8.29 2.02
N ALA A 340 -3.88 8.95 0.86
CA ALA A 340 -4.97 9.79 0.34
C ALA A 340 -6.12 8.94 -0.21
N PHE A 341 -5.85 8.09 -1.21
CA PHE A 341 -6.92 7.29 -1.82
C PHE A 341 -7.52 6.29 -0.86
N GLY A 342 -6.79 5.90 0.19
CA GLY A 342 -7.32 4.98 1.17
C GLY A 342 -8.55 5.50 1.90
N LYS A 343 -8.79 6.81 1.84
CA LYS A 343 -9.97 7.37 2.49
C LYS A 343 -11.27 6.96 1.81
N ILE A 344 -11.21 6.31 0.65
CA ILE A 344 -12.40 5.88 -0.09
C ILE A 344 -12.66 4.42 0.27
N PRO A 345 -13.83 4.09 0.85
CA PRO A 345 -14.07 2.69 1.24
C PRO A 345 -14.04 1.76 0.03
N GLY A 346 -13.43 0.60 0.21
CA GLY A 346 -13.29 -0.34 -0.87
C GLY A 346 -12.09 -0.13 -1.78
N ALA A 347 -11.29 0.91 -1.55
CA ALA A 347 -10.06 1.06 -2.33
C ALA A 347 -9.08 -0.08 -2.04
N ARG A 348 -8.46 -0.63 -3.09
CA ARG A 348 -7.44 -1.67 -2.95
C ARG A 348 -6.23 -1.36 -3.83
N PHE A 349 -5.03 -1.63 -3.30
CA PHE A 349 -3.77 -1.17 -3.87
C PHE A 349 -2.89 -2.33 -4.32
N PHE A 350 -2.27 -2.18 -5.49
CA PHE A 350 -1.37 -3.20 -6.03
C PHE A 350 -0.22 -2.55 -6.79
N THR A 351 1.00 -3.00 -6.52
CA THR A 351 2.12 -2.67 -7.39
C THR A 351 2.21 -3.73 -8.49
N HIS A 352 2.99 -3.39 -9.53
CA HIS A 352 3.09 -4.23 -10.71
C HIS A 352 3.71 -5.59 -10.41
N GLU A 353 4.47 -5.69 -9.31
CA GLU A 353 4.99 -6.96 -8.84
C GLU A 353 3.96 -7.79 -8.08
N GLU A 354 2.81 -7.23 -7.75
CA GLU A 354 1.85 -7.92 -6.92
C GLU A 354 0.73 -8.61 -7.69
N ARG A 355 0.64 -8.46 -9.02
CA ARG A 355 -0.46 -9.12 -9.73
C ARG A 355 0.02 -9.80 -11.01
N ASP A 356 -0.10 -11.13 -11.03
CA ASP A 356 0.24 -11.91 -12.22
C ASP A 356 -0.96 -12.66 -12.78
N ASP A 357 -2.17 -12.28 -12.38
CA ASP A 357 -3.40 -12.88 -12.90
C ASP A 357 -3.83 -12.21 -14.21
N ARG A 358 -4.92 -12.70 -14.80
CA ARG A 358 -5.41 -12.12 -16.05
C ARG A 358 -5.84 -10.66 -15.86
N GLY A 359 -6.57 -10.37 -14.81
CA GLY A 359 -6.95 -9.00 -14.49
C GLY A 359 -5.76 -8.06 -14.36
N GLY A 360 -4.61 -8.59 -14.02
CA GLY A 360 -3.42 -7.77 -13.95
C GLY A 360 -2.73 -7.49 -15.26
N HIS A 361 -3.21 -8.00 -16.40
CA HIS A 361 -2.47 -7.80 -17.64
C HIS A 361 -2.44 -6.31 -18.02
N VAL A 362 -3.52 -5.59 -17.75
CA VAL A 362 -3.58 -4.15 -18.03
C VAL A 362 -2.51 -3.39 -17.25
N LEU A 363 -2.41 -3.66 -15.93
CA LEU A 363 -1.35 -3.06 -15.12
C LEU A 363 0.02 -3.29 -15.75
N GLN A 364 0.29 -4.52 -16.19
CA GLN A 364 1.59 -4.80 -16.81
C GLN A 364 1.74 -4.10 -18.17
N ASP A 365 0.65 -3.95 -18.93
CA ASP A 365 0.77 -3.16 -20.15
C ASP A 365 1.09 -1.70 -19.82
N ARG A 366 0.37 -1.11 -18.85
CA ARG A 366 0.63 0.28 -18.48
C ARG A 366 2.07 0.45 -18.03
N HIS A 367 2.55 -0.52 -17.25
CA HIS A 367 3.92 -0.52 -16.77
C HIS A 367 4.93 -0.43 -17.90
N LYS A 368 4.64 -1.05 -19.05
CA LYS A 368 5.51 -0.84 -20.21
C LYS A 368 5.34 0.57 -20.77
N ILE A 369 4.09 0.92 -21.11
CA ILE A 369 3.78 2.22 -21.72
C ILE A 369 4.40 3.37 -20.93
N ASN A 370 4.19 3.39 -19.62
CA ASN A 370 4.64 4.45 -18.72
C ASN A 370 6.15 4.45 -18.53
N ASN A 371 6.83 3.42 -19.01
CA ASN A 371 8.28 3.37 -19.02
C ASN A 371 8.83 3.49 -20.43
N GLY A 372 7.99 3.86 -21.38
CA GLY A 372 8.48 4.15 -22.71
C GLY A 372 8.74 2.92 -23.54
N ILE A 373 8.11 1.80 -23.20
CA ILE A 373 8.26 0.55 -23.93
C ILE A 373 7.00 0.33 -24.76
N PRO A 374 7.06 0.47 -26.07
CA PRO A 374 5.85 0.37 -26.88
C PRO A 374 5.27 -1.04 -26.86
N SER A 375 3.98 -1.11 -27.17
CA SER A 375 3.19 -2.30 -27.00
C SER A 375 2.06 -2.27 -28.02
N LEU A 376 1.58 -3.46 -28.42
CA LEU A 376 0.31 -3.56 -29.14
C LEU A 376 -0.70 -4.39 -28.39
N ASP A 377 -0.50 -4.59 -27.09
CA ASP A 377 -1.42 -5.43 -26.32
C ASP A 377 -2.84 -4.86 -26.32
N GLU A 378 -2.98 -3.53 -26.37
CA GLU A 378 -4.30 -2.92 -26.31
C GLU A 378 -5.14 -3.19 -27.55
N LEU A 379 -4.51 -3.59 -28.65
CA LEU A 379 -5.26 -4.07 -29.79
C LEU A 379 -6.26 -5.17 -29.40
N GLN A 380 -6.03 -5.90 -28.31
CA GLN A 380 -6.96 -6.94 -27.89
C GLN A 380 -8.36 -6.41 -27.58
N GLN A 381 -8.47 -5.15 -27.16
CA GLN A 381 -9.77 -4.54 -26.93
C GLN A 381 -10.67 -4.67 -28.14
N LEU A 382 -10.10 -4.73 -29.34
CA LEU A 382 -10.94 -4.83 -30.53
C LEU A 382 -11.60 -6.19 -30.70
N ASP A 383 -11.24 -7.20 -29.90
CA ASP A 383 -11.87 -8.51 -29.95
C ASP A 383 -13.10 -8.61 -29.06
N TRP A 384 -13.50 -7.50 -28.43
CA TRP A 384 -14.70 -7.46 -27.59
C TRP A 384 -15.89 -8.02 -28.34
N VAL A 385 -16.05 -7.62 -29.60
CA VAL A 385 -17.12 -8.05 -30.49
C VAL A 385 -16.50 -8.44 -31.83
N PRO A 386 -17.24 -9.21 -32.65
CA PRO A 386 -16.72 -9.55 -33.98
C PRO A 386 -16.45 -8.34 -34.86
N ASN A 387 -15.41 -8.46 -35.68
CA ASN A 387 -14.98 -7.41 -36.60
C ASN A 387 -14.91 -6.05 -35.91
N GLY A 388 -14.29 -6.06 -34.74
CA GLY A 388 -14.23 -4.89 -33.88
C GLY A 388 -13.50 -3.68 -34.40
N GLY A 389 -14.12 -2.51 -34.23
CA GLY A 389 -13.52 -1.23 -34.49
C GLY A 389 -13.93 -0.25 -33.41
N HIS A 390 -13.36 0.95 -33.45
CA HIS A 390 -13.68 1.92 -32.41
C HIS A 390 -13.60 3.33 -32.95
N ILE A 391 -14.23 4.24 -32.21
CA ILE A 391 -14.16 5.69 -32.45
C ILE A 391 -13.82 6.37 -31.14
N GLY A 392 -12.96 7.37 -31.20
CA GLY A 392 -12.64 8.15 -30.02
C GLY A 392 -13.47 9.40 -29.83
N PHE A 393 -14.45 9.33 -28.93
CA PHE A 393 -15.16 10.52 -28.48
C PHE A 393 -14.48 11.03 -27.23
N VAL A 394 -13.78 12.15 -27.33
CA VAL A 394 -12.92 12.54 -26.20
C VAL A 394 -13.23 13.96 -25.74
N PRO A 395 -14.28 14.13 -24.92
CA PRO A 395 -14.51 15.44 -24.28
C PRO A 395 -13.44 15.73 -23.25
N VAL A 396 -13.14 17.02 -23.09
CA VAL A 396 -12.25 17.52 -22.04
C VAL A 396 -13.08 17.77 -20.78
N SER A 397 -12.48 17.50 -19.61
CA SER A 397 -13.11 17.68 -18.31
C SER A 397 -12.17 18.41 -17.36
N ALA A 398 -12.73 19.36 -16.61
CA ALA A 398 -12.07 19.88 -15.42
C ALA A 398 -11.77 18.71 -14.48
N PRO A 399 -10.65 18.75 -13.75
CA PRO A 399 -10.38 17.67 -12.79
C PRO A 399 -11.23 17.80 -11.54
N ASP A 400 -12.53 17.56 -11.70
CA ASP A 400 -13.53 17.79 -10.65
C ASP A 400 -14.48 16.60 -10.59
N GLY A 401 -14.70 16.07 -9.38
CA GLY A 401 -15.53 14.89 -9.25
C GLY A 401 -16.92 15.07 -9.85
N ARG A 402 -17.57 16.20 -9.57
CA ARG A 402 -18.94 16.35 -10.02
C ARG A 402 -19.01 16.51 -11.54
N GLU A 403 -18.09 17.29 -12.12
CA GLU A 403 -18.02 17.38 -13.57
C GLU A 403 -17.76 16.01 -14.21
N ALA A 404 -16.83 15.23 -13.63
CA ALA A 404 -16.54 13.90 -14.16
C ALA A 404 -17.78 13.01 -14.11
N MET A 405 -18.52 13.08 -13.00
CA MET A 405 -19.73 12.27 -12.85
C MET A 405 -20.77 12.61 -13.90
N LYS A 406 -20.96 13.91 -14.19
CA LYS A 406 -21.99 14.29 -15.14
C LYS A 406 -21.59 13.94 -16.57
N GLN A 407 -20.29 14.00 -16.88
CA GLN A 407 -19.84 13.51 -18.18
C GLN A 407 -20.07 12.01 -18.32
N PHE A 408 -19.68 11.24 -17.28
CA PHE A 408 -19.92 9.80 -17.24
C PHE A 408 -21.40 9.48 -17.45
N GLU A 409 -22.28 10.09 -16.65
CA GLU A 409 -23.73 9.89 -16.81
C GLU A 409 -24.18 10.27 -18.22
N MET A 410 -23.77 11.45 -18.71
CA MET A 410 -24.24 11.90 -20.01
C MET A 410 -23.88 10.90 -21.11
N VAL A 411 -22.63 10.43 -21.14
CA VAL A 411 -22.20 9.50 -22.18
C VAL A 411 -22.85 8.13 -21.99
N ARG A 412 -22.99 7.66 -20.75
CA ARG A 412 -23.63 6.36 -20.52
C ARG A 412 -25.09 6.35 -20.98
N ASN A 413 -25.87 7.38 -20.64
CA ASN A 413 -27.27 7.45 -21.07
C ASN A 413 -27.39 7.24 -22.57
N ARG A 414 -26.56 7.96 -23.35
CA ARG A 414 -26.59 7.88 -24.81
C ARG A 414 -26.05 6.56 -25.33
N ALA A 415 -25.01 6.04 -24.68
CA ALA A 415 -24.52 4.71 -24.99
C ALA A 415 -25.63 3.68 -24.85
N ASN A 416 -26.37 3.74 -23.72
CA ASN A 416 -27.53 2.86 -23.52
C ASN A 416 -28.53 3.03 -24.65
N GLU A 417 -28.87 4.29 -24.97
CA GLU A 417 -29.92 4.59 -25.95
C GLU A 417 -29.58 4.05 -27.33
N TYR A 418 -28.31 4.05 -27.73
CA TYR A 418 -27.89 3.57 -29.04
C TYR A 418 -27.27 2.17 -28.97
N ASN A 419 -27.53 1.43 -27.89
CA ASN A 419 -27.11 0.03 -27.73
C ASN A 419 -25.59 -0.15 -28.00
N LYS A 420 -24.80 0.58 -27.20
CA LYS A 420 -23.35 0.45 -27.20
C LYS A 420 -22.83 0.39 -25.77
N ASP A 421 -21.69 -0.29 -25.59
CA ASP A 421 -21.00 -0.33 -24.31
C ASP A 421 -20.15 0.91 -24.15
N TYR A 422 -20.04 1.37 -22.92
CA TYR A 422 -19.34 2.61 -22.61
C TYR A 422 -18.00 2.27 -21.96
N MET A 423 -16.91 2.37 -22.74
CA MET A 423 -15.53 2.17 -22.27
C MET A 423 -14.89 3.53 -22.00
N ALA A 424 -14.43 3.74 -20.78
CA ALA A 424 -13.92 5.05 -20.40
C ALA A 424 -12.48 4.94 -19.94
N GLN A 425 -11.67 5.90 -20.36
CA GLN A 425 -10.32 6.07 -19.83
C GLN A 425 -10.10 7.57 -19.65
N PHE A 426 -10.26 8.05 -18.41
CA PHE A 426 -9.82 9.41 -18.09
C PHE A 426 -8.30 9.49 -18.13
N VAL A 427 -7.78 10.44 -18.92
CA VAL A 427 -6.35 10.73 -19.00
C VAL A 427 -6.13 12.05 -18.27
N ILE A 428 -5.25 12.06 -17.27
CA ILE A 428 -5.28 13.11 -16.25
C ILE A 428 -4.02 13.98 -16.35
N GLY A 429 -4.19 15.19 -16.86
CA GLY A 429 -3.14 16.19 -16.88
C GLY A 429 -3.07 16.89 -15.55
N LEU A 430 -2.46 18.07 -15.55
CA LEU A 430 -2.29 18.83 -14.31
C LEU A 430 -3.59 19.49 -13.89
N ARG A 431 -4.27 20.12 -14.85
CA ARG A 431 -5.46 20.93 -14.62
C ARG A 431 -6.62 20.53 -15.53
N GLU A 432 -6.56 19.35 -16.15
CA GLU A 432 -7.53 18.98 -17.16
C GLU A 432 -7.52 17.48 -17.33
N MET A 433 -8.64 16.93 -17.79
CA MET A 433 -8.72 15.50 -18.07
C MET A 433 -9.30 15.27 -19.45
N TYR A 434 -8.63 14.41 -20.22
CA TYR A 434 -9.19 13.85 -21.44
C TYR A 434 -10.08 12.68 -21.03
N HIS A 435 -11.37 12.79 -21.31
CA HIS A 435 -12.35 11.76 -20.97
C HIS A 435 -12.53 10.91 -22.22
N VAL A 436 -11.76 9.83 -22.33
CA VAL A 436 -11.69 9.03 -23.54
C VAL A 436 -12.83 8.03 -23.52
N CYS A 437 -13.75 8.15 -24.47
CA CYS A 437 -14.93 7.30 -24.56
C CYS A 437 -14.73 6.49 -25.83
N LEU A 438 -14.24 5.25 -25.67
CA LEU A 438 -14.08 4.31 -26.77
C LEU A 438 -15.39 3.58 -26.95
N PHE A 439 -15.96 3.66 -28.14
CA PHE A 439 -17.14 2.86 -28.48
C PHE A 439 -16.68 1.76 -29.42
N ILE A 440 -16.71 0.51 -28.95
CA ILE A 440 -16.27 -0.62 -29.76
C ILE A 440 -17.49 -1.24 -30.40
N TYR A 441 -17.38 -1.56 -31.69
CA TYR A 441 -18.54 -1.95 -32.48
C TYR A 441 -18.12 -2.85 -33.64
N ASP A 442 -19.12 -3.52 -34.20
CA ASP A 442 -18.99 -4.45 -35.31
C ASP A 442 -18.91 -3.64 -36.60
N THR A 443 -17.71 -3.55 -37.21
CA THR A 443 -17.56 -2.67 -38.38
C THR A 443 -18.30 -3.18 -39.61
N ALA A 444 -18.65 -4.46 -39.67
CA ALA A 444 -19.24 -5.05 -40.88
C ALA A 444 -20.75 -4.86 -40.96
N ASP A 445 -21.38 -4.42 -39.86
CA ASP A 445 -22.81 -4.26 -39.63
C ASP A 445 -23.23 -2.83 -39.96
N PRO A 446 -23.88 -2.57 -41.11
CA PRO A 446 -24.26 -1.18 -41.43
C PRO A 446 -25.06 -0.45 -40.35
N GLU A 447 -25.99 -1.13 -39.67
CA GLU A 447 -26.81 -0.43 -38.68
C GLU A 447 -25.98 -0.03 -37.47
N ALA A 448 -25.00 -0.87 -37.10
CA ALA A 448 -24.06 -0.53 -36.04
C ALA A 448 -23.23 0.70 -36.40
N ARG A 449 -22.77 0.80 -37.65
CA ARG A 449 -21.98 1.95 -38.06
C ARG A 449 -22.84 3.21 -38.06
N GLU A 450 -24.11 3.09 -38.45
CA GLU A 450 -24.97 4.27 -38.47
C GLU A 450 -25.33 4.70 -37.05
N GLU A 451 -25.49 3.75 -36.13
CA GLU A 451 -25.67 4.10 -34.74
C GLU A 451 -24.47 4.89 -34.20
N ILE A 452 -23.23 4.43 -34.50
CA ILE A 452 -22.04 5.17 -34.08
C ILE A 452 -22.08 6.61 -34.60
N LEU A 453 -22.46 6.80 -35.86
CA LEU A 453 -22.44 8.15 -36.41
C LEU A 453 -23.47 9.03 -35.71
N GLN A 454 -24.69 8.53 -35.53
CA GLN A 454 -25.75 9.37 -34.98
C GLN A 454 -25.56 9.58 -33.48
N MET A 455 -25.11 8.54 -32.76
CA MET A 455 -24.84 8.72 -31.33
C MET A 455 -23.77 9.77 -31.09
N THR A 456 -22.67 9.74 -31.87
CA THR A 456 -21.57 10.68 -31.60
C THR A 456 -21.92 12.08 -32.08
N LYS A 457 -22.74 12.18 -33.14
CA LYS A 457 -23.28 13.48 -33.54
C LYS A 457 -24.10 14.07 -32.40
N VAL A 458 -24.96 13.26 -31.77
CA VAL A 458 -25.74 13.75 -30.63
C VAL A 458 -24.83 14.13 -29.48
N LEU A 459 -23.78 13.33 -29.25
CA LEU A 459 -22.91 13.56 -28.10
C LEU A 459 -22.09 14.83 -28.24
N VAL A 460 -21.61 15.15 -29.46
CA VAL A 460 -20.90 16.41 -29.67
C VAL A 460 -21.81 17.58 -29.32
N ARG A 461 -23.06 17.54 -29.79
CA ARG A 461 -24.02 18.62 -29.53
C ARG A 461 -24.36 18.70 -28.04
N GLU A 462 -24.69 17.55 -27.43
CA GLU A 462 -25.06 17.52 -26.02
C GLU A 462 -23.92 18.01 -25.13
N ALA A 463 -22.71 17.50 -25.36
CA ALA A 463 -21.56 17.93 -24.55
C ALA A 463 -21.36 19.43 -24.64
N ALA A 464 -21.40 19.98 -25.85
CA ALA A 464 -21.22 21.42 -25.98
C ALA A 464 -22.34 22.20 -25.31
N GLU A 465 -23.57 21.68 -25.27
CA GLU A 465 -24.63 22.39 -24.55
C GLU A 465 -24.36 22.43 -23.04
N ALA A 466 -23.50 21.54 -22.53
CA ALA A 466 -23.07 21.57 -21.15
C ALA A 466 -21.78 22.34 -20.97
N GLY A 467 -21.22 22.92 -22.03
CA GLY A 467 -19.95 23.59 -21.95
C GLY A 467 -18.72 22.69 -22.08
N TYR A 468 -18.84 21.49 -22.65
CA TYR A 468 -17.70 20.61 -22.90
C TYR A 468 -17.38 20.53 -24.39
N GLY A 469 -16.09 20.50 -24.74
CA GLY A 469 -15.66 20.25 -26.09
C GLY A 469 -14.68 19.08 -26.20
N GLU A 470 -14.49 18.60 -27.42
CA GLU A 470 -13.57 17.50 -27.68
C GLU A 470 -12.23 18.04 -28.16
N TYR A 471 -11.14 17.37 -27.71
CA TYR A 471 -9.80 17.82 -28.03
C TYR A 471 -9.35 17.32 -29.41
N ARG A 472 -10.04 16.31 -29.92
CA ARG A 472 -9.65 15.56 -31.11
C ARG A 472 -10.90 14.80 -31.57
N THR A 473 -11.06 14.62 -32.89
CA THR A 473 -12.25 13.92 -33.35
C THR A 473 -12.03 13.22 -34.68
N HIS A 474 -13.03 12.43 -35.06
CA HIS A 474 -13.02 11.65 -36.28
C HIS A 474 -13.35 12.54 -37.47
N ASN A 475 -12.88 12.12 -38.67
CA ASN A 475 -13.24 12.77 -39.93
C ASN A 475 -14.72 13.15 -39.99
N ALA A 476 -15.58 12.20 -39.63
CA ALA A 476 -17.02 12.36 -39.71
C ALA A 476 -17.58 13.42 -38.77
N LEU A 477 -16.81 13.87 -37.79
CA LEU A 477 -17.32 14.81 -36.79
C LEU A 477 -16.58 16.14 -36.77
N MET A 478 -15.67 16.39 -37.71
CA MET A 478 -14.83 17.59 -37.62
C MET A 478 -15.62 18.86 -37.81
N ASP A 479 -16.58 18.88 -38.73
CA ASP A 479 -17.43 20.05 -38.87
C ASP A 479 -18.31 20.26 -37.65
N ASP A 480 -18.83 19.17 -37.06
CA ASP A 480 -19.70 19.33 -35.89
C ASP A 480 -18.92 19.84 -34.69
N VAL A 481 -17.66 19.40 -34.54
CA VAL A 481 -16.87 19.77 -33.37
C VAL A 481 -16.35 21.19 -33.51
N MET A 482 -15.88 21.56 -34.72
CA MET A 482 -15.48 22.95 -34.93
C MET A 482 -16.66 23.91 -34.73
N ALA A 483 -17.85 23.51 -35.16
CA ALA A 483 -19.03 24.36 -34.98
C ALA A 483 -19.34 24.65 -33.51
N THR A 484 -18.99 23.77 -32.57
CA THR A 484 -19.21 24.10 -31.16
C THR A 484 -18.28 25.19 -30.62
N PHE A 485 -17.17 25.52 -31.29
CA PHE A 485 -16.23 26.53 -30.77
C PHE A 485 -16.50 27.91 -31.35
N ASN A 486 -17.76 28.36 -31.24
CA ASN A 486 -18.33 29.42 -32.08
C ASN A 486 -18.46 30.76 -31.35
N TRP A 487 -17.71 30.97 -30.27
CA TRP A 487 -17.77 32.24 -29.54
C TRP A 487 -17.61 33.41 -30.51
N GLY A 488 -18.31 34.51 -30.23
CA GLY A 488 -18.21 35.70 -31.04
C GLY A 488 -18.49 35.46 -32.51
N ASP A 489 -19.61 34.78 -32.80
CA ASP A 489 -20.08 34.44 -34.15
C ASP A 489 -19.02 33.72 -34.97
N GLY A 490 -18.34 32.77 -34.32
CA GLY A 490 -17.41 31.92 -35.04
C GLY A 490 -16.09 32.60 -35.37
N ALA A 491 -15.61 33.46 -34.47
CA ALA A 491 -14.38 34.17 -34.73
C ALA A 491 -13.20 33.21 -34.96
N LEU A 492 -13.15 32.10 -34.23
CA LEU A 492 -11.99 31.21 -34.34
C LEU A 492 -11.88 30.61 -35.73
N LEU A 493 -12.98 30.05 -36.23
CA LEU A 493 -12.97 29.45 -37.56
C LEU A 493 -12.72 30.49 -38.64
N LYS A 494 -13.24 31.72 -38.46
CA LYS A 494 -12.97 32.77 -39.44
C LYS A 494 -11.51 33.17 -39.43
N PHE A 495 -10.89 33.15 -38.25
CA PHE A 495 -9.45 33.40 -38.18
C PHE A 495 -8.67 32.32 -38.94
N HIS A 496 -9.05 31.05 -38.77
CA HIS A 496 -8.32 29.96 -39.41
C HIS A 496 -8.52 29.97 -40.92
N GLU A 497 -9.69 30.39 -41.41
CA GLU A 497 -9.96 30.37 -42.84
C GLU A 497 -9.16 31.44 -43.56
N LYS A 498 -8.98 32.61 -42.93
CA LYS A 498 -8.17 33.66 -43.53
C LYS A 498 -6.72 33.23 -43.68
N ILE A 499 -6.17 32.58 -42.66
CA ILE A 499 -4.81 32.05 -42.76
C ILE A 499 -4.76 30.98 -43.84
N LYS A 500 -5.72 30.05 -43.79
CA LYS A 500 -5.79 28.96 -44.76
C LYS A 500 -5.78 29.49 -46.20
N ASP A 501 -6.64 30.46 -46.50
CA ASP A 501 -6.72 31.01 -47.85
C ASP A 501 -5.50 31.85 -48.20
N ALA A 502 -4.81 32.43 -47.23
CA ALA A 502 -3.59 33.15 -47.55
C ALA A 502 -2.39 32.24 -47.85
N LEU A 503 -2.22 31.11 -47.15
CA LEU A 503 -1.08 30.22 -47.41
C LEU A 503 -1.41 29.15 -48.44
N ASP A 504 -2.69 28.93 -48.73
CA ASP A 504 -3.14 27.90 -49.66
C ASP A 504 -4.14 28.53 -50.62
N PRO A 505 -3.68 29.46 -51.49
CA PRO A 505 -4.62 30.13 -52.41
C PRO A 505 -5.38 29.17 -53.33
N ASN A 506 -4.84 27.98 -53.61
CA ASN A 506 -5.53 27.05 -54.50
C ASN A 506 -6.35 26.02 -53.76
N GLY A 507 -6.37 26.06 -52.42
CA GLY A 507 -7.14 25.12 -51.63
C GLY A 507 -6.75 23.67 -51.79
N ILE A 508 -5.49 23.32 -51.53
CA ILE A 508 -4.93 22.01 -51.85
C ILE A 508 -4.82 21.12 -50.63
N ILE A 509 -4.26 21.63 -49.54
CA ILE A 509 -3.84 20.76 -48.43
C ILE A 509 -5.04 20.39 -47.56
N ALA A 510 -5.32 19.07 -47.46
CA ALA A 510 -6.34 18.43 -46.61
C ALA A 510 -7.55 19.30 -46.34
N PRO A 511 -8.36 19.60 -47.35
CA PRO A 511 -9.54 20.44 -47.12
C PRO A 511 -10.50 19.81 -46.12
N GLY A 512 -11.04 20.65 -45.23
CA GLY A 512 -11.97 20.17 -44.22
C GLY A 512 -11.35 19.60 -42.96
N LYS A 513 -10.03 19.37 -42.94
CA LYS A 513 -9.36 19.00 -41.69
C LYS A 513 -9.74 19.98 -40.58
N SER A 514 -10.19 19.45 -39.44
CA SER A 514 -10.67 20.24 -38.29
C SER A 514 -11.78 21.25 -38.69
N GLY A 515 -12.63 20.89 -39.66
CA GLY A 515 -13.64 21.79 -40.21
C GLY A 515 -13.13 23.05 -40.89
N ILE A 516 -11.88 23.08 -41.32
CA ILE A 516 -11.31 24.27 -41.96
C ILE A 516 -11.27 23.99 -43.45
N TRP A 517 -12.12 24.70 -44.19
CA TRP A 517 -12.27 24.51 -45.61
C TRP A 517 -11.73 25.72 -46.35
N PRO A 518 -10.94 25.57 -47.42
CA PRO A 518 -10.49 26.72 -48.21
C PRO A 518 -11.63 27.27 -49.06
N GLN A 519 -11.46 28.52 -49.52
CA GLN A 519 -12.61 29.23 -50.06
C GLN A 519 -13.31 28.44 -51.18
N ARG A 520 -12.55 27.71 -52.01
CA ARG A 520 -13.17 27.08 -53.18
C ARG A 520 -14.11 25.94 -52.81
N PHE A 521 -14.13 25.48 -51.55
CA PHE A 521 -15.07 24.45 -51.15
C PHE A 521 -16.16 24.96 -50.21
N ARG A 522 -16.10 26.24 -49.82
CA ARG A 522 -16.91 26.71 -48.71
C ARG A 522 -18.32 26.99 -49.21
N GLY A 523 -19.30 26.31 -48.60
CA GLY A 523 -20.70 26.39 -48.99
C GLY A 523 -21.29 25.06 -49.42
N GLN A 524 -20.47 24.18 -50.00
CA GLN A 524 -20.95 22.91 -50.54
C GLN A 524 -21.28 21.93 -49.40
N ASN A 525 -21.79 20.74 -49.75
CA ASN A 525 -21.92 19.68 -48.75
C ASN A 525 -20.56 19.35 -48.21
N LEU A 526 -19.64 18.99 -49.11
CA LEU A 526 -18.31 18.59 -48.76
C LEU A 526 -17.24 19.29 -49.60
N THR B 2 -21.56 26.13 29.03
CA THR B 2 -21.69 24.83 28.36
C THR B 2 -21.37 25.02 26.90
N ARG B 3 -20.74 24.00 26.31
CA ARG B 3 -20.47 24.01 24.88
C ARG B 3 -21.77 24.06 24.12
N THR B 4 -21.86 24.99 23.17
CA THR B 4 -23.05 25.09 22.34
C THR B 4 -23.01 24.02 21.25
N LEU B 5 -24.06 23.17 21.20
CA LEU B 5 -24.19 22.12 20.19
C LEU B 5 -25.47 22.27 19.38
N PRO B 6 -25.44 21.88 18.10
CA PRO B 6 -26.67 21.84 17.32
C PRO B 6 -27.67 20.92 17.96
N PRO B 7 -28.98 21.19 17.82
CA PRO B 7 -30.02 20.35 18.45
C PRO B 7 -29.93 18.88 18.02
N GLY B 8 -30.01 17.98 19.01
CA GLY B 8 -29.99 16.55 18.72
C GLY B 8 -28.71 16.06 18.09
N VAL B 9 -27.58 16.68 18.41
CA VAL B 9 -26.30 16.32 17.84
C VAL B 9 -25.29 16.26 18.99
N SER B 10 -24.68 15.07 19.18
CA SER B 10 -23.76 14.86 20.29
C SER B 10 -22.43 15.57 20.07
N ASP B 11 -21.60 15.57 21.12
CA ASP B 11 -20.23 16.06 21.01
C ASP B 11 -19.47 15.29 19.94
N GLU B 12 -19.58 13.96 19.97
CA GLU B 12 -18.92 13.11 18.99
C GLU B 12 -19.24 13.55 17.57
N ARG B 13 -20.53 13.53 17.20
CA ARG B 13 -20.89 13.80 15.81
C ARG B 13 -20.49 15.22 15.41
N PHE B 14 -20.62 16.18 16.33
CA PHE B 14 -20.24 17.56 16.00
C PHE B 14 -18.74 17.69 15.81
N ASP B 15 -17.94 17.12 16.73
CA ASP B 15 -16.49 17.11 16.57
C ASP B 15 -16.09 16.55 15.22
N ALA B 16 -16.78 15.52 14.76
CA ALA B 16 -16.48 14.94 13.46
C ALA B 16 -16.88 15.89 12.33
N ALA B 17 -18.10 16.45 12.39
CA ALA B 17 -18.54 17.40 11.37
C ALA B 17 -17.60 18.59 11.29
N LEU B 18 -17.18 19.10 12.45
CA LEU B 18 -16.21 20.19 12.49
C LEU B 18 -14.94 19.82 11.73
N GLN B 19 -14.47 18.58 11.92
CA GLN B 19 -13.32 18.12 11.12
C GLN B 19 -13.67 18.05 9.65
N ARG B 20 -14.88 17.60 9.31
CA ARG B 20 -15.26 17.58 7.89
C ARG B 20 -15.24 18.99 7.30
N PHE B 21 -15.71 19.99 8.07
CA PHE B 21 -15.65 21.37 7.60
C PHE B 21 -14.21 21.82 7.38
N ARG B 22 -13.31 21.41 8.28
CA ARG B 22 -11.89 21.79 8.17
C ARG B 22 -11.25 21.22 6.93
N ASP B 23 -11.66 20.03 6.49
CA ASP B 23 -11.13 19.44 5.26
C ASP B 23 -11.60 20.18 4.01
N VAL B 24 -12.62 21.03 4.13
CA VAL B 24 -13.10 21.78 3.00
C VAL B 24 -12.42 23.13 2.90
N VAL B 25 -12.39 23.85 4.03
CA VAL B 25 -12.04 25.26 4.07
C VAL B 25 -10.67 25.53 4.64
N GLY B 26 -10.03 24.53 5.30
CA GLY B 26 -8.79 24.78 6.00
C GLY B 26 -9.07 25.00 7.47
N ASP B 27 -8.24 24.47 8.38
CA ASP B 27 -8.69 24.56 9.76
C ASP B 27 -8.49 25.94 10.37
N LYS B 28 -7.67 26.80 9.76
CA LYS B 28 -7.68 28.21 10.13
C LYS B 28 -9.08 28.81 10.09
N TRP B 29 -9.96 28.26 9.25
CA TRP B 29 -11.21 28.90 8.89
C TRP B 29 -12.41 28.20 9.49
N VAL B 30 -12.22 27.47 10.58
CA VAL B 30 -13.30 26.90 11.36
C VAL B 30 -13.10 27.33 12.81
N LEU B 31 -14.03 28.11 13.34
CA LEU B 31 -13.93 28.64 14.70
C LEU B 31 -14.91 27.89 15.58
N SER B 32 -14.44 27.33 16.70
CA SER B 32 -15.39 26.62 17.55
C SER B 32 -15.11 26.68 19.05
N THR B 33 -14.33 27.64 19.53
CA THR B 33 -14.11 27.81 20.96
C THR B 33 -14.94 28.99 21.50
N ALA B 34 -15.19 28.95 22.81
CA ALA B 34 -15.99 30.01 23.43
C ALA B 34 -15.36 31.38 23.23
N ASP B 35 -14.03 31.46 23.34
CA ASP B 35 -13.33 32.73 23.10
C ASP B 35 -13.50 33.20 21.64
N GLU B 36 -13.33 32.29 20.68
CA GLU B 36 -13.46 32.66 19.28
C GLU B 36 -14.90 33.02 18.93
N LEU B 37 -15.88 32.41 19.60
CA LEU B 37 -17.30 32.58 19.28
C LEU B 37 -17.91 33.85 19.90
N GLU B 38 -17.19 34.48 20.84
CA GLU B 38 -17.73 35.65 21.53
C GLU B 38 -18.06 36.77 20.57
N ALA B 39 -17.16 37.05 19.63
CA ALA B 39 -17.38 38.14 18.68
C ALA B 39 -18.55 37.88 17.75
N PHE B 40 -19.11 36.68 17.73
CA PHE B 40 -20.21 36.40 16.83
C PHE B 40 -21.55 36.39 17.54
N ARG B 41 -21.58 36.71 18.82
CA ARG B 41 -22.83 36.88 19.50
C ARG B 41 -23.44 38.23 19.10
N ASP B 42 -24.77 38.33 19.21
CA ASP B 42 -25.45 39.60 18.96
C ASP B 42 -24.77 40.72 19.76
N PRO B 43 -24.21 41.75 19.10
CA PRO B 43 -23.62 42.87 19.86
C PRO B 43 -24.65 43.80 20.49
N TYR B 44 -25.91 43.74 20.07
CA TYR B 44 -27.00 44.47 20.73
C TYR B 44 -28.00 43.43 21.24
N PRO B 45 -27.67 42.69 22.30
CA PRO B 45 -28.52 41.59 22.74
C PRO B 45 -29.86 42.09 23.27
N VAL B 46 -30.89 41.29 22.97
CA VAL B 46 -32.29 41.60 23.26
C VAL B 46 -32.78 40.52 24.22
N GLY B 47 -33.34 40.93 25.35
CA GLY B 47 -33.75 39.99 26.36
C GLY B 47 -32.65 39.69 27.38
N ALA B 48 -33.09 39.21 28.54
CA ALA B 48 -32.17 38.89 29.63
C ALA B 48 -31.46 37.55 29.40
N ALA B 49 -32.20 36.52 28.99
CA ALA B 49 -31.64 35.19 28.82
C ALA B 49 -30.64 35.15 27.67
N GLU B 50 -29.72 34.17 27.73
CA GLU B 50 -28.92 33.82 26.56
C GLU B 50 -29.82 33.37 25.41
N ALA B 51 -29.51 33.86 24.21
CA ALA B 51 -30.26 33.56 23.01
C ALA B 51 -29.32 33.62 21.82
N ASN B 52 -29.69 32.92 20.73
CA ASN B 52 -29.01 33.10 19.44
C ASN B 52 -27.51 32.78 19.53
N LEU B 53 -27.22 31.55 19.95
CA LEU B 53 -25.86 31.15 20.25
C LEU B 53 -25.25 30.41 19.06
N PRO B 54 -24.12 30.88 18.52
CA PRO B 54 -23.48 30.12 17.43
C PRO B 54 -22.73 28.91 17.97
N SER B 55 -22.79 27.80 17.23
CA SER B 55 -22.00 26.63 17.60
C SER B 55 -20.65 26.58 16.91
N ALA B 56 -20.54 27.08 15.68
CA ALA B 56 -19.22 27.24 15.07
C ALA B 56 -19.33 28.34 14.01
N VAL B 57 -18.18 28.71 13.48
CA VAL B 57 -18.08 29.61 12.34
C VAL B 57 -17.22 28.94 11.28
N VAL B 58 -17.78 28.84 10.08
CA VAL B 58 -17.06 28.32 8.93
C VAL B 58 -16.99 29.42 7.88
N SER B 59 -15.80 29.65 7.33
CA SER B 59 -15.55 30.71 6.36
C SER B 59 -15.06 30.10 5.04
N PRO B 60 -15.95 29.85 4.09
CA PRO B 60 -15.56 29.25 2.80
C PRO B 60 -14.92 30.26 1.86
N GLU B 61 -14.12 29.72 0.94
CA GLU B 61 -13.40 30.51 -0.05
C GLU B 61 -14.13 30.63 -1.39
N SER B 62 -15.15 29.80 -1.65
CA SER B 62 -15.67 29.66 -3.02
C SER B 62 -17.05 29.00 -2.99
N THR B 63 -17.71 29.02 -4.16
CA THR B 63 -19.05 28.44 -4.31
C THR B 63 -19.04 26.93 -4.04
N GLU B 64 -18.03 26.23 -4.58
CA GLU B 64 -17.84 24.79 -4.33
C GLU B 64 -17.72 24.50 -2.83
N GLN B 65 -16.88 25.26 -2.13
CA GLN B 65 -16.71 25.07 -0.70
C GLN B 65 -18.04 25.28 0.03
N VAL B 66 -18.85 26.25 -0.40
CA VAL B 66 -20.22 26.36 0.12
C VAL B 66 -21.01 25.09 -0.14
N GLN B 67 -20.99 24.60 -1.39
CA GLN B 67 -21.69 23.37 -1.72
C GLN B 67 -21.28 22.23 -0.79
N ASP B 68 -19.97 22.02 -0.64
CA ASP B 68 -19.47 20.93 0.17
C ASP B 68 -19.87 21.09 1.62
N ILE B 69 -19.96 22.33 2.10
CA ILE B 69 -20.36 22.56 3.49
C ILE B 69 -21.81 22.19 3.69
N VAL B 70 -22.66 22.55 2.74
CA VAL B 70 -24.08 22.18 2.78
C VAL B 70 -24.23 20.67 2.74
N ARG B 71 -23.45 19.99 1.90
CA ARG B 71 -23.55 18.54 1.84
C ARG B 71 -23.21 17.91 3.20
N ILE B 72 -22.18 18.40 3.87
CA ILE B 72 -21.82 17.86 5.17
C ILE B 72 -22.92 18.17 6.19
N ALA B 73 -23.47 19.38 6.14
CA ALA B 73 -24.56 19.73 7.04
C ALA B 73 -25.77 18.82 6.85
N ASN B 74 -26.03 18.38 5.61
CA ASN B 74 -27.15 17.48 5.40
C ASN B 74 -26.88 16.11 6.03
N GLU B 75 -25.64 15.60 5.89
CA GLU B 75 -25.26 14.32 6.46
C GLU B 75 -25.45 14.31 7.98
N TYR B 76 -25.05 15.40 8.63
CA TYR B 76 -24.98 15.45 10.08
C TYR B 76 -26.18 16.15 10.70
N GLY B 77 -27.11 16.65 9.88
CA GLY B 77 -28.24 17.45 10.36
C GLY B 77 -27.81 18.68 11.12
N ILE B 78 -26.77 19.37 10.66
CA ILE B 78 -26.32 20.59 11.34
C ILE B 78 -27.01 21.77 10.67
N PRO B 79 -27.68 22.64 11.40
CA PRO B 79 -28.26 23.83 10.78
C PRO B 79 -27.20 24.89 10.50
N LEU B 80 -27.43 25.66 9.40
CA LEU B 80 -26.49 26.68 8.90
C LEU B 80 -27.17 28.04 8.81
N HIS B 81 -26.49 29.06 9.35
CA HIS B 81 -26.94 30.45 9.24
C HIS B 81 -25.98 31.20 8.33
N PRO B 82 -26.33 31.42 7.06
CA PRO B 82 -25.43 32.12 6.14
C PRO B 82 -25.50 33.63 6.36
N VAL B 83 -24.34 34.25 6.50
CA VAL B 83 -24.26 35.70 6.53
C VAL B 83 -23.24 36.13 5.48
N SER B 84 -23.24 37.43 5.18
CA SER B 84 -22.23 38.01 4.32
C SER B 84 -21.10 38.59 5.15
N THR B 85 -21.23 39.84 5.60
CA THR B 85 -20.32 40.40 6.59
C THR B 85 -20.82 40.27 8.02
N GLY B 86 -22.09 39.93 8.23
CA GLY B 86 -22.60 39.72 9.58
C GLY B 86 -22.76 40.99 10.39
N LYS B 87 -23.17 42.10 9.73
CA LYS B 87 -23.29 43.42 10.32
C LYS B 87 -24.76 43.87 10.43
N ASN B 88 -25.65 42.90 10.60
CA ASN B 88 -27.08 43.13 10.71
C ASN B 88 -27.42 43.56 12.13
N ASN B 89 -26.75 44.61 12.63
CA ASN B 89 -26.95 45.06 13.99
C ASN B 89 -28.25 45.84 14.11
N GLY B 90 -28.97 45.59 15.20
CA GLY B 90 -30.36 45.97 15.32
C GLY B 90 -31.32 44.86 14.97
N TYR B 91 -30.83 43.85 14.24
CA TYR B 91 -31.68 42.74 13.82
C TYR B 91 -31.12 41.40 14.26
N GLY B 92 -30.05 41.39 15.06
CA GLY B 92 -29.41 40.16 15.50
C GLY B 92 -27.91 40.11 15.22
N GLY B 93 -27.38 41.06 14.44
CA GLY B 93 -25.96 41.02 14.08
C GLY B 93 -25.68 39.83 13.17
N ALA B 94 -24.74 39.00 13.57
CA ALA B 94 -24.41 37.78 12.85
C ALA B 94 -25.00 36.55 13.53
N ALA B 95 -25.66 36.75 14.67
CA ALA B 95 -26.09 35.64 15.50
C ALA B 95 -27.26 34.90 14.84
N PRO B 96 -27.30 33.57 14.94
CA PRO B 96 -28.37 32.80 14.29
C PRO B 96 -29.65 32.81 15.11
N ARG B 97 -30.78 32.63 14.41
CA ARG B 97 -32.08 32.63 15.07
C ARG B 97 -32.27 31.38 15.91
N LEU B 98 -31.78 30.25 15.43
CA LEU B 98 -31.80 28.98 16.16
C LEU B 98 -30.45 28.78 16.83
N SER B 99 -30.46 28.66 18.17
CA SER B 99 -29.23 28.34 18.90
C SER B 99 -28.61 27.02 18.47
N GLY B 100 -27.28 26.96 18.47
CA GLY B 100 -26.55 25.79 18.01
C GLY B 100 -26.31 25.72 16.51
N SER B 101 -26.77 26.72 15.76
CA SER B 101 -26.48 26.78 14.33
C SER B 101 -25.02 27.15 14.08
N VAL B 102 -24.50 26.74 12.92
CA VAL B 102 -23.17 27.15 12.47
C VAL B 102 -23.30 28.35 11.54
N ILE B 103 -22.58 29.41 11.87
CA ILE B 103 -22.49 30.57 10.99
C ILE B 103 -21.58 30.21 9.82
N VAL B 104 -22.09 30.38 8.61
CA VAL B 104 -21.28 30.32 7.41
C VAL B 104 -21.03 31.78 7.01
N LYS B 105 -19.87 32.31 7.39
CA LYS B 105 -19.53 33.69 7.04
C LYS B 105 -18.93 33.68 5.63
N THR B 106 -19.79 33.87 4.62
CA THR B 106 -19.34 33.86 3.22
C THR B 106 -18.49 35.07 2.88
N GLY B 107 -18.66 36.19 3.58
CA GLY B 107 -17.96 37.42 3.27
C GLY B 107 -16.53 37.51 3.75
N GLU B 108 -16.12 36.66 4.68
CA GLU B 108 -14.75 36.69 5.17
C GLU B 108 -13.76 36.53 4.02
N ARG B 109 -13.94 35.50 3.20
CA ARG B 109 -13.02 35.17 2.11
C ARG B 109 -13.63 35.37 0.73
N MET B 110 -14.95 35.23 0.58
CA MET B 110 -15.58 35.54 -0.70
C MET B 110 -15.95 37.02 -0.73
N ASN B 111 -14.92 37.85 -0.88
CA ASN B 111 -15.03 39.31 -0.77
C ASN B 111 -14.54 40.00 -2.04
N ARG B 112 -14.69 39.36 -3.20
CA ARG B 112 -14.08 39.82 -4.44
C ARG B 112 -15.10 40.55 -5.31
N ILE B 113 -14.67 41.67 -5.89
CA ILE B 113 -15.44 42.38 -6.91
C ILE B 113 -15.26 41.66 -8.23
N LEU B 114 -16.32 41.08 -8.77
CA LEU B 114 -16.19 40.24 -9.95
C LEU B 114 -16.33 41.04 -11.24
N GLU B 115 -17.15 42.07 -11.24
CA GLU B 115 -17.20 42.93 -12.42
C GLU B 115 -17.78 44.27 -12.01
N VAL B 116 -17.20 45.35 -12.54
CA VAL B 116 -17.83 46.67 -12.55
C VAL B 116 -17.83 47.13 -14.00
N ASN B 117 -19.02 47.29 -14.59
CA ASN B 117 -19.20 47.58 -16.01
C ASN B 117 -19.60 49.05 -16.18
N GLU B 118 -18.65 49.88 -16.63
CA GLU B 118 -18.84 51.33 -16.74
C GLU B 118 -19.86 51.71 -17.79
N LYS B 119 -19.95 50.91 -18.86
CA LYS B 119 -20.81 51.28 -19.97
C LYS B 119 -22.28 51.10 -19.60
N TYR B 120 -22.64 49.92 -19.09
CA TYR B 120 -24.01 49.61 -18.77
C TYR B 120 -24.39 49.93 -17.33
N GLY B 121 -23.42 50.22 -16.46
CA GLY B 121 -23.66 50.59 -15.09
C GLY B 121 -24.15 49.46 -14.21
N TYR B 122 -23.25 48.53 -13.85
CA TYR B 122 -23.61 47.46 -12.93
C TYR B 122 -22.35 46.91 -12.26
N ALA B 123 -22.55 46.18 -11.16
CA ALA B 123 -21.49 45.45 -10.47
C ALA B 123 -21.94 44.01 -10.25
N LEU B 124 -21.01 43.06 -10.42
CA LEU B 124 -21.19 41.67 -10.01
C LEU B 124 -20.30 41.43 -8.80
N LEU B 125 -20.92 41.10 -7.66
CA LEU B 125 -20.23 41.06 -6.39
C LEU B 125 -20.34 39.69 -5.70
N GLU B 126 -19.35 39.38 -4.87
CA GLU B 126 -19.42 38.35 -3.85
C GLU B 126 -19.89 38.98 -2.53
N PRO B 127 -20.34 38.17 -1.57
CA PRO B 127 -21.03 38.73 -0.38
C PRO B 127 -20.15 39.58 0.53
N GLY B 128 -18.83 39.45 0.46
CA GLY B 128 -17.91 40.13 1.33
C GLY B 128 -17.52 41.52 0.92
N VAL B 129 -17.95 41.98 -0.26
CA VAL B 129 -17.67 43.33 -0.71
C VAL B 129 -18.50 44.32 0.10
N THR B 130 -17.82 45.15 0.90
CA THR B 130 -18.52 46.12 1.72
C THR B 130 -18.81 47.36 0.88
N TYR B 131 -19.57 48.30 1.44
CA TYR B 131 -19.79 49.55 0.72
C TYR B 131 -18.51 50.36 0.61
N PHE B 132 -17.69 50.36 1.66
CA PHE B 132 -16.37 50.97 1.58
C PHE B 132 -15.55 50.33 0.50
N ASP B 133 -15.53 48.99 0.43
CA ASP B 133 -14.79 48.33 -0.65
C ASP B 133 -15.26 48.86 -1.99
N LEU B 134 -16.56 48.84 -2.21
CA LEU B 134 -17.07 49.22 -3.52
C LEU B 134 -16.76 50.68 -3.80
N TYR B 135 -16.97 51.56 -2.80
CA TYR B 135 -16.64 52.98 -2.95
C TYR B 135 -15.18 53.17 -3.33
N GLU B 136 -14.27 52.44 -2.66
CA GLU B 136 -12.85 52.60 -2.93
C GLU B 136 -12.50 52.15 -4.36
N TYR B 137 -13.07 51.03 -4.80
CA TYR B 137 -12.90 50.56 -6.17
C TYR B 137 -13.31 51.63 -7.17
N LEU B 138 -14.52 52.17 -7.04
CA LEU B 138 -14.99 53.21 -7.99
C LEU B 138 -14.11 54.44 -7.97
N GLN B 139 -13.57 54.82 -6.81
CA GLN B 139 -12.63 55.93 -6.78
C GLN B 139 -11.37 55.60 -7.56
N SER B 140 -10.81 54.41 -7.38
CA SER B 140 -9.55 54.01 -8.02
C SER B 140 -9.65 53.91 -9.52
N HIS B 141 -10.78 53.49 -10.05
CA HIS B 141 -10.91 53.34 -11.49
C HIS B 141 -11.59 54.55 -12.13
N ASP B 142 -11.65 55.67 -11.40
CA ASP B 142 -12.14 56.95 -11.91
C ASP B 142 -13.53 56.79 -12.52
N SER B 143 -14.34 55.99 -11.83
CA SER B 143 -15.63 55.56 -12.35
C SER B 143 -16.61 56.73 -12.47
N GLY B 144 -17.48 56.66 -13.46
CA GLY B 144 -18.59 57.58 -13.54
C GLY B 144 -19.83 57.11 -12.80
N LEU B 145 -19.74 56.04 -12.04
CA LEU B 145 -20.87 55.49 -11.31
C LEU B 145 -20.82 55.88 -9.84
N MET B 146 -21.96 55.77 -9.19
CA MET B 146 -22.04 55.93 -7.74
C MET B 146 -22.86 54.79 -7.16
N LEU B 147 -22.56 54.44 -5.93
CA LEU B 147 -23.25 53.35 -5.30
C LEU B 147 -24.38 53.90 -4.45
N ASP B 148 -25.26 53.00 -4.00
CA ASP B 148 -26.30 53.39 -3.05
C ASP B 148 -26.04 52.64 -1.76
N CYS B 149 -25.80 53.37 -0.64
CA CYS B 149 -25.48 52.75 0.63
C CYS B 149 -26.46 53.09 1.74
N PRO B 150 -26.56 52.22 2.76
CA PRO B 150 -27.29 52.58 3.97
C PRO B 150 -26.49 53.54 4.84
N ASP B 151 -26.94 53.78 6.07
CA ASP B 151 -26.31 54.79 6.92
C ASP B 151 -24.91 54.40 7.38
N LEU B 152 -24.56 53.11 7.33
CA LEU B 152 -23.29 52.59 7.79
C LEU B 152 -22.65 51.79 6.66
N GLY B 153 -21.44 52.16 6.29
CA GLY B 153 -20.83 51.55 5.13
C GLY B 153 -20.10 50.23 5.32
N TRP B 154 -20.09 49.63 6.51
CA TRP B 154 -19.28 48.44 6.77
C TRP B 154 -20.05 47.14 6.54
N GLY B 155 -21.32 47.22 6.16
CA GLY B 155 -22.08 46.05 5.76
C GLY B 155 -21.82 45.70 4.31
N SER B 156 -22.57 44.72 3.84
CA SER B 156 -22.36 44.09 2.54
C SER B 156 -23.41 44.56 1.54
N VAL B 157 -22.97 44.91 0.32
CA VAL B 157 -23.94 45.28 -0.73
C VAL B 157 -24.93 44.13 -0.94
N VAL B 158 -24.43 42.89 -0.93
CA VAL B 158 -25.27 41.72 -1.14
C VAL B 158 -26.11 41.42 0.10
N GLY B 159 -25.45 41.28 1.25
CA GLY B 159 -26.15 40.91 2.48
C GLY B 159 -27.22 41.92 2.87
N ASN B 160 -26.93 43.22 2.71
CA ASN B 160 -27.98 44.20 2.99
C ASN B 160 -29.13 44.01 2.02
N THR B 161 -28.84 43.77 0.73
CA THR B 161 -29.90 43.57 -0.25
C THR B 161 -30.72 42.32 0.07
N LEU B 162 -30.08 41.27 0.60
CA LEU B 162 -30.77 40.01 0.83
C LEU B 162 -31.75 40.12 1.99
N ASP B 163 -31.51 41.02 2.95
CA ASP B 163 -32.49 41.34 3.98
C ASP B 163 -33.40 42.49 3.55
N ARG B 164 -33.37 42.87 2.26
CA ARG B 164 -34.18 43.96 1.69
C ARG B 164 -33.99 45.29 2.44
N GLY B 165 -32.75 45.56 2.85
CA GLY B 165 -32.38 46.87 3.35
C GLY B 165 -32.50 47.95 2.26
N VAL B 166 -32.19 49.20 2.65
CA VAL B 166 -32.42 50.36 1.78
C VAL B 166 -31.34 51.43 2.00
N GLY B 167 -31.17 52.26 0.97
CA GLY B 167 -30.32 53.44 0.97
C GLY B 167 -31.12 54.68 0.59
N TYR B 168 -30.49 55.77 0.13
CA TYR B 168 -31.17 57.07 0.08
C TYR B 168 -30.97 57.84 -1.22
N THR B 169 -30.26 57.31 -2.20
CA THR B 169 -30.13 57.90 -3.53
C THR B 169 -31.34 57.50 -4.39
N PRO B 170 -31.44 57.88 -5.68
CA PRO B 170 -32.55 57.36 -6.50
C PRO B 170 -32.55 55.85 -6.62
N TYR B 171 -31.40 55.20 -6.41
CA TYR B 171 -31.33 53.74 -6.39
C TYR B 171 -31.45 53.17 -4.98
N GLY B 172 -32.24 53.83 -4.11
CA GLY B 172 -32.34 53.42 -2.73
C GLY B 172 -32.96 52.06 -2.49
N ASP B 173 -33.85 51.59 -3.39
CA ASP B 173 -34.50 50.27 -3.25
C ASP B 173 -33.53 49.19 -3.71
N HIS B 174 -32.72 48.67 -2.79
CA HIS B 174 -31.64 47.78 -3.18
C HIS B 174 -32.17 46.56 -3.90
N PHE B 175 -33.30 46.00 -3.44
CA PHE B 175 -33.77 44.77 -4.07
C PHE B 175 -34.26 45.00 -5.51
N MET B 176 -34.89 46.14 -5.79
CA MET B 176 -35.32 46.41 -7.16
C MET B 176 -34.15 46.34 -8.13
N TRP B 177 -33.04 46.98 -7.79
CA TRP B 177 -31.91 47.08 -8.70
C TRP B 177 -31.01 45.85 -8.66
N GLN B 178 -31.26 44.93 -7.74
CA GLN B 178 -30.59 43.64 -7.83
C GLN B 178 -30.97 43.00 -9.16
N THR B 179 -29.98 42.37 -9.80
CA THR B 179 -30.12 41.84 -11.16
C THR B 179 -29.24 40.60 -11.22
N GLY B 180 -29.85 39.43 -11.08
CA GLY B 180 -29.17 38.15 -11.16
C GLY B 180 -28.49 37.72 -9.87
N LEU B 181 -28.51 36.42 -9.55
CA LEU B 181 -27.71 35.89 -8.46
C LEU B 181 -27.31 34.44 -8.74
N GLU B 182 -26.30 34.00 -7.99
CA GLU B 182 -25.94 32.59 -7.87
C GLU B 182 -26.21 32.13 -6.44
N VAL B 183 -26.86 30.98 -6.29
CA VAL B 183 -27.27 30.53 -4.96
C VAL B 183 -26.99 29.04 -4.85
N VAL B 184 -26.51 28.62 -3.69
CA VAL B 184 -26.45 27.20 -3.34
C VAL B 184 -27.75 26.83 -2.64
N LEU B 185 -28.53 25.95 -3.26
CA LEU B 185 -29.79 25.44 -2.72
C LEU B 185 -29.56 24.54 -1.51
N PRO B 186 -30.60 24.27 -0.71
CA PRO B 186 -30.37 23.74 0.65
C PRO B 186 -29.77 22.35 0.69
N GLN B 187 -29.71 21.63 -0.44
CA GLN B 187 -29.05 20.33 -0.49
C GLN B 187 -27.78 20.37 -1.33
N GLY B 188 -27.27 21.57 -1.64
CA GLY B 188 -25.96 21.70 -2.24
C GLY B 188 -25.92 21.93 -3.75
N GLU B 189 -27.05 21.88 -4.44
CA GLU B 189 -27.03 22.18 -5.87
C GLU B 189 -26.89 23.68 -6.08
N VAL B 190 -26.10 24.06 -7.08
CA VAL B 190 -25.89 25.47 -7.40
C VAL B 190 -26.72 25.85 -8.63
N MET B 191 -27.33 27.03 -8.58
CA MET B 191 -28.19 27.57 -9.63
C MET B 191 -27.93 29.06 -9.80
N ARG B 192 -28.11 29.55 -11.03
CA ARG B 192 -28.05 30.96 -11.36
C ARG B 192 -29.42 31.42 -11.86
N THR B 193 -29.78 32.66 -11.52
CA THR B 193 -31.05 33.21 -11.95
C THR B 193 -30.88 34.09 -13.17
N GLY B 194 -32.00 34.33 -13.85
CA GLY B 194 -32.05 35.24 -14.99
C GLY B 194 -31.22 34.73 -16.15
N MET B 195 -30.59 35.68 -16.84
CA MET B 195 -29.78 35.36 -18.02
C MET B 195 -28.52 34.59 -17.64
N GLY B 196 -28.18 34.61 -16.35
CA GLY B 196 -27.10 33.79 -15.84
C GLY B 196 -27.35 32.31 -16.03
N ALA B 197 -28.63 31.90 -16.09
CA ALA B 197 -28.98 30.52 -16.42
C ALA B 197 -28.79 30.18 -17.89
N LEU B 198 -28.56 31.17 -18.78
CA LEU B 198 -28.24 30.92 -20.18
C LEU B 198 -26.73 30.96 -20.39
N PRO B 199 -26.05 29.84 -20.67
CA PRO B 199 -24.58 29.84 -20.69
C PRO B 199 -24.04 30.62 -21.87
N GLY B 200 -23.11 31.53 -21.58
CA GLY B 200 -22.56 32.38 -22.60
C GLY B 200 -23.36 33.63 -22.86
N SER B 201 -24.25 34.00 -21.95
CA SER B 201 -24.93 35.28 -22.09
C SER B 201 -24.09 36.32 -21.36
N ASP B 202 -24.00 37.51 -21.94
CA ASP B 202 -23.32 38.62 -21.29
C ASP B 202 -24.29 39.56 -20.58
N ALA B 203 -25.55 39.13 -20.38
CA ALA B 203 -26.60 40.03 -19.90
C ALA B 203 -27.19 39.62 -18.54
N TRP B 204 -26.43 38.84 -17.74
CA TRP B 204 -26.85 38.47 -16.40
C TRP B 204 -27.23 39.68 -15.57
N GLN B 205 -26.46 40.76 -15.69
CA GLN B 205 -26.70 41.99 -14.96
C GLN B 205 -27.37 43.06 -15.80
N LEU B 206 -27.88 42.72 -16.99
CA LEU B 206 -28.60 43.68 -17.83
C LEU B 206 -30.11 43.50 -17.79
N PHE B 207 -30.57 42.25 -17.76
CA PHE B 207 -31.99 41.94 -17.83
C PHE B 207 -32.34 41.09 -16.62
N PRO B 208 -33.18 41.57 -15.70
CA PRO B 208 -33.32 40.88 -14.41
C PRO B 208 -34.11 39.58 -14.48
N TYR B 209 -35.11 39.49 -15.37
CA TYR B 209 -36.17 38.48 -15.24
C TYR B 209 -35.79 37.11 -15.84
N GLY B 210 -35.03 37.09 -16.93
CA GLY B 210 -34.84 35.80 -17.61
C GLY B 210 -36.12 35.24 -18.21
N PHE B 211 -36.41 33.97 -17.92
CA PHE B 211 -37.52 33.26 -18.53
C PHE B 211 -38.15 32.30 -17.53
N GLY B 212 -39.48 32.18 -17.61
CA GLY B 212 -40.25 31.46 -16.62
C GLY B 212 -40.38 32.20 -15.30
N PRO B 213 -40.78 31.51 -14.25
CA PRO B 213 -41.00 32.15 -12.95
C PRO B 213 -39.80 32.94 -12.46
N PHE B 214 -40.06 34.11 -11.89
CA PHE B 214 -38.99 34.99 -11.44
C PHE B 214 -38.73 34.73 -9.96
N PRO B 215 -37.65 34.04 -9.61
CA PRO B 215 -37.45 33.56 -8.23
C PRO B 215 -36.59 34.40 -7.31
N ASP B 216 -35.99 35.50 -7.76
CA ASP B 216 -34.92 36.10 -6.98
C ASP B 216 -35.45 36.59 -5.63
N GLY B 217 -36.66 37.16 -5.62
CA GLY B 217 -37.27 37.64 -4.40
C GLY B 217 -37.41 36.59 -3.34
N MET B 218 -37.54 35.31 -3.73
CA MET B 218 -37.69 34.20 -2.80
C MET B 218 -36.41 33.93 -2.03
N PHE B 219 -35.32 34.60 -2.37
CA PHE B 219 -34.07 34.47 -1.64
C PHE B 219 -33.78 35.68 -0.76
N THR B 220 -34.74 36.58 -0.61
CA THR B 220 -34.61 37.73 0.27
C THR B 220 -35.44 37.48 1.52
N GLN B 221 -34.89 37.85 2.69
CA GLN B 221 -35.53 37.56 3.97
C GLN B 221 -35.94 36.09 4.07
N SER B 222 -35.09 35.21 3.56
CA SER B 222 -35.45 33.83 3.27
C SER B 222 -34.42 32.87 3.84
N ASN B 223 -34.76 31.60 3.89
CA ASN B 223 -33.82 30.55 4.26
C ASN B 223 -33.80 29.44 3.23
N LEU B 224 -33.93 29.80 1.96
CA LEU B 224 -33.98 28.81 0.89
C LEU B 224 -32.65 28.57 0.21
N GLY B 225 -31.56 29.15 0.71
CA GLY B 225 -30.28 29.00 0.04
C GLY B 225 -29.20 29.87 0.65
N ILE B 226 -27.96 29.59 0.23
CA ILE B 226 -26.81 30.43 0.54
C ILE B 226 -26.36 31.11 -0.74
N VAL B 227 -26.38 32.43 -0.76
CA VAL B 227 -26.07 33.23 -1.94
C VAL B 227 -24.54 33.44 -2.02
N THR B 228 -23.99 33.26 -3.23
CA THR B 228 -22.55 33.29 -3.47
C THR B 228 -22.11 34.39 -4.45
N LYS B 229 -23.00 34.84 -5.33
CA LYS B 229 -22.77 35.97 -6.23
C LYS B 229 -24.08 36.76 -6.37
N MET B 230 -23.95 38.07 -6.59
CA MET B 230 -25.15 38.88 -6.84
C MET B 230 -24.79 40.09 -7.69
N GLY B 231 -25.59 40.34 -8.72
CA GLY B 231 -25.47 41.55 -9.51
C GLY B 231 -26.38 42.65 -8.99
N ILE B 232 -25.98 43.89 -9.26
CA ILE B 232 -26.77 45.08 -8.89
C ILE B 232 -26.48 46.17 -9.90
N ALA B 233 -27.53 46.90 -10.31
CA ALA B 233 -27.37 48.07 -11.16
C ALA B 233 -26.83 49.25 -10.36
N LEU B 234 -26.06 50.10 -11.03
CA LEU B 234 -25.40 51.25 -10.43
C LEU B 234 -25.76 52.49 -11.24
N MET B 235 -26.14 53.55 -10.54
CA MET B 235 -26.55 54.78 -11.21
C MET B 235 -25.34 55.60 -11.65
N GLN B 236 -25.50 56.36 -12.72
CA GLN B 236 -24.47 57.33 -13.14
C GLN B 236 -24.45 58.49 -12.16
N ARG B 237 -23.25 58.92 -11.75
CA ARG B 237 -23.16 60.08 -10.86
C ARG B 237 -23.58 61.34 -11.63
N PRO B 238 -24.50 62.13 -11.10
CA PRO B 238 -24.97 63.34 -11.81
C PRO B 238 -23.93 64.45 -11.74
N PRO B 239 -24.06 65.47 -12.61
CA PRO B 239 -23.03 66.52 -12.63
C PRO B 239 -22.92 67.30 -11.34
N ALA B 240 -23.97 67.33 -10.51
CA ALA B 240 -23.94 68.14 -9.30
C ALA B 240 -25.01 67.63 -8.34
N SER B 241 -24.86 68.03 -7.08
CA SER B 241 -25.85 67.69 -6.07
C SER B 241 -25.89 68.80 -5.03
N GLN B 242 -27.03 68.95 -4.36
CA GLN B 242 -27.15 69.81 -3.20
C GLN B 242 -27.94 69.08 -2.14
N SER B 243 -27.52 69.20 -0.90
CA SER B 243 -28.30 68.63 0.20
C SER B 243 -28.84 69.76 1.06
N PHE B 244 -30.04 69.56 1.60
CA PHE B 244 -30.70 70.55 2.44
C PHE B 244 -31.27 69.88 3.69
N LEU B 245 -31.37 70.68 4.76
CA LEU B 245 -32.14 70.37 5.97
C LEU B 245 -33.29 71.35 6.14
N ILE B 246 -34.47 70.86 6.47
CA ILE B 246 -35.55 71.72 6.97
C ILE B 246 -35.83 71.36 8.42
N THR B 247 -35.76 72.36 9.30
CA THR B 247 -36.13 72.22 10.69
C THR B 247 -37.57 72.68 10.93
N PHE B 248 -38.29 71.90 11.75
CA PHE B 248 -39.66 72.21 12.18
C PHE B 248 -39.74 72.18 13.70
N ASP B 249 -40.34 73.22 14.26
CA ASP B 249 -40.24 73.47 15.69
C ASP B 249 -41.10 72.51 16.53
N LYS B 250 -42.29 72.11 16.08
CA LYS B 250 -43.25 71.46 16.97
C LYS B 250 -43.41 69.96 16.66
N GLU B 251 -43.67 69.17 17.72
CA GLU B 251 -43.99 67.75 17.54
C GLU B 251 -45.12 67.54 16.55
N GLU B 252 -46.15 68.38 16.62
CA GLU B 252 -47.38 68.18 15.86
C GLU B 252 -47.24 68.60 14.41
N ASP B 253 -46.13 69.27 14.06
CA ASP B 253 -45.88 69.57 12.65
C ASP B 253 -45.81 68.31 11.81
N LEU B 254 -45.56 67.15 12.43
CA LEU B 254 -45.36 65.91 11.67
C LEU B 254 -46.53 65.65 10.73
N GLU B 255 -47.75 65.96 11.17
CA GLU B 255 -48.92 65.74 10.31
C GLU B 255 -48.78 66.53 9.02
N GLN B 256 -48.53 67.83 9.14
CA GLN B 256 -48.44 68.67 7.97
C GLN B 256 -47.18 68.39 7.14
N ILE B 257 -46.08 67.96 7.77
CA ILE B 257 -44.84 67.72 7.00
C ILE B 257 -45.05 66.60 6.00
N VAL B 258 -45.60 65.48 6.48
CA VAL B 258 -45.88 64.35 5.60
C VAL B 258 -46.85 64.76 4.50
N ASP B 259 -47.91 65.50 4.83
CA ASP B 259 -48.95 65.78 3.85
C ASP B 259 -48.49 66.76 2.78
N ILE B 260 -47.57 67.68 3.11
CA ILE B 260 -46.99 68.54 2.07
C ILE B 260 -45.97 67.74 1.27
N MET B 261 -45.32 66.77 1.92
CA MET B 261 -44.27 65.97 1.28
C MET B 261 -44.83 65.20 0.09
N LEU B 262 -45.95 64.50 0.28
CA LEU B 262 -46.41 63.50 -0.68
C LEU B 262 -46.55 64.06 -2.10
N PRO B 263 -47.24 65.18 -2.34
CA PRO B 263 -47.29 65.69 -3.72
C PRO B 263 -45.92 65.95 -4.32
N LEU B 264 -44.93 66.39 -3.51
CA LEU B 264 -43.60 66.68 -4.01
C LEU B 264 -42.74 65.43 -4.24
N ARG B 265 -43.19 64.26 -3.78
CA ARG B 265 -42.35 63.06 -3.83
C ARG B 265 -42.88 61.97 -4.76
N ILE B 266 -44.20 61.84 -4.97
CA ILE B 266 -44.72 60.69 -5.68
C ILE B 266 -44.25 60.65 -7.14
N ASN B 267 -43.92 61.78 -7.75
CA ASN B 267 -43.40 61.80 -9.11
C ASN B 267 -41.88 61.91 -9.15
N MET B 268 -41.21 61.68 -8.02
CA MET B 268 -39.75 61.70 -7.95
C MET B 268 -39.17 63.06 -8.29
N ALA B 269 -39.99 64.11 -8.17
CA ALA B 269 -39.52 65.48 -8.35
C ALA B 269 -40.55 66.40 -7.74
N PRO B 270 -40.13 67.44 -6.99
CA PRO B 270 -38.74 67.84 -6.79
C PRO B 270 -37.92 66.95 -5.85
N LEU B 271 -38.56 66.15 -5.00
CA LEU B 271 -37.86 65.24 -4.08
C LEU B 271 -37.41 64.01 -4.85
N GLN B 272 -36.18 64.08 -5.39
CA GLN B 272 -35.60 63.02 -6.20
C GLN B 272 -34.99 61.88 -5.38
N ASN B 273 -34.40 62.19 -4.24
CA ASN B 273 -33.83 61.16 -3.39
C ASN B 273 -34.87 60.72 -2.36
N VAL B 274 -34.48 59.79 -1.50
CA VAL B 274 -35.28 59.27 -0.41
C VAL B 274 -35.16 60.22 0.77
N PRO B 275 -36.19 61.02 1.04
CA PRO B 275 -36.11 61.95 2.17
C PRO B 275 -36.16 61.17 3.47
N VAL B 276 -35.46 61.68 4.46
CA VAL B 276 -35.56 61.17 5.81
C VAL B 276 -36.05 62.31 6.71
N LEU B 277 -36.97 61.97 7.60
CA LEU B 277 -37.52 62.87 8.59
C LEU B 277 -37.21 62.28 9.96
N ARG B 278 -36.33 62.95 10.70
CA ARG B 278 -35.73 62.47 11.95
C ARG B 278 -36.16 63.34 13.13
N ASN B 279 -36.34 62.73 14.29
CA ASN B 279 -36.77 63.58 15.40
C ASN B 279 -35.52 64.12 16.12
N ILE B 280 -35.76 65.04 17.04
CA ILE B 280 -34.66 65.69 17.77
C ILE B 280 -33.89 64.67 18.61
N PHE B 281 -34.52 63.56 19.01
CA PHE B 281 -33.78 62.57 19.78
C PHE B 281 -32.78 61.83 18.89
N MET B 282 -33.18 61.55 17.65
CA MET B 282 -32.30 60.86 16.70
C MET B 282 -31.07 61.72 16.39
N ASP B 283 -31.28 63.02 16.15
CA ASP B 283 -30.18 63.89 15.75
C ASP B 283 -29.29 64.26 16.93
N ALA B 284 -29.89 64.44 18.12
CA ALA B 284 -29.09 64.64 19.33
C ALA B 284 -28.20 63.43 19.61
N ALA B 285 -28.75 62.21 19.45
CA ALA B 285 -27.97 61.01 19.73
C ALA B 285 -26.77 60.89 18.81
N ALA B 286 -26.85 61.46 17.61
CA ALA B 286 -25.74 61.39 16.67
C ALA B 286 -24.60 62.31 17.07
N VAL B 287 -24.83 63.33 17.92
CA VAL B 287 -23.83 64.36 18.19
C VAL B 287 -23.60 64.59 19.69
N SER B 288 -24.23 63.82 20.58
CA SER B 288 -24.17 64.15 22.00
C SER B 288 -24.67 62.96 22.81
N LYS B 289 -24.26 62.91 24.08
CA LYS B 289 -24.73 61.92 25.04
C LYS B 289 -25.97 62.43 25.76
N ARG B 290 -26.79 61.48 26.23
CA ARG B 290 -28.04 61.83 26.92
C ARG B 290 -27.79 62.69 28.15
N THR B 291 -26.69 62.44 28.87
CA THR B 291 -26.37 63.18 30.09
C THR B 291 -25.93 64.61 29.84
N GLU B 292 -25.64 64.99 28.59
CA GLU B 292 -25.46 66.42 28.30
C GLU B 292 -26.75 67.19 28.54
N TRP B 293 -27.91 66.54 28.38
CA TRP B 293 -29.20 67.22 28.43
C TRP B 293 -30.01 66.92 29.69
N PHE B 294 -29.80 65.78 30.33
CA PHE B 294 -30.67 65.32 31.40
C PHE B 294 -30.00 64.18 32.14
N ASP B 295 -29.82 64.37 33.44
CA ASP B 295 -29.11 63.42 34.28
C ASP B 295 -30.06 62.54 35.08
N GLY B 296 -31.37 62.66 34.84
CA GLY B 296 -32.32 62.21 35.83
C GLY B 296 -33.32 61.11 35.51
N ASP B 297 -34.50 61.29 36.10
CA ASP B 297 -35.51 60.24 36.23
C ASP B 297 -36.20 59.99 34.89
N GLY B 298 -36.05 58.78 34.37
CA GLY B 298 -36.84 58.30 33.26
C GLY B 298 -36.87 59.25 32.08
N PRO B 299 -38.07 59.55 31.59
CA PRO B 299 -38.18 60.23 30.29
C PRO B 299 -37.77 61.69 30.37
N MET B 300 -37.16 62.16 29.30
CA MET B 300 -36.60 63.51 29.26
C MET B 300 -37.71 64.57 29.35
N PRO B 301 -37.58 65.57 30.23
CA PRO B 301 -38.63 66.58 30.37
C PRO B 301 -38.62 67.58 29.22
N ALA B 302 -39.77 68.22 29.05
CA ALA B 302 -39.94 69.20 27.98
C ALA B 302 -38.84 70.26 28.01
N GLU B 303 -38.51 70.76 29.19
CA GLU B 303 -37.47 71.80 29.29
C GLU B 303 -36.15 71.34 28.72
N ALA B 304 -35.81 70.06 28.90
CA ALA B 304 -34.56 69.53 28.38
C ALA B 304 -34.60 69.30 26.87
N ILE B 305 -35.76 68.91 26.33
CA ILE B 305 -35.91 68.78 24.88
C ILE B 305 -35.65 70.13 24.20
N GLU B 306 -36.23 71.22 24.73
CA GLU B 306 -35.95 72.57 24.23
C GLU B 306 -34.48 72.93 24.32
N ARG B 307 -33.75 72.33 25.27
CA ARG B 307 -32.33 72.61 25.37
C ARG B 307 -31.56 71.91 24.26
N MET B 308 -31.97 70.69 23.89
CA MET B 308 -31.41 70.02 22.72
C MET B 308 -31.64 70.85 21.46
N LYS B 309 -32.88 71.28 21.25
CA LYS B 309 -33.26 72.06 20.06
C LYS B 309 -32.48 73.38 19.97
N LYS B 310 -32.33 74.11 21.08
CA LYS B 310 -31.68 75.42 21.04
C LYS B 310 -30.17 75.29 20.88
N ASP B 311 -29.53 74.42 21.66
CA ASP B 311 -28.09 74.28 21.57
C ASP B 311 -27.67 73.79 20.18
N LEU B 312 -28.42 72.85 19.62
CA LEU B 312 -28.08 72.26 18.32
C LEU B 312 -28.68 73.02 17.13
N ASP B 313 -29.56 73.99 17.35
CA ASP B 313 -30.21 74.75 16.26
C ASP B 313 -31.01 73.81 15.33
N LEU B 314 -31.71 72.86 15.93
CA LEU B 314 -32.56 71.94 15.18
C LEU B 314 -33.99 72.06 15.65
N GLY B 315 -34.91 71.53 14.85
CA GLY B 315 -36.30 71.46 15.23
C GLY B 315 -36.62 70.19 16.01
N PHE B 316 -37.90 70.04 16.36
CA PHE B 316 -38.33 68.72 16.82
C PHE B 316 -38.27 67.69 15.69
N TRP B 317 -38.69 68.06 14.49
CA TRP B 317 -38.62 67.20 13.32
C TRP B 317 -37.70 67.85 12.29
N ASN B 318 -36.79 67.03 11.75
CA ASN B 318 -35.74 67.51 10.87
C ASN B 318 -35.74 66.69 9.60
N PHE B 319 -35.93 67.37 8.47
CA PHE B 319 -36.12 66.80 7.14
C PHE B 319 -34.83 66.94 6.35
N TYR B 320 -34.27 65.81 5.90
CA TYR B 320 -33.05 65.83 5.10
C TYR B 320 -33.36 65.32 3.70
N GLY B 321 -32.88 66.05 2.70
CA GLY B 321 -32.98 65.64 1.30
C GLY B 321 -31.80 66.11 0.47
N THR B 322 -31.70 65.54 -0.72
CA THR B 322 -30.63 65.86 -1.65
C THR B 322 -31.23 65.99 -3.04
N LEU B 323 -30.72 66.93 -3.82
CA LEU B 323 -31.15 67.18 -5.19
C LEU B 323 -29.98 66.90 -6.14
N TYR B 324 -30.29 66.43 -7.35
CA TYR B 324 -29.28 66.04 -8.33
C TYR B 324 -29.56 66.65 -9.71
N GLY B 325 -28.49 67.02 -10.43
CA GLY B 325 -28.56 67.34 -11.84
C GLY B 325 -27.75 68.57 -12.17
N PRO B 326 -28.00 69.17 -13.33
CA PRO B 326 -27.43 70.49 -13.61
C PRO B 326 -27.84 71.47 -12.54
N PRO B 327 -26.97 72.42 -12.20
CA PRO B 327 -27.31 73.42 -11.17
C PRO B 327 -28.64 74.13 -11.42
N PRO B 328 -29.01 74.50 -12.65
CA PRO B 328 -30.33 75.17 -12.82
C PRO B 328 -31.51 74.32 -12.37
N LEU B 329 -31.44 73.00 -12.52
CA LEU B 329 -32.54 72.16 -12.06
C LEU B 329 -32.59 72.08 -10.53
N ILE B 330 -31.42 72.04 -9.88
CA ILE B 330 -31.36 71.99 -8.42
C ILE B 330 -31.97 73.26 -7.82
N GLU B 331 -31.59 74.45 -8.33
CA GLU B 331 -32.17 75.70 -7.85
C GLU B 331 -33.67 75.72 -8.03
N MET B 332 -34.16 75.29 -9.20
CA MET B 332 -35.61 75.18 -9.40
C MET B 332 -36.25 74.27 -8.37
N TYR B 333 -35.70 73.06 -8.18
CA TYR B 333 -36.35 72.09 -7.29
C TYR B 333 -36.26 72.55 -5.83
N TYR B 334 -35.12 73.12 -5.43
CA TYR B 334 -35.00 73.67 -4.08
C TYR B 334 -35.97 74.84 -3.88
N GLY B 335 -36.21 75.64 -4.93
CA GLY B 335 -37.19 76.71 -4.83
C GLY B 335 -38.61 76.21 -4.60
N MET B 336 -39.02 75.15 -5.32
CA MET B 336 -40.34 74.57 -5.07
C MET B 336 -40.44 74.00 -3.65
N ILE B 337 -39.34 73.44 -3.14
CA ILE B 337 -39.35 72.83 -1.82
C ILE B 337 -39.46 73.88 -0.74
N LYS B 338 -38.76 75.01 -0.89
CA LYS B 338 -38.87 76.11 0.08
C LYS B 338 -40.28 76.69 0.14
N GLU B 339 -40.94 76.89 -1.02
CA GLU B 339 -42.27 77.48 -0.98
C GLU B 339 -43.27 76.52 -0.38
N ALA B 340 -43.21 75.23 -0.78
CA ALA B 340 -44.18 74.27 -0.27
C ALA B 340 -44.07 74.13 1.24
N PHE B 341 -42.88 73.84 1.74
CA PHE B 341 -42.74 73.60 3.16
C PHE B 341 -42.76 74.90 3.97
N GLY B 342 -42.51 76.04 3.32
CA GLY B 342 -42.60 77.31 4.00
C GLY B 342 -43.97 77.63 4.57
N LYS B 343 -45.02 76.89 4.18
CA LYS B 343 -46.35 77.15 4.72
C LYS B 343 -46.50 76.69 6.17
N ILE B 344 -45.58 75.88 6.67
CA ILE B 344 -45.60 75.44 8.07
C ILE B 344 -44.93 76.53 8.91
N PRO B 345 -45.65 77.20 9.80
CA PRO B 345 -45.02 78.26 10.59
C PRO B 345 -43.84 77.70 11.33
N GLY B 346 -42.77 78.48 11.38
CA GLY B 346 -41.56 78.06 12.06
C GLY B 346 -40.55 77.27 11.22
N ALA B 347 -40.89 76.93 9.96
CA ALA B 347 -39.96 76.19 9.12
C ALA B 347 -38.70 77.00 8.82
N ARG B 348 -37.53 76.36 8.94
CA ARG B 348 -36.26 76.97 8.54
C ARG B 348 -35.48 76.03 7.64
N PHE B 349 -34.73 76.60 6.69
CA PHE B 349 -34.06 75.86 5.62
C PHE B 349 -32.57 76.20 5.55
N PHE B 350 -31.75 75.17 5.33
CA PHE B 350 -30.31 75.29 5.22
C PHE B 350 -29.84 74.33 4.15
N THR B 351 -28.91 74.78 3.30
CA THR B 351 -28.15 73.86 2.46
C THR B 351 -26.95 73.30 3.22
N HIS B 352 -26.30 72.28 2.66
CA HIS B 352 -25.12 71.72 3.32
C HIS B 352 -23.97 72.70 3.39
N GLU B 353 -24.02 73.82 2.65
CA GLU B 353 -22.99 74.84 2.73
C GLU B 353 -23.27 75.90 3.81
N GLU B 354 -24.36 75.80 4.56
CA GLU B 354 -24.75 76.88 5.47
C GLU B 354 -24.66 76.50 6.94
N ARG B 355 -24.10 75.33 7.29
CA ARG B 355 -24.02 74.91 8.68
C ARG B 355 -22.71 74.19 8.99
N ASP B 356 -21.79 74.88 9.67
CA ASP B 356 -20.53 74.29 10.12
C ASP B 356 -20.54 73.91 11.60
N ASP B 357 -21.71 73.92 12.23
CA ASP B 357 -21.86 73.74 13.67
C ASP B 357 -22.08 72.28 14.03
N ARG B 358 -22.12 71.99 15.33
CA ARG B 358 -22.30 70.60 15.76
C ARG B 358 -23.63 70.04 15.30
N GLY B 359 -24.70 70.83 15.42
CA GLY B 359 -26.01 70.37 15.00
C GLY B 359 -26.09 70.06 13.53
N GLY B 360 -25.18 70.61 12.73
CA GLY B 360 -25.11 70.38 11.31
C GLY B 360 -24.37 69.14 10.92
N HIS B 361 -23.76 68.44 11.89
CA HIS B 361 -22.98 67.23 11.59
C HIS B 361 -23.85 66.18 10.93
N VAL B 362 -25.13 66.12 11.32
CA VAL B 362 -26.05 65.18 10.68
C VAL B 362 -26.31 65.57 9.23
N LEU B 363 -26.58 66.86 8.99
CA LEU B 363 -26.76 67.31 7.60
C LEU B 363 -25.55 66.96 6.74
N GLN B 364 -24.34 67.11 7.28
CA GLN B 364 -23.16 66.79 6.50
C GLN B 364 -23.06 65.30 6.23
N ASP B 365 -23.52 64.48 7.18
CA ASP B 365 -23.45 63.04 6.99
C ASP B 365 -24.47 62.56 5.95
N ARG B 366 -25.70 63.10 5.96
CA ARG B 366 -26.66 62.70 4.93
C ARG B 366 -26.15 63.09 3.55
N HIS B 367 -25.42 64.21 3.46
CA HIS B 367 -24.88 64.64 2.19
C HIS B 367 -23.80 63.68 1.65
N LYS B 368 -23.01 63.03 2.53
CA LYS B 368 -22.19 61.92 2.06
C LYS B 368 -23.05 60.74 1.66
N ILE B 369 -23.92 60.27 2.57
CA ILE B 369 -24.71 59.06 2.30
C ILE B 369 -25.54 59.21 1.03
N ASN B 370 -26.09 60.40 0.80
CA ASN B 370 -27.00 60.57 -0.33
C ASN B 370 -26.24 60.69 -1.64
N ASN B 371 -24.91 60.82 -1.58
CA ASN B 371 -24.07 60.88 -2.78
C ASN B 371 -23.22 59.63 -2.93
N GLY B 372 -23.64 58.53 -2.30
CA GLY B 372 -22.92 57.28 -2.45
C GLY B 372 -21.58 57.25 -1.76
N ILE B 373 -21.40 58.09 -0.74
CA ILE B 373 -20.16 58.16 0.01
C ILE B 373 -20.40 57.52 1.37
N PRO B 374 -19.91 56.30 1.60
CA PRO B 374 -20.21 55.59 2.84
C PRO B 374 -19.54 56.22 4.06
N SER B 375 -20.15 55.96 5.21
CA SER B 375 -19.82 56.63 6.46
C SER B 375 -20.06 55.68 7.62
N LEU B 376 -19.31 55.90 8.69
CA LEU B 376 -19.57 55.26 9.97
C LEU B 376 -19.93 56.26 11.04
N ASP B 377 -20.23 57.50 10.65
CA ASP B 377 -20.44 58.58 11.62
C ASP B 377 -21.64 58.28 12.50
N GLU B 378 -22.65 57.62 11.95
CA GLU B 378 -23.84 57.34 12.72
C GLU B 378 -23.61 56.35 13.85
N LEU B 379 -22.47 55.64 13.86
CA LEU B 379 -22.14 54.81 15.02
C LEU B 379 -22.14 55.64 16.30
N GLN B 380 -21.86 56.94 16.19
CA GLN B 380 -21.84 57.82 17.36
C GLN B 380 -23.16 57.79 18.12
N GLN B 381 -24.26 57.46 17.45
CA GLN B 381 -25.57 57.33 18.09
C GLN B 381 -25.55 56.38 19.29
N LEU B 382 -24.77 55.29 19.20
CA LEU B 382 -24.71 54.33 20.30
C LEU B 382 -23.98 54.88 21.52
N ASP B 383 -23.37 56.06 21.44
CA ASP B 383 -22.80 56.69 22.63
C ASP B 383 -23.84 57.44 23.45
N TRP B 384 -25.12 57.38 23.05
CA TRP B 384 -26.15 58.18 23.71
C TRP B 384 -26.23 57.81 25.18
N VAL B 385 -26.16 56.52 25.49
CA VAL B 385 -26.04 56.00 26.86
C VAL B 385 -24.88 55.02 26.90
N PRO B 386 -24.37 54.68 28.08
CA PRO B 386 -23.25 53.72 28.17
C PRO B 386 -23.60 52.31 27.69
N ASN B 387 -22.59 51.63 27.10
CA ASN B 387 -22.70 50.28 26.51
C ASN B 387 -23.84 50.17 25.50
N GLY B 388 -24.06 51.25 24.75
CA GLY B 388 -25.31 51.41 24.04
C GLY B 388 -25.46 50.43 22.88
N GLY B 389 -26.70 50.00 22.65
CA GLY B 389 -27.07 49.23 21.49
C GLY B 389 -28.43 49.67 21.01
N HIS B 390 -28.84 49.12 19.86
CA HIS B 390 -30.16 49.46 19.35
C HIS B 390 -30.85 48.21 18.81
N ILE B 391 -32.17 48.35 18.71
CA ILE B 391 -33.04 47.42 18.02
C ILE B 391 -33.89 48.25 17.07
N GLY B 392 -34.17 47.71 15.90
CA GLY B 392 -34.97 48.41 14.93
C GLY B 392 -36.38 47.88 14.92
N PHE B 393 -37.30 48.72 15.35
CA PHE B 393 -38.73 48.48 15.21
C PHE B 393 -39.18 49.34 14.04
N VAL B 394 -39.45 48.71 12.90
CA VAL B 394 -39.66 49.50 11.68
C VAL B 394 -41.01 49.19 11.04
N PRO B 395 -42.11 49.71 11.56
CA PRO B 395 -43.40 49.53 10.90
C PRO B 395 -43.47 50.37 9.63
N VAL B 396 -44.33 49.93 8.72
CA VAL B 396 -44.59 50.60 7.46
C VAL B 396 -45.86 51.43 7.60
N SER B 397 -45.85 52.63 7.02
CA SER B 397 -46.93 53.62 7.09
C SER B 397 -47.27 54.12 5.69
N ALA B 398 -48.57 54.33 5.45
CA ALA B 398 -48.99 55.14 4.32
C ALA B 398 -48.41 56.54 4.46
N PRO B 399 -48.06 57.20 3.36
CA PRO B 399 -47.50 58.56 3.49
C PRO B 399 -48.65 59.54 3.77
N ASP B 400 -49.03 59.60 5.03
CA ASP B 400 -50.20 60.33 5.47
C ASP B 400 -49.93 60.97 6.82
N GLY B 401 -50.24 62.27 6.93
CA GLY B 401 -49.97 62.97 8.19
C GLY B 401 -50.59 62.30 9.41
N ARG B 402 -51.90 62.04 9.37
CA ARG B 402 -52.61 61.50 10.53
C ARG B 402 -52.17 60.07 10.83
N GLU B 403 -51.91 59.25 9.80
CA GLU B 403 -51.36 57.93 10.09
C GLU B 403 -49.94 58.03 10.65
N ALA B 404 -49.16 59.00 10.17
CA ALA B 404 -47.84 59.22 10.74
C ALA B 404 -47.96 59.65 12.20
N MET B 405 -48.89 60.57 12.48
CA MET B 405 -49.15 61.02 13.84
C MET B 405 -49.66 59.89 14.73
N LYS B 406 -50.44 58.96 14.19
CA LYS B 406 -51.03 57.92 15.01
C LYS B 406 -49.97 56.90 15.41
N GLN B 407 -49.09 56.53 14.47
CA GLN B 407 -47.98 55.64 14.79
C GLN B 407 -47.02 56.31 15.78
N PHE B 408 -46.78 57.60 15.60
CA PHE B 408 -45.89 58.34 16.50
C PHE B 408 -46.38 58.24 17.95
N GLU B 409 -47.63 58.62 18.21
CA GLU B 409 -48.15 58.54 19.57
C GLU B 409 -48.11 57.11 20.09
N MET B 410 -48.56 56.14 19.27
CA MET B 410 -48.59 54.75 19.73
C MET B 410 -47.22 54.31 20.25
N VAL B 411 -46.16 54.60 19.51
CA VAL B 411 -44.83 54.14 19.92
C VAL B 411 -44.29 54.98 21.08
N ARG B 412 -44.49 56.32 21.02
CA ARG B 412 -44.03 57.17 22.11
C ARG B 412 -44.67 56.78 23.44
N ASN B 413 -45.96 56.42 23.43
CA ASN B 413 -46.66 55.99 24.65
C ASN B 413 -46.08 54.68 25.21
N ARG B 414 -45.74 53.70 24.36
CA ARG B 414 -45.10 52.48 24.89
C ARG B 414 -43.69 52.76 25.35
N ALA B 415 -42.98 53.62 24.64
CA ALA B 415 -41.60 53.92 25.01
C ALA B 415 -41.56 54.62 26.36
N ASN B 416 -42.54 55.49 26.64
CA ASN B 416 -42.65 56.09 27.97
C ASN B 416 -42.88 55.00 29.03
N GLU B 417 -43.84 54.13 28.76
CA GLU B 417 -44.19 53.05 29.68
C GLU B 417 -42.97 52.25 30.10
N TYR B 418 -42.15 51.86 29.12
CA TYR B 418 -41.02 50.98 29.35
C TYR B 418 -39.70 51.73 29.53
N ASN B 419 -39.75 53.05 29.72
CA ASN B 419 -38.55 53.84 30.07
C ASN B 419 -37.46 53.78 28.99
N LYS B 420 -37.85 54.04 27.75
CA LYS B 420 -36.91 54.13 26.63
C LYS B 420 -37.13 55.45 25.91
N ASP B 421 -36.03 56.04 25.45
CA ASP B 421 -36.13 57.17 24.54
C ASP B 421 -36.69 56.68 23.20
N TYR B 422 -37.38 57.56 22.50
CA TYR B 422 -37.96 57.22 21.22
C TYR B 422 -37.25 58.00 20.12
N MET B 423 -36.46 57.31 19.30
CA MET B 423 -35.72 57.93 18.21
C MET B 423 -36.33 57.49 16.89
N ALA B 424 -36.79 58.46 16.10
CA ALA B 424 -37.61 58.17 14.94
C ALA B 424 -36.91 58.64 13.67
N GLN B 425 -37.01 57.85 12.60
CA GLN B 425 -36.56 58.23 11.27
C GLN B 425 -37.57 57.70 10.27
N PHE B 426 -38.41 58.59 9.77
CA PHE B 426 -39.25 58.23 8.64
C PHE B 426 -38.41 58.19 7.36
N VAL B 427 -38.45 57.06 6.66
CA VAL B 427 -37.76 56.86 5.39
C VAL B 427 -38.84 56.77 4.29
N ILE B 428 -38.86 57.74 3.37
CA ILE B 428 -40.05 58.01 2.57
C ILE B 428 -39.80 57.67 1.11
N GLY B 429 -40.51 56.65 0.60
CA GLY B 429 -40.54 56.32 -0.82
C GLY B 429 -41.63 57.06 -1.58
N LEU B 430 -42.09 56.48 -2.68
CA LEU B 430 -43.16 57.11 -3.45
C LEU B 430 -44.51 56.96 -2.77
N ARG B 431 -44.81 55.78 -2.23
CA ARG B 431 -46.17 55.43 -1.81
C ARG B 431 -46.20 54.87 -0.40
N GLU B 432 -45.09 54.91 0.33
CA GLU B 432 -44.93 54.20 1.59
C GLU B 432 -43.83 54.88 2.37
N MET B 433 -43.87 54.68 3.68
CA MET B 433 -42.81 55.14 4.56
C MET B 433 -42.39 54.05 5.53
N TYR B 434 -41.07 53.89 5.71
CA TYR B 434 -40.53 53.08 6.81
C TYR B 434 -40.47 53.98 8.04
N HIS B 435 -41.26 53.65 9.06
CA HIS B 435 -41.21 54.37 10.34
C HIS B 435 -40.16 53.71 11.23
N VAL B 436 -38.89 54.07 10.99
CA VAL B 436 -37.76 53.49 11.70
C VAL B 436 -37.78 54.02 13.14
N CYS B 437 -37.99 53.14 14.10
CA CYS B 437 -37.93 53.49 15.52
C CYS B 437 -36.72 52.79 16.11
N LEU B 438 -35.68 53.56 16.41
CA LEU B 438 -34.46 53.03 17.03
C LEU B 438 -34.59 53.23 18.54
N PHE B 439 -34.59 52.13 19.27
CA PHE B 439 -34.54 52.15 20.73
C PHE B 439 -33.11 51.85 21.15
N ILE B 440 -32.47 52.84 21.76
CA ILE B 440 -31.07 52.79 22.15
C ILE B 440 -31.03 52.55 23.64
N TYR B 441 -30.44 51.43 24.03
CA TYR B 441 -30.46 50.99 25.41
C TYR B 441 -29.10 50.46 25.79
N ASP B 442 -29.02 50.06 27.04
CA ASP B 442 -27.77 49.64 27.64
C ASP B 442 -27.66 48.11 27.55
N THR B 443 -26.73 47.62 26.74
CA THR B 443 -26.65 46.19 26.50
C THR B 443 -26.19 45.44 27.74
N ALA B 444 -25.47 46.10 28.65
CA ALA B 444 -24.95 45.48 29.87
C ALA B 444 -25.98 45.35 30.98
N ASP B 445 -27.21 45.84 30.80
CA ASP B 445 -28.23 45.84 31.84
C ASP B 445 -29.32 44.81 31.54
N PRO B 446 -29.35 43.67 32.23
CA PRO B 446 -30.35 42.64 31.90
C PRO B 446 -31.81 43.12 31.95
N GLU B 447 -32.14 44.02 32.90
CA GLU B 447 -33.51 44.52 32.98
C GLU B 447 -33.82 45.42 31.79
N ALA B 448 -32.84 46.22 31.37
CA ALA B 448 -33.02 47.01 30.16
C ALA B 448 -33.29 46.11 28.95
N ARG B 449 -32.48 45.04 28.80
CA ARG B 449 -32.62 44.13 27.66
C ARG B 449 -33.98 43.45 27.65
N GLU B 450 -34.48 43.03 28.81
CA GLU B 450 -35.79 42.42 28.89
C GLU B 450 -36.91 43.44 28.72
N GLU B 451 -36.70 44.70 29.15
CA GLU B 451 -37.65 45.76 28.82
C GLU B 451 -37.75 45.96 27.32
N ILE B 452 -36.62 45.86 26.61
CA ILE B 452 -36.64 46.03 25.15
C ILE B 452 -37.40 44.89 24.49
N LEU B 453 -37.10 43.65 24.89
CA LEU B 453 -37.83 42.50 24.36
C LEU B 453 -39.34 42.65 24.57
N GLN B 454 -39.78 42.96 25.79
CA GLN B 454 -41.22 42.95 26.07
C GLN B 454 -41.93 44.14 25.41
N MET B 455 -41.29 45.32 25.45
CA MET B 455 -41.88 46.49 24.81
C MET B 455 -42.02 46.29 23.30
N THR B 456 -41.04 45.66 22.65
CA THR B 456 -41.18 45.45 21.21
C THR B 456 -42.21 44.37 20.92
N LYS B 457 -42.25 43.30 21.71
CA LYS B 457 -43.33 42.30 21.59
C LYS B 457 -44.72 42.96 21.68
N VAL B 458 -44.91 43.85 22.64
CA VAL B 458 -46.17 44.60 22.73
C VAL B 458 -46.38 45.45 21.48
N LEU B 459 -45.31 46.10 20.99
CA LEU B 459 -45.47 47.02 19.88
C LEU B 459 -45.83 46.28 18.59
N VAL B 460 -45.24 45.09 18.35
CA VAL B 460 -45.63 44.27 17.20
C VAL B 460 -47.13 43.98 17.24
N ARG B 461 -47.62 43.53 18.40
CA ARG B 461 -49.04 43.22 18.59
C ARG B 461 -49.92 44.45 18.38
N GLU B 462 -49.61 45.55 19.06
CA GLU B 462 -50.45 46.75 18.99
C GLU B 462 -50.49 47.30 17.58
N ALA B 463 -49.33 47.37 16.91
CA ALA B 463 -49.29 47.87 15.54
C ALA B 463 -50.11 46.98 14.59
N ALA B 464 -50.10 45.67 14.83
CA ALA B 464 -50.90 44.77 14.00
C ALA B 464 -52.39 44.98 14.25
N GLU B 465 -52.78 45.21 15.50
CA GLU B 465 -54.18 45.52 15.83
C GLU B 465 -54.64 46.83 15.18
N ALA B 466 -53.73 47.73 14.86
CA ALA B 466 -54.12 48.94 14.14
C ALA B 466 -53.99 48.83 12.62
N GLY B 467 -53.61 47.67 12.08
CA GLY B 467 -53.43 47.51 10.64
C GLY B 467 -52.03 47.73 10.08
N TYR B 468 -51.00 47.78 10.95
CA TYR B 468 -49.64 48.09 10.57
C TYR B 468 -48.75 46.86 10.74
N GLY B 469 -47.80 46.68 9.81
CA GLY B 469 -46.82 45.62 9.93
C GLY B 469 -45.40 46.15 9.80
N GLU B 470 -44.44 45.29 10.12
CA GLU B 470 -43.04 45.66 10.00
C GLU B 470 -42.42 45.03 8.75
N TYR B 471 -41.48 45.76 8.14
CA TYR B 471 -40.86 45.31 6.91
C TYR B 471 -39.67 44.41 7.16
N ARG B 472 -39.20 44.34 8.41
CA ARG B 472 -37.94 43.71 8.81
C ARG B 472 -37.91 43.71 10.33
N THR B 473 -37.27 42.70 10.92
CA THR B 473 -37.30 42.57 12.37
C THR B 473 -36.12 41.72 12.86
N HIS B 474 -35.85 41.86 14.17
CA HIS B 474 -34.87 41.15 14.99
C HIS B 474 -35.23 39.67 15.12
N ASN B 475 -34.20 38.84 15.33
CA ASN B 475 -34.38 37.41 15.64
C ASN B 475 -35.46 37.19 16.72
N ALA B 476 -35.35 37.89 17.85
CA ALA B 476 -36.28 37.76 18.97
C ALA B 476 -37.74 38.01 18.59
N LEU B 477 -38.01 38.66 17.45
CA LEU B 477 -39.37 39.05 17.10
C LEU B 477 -39.92 38.34 15.86
N MET B 478 -39.13 37.48 15.20
CA MET B 478 -39.54 36.99 13.88
C MET B 478 -40.81 36.13 13.95
N ASP B 479 -40.91 35.26 14.95
CA ASP B 479 -42.13 34.48 15.10
C ASP B 479 -43.35 35.39 15.27
N ASP B 480 -43.21 36.44 16.08
CA ASP B 480 -44.35 37.34 16.32
C ASP B 480 -44.69 38.16 15.09
N VAL B 481 -43.70 38.58 14.29
CA VAL B 481 -44.03 39.43 13.17
C VAL B 481 -44.71 38.63 12.06
N MET B 482 -44.10 37.51 11.68
CA MET B 482 -44.72 36.60 10.72
C MET B 482 -46.13 36.19 11.18
N ALA B 483 -46.35 36.09 12.49
CA ALA B 483 -47.65 35.74 13.02
C ALA B 483 -48.73 36.78 12.70
N THR B 484 -48.36 38.05 12.52
CA THR B 484 -49.34 39.10 12.20
C THR B 484 -49.81 39.08 10.74
N PHE B 485 -49.07 38.44 9.84
CA PHE B 485 -49.50 38.29 8.44
C PHE B 485 -50.33 37.02 8.23
N ASN B 486 -51.37 36.85 9.06
CA ASN B 486 -52.10 35.58 9.15
C ASN B 486 -53.39 35.57 8.32
N TRP B 487 -53.50 36.39 7.28
CA TRP B 487 -54.68 36.37 6.43
C TRP B 487 -55.00 34.95 5.97
N GLY B 488 -56.28 34.62 6.01
CA GLY B 488 -56.75 33.33 5.52
C GLY B 488 -56.22 32.14 6.30
N ASP B 489 -56.23 32.24 7.64
CA ASP B 489 -55.68 31.21 8.52
C ASP B 489 -54.22 30.91 8.20
N GLY B 490 -53.42 31.97 8.12
CA GLY B 490 -51.99 31.81 7.96
C GLY B 490 -51.56 31.29 6.61
N ALA B 491 -52.31 31.59 5.55
CA ALA B 491 -52.01 31.06 4.22
C ALA B 491 -50.56 31.32 3.80
N LEU B 492 -50.06 32.53 4.07
CA LEU B 492 -48.72 32.93 3.62
C LEU B 492 -47.65 32.02 4.20
N LEU B 493 -47.65 31.87 5.54
CA LEU B 493 -46.67 31.02 6.22
C LEU B 493 -46.73 29.58 5.70
N LYS B 494 -47.94 29.04 5.51
CA LYS B 494 -48.11 27.68 5.03
C LYS B 494 -47.50 27.47 3.64
N PHE B 495 -47.65 28.47 2.76
CA PHE B 495 -47.02 28.43 1.45
C PHE B 495 -45.50 28.43 1.57
N HIS B 496 -44.98 29.18 2.54
CA HIS B 496 -43.53 29.25 2.76
C HIS B 496 -42.99 27.96 3.34
N GLU B 497 -43.71 27.37 4.32
CA GLU B 497 -43.27 26.12 4.92
C GLU B 497 -43.28 24.99 3.89
N LYS B 498 -44.27 24.97 2.99
CA LYS B 498 -44.32 23.91 1.99
C LYS B 498 -43.15 24.01 1.01
N ILE B 499 -42.79 25.24 0.60
CA ILE B 499 -41.64 25.44 -0.25
C ILE B 499 -40.35 25.12 0.51
N LYS B 500 -40.24 25.62 1.73
CA LYS B 500 -39.10 25.32 2.58
C LYS B 500 -38.86 23.82 2.67
N ASP B 501 -39.89 23.04 3.04
CA ASP B 501 -39.71 21.61 3.21
C ASP B 501 -39.39 20.90 1.91
N ALA B 502 -39.84 21.41 0.76
CA ALA B 502 -39.50 20.78 -0.51
C ALA B 502 -38.03 21.01 -0.87
N LEU B 503 -37.55 22.25 -0.73
CA LEU B 503 -36.15 22.54 -1.04
C LEU B 503 -35.20 22.05 0.04
N ASP B 504 -35.65 22.02 1.29
CA ASP B 504 -34.78 21.77 2.43
C ASP B 504 -35.35 20.62 3.26
N PRO B 505 -35.43 19.41 2.69
CA PRO B 505 -36.10 18.31 3.39
C PRO B 505 -35.42 17.88 4.68
N ASN B 506 -34.17 18.25 4.92
CA ASN B 506 -33.49 17.92 6.18
C ASN B 506 -33.50 19.08 7.17
N GLY B 507 -34.17 20.18 6.84
CA GLY B 507 -34.21 21.36 7.68
C GLY B 507 -32.86 21.92 8.10
N ILE B 508 -32.05 22.35 7.13
CA ILE B 508 -30.67 22.73 7.40
C ILE B 508 -30.47 24.25 7.42
N ILE B 509 -31.07 25.00 6.51
CA ILE B 509 -30.69 26.40 6.29
C ILE B 509 -31.52 27.31 7.20
N ALA B 510 -30.83 28.09 8.04
CA ALA B 510 -31.32 29.12 8.96
C ALA B 510 -32.75 28.87 9.46
N PRO B 511 -33.00 27.78 10.19
CA PRO B 511 -34.35 27.51 10.70
C PRO B 511 -34.89 28.66 11.54
N GLY B 512 -36.14 29.05 11.26
CA GLY B 512 -36.79 30.13 11.97
C GLY B 512 -36.70 31.50 11.32
N LYS B 513 -35.76 31.72 10.40
CA LYS B 513 -35.70 32.98 9.66
C LYS B 513 -37.07 33.39 9.13
N SER B 514 -37.44 34.66 9.38
CA SER B 514 -38.75 35.21 9.04
C SER B 514 -39.89 34.34 9.56
N GLY B 515 -39.61 33.52 10.57
CA GLY B 515 -40.64 32.65 11.14
C GLY B 515 -40.93 31.39 10.36
N ILE B 516 -40.03 30.98 9.47
CA ILE B 516 -40.27 29.82 8.61
C ILE B 516 -39.45 28.66 9.19
N TRP B 517 -40.12 27.74 9.86
CA TRP B 517 -39.40 26.58 10.37
C TRP B 517 -39.62 25.35 9.49
N PRO B 518 -38.61 24.52 9.25
CA PRO B 518 -38.83 23.26 8.54
C PRO B 518 -39.53 22.25 9.45
N GLN B 519 -40.03 21.17 8.84
CA GLN B 519 -40.90 20.23 9.53
C GLN B 519 -40.30 19.75 10.84
N ARG B 520 -39.01 19.42 10.84
CA ARG B 520 -38.44 18.75 11.99
C ARG B 520 -38.36 19.66 13.22
N PHE B 521 -38.54 20.97 13.05
CA PHE B 521 -38.49 21.90 14.17
C PHE B 521 -39.86 22.46 14.56
N ARG B 522 -40.86 22.34 13.68
CA ARG B 522 -42.17 22.90 13.99
C ARG B 522 -42.79 22.16 15.17
N GLY B 523 -43.24 22.92 16.15
CA GLY B 523 -43.90 22.37 17.33
C GLY B 523 -43.12 22.49 18.61
N GLN B 524 -41.85 22.88 18.55
CA GLN B 524 -41.04 23.01 19.75
C GLN B 524 -40.89 24.47 20.11
N ASN B 525 -40.32 24.72 21.29
CA ASN B 525 -39.88 26.07 21.65
C ASN B 525 -39.21 26.71 20.45
N LEU B 526 -37.99 26.31 20.17
CA LEU B 526 -37.14 26.99 19.22
C LEU B 526 -36.26 26.00 18.45
N THR C 2 10.11 8.81 4.27
CA THR C 2 11.25 8.96 5.15
C THR C 2 12.06 7.67 5.26
N ARG C 3 13.29 7.78 5.72
CA ARG C 3 14.09 6.61 6.03
C ARG C 3 13.78 6.09 7.43
N THR C 4 13.70 4.77 7.56
CA THR C 4 13.49 4.12 8.85
C THR C 4 14.80 4.07 9.65
N LEU C 5 14.80 4.67 10.84
CA LEU C 5 15.97 4.67 11.71
C LEU C 5 15.60 4.05 13.07
N PRO C 6 16.59 3.52 13.79
CA PRO C 6 16.33 3.11 15.17
C PRO C 6 15.93 4.29 16.02
N PRO C 7 15.08 4.09 17.02
CA PRO C 7 14.70 5.20 17.91
C PRO C 7 15.91 5.83 18.57
N GLY C 8 16.00 7.16 18.50
CA GLY C 8 17.06 7.91 19.12
C GLY C 8 18.38 7.93 18.35
N VAL C 9 18.46 7.30 17.19
CA VAL C 9 19.71 7.12 16.46
C VAL C 9 19.66 7.92 15.15
N SER C 10 20.65 8.79 14.95
CA SER C 10 20.71 9.71 13.83
C SER C 10 21.19 9.02 12.56
N ASP C 11 20.92 9.66 11.42
CA ASP C 11 21.32 9.11 10.12
C ASP C 11 22.80 8.77 10.07
N GLU C 12 23.64 9.58 10.72
CA GLU C 12 25.08 9.36 10.69
C GLU C 12 25.48 8.17 11.55
N ARG C 13 25.07 8.19 12.83
CA ARG C 13 25.39 7.08 13.72
C ARG C 13 24.91 5.76 13.13
N PHE C 14 23.74 5.77 12.49
CA PHE C 14 23.24 4.56 11.85
C PHE C 14 24.10 4.14 10.67
N ASP C 15 24.50 5.09 9.82
CA ASP C 15 25.37 4.77 8.69
C ASP C 15 26.69 4.18 9.17
N ALA C 16 27.23 4.72 10.27
CA ALA C 16 28.45 4.16 10.85
C ALA C 16 28.20 2.74 11.38
N ALA C 17 27.10 2.55 12.10
CA ALA C 17 26.73 1.21 12.55
C ALA C 17 26.61 0.24 11.37
N LEU C 18 25.89 0.64 10.32
CA LEU C 18 25.71 -0.21 9.16
C LEU C 18 27.06 -0.63 8.57
N GLN C 19 28.05 0.28 8.61
CA GLN C 19 29.40 -0.04 8.14
C GLN C 19 30.10 -1.02 9.08
N ARG C 20 29.95 -0.84 10.39
CA ARG C 20 30.45 -1.86 11.33
C ARG C 20 29.87 -3.24 11.02
N PHE C 21 28.55 -3.30 10.73
CA PHE C 21 27.93 -4.58 10.36
C PHE C 21 28.53 -5.15 9.08
N ARG C 22 28.81 -4.29 8.10
CA ARG C 22 29.41 -4.76 6.86
C ARG C 22 30.78 -5.38 7.10
N ASP C 23 31.55 -4.81 8.05
CA ASP C 23 32.87 -5.34 8.39
C ASP C 23 32.81 -6.70 9.09
N VAL C 24 31.66 -7.09 9.65
CA VAL C 24 31.55 -8.38 10.34
C VAL C 24 31.04 -9.46 9.41
N VAL C 25 29.94 -9.18 8.71
CA VAL C 25 29.25 -10.20 7.93
C VAL C 25 29.55 -10.10 6.43
N GLY C 26 30.23 -9.06 5.97
CA GLY C 26 30.36 -8.73 4.56
C GLY C 26 29.24 -7.82 4.08
N ASP C 27 29.56 -6.94 3.12
CA ASP C 27 28.57 -5.93 2.76
C ASP C 27 27.43 -6.49 1.91
N LYS C 28 27.63 -7.61 1.23
CA LYS C 28 26.55 -8.28 0.52
C LYS C 28 25.41 -8.67 1.45
N TRP C 29 25.70 -8.83 2.74
CA TRP C 29 24.76 -9.41 3.68
C TRP C 29 24.24 -8.37 4.69
N VAL C 30 24.37 -7.09 4.38
CA VAL C 30 23.73 -6.00 5.12
C VAL C 30 22.78 -5.30 4.14
N LEU C 31 21.47 -5.48 4.34
CA LEU C 31 20.43 -4.86 3.51
C LEU C 31 19.83 -3.64 4.22
N SER C 32 19.72 -2.53 3.49
CA SER C 32 19.15 -1.33 4.12
C SER C 32 18.44 -0.39 3.16
N THR C 33 18.15 -0.78 1.91
CA THR C 33 17.43 0.08 0.99
C THR C 33 15.97 -0.35 0.93
N ALA C 34 15.09 0.65 0.75
CA ALA C 34 13.64 0.42 0.80
C ALA C 34 13.21 -0.71 -0.12
N ASP C 35 13.88 -0.84 -1.28
CA ASP C 35 13.56 -1.92 -2.22
C ASP C 35 13.88 -3.30 -1.64
N GLU C 36 15.04 -3.46 -0.99
CA GLU C 36 15.40 -4.76 -0.40
C GLU C 36 14.57 -5.05 0.84
N LEU C 37 14.30 -4.01 1.64
CA LEU C 37 13.59 -4.21 2.90
C LEU C 37 12.15 -4.67 2.70
N GLU C 38 11.51 -4.35 1.57
CA GLU C 38 10.08 -4.61 1.44
C GLU C 38 9.79 -6.09 1.62
N ALA C 39 10.75 -6.95 1.26
CA ALA C 39 10.59 -8.38 1.49
C ALA C 39 10.48 -8.73 2.97
N PHE C 40 10.86 -7.83 3.88
CA PHE C 40 10.88 -8.15 5.30
C PHE C 40 9.75 -7.49 6.08
N ARG C 41 8.89 -6.75 5.41
CA ARG C 41 7.65 -6.32 6.01
C ARG C 41 6.71 -7.51 6.20
N ASP C 42 5.94 -7.46 7.29
CA ASP C 42 4.88 -8.42 7.57
C ASP C 42 4.09 -8.72 6.28
N PRO C 43 4.08 -9.96 5.82
CA PRO C 43 3.28 -10.29 4.62
C PRO C 43 1.78 -10.25 4.86
N TYR C 44 1.31 -10.41 6.09
CA TYR C 44 -0.13 -10.28 6.30
C TYR C 44 -0.33 -9.05 7.17
N PRO C 45 -0.22 -7.85 6.59
CA PRO C 45 -0.24 -6.64 7.41
C PRO C 45 -1.57 -6.51 8.11
N VAL C 46 -1.50 -6.02 9.34
CA VAL C 46 -2.64 -5.84 10.23
C VAL C 46 -2.71 -4.35 10.53
N GLY C 47 -3.90 -3.78 10.46
CA GLY C 47 -3.93 -2.34 10.55
C GLY C 47 -3.76 -1.66 9.20
N ALA C 48 -4.43 -0.51 9.07
CA ALA C 48 -4.29 0.33 7.89
C ALA C 48 -2.92 0.98 7.85
N ALA C 49 -2.54 1.64 8.94
CA ALA C 49 -1.27 2.34 9.06
C ALA C 49 -0.09 1.38 8.90
N GLU C 50 1.00 1.92 8.37
CA GLU C 50 2.28 1.22 8.39
C GLU C 50 2.72 0.98 9.82
N ALA C 51 3.23 -0.23 10.09
CA ALA C 51 3.82 -0.55 11.40
C ALA C 51 4.96 -1.53 11.21
N ASN C 52 5.71 -1.75 12.30
CA ASN C 52 6.73 -2.81 12.41
C ASN C 52 7.72 -2.75 11.23
N LEU C 53 8.36 -1.60 11.09
CA LEU C 53 9.25 -1.34 9.95
C LEU C 53 10.70 -1.62 10.33
N PRO C 54 11.39 -2.52 9.62
CA PRO C 54 12.81 -2.76 9.96
C PRO C 54 13.69 -1.72 9.31
N SER C 55 14.71 -1.27 10.05
CA SER C 55 15.65 -0.30 9.51
C SER C 55 16.73 -0.94 8.64
N ALA C 56 16.96 -2.25 8.76
CA ALA C 56 18.01 -2.96 8.04
C ALA C 56 17.88 -4.45 8.33
N VAL C 57 18.55 -5.25 7.50
CA VAL C 57 18.63 -6.70 7.69
C VAL C 57 20.10 -7.10 7.66
N VAL C 58 20.51 -7.90 8.64
CA VAL C 58 21.89 -8.36 8.79
C VAL C 58 21.89 -9.89 8.79
N SER C 59 22.69 -10.48 7.91
CA SER C 59 22.72 -11.94 7.77
C SER C 59 24.07 -12.53 8.16
N PRO C 60 24.21 -13.02 9.38
CA PRO C 60 25.49 -13.54 9.85
C PRO C 60 25.70 -15.00 9.48
N GLU C 61 26.97 -15.41 9.57
CA GLU C 61 27.40 -16.71 9.11
C GLU C 61 27.81 -17.64 10.24
N SER C 62 28.03 -17.12 11.44
CA SER C 62 28.66 -17.86 12.53
C SER C 62 28.14 -17.35 13.86
N THR C 63 28.31 -18.18 14.89
CA THR C 63 28.00 -17.73 16.26
C THR C 63 28.83 -16.51 16.61
N GLU C 64 30.09 -16.49 16.22
CA GLU C 64 30.91 -15.37 16.59
C GLU C 64 30.46 -14.08 15.87
N GLN C 65 30.06 -14.21 14.62
CA GLN C 65 29.54 -13.04 13.95
C GLN C 65 28.34 -12.48 14.71
N VAL C 66 27.48 -13.36 15.24
CA VAL C 66 26.31 -12.92 16.00
C VAL C 66 26.75 -12.15 17.24
N GLN C 67 27.74 -12.69 17.98
CA GLN C 67 28.36 -11.95 19.09
C GLN C 67 28.82 -10.58 18.67
N ASP C 68 29.50 -10.48 17.52
CA ASP C 68 30.03 -9.22 17.04
C ASP C 68 28.90 -8.22 16.72
N ILE C 69 27.84 -8.69 16.08
CA ILE C 69 26.70 -7.82 15.80
C ILE C 69 26.08 -7.31 17.10
N VAL C 70 25.92 -8.20 18.08
CA VAL C 70 25.30 -7.82 19.35
C VAL C 70 26.15 -6.78 20.07
N ARG C 71 27.47 -6.90 20.04
CA ARG C 71 28.29 -5.84 20.61
C ARG C 71 28.16 -4.52 19.88
N ILE C 72 28.25 -4.54 18.55
CA ILE C 72 28.07 -3.30 17.81
C ILE C 72 26.73 -2.69 18.15
N ALA C 73 25.72 -3.54 18.36
CA ALA C 73 24.39 -3.06 18.66
C ALA C 73 24.34 -2.35 20.01
N ASN C 74 25.06 -2.90 21.01
CA ASN C 74 25.15 -2.31 22.34
C ASN C 74 25.90 -0.99 22.36
N GLU C 75 26.90 -0.83 21.47
CA GLU C 75 27.70 0.39 21.41
C GLU C 75 26.93 1.53 20.76
N TYR C 76 26.03 1.24 19.83
CA TYR C 76 25.22 2.28 19.21
C TYR C 76 23.79 2.38 19.76
N GLY C 77 23.31 1.43 20.55
CA GLY C 77 21.91 1.44 20.94
C GLY C 77 20.94 1.06 19.84
N ILE C 78 21.34 0.18 18.94
CA ILE C 78 20.50 -0.31 17.85
C ILE C 78 19.72 -1.51 18.35
N PRO C 79 18.39 -1.51 18.32
CA PRO C 79 17.65 -2.72 18.71
C PRO C 79 17.77 -3.82 17.65
N LEU C 80 17.90 -5.06 18.10
CA LEU C 80 18.02 -6.23 17.22
C LEU C 80 16.80 -7.11 17.37
N HIS C 81 16.18 -7.50 16.25
CA HIS C 81 15.09 -8.47 16.22
C HIS C 81 15.58 -9.76 15.59
N PRO C 82 15.91 -10.79 16.38
CA PRO C 82 16.40 -12.05 15.79
C PRO C 82 15.27 -12.93 15.29
N VAL C 83 15.48 -13.51 14.11
CA VAL C 83 14.59 -14.49 13.52
C VAL C 83 15.43 -15.63 12.95
N SER C 84 14.77 -16.76 12.71
CA SER C 84 15.39 -17.89 12.04
C SER C 84 15.12 -17.82 10.54
N THR C 85 13.98 -18.32 10.10
CA THR C 85 13.54 -18.19 8.73
C THR C 85 12.63 -16.97 8.50
N GLY C 86 12.14 -16.32 9.56
CA GLY C 86 11.25 -15.18 9.39
C GLY C 86 9.92 -15.50 8.72
N LYS C 87 9.39 -16.70 8.95
CA LYS C 87 8.11 -17.10 8.38
C LYS C 87 7.00 -17.20 9.44
N ASN C 88 7.07 -16.39 10.51
CA ASN C 88 6.02 -16.31 11.52
C ASN C 88 4.79 -15.65 10.94
N ASN C 89 4.37 -16.06 9.73
CA ASN C 89 3.18 -15.50 9.10
C ASN C 89 1.94 -15.79 9.95
N GLY C 90 1.13 -14.77 10.16
CA GLY C 90 0.00 -14.82 11.06
C GLY C 90 0.25 -14.08 12.33
N TYR C 91 1.52 -13.92 12.69
CA TYR C 91 1.93 -13.28 13.92
C TYR C 91 2.83 -12.08 13.68
N GLY C 92 3.13 -11.76 12.42
CA GLY C 92 4.00 -10.65 12.09
C GLY C 92 5.04 -10.93 11.00
N GLY C 93 5.13 -12.15 10.50
CA GLY C 93 6.22 -12.47 9.57
C GLY C 93 7.59 -12.34 10.22
N ALA C 94 8.53 -11.72 9.51
CA ALA C 94 9.85 -11.42 10.06
C ALA C 94 9.95 -10.06 10.72
N ALA C 95 8.84 -9.31 10.79
CA ALA C 95 8.86 -7.90 11.11
C ALA C 95 9.05 -7.68 12.61
N PRO C 96 9.81 -6.67 13.00
CA PRO C 96 10.11 -6.45 14.42
C PRO C 96 8.94 -5.76 15.12
N ARG C 97 8.81 -6.03 16.42
CA ARG C 97 7.77 -5.37 17.19
C ARG C 97 8.03 -3.87 17.23
N LEU C 98 9.28 -3.49 17.48
CA LEU C 98 9.69 -2.09 17.54
C LEU C 98 10.17 -1.65 16.17
N SER C 99 9.45 -0.69 15.57
CA SER C 99 9.88 -0.05 14.34
C SER C 99 11.27 0.55 14.50
N GLY C 100 12.08 0.40 13.46
CA GLY C 100 13.45 0.86 13.46
C GLY C 100 14.47 -0.18 13.87
N SER C 101 14.02 -1.31 14.41
CA SER C 101 14.93 -2.39 14.76
C SER C 101 15.57 -3.00 13.51
N VAL C 102 16.80 -3.48 13.68
CA VAL C 102 17.52 -4.25 12.65
C VAL C 102 17.19 -5.72 12.81
N ILE C 103 16.71 -6.35 11.74
CA ILE C 103 16.48 -7.79 11.74
C ILE C 103 17.82 -8.52 11.61
N VAL C 104 18.09 -9.44 12.53
CA VAL C 104 19.19 -10.38 12.40
C VAL C 104 18.58 -11.66 11.86
N LYS C 105 18.77 -11.91 10.56
CA LYS C 105 18.21 -13.12 9.95
C LYS C 105 19.25 -14.23 10.05
N THR C 106 19.21 -14.95 11.16
CA THR C 106 20.23 -15.97 11.45
C THR C 106 20.18 -17.12 10.46
N GLY C 107 19.03 -17.41 9.86
CA GLY C 107 18.92 -18.62 9.07
C GLY C 107 19.28 -18.52 7.61
N GLU C 108 19.48 -17.30 7.11
CA GLU C 108 19.96 -17.13 5.74
C GLU C 108 21.27 -17.88 5.51
N ARG C 109 22.22 -17.74 6.42
CA ARG C 109 23.52 -18.39 6.28
C ARG C 109 23.84 -19.39 7.38
N MET C 110 23.13 -19.36 8.51
CA MET C 110 23.27 -20.40 9.53
C MET C 110 22.15 -21.42 9.38
N ASN C 111 22.28 -22.24 8.33
CA ASN C 111 21.25 -23.15 7.85
C ASN C 111 21.74 -24.59 7.83
N ARG C 112 22.72 -24.92 8.66
CA ARG C 112 23.39 -26.20 8.52
C ARG C 112 22.84 -27.20 9.54
N ILE C 113 22.57 -28.41 9.07
CA ILE C 113 22.23 -29.53 9.94
C ILE C 113 23.53 -30.01 10.58
N LEU C 114 23.72 -29.75 11.88
CA LEU C 114 24.98 -30.10 12.53
C LEU C 114 25.04 -31.57 12.97
N GLU C 115 23.92 -32.21 13.30
CA GLU C 115 23.95 -33.62 13.67
C GLU C 115 22.54 -34.20 13.60
N VAL C 116 22.46 -35.40 13.01
CA VAL C 116 21.29 -36.26 13.13
C VAL C 116 21.77 -37.63 13.61
N ASN C 117 21.35 -38.00 14.81
CA ASN C 117 21.77 -39.24 15.47
C ASN C 117 20.65 -40.24 15.29
N GLU C 118 20.86 -41.25 14.44
CA GLU C 118 19.88 -42.32 14.25
C GLU C 118 19.65 -43.12 15.54
N LYS C 119 20.74 -43.47 16.23
CA LYS C 119 20.67 -44.39 17.38
C LYS C 119 19.80 -43.82 18.50
N TYR C 120 20.06 -42.58 18.91
CA TYR C 120 19.37 -42.00 20.05
C TYR C 120 18.24 -41.10 19.64
N GLY C 121 18.09 -40.83 18.35
CA GLY C 121 16.95 -40.10 17.85
C GLY C 121 17.00 -38.63 18.25
N TYR C 122 17.82 -37.84 17.55
CA TYR C 122 17.83 -36.40 17.77
C TYR C 122 18.55 -35.70 16.61
N ALA C 123 18.38 -34.38 16.56
CA ALA C 123 19.12 -33.50 15.69
C ALA C 123 19.66 -32.34 16.50
N LEU C 124 20.85 -31.88 16.13
CA LEU C 124 21.38 -30.59 16.52
C LEU C 124 21.36 -29.69 15.29
N LEU C 125 20.71 -28.52 15.41
CA LEU C 125 20.33 -27.71 14.25
C LEU C 125 20.74 -26.24 14.42
N GLU C 126 21.02 -25.58 13.29
CA GLU C 126 21.08 -24.13 13.19
C GLU C 126 19.71 -23.57 12.84
N PRO C 127 19.48 -22.27 13.04
CA PRO C 127 18.12 -21.72 12.84
C PRO C 127 17.62 -21.80 11.41
N GLY C 128 18.52 -21.81 10.42
CA GLY C 128 18.12 -21.84 9.04
C GLY C 128 17.55 -23.14 8.54
N VAL C 129 17.56 -24.20 9.35
CA VAL C 129 17.15 -25.51 8.86
C VAL C 129 15.63 -25.56 8.87
N THR C 130 15.03 -25.59 7.69
CA THR C 130 13.58 -25.67 7.58
C THR C 130 13.12 -27.12 7.71
N TYR C 131 11.80 -27.29 7.87
CA TYR C 131 11.27 -28.64 7.92
C TYR C 131 11.53 -29.36 6.60
N PHE C 132 11.38 -28.64 5.48
CA PHE C 132 11.71 -29.25 4.19
C PHE C 132 13.17 -29.69 4.16
N ASP C 133 14.08 -28.90 4.74
CA ASP C 133 15.50 -29.27 4.76
C ASP C 133 15.73 -30.53 5.56
N LEU C 134 15.11 -30.60 6.76
CA LEU C 134 15.31 -31.75 7.61
C LEU C 134 14.65 -32.99 7.02
N TYR C 135 13.50 -32.83 6.36
CA TYR C 135 12.86 -33.98 5.74
C TYR C 135 13.72 -34.55 4.63
N GLU C 136 14.25 -33.67 3.77
CA GLU C 136 15.11 -34.10 2.66
C GLU C 136 16.34 -34.85 3.17
N TYR C 137 17.00 -34.32 4.21
CA TYR C 137 18.12 -35.01 4.84
C TYR C 137 17.73 -36.40 5.31
N LEU C 138 16.64 -36.50 6.11
CA LEU C 138 16.25 -37.81 6.64
C LEU C 138 15.90 -38.77 5.51
N GLN C 139 15.27 -38.26 4.46
CA GLN C 139 15.03 -39.05 3.26
C GLN C 139 16.34 -39.49 2.60
N SER C 140 17.30 -38.55 2.43
CA SER C 140 18.57 -38.89 1.75
C SER C 140 19.32 -40.00 2.47
N HIS C 141 19.35 -39.95 3.80
CA HIS C 141 20.17 -40.87 4.58
C HIS C 141 19.37 -42.09 5.02
N ASP C 142 18.21 -42.35 4.41
CA ASP C 142 17.41 -43.54 4.74
C ASP C 142 17.12 -43.62 6.25
N SER C 143 16.82 -42.50 6.88
CA SER C 143 16.58 -42.48 8.31
C SER C 143 15.43 -43.38 8.73
N GLY C 144 15.51 -43.86 9.95
CA GLY C 144 14.41 -44.48 10.64
C GLY C 144 13.64 -43.50 11.48
N LEU C 145 14.00 -42.22 11.45
CA LEU C 145 13.34 -41.18 12.24
C LEU C 145 12.34 -40.41 11.39
N MET C 146 11.43 -39.72 12.08
CA MET C 146 10.54 -38.76 11.46
C MET C 146 10.58 -37.46 12.24
N LEU C 147 10.36 -36.36 11.54
CA LEU C 147 10.28 -35.08 12.22
C LEU C 147 8.83 -34.77 12.57
N ASP C 148 8.65 -33.68 13.31
CA ASP C 148 7.32 -33.17 13.66
C ASP C 148 7.17 -31.75 13.10
N CYS C 149 6.21 -31.55 12.18
CA CYS C 149 6.11 -30.27 11.47
C CYS C 149 4.74 -29.62 11.68
N PRO C 150 4.70 -28.28 11.69
CA PRO C 150 3.41 -27.57 11.63
C PRO C 150 2.77 -27.71 10.26
N ASP C 151 1.66 -26.98 10.03
CA ASP C 151 0.89 -27.13 8.81
C ASP C 151 1.67 -26.69 7.58
N LEU C 152 2.74 -25.91 7.77
CA LEU C 152 3.53 -25.34 6.68
C LEU C 152 4.99 -25.69 6.88
N GLY C 153 5.60 -26.30 5.89
CA GLY C 153 6.96 -26.80 5.98
C GLY C 153 8.09 -25.81 5.71
N TRP C 154 7.78 -24.56 5.36
CA TRP C 154 8.88 -23.65 4.98
C TRP C 154 9.45 -22.89 6.18
N GLY C 155 8.96 -23.14 7.39
CA GLY C 155 9.47 -22.47 8.57
C GLY C 155 10.64 -23.23 9.24
N SER C 156 11.13 -22.64 10.31
CA SER C 156 12.35 -23.13 10.96
C SER C 156 12.00 -24.09 12.09
N VAL C 157 12.66 -25.25 12.11
CA VAL C 157 12.56 -26.16 13.26
C VAL C 157 12.89 -25.42 14.53
N VAL C 158 13.96 -24.62 14.51
CA VAL C 158 14.39 -23.84 15.66
C VAL C 158 13.41 -22.70 15.93
N GLY C 159 13.18 -21.85 14.93
CA GLY C 159 12.33 -20.68 15.13
C GLY C 159 10.92 -21.05 15.57
N ASN C 160 10.37 -22.12 15.01
CA ASN C 160 9.03 -22.47 15.44
C ASN C 160 9.04 -22.87 16.90
N THR C 161 10.07 -23.62 17.32
CA THR C 161 10.20 -24.01 18.72
C THR C 161 10.37 -22.79 19.64
N LEU C 162 11.09 -21.77 19.19
CA LEU C 162 11.31 -20.63 20.08
C LEU C 162 10.05 -19.81 20.28
N ASP C 163 9.08 -19.90 19.40
CA ASP C 163 7.81 -19.25 19.63
C ASP C 163 6.79 -20.22 20.23
N ARG C 164 7.23 -21.43 20.58
CA ARG C 164 6.38 -22.48 21.16
C ARG C 164 5.24 -22.85 20.21
N GLY C 165 5.57 -22.98 18.93
CA GLY C 165 4.67 -23.54 17.94
C GLY C 165 4.48 -25.03 18.18
N VAL C 166 3.58 -25.63 17.38
CA VAL C 166 3.16 -26.99 17.64
C VAL C 166 2.92 -27.72 16.32
N GLY C 167 3.07 -29.05 16.40
CA GLY C 167 2.81 -29.98 15.32
C GLY C 167 1.85 -31.06 15.76
N TYR C 168 1.73 -32.14 15.02
CA TYR C 168 0.56 -33.00 15.20
C TYR C 168 0.85 -34.49 15.35
N THR C 169 2.12 -34.92 15.30
CA THR C 169 2.50 -36.29 15.67
C THR C 169 2.54 -36.36 17.20
N PRO C 170 2.86 -37.52 17.81
CA PRO C 170 3.03 -37.54 19.28
C PRO C 170 4.21 -36.68 19.78
N TYR C 171 5.06 -36.14 18.91
CA TYR C 171 6.07 -35.16 19.31
C TYR C 171 5.63 -33.73 19.00
N GLY C 172 4.32 -33.46 18.98
CA GLY C 172 3.80 -32.16 18.61
C GLY C 172 4.19 -31.02 19.52
N ASP C 173 4.51 -31.29 20.78
CA ASP C 173 4.90 -30.22 21.71
C ASP C 173 6.38 -29.94 21.44
N HIS C 174 6.65 -28.97 20.56
CA HIS C 174 8.02 -28.82 20.06
C HIS C 174 8.97 -28.42 21.18
N PHE C 175 8.51 -27.57 22.11
CA PHE C 175 9.43 -27.14 23.16
C PHE C 175 9.75 -28.26 24.16
N MET C 176 8.79 -29.14 24.47
CA MET C 176 9.08 -30.23 25.39
C MET C 176 10.24 -31.09 24.86
N TRP C 177 10.19 -31.45 23.59
CA TRP C 177 11.24 -32.27 22.97
C TRP C 177 12.48 -31.47 22.58
N GLN C 178 12.48 -30.14 22.67
CA GLN C 178 13.73 -29.40 22.56
C GLN C 178 14.66 -29.83 23.68
N THR C 179 15.94 -30.01 23.33
CA THR C 179 16.95 -30.56 24.24
C THR C 179 18.27 -29.86 23.97
N GLY C 180 18.58 -28.86 24.80
CA GLY C 180 19.82 -28.11 24.73
C GLY C 180 19.79 -26.98 23.73
N LEU C 181 20.41 -25.85 24.05
CA LEU C 181 20.56 -24.79 23.06
C LEU C 181 21.86 -24.04 23.32
N GLU C 182 22.31 -23.31 22.29
CA GLU C 182 23.36 -22.30 22.40
C GLU C 182 22.75 -20.94 22.10
N VAL C 183 23.10 -19.93 22.93
CA VAL C 183 22.52 -18.60 22.85
C VAL C 183 23.59 -17.54 23.10
N VAL C 184 23.51 -16.46 22.32
CA VAL C 184 24.26 -15.23 22.56
C VAL C 184 23.38 -14.33 23.42
N LEU C 185 23.85 -14.05 24.64
CA LEU C 185 23.17 -13.22 25.61
C LEU C 185 23.27 -11.73 25.21
N PRO C 186 22.45 -10.87 25.82
CA PRO C 186 22.20 -9.54 25.23
C PRO C 186 23.42 -8.64 25.17
N GLN C 187 24.51 -8.94 25.88
CA GLN C 187 25.73 -8.16 25.74
C GLN C 187 26.82 -8.94 25.02
N GLY C 188 26.47 -10.03 24.37
CA GLY C 188 27.37 -10.70 23.45
C GLY C 188 28.03 -11.95 23.98
N GLU C 189 27.93 -12.24 25.27
CA GLU C 189 28.50 -13.48 25.80
C GLU C 189 27.69 -14.68 25.29
N VAL C 190 28.36 -15.81 25.12
CA VAL C 190 27.75 -17.02 24.54
C VAL C 190 27.61 -18.07 25.64
N MET C 191 26.53 -18.83 25.59
CA MET C 191 26.16 -19.74 26.68
C MET C 191 25.49 -20.96 26.07
N ARG C 192 25.81 -22.12 26.63
CA ARG C 192 25.17 -23.38 26.30
C ARG C 192 24.44 -23.92 27.51
N THR C 193 23.24 -24.47 27.30
CA THR C 193 22.41 -24.99 28.36
C THR C 193 22.55 -26.51 28.46
N GLY C 194 22.02 -27.08 29.54
CA GLY C 194 21.96 -28.53 29.67
C GLY C 194 23.34 -29.17 29.71
N MET C 195 23.45 -30.36 29.12
CA MET C 195 24.74 -31.05 29.16
C MET C 195 25.78 -30.37 28.27
N GLY C 196 25.37 -29.43 27.42
CA GLY C 196 26.31 -28.64 26.64
C GLY C 196 27.19 -27.73 27.47
N ALA C 197 26.75 -27.34 28.68
CA ALA C 197 27.62 -26.59 29.58
C ALA C 197 28.78 -27.42 30.13
N LEU C 198 28.77 -28.72 29.93
CA LEU C 198 29.86 -29.58 30.38
C LEU C 198 30.72 -29.98 29.19
N PRO C 199 31.88 -29.37 29.00
CA PRO C 199 32.67 -29.62 27.78
C PRO C 199 33.07 -31.08 27.65
N GLY C 200 32.87 -31.64 26.46
CA GLY C 200 33.15 -33.05 26.21
C GLY C 200 32.03 -34.01 26.53
N SER C 201 30.89 -33.53 26.96
CA SER C 201 29.74 -34.41 27.12
C SER C 201 29.16 -34.68 25.75
N ASP C 202 28.81 -35.93 25.48
CA ASP C 202 28.03 -36.26 24.30
C ASP C 202 26.54 -36.16 24.55
N ALA C 203 26.13 -35.63 25.69
CA ALA C 203 24.76 -35.77 26.15
C ALA C 203 23.96 -34.51 25.99
N TRP C 204 24.43 -33.54 25.19
CA TRP C 204 23.72 -32.27 25.02
C TRP C 204 22.27 -32.49 24.60
N GLN C 205 22.03 -33.47 23.71
CA GLN C 205 20.72 -33.78 23.15
C GLN C 205 20.13 -35.07 23.74
N LEU C 206 20.76 -35.64 24.78
CA LEU C 206 20.21 -36.82 25.46
C LEU C 206 19.45 -36.46 26.73
N PHE C 207 19.98 -35.53 27.52
CA PHE C 207 19.46 -35.18 28.84
C PHE C 207 19.09 -33.71 28.84
N PRO C 208 17.83 -33.36 29.04
CA PRO C 208 17.43 -31.96 28.85
C PRO C 208 17.84 -31.01 29.95
N TYR C 209 17.88 -31.47 31.21
CA TYR C 209 17.85 -30.51 32.29
C TYR C 209 19.24 -30.04 32.75
N GLY C 210 20.28 -30.84 32.63
CA GLY C 210 21.58 -30.34 33.09
C GLY C 210 21.67 -30.35 34.60
N PHE C 211 22.31 -29.32 35.16
CA PHE C 211 22.42 -29.17 36.61
C PHE C 211 22.03 -27.76 37.01
N GLY C 212 21.31 -27.61 38.11
CA GLY C 212 20.88 -26.30 38.53
C GLY C 212 19.57 -25.87 37.85
N PRO C 213 19.22 -24.60 37.98
CA PRO C 213 17.96 -24.10 37.42
C PRO C 213 17.87 -24.39 35.93
N PHE C 214 16.67 -24.69 35.46
CA PHE C 214 16.41 -25.01 34.05
C PHE C 214 16.10 -23.72 33.30
N PRO C 215 17.00 -23.23 32.43
CA PRO C 215 16.76 -21.92 31.81
C PRO C 215 16.11 -21.96 30.43
N ASP C 216 16.04 -23.13 29.78
CA ASP C 216 15.76 -23.15 28.34
C ASP C 216 14.45 -22.44 27.99
N GLY C 217 13.42 -22.60 28.83
CA GLY C 217 12.13 -22.00 28.56
C GLY C 217 12.12 -20.48 28.54
N MET C 218 13.09 -19.87 29.21
CA MET C 218 13.17 -18.41 29.27
C MET C 218 13.55 -17.79 27.94
N PHE C 219 13.98 -18.60 26.96
CA PHE C 219 14.40 -18.15 25.65
C PHE C 219 13.36 -18.47 24.57
N THR C 220 12.16 -18.87 24.96
CA THR C 220 11.03 -19.02 24.05
C THR C 220 10.05 -17.89 24.29
N GLN C 221 9.40 -17.40 23.22
CA GLN C 221 8.54 -16.20 23.32
C GLN C 221 9.25 -15.13 24.15
N SER C 222 10.51 -14.89 23.83
CA SER C 222 11.38 -14.17 24.76
C SER C 222 12.26 -13.21 23.98
N ASN C 223 12.98 -12.36 24.71
CA ASN C 223 13.91 -11.41 24.12
C ASN C 223 15.18 -11.32 24.96
N LEU C 224 15.68 -12.48 25.40
CA LEU C 224 16.85 -12.55 26.25
C LEU C 224 18.09 -13.03 25.51
N GLY C 225 18.02 -13.20 24.19
CA GLY C 225 19.16 -13.68 23.45
C GLY C 225 18.82 -14.03 22.02
N ILE C 226 19.89 -14.26 21.26
CA ILE C 226 19.83 -14.73 19.89
C ILE C 226 20.31 -16.17 19.92
N VAL C 227 19.40 -17.11 19.66
CA VAL C 227 19.75 -18.52 19.61
C VAL C 227 20.55 -18.80 18.34
N THR C 228 21.60 -19.61 18.47
CA THR C 228 22.48 -19.99 17.36
C THR C 228 22.54 -21.49 17.09
N LYS C 229 22.24 -22.32 18.08
CA LYS C 229 22.15 -23.77 17.94
C LYS C 229 20.97 -24.27 18.77
N MET C 230 20.33 -25.34 18.33
CA MET C 230 19.23 -25.91 19.10
C MET C 230 19.13 -27.39 18.80
N GLY C 231 19.02 -28.20 19.87
CA GLY C 231 18.76 -29.62 19.75
C GLY C 231 17.29 -29.97 19.95
N ILE C 232 16.89 -31.09 19.34
CA ILE C 232 15.51 -31.56 19.43
C ILE C 232 15.48 -33.07 19.23
N ALA C 233 14.68 -33.74 20.05
CA ALA C 233 14.50 -35.18 19.93
C ALA C 233 13.63 -35.49 18.71
N LEU C 234 13.94 -36.61 18.06
CA LEU C 234 13.20 -37.07 16.88
C LEU C 234 12.70 -38.48 17.15
N MET C 235 11.44 -38.72 16.83
CA MET C 235 10.79 -39.98 17.10
C MET C 235 11.12 -40.99 15.99
N GLN C 236 11.17 -42.28 16.35
CA GLN C 236 11.26 -43.35 15.36
C GLN C 236 9.99 -43.45 14.53
N ARG C 237 10.13 -43.61 13.21
CA ARG C 237 8.94 -43.86 12.40
C ARG C 237 8.29 -45.18 12.82
N PRO C 238 7.00 -45.18 13.15
CA PRO C 238 6.34 -46.46 13.48
C PRO C 238 6.13 -47.28 12.22
N PRO C 239 5.90 -48.59 12.36
CA PRO C 239 5.84 -49.44 11.16
C PRO C 239 4.65 -49.16 10.24
N ALA C 240 3.58 -48.56 10.74
CA ALA C 240 2.49 -48.18 9.85
C ALA C 240 1.69 -47.08 10.49
N SER C 241 0.71 -46.58 9.75
CA SER C 241 -0.14 -45.51 10.22
C SER C 241 -1.40 -45.41 9.35
N GLN C 242 -2.48 -44.94 9.96
CA GLN C 242 -3.74 -44.71 9.27
C GLN C 242 -4.32 -43.39 9.74
N SER C 243 -4.78 -42.59 8.80
CA SER C 243 -5.46 -41.35 9.13
C SER C 243 -6.95 -41.51 8.86
N PHE C 244 -7.74 -40.70 9.55
CA PHE C 244 -9.18 -40.81 9.43
C PHE C 244 -9.81 -39.45 9.56
N LEU C 245 -11.02 -39.34 9.00
CA LEU C 245 -11.87 -38.16 9.07
C LEU C 245 -13.21 -38.59 9.65
N ILE C 246 -13.71 -37.82 10.63
CA ILE C 246 -15.10 -37.92 11.07
C ILE C 246 -15.80 -36.60 10.74
N THR C 247 -16.87 -36.69 9.95
CA THR C 247 -17.70 -35.52 9.69
C THR C 247 -18.87 -35.50 10.68
N PHE C 248 -19.16 -34.30 11.19
CA PHE C 248 -20.28 -34.08 12.08
C PHE C 248 -21.15 -33.00 11.47
N ASP C 249 -22.45 -33.27 11.39
CA ASP C 249 -23.37 -32.53 10.54
C ASP C 249 -23.67 -31.12 11.08
N LYS C 250 -23.71 -30.93 12.40
CA LYS C 250 -24.34 -29.75 12.96
C LYS C 250 -23.33 -28.87 13.69
N GLU C 251 -23.55 -27.56 13.64
CA GLU C 251 -22.78 -26.64 14.49
C GLU C 251 -22.81 -27.08 15.94
N GLU C 252 -24.00 -27.35 16.47
CA GLU C 252 -24.18 -27.72 17.87
C GLU C 252 -23.47 -29.01 18.25
N ASP C 253 -23.04 -29.82 17.28
CA ASP C 253 -22.34 -31.06 17.59
C ASP C 253 -21.02 -30.83 18.31
N LEU C 254 -20.47 -29.60 18.29
CA LEU C 254 -19.18 -29.33 18.91
C LEU C 254 -19.15 -29.70 20.38
N GLU C 255 -20.26 -29.50 21.10
CA GLU C 255 -20.31 -29.82 22.52
C GLU C 255 -20.06 -31.30 22.76
N GLN C 256 -20.83 -32.16 22.07
CA GLN C 256 -20.67 -33.59 22.27
C GLN C 256 -19.35 -34.12 21.68
N ILE C 257 -18.84 -33.50 20.60
CA ILE C 257 -17.57 -33.94 20.03
C ILE C 257 -16.47 -33.83 21.09
N VAL C 258 -16.34 -32.64 21.68
CA VAL C 258 -15.25 -32.42 22.62
C VAL C 258 -15.39 -33.33 23.83
N ASP C 259 -16.62 -33.50 24.33
CA ASP C 259 -16.84 -34.29 25.55
C ASP C 259 -16.60 -35.77 25.34
N ILE C 260 -16.93 -36.32 24.17
CA ILE C 260 -16.54 -37.69 23.86
C ILE C 260 -15.03 -37.81 23.61
N MET C 261 -14.38 -36.76 23.10
CA MET C 261 -12.96 -36.85 22.77
C MET C 261 -12.10 -37.02 24.01
N LEU C 262 -12.38 -36.23 25.05
CA LEU C 262 -11.46 -36.12 26.19
C LEU C 262 -11.12 -37.47 26.79
N PRO C 263 -12.07 -38.39 27.02
CA PRO C 263 -11.67 -39.72 27.54
C PRO C 263 -10.83 -40.54 26.57
N LEU C 264 -10.99 -40.35 25.25
CA LEU C 264 -10.25 -41.07 24.23
C LEU C 264 -8.89 -40.45 23.97
N ARG C 265 -8.62 -39.28 24.54
CA ARG C 265 -7.39 -38.56 24.27
C ARG C 265 -6.45 -38.47 25.47
N ILE C 266 -6.98 -38.33 26.70
CA ILE C 266 -6.17 -37.99 27.86
C ILE C 266 -5.09 -39.04 28.19
N ASN C 267 -5.25 -40.30 27.79
CA ASN C 267 -4.20 -41.30 28.00
C ASN C 267 -3.41 -41.55 26.72
N MET C 268 -3.49 -40.63 25.75
CA MET C 268 -2.78 -40.74 24.47
C MET C 268 -3.11 -42.04 23.73
N ALA C 269 -4.23 -42.66 24.03
CA ALA C 269 -4.65 -43.86 23.33
C ALA C 269 -6.14 -43.95 23.65
N PRO C 270 -7.00 -44.26 22.66
CA PRO C 270 -6.60 -44.58 21.30
C PRO C 270 -6.27 -43.34 20.42
N LEU C 271 -6.45 -42.10 20.86
CA LEU C 271 -6.01 -40.95 20.04
C LEU C 271 -4.55 -40.65 20.38
N GLN C 272 -3.65 -41.31 19.66
CA GLN C 272 -2.23 -41.14 19.87
C GLN C 272 -1.71 -39.80 19.36
N ASN C 273 -2.31 -39.21 18.32
CA ASN C 273 -1.70 -38.04 17.71
C ASN C 273 -2.37 -36.78 18.26
N VAL C 274 -2.05 -35.61 17.71
CA VAL C 274 -2.76 -34.38 18.07
C VAL C 274 -3.95 -34.24 17.13
N PRO C 275 -5.16 -34.57 17.57
CA PRO C 275 -6.34 -34.43 16.71
C PRO C 275 -6.67 -32.96 16.48
N VAL C 276 -7.29 -32.68 15.34
CA VAL C 276 -7.74 -31.34 14.99
C VAL C 276 -9.20 -31.41 14.61
N LEU C 277 -9.95 -30.37 14.99
CA LEU C 277 -11.37 -30.27 14.74
C LEU C 277 -11.59 -28.98 13.97
N ARG C 278 -11.82 -29.10 12.67
CA ARG C 278 -11.84 -27.94 11.77
C ARG C 278 -13.28 -27.72 11.30
N ASN C 279 -13.69 -26.46 11.17
CA ASN C 279 -15.07 -26.25 10.76
C ASN C 279 -15.17 -26.14 9.24
N ILE C 280 -16.42 -26.15 8.74
CA ILE C 280 -16.59 -26.26 7.30
C ILE C 280 -15.89 -25.11 6.59
N PHE C 281 -15.87 -23.92 7.21
CA PHE C 281 -15.21 -22.79 6.55
C PHE C 281 -13.72 -23.04 6.37
N MET C 282 -13.07 -23.62 7.38
CA MET C 282 -11.64 -23.89 7.27
C MET C 282 -11.35 -24.91 6.18
N ASP C 283 -12.16 -25.97 6.10
CA ASP C 283 -11.90 -27.01 5.11
C ASP C 283 -12.27 -26.53 3.69
N ALA C 284 -13.41 -25.86 3.54
CA ALA C 284 -13.75 -25.28 2.23
C ALA C 284 -12.66 -24.33 1.74
N ALA C 285 -12.13 -23.48 2.62
CA ALA C 285 -11.12 -22.51 2.19
C ALA C 285 -9.85 -23.17 1.67
N ALA C 286 -9.59 -24.42 2.04
CA ALA C 286 -8.39 -25.08 1.57
C ALA C 286 -8.52 -25.60 0.14
N VAL C 287 -9.72 -25.60 -0.43
CA VAL C 287 -10.02 -26.33 -1.67
C VAL C 287 -10.91 -25.51 -2.61
N SER C 288 -11.31 -24.31 -2.20
CA SER C 288 -12.29 -23.54 -2.96
C SER C 288 -12.24 -22.10 -2.51
N LYS C 289 -12.80 -21.23 -3.36
CA LYS C 289 -12.91 -19.80 -3.13
C LYS C 289 -14.29 -19.47 -2.54
N ARG C 290 -14.34 -18.43 -1.71
CA ARG C 290 -15.61 -18.04 -1.09
C ARG C 290 -16.69 -17.78 -2.12
N THR C 291 -16.33 -17.16 -3.24
CA THR C 291 -17.33 -16.83 -4.26
C THR C 291 -17.92 -18.06 -4.94
N GLU C 292 -17.32 -19.24 -4.78
CA GLU C 292 -17.94 -20.44 -5.30
C GLU C 292 -19.26 -20.74 -4.61
N TRP C 293 -19.42 -20.25 -3.36
CA TRP C 293 -20.57 -20.56 -2.52
C TRP C 293 -21.46 -19.36 -2.25
N PHE C 294 -20.91 -18.15 -2.30
CA PHE C 294 -21.68 -16.95 -1.95
C PHE C 294 -20.98 -15.74 -2.54
N ASP C 295 -21.66 -15.06 -3.46
CA ASP C 295 -21.15 -13.82 -4.02
C ASP C 295 -21.58 -12.61 -3.21
N GLY C 296 -22.63 -12.76 -2.40
CA GLY C 296 -23.33 -11.64 -1.83
C GLY C 296 -22.59 -10.97 -0.69
N ASP C 297 -23.36 -10.22 0.10
CA ASP C 297 -22.83 -9.30 1.09
C ASP C 297 -22.81 -9.93 2.49
N GLY C 298 -21.72 -9.69 3.20
CA GLY C 298 -21.65 -10.01 4.61
C GLY C 298 -21.67 -11.49 4.88
N PRO C 299 -22.22 -11.87 6.03
CA PRO C 299 -22.07 -13.24 6.52
C PRO C 299 -22.71 -14.24 5.58
N MET C 300 -22.14 -15.43 5.53
CA MET C 300 -22.60 -16.43 4.59
C MET C 300 -23.91 -17.03 5.06
N PRO C 301 -24.94 -17.05 4.22
CA PRO C 301 -26.24 -17.58 4.67
C PRO C 301 -26.18 -19.08 4.87
N ALA C 302 -27.16 -19.60 5.63
CA ALA C 302 -27.23 -21.02 5.91
C ALA C 302 -27.23 -21.88 4.65
N GLU C 303 -27.97 -21.46 3.61
CA GLU C 303 -28.13 -22.28 2.41
C GLU C 303 -26.81 -22.45 1.69
N ALA C 304 -25.96 -21.42 1.72
CA ALA C 304 -24.62 -21.51 1.17
C ALA C 304 -23.77 -22.50 1.96
N ILE C 305 -23.85 -22.46 3.29
CA ILE C 305 -23.09 -23.40 4.09
C ILE C 305 -23.50 -24.82 3.79
N GLU C 306 -24.81 -25.05 3.59
CA GLU C 306 -25.27 -26.39 3.26
C GLU C 306 -24.71 -26.85 1.91
N ARG C 307 -24.53 -25.92 0.97
CA ARG C 307 -23.96 -26.32 -0.31
C ARG C 307 -22.49 -26.70 -0.16
N MET C 308 -21.73 -25.94 0.65
CA MET C 308 -20.36 -26.35 0.96
C MET C 308 -20.32 -27.79 1.46
N LYS C 309 -21.13 -28.09 2.48
CA LYS C 309 -21.16 -29.44 3.05
C LYS C 309 -21.53 -30.48 2.00
N LYS C 310 -22.63 -30.29 1.26
CA LYS C 310 -23.08 -31.29 0.29
C LYS C 310 -22.05 -31.47 -0.82
N ASP C 311 -21.52 -30.37 -1.36
CA ASP C 311 -20.61 -30.45 -2.49
C ASP C 311 -19.29 -31.13 -2.12
N LEU C 312 -18.77 -30.87 -0.92
CA LEU C 312 -17.49 -31.45 -0.50
C LEU C 312 -17.67 -32.71 0.34
N ASP C 313 -18.91 -33.09 0.66
CA ASP C 313 -19.19 -34.25 1.51
C ASP C 313 -18.52 -34.14 2.89
N LEU C 314 -18.60 -32.96 3.49
CA LEU C 314 -18.02 -32.70 4.80
C LEU C 314 -19.10 -32.24 5.77
N GLY C 315 -18.78 -32.30 7.06
CA GLY C 315 -19.67 -31.81 8.08
C GLY C 315 -19.43 -30.34 8.37
N PHE C 316 -20.23 -29.80 9.30
CA PHE C 316 -19.89 -28.50 9.85
C PHE C 316 -18.58 -28.58 10.64
N TRP C 317 -18.39 -29.65 11.40
CA TRP C 317 -17.17 -29.88 12.17
C TRP C 317 -16.52 -31.16 11.68
N ASN C 318 -15.22 -31.08 11.31
CA ASN C 318 -14.51 -32.23 10.75
C ASN C 318 -13.30 -32.59 11.61
N PHE C 319 -13.28 -33.85 12.08
CA PHE C 319 -12.28 -34.36 13.03
C PHE C 319 -11.24 -35.15 12.24
N TYR C 320 -9.97 -34.79 12.40
CA TYR C 320 -8.88 -35.51 11.73
C TYR C 320 -7.92 -36.06 12.79
N GLY C 321 -7.61 -37.34 12.67
CA GLY C 321 -6.61 -37.96 13.51
C GLY C 321 -5.84 -38.99 12.74
N THR C 322 -4.77 -39.49 13.38
CA THR C 322 -3.88 -40.49 12.79
C THR C 322 -3.49 -41.51 13.86
N LEU C 323 -3.48 -42.78 13.49
CA LEU C 323 -3.09 -43.88 14.36
C LEU C 323 -1.82 -44.54 13.84
N TYR C 324 -0.95 -44.96 14.75
CA TYR C 324 0.37 -45.51 14.42
C TYR C 324 0.61 -46.86 15.08
N GLY C 325 1.35 -47.73 14.37
CA GLY C 325 1.84 -48.96 14.92
C GLY C 325 1.44 -50.16 14.09
N PRO C 326 1.63 -51.37 14.63
CA PRO C 326 1.22 -52.58 13.88
C PRO C 326 -0.26 -52.52 13.53
N PRO C 327 -0.64 -52.98 12.34
CA PRO C 327 -2.05 -52.91 11.88
C PRO C 327 -3.07 -53.41 12.91
N PRO C 328 -2.81 -54.52 13.62
CA PRO C 328 -3.82 -54.95 14.61
C PRO C 328 -4.10 -53.92 15.68
N LEU C 329 -3.10 -53.10 16.06
CA LEU C 329 -3.32 -52.05 17.05
C LEU C 329 -4.10 -50.88 16.43
N ILE C 330 -3.74 -50.51 15.19
CA ILE C 330 -4.48 -49.50 14.43
C ILE C 330 -5.96 -49.86 14.37
N GLU C 331 -6.27 -51.13 14.13
CA GLU C 331 -7.67 -51.54 13.97
C GLU C 331 -8.43 -51.44 15.27
N MET C 332 -7.82 -51.91 16.36
CA MET C 332 -8.47 -51.89 17.67
C MET C 332 -8.75 -50.47 18.13
N TYR C 333 -7.78 -49.56 17.94
CA TYR C 333 -7.96 -48.18 18.35
C TYR C 333 -9.03 -47.50 17.49
N TYR C 334 -8.95 -47.68 16.17
CA TYR C 334 -9.95 -47.11 15.27
C TYR C 334 -11.35 -47.62 15.56
N GLY C 335 -11.45 -48.88 16.03
CA GLY C 335 -12.73 -49.40 16.43
C GLY C 335 -13.26 -48.73 17.68
N MET C 336 -12.40 -48.49 18.67
CA MET C 336 -12.79 -47.71 19.84
C MET C 336 -13.26 -46.32 19.42
N ILE C 337 -12.56 -45.72 18.45
CA ILE C 337 -12.89 -44.36 18.04
C ILE C 337 -14.21 -44.36 17.28
N LYS C 338 -14.47 -45.40 16.48
CA LYS C 338 -15.77 -45.47 15.82
C LYS C 338 -16.90 -45.63 16.85
N GLU C 339 -16.73 -46.51 17.84
CA GLU C 339 -17.80 -46.76 18.78
C GLU C 339 -18.19 -45.51 19.54
N ALA C 340 -17.20 -44.70 19.95
CA ALA C 340 -17.51 -43.55 20.80
C ALA C 340 -18.13 -42.40 20.01
N PHE C 341 -17.52 -42.01 18.89
CA PHE C 341 -18.08 -40.90 18.11
C PHE C 341 -19.33 -41.30 17.33
N GLY C 342 -19.51 -42.59 17.05
CA GLY C 342 -20.72 -43.06 16.43
C GLY C 342 -21.98 -42.82 17.24
N LYS C 343 -21.85 -42.57 18.56
CA LYS C 343 -23.01 -42.23 19.36
C LYS C 343 -23.61 -40.87 18.98
N ILE C 344 -22.89 -40.03 18.25
CA ILE C 344 -23.38 -38.73 17.81
C ILE C 344 -24.18 -38.92 16.53
N PRO C 345 -25.44 -38.47 16.48
CA PRO C 345 -26.24 -38.60 15.26
C PRO C 345 -25.60 -37.91 14.05
N GLY C 346 -25.55 -38.63 12.93
CA GLY C 346 -25.03 -38.09 11.70
C GLY C 346 -23.53 -38.04 11.60
N ALA C 347 -22.81 -38.67 12.53
CA ALA C 347 -21.37 -38.84 12.38
C ALA C 347 -21.06 -39.87 11.30
N ARG C 348 -20.07 -39.56 10.44
CA ARG C 348 -19.67 -40.48 9.38
C ARG C 348 -18.16 -40.59 9.31
N PHE C 349 -17.66 -41.79 9.00
CA PHE C 349 -16.25 -42.13 9.11
C PHE C 349 -15.62 -42.43 7.75
N PHE C 350 -14.39 -41.94 7.56
CA PHE C 350 -13.62 -42.16 6.35
C PHE C 350 -12.15 -42.32 6.72
N THR C 351 -11.49 -43.36 6.22
CA THR C 351 -10.04 -43.49 6.31
C THR C 351 -9.39 -42.69 5.17
N HIS C 352 -8.08 -42.46 5.28
CA HIS C 352 -7.38 -41.75 4.21
C HIS C 352 -7.39 -42.52 2.89
N GLU C 353 -7.49 -43.85 2.94
CA GLU C 353 -7.56 -44.64 1.72
C GLU C 353 -8.92 -44.58 1.05
N GLU C 354 -9.92 -43.93 1.69
CA GLU C 354 -11.30 -43.98 1.25
C GLU C 354 -11.79 -42.67 0.66
N ARG C 355 -11.04 -41.58 0.74
CA ARG C 355 -11.48 -40.30 0.17
C ARG C 355 -10.36 -39.67 -0.66
N ASP C 356 -10.48 -39.85 -1.97
CA ASP C 356 -9.60 -39.27 -2.97
C ASP C 356 -10.15 -37.99 -3.57
N ASP C 357 -11.35 -37.58 -3.16
CA ASP C 357 -12.05 -36.48 -3.80
C ASP C 357 -11.51 -35.12 -3.36
N ARG C 358 -12.09 -34.06 -3.95
CA ARG C 358 -11.74 -32.69 -3.60
C ARG C 358 -11.87 -32.44 -2.10
N GLY C 359 -13.01 -32.84 -1.52
CA GLY C 359 -13.26 -32.74 -0.09
C GLY C 359 -12.31 -33.52 0.79
N GLY C 360 -11.64 -34.53 0.25
CA GLY C 360 -10.69 -35.29 1.02
C GLY C 360 -9.29 -34.77 0.98
N HIS C 361 -9.07 -33.66 0.26
CA HIS C 361 -7.73 -33.11 0.14
C HIS C 361 -7.18 -32.70 1.49
N VAL C 362 -8.03 -32.17 2.39
CA VAL C 362 -7.54 -31.87 3.73
C VAL C 362 -7.17 -33.16 4.45
N LEU C 363 -7.95 -34.23 4.29
CA LEU C 363 -7.56 -35.48 4.93
C LEU C 363 -6.23 -35.97 4.39
N GLN C 364 -6.03 -35.88 3.07
CA GLN C 364 -4.76 -36.29 2.49
C GLN C 364 -3.61 -35.43 3.00
N ASP C 365 -3.88 -34.15 3.29
CA ASP C 365 -2.84 -33.25 3.77
C ASP C 365 -2.53 -33.44 5.24
N ARG C 366 -3.53 -33.71 6.08
CA ARG C 366 -3.25 -34.04 7.46
C ARG C 366 -2.52 -35.36 7.55
N HIS C 367 -2.85 -36.30 6.66
CA HIS C 367 -2.13 -37.57 6.65
C HIS C 367 -0.63 -37.34 6.44
N LYS C 368 -0.25 -36.41 5.56
CA LYS C 368 1.18 -36.07 5.43
C LYS C 368 1.72 -35.43 6.70
N ILE C 369 1.04 -34.38 7.19
CA ILE C 369 1.57 -33.64 8.33
C ILE C 369 1.66 -34.55 9.56
N ASN C 370 0.67 -35.43 9.74
CA ASN C 370 0.72 -36.32 10.91
C ASN C 370 1.72 -37.46 10.77
N ASN C 371 2.32 -37.65 9.59
CA ASN C 371 3.38 -38.62 9.42
C ASN C 371 4.73 -37.96 9.19
N GLY C 372 4.85 -36.68 9.54
CA GLY C 372 6.14 -36.02 9.41
C GLY C 372 6.49 -35.57 8.01
N ILE C 373 5.54 -35.51 7.09
CA ILE C 373 5.86 -35.10 5.73
C ILE C 373 5.44 -33.64 5.56
N PRO C 374 6.37 -32.70 5.52
CA PRO C 374 5.97 -31.28 5.48
C PRO C 374 5.34 -30.94 4.13
N SER C 375 4.50 -29.91 4.14
CA SER C 375 3.61 -29.56 3.02
C SER C 375 3.44 -28.05 2.99
N LEU C 376 3.07 -27.52 1.84
CA LEU C 376 2.62 -26.14 1.72
C LEU C 376 1.18 -26.08 1.24
N ASP C 377 0.47 -27.20 1.25
CA ASP C 377 -0.82 -27.22 0.58
C ASP C 377 -1.83 -26.34 1.29
N GLU C 378 -1.60 -26.06 2.58
CA GLU C 378 -2.54 -25.24 3.33
C GLU C 378 -2.47 -23.79 2.92
N LEU C 379 -1.43 -23.40 2.16
CA LEU C 379 -1.40 -22.05 1.60
C LEU C 379 -2.63 -21.77 0.77
N GLN C 380 -3.24 -22.83 0.23
CA GLN C 380 -4.42 -22.67 -0.61
C GLN C 380 -5.58 -22.02 0.14
N GLN C 381 -5.58 -22.05 1.47
CA GLN C 381 -6.60 -21.34 2.24
C GLN C 381 -6.57 -19.83 1.96
N LEU C 382 -5.39 -19.27 1.70
CA LEU C 382 -5.29 -17.85 1.42
C LEU C 382 -5.98 -17.45 0.10
N ASP C 383 -6.42 -18.38 -0.75
CA ASP C 383 -7.21 -18.03 -1.92
C ASP C 383 -8.72 -18.01 -1.64
N TRP C 384 -9.13 -18.09 -0.37
CA TRP C 384 -10.53 -17.93 -0.02
C TRP C 384 -11.05 -16.60 -0.51
N VAL C 385 -10.25 -15.55 -0.36
CA VAL C 385 -10.58 -14.20 -0.80
C VAL C 385 -9.42 -13.68 -1.64
N PRO C 386 -9.60 -12.57 -2.37
CA PRO C 386 -8.47 -12.01 -3.11
C PRO C 386 -7.35 -11.57 -2.18
N ASN C 387 -6.12 -11.82 -2.60
CA ASN C 387 -4.93 -11.30 -1.90
C ASN C 387 -4.90 -11.72 -0.44
N GLY C 388 -5.21 -12.99 -0.17
CA GLY C 388 -5.55 -13.39 1.19
C GLY C 388 -4.36 -13.39 2.13
N GLY C 389 -4.57 -12.83 3.32
CA GLY C 389 -3.68 -13.03 4.44
C GLY C 389 -4.47 -13.55 5.63
N HIS C 390 -3.74 -13.90 6.69
CA HIS C 390 -4.43 -14.30 7.91
C HIS C 390 -3.76 -13.71 9.14
N ILE C 391 -4.53 -13.67 10.22
CA ILE C 391 -3.98 -13.43 11.54
C ILE C 391 -4.49 -14.57 12.42
N GLY C 392 -3.66 -14.97 13.37
CA GLY C 392 -3.97 -16.06 14.27
C GLY C 392 -4.43 -15.59 15.63
N PHE C 393 -5.72 -15.74 15.90
CA PHE C 393 -6.28 -15.53 17.24
C PHE C 393 -6.45 -16.91 17.85
N VAL C 394 -5.64 -17.23 18.87
CA VAL C 394 -5.61 -18.60 19.38
C VAL C 394 -5.74 -18.62 20.89
N PRO C 395 -6.97 -18.51 21.42
CA PRO C 395 -7.20 -18.71 22.85
C PRO C 395 -7.10 -20.18 23.27
N VAL C 396 -6.71 -20.38 24.53
CA VAL C 396 -6.61 -21.71 25.16
C VAL C 396 -7.94 -22.05 25.81
N SER C 397 -8.37 -23.30 25.67
CA SER C 397 -9.66 -23.78 26.17
C SER C 397 -9.48 -25.11 26.89
N ALA C 398 -10.22 -25.30 27.98
CA ALA C 398 -10.34 -26.63 28.58
C ALA C 398 -10.99 -27.59 27.58
N PRO C 399 -10.60 -28.86 27.59
CA PRO C 399 -11.27 -29.82 26.69
C PRO C 399 -12.66 -30.16 27.21
N ASP C 400 -13.55 -29.16 27.17
CA ASP C 400 -14.93 -29.26 27.63
C ASP C 400 -15.90 -28.77 26.55
N GLY C 401 -16.98 -29.51 26.35
CA GLY C 401 -17.92 -29.21 25.28
C GLY C 401 -18.63 -27.87 25.44
N ARG C 402 -19.08 -27.54 26.65
CA ARG C 402 -19.74 -26.25 26.84
C ARG C 402 -18.74 -25.11 26.72
N GLU C 403 -17.50 -25.31 27.19
CA GLU C 403 -16.51 -24.25 27.06
C GLU C 403 -16.13 -24.00 25.60
N ALA C 404 -15.89 -25.06 24.81
CA ALA C 404 -15.63 -24.89 23.39
C ALA C 404 -16.78 -24.16 22.69
N MET C 405 -18.01 -24.54 23.01
CA MET C 405 -19.17 -23.88 22.41
C MET C 405 -19.23 -22.40 22.79
N LYS C 406 -19.00 -22.07 24.06
CA LYS C 406 -19.03 -20.67 24.46
C LYS C 406 -18.03 -19.84 23.65
N GLN C 407 -16.78 -20.31 23.55
CA GLN C 407 -15.77 -19.62 22.75
C GLN C 407 -16.19 -19.53 21.30
N PHE C 408 -16.77 -20.61 20.75
CA PHE C 408 -17.23 -20.61 19.37
C PHE C 408 -18.29 -19.52 19.13
N GLU C 409 -19.29 -19.44 20.01
CA GLU C 409 -20.28 -18.37 19.88
C GLU C 409 -19.63 -16.99 20.06
N MET C 410 -18.74 -16.85 21.04
CA MET C 410 -18.10 -15.57 21.29
C MET C 410 -17.34 -15.07 20.05
N VAL C 411 -16.53 -15.93 19.46
CA VAL C 411 -15.70 -15.49 18.34
C VAL C 411 -16.55 -15.22 17.12
N ARG C 412 -17.50 -16.10 16.82
CA ARG C 412 -18.33 -15.95 15.61
C ARG C 412 -19.22 -14.72 15.69
N ASN C 413 -19.74 -14.41 16.87
CA ASN C 413 -20.49 -13.15 17.06
C ASN C 413 -19.66 -11.94 16.62
N ARG C 414 -18.42 -11.83 17.13
CA ARG C 414 -17.55 -10.71 16.71
C ARG C 414 -17.14 -10.84 15.26
N ALA C 415 -16.88 -12.05 14.79
CA ALA C 415 -16.52 -12.22 13.39
C ALA C 415 -17.59 -11.62 12.48
N ASN C 416 -18.87 -11.89 12.79
CA ASN C 416 -19.97 -11.35 11.97
C ASN C 416 -20.01 -9.84 12.04
N GLU C 417 -19.94 -9.28 13.25
CA GLU C 417 -19.98 -7.84 13.44
C GLU C 417 -18.97 -7.12 12.57
N TYR C 418 -17.79 -7.70 12.38
CA TYR C 418 -16.73 -7.09 11.60
C TYR C 418 -16.65 -7.66 10.19
N ASN C 419 -17.67 -8.40 9.77
CA ASN C 419 -17.75 -9.00 8.44
C ASN C 419 -16.46 -9.72 8.06
N LYS C 420 -16.13 -10.72 8.89
CA LYS C 420 -15.08 -11.67 8.62
C LYS C 420 -15.63 -13.06 8.93
N ASP C 421 -15.35 -14.01 8.04
CA ASP C 421 -15.71 -15.41 8.29
C ASP C 421 -14.95 -15.94 9.50
N TYR C 422 -15.55 -16.90 10.19
CA TYR C 422 -14.92 -17.55 11.33
C TYR C 422 -14.41 -18.93 10.91
N MET C 423 -13.09 -19.09 10.87
CA MET C 423 -12.47 -20.38 10.55
C MET C 423 -11.76 -20.91 11.79
N ALA C 424 -12.04 -22.15 12.15
CA ALA C 424 -11.61 -22.69 13.43
C ALA C 424 -10.89 -24.01 13.24
N GLN C 425 -9.79 -24.17 14.00
CA GLN C 425 -9.04 -25.43 14.10
C GLN C 425 -8.73 -25.63 15.59
N PHE C 426 -9.56 -26.41 16.25
CA PHE C 426 -9.26 -26.92 17.59
C PHE C 426 -8.09 -27.90 17.51
N VAL C 427 -6.96 -27.53 18.12
CA VAL C 427 -5.77 -28.39 18.21
C VAL C 427 -5.73 -28.94 19.64
N ILE C 428 -5.90 -30.24 19.78
CA ILE C 428 -6.31 -30.88 21.03
C ILE C 428 -5.10 -31.55 21.69
N GLY C 429 -4.70 -31.04 22.85
CA GLY C 429 -3.70 -31.70 23.68
C GLY C 429 -4.32 -32.78 24.56
N LEU C 430 -3.61 -33.11 25.64
CA LEU C 430 -4.15 -34.05 26.63
C LEU C 430 -5.19 -33.40 27.50
N ARG C 431 -4.89 -32.19 28.01
CA ARG C 431 -5.70 -31.49 29.00
C ARG C 431 -6.09 -30.08 28.56
N GLU C 432 -5.85 -29.72 27.31
CA GLU C 432 -6.11 -28.38 26.83
C GLU C 432 -6.28 -28.42 25.33
N MET C 433 -7.01 -27.43 24.80
CA MET C 433 -7.21 -27.26 23.38
C MET C 433 -6.79 -25.85 23.01
N TYR C 434 -6.08 -25.73 21.89
CA TYR C 434 -5.82 -24.44 21.25
C TYR C 434 -6.98 -24.18 20.29
N HIS C 435 -7.77 -23.15 20.56
CA HIS C 435 -8.91 -22.77 19.71
C HIS C 435 -8.39 -21.81 18.64
N VAL C 436 -7.77 -22.38 17.61
CA VAL C 436 -7.13 -21.56 16.58
C VAL C 436 -8.20 -20.94 15.69
N CYS C 437 -8.19 -19.61 15.61
CA CYS C 437 -9.14 -18.86 14.79
C CYS C 437 -8.35 -18.10 13.73
N LEU C 438 -8.32 -18.65 12.51
CA LEU C 438 -7.77 -17.93 11.36
C LEU C 438 -8.83 -16.97 10.84
N PHE C 439 -8.48 -15.70 10.75
CA PHE C 439 -9.27 -14.74 10.03
C PHE C 439 -8.56 -14.44 8.73
N ILE C 440 -9.23 -14.73 7.61
CA ILE C 440 -8.64 -14.62 6.29
C ILE C 440 -9.25 -13.40 5.62
N TYR C 441 -8.39 -12.49 5.14
CA TYR C 441 -8.84 -11.18 4.67
C TYR C 441 -7.98 -10.70 3.50
N ASP C 442 -8.50 -9.70 2.79
CA ASP C 442 -7.83 -9.09 1.65
C ASP C 442 -6.72 -8.14 2.14
N THR C 443 -5.46 -8.56 2.04
CA THR C 443 -4.34 -7.72 2.49
C THR C 443 -4.17 -6.43 1.68
N ALA C 444 -4.64 -6.36 0.43
CA ALA C 444 -4.56 -5.09 -0.31
C ALA C 444 -5.60 -4.05 0.14
N ASP C 445 -6.51 -4.39 1.05
CA ASP C 445 -7.61 -3.50 1.41
C ASP C 445 -7.33 -2.84 2.76
N PRO C 446 -7.04 -1.54 2.83
CA PRO C 446 -6.80 -0.90 4.14
C PRO C 446 -7.95 -1.07 5.11
N GLU C 447 -9.18 -0.93 4.62
CA GLU C 447 -10.35 -1.04 5.48
C GLU C 447 -10.41 -2.41 6.17
N ALA C 448 -10.25 -3.50 5.41
CA ALA C 448 -10.20 -4.85 5.98
C ALA C 448 -9.03 -5.02 6.95
N ARG C 449 -7.83 -4.54 6.60
CA ARG C 449 -6.73 -4.64 7.56
C ARG C 449 -7.10 -3.97 8.88
N GLU C 450 -7.81 -2.83 8.81
CA GLU C 450 -8.16 -2.12 10.03
C GLU C 450 -9.25 -2.86 10.79
N GLU C 451 -10.19 -3.47 10.08
CA GLU C 451 -11.21 -4.29 10.73
C GLU C 451 -10.58 -5.44 11.50
N ILE C 452 -9.59 -6.12 10.90
CA ILE C 452 -8.88 -7.19 11.59
C ILE C 452 -8.26 -6.67 12.90
N LEU C 453 -7.52 -5.56 12.82
CA LEU C 453 -6.86 -5.01 14.01
C LEU C 453 -7.86 -4.72 15.12
N GLN C 454 -8.95 -4.01 14.80
CA GLN C 454 -9.95 -3.63 15.80
C GLN C 454 -10.68 -4.85 16.34
N MET C 455 -11.09 -5.76 15.44
CA MET C 455 -11.82 -6.94 15.87
C MET C 455 -10.97 -7.80 16.82
N THR C 456 -9.69 -8.02 16.49
CA THR C 456 -8.90 -8.88 17.36
C THR C 456 -8.52 -8.18 18.67
N LYS C 457 -8.34 -6.85 18.65
CA LYS C 457 -8.18 -6.12 19.90
C LYS C 457 -9.37 -6.33 20.83
N VAL C 458 -10.58 -6.26 20.27
CA VAL C 458 -11.77 -6.52 21.07
C VAL C 458 -11.82 -7.99 21.50
N LEU C 459 -11.45 -8.91 20.61
CA LEU C 459 -11.50 -10.34 20.91
C LEU C 459 -10.59 -10.70 22.07
N VAL C 460 -9.40 -10.08 22.12
CA VAL C 460 -8.50 -10.30 23.25
C VAL C 460 -9.17 -9.88 24.55
N ARG C 461 -9.74 -8.66 24.59
CA ARG C 461 -10.35 -8.15 25.82
C ARG C 461 -11.55 -9.00 26.23
N GLU C 462 -12.40 -9.35 25.27
CA GLU C 462 -13.58 -10.16 25.52
C GLU C 462 -13.21 -11.57 26.02
N ALA C 463 -12.19 -12.19 25.42
CA ALA C 463 -11.77 -13.51 25.89
C ALA C 463 -11.19 -13.42 27.30
N ALA C 464 -10.38 -12.39 27.57
CA ALA C 464 -9.86 -12.17 28.91
C ALA C 464 -10.97 -11.95 29.93
N GLU C 465 -12.01 -11.20 29.58
CA GLU C 465 -13.08 -10.99 30.54
C GLU C 465 -13.76 -12.30 30.91
N ALA C 466 -13.66 -13.33 30.07
CA ALA C 466 -14.29 -14.62 30.33
C ALA C 466 -13.32 -15.67 30.86
N GLY C 467 -12.10 -15.27 31.22
CA GLY C 467 -11.10 -16.20 31.73
C GLY C 467 -10.29 -16.96 30.70
N TYR C 468 -10.15 -16.47 29.47
CA TYR C 468 -9.35 -17.12 28.43
C TYR C 468 -8.19 -16.23 28.03
N GLY C 469 -7.01 -16.84 27.91
CA GLY C 469 -5.83 -16.18 27.34
C GLY C 469 -5.29 -16.89 26.11
N GLU C 470 -4.50 -16.18 25.30
CA GLU C 470 -3.94 -16.71 24.07
C GLU C 470 -2.56 -17.26 24.34
N TYR C 471 -2.22 -18.38 23.71
CA TYR C 471 -0.91 -18.99 23.92
C TYR C 471 0.20 -18.27 23.16
N ARG C 472 -0.17 -17.36 22.26
CA ARG C 472 0.74 -16.82 21.26
C ARG C 472 -0.04 -15.76 20.49
N THR C 473 0.61 -14.69 20.01
CA THR C 473 -0.12 -13.63 19.34
C THR C 473 0.78 -12.84 18.39
N HIS C 474 0.12 -11.94 17.64
CA HIS C 474 0.70 -11.01 16.67
C HIS C 474 1.41 -9.86 17.37
N ASN C 475 2.38 -9.26 16.66
CA ASN C 475 3.02 -8.00 17.08
C ASN C 475 2.01 -6.98 17.57
N ALA C 476 0.97 -6.72 16.77
CA ALA C 476 0.01 -5.67 17.08
C ALA C 476 -0.78 -5.94 18.37
N LEU C 477 -0.82 -7.18 18.83
CA LEU C 477 -1.59 -7.56 20.01
C LEU C 477 -0.74 -7.89 21.24
N MET C 478 0.59 -7.83 21.14
CA MET C 478 1.48 -8.36 22.18
C MET C 478 1.32 -7.63 23.52
N ASP C 479 1.22 -6.30 23.47
CA ASP C 479 0.94 -5.51 24.67
C ASP C 479 -0.41 -5.89 25.28
N ASP C 480 -1.47 -5.97 24.45
CA ASP C 480 -2.82 -6.26 24.95
C ASP C 480 -2.92 -7.64 25.57
N VAL C 481 -2.24 -8.65 25.03
CA VAL C 481 -2.31 -10.01 25.56
C VAL C 481 -1.57 -10.12 26.89
N MET C 482 -0.31 -9.68 26.91
CA MET C 482 0.47 -9.67 28.16
C MET C 482 -0.27 -8.91 29.26
N ALA C 483 -0.98 -7.83 28.91
CA ALA C 483 -1.76 -7.12 29.91
C ALA C 483 -2.86 -7.97 30.59
N THR C 484 -3.33 -9.04 29.94
CA THR C 484 -4.32 -9.92 30.57
C THR C 484 -3.74 -10.85 31.63
N PHE C 485 -2.44 -11.15 31.58
CA PHE C 485 -1.86 -12.07 32.56
C PHE C 485 -1.38 -11.32 33.81
N ASN C 486 -2.26 -10.50 34.39
CA ASN C 486 -1.85 -9.48 35.36
C ASN C 486 -2.28 -9.81 36.80
N TRP C 487 -2.35 -11.10 37.15
CA TRP C 487 -2.60 -11.48 38.54
C TRP C 487 -1.59 -10.82 39.47
N GLY C 488 -2.02 -10.55 40.70
CA GLY C 488 -1.18 -9.88 41.68
C GLY C 488 -0.63 -8.54 41.23
N ASP C 489 -1.43 -7.75 40.53
CA ASP C 489 -1.02 -6.43 40.00
C ASP C 489 0.18 -6.52 39.05
N GLY C 490 0.09 -7.43 38.08
CA GLY C 490 1.12 -7.55 37.06
C GLY C 490 2.39 -8.22 37.51
N ALA C 491 2.32 -9.09 38.52
CA ALA C 491 3.50 -9.73 39.08
C ALA C 491 4.35 -10.40 38.00
N LEU C 492 3.71 -11.03 37.01
CA LEU C 492 4.42 -11.80 36.01
C LEU C 492 5.23 -10.91 35.08
N LEU C 493 4.65 -9.78 34.63
CA LEU C 493 5.37 -8.84 33.77
C LEU C 493 6.52 -8.17 34.51
N LYS C 494 6.29 -7.71 35.75
CA LYS C 494 7.37 -7.11 36.52
C LYS C 494 8.55 -8.05 36.72
N PHE C 495 8.27 -9.35 36.79
CA PHE C 495 9.34 -10.32 36.90
C PHE C 495 10.13 -10.42 35.60
N HIS C 496 9.42 -10.52 34.47
CA HIS C 496 10.05 -10.52 33.16
C HIS C 496 10.88 -9.26 32.93
N GLU C 497 10.40 -8.11 33.42
CA GLU C 497 11.08 -6.84 33.22
C GLU C 497 12.36 -6.78 34.05
N LYS C 498 12.33 -7.30 35.26
CA LYS C 498 13.54 -7.27 36.06
C LYS C 498 14.62 -8.17 35.48
N ILE C 499 14.21 -9.32 34.91
CA ILE C 499 15.18 -10.22 34.29
C ILE C 499 15.69 -9.62 32.99
N LYS C 500 14.78 -9.04 32.21
CA LYS C 500 15.17 -8.32 31.00
C LYS C 500 16.21 -7.25 31.29
N ASP C 501 15.99 -6.43 32.32
CA ASP C 501 16.90 -5.32 32.58
C ASP C 501 18.24 -5.80 33.15
N ALA C 502 18.27 -6.94 33.84
CA ALA C 502 19.55 -7.41 34.36
C ALA C 502 20.42 -8.06 33.27
N LEU C 503 19.80 -8.76 32.32
CA LEU C 503 20.58 -9.40 31.27
C LEU C 503 20.84 -8.47 30.09
N ASP C 504 20.07 -7.39 29.96
CA ASP C 504 20.09 -6.54 28.77
C ASP C 504 20.10 -5.08 29.20
N PRO C 505 21.15 -4.63 29.88
CA PRO C 505 21.09 -3.28 30.49
C PRO C 505 20.96 -2.14 29.49
N ASN C 506 21.32 -2.34 28.21
CA ASN C 506 21.19 -1.31 27.20
C ASN C 506 19.91 -1.44 26.39
N GLY C 507 19.08 -2.45 26.68
CA GLY C 507 17.84 -2.62 25.98
C GLY C 507 18.00 -2.82 24.48
N ILE C 508 18.70 -3.89 24.10
CA ILE C 508 19.07 -4.15 22.71
C ILE C 508 18.15 -5.18 22.04
N ILE C 509 17.86 -6.31 22.69
CA ILE C 509 17.19 -7.42 22.01
C ILE C 509 15.67 -7.23 21.95
N ALA C 510 15.12 -7.17 20.71
CA ALA C 510 13.69 -7.22 20.35
C ALA C 510 12.76 -6.60 21.38
N PRO C 511 12.94 -5.34 21.73
CA PRO C 511 12.08 -4.72 22.75
C PRO C 511 10.61 -4.86 22.36
N GLY C 512 9.76 -5.14 23.36
CA GLY C 512 8.33 -5.27 23.18
C GLY C 512 7.85 -6.66 22.85
N LYS C 513 8.76 -7.60 22.56
CA LYS C 513 8.35 -8.98 22.34
C LYS C 513 7.61 -9.50 23.58
N SER C 514 6.47 -10.13 23.36
CA SER C 514 5.58 -10.58 24.44
C SER C 514 5.22 -9.45 25.42
N GLY C 515 5.17 -8.22 24.95
CA GLY C 515 4.93 -7.07 25.84
C GLY C 515 6.04 -6.75 26.84
N ILE C 516 7.27 -7.22 26.60
CA ILE C 516 8.35 -7.05 27.57
C ILE C 516 9.30 -5.98 27.03
N TRP C 517 9.31 -4.82 27.69
CA TRP C 517 10.07 -3.66 27.27
C TRP C 517 11.20 -3.38 28.25
N PRO C 518 12.42 -3.14 27.78
CA PRO C 518 13.52 -2.78 28.68
C PRO C 518 13.35 -1.35 29.20
N GLN C 519 14.05 -1.07 30.32
CA GLN C 519 13.85 0.18 31.06
C GLN C 519 13.67 1.38 30.14
N ARG C 520 14.55 1.54 29.14
CA ARG C 520 14.64 2.78 28.40
C ARG C 520 13.48 3.01 27.42
N PHE C 521 12.67 1.99 27.17
CA PHE C 521 11.51 2.12 26.31
C PHE C 521 10.19 2.15 27.09
N ARG C 522 10.22 1.89 28.39
CA ARG C 522 9.00 1.79 29.17
C ARG C 522 8.44 3.17 29.43
N GLY C 523 7.14 3.36 29.16
CA GLY C 523 6.47 4.64 29.32
C GLY C 523 6.19 5.36 28.03
N GLN C 524 6.67 4.85 26.89
CA GLN C 524 6.43 5.49 25.60
C GLN C 524 5.40 4.72 24.81
N ASN C 525 4.84 5.39 23.79
CA ASN C 525 3.96 4.76 22.82
C ASN C 525 4.43 3.34 22.52
N LEU C 526 5.59 3.26 21.88
CA LEU C 526 6.19 1.99 21.52
C LEU C 526 7.72 2.02 21.66
N THR D 2 8.95 70.24 -35.03
CA THR D 2 7.87 69.79 -35.91
C THR D 2 6.62 69.44 -35.10
N ARG D 3 5.77 68.62 -35.73
CA ARG D 3 4.78 67.77 -35.09
C ARG D 3 5.01 66.37 -35.63
N THR D 4 4.99 65.36 -34.76
CA THR D 4 5.17 63.99 -35.23
C THR D 4 3.85 63.49 -35.78
N LEU D 5 3.88 62.92 -36.99
CA LEU D 5 2.65 62.43 -37.61
C LEU D 5 2.87 61.02 -38.17
N PRO D 6 1.81 60.21 -38.25
CA PRO D 6 1.91 58.93 -38.94
C PRO D 6 2.28 59.14 -40.39
N PRO D 7 3.02 58.20 -40.99
CA PRO D 7 3.34 58.32 -42.41
C PRO D 7 2.08 58.40 -43.27
N GLY D 8 2.08 59.35 -44.20
CA GLY D 8 0.99 59.50 -45.14
C GLY D 8 -0.23 60.26 -44.63
N VAL D 9 -0.19 60.78 -43.41
CA VAL D 9 -1.40 61.32 -42.76
C VAL D 9 -1.21 62.80 -42.52
N SER D 10 -2.10 63.60 -43.07
CA SER D 10 -1.98 65.04 -42.92
C SER D 10 -2.27 65.46 -41.48
N ASP D 11 -1.68 66.59 -41.08
CA ASP D 11 -2.13 67.34 -39.91
C ASP D 11 -3.64 67.26 -39.73
N GLU D 12 -4.35 67.52 -40.82
CA GLU D 12 -5.79 67.68 -40.77
C GLU D 12 -6.50 66.36 -40.45
N ARG D 13 -6.20 65.31 -41.21
CA ARG D 13 -6.81 64.00 -40.99
C ARG D 13 -6.40 63.39 -39.65
N PHE D 14 -5.21 63.74 -39.13
CA PHE D 14 -4.78 63.28 -37.81
C PHE D 14 -5.57 63.98 -36.70
N ASP D 15 -5.78 65.30 -36.81
CA ASP D 15 -6.62 66.01 -35.85
C ASP D 15 -8.02 65.38 -35.80
N ALA D 16 -8.59 65.07 -36.97
CA ALA D 16 -9.89 64.43 -37.01
C ALA D 16 -9.89 63.09 -36.30
N ALA D 17 -8.85 62.27 -36.55
CA ALA D 17 -8.80 60.94 -35.96
C ALA D 17 -8.60 61.02 -34.45
N LEU D 18 -7.80 61.98 -33.99
CA LEU D 18 -7.68 62.20 -32.55
C LEU D 18 -9.05 62.49 -31.90
N GLN D 19 -9.92 63.25 -32.59
CA GLN D 19 -11.25 63.54 -32.04
C GLN D 19 -12.11 62.29 -32.03
N ARG D 20 -12.01 61.46 -33.07
CA ARG D 20 -12.65 60.14 -33.06
C ARG D 20 -12.20 59.32 -31.85
N PHE D 21 -10.90 59.30 -31.54
CA PHE D 21 -10.43 58.58 -30.36
C PHE D 21 -11.01 59.17 -29.09
N ARG D 22 -11.05 60.51 -29.00
CA ARG D 22 -11.62 61.14 -27.82
C ARG D 22 -13.08 60.77 -27.64
N ASP D 23 -13.84 60.66 -28.74
CA ASP D 23 -15.22 60.21 -28.64
C ASP D 23 -15.32 58.79 -28.07
N VAL D 24 -14.30 57.95 -28.31
CA VAL D 24 -14.35 56.58 -27.81
C VAL D 24 -13.93 56.51 -26.34
N VAL D 25 -12.82 57.16 -25.98
CA VAL D 25 -12.17 56.94 -24.69
C VAL D 25 -12.30 58.08 -23.69
N GLY D 26 -12.77 59.27 -24.12
CA GLY D 26 -12.78 60.44 -23.25
C GLY D 26 -11.58 61.35 -23.45
N ASP D 27 -11.79 62.67 -23.44
CA ASP D 27 -10.71 63.59 -23.76
C ASP D 27 -9.50 63.43 -22.84
N LYS D 28 -9.75 63.07 -21.58
CA LYS D 28 -8.69 62.80 -20.61
C LYS D 28 -7.67 61.80 -21.16
N TRP D 29 -8.13 60.84 -21.96
CA TRP D 29 -7.37 59.63 -22.22
C TRP D 29 -6.76 59.63 -23.63
N VAL D 30 -6.58 60.82 -24.21
CA VAL D 30 -5.92 61.00 -25.50
C VAL D 30 -4.86 62.06 -25.29
N LEU D 31 -3.60 61.63 -25.29
CA LEU D 31 -2.45 62.53 -25.16
C LEU D 31 -1.85 62.79 -26.54
N SER D 32 -1.58 64.06 -26.86
CA SER D 32 -1.02 64.35 -28.18
C SER D 32 -0.08 65.56 -28.21
N THR D 33 0.49 65.97 -27.08
CA THR D 33 1.37 67.12 -27.04
C THR D 33 2.75 66.69 -26.56
N ALA D 34 3.76 67.42 -27.04
CA ALA D 34 5.14 67.02 -26.83
C ALA D 34 5.46 66.85 -25.35
N ASP D 35 4.85 67.68 -24.49
CA ASP D 35 5.11 67.51 -23.07
C ASP D 35 4.43 66.24 -22.56
N GLU D 36 3.24 65.93 -23.08
CA GLU D 36 2.54 64.72 -22.65
C GLU D 36 3.22 63.47 -23.15
N LEU D 37 3.82 63.52 -24.35
CA LEU D 37 4.35 62.32 -24.99
C LEU D 37 5.74 61.97 -24.51
N GLU D 38 6.41 62.91 -23.83
CA GLU D 38 7.81 62.73 -23.41
C GLU D 38 7.99 61.49 -22.55
N ALA D 39 7.00 61.17 -21.73
CA ALA D 39 7.13 60.02 -20.83
C ALA D 39 6.97 58.70 -21.53
N PHE D 40 6.60 58.72 -22.81
CA PHE D 40 6.40 57.51 -23.60
C PHE D 40 7.54 57.30 -24.57
N ARG D 41 8.56 58.14 -24.49
CA ARG D 41 9.76 57.88 -25.26
C ARG D 41 10.57 56.77 -24.55
N ASP D 42 11.40 56.09 -25.35
CA ASP D 42 12.35 55.14 -24.81
C ASP D 42 13.14 55.78 -23.66
N PRO D 43 13.00 55.28 -22.42
CA PRO D 43 13.84 55.82 -21.34
C PRO D 43 15.31 55.49 -21.51
N TYR D 44 15.64 54.47 -22.31
CA TYR D 44 17.03 54.10 -22.59
C TYR D 44 17.25 54.22 -24.09
N PRO D 45 17.32 55.44 -24.62
CA PRO D 45 17.36 55.61 -26.07
C PRO D 45 18.67 55.10 -26.66
N VAL D 46 18.57 54.59 -27.88
CA VAL D 46 19.69 53.96 -28.60
C VAL D 46 20.01 54.77 -29.85
N GLY D 47 21.30 54.99 -30.09
CA GLY D 47 21.73 55.88 -31.15
C GLY D 47 21.55 57.35 -30.80
N ALA D 48 22.35 58.19 -31.45
CA ALA D 48 22.33 59.62 -31.20
C ALA D 48 21.01 60.24 -31.64
N ALA D 49 20.53 59.87 -32.82
CA ALA D 49 19.40 60.55 -33.45
C ALA D 49 18.08 60.16 -32.79
N GLU D 50 17.11 61.08 -32.88
CA GLU D 50 15.71 60.77 -32.63
C GLU D 50 15.30 59.49 -33.35
N ALA D 51 14.42 58.74 -32.71
CA ALA D 51 13.92 57.51 -33.28
C ALA D 51 12.78 57.01 -32.42
N ASN D 52 11.85 56.28 -33.07
CA ASN D 52 10.75 55.61 -32.39
C ASN D 52 9.87 56.62 -31.65
N LEU D 53 9.31 57.54 -32.42
CA LEU D 53 8.57 58.68 -31.86
C LEU D 53 7.07 58.39 -31.94
N PRO D 54 6.34 58.47 -30.83
CA PRO D 54 4.89 58.30 -30.88
C PRO D 54 4.19 59.58 -31.27
N SER D 55 3.08 59.42 -31.98
CA SER D 55 2.26 60.56 -32.38
C SER D 55 1.17 60.90 -31.37
N ALA D 56 0.73 59.95 -30.56
CA ALA D 56 -0.34 60.11 -29.58
C ALA D 56 -0.36 58.90 -28.66
N VAL D 57 -1.08 59.01 -27.54
CA VAL D 57 -1.30 57.87 -26.66
C VAL D 57 -2.78 57.78 -26.34
N VAL D 58 -3.38 56.63 -26.62
CA VAL D 58 -4.79 56.42 -26.37
C VAL D 58 -4.92 55.33 -25.30
N SER D 59 -5.66 55.64 -24.24
CA SER D 59 -5.91 54.66 -23.19
C SER D 59 -7.36 54.21 -23.18
N PRO D 60 -7.66 53.01 -23.66
CA PRO D 60 -9.03 52.48 -23.62
C PRO D 60 -9.34 51.80 -22.30
N GLU D 61 -10.64 51.67 -22.02
CA GLU D 61 -11.16 51.16 -20.75
C GLU D 61 -11.75 49.76 -20.88
N SER D 62 -11.96 49.27 -22.10
CA SER D 62 -12.73 48.05 -22.33
C SER D 62 -12.30 47.43 -23.65
N THR D 63 -12.56 46.12 -23.77
CA THR D 63 -12.40 45.43 -25.05
C THR D 63 -13.15 46.15 -26.16
N GLU D 64 -14.36 46.59 -25.86
CA GLU D 64 -15.17 47.34 -26.82
C GLU D 64 -14.43 48.58 -27.32
N GLN D 65 -13.84 49.34 -26.41
CA GLN D 65 -13.13 50.55 -26.82
C GLN D 65 -11.91 50.22 -27.68
N VAL D 66 -11.26 49.07 -27.44
CA VAL D 66 -10.12 48.67 -28.27
C VAL D 66 -10.59 48.38 -29.69
N GLN D 67 -11.72 47.67 -29.83
CA GLN D 67 -12.31 47.47 -31.15
C GLN D 67 -12.50 48.79 -31.88
N ASP D 68 -13.21 49.74 -31.23
CA ASP D 68 -13.50 51.05 -31.81
C ASP D 68 -12.22 51.79 -32.17
N ILE D 69 -11.21 51.71 -31.30
CA ILE D 69 -9.93 52.33 -31.62
C ILE D 69 -9.36 51.76 -32.92
N VAL D 70 -9.38 50.43 -33.05
CA VAL D 70 -8.82 49.75 -34.22
C VAL D 70 -9.62 50.06 -35.48
N ARG D 71 -10.95 50.18 -35.38
CA ARG D 71 -11.77 50.55 -36.54
C ARG D 71 -11.40 51.94 -37.05
N ILE D 72 -11.26 52.89 -36.13
CA ILE D 72 -10.89 54.25 -36.51
C ILE D 72 -9.53 54.25 -37.16
N ALA D 73 -8.59 53.49 -36.58
CA ALA D 73 -7.25 53.38 -37.14
C ALA D 73 -7.27 52.85 -38.57
N ASN D 74 -8.11 51.85 -38.85
CA ASN D 74 -8.23 51.35 -40.22
C ASN D 74 -8.80 52.43 -41.15
N GLU D 75 -9.78 53.22 -40.69
CA GLU D 75 -10.38 54.26 -41.53
C GLU D 75 -9.37 55.31 -41.95
N TYR D 76 -8.41 55.62 -41.10
CA TYR D 76 -7.50 56.73 -41.34
C TYR D 76 -6.08 56.30 -41.66
N GLY D 77 -5.78 54.99 -41.66
CA GLY D 77 -4.43 54.51 -41.87
C GLY D 77 -3.47 54.91 -40.77
N ILE D 78 -3.95 55.08 -39.54
CA ILE D 78 -3.11 55.35 -38.38
C ILE D 78 -2.50 54.04 -37.92
N PRO D 79 -1.19 53.91 -37.82
CA PRO D 79 -0.63 52.68 -37.23
C PRO D 79 -0.71 52.72 -35.70
N LEU D 80 -0.89 51.52 -35.10
CA LEU D 80 -1.09 51.34 -33.66
C LEU D 80 -0.04 50.42 -33.02
N HIS D 81 0.63 50.93 -31.99
CA HIS D 81 1.55 50.12 -31.20
C HIS D 81 0.92 49.78 -29.85
N PRO D 82 0.42 48.55 -29.66
CA PRO D 82 -0.20 48.20 -28.37
C PRO D 82 0.84 47.81 -27.34
N VAL D 83 0.69 48.38 -26.14
CA VAL D 83 1.50 48.02 -24.99
C VAL D 83 0.58 47.72 -23.80
N SER D 84 1.10 47.02 -22.80
CA SER D 84 0.38 46.77 -21.56
C SER D 84 0.74 47.83 -20.54
N THR D 85 1.82 47.61 -19.78
CA THR D 85 2.35 48.68 -18.93
C THR D 85 3.42 49.53 -19.63
N GLY D 86 3.95 49.08 -20.75
CA GLY D 86 4.94 49.87 -21.48
C GLY D 86 6.31 49.92 -20.82
N LYS D 87 6.70 48.87 -20.08
CA LYS D 87 7.96 48.87 -19.33
C LYS D 87 9.04 48.01 -19.97
N ASN D 88 8.99 47.84 -21.29
CA ASN D 88 9.95 47.02 -22.03
C ASN D 88 11.35 47.64 -22.10
N ASN D 89 11.78 48.21 -20.98
CA ASN D 89 13.09 48.88 -20.92
C ASN D 89 14.21 47.91 -21.27
N GLY D 90 15.10 48.34 -22.17
CA GLY D 90 16.10 47.49 -22.77
C GLY D 90 15.76 47.05 -24.18
N TYR D 91 14.50 47.06 -24.54
CA TYR D 91 14.03 46.68 -25.86
C TYR D 91 13.23 47.78 -26.53
N GLY D 92 13.04 48.93 -25.87
CA GLY D 92 12.39 50.08 -26.48
C GLY D 92 11.48 50.88 -25.56
N GLY D 93 11.26 50.45 -24.32
CA GLY D 93 10.29 51.14 -23.48
C GLY D 93 8.89 50.89 -23.98
N ALA D 94 8.09 51.95 -24.03
CA ALA D 94 6.79 51.92 -24.67
C ALA D 94 6.84 52.37 -26.14
N ALA D 95 8.00 52.80 -26.62
CA ALA D 95 8.11 53.49 -27.92
C ALA D 95 7.80 52.57 -29.10
N PRO D 96 7.14 53.08 -30.14
CA PRO D 96 6.83 52.24 -31.30
C PRO D 96 8.07 52.05 -32.18
N ARG D 97 8.11 50.91 -32.86
CA ARG D 97 9.18 50.71 -33.83
C ARG D 97 9.03 51.68 -35.00
N LEU D 98 7.78 51.90 -35.45
CA LEU D 98 7.46 52.81 -36.55
C LEU D 98 7.16 54.20 -35.99
N SER D 99 8.00 55.16 -36.32
CA SER D 99 7.79 56.55 -35.92
C SER D 99 6.48 57.10 -36.49
N GLY D 100 5.76 57.86 -35.66
CA GLY D 100 4.44 58.36 -35.99
C GLY D 100 3.29 57.48 -35.56
N SER D 101 3.57 56.31 -34.98
CA SER D 101 2.50 55.40 -34.56
C SER D 101 1.81 55.94 -33.30
N VAL D 102 0.56 55.53 -33.12
CA VAL D 102 -0.20 55.80 -31.91
C VAL D 102 -0.02 54.63 -30.95
N ILE D 103 0.47 54.92 -29.73
CA ILE D 103 0.53 53.92 -28.66
C ILE D 103 -0.88 53.70 -28.10
N VAL D 104 -1.26 52.43 -27.99
CA VAL D 104 -2.52 52.05 -27.37
C VAL D 104 -2.13 51.43 -26.03
N LYS D 105 -2.17 52.23 -24.97
CA LYS D 105 -1.74 51.77 -23.65
C LYS D 105 -2.94 51.10 -22.98
N THR D 106 -3.08 49.80 -23.19
CA THR D 106 -4.24 49.09 -22.69
C THR D 106 -4.23 49.06 -21.18
N GLY D 107 -3.06 49.05 -20.56
CA GLY D 107 -2.97 48.79 -19.14
C GLY D 107 -3.21 49.95 -18.20
N GLU D 108 -3.28 51.18 -18.71
CA GLU D 108 -3.61 52.32 -17.86
C GLU D 108 -4.96 52.11 -17.18
N ARG D 109 -5.98 51.65 -17.93
CA ARG D 109 -7.31 51.43 -17.36
C ARG D 109 -7.82 50.00 -17.43
N MET D 110 -7.33 49.18 -18.37
CA MET D 110 -7.65 47.75 -18.38
C MET D 110 -6.64 47.09 -17.46
N ASN D 111 -6.86 47.28 -16.16
CA ASN D 111 -5.87 46.91 -15.16
C ASN D 111 -6.47 46.03 -14.08
N ARG D 112 -7.43 45.23 -14.45
CA ARG D 112 -8.22 44.52 -13.47
C ARG D 112 -7.84 43.04 -13.46
N ILE D 113 -7.81 42.47 -12.26
CA ILE D 113 -7.64 41.04 -12.03
C ILE D 113 -9.01 40.39 -12.15
N LEU D 114 -9.20 39.53 -13.14
CA LEU D 114 -10.55 39.07 -13.43
C LEU D 114 -10.89 37.77 -12.69
N GLU D 115 -9.89 36.96 -12.38
CA GLU D 115 -10.15 35.76 -11.60
C GLU D 115 -8.81 35.24 -11.11
N VAL D 116 -8.76 34.88 -9.84
CA VAL D 116 -7.69 34.06 -9.31
C VAL D 116 -8.36 32.85 -8.69
N ASN D 117 -8.14 31.67 -9.31
CA ASN D 117 -8.80 30.41 -8.94
C ASN D 117 -7.81 29.62 -8.09
N GLU D 118 -8.13 29.47 -6.80
CA GLU D 118 -7.21 28.79 -5.88
C GLU D 118 -7.23 27.31 -6.06
N LYS D 119 -8.39 26.72 -6.35
CA LYS D 119 -8.47 25.27 -6.56
C LYS D 119 -7.57 24.81 -7.70
N TYR D 120 -7.74 25.39 -8.89
CA TYR D 120 -7.02 24.87 -10.05
C TYR D 120 -5.74 25.64 -10.32
N GLY D 121 -5.42 26.67 -9.52
CA GLY D 121 -4.21 27.44 -9.67
C GLY D 121 -4.01 28.14 -11.01
N TYR D 122 -4.79 29.19 -11.27
CA TYR D 122 -4.58 30.01 -12.45
C TYR D 122 -5.07 31.41 -12.16
N ALA D 123 -4.82 32.34 -13.08
CA ALA D 123 -5.35 33.69 -13.01
C ALA D 123 -5.81 34.12 -14.40
N LEU D 124 -6.83 34.98 -14.44
CA LEU D 124 -7.32 35.57 -15.69
C LEU D 124 -7.16 37.09 -15.59
N LEU D 125 -6.27 37.65 -16.40
CA LEU D 125 -5.71 38.97 -16.17
C LEU D 125 -5.99 39.92 -17.34
N GLU D 126 -6.15 41.18 -17.01
CA GLU D 126 -6.09 42.26 -17.98
C GLU D 126 -4.68 42.79 -18.07
N PRO D 127 -4.35 43.51 -19.14
CA PRO D 127 -2.96 43.91 -19.38
C PRO D 127 -2.33 44.81 -18.32
N GLY D 128 -3.13 45.52 -17.51
CA GLY D 128 -2.55 46.49 -16.60
C GLY D 128 -2.07 45.92 -15.30
N VAL D 129 -2.37 44.65 -15.07
CA VAL D 129 -1.99 43.99 -13.83
C VAL D 129 -0.47 43.83 -13.83
N THR D 130 0.20 44.52 -12.91
CA THR D 130 1.63 44.34 -12.77
C THR D 130 1.90 43.16 -11.85
N TYR D 131 3.16 42.76 -11.79
CA TYR D 131 3.55 41.72 -10.86
C TYR D 131 3.30 42.15 -9.43
N PHE D 132 3.61 43.41 -9.12
CA PHE D 132 3.30 43.94 -7.79
C PHE D 132 1.82 43.84 -7.50
N ASP D 133 0.95 44.21 -8.47
CA ASP D 133 -0.50 44.15 -8.23
C ASP D 133 -0.94 42.72 -7.95
N LEU D 134 -0.43 41.76 -8.73
CA LEU D 134 -0.82 40.39 -8.52
C LEU D 134 -0.29 39.87 -7.19
N TYR D 135 0.93 40.28 -6.79
CA TYR D 135 1.47 39.85 -5.50
C TYR D 135 0.64 40.39 -4.34
N GLU D 136 0.25 41.67 -4.38
CA GLU D 136 -0.53 42.24 -3.28
C GLU D 136 -1.90 41.57 -3.20
N TYR D 137 -2.48 41.21 -4.34
CA TYR D 137 -3.73 40.48 -4.35
C TYR D 137 -3.58 39.12 -3.68
N LEU D 138 -2.56 38.33 -4.07
CA LEU D 138 -2.38 37.00 -3.47
C LEU D 138 -2.09 37.09 -1.97
N GLN D 139 -1.31 38.09 -1.54
CA GLN D 139 -1.08 38.29 -0.11
C GLN D 139 -2.38 38.63 0.61
N SER D 140 -3.17 39.55 0.04
CA SER D 140 -4.44 39.99 0.65
C SER D 140 -5.40 38.85 0.87
N HIS D 141 -5.57 37.99 -0.12
CA HIS D 141 -6.51 36.88 -0.04
C HIS D 141 -5.86 35.61 0.52
N ASP D 142 -4.71 35.76 1.17
CA ASP D 142 -4.04 34.66 1.85
C ASP D 142 -3.91 33.45 0.92
N SER D 143 -3.51 33.72 -0.32
CA SER D 143 -3.50 32.68 -1.35
C SER D 143 -2.43 31.62 -1.05
N GLY D 144 -2.69 30.40 -1.52
CA GLY D 144 -1.70 29.34 -1.47
C GLY D 144 -0.85 29.27 -2.70
N LEU D 145 -1.02 30.23 -3.60
CA LEU D 145 -0.37 30.27 -4.89
C LEU D 145 0.75 31.30 -4.90
N MET D 146 1.68 31.11 -5.82
CA MET D 146 2.72 32.10 -6.04
C MET D 146 2.75 32.47 -7.51
N LEU D 147 3.27 33.66 -7.80
CA LEU D 147 3.40 34.11 -9.17
C LEU D 147 4.82 33.86 -9.64
N ASP D 148 5.10 34.15 -10.90
CA ASP D 148 6.46 34.06 -11.44
C ASP D 148 6.81 35.39 -12.11
N CYS D 149 7.83 36.07 -11.60
CA CYS D 149 8.11 37.43 -12.07
C CYS D 149 9.55 37.53 -12.61
N PRO D 150 9.76 38.43 -13.59
CA PRO D 150 11.12 38.79 -14.02
C PRO D 150 11.89 39.51 -12.93
N ASP D 151 13.05 40.07 -13.28
CA ASP D 151 13.89 40.75 -12.28
C ASP D 151 13.24 42.02 -11.72
N LEU D 152 12.37 42.68 -12.50
CA LEU D 152 11.69 43.90 -12.08
C LEU D 152 10.19 43.65 -11.98
N GLY D 153 9.59 44.12 -10.91
CA GLY D 153 8.18 43.84 -10.67
C GLY D 153 7.17 44.79 -11.28
N TRP D 154 7.60 45.85 -11.97
CA TRP D 154 6.68 46.89 -12.41
C TRP D 154 6.14 46.64 -13.82
N GLY D 155 6.50 45.52 -14.43
CA GLY D 155 5.97 45.14 -15.72
C GLY D 155 4.64 44.44 -15.57
N SER D 156 4.15 43.96 -16.70
CA SER D 156 2.81 43.39 -16.81
C SER D 156 2.91 41.88 -16.93
N VAL D 157 2.11 41.15 -16.14
CA VAL D 157 2.08 39.70 -16.32
C VAL D 157 1.73 39.38 -17.77
N VAL D 158 0.76 40.08 -18.32
CA VAL D 158 0.35 39.85 -19.71
C VAL D 158 1.42 40.32 -20.67
N GLY D 159 1.83 41.58 -20.55
CA GLY D 159 2.75 42.19 -21.51
C GLY D 159 4.10 41.49 -21.56
N ASN D 160 4.60 41.04 -20.41
CA ASN D 160 5.86 40.30 -20.43
C ASN D 160 5.70 39.00 -21.20
N THR D 161 4.59 38.28 -20.98
CA THR D 161 4.36 37.05 -21.71
C THR D 161 4.36 37.28 -23.21
N LEU D 162 3.69 38.35 -23.66
CA LEU D 162 3.52 38.55 -25.11
C LEU D 162 4.82 38.86 -25.83
N ASP D 163 5.84 39.34 -25.12
CA ASP D 163 7.19 39.40 -25.67
C ASP D 163 8.00 38.17 -25.30
N ARG D 164 7.35 37.15 -24.71
CA ARG D 164 7.99 35.88 -24.28
C ARG D 164 9.16 36.11 -23.31
N GLY D 165 8.99 37.04 -22.38
CA GLY D 165 9.89 37.18 -21.26
C GLY D 165 9.80 35.98 -20.33
N VAL D 166 10.63 36.00 -19.29
CA VAL D 166 10.84 34.81 -18.49
C VAL D 166 11.12 35.23 -17.06
N GLY D 167 10.80 34.32 -16.14
CA GLY D 167 11.20 34.45 -14.74
C GLY D 167 11.92 33.21 -14.28
N TYR D 168 11.97 32.98 -12.98
CA TYR D 168 13.02 32.12 -12.42
C TYR D 168 12.51 31.02 -11.49
N THR D 169 11.21 30.92 -11.25
CA THR D 169 10.61 29.80 -10.54
C THR D 169 10.43 28.63 -11.51
N PRO D 170 10.00 27.47 -11.02
CA PRO D 170 9.72 26.37 -11.96
C PRO D 170 8.72 26.74 -13.06
N TYR D 171 7.89 27.78 -12.87
CA TYR D 171 6.97 28.29 -13.89
C TYR D 171 7.56 29.47 -14.67
N GLY D 172 8.88 29.51 -14.82
CA GLY D 172 9.54 30.68 -15.41
C GLY D 172 9.32 30.89 -16.88
N ASP D 173 8.95 29.85 -17.64
CA ASP D 173 8.62 30.00 -19.07
C ASP D 173 7.19 30.53 -19.18
N HIS D 174 7.03 31.85 -19.16
CA HIS D 174 5.70 32.46 -19.03
C HIS D 174 4.79 32.05 -20.17
N PHE D 175 5.31 31.98 -21.40
CA PHE D 175 4.41 31.62 -22.47
C PHE D 175 3.95 30.16 -22.36
N MET D 176 4.81 29.28 -21.83
CA MET D 176 4.36 27.90 -21.61
C MET D 176 3.13 27.85 -20.71
N TRP D 177 3.13 28.59 -19.61
CA TRP D 177 1.99 28.52 -18.69
C TRP D 177 0.85 29.46 -19.08
N GLN D 178 1.03 30.28 -20.12
CA GLN D 178 -0.09 31.01 -20.71
C GLN D 178 -1.18 30.02 -21.12
N THR D 179 -2.43 30.34 -20.74
CA THR D 179 -3.59 29.49 -21.04
C THR D 179 -4.78 30.39 -21.35
N GLY D 180 -5.16 30.44 -22.63
CA GLY D 180 -6.27 31.23 -23.14
C GLY D 180 -5.95 32.72 -23.26
N LEU D 181 -6.41 33.36 -24.36
CA LEU D 181 -6.36 34.81 -24.47
C LEU D 181 -7.54 35.30 -25.29
N GLU D 182 -7.81 36.59 -25.12
CA GLU D 182 -8.78 37.31 -25.93
C GLU D 182 -8.03 38.40 -26.68
N VAL D 183 -8.30 38.52 -27.97
CA VAL D 183 -7.51 39.37 -28.85
C VAL D 183 -8.48 40.07 -29.81
N VAL D 184 -8.26 41.37 -30.01
CA VAL D 184 -8.84 42.12 -31.11
C VAL D 184 -7.90 42.03 -32.31
N LEU D 185 -8.40 41.45 -33.41
CA LEU D 185 -7.67 41.26 -34.66
C LEU D 185 -7.57 42.57 -35.42
N PRO D 186 -6.64 42.69 -36.38
CA PRO D 186 -6.27 44.01 -36.92
C PRO D 186 -7.39 44.79 -37.61
N GLN D 187 -8.54 44.19 -37.93
CA GLN D 187 -9.67 44.93 -38.45
C GLN D 187 -10.81 45.04 -37.46
N GLY D 188 -10.56 44.78 -36.17
CA GLY D 188 -11.54 45.04 -35.13
C GLY D 188 -12.35 43.85 -34.64
N GLU D 189 -12.25 42.71 -35.30
CA GLU D 189 -12.99 41.56 -34.80
C GLU D 189 -12.29 41.00 -33.58
N VAL D 190 -13.08 40.51 -32.66
CA VAL D 190 -12.56 39.97 -31.41
C VAL D 190 -12.66 38.45 -31.44
N MET D 191 -11.69 37.78 -30.82
CA MET D 191 -11.56 36.32 -30.86
C MET D 191 -11.03 35.84 -29.52
N ARG D 192 -11.49 34.67 -29.09
CA ARG D 192 -10.97 34.02 -27.89
C ARG D 192 -10.35 32.68 -28.27
N THR D 193 -9.17 32.40 -27.74
CA THR D 193 -8.47 31.18 -28.08
C THR D 193 -8.83 30.08 -27.09
N GLY D 194 -8.59 28.84 -27.49
CA GLY D 194 -8.70 27.69 -26.61
C GLY D 194 -10.14 27.37 -26.24
N MET D 195 -10.34 26.96 -24.98
CA MET D 195 -11.69 26.67 -24.53
C MET D 195 -12.52 27.93 -24.35
N GLY D 196 -11.90 29.11 -24.44
CA GLY D 196 -12.67 30.32 -24.49
C GLY D 196 -13.59 30.41 -25.70
N ALA D 197 -13.25 29.72 -26.80
CA ALA D 197 -14.07 29.73 -28.02
C ALA D 197 -15.32 28.86 -27.89
N LEU D 198 -15.41 28.02 -26.87
CA LEU D 198 -16.62 27.25 -26.61
C LEU D 198 -17.46 28.01 -25.59
N PRO D 199 -18.56 28.65 -25.99
CA PRO D 199 -19.29 29.47 -25.01
C PRO D 199 -19.91 28.60 -23.93
N GLY D 200 -19.84 29.08 -22.69
CA GLY D 200 -20.30 28.34 -21.54
C GLY D 200 -19.30 27.36 -20.96
N SER D 201 -18.08 27.29 -21.49
CA SER D 201 -17.04 26.44 -20.93
C SER D 201 -16.41 27.16 -19.74
N ASP D 202 -16.04 26.40 -18.71
CA ASP D 202 -15.33 26.95 -17.57
C ASP D 202 -13.84 26.63 -17.62
N ALA D 203 -13.37 26.09 -18.75
CA ALA D 203 -12.01 25.55 -18.86
C ALA D 203 -11.12 26.44 -19.74
N TRP D 204 -11.43 27.73 -19.82
CA TRP D 204 -10.61 28.65 -20.61
C TRP D 204 -9.18 28.64 -20.10
N GLN D 205 -9.00 28.50 -18.79
CA GLN D 205 -7.70 28.56 -18.15
C GLN D 205 -7.25 27.19 -17.63
N LEU D 206 -7.99 26.12 -17.92
CA LEU D 206 -7.59 24.74 -17.57
C LEU D 206 -6.90 23.98 -18.71
N PHE D 207 -7.32 24.20 -19.95
CA PHE D 207 -6.87 23.41 -21.11
C PHE D 207 -6.40 24.35 -22.23
N PRO D 208 -5.07 24.42 -22.53
CA PRO D 208 -4.57 25.47 -23.46
C PRO D 208 -5.07 25.35 -24.89
N TYR D 209 -5.01 24.12 -25.43
CA TYR D 209 -5.02 23.89 -26.87
C TYR D 209 -6.38 24.11 -27.51
N GLY D 210 -7.45 23.60 -26.91
CA GLY D 210 -8.75 23.74 -27.57
C GLY D 210 -8.87 22.71 -28.68
N PHE D 211 -9.50 23.10 -29.77
CA PHE D 211 -9.63 22.24 -30.93
C PHE D 211 -9.03 22.96 -32.14
N GLY D 212 -8.35 22.20 -33.00
CA GLY D 212 -7.84 22.76 -34.23
C GLY D 212 -6.46 23.35 -34.08
N PRO D 213 -6.05 24.12 -35.08
CA PRO D 213 -4.71 24.74 -35.04
C PRO D 213 -4.51 25.63 -33.83
N PHE D 214 -3.39 25.41 -33.11
CA PHE D 214 -3.08 26.19 -31.90
C PHE D 214 -2.54 27.57 -32.28
N PRO D 215 -3.27 28.67 -32.02
CA PRO D 215 -2.83 29.98 -32.53
C PRO D 215 -2.11 30.88 -31.53
N ASP D 216 -2.21 30.57 -30.23
CA ASP D 216 -1.78 31.51 -29.19
C ASP D 216 -0.36 32.03 -29.40
N GLY D 217 0.53 31.18 -29.92
CA GLY D 217 1.90 31.59 -30.16
C GLY D 217 2.05 32.65 -31.21
N MET D 218 1.08 32.75 -32.13
CA MET D 218 1.17 33.75 -33.18
C MET D 218 0.93 35.16 -32.66
N PHE D 219 0.49 35.32 -31.40
CA PHE D 219 0.30 36.63 -30.81
C PHE D 219 1.42 37.01 -29.86
N THR D 220 2.55 36.30 -29.88
CA THR D 220 3.69 36.66 -29.05
C THR D 220 4.80 37.14 -29.96
N GLN D 221 5.54 38.17 -29.50
CA GLN D 221 6.53 38.88 -30.34
C GLN D 221 5.94 39.16 -31.71
N SER D 222 4.71 39.67 -31.72
CA SER D 222 3.85 39.66 -32.90
C SER D 222 3.18 41.02 -33.05
N ASN D 223 2.45 41.17 -34.16
CA ASN D 223 1.65 42.35 -34.48
C ASN D 223 0.40 41.92 -35.20
N LEU D 224 -0.17 40.79 -34.78
CA LEU D 224 -1.42 40.31 -35.35
C LEU D 224 -2.65 40.70 -34.53
N GLY D 225 -2.51 41.55 -33.52
CA GLY D 225 -3.69 42.04 -32.81
C GLY D 225 -3.36 42.70 -31.49
N ILE D 226 -4.42 43.17 -30.82
CA ILE D 226 -4.32 43.81 -29.51
C ILE D 226 -4.93 42.87 -28.49
N VAL D 227 -4.11 42.32 -27.59
CA VAL D 227 -4.58 41.38 -26.56
C VAL D 227 -5.24 42.17 -25.44
N THR D 228 -6.44 41.72 -25.02
CA THR D 228 -7.23 42.41 -24.00
C THR D 228 -7.45 41.58 -22.74
N LYS D 229 -7.34 40.26 -22.81
CA LYS D 229 -7.39 39.38 -21.66
C LYS D 229 -6.42 38.23 -21.91
N MET D 230 -5.81 37.73 -20.83
CA MET D 230 -4.91 36.59 -20.93
C MET D 230 -5.00 35.78 -19.66
N GLY D 231 -5.02 34.46 -19.80
CA GLY D 231 -4.95 33.57 -18.67
C GLY D 231 -3.54 33.06 -18.46
N ILE D 232 -3.26 32.62 -17.23
CA ILE D 232 -1.93 32.09 -16.91
C ILE D 232 -2.06 31.16 -15.69
N ALA D 233 -1.32 30.05 -15.76
CA ALA D 233 -1.25 29.11 -14.63
C ALA D 233 -0.40 29.70 -13.52
N LEU D 234 -0.77 29.37 -12.28
CA LEU D 234 -0.04 29.75 -11.08
C LEU D 234 0.32 28.49 -10.27
N MET D 235 1.57 28.40 -9.88
CA MET D 235 2.05 27.27 -9.12
C MET D 235 1.65 27.41 -7.65
N GLN D 236 1.32 26.29 -7.02
CA GLN D 236 1.20 26.26 -5.55
C GLN D 236 2.53 26.62 -4.92
N ARG D 237 2.49 27.46 -3.90
CA ARG D 237 3.70 27.74 -3.14
C ARG D 237 4.15 26.48 -2.39
N PRO D 238 5.42 26.10 -2.48
CA PRO D 238 5.91 24.94 -1.73
C PRO D 238 6.04 25.28 -0.25
N PRO D 239 6.09 24.27 0.63
CA PRO D 239 6.07 24.55 2.09
C PRO D 239 7.30 25.26 2.63
N ALA D 240 8.45 25.20 1.95
CA ALA D 240 9.67 25.91 2.32
C ALA D 240 10.54 26.10 1.10
N SER D 241 11.51 27.00 1.19
CA SER D 241 12.48 27.13 0.12
C SER D 241 13.83 27.56 0.68
N GLN D 242 14.86 27.35 -0.12
CA GLN D 242 16.22 27.79 0.22
C GLN D 242 16.93 28.27 -1.04
N SER D 243 17.58 29.42 -0.94
CA SER D 243 18.34 29.97 -2.05
C SER D 243 19.83 29.84 -1.77
N PHE D 244 20.63 29.86 -2.82
CA PHE D 244 22.05 29.62 -2.60
C PHE D 244 22.82 30.36 -3.67
N LEU D 245 24.08 30.67 -3.33
CA LEU D 245 25.07 31.25 -4.24
C LEU D 245 26.30 30.37 -4.26
N ILE D 246 26.85 30.16 -5.46
CA ILE D 246 28.18 29.57 -5.65
C ILE D 246 29.05 30.61 -6.35
N THR D 247 30.15 30.99 -5.68
CA THR D 247 31.13 31.90 -6.27
C THR D 247 32.25 31.08 -6.91
N PHE D 248 32.70 31.52 -8.09
CA PHE D 248 33.75 30.88 -8.87
C PHE D 248 34.78 31.92 -9.25
N ASP D 249 36.06 31.62 -9.03
CA ASP D 249 37.09 32.63 -9.09
C ASP D 249 37.48 32.99 -10.53
N LYS D 250 37.65 32.01 -11.43
CA LYS D 250 38.26 32.26 -12.73
C LYS D 250 37.21 32.67 -13.78
N GLU D 251 37.62 33.56 -14.69
CA GLU D 251 36.81 33.81 -15.88
C GLU D 251 36.61 32.53 -16.69
N GLU D 252 37.64 31.71 -16.76
CA GLU D 252 37.62 30.46 -17.50
C GLU D 252 36.83 29.37 -16.81
N ASP D 253 36.38 29.61 -15.57
CA ASP D 253 35.54 28.62 -14.90
C ASP D 253 34.22 28.41 -15.62
N LEU D 254 33.78 29.39 -16.41
CA LEU D 254 32.48 29.32 -17.08
C LEU D 254 32.28 27.98 -17.80
N GLU D 255 33.35 27.42 -18.38
CA GLU D 255 33.23 26.17 -19.14
C GLU D 255 32.84 25.01 -18.25
N GLN D 256 33.56 24.82 -17.14
CA GLN D 256 33.22 23.70 -16.28
C GLN D 256 31.93 23.95 -15.55
N ILE D 257 31.63 25.22 -15.23
CA ILE D 257 30.36 25.53 -14.56
C ILE D 257 29.18 25.06 -15.40
N VAL D 258 29.08 25.51 -16.64
CA VAL D 258 27.98 25.11 -17.51
C VAL D 258 27.95 23.61 -17.71
N ASP D 259 29.12 22.98 -17.84
CA ASP D 259 29.15 21.56 -18.18
C ASP D 259 28.69 20.70 -17.01
N ILE D 260 29.10 21.03 -15.78
CA ILE D 260 28.60 20.32 -14.61
C ILE D 260 27.13 20.61 -14.37
N MET D 261 26.68 21.83 -14.70
CA MET D 261 25.30 22.23 -14.46
C MET D 261 24.31 21.35 -15.21
N LEU D 262 24.56 21.15 -16.50
CA LEU D 262 23.56 20.52 -17.39
C LEU D 262 23.00 19.22 -16.82
N PRO D 263 23.81 18.23 -16.40
CA PRO D 263 23.25 17.00 -15.82
C PRO D 263 22.41 17.22 -14.59
N LEU D 264 22.72 18.24 -13.78
CA LEU D 264 21.95 18.61 -12.60
C LEU D 264 20.65 19.34 -12.93
N ARG D 265 20.50 19.82 -14.16
CA ARG D 265 19.39 20.68 -14.50
C ARG D 265 18.37 20.03 -15.43
N ILE D 266 18.81 19.15 -16.31
CA ILE D 266 17.97 18.71 -17.42
C ILE D 266 16.75 17.94 -16.93
N ASN D 267 16.83 17.28 -15.78
CA ASN D 267 15.65 16.63 -15.19
C ASN D 267 14.93 17.51 -14.16
N MET D 268 15.16 18.81 -14.17
CA MET D 268 14.57 19.76 -13.22
C MET D 268 14.79 19.35 -11.76
N ALA D 269 15.81 18.54 -11.48
CA ALA D 269 16.22 18.28 -10.11
C ALA D 269 17.64 17.77 -10.18
N PRO D 270 18.53 18.17 -9.28
CA PRO D 270 18.28 19.04 -8.12
C PRO D 270 18.17 20.53 -8.43
N LEU D 271 18.53 20.98 -9.63
CA LEU D 271 18.27 22.38 -9.98
C LEU D 271 16.81 22.48 -10.40
N GLN D 272 15.95 22.81 -9.43
CA GLN D 272 14.51 22.88 -9.61
C GLN D 272 14.07 24.19 -10.26
N ASN D 273 14.76 25.27 -9.97
CA ASN D 273 14.36 26.58 -10.46
C ASN D 273 15.19 26.95 -11.69
N VAL D 274 15.02 28.17 -12.18
CA VAL D 274 15.83 28.71 -13.26
C VAL D 274 17.11 29.28 -12.67
N PRO D 275 18.26 28.63 -12.82
CA PRO D 275 19.51 29.20 -12.32
C PRO D 275 19.97 30.38 -13.18
N VAL D 276 20.64 31.34 -12.53
CA VAL D 276 21.28 32.44 -13.23
C VAL D 276 22.76 32.42 -12.92
N LEU D 277 23.57 32.70 -13.94
CA LEU D 277 25.02 32.74 -13.80
C LEU D 277 25.47 34.15 -14.17
N ARG D 278 25.85 34.92 -13.17
CA ARG D 278 26.10 36.35 -13.35
C ARG D 278 27.57 36.62 -13.13
N ASN D 279 28.18 37.43 -14.01
CA ASN D 279 29.58 37.76 -13.83
C ASN D 279 29.74 38.91 -12.80
N ILE D 280 30.98 39.12 -12.35
CA ILE D 280 31.26 40.11 -11.30
C ILE D 280 30.79 41.50 -11.69
N PHE D 281 30.87 41.86 -12.97
CA PHE D 281 30.37 43.17 -13.43
C PHE D 281 28.87 43.30 -13.18
N MET D 282 28.09 42.28 -13.55
CA MET D 282 26.66 42.35 -13.30
C MET D 282 26.37 42.51 -11.80
N ASP D 283 27.10 41.79 -10.95
CA ASP D 283 26.80 41.86 -9.52
C ASP D 283 27.29 43.16 -8.91
N ALA D 284 28.52 43.55 -9.22
CA ALA D 284 29.00 44.85 -8.78
C ALA D 284 28.07 45.98 -9.20
N ALA D 285 27.41 45.88 -10.38
CA ALA D 285 26.56 46.99 -10.82
C ALA D 285 25.31 47.10 -9.96
N ALA D 286 24.88 46.00 -9.35
CA ALA D 286 23.70 46.01 -8.49
C ALA D 286 23.93 46.67 -7.14
N VAL D 287 25.20 46.91 -6.75
CA VAL D 287 25.51 47.31 -5.38
C VAL D 287 26.51 48.45 -5.33
N SER D 288 26.98 48.92 -6.50
CA SER D 288 28.10 49.87 -6.47
C SER D 288 28.22 50.59 -7.80
N LYS D 289 28.89 51.74 -7.78
CA LYS D 289 29.16 52.54 -8.97
C LYS D 289 30.50 52.15 -9.60
N ARG D 290 30.60 52.30 -10.92
CA ARG D 290 31.86 51.99 -11.61
C ARG D 290 33.03 52.71 -10.96
N THR D 291 32.88 54.00 -10.68
CA THR D 291 33.92 54.84 -10.09
C THR D 291 34.40 54.38 -8.71
N GLU D 292 33.65 53.51 -8.02
CA GLU D 292 34.21 52.97 -6.78
C GLU D 292 35.41 52.07 -7.04
N TRP D 293 35.52 51.48 -8.24
CA TRP D 293 36.53 50.50 -8.58
C TRP D 293 37.57 51.04 -9.53
N PHE D 294 37.15 51.85 -10.49
CA PHE D 294 38.05 52.35 -11.51
C PHE D 294 37.51 53.70 -11.97
N ASP D 295 38.24 54.78 -11.66
CA ASP D 295 37.80 56.12 -11.99
C ASP D 295 38.37 56.58 -13.33
N GLY D 296 39.06 55.69 -14.04
CA GLY D 296 39.84 56.07 -15.20
C GLY D 296 39.31 55.66 -16.57
N ASP D 297 40.26 55.36 -17.46
CA ASP D 297 40.07 55.45 -18.91
C ASP D 297 39.90 54.05 -19.52
N GLY D 298 38.80 53.86 -20.20
CA GLY D 298 38.65 52.69 -21.02
C GLY D 298 38.31 51.45 -20.22
N PRO D 299 38.70 50.30 -20.77
CA PRO D 299 38.34 49.01 -20.15
C PRO D 299 38.90 48.89 -18.75
N MET D 300 38.18 48.17 -17.91
CA MET D 300 38.52 48.06 -16.51
C MET D 300 39.72 47.13 -16.33
N PRO D 301 40.80 47.59 -15.69
CA PRO D 301 41.99 46.75 -15.53
C PRO D 301 41.75 45.58 -14.59
N ALA D 302 42.63 44.59 -14.71
CA ALA D 302 42.52 43.35 -13.91
C ALA D 302 42.59 43.60 -12.41
N GLU D 303 43.39 44.56 -11.96
CA GLU D 303 43.51 44.81 -10.53
C GLU D 303 42.23 45.41 -9.97
N ALA D 304 41.55 46.26 -10.74
CA ALA D 304 40.25 46.77 -10.33
C ALA D 304 39.22 45.65 -10.26
N ILE D 305 39.28 44.70 -11.19
CA ILE D 305 38.38 43.56 -11.16
C ILE D 305 38.62 42.72 -9.90
N GLU D 306 39.89 42.41 -9.61
CA GLU D 306 40.20 41.69 -8.39
C GLU D 306 39.73 42.44 -7.15
N ARG D 307 39.83 43.78 -7.17
CA ARG D 307 39.29 44.56 -6.07
C ARG D 307 37.77 44.38 -5.96
N MET D 308 37.04 44.41 -7.09
CA MET D 308 35.61 44.13 -7.06
C MET D 308 35.33 42.81 -6.35
N LYS D 309 35.98 41.73 -6.80
CA LYS D 309 35.73 40.40 -6.26
C LYS D 309 36.09 40.35 -4.78
N LYS D 310 37.23 40.92 -4.41
CA LYS D 310 37.65 40.85 -3.01
C LYS D 310 36.69 41.61 -2.10
N ASP D 311 36.37 42.85 -2.44
CA ASP D 311 35.55 43.70 -1.57
C ASP D 311 34.14 43.14 -1.40
N LEU D 312 33.55 42.61 -2.46
CA LEU D 312 32.22 42.04 -2.38
C LEU D 312 32.22 40.57 -1.99
N ASP D 313 33.39 39.94 -1.90
CA ASP D 313 33.50 38.51 -1.59
C ASP D 313 32.71 37.68 -2.60
N LEU D 314 32.81 38.07 -3.87
CA LEU D 314 32.18 37.35 -4.97
C LEU D 314 33.26 36.85 -5.92
N GLY D 315 32.89 35.90 -6.78
CA GLY D 315 33.75 35.46 -7.85
C GLY D 315 33.48 36.19 -9.17
N PHE D 316 34.28 35.83 -10.18
CA PHE D 316 33.99 36.29 -11.54
C PHE D 316 32.70 35.69 -12.07
N TRP D 317 32.35 34.48 -11.66
CA TRP D 317 31.08 33.87 -12.02
C TRP D 317 30.35 33.47 -10.76
N ASN D 318 29.10 33.92 -10.65
CA ASN D 318 28.28 33.68 -9.46
C ASN D 318 26.98 33.02 -9.88
N PHE D 319 26.74 31.83 -9.34
CA PHE D 319 25.63 30.97 -9.65
C PHE D 319 24.58 31.14 -8.57
N TYR D 320 23.34 31.47 -8.95
CA TYR D 320 22.25 31.64 -7.99
C TYR D 320 21.14 30.65 -8.32
N GLY D 321 20.69 29.91 -7.32
CA GLY D 321 19.58 29.01 -7.51
C GLY D 321 18.74 28.95 -6.25
N THR D 322 17.64 28.23 -6.36
CA THR D 322 16.68 28.11 -5.27
C THR D 322 16.09 26.70 -5.28
N LEU D 323 15.94 26.14 -4.11
CA LEU D 323 15.34 24.82 -3.97
C LEU D 323 14.03 24.96 -3.23
N TYR D 324 13.09 24.10 -3.60
CA TYR D 324 11.75 24.10 -2.99
C TYR D 324 11.40 22.73 -2.44
N GLY D 325 10.59 22.73 -1.39
CA GLY D 325 10.00 21.51 -0.86
C GLY D 325 10.23 21.29 0.64
N PRO D 326 9.91 20.09 1.12
CA PRO D 326 10.18 19.76 2.52
C PRO D 326 11.65 19.94 2.83
N PRO D 327 12.00 20.32 4.06
CA PRO D 327 13.42 20.52 4.40
C PRO D 327 14.30 19.31 4.12
N PRO D 328 13.82 18.06 4.24
CA PRO D 328 14.74 16.96 3.86
C PRO D 328 15.07 16.95 2.38
N LEU D 329 14.10 17.27 1.52
CA LEU D 329 14.36 17.34 0.09
C LEU D 329 15.30 18.49 -0.25
N ILE D 330 15.25 19.58 0.50
CA ILE D 330 16.19 20.68 0.29
C ILE D 330 17.60 20.26 0.66
N GLU D 331 17.77 19.57 1.81
CA GLU D 331 19.09 19.13 2.26
C GLU D 331 19.75 18.21 1.24
N MET D 332 19.00 17.23 0.74
CA MET D 332 19.55 16.28 -0.21
C MET D 332 20.01 16.97 -1.49
N TYR D 333 19.15 17.82 -2.06
CA TYR D 333 19.46 18.45 -3.33
C TYR D 333 20.66 19.38 -3.19
N TYR D 334 20.65 20.19 -2.13
CA TYR D 334 21.79 21.07 -1.87
C TYR D 334 23.07 20.25 -1.70
N GLY D 335 22.94 19.07 -1.07
CA GLY D 335 24.07 18.16 -1.01
C GLY D 335 24.56 17.74 -2.37
N MET D 336 23.65 17.36 -3.27
CA MET D 336 24.05 16.98 -4.62
C MET D 336 24.71 18.15 -5.35
N ILE D 337 24.24 19.37 -5.11
CA ILE D 337 24.79 20.54 -5.80
C ILE D 337 26.17 20.89 -5.24
N LYS D 338 26.37 20.75 -3.92
CA LYS D 338 27.70 20.97 -3.34
C LYS D 338 28.71 19.92 -3.81
N GLU D 339 28.28 18.67 -4.01
CA GLU D 339 29.23 17.64 -4.41
C GLU D 339 29.64 17.81 -5.87
N ALA D 340 28.69 18.17 -6.73
CA ALA D 340 28.97 18.31 -8.15
C ALA D 340 29.84 19.54 -8.45
N PHE D 341 29.42 20.73 -8.00
CA PHE D 341 30.20 21.93 -8.26
C PHE D 341 31.43 22.05 -7.37
N GLY D 342 31.51 21.22 -6.32
CA GLY D 342 32.71 21.15 -5.53
C GLY D 342 33.94 20.69 -6.30
N LYS D 343 33.75 20.00 -7.43
CA LYS D 343 34.90 19.54 -8.22
C LYS D 343 35.64 20.70 -8.87
N ILE D 344 35.01 21.87 -8.99
CA ILE D 344 35.65 23.05 -9.55
C ILE D 344 36.48 23.68 -8.44
N PRO D 345 37.79 23.77 -8.61
CA PRO D 345 38.63 24.31 -7.53
C PRO D 345 38.22 25.73 -7.22
N GLY D 346 38.03 26.02 -5.93
CA GLY D 346 37.73 27.37 -5.49
C GLY D 346 36.27 27.70 -5.32
N ALA D 347 35.36 26.79 -5.68
CA ALA D 347 33.93 27.08 -5.53
C ALA D 347 33.57 27.31 -4.06
N ARG D 348 32.85 28.39 -3.76
CA ARG D 348 32.38 28.63 -2.40
C ARG D 348 30.85 28.72 -2.37
N PHE D 349 30.25 28.10 -1.37
CA PHE D 349 28.80 27.93 -1.27
C PHE D 349 28.25 28.77 -0.12
N PHE D 350 27.14 29.47 -0.37
CA PHE D 350 26.43 30.21 0.68
C PHE D 350 24.93 30.13 0.48
N THR D 351 24.20 29.82 1.55
CA THR D 351 22.75 29.96 1.55
C THR D 351 22.35 31.40 1.82
N HIS D 352 21.07 31.67 1.57
CA HIS D 352 20.49 32.98 1.81
C HIS D 352 20.44 33.35 3.30
N GLU D 353 20.68 32.41 4.22
CA GLU D 353 20.87 32.75 5.62
C GLU D 353 22.34 33.04 5.97
N GLU D 354 23.28 32.83 5.05
CA GLU D 354 24.69 32.90 5.37
C GLU D 354 25.37 34.16 4.86
N ARG D 355 24.63 35.11 4.28
CA ARG D 355 25.30 36.26 3.70
C ARG D 355 24.50 37.54 3.92
N ASP D 356 24.98 38.37 4.85
CA ASP D 356 24.38 39.68 5.13
C ASP D 356 25.31 40.84 4.80
N ASP D 357 26.29 40.64 3.93
CA ASP D 357 27.16 41.74 3.52
C ASP D 357 26.62 42.41 2.25
N ARG D 358 27.34 43.43 1.76
CA ARG D 358 26.89 44.11 0.54
C ARG D 358 26.92 43.16 -0.66
N GLY D 359 27.94 42.30 -0.74
CA GLY D 359 28.03 41.34 -1.82
C GLY D 359 26.86 40.38 -1.90
N GLY D 360 26.18 40.14 -0.78
CA GLY D 360 25.03 39.25 -0.73
C GLY D 360 23.72 39.92 -1.02
N HIS D 361 23.73 41.23 -1.33
CA HIS D 361 22.48 41.91 -1.68
C HIS D 361 21.84 41.27 -2.90
N VAL D 362 22.65 40.79 -3.83
CA VAL D 362 22.11 40.14 -5.02
C VAL D 362 21.46 38.82 -4.66
N LEU D 363 22.12 38.02 -3.81
CA LEU D 363 21.54 36.76 -3.34
C LEU D 363 20.20 37.00 -2.65
N GLN D 364 20.11 38.00 -1.78
CA GLN D 364 18.83 38.29 -1.15
C GLN D 364 17.77 38.72 -2.15
N ASP D 365 18.18 39.36 -3.28
CA ASP D 365 17.20 39.80 -4.26
C ASP D 365 16.71 38.62 -5.11
N ARG D 366 17.61 37.71 -5.50
CA ARG D 366 17.18 36.51 -6.20
C ARG D 366 16.31 35.63 -5.31
N HIS D 367 16.59 35.57 -4.00
CA HIS D 367 15.77 34.75 -3.10
C HIS D 367 14.34 35.23 -3.08
N LYS D 368 14.14 36.53 -3.28
CA LYS D 368 12.80 37.11 -3.43
C LYS D 368 12.18 36.73 -4.76
N ILE D 369 12.86 37.11 -5.85
CA ILE D 369 12.41 36.81 -7.21
C ILE D 369 12.09 35.32 -7.39
N ASN D 370 12.96 34.45 -6.88
CA ASN D 370 12.75 33.02 -7.06
C ASN D 370 11.62 32.47 -6.20
N ASN D 371 11.13 33.24 -5.24
CA ASN D 371 9.98 32.85 -4.44
C ASN D 371 8.73 33.62 -4.82
N GLY D 372 8.75 34.28 -5.97
CA GLY D 372 7.58 34.97 -6.46
C GLY D 372 7.29 36.25 -5.72
N ILE D 373 8.30 36.89 -5.17
CA ILE D 373 8.17 38.14 -4.43
C ILE D 373 8.76 39.25 -5.31
N PRO D 374 7.94 40.11 -5.92
CA PRO D 374 8.47 41.07 -6.90
C PRO D 374 9.30 42.15 -6.23
N SER D 375 10.20 42.72 -7.01
CA SER D 375 11.26 43.57 -6.52
C SER D 375 11.61 44.61 -7.58
N LEU D 376 12.11 45.75 -7.14
CA LEU D 376 12.74 46.70 -8.05
C LEU D 376 14.20 46.96 -7.70
N ASP D 377 14.79 46.21 -6.75
CA ASP D 377 16.16 46.50 -6.33
C ASP D 377 17.17 46.39 -7.48
N GLU D 378 16.86 45.63 -8.52
CA GLU D 378 17.73 45.55 -9.69
C GLU D 378 17.85 46.89 -10.42
N LEU D 379 16.95 47.84 -10.15
CA LEU D 379 17.16 49.17 -10.71
C LEU D 379 18.48 49.79 -10.26
N GLN D 380 19.05 49.34 -9.14
CA GLN D 380 20.32 49.90 -8.68
C GLN D 380 21.43 49.70 -9.71
N GLN D 381 21.26 48.75 -10.62
CA GLN D 381 22.23 48.49 -11.68
C GLN D 381 22.45 49.69 -12.60
N LEU D 382 21.41 50.51 -12.84
CA LEU D 382 21.54 51.69 -13.70
C LEU D 382 22.35 52.83 -13.07
N ASP D 383 22.74 52.71 -11.80
CA ASP D 383 23.69 53.63 -11.17
C ASP D 383 25.15 53.22 -11.38
N TRP D 384 25.41 52.20 -12.20
CA TRP D 384 26.78 51.85 -12.54
C TRP D 384 27.52 53.04 -13.14
N VAL D 385 26.86 53.78 -14.03
CA VAL D 385 27.35 55.03 -14.58
C VAL D 385 26.25 56.09 -14.50
N PRO D 386 26.62 57.38 -14.58
CA PRO D 386 25.60 58.44 -14.46
C PRO D 386 24.52 58.37 -15.54
N ASN D 387 23.28 58.68 -15.15
CA ASN D 387 22.11 58.65 -16.02
C ASN D 387 21.99 57.32 -16.76
N GLY D 388 22.27 56.22 -16.06
CA GLY D 388 22.44 54.94 -16.71
C GLY D 388 21.16 54.44 -17.36
N GLY D 389 21.34 53.80 -18.53
CA GLY D 389 20.32 52.99 -19.15
C GLY D 389 20.96 51.70 -19.66
N HIS D 390 20.13 50.81 -20.22
CA HIS D 390 20.66 49.54 -20.72
C HIS D 390 19.94 49.14 -21.99
N ILE D 391 20.62 48.28 -22.76
CA ILE D 391 20.02 47.54 -23.85
C ILE D 391 20.31 46.06 -23.61
N GLY D 392 19.37 45.20 -24.03
CA GLY D 392 19.52 43.78 -23.89
C GLY D 392 19.96 43.15 -25.20
N PHE D 393 21.17 42.55 -25.19
CA PHE D 393 21.67 41.74 -26.29
C PHE D 393 21.62 40.30 -25.80
N VAL D 394 20.67 39.50 -26.27
CA VAL D 394 20.56 38.18 -25.64
C VAL D 394 20.52 37.04 -26.64
N PRO D 395 21.68 36.56 -27.04
CA PRO D 395 21.75 35.36 -27.86
C PRO D 395 21.36 34.14 -27.05
N VAL D 396 20.91 33.14 -27.77
CA VAL D 396 20.63 31.80 -27.27
C VAL D 396 21.91 30.98 -27.38
N SER D 397 22.19 30.18 -26.36
CA SER D 397 23.39 29.36 -26.28
C SER D 397 23.02 27.96 -25.82
N ALA D 398 23.61 26.96 -26.48
CA ALA D 398 23.49 25.60 -26.00
C ALA D 398 24.10 25.49 -24.60
N PRO D 399 23.55 24.61 -23.75
CA PRO D 399 24.11 24.45 -22.39
C PRO D 399 25.38 23.60 -22.44
N ASP D 400 26.40 24.21 -23.03
CA ASP D 400 27.70 23.62 -23.28
C ASP D 400 28.79 24.62 -22.92
N GLY D 401 29.82 24.13 -22.21
CA GLY D 401 30.85 25.01 -21.68
C GLY D 401 31.65 25.74 -22.75
N ARG D 402 32.02 25.05 -23.83
CA ARG D 402 32.87 25.70 -24.83
C ARG D 402 32.08 26.67 -25.71
N GLU D 403 30.80 26.39 -25.98
CA GLU D 403 29.98 27.35 -26.71
C GLU D 403 29.74 28.62 -25.89
N ALA D 404 29.49 28.48 -24.59
CA ALA D 404 29.32 29.65 -23.74
C ALA D 404 30.60 30.49 -23.70
N MET D 405 31.73 29.83 -23.41
CA MET D 405 33.04 30.48 -23.44
C MET D 405 33.25 31.27 -24.73
N LYS D 406 32.83 30.71 -25.86
CA LYS D 406 33.04 31.38 -27.13
C LYS D 406 32.13 32.60 -27.26
N GLN D 407 30.88 32.49 -26.79
CA GLN D 407 29.98 33.64 -26.76
C GLN D 407 30.50 34.73 -25.82
N PHE D 408 30.94 34.33 -24.63
CA PHE D 408 31.54 35.27 -23.70
C PHE D 408 32.72 36.02 -24.33
N GLU D 409 33.59 35.31 -25.04
CA GLU D 409 34.79 35.95 -25.58
C GLU D 409 34.47 36.85 -26.76
N MET D 410 33.61 36.39 -27.68
CA MET D 410 33.21 37.24 -28.79
C MET D 410 32.61 38.56 -28.29
N VAL D 411 31.80 38.51 -27.23
CA VAL D 411 31.07 39.70 -26.81
C VAL D 411 31.98 40.66 -26.06
N ARG D 412 32.80 40.12 -25.14
CA ARG D 412 33.73 40.97 -24.39
C ARG D 412 34.75 41.65 -25.31
N ASN D 413 35.16 40.99 -26.39
CA ASN D 413 36.10 41.61 -27.31
C ASN D 413 35.45 42.81 -28.00
N ARG D 414 34.21 42.68 -28.45
CA ARG D 414 33.53 43.85 -28.98
C ARG D 414 33.23 44.87 -27.89
N ALA D 415 32.95 44.40 -26.68
CA ALA D 415 32.68 45.34 -25.61
C ALA D 415 33.85 46.28 -25.42
N ASN D 416 35.05 45.72 -25.29
CA ASN D 416 36.27 46.52 -25.13
C ASN D 416 36.46 47.48 -26.29
N GLU D 417 36.16 47.03 -27.52
CA GLU D 417 36.44 47.86 -28.70
C GLU D 417 35.65 49.15 -28.66
N TYR D 418 34.38 49.07 -28.24
CA TYR D 418 33.51 50.22 -28.18
C TYR D 418 33.47 50.83 -26.78
N ASN D 419 34.38 50.41 -25.91
CA ASN D 419 34.53 50.99 -24.58
C ASN D 419 33.25 50.89 -23.77
N LYS D 420 32.81 49.65 -23.60
CA LYS D 420 31.64 49.36 -22.78
C LYS D 420 31.95 48.13 -21.93
N ASP D 421 31.49 48.16 -20.68
CA ASP D 421 31.59 47.00 -19.83
C ASP D 421 30.64 45.90 -20.28
N TYR D 422 31.05 44.67 -20.03
CA TYR D 422 30.30 43.47 -20.39
C TYR D 422 29.76 42.87 -19.09
N MET D 423 28.50 43.11 -18.80
CA MET D 423 27.80 42.42 -17.71
C MET D 423 26.94 41.32 -18.29
N ALA D 424 27.05 40.13 -17.73
CA ALA D 424 26.42 38.95 -18.30
C ALA D 424 25.58 38.23 -17.26
N GLN D 425 24.42 37.73 -17.68
CA GLN D 425 23.57 36.87 -16.86
C GLN D 425 23.12 35.73 -17.74
N PHE D 426 23.68 34.53 -17.53
CA PHE D 426 23.21 33.34 -18.22
C PHE D 426 21.93 32.82 -17.52
N VAL D 427 20.82 32.79 -18.25
CA VAL D 427 19.55 32.30 -17.73
C VAL D 427 19.33 30.90 -18.29
N ILE D 428 19.30 29.90 -17.43
CA ILE D 428 19.51 28.49 -17.80
C ILE D 428 18.19 27.73 -17.76
N GLY D 429 17.73 27.27 -18.92
CA GLY D 429 16.60 26.37 -19.02
C GLY D 429 17.04 24.92 -18.98
N LEU D 430 16.16 24.04 -19.48
CA LEU D 430 16.46 22.61 -19.46
C LEU D 430 17.55 22.27 -20.46
N ARG D 431 17.48 22.86 -21.64
CA ARG D 431 18.33 22.51 -22.77
C ARG D 431 18.86 23.74 -23.49
N GLU D 432 18.58 24.94 -22.99
CA GLU D 432 18.94 26.18 -23.66
C GLU D 432 19.40 27.13 -22.58
N MET D 433 20.15 28.14 -22.99
CA MET D 433 20.52 29.24 -22.13
C MET D 433 20.27 30.54 -22.86
N TYR D 434 19.66 31.50 -22.16
CA TYR D 434 19.62 32.88 -22.60
C TYR D 434 20.86 33.59 -22.05
N HIS D 435 21.74 34.02 -22.94
CA HIS D 435 22.97 34.72 -22.56
C HIS D 435 22.67 36.21 -22.56
N VAL D 436 22.15 36.71 -21.43
CA VAL D 436 21.79 38.13 -21.29
C VAL D 436 23.06 38.98 -21.17
N CYS D 437 23.33 39.78 -22.19
CA CYS D 437 24.37 40.80 -22.20
C CYS D 437 23.70 42.17 -22.01
N LEU D 438 23.82 42.76 -20.82
CA LEU D 438 23.37 44.15 -20.60
C LEU D 438 24.53 45.08 -20.86
N PHE D 439 24.30 46.07 -21.71
CA PHE D 439 25.23 47.16 -21.88
C PHE D 439 24.65 48.38 -21.19
N ILE D 440 25.35 48.85 -20.16
CA ILE D 440 24.90 49.97 -19.34
C ILE D 440 25.68 51.19 -19.75
N TYR D 441 24.96 52.30 -20.04
CA TYR D 441 25.59 53.45 -20.70
C TYR D 441 24.89 54.72 -20.25
N ASP D 442 25.58 55.86 -20.41
CA ASP D 442 25.08 57.17 -20.00
C ASP D 442 24.11 57.69 -21.07
N THR D 443 22.80 57.67 -20.77
CA THR D 443 21.80 58.02 -21.79
C THR D 443 21.82 59.50 -22.17
N ALA D 444 22.43 60.36 -21.36
CA ALA D 444 22.56 61.77 -21.71
C ALA D 444 23.70 62.06 -22.70
N ASP D 445 24.60 61.10 -22.94
CA ASP D 445 25.75 61.24 -23.82
C ASP D 445 25.43 60.70 -25.21
N PRO D 446 25.17 61.55 -26.23
CA PRO D 446 24.85 61.00 -27.56
C PRO D 446 25.95 60.10 -28.13
N GLU D 447 27.22 60.39 -27.82
CA GLU D 447 28.32 59.55 -28.28
C GLU D 447 28.18 58.13 -27.75
N ALA D 448 27.86 57.99 -26.45
CA ALA D 448 27.60 56.68 -25.87
C ALA D 448 26.41 56.01 -26.53
N ARG D 449 25.37 56.79 -26.83
CA ARG D 449 24.17 56.20 -27.43
C ARG D 449 24.50 55.65 -28.80
N GLU D 450 25.33 56.36 -29.55
CA GLU D 450 25.71 55.90 -30.87
C GLU D 450 26.62 54.68 -30.80
N GLU D 451 27.60 54.67 -29.89
CA GLU D 451 28.48 53.51 -29.78
C GLU D 451 27.68 52.26 -29.49
N ILE D 452 26.58 52.39 -28.72
CA ILE D 452 25.75 51.25 -28.33
C ILE D 452 25.00 50.72 -29.55
N LEU D 453 24.43 51.61 -30.34
CA LEU D 453 23.79 51.20 -31.59
C LEU D 453 24.77 50.45 -32.49
N GLN D 454 25.93 51.06 -32.76
CA GLN D 454 26.89 50.46 -33.67
C GLN D 454 27.41 49.13 -33.13
N MET D 455 27.71 49.09 -31.84
CA MET D 455 28.21 47.86 -31.23
C MET D 455 27.20 46.73 -31.33
N THR D 456 25.92 47.00 -31.03
CA THR D 456 24.97 45.89 -31.05
C THR D 456 24.66 45.45 -32.48
N LYS D 457 24.62 46.39 -33.43
CA LYS D 457 24.50 46.02 -34.85
C LYS D 457 25.66 45.13 -35.32
N VAL D 458 26.87 45.33 -34.80
CA VAL D 458 27.99 44.47 -35.17
C VAL D 458 27.87 43.12 -34.46
N LEU D 459 27.34 43.12 -33.24
CA LEU D 459 27.21 41.88 -32.47
C LEU D 459 26.13 40.97 -33.02
N VAL D 460 24.98 41.52 -33.43
CA VAL D 460 23.98 40.73 -34.12
C VAL D 460 24.60 39.99 -35.30
N ARG D 461 25.40 40.71 -36.11
CA ARG D 461 26.01 40.15 -37.32
C ARG D 461 27.08 39.12 -36.96
N GLU D 462 27.98 39.48 -36.05
CA GLU D 462 29.03 38.58 -35.59
C GLU D 462 28.46 37.30 -35.00
N ALA D 463 27.48 37.42 -34.10
CA ALA D 463 26.83 36.25 -33.50
C ALA D 463 26.22 35.33 -34.57
N ALA D 464 25.42 35.89 -35.49
CA ALA D 464 24.84 35.10 -36.57
C ALA D 464 25.90 34.39 -37.44
N GLU D 465 27.00 35.07 -37.79
CA GLU D 465 28.04 34.37 -38.56
C GLU D 465 28.60 33.16 -37.80
N ALA D 466 28.43 33.09 -36.49
CA ALA D 466 28.83 31.89 -35.75
C ALA D 466 27.65 30.97 -35.44
N GLY D 467 26.48 31.22 -36.03
CA GLY D 467 25.31 30.40 -35.78
C GLY D 467 24.53 30.67 -34.52
N TYR D 468 24.54 31.91 -34.01
CA TYR D 468 23.85 32.29 -32.79
C TYR D 468 22.78 33.32 -33.13
N GLY D 469 21.55 33.08 -32.68
CA GLY D 469 20.50 34.08 -32.87
C GLY D 469 20.04 34.69 -31.55
N GLU D 470 19.39 35.86 -31.55
CA GLU D 470 18.82 36.40 -30.32
C GLU D 470 17.34 36.02 -30.19
N TYR D 471 16.90 35.86 -28.93
CA TYR D 471 15.51 35.46 -28.67
C TYR D 471 14.53 36.63 -28.64
N ARG D 472 15.05 37.86 -28.51
CA ARG D 472 14.32 39.08 -28.20
C ARG D 472 15.30 40.24 -28.39
N THR D 473 14.80 41.37 -28.91
CA THR D 473 15.72 42.48 -29.17
C THR D 473 14.99 43.83 -29.17
N HIS D 474 15.78 44.89 -29.26
CA HIS D 474 15.32 46.28 -29.23
C HIS D 474 14.75 46.68 -30.59
N ASN D 475 13.86 47.67 -30.56
CA ASN D 475 13.29 48.32 -31.76
C ASN D 475 14.34 48.53 -32.85
N ALA D 476 15.53 48.97 -32.45
CA ALA D 476 16.54 49.40 -33.38
C ALA D 476 17.28 48.24 -34.04
N LEU D 477 17.07 47.02 -33.54
CA LEU D 477 17.75 45.86 -34.04
C LEU D 477 16.81 44.83 -34.65
N MET D 478 15.51 45.14 -34.72
CA MET D 478 14.51 44.14 -35.06
C MET D 478 14.67 43.69 -36.50
N ASP D 479 14.84 44.65 -37.42
CA ASP D 479 15.14 44.32 -38.81
C ASP D 479 16.40 43.46 -38.88
N ASP D 480 17.48 43.93 -38.24
CA ASP D 480 18.75 43.20 -38.31
C ASP D 480 18.59 41.78 -37.81
N VAL D 481 17.87 41.59 -36.70
CA VAL D 481 17.77 40.27 -36.08
C VAL D 481 16.89 39.34 -36.90
N MET D 482 15.73 39.82 -37.40
CA MET D 482 14.94 38.99 -38.31
C MET D 482 15.73 38.56 -39.55
N ALA D 483 16.60 39.43 -40.05
CA ALA D 483 17.40 39.13 -41.24
C ALA D 483 18.34 37.94 -41.06
N THR D 484 18.74 37.65 -39.82
CA THR D 484 19.56 36.49 -39.55
C THR D 484 18.79 35.17 -39.55
N PHE D 485 17.46 35.19 -39.37
CA PHE D 485 16.65 33.97 -39.41
C PHE D 485 16.17 33.67 -40.82
N ASN D 486 17.12 33.54 -41.75
CA ASN D 486 16.84 33.62 -43.19
C ASN D 486 17.06 32.30 -43.93
N TRP D 487 17.01 31.16 -43.24
CA TRP D 487 17.13 29.87 -43.92
C TRP D 487 16.12 29.78 -45.07
N GLY D 488 16.54 29.14 -46.15
CA GLY D 488 15.61 28.95 -47.26
C GLY D 488 15.24 30.25 -47.94
N ASP D 489 16.22 31.16 -48.09
CA ASP D 489 16.01 32.47 -48.72
C ASP D 489 14.85 33.25 -48.05
N GLY D 490 14.97 33.45 -46.74
CA GLY D 490 13.98 34.16 -45.94
C GLY D 490 12.59 33.54 -45.86
N ALA D 491 12.50 32.22 -45.79
CA ALA D 491 11.21 31.54 -45.78
C ALA D 491 10.36 31.94 -44.57
N LEU D 492 11.00 32.05 -43.39
CA LEU D 492 10.26 32.39 -42.17
C LEU D 492 9.61 33.76 -42.27
N LEU D 493 10.35 34.77 -42.75
CA LEU D 493 9.79 36.11 -42.87
C LEU D 493 8.65 36.13 -43.88
N LYS D 494 8.83 35.47 -45.03
CA LYS D 494 7.80 35.43 -46.06
C LYS D 494 6.51 34.87 -45.50
N PHE D 495 6.62 33.80 -44.72
CA PHE D 495 5.49 33.23 -44.00
C PHE D 495 4.79 34.28 -43.15
N HIS D 496 5.54 35.02 -42.33
CA HIS D 496 4.91 35.99 -41.44
C HIS D 496 4.27 37.14 -42.21
N GLU D 497 4.98 37.65 -43.23
CA GLU D 497 4.41 38.70 -44.08
C GLU D 497 3.10 38.23 -44.69
N LYS D 498 3.08 37.03 -45.28
CA LYS D 498 1.83 36.60 -45.90
C LYS D 498 0.71 36.53 -44.87
N ILE D 499 1.01 36.15 -43.64
CA ILE D 499 -0.05 36.08 -42.66
C ILE D 499 -0.45 37.46 -42.19
N LYS D 500 0.54 38.33 -41.99
CA LYS D 500 0.28 39.70 -41.60
C LYS D 500 -0.67 40.38 -42.60
N ASP D 501 -0.35 40.33 -43.89
CA ASP D 501 -1.17 41.00 -44.88
C ASP D 501 -2.57 40.39 -44.97
N ALA D 502 -2.70 39.09 -44.67
CA ALA D 502 -4.00 38.44 -44.65
C ALA D 502 -4.87 38.95 -43.49
N LEU D 503 -4.32 38.98 -42.26
CA LEU D 503 -5.08 39.49 -41.13
C LEU D 503 -5.09 41.01 -41.07
N ASP D 504 -4.10 41.68 -41.68
CA ASP D 504 -3.95 43.13 -41.53
C ASP D 504 -3.83 43.79 -42.89
N PRO D 505 -4.90 43.80 -43.68
CA PRO D 505 -4.79 44.29 -45.08
C PRO D 505 -4.46 45.77 -45.19
N ASN D 506 -4.83 46.56 -44.19
CA ASN D 506 -4.50 47.98 -44.23
C ASN D 506 -3.20 48.31 -43.48
N GLY D 507 -2.55 47.32 -42.86
CA GLY D 507 -1.25 47.55 -42.23
C GLY D 507 -1.25 48.47 -41.02
N ILE D 508 -2.14 48.18 -40.08
CA ILE D 508 -2.36 49.06 -38.94
C ILE D 508 -1.50 48.68 -37.73
N ILE D 509 -1.33 47.40 -37.42
CA ILE D 509 -0.84 47.00 -36.10
C ILE D 509 0.68 46.89 -36.09
N ALA D 510 1.32 47.68 -35.22
CA ALA D 510 2.75 47.73 -34.93
C ALA D 510 3.60 47.29 -36.13
N PRO D 511 3.57 48.04 -37.22
CA PRO D 511 4.38 47.66 -38.39
C PRO D 511 5.86 47.66 -38.04
N GLY D 512 6.56 46.61 -38.48
CA GLY D 512 7.97 46.46 -38.22
C GLY D 512 8.33 45.73 -36.94
N LYS D 513 7.36 45.43 -36.07
CA LYS D 513 7.61 44.59 -34.91
C LYS D 513 8.23 43.25 -35.34
N SER D 514 9.31 42.85 -34.68
CA SER D 514 10.08 41.66 -35.07
C SER D 514 10.53 41.68 -36.55
N GLY D 515 10.65 42.84 -37.20
CA GLY D 515 11.02 42.87 -38.61
C GLY D 515 9.93 42.53 -39.58
N ILE D 516 8.67 42.53 -39.14
CA ILE D 516 7.55 42.10 -39.95
C ILE D 516 6.75 43.32 -40.37
N TRP D 517 6.94 43.77 -41.65
CA TRP D 517 6.22 44.93 -42.17
C TRP D 517 5.10 44.51 -43.10
N PRO D 518 3.93 45.14 -43.03
CA PRO D 518 2.87 44.87 -44.01
C PRO D 518 3.16 45.55 -45.35
N GLN D 519 2.42 45.10 -46.37
CA GLN D 519 2.71 45.46 -47.76
C GLN D 519 2.99 46.96 -47.94
N ARG D 520 2.17 47.82 -47.34
CA ARG D 520 2.22 49.25 -47.63
C ARG D 520 3.48 49.94 -47.10
N PHE D 521 4.26 49.26 -46.26
CA PHE D 521 5.53 49.81 -45.75
C PHE D 521 6.75 49.04 -46.25
N ARG D 522 6.58 47.91 -46.91
CA ARG D 522 7.72 47.10 -47.30
C ARG D 522 8.48 47.77 -48.45
N GLY D 523 9.79 47.95 -48.27
CA GLY D 523 10.63 48.59 -49.26
C GLY D 523 11.04 50.02 -48.94
N GLN D 524 10.40 50.66 -47.97
CA GLN D 524 10.86 51.98 -47.52
C GLN D 524 11.96 51.84 -46.46
N ASN D 525 12.57 52.96 -46.07
CA ASN D 525 13.47 52.89 -44.93
C ASN D 525 12.67 52.65 -43.67
N LEU D 526 11.68 53.52 -43.41
CA LEU D 526 10.80 53.28 -42.30
C LEU D 526 9.35 53.64 -42.53
N THR E 2 33.00 -71.26 -6.54
CA THR E 2 33.12 -71.44 -5.09
C THR E 2 32.76 -70.18 -4.31
N ARG E 3 32.06 -70.37 -3.19
CA ARG E 3 31.88 -69.32 -2.20
C ARG E 3 33.23 -68.87 -1.64
N THR E 4 33.53 -67.58 -1.75
CA THR E 4 34.77 -67.02 -1.21
C THR E 4 34.64 -66.86 0.30
N LEU E 5 35.57 -67.48 1.05
CA LEU E 5 35.56 -67.48 2.50
C LEU E 5 36.85 -66.88 3.05
N PRO E 6 36.81 -66.33 4.26
CA PRO E 6 38.05 -65.90 4.90
C PRO E 6 38.97 -67.10 5.14
N PRO E 7 40.28 -66.87 5.08
CA PRO E 7 41.22 -67.96 5.42
C PRO E 7 40.92 -68.55 6.80
N GLY E 8 40.80 -69.88 6.85
CA GLY E 8 40.61 -70.62 8.09
C GLY E 8 39.25 -70.53 8.71
N VAL E 9 38.24 -70.08 7.97
CA VAL E 9 36.92 -69.82 8.53
C VAL E 9 35.88 -70.61 7.71
N SER E 10 35.12 -71.45 8.38
CA SER E 10 34.24 -72.39 7.70
C SER E 10 32.97 -71.70 7.21
N ASP E 11 32.25 -72.42 6.34
CA ASP E 11 30.95 -71.96 5.88
C ASP E 11 30.05 -71.58 7.03
N GLU E 12 30.05 -72.40 8.09
CA GLU E 12 29.15 -72.22 9.23
C GLU E 12 29.57 -71.02 10.06
N ARG E 13 30.85 -70.96 10.43
CA ARG E 13 31.35 -69.83 11.21
C ARG E 13 31.12 -68.49 10.47
N PHE E 14 31.34 -68.47 9.15
CA PHE E 14 31.14 -67.25 8.38
C PHE E 14 29.68 -66.86 8.30
N ASP E 15 28.78 -67.84 8.27
CA ASP E 15 27.35 -67.52 8.28
C ASP E 15 26.97 -66.85 9.60
N ALA E 16 27.51 -67.36 10.71
CA ALA E 16 27.29 -66.73 12.00
C ALA E 16 27.87 -65.31 12.02
N ALA E 17 29.08 -65.14 11.49
CA ALA E 17 29.69 -63.83 11.52
C ALA E 17 28.82 -62.84 10.74
N LEU E 18 28.39 -63.25 9.54
CA LEU E 18 27.51 -62.41 8.71
C LEU E 18 26.22 -62.04 9.43
N GLN E 19 25.66 -62.98 10.21
CA GLN E 19 24.45 -62.62 10.95
C GLN E 19 24.76 -61.59 12.01
N ARG E 20 25.96 -61.65 12.61
CA ARG E 20 26.32 -60.65 13.58
C ARG E 20 26.55 -59.29 12.94
N PHE E 21 27.07 -59.25 11.71
CA PHE E 21 27.19 -57.97 11.01
C PHE E 21 25.82 -57.39 10.71
N ARG E 22 24.88 -58.24 10.31
CA ARG E 22 23.48 -57.83 10.13
C ARG E 22 22.93 -57.20 11.41
N ASP E 23 23.00 -57.93 12.54
CA ASP E 23 22.53 -57.40 13.82
C ASP E 23 23.10 -56.01 14.12
N VAL E 24 24.33 -55.72 13.67
CA VAL E 24 24.90 -54.40 13.92
C VAL E 24 24.39 -53.35 12.92
N VAL E 25 24.42 -53.62 11.60
CA VAL E 25 24.24 -52.56 10.60
C VAL E 25 22.88 -52.61 9.92
N GLY E 26 22.14 -53.70 10.04
CA GLY E 26 20.91 -53.86 9.25
C GLY E 26 21.13 -54.79 8.08
N ASP E 27 20.18 -55.70 7.82
CA ASP E 27 20.45 -56.75 6.86
C ASP E 27 20.65 -56.22 5.45
N LYS E 28 20.05 -55.07 5.14
CA LYS E 28 20.25 -54.44 3.84
C LYS E 28 21.72 -54.22 3.56
N TRP E 29 22.51 -53.99 4.60
CA TRP E 29 23.83 -53.42 4.48
C TRP E 29 24.92 -54.46 4.63
N VAL E 30 24.59 -55.74 4.44
CA VAL E 30 25.58 -56.83 4.41
C VAL E 30 25.39 -57.57 3.09
N LEU E 31 26.33 -57.37 2.17
CA LEU E 31 26.29 -58.05 0.87
C LEU E 31 27.20 -59.27 0.93
N SER E 32 26.70 -60.43 0.46
CA SER E 32 27.55 -61.62 0.45
C SER E 32 27.31 -62.56 -0.71
N THR E 33 26.35 -62.32 -1.58
CA THR E 33 26.17 -63.21 -2.72
C THR E 33 27.10 -62.81 -3.85
N ALA E 34 27.42 -63.80 -4.71
CA ALA E 34 28.29 -63.56 -5.85
C ALA E 34 27.79 -62.37 -6.67
N ASP E 35 26.49 -62.33 -6.96
CA ASP E 35 25.93 -61.26 -7.78
C ASP E 35 26.20 -59.89 -7.16
N GLU E 36 26.00 -59.78 -5.84
CA GLU E 36 26.25 -58.51 -5.17
C GLU E 36 27.74 -58.19 -5.12
N LEU E 37 28.60 -59.21 -5.07
CA LEU E 37 30.04 -59.00 -4.85
C LEU E 37 30.78 -58.69 -6.13
N GLU E 38 30.13 -58.85 -7.28
CA GLU E 38 30.77 -58.54 -8.56
C GLU E 38 31.21 -57.09 -8.62
N ALA E 39 30.37 -56.16 -8.15
CA ALA E 39 30.68 -54.75 -8.33
C ALA E 39 31.81 -54.27 -7.44
N PHE E 40 32.34 -55.12 -6.56
CA PHE E 40 33.42 -54.75 -5.66
C PHE E 40 34.72 -55.42 -6.00
N ARG E 41 34.73 -56.28 -7.02
CA ARG E 41 35.99 -56.72 -7.59
C ARG E 41 36.69 -55.55 -8.23
N ASP E 42 38.01 -55.61 -8.29
CA ASP E 42 38.84 -54.61 -8.95
C ASP E 42 38.28 -54.36 -10.35
N PRO E 43 37.92 -53.11 -10.70
CA PRO E 43 37.42 -52.84 -12.07
C PRO E 43 38.50 -52.90 -13.13
N TYR E 44 39.76 -52.67 -12.78
CA TYR E 44 40.90 -52.76 -13.69
C TYR E 44 41.78 -53.92 -13.24
N PRO E 45 41.35 -55.17 -13.48
CA PRO E 45 42.04 -56.32 -12.88
C PRO E 45 43.46 -56.49 -13.43
N VAL E 46 44.33 -57.05 -12.60
CA VAL E 46 45.74 -57.19 -12.89
C VAL E 46 46.09 -58.67 -12.79
N GLY E 47 46.58 -59.24 -13.89
CA GLY E 47 46.94 -60.64 -13.95
C GLY E 47 45.79 -61.49 -14.49
N ALA E 48 46.16 -62.65 -15.04
CA ALA E 48 45.17 -63.58 -15.58
C ALA E 48 44.34 -64.24 -14.47
N ALA E 49 44.98 -64.59 -13.35
CA ALA E 49 44.28 -65.34 -12.30
C ALA E 49 43.32 -64.46 -11.51
N GLU E 50 42.26 -65.08 -11.03
CA GLU E 50 41.48 -64.54 -9.92
C GLU E 50 42.40 -64.06 -8.81
N ALA E 51 42.11 -62.88 -8.27
CA ALA E 51 42.84 -62.35 -7.14
C ALA E 51 41.94 -61.37 -6.41
N ASN E 52 42.29 -61.09 -5.15
CA ASN E 52 41.70 -59.98 -4.41
C ASN E 52 40.17 -60.11 -4.32
N LEU E 53 39.71 -61.24 -3.88
CA LEU E 53 38.28 -61.52 -3.89
C LEU E 53 37.65 -61.15 -2.56
N PRO E 54 36.64 -60.31 -2.52
CA PRO E 54 35.94 -60.06 -1.26
C PRO E 54 34.98 -61.21 -0.94
N SER E 55 34.89 -61.50 0.37
CA SER E 55 33.91 -62.43 0.90
C SER E 55 32.59 -61.76 1.27
N ALA E 56 32.57 -60.44 1.48
CA ALA E 56 31.39 -59.70 1.90
C ALA E 56 31.69 -58.21 1.90
N VAL E 57 30.64 -57.42 1.87
CA VAL E 57 30.72 -55.97 2.00
C VAL E 57 29.80 -55.56 3.14
N VAL E 58 30.34 -54.82 4.12
CA VAL E 58 29.60 -54.34 5.28
C VAL E 58 29.64 -52.81 5.26
N SER E 59 28.46 -52.18 5.33
CA SER E 59 28.38 -50.71 5.32
C SER E 59 27.86 -50.20 6.64
N PRO E 60 28.72 -49.65 7.50
CA PRO E 60 28.27 -49.13 8.78
C PRO E 60 27.81 -47.67 8.69
N GLU E 61 27.00 -47.30 9.67
CA GLU E 61 26.38 -45.97 9.74
C GLU E 61 27.09 -45.02 10.70
N SER E 62 27.90 -45.54 11.63
CA SER E 62 28.44 -44.76 12.73
C SER E 62 29.79 -45.31 13.14
N THR E 63 30.62 -44.44 13.75
CA THR E 63 31.85 -44.87 14.40
C THR E 63 31.60 -46.05 15.31
N GLU E 64 30.51 -45.99 16.07
CA GLU E 64 30.15 -47.05 17.00
C GLU E 64 29.90 -48.36 16.29
N GLN E 65 29.23 -48.33 15.14
CA GLN E 65 29.01 -49.56 14.39
C GLN E 65 30.31 -50.10 13.82
N VAL E 66 31.28 -49.21 13.54
CA VAL E 66 32.59 -49.66 13.10
C VAL E 66 33.29 -50.41 14.22
N GLN E 67 33.19 -49.91 15.46
CA GLN E 67 33.77 -50.64 16.59
C GLN E 67 33.19 -52.04 16.72
N ASP E 68 31.86 -52.16 16.64
CA ASP E 68 31.20 -53.45 16.80
C ASP E 68 31.59 -54.42 15.68
N ILE E 69 31.71 -53.93 14.45
CA ILE E 69 32.19 -54.76 13.35
C ILE E 69 33.59 -55.29 13.66
N VAL E 70 34.46 -54.41 14.15
CA VAL E 70 35.83 -54.79 14.50
C VAL E 70 35.83 -55.81 15.63
N ARG E 71 35.03 -55.60 16.68
CA ARG E 71 35.01 -56.56 17.77
C ARG E 71 34.55 -57.93 17.28
N ILE E 72 33.50 -57.97 16.45
CA ILE E 72 33.04 -59.22 15.84
C ILE E 72 34.16 -59.85 15.00
N ALA E 73 34.80 -59.05 14.15
CA ALA E 73 35.88 -59.57 13.32
C ALA E 73 36.97 -60.22 14.16
N ASN E 74 37.30 -59.63 15.31
CA ASN E 74 38.29 -60.23 16.21
C ASN E 74 37.79 -61.54 16.81
N GLU E 75 36.51 -61.62 17.14
CA GLU E 75 35.99 -62.85 17.72
C GLU E 75 36.10 -64.00 16.74
N TYR E 76 35.90 -63.73 15.44
CA TYR E 76 35.80 -64.77 14.44
C TYR E 76 37.04 -64.93 13.57
N GLY E 77 38.03 -64.05 13.68
CA GLY E 77 39.19 -64.13 12.81
C GLY E 77 38.96 -63.68 11.38
N ILE E 78 37.93 -62.86 11.14
CA ILE E 78 37.65 -62.37 9.80
C ILE E 78 38.54 -61.16 9.52
N PRO E 79 39.33 -61.16 8.43
CA PRO E 79 40.05 -59.96 8.02
C PRO E 79 39.12 -58.90 7.44
N LEU E 80 39.45 -57.64 7.71
CA LEU E 80 38.64 -56.48 7.30
C LEU E 80 39.45 -55.54 6.41
N HIS E 81 38.90 -55.23 5.24
CA HIS E 81 39.52 -54.24 4.37
C HIS E 81 38.68 -52.95 4.39
N PRO E 82 39.09 -51.92 5.12
CA PRO E 82 38.32 -50.67 5.14
C PRO E 82 38.60 -49.81 3.92
N VAL E 83 37.55 -49.18 3.41
CA VAL E 83 37.67 -48.17 2.37
C VAL E 83 36.65 -47.06 2.67
N SER E 84 36.76 -45.98 1.91
CA SER E 84 35.81 -44.88 1.98
C SER E 84 34.83 -44.99 0.83
N THR E 85 35.19 -44.48 -0.35
CA THR E 85 34.35 -44.66 -1.53
C THR E 85 34.77 -45.89 -2.34
N GLY E 86 35.96 -46.42 -2.07
CA GLY E 86 36.45 -47.58 -2.79
C GLY E 86 36.67 -47.35 -4.27
N LYS E 87 37.08 -46.15 -4.66
CA LYS E 87 37.40 -45.78 -6.03
C LYS E 87 38.91 -45.80 -6.29
N ASN E 88 39.67 -46.64 -5.58
CA ASN E 88 41.13 -46.61 -5.72
C ASN E 88 41.53 -47.25 -7.04
N ASN E 89 40.97 -46.75 -8.13
CA ASN E 89 41.13 -47.38 -9.43
C ASN E 89 42.52 -47.10 -9.99
N GLY E 90 43.16 -48.15 -10.48
CA GLY E 90 44.55 -48.11 -10.82
C GLY E 90 45.43 -48.73 -9.76
N TYR E 91 44.88 -48.93 -8.56
CA TYR E 91 45.59 -49.46 -7.42
C TYR E 91 44.89 -50.64 -6.77
N GLY E 92 43.74 -51.06 -7.27
CA GLY E 92 43.01 -52.14 -6.63
C GLY E 92 41.50 -51.96 -6.59
N GLY E 93 41.03 -50.73 -6.79
CA GLY E 93 39.59 -50.46 -6.64
C GLY E 93 39.19 -50.53 -5.17
N ALA E 94 38.12 -51.25 -4.90
CA ALA E 94 37.74 -51.55 -3.53
C ALA E 94 38.27 -52.91 -3.06
N ALA E 95 38.87 -53.67 -3.96
CA ALA E 95 39.18 -55.06 -3.68
C ALA E 95 40.28 -55.18 -2.62
N PRO E 96 40.19 -56.19 -1.74
CA PRO E 96 41.20 -56.37 -0.68
C PRO E 96 42.47 -57.05 -1.19
N ARG E 97 43.59 -56.65 -0.60
CA ARG E 97 44.85 -57.30 -0.92
C ARG E 97 44.77 -58.81 -0.70
N LEU E 98 44.13 -59.22 0.40
CA LEU E 98 43.99 -60.62 0.79
C LEU E 98 42.60 -61.10 0.41
N SER E 99 42.54 -62.17 -0.39
CA SER E 99 41.26 -62.75 -0.77
C SER E 99 40.53 -63.33 0.45
N GLY E 100 39.21 -63.18 0.48
CA GLY E 100 38.41 -63.59 1.60
C GLY E 100 38.13 -62.51 2.62
N SER E 101 38.85 -61.38 2.55
CA SER E 101 38.59 -60.32 3.52
C SER E 101 37.18 -59.77 3.31
N VAL E 102 36.65 -59.14 4.36
CA VAL E 102 35.37 -58.42 4.32
C VAL E 102 35.68 -56.95 4.08
N ILE E 103 35.01 -56.35 3.09
CA ILE E 103 35.17 -54.92 2.82
C ILE E 103 34.25 -54.14 3.73
N VAL E 104 34.81 -53.21 4.49
CA VAL E 104 34.05 -52.31 5.33
C VAL E 104 33.98 -50.99 4.56
N LYS E 105 32.84 -50.75 3.92
CA LYS E 105 32.66 -49.54 3.15
C LYS E 105 32.07 -48.48 4.09
N THR E 106 32.96 -47.77 4.78
CA THR E 106 32.56 -46.68 5.64
C THR E 106 31.78 -45.60 4.87
N GLY E 107 32.13 -45.34 3.62
CA GLY E 107 31.59 -44.20 2.92
C GLY E 107 30.20 -44.34 2.36
N GLU E 108 29.66 -45.56 2.32
CA GLU E 108 28.29 -45.74 1.83
C GLU E 108 27.29 -44.96 2.67
N ARG E 109 27.44 -44.99 4.01
CA ARG E 109 26.52 -44.27 4.88
C ARG E 109 27.19 -43.25 5.79
N MET E 110 28.50 -43.35 6.01
CA MET E 110 29.23 -42.29 6.72
C MET E 110 29.77 -41.28 5.70
N ASN E 111 28.83 -40.54 5.12
CA ASN E 111 29.09 -39.63 4.01
C ASN E 111 28.77 -38.18 4.38
N ARG E 112 28.91 -37.81 5.64
CA ARG E 112 28.40 -36.52 6.11
C ARG E 112 29.53 -35.50 6.28
N ILE E 113 29.24 -34.26 5.89
CA ILE E 113 30.16 -33.15 6.14
C ILE E 113 29.85 -32.62 7.54
N LEU E 114 30.82 -32.73 8.44
CA LEU E 114 30.61 -32.43 9.85
C LEU E 114 30.92 -30.98 10.20
N GLU E 115 31.71 -30.28 9.38
CA GLU E 115 31.94 -28.86 9.61
C GLU E 115 32.71 -28.32 8.41
N VAL E 116 32.34 -27.13 7.96
CA VAL E 116 33.21 -26.33 7.12
C VAL E 116 33.32 -24.96 7.76
N ASN E 117 34.49 -24.66 8.32
CA ASN E 117 34.72 -23.41 9.02
C ASN E 117 35.25 -22.36 8.04
N GLU E 118 34.49 -21.27 7.85
CA GLU E 118 34.88 -20.30 6.83
C GLU E 118 35.96 -19.36 7.34
N LYS E 119 35.98 -19.09 8.64
CA LYS E 119 36.94 -18.15 9.18
C LYS E 119 38.37 -18.67 9.14
N TYR E 120 38.59 -19.86 9.71
CA TYR E 120 39.93 -20.44 9.75
C TYR E 120 40.23 -21.33 8.55
N GLY E 121 39.22 -21.63 7.73
CA GLY E 121 39.43 -22.42 6.52
C GLY E 121 39.80 -23.87 6.76
N TYR E 122 38.83 -24.71 7.12
CA TYR E 122 39.05 -26.16 7.20
C TYR E 122 37.73 -26.89 7.07
N ALA E 123 37.82 -28.22 7.02
CA ALA E 123 36.66 -29.09 6.93
C ALA E 123 36.90 -30.32 7.80
N LEU E 124 35.84 -30.84 8.40
CA LEU E 124 35.88 -32.10 9.13
C LEU E 124 34.91 -33.04 8.43
N LEU E 125 35.41 -34.16 7.97
CA LEU E 125 34.66 -34.95 7.02
C LEU E 125 34.59 -36.41 7.45
N GLU E 126 33.55 -37.03 7.06
CA GLU E 126 33.46 -38.48 7.13
C GLU E 126 33.98 -39.07 5.83
N PRO E 127 34.28 -40.38 5.81
CA PRO E 127 34.88 -40.97 4.60
C PRO E 127 34.05 -40.89 3.33
N GLY E 128 32.72 -40.81 3.42
CA GLY E 128 31.86 -40.83 2.24
C GLY E 128 31.75 -39.53 1.47
N VAL E 129 32.32 -38.44 1.96
CA VAL E 129 32.25 -37.14 1.31
C VAL E 129 33.15 -37.14 0.07
N THR E 130 32.55 -37.16 -1.12
CA THR E 130 33.35 -37.07 -2.34
C THR E 130 33.81 -35.64 -2.59
N TYR E 131 34.74 -35.47 -3.54
CA TYR E 131 35.11 -34.14 -3.99
C TYR E 131 33.92 -33.42 -4.61
N PHE E 132 33.06 -34.13 -5.36
CA PHE E 132 31.82 -33.51 -5.83
C PHE E 132 30.96 -33.05 -4.65
N ASP E 133 30.80 -33.90 -3.63
CA ASP E 133 30.01 -33.51 -2.46
C ASP E 133 30.55 -32.23 -1.83
N LEU E 134 31.86 -32.19 -1.58
CA LEU E 134 32.43 -30.99 -0.96
C LEU E 134 32.31 -29.77 -1.87
N TYR E 135 32.52 -29.95 -3.19
CA TYR E 135 32.37 -28.82 -4.11
C TYR E 135 30.95 -28.28 -4.07
N GLU E 136 29.95 -29.18 -4.10
CA GLU E 136 28.57 -28.71 -4.11
C GLU E 136 28.23 -27.96 -2.82
N TYR E 137 28.76 -28.44 -1.69
CA TYR E 137 28.54 -27.75 -0.43
C TYR E 137 29.10 -26.35 -0.48
N LEU E 138 30.36 -26.22 -0.93
CA LEU E 138 31.04 -24.93 -0.94
C LEU E 138 30.31 -23.95 -1.86
N GLN E 139 29.80 -24.44 -2.98
CA GLN E 139 28.98 -23.60 -3.85
C GLN E 139 27.68 -23.18 -3.16
N SER E 140 26.97 -24.15 -2.57
CA SER E 140 25.70 -23.90 -1.90
C SER E 140 25.82 -22.82 -0.84
N HIS E 141 26.96 -22.77 -0.14
CA HIS E 141 27.10 -21.88 1.01
C HIS E 141 27.91 -20.65 0.67
N ASP E 142 28.16 -20.41 -0.62
CA ASP E 142 28.81 -19.19 -1.09
C ASP E 142 30.16 -19.03 -0.38
N SER E 143 30.90 -20.13 -0.36
CA SER E 143 32.15 -20.15 0.37
C SER E 143 33.23 -19.38 -0.39
N GLY E 144 34.10 -18.72 0.36
CA GLY E 144 35.33 -18.19 -0.17
C GLY E 144 36.47 -19.19 -0.17
N LEU E 145 36.21 -20.46 0.14
CA LEU E 145 37.22 -21.50 0.17
C LEU E 145 37.14 -22.32 -1.12
N MET E 146 38.27 -22.91 -1.49
CA MET E 146 38.31 -23.90 -2.56
C MET E 146 38.89 -25.19 -2.03
N LEU E 147 38.49 -26.30 -2.64
CA LEU E 147 39.06 -27.58 -2.26
C LEU E 147 40.25 -27.87 -3.17
N ASP E 148 40.94 -28.97 -2.91
CA ASP E 148 42.01 -29.44 -3.79
C ASP E 148 41.65 -30.86 -4.18
N CYS E 149 41.58 -31.14 -5.47
CA CYS E 149 41.13 -32.47 -5.87
C CYS E 149 42.09 -33.15 -6.83
N PRO E 150 42.08 -34.51 -6.85
CA PRO E 150 42.77 -35.28 -7.88
C PRO E 150 42.06 -35.13 -9.22
N ASP E 151 42.43 -35.94 -10.22
CA ASP E 151 41.89 -35.79 -11.56
C ASP E 151 40.42 -36.22 -11.64
N LEU E 152 40.01 -37.20 -10.82
CA LEU E 152 38.67 -37.76 -10.82
C LEU E 152 37.96 -37.43 -9.52
N GLY E 153 36.84 -36.73 -9.62
CA GLY E 153 36.21 -36.21 -8.42
C GLY E 153 35.34 -37.15 -7.61
N TRP E 154 35.10 -38.38 -8.05
CA TRP E 154 34.16 -39.27 -7.37
C TRP E 154 34.80 -40.01 -6.21
N GLY E 155 36.09 -39.80 -5.99
CA GLY E 155 36.78 -40.34 -4.83
C GLY E 155 36.51 -39.55 -3.57
N SER E 156 37.13 -40.00 -2.47
CA SER E 156 36.87 -39.48 -1.14
C SER E 156 37.97 -38.52 -0.70
N VAL E 157 37.60 -37.32 -0.24
CA VAL E 157 38.58 -36.44 0.37
C VAL E 157 39.42 -37.22 1.37
N VAL E 158 38.76 -38.02 2.20
CA VAL E 158 39.45 -38.77 3.24
C VAL E 158 40.28 -39.89 2.63
N GLY E 159 39.61 -40.78 1.88
CA GLY E 159 40.26 -41.99 1.43
C GLY E 159 41.43 -41.70 0.52
N ASN E 160 41.30 -40.70 -0.35
CA ASN E 160 42.45 -40.29 -1.13
C ASN E 160 43.62 -39.88 -0.22
N THR E 161 43.35 -39.09 0.83
CA THR E 161 44.38 -38.65 1.78
C THR E 161 45.05 -39.84 2.49
N LEU E 162 44.29 -40.88 2.81
CA LEU E 162 44.87 -42.01 3.52
C LEU E 162 45.76 -42.87 2.64
N ASP E 163 45.58 -42.83 1.32
CA ASP E 163 46.55 -43.46 0.42
C ASP E 163 47.65 -42.48 0.03
N ARG E 164 47.60 -41.24 0.54
CA ARG E 164 48.55 -40.15 0.20
C ARG E 164 48.51 -39.81 -1.29
N GLY E 165 47.29 -39.72 -1.84
CA GLY E 165 47.10 -39.15 -3.15
C GLY E 165 47.36 -37.66 -3.13
N VAL E 166 47.30 -37.06 -4.32
CA VAL E 166 47.68 -35.66 -4.48
C VAL E 166 46.72 -34.96 -5.44
N GLY E 167 46.66 -33.64 -5.30
CA GLY E 167 45.97 -32.78 -6.24
C GLY E 167 46.93 -31.77 -6.79
N TYR E 168 46.43 -30.67 -7.37
CA TYR E 168 47.30 -29.82 -8.19
C TYR E 168 47.24 -28.34 -7.83
N THR E 169 46.54 -27.95 -6.76
CA THR E 169 46.51 -26.57 -6.28
C THR E 169 47.69 -26.39 -5.35
N PRO E 170 47.94 -25.17 -4.82
CA PRO E 170 49.01 -25.03 -3.81
C PRO E 170 48.74 -25.88 -2.57
N TYR E 171 47.54 -26.42 -2.40
CA TYR E 171 47.26 -27.34 -1.31
C TYR E 171 47.32 -28.79 -1.78
N GLY E 172 48.16 -29.09 -2.79
CA GLY E 172 48.10 -30.37 -3.49
C GLY E 172 48.56 -31.56 -2.68
N ASP E 173 49.44 -31.36 -1.70
CA ASP E 173 49.91 -32.41 -0.79
C ASP E 173 48.81 -32.62 0.24
N HIS E 174 47.90 -33.58 0.00
CA HIS E 174 46.71 -33.72 0.84
C HIS E 174 47.07 -34.11 2.26
N PHE E 175 48.02 -35.04 2.43
CA PHE E 175 48.33 -35.47 3.79
C PHE E 175 48.92 -34.32 4.59
N MET E 176 49.73 -33.47 3.96
CA MET E 176 50.33 -32.37 4.68
C MET E 176 49.27 -31.50 5.32
N TRP E 177 48.19 -31.22 4.59
CA TRP E 177 47.12 -30.38 5.08
C TRP E 177 46.10 -31.13 5.92
N GLN E 178 46.12 -32.47 5.92
CA GLN E 178 45.30 -33.21 6.88
C GLN E 178 45.58 -32.70 8.29
N THR E 179 44.49 -32.53 9.09
CA THR E 179 44.58 -31.95 10.45
C THR E 179 43.62 -32.68 11.40
N GLY E 180 44.15 -33.68 12.11
CA GLY E 180 43.37 -34.38 13.12
C GLY E 180 42.55 -35.51 12.52
N LEU E 181 42.40 -36.61 13.25
CA LEU E 181 41.55 -37.68 12.75
C LEU E 181 41.03 -38.51 13.89
N GLU E 182 40.04 -39.35 13.57
CA GLU E 182 39.43 -40.29 14.47
C GLU E 182 39.56 -41.67 13.84
N VAL E 183 40.00 -42.64 14.62
CA VAL E 183 40.31 -43.97 14.10
C VAL E 183 39.84 -45.02 15.09
N VAL E 184 39.25 -46.10 14.56
CA VAL E 184 39.01 -47.32 15.32
C VAL E 184 40.26 -48.19 15.17
N LEU E 185 41.00 -48.35 16.26
CA LEU E 185 42.17 -49.24 16.32
C LEU E 185 41.74 -50.71 16.14
N PRO E 186 42.67 -51.64 15.90
CA PRO E 186 42.29 -52.95 15.35
C PRO E 186 41.59 -53.89 16.32
N GLN E 187 41.50 -53.56 17.60
CA GLN E 187 40.70 -54.35 18.55
C GLN E 187 39.43 -53.63 18.97
N GLY E 188 39.12 -52.46 18.37
CA GLY E 188 37.84 -51.82 18.55
C GLY E 188 37.86 -50.59 19.42
N GLU E 189 39.00 -50.19 19.96
CA GLU E 189 39.08 -48.97 20.73
C GLU E 189 39.16 -47.76 19.79
N VAL E 190 38.50 -46.65 20.19
CA VAL E 190 38.44 -45.44 19.39
C VAL E 190 39.42 -44.41 19.93
N MET E 191 40.11 -43.71 19.02
CA MET E 191 41.12 -42.71 19.35
C MET E 191 40.95 -41.47 18.48
N ARG E 192 41.25 -40.30 19.07
CA ARG E 192 41.36 -39.02 18.33
C ARG E 192 42.79 -38.49 18.41
N THR E 193 43.29 -37.95 17.28
CA THR E 193 44.64 -37.42 17.23
C THR E 193 44.66 -35.91 17.44
N GLY E 194 45.83 -35.40 17.82
CA GLY E 194 46.00 -33.97 17.95
C GLY E 194 45.13 -33.35 19.05
N MET E 195 44.68 -32.13 18.80
CA MET E 195 43.86 -31.45 19.78
C MET E 195 42.54 -32.16 20.01
N GLY E 196 42.14 -33.03 19.08
CA GLY E 196 40.93 -33.83 19.25
C GLY E 196 41.00 -34.70 20.48
N ALA E 197 42.21 -35.03 20.92
CA ALA E 197 42.41 -35.78 22.15
C ALA E 197 42.14 -34.95 23.41
N LEU E 198 42.12 -33.62 23.33
CA LEU E 198 41.83 -32.79 24.49
C LEU E 198 40.36 -32.43 24.50
N PRO E 199 39.53 -33.08 25.34
CA PRO E 199 38.07 -32.82 25.31
C PRO E 199 37.74 -31.34 25.48
N GLY E 200 36.85 -30.84 24.64
CA GLY E 200 36.49 -29.44 24.71
C GLY E 200 37.40 -28.48 23.97
N SER E 201 38.46 -28.97 23.34
CA SER E 201 39.24 -28.09 22.49
C SER E 201 38.46 -27.82 21.20
N ASP E 202 38.57 -26.61 20.68
CA ASP E 202 38.05 -26.32 19.36
C ASP E 202 39.17 -26.13 18.33
N ALA E 203 40.37 -26.61 18.63
CA ALA E 203 41.54 -26.51 17.76
C ALA E 203 41.87 -27.83 17.04
N TRP E 204 40.95 -28.80 17.03
CA TRP E 204 41.21 -30.07 16.34
C TRP E 204 41.68 -29.86 14.92
N GLN E 205 41.02 -28.97 14.18
CA GLN E 205 41.42 -28.72 12.80
C GLN E 205 42.28 -27.49 12.65
N LEU E 206 42.77 -26.94 13.76
CA LEU E 206 43.62 -25.75 13.74
C LEU E 206 45.09 -26.07 13.89
N PHE E 207 45.45 -27.02 14.75
CA PHE E 207 46.84 -27.33 15.10
C PHE E 207 47.06 -28.80 14.82
N PRO E 208 47.96 -29.18 13.93
CA PRO E 208 48.02 -30.60 13.54
C PRO E 208 48.66 -31.49 14.58
N TYR E 209 49.63 -30.96 15.34
CA TYR E 209 50.60 -31.82 16.01
C TYR E 209 50.12 -32.39 17.34
N GLY E 210 49.38 -31.62 18.13
CA GLY E 210 49.01 -32.09 19.47
C GLY E 210 50.17 -32.09 20.44
N PHE E 211 50.29 -33.16 21.23
CA PHE E 211 51.37 -33.27 22.21
C PHE E 211 51.84 -34.71 22.16
N GLY E 212 53.15 -34.90 22.39
CA GLY E 212 53.73 -36.22 22.29
C GLY E 212 53.95 -36.62 20.85
N PRO E 213 54.29 -37.87 20.61
CA PRO E 213 54.61 -38.29 19.24
C PRO E 213 53.44 -38.02 18.31
N PHE E 214 53.76 -37.68 17.06
CA PHE E 214 52.76 -37.34 16.03
C PHE E 214 52.41 -38.59 15.21
N PRO E 215 51.17 -39.13 15.32
CA PRO E 215 50.91 -40.45 14.74
C PRO E 215 50.08 -40.48 13.45
N ASP E 216 49.65 -39.33 12.92
CA ASP E 216 48.66 -39.39 11.84
C ASP E 216 49.24 -40.05 10.59
N GLY E 217 50.53 -39.82 10.32
CA GLY E 217 51.20 -40.47 9.21
C GLY E 217 51.11 -41.98 9.23
N MET E 218 51.12 -42.60 10.42
CA MET E 218 51.02 -44.05 10.56
C MET E 218 49.66 -44.61 10.15
N PHE E 219 48.66 -43.78 9.88
CA PHE E 219 47.39 -44.30 9.39
C PHE E 219 47.20 -44.06 7.90
N THR E 220 48.24 -43.61 7.21
CA THR E 220 48.23 -43.54 5.75
C THR E 220 49.00 -44.70 5.17
N GLN E 221 48.48 -45.28 4.08
CA GLN E 221 49.08 -46.44 3.41
C GLN E 221 49.39 -47.52 4.43
N SER E 222 48.41 -47.78 5.28
CA SER E 222 48.58 -48.40 6.58
C SER E 222 47.47 -49.42 6.78
N ASN E 223 47.64 -50.30 7.75
CA ASN E 223 46.57 -51.20 8.16
C ASN E 223 46.47 -51.21 9.66
N LEU E 224 46.57 -50.04 10.27
CA LEU E 224 46.53 -49.88 11.72
C LEU E 224 45.16 -49.47 12.24
N GLY E 225 44.15 -49.35 11.39
CA GLY E 225 42.85 -49.02 11.91
C GLY E 225 41.87 -48.67 10.82
N ILE E 226 40.67 -48.28 11.27
CA ILE E 226 39.59 -47.82 10.40
C ILE E 226 39.30 -46.38 10.76
N VAL E 227 39.56 -45.49 9.82
CA VAL E 227 39.42 -44.06 10.06
C VAL E 227 37.96 -43.65 9.88
N THR E 228 37.40 -42.96 10.90
CA THR E 228 35.98 -42.60 10.89
C THR E 228 35.71 -41.12 10.71
N LYS E 229 36.68 -40.26 11.05
CA LYS E 229 36.59 -38.82 10.81
C LYS E 229 37.99 -38.31 10.46
N MET E 230 38.04 -37.23 9.66
CA MET E 230 39.31 -36.62 9.29
C MET E 230 39.11 -35.15 8.92
N GLY E 231 40.00 -34.29 9.45
CA GLY E 231 39.99 -32.87 9.17
C GLY E 231 41.00 -32.53 8.09
N ILE E 232 40.75 -31.42 7.40
CA ILE E 232 41.66 -30.98 6.33
C ILE E 232 41.58 -29.46 6.21
N ALA E 233 42.72 -28.83 5.98
CA ALA E 233 42.77 -27.38 5.76
C ALA E 233 42.29 -27.07 4.35
N LEU E 234 41.74 -25.89 4.18
CA LEU E 234 41.19 -25.46 2.89
C LEU E 234 41.67 -24.05 2.59
N MET E 235 42.28 -23.90 1.43
CA MET E 235 42.76 -22.62 0.95
C MET E 235 41.64 -21.65 0.63
N GLN E 236 41.88 -20.37 0.89
CA GLN E 236 40.99 -19.33 0.37
C GLN E 236 41.14 -19.22 -1.14
N ARG E 237 40.02 -19.16 -1.84
CA ARG E 237 40.09 -19.00 -3.29
C ARG E 237 40.69 -17.65 -3.64
N PRO E 238 41.74 -17.60 -4.46
CA PRO E 238 42.35 -16.31 -4.81
C PRO E 238 41.46 -15.53 -5.77
N PRO E 239 41.72 -14.23 -5.94
CA PRO E 239 40.82 -13.37 -6.74
C PRO E 239 40.71 -13.72 -8.21
N ALA E 240 41.72 -14.35 -8.80
CA ALA E 240 41.67 -14.68 -10.23
C ALA E 240 42.66 -15.81 -10.48
N SER E 241 42.50 -16.50 -11.60
CA SER E 241 43.44 -17.53 -12.00
C SER E 241 43.59 -17.56 -13.52
N GLN E 242 44.67 -18.18 -13.99
CA GLN E 242 44.85 -18.40 -15.42
C GLN E 242 45.65 -19.68 -15.61
N SER E 243 45.11 -20.60 -16.42
CA SER E 243 45.77 -21.83 -16.77
C SER E 243 46.48 -21.70 -18.13
N PHE E 244 47.49 -22.54 -18.33
CA PHE E 244 48.29 -22.45 -19.53
C PHE E 244 48.83 -23.81 -19.96
N LEU E 245 49.07 -23.92 -21.26
CA LEU E 245 49.63 -25.09 -21.91
C LEU E 245 50.84 -24.67 -22.72
N ILE E 246 51.96 -25.34 -22.48
CA ILE E 246 53.16 -25.20 -23.31
C ILE E 246 53.34 -26.52 -24.04
N THR E 247 53.39 -26.46 -25.36
CA THR E 247 53.63 -27.66 -26.14
C THR E 247 55.09 -27.69 -26.55
N PHE E 248 55.72 -28.85 -26.41
CA PHE E 248 57.09 -29.06 -26.88
C PHE E 248 57.10 -30.20 -27.88
N ASP E 249 57.77 -29.97 -29.02
CA ASP E 249 57.62 -30.85 -30.18
C ASP E 249 58.38 -32.17 -30.06
N LYS E 250 59.55 -32.22 -29.40
CA LYS E 250 60.44 -33.39 -29.45
C LYS E 250 60.39 -34.23 -28.17
N GLU E 251 60.48 -35.56 -28.34
CA GLU E 251 60.70 -36.46 -27.21
C GLU E 251 61.84 -36.00 -26.33
N GLU E 252 62.97 -35.62 -26.95
CA GLU E 252 64.18 -35.25 -26.24
C GLU E 252 64.07 -33.95 -25.49
N ASP E 253 62.98 -33.20 -25.68
CA ASP E 253 62.88 -31.93 -24.97
C ASP E 253 62.68 -32.15 -23.47
N LEU E 254 62.30 -33.36 -23.05
CA LEU E 254 62.04 -33.63 -21.64
C LEU E 254 63.16 -33.10 -20.75
N GLU E 255 64.41 -33.31 -21.17
CA GLU E 255 65.55 -32.95 -20.33
C GLU E 255 65.56 -31.46 -20.07
N GLN E 256 65.52 -30.65 -21.14
CA GLN E 256 65.57 -29.21 -20.97
C GLN E 256 64.30 -28.69 -20.28
N ILE E 257 63.14 -29.30 -20.54
CA ILE E 257 61.91 -28.84 -19.89
C ILE E 257 62.06 -28.93 -18.37
N VAL E 258 62.42 -30.13 -17.88
CA VAL E 258 62.57 -30.35 -16.45
C VAL E 258 63.61 -29.41 -15.86
N ASP E 259 64.73 -29.21 -16.57
CA ASP E 259 65.82 -28.41 -16.02
C ASP E 259 65.49 -26.92 -15.99
N ILE E 260 64.66 -26.45 -16.92
CA ILE E 260 64.19 -25.06 -16.88
C ILE E 260 63.11 -24.89 -15.83
N MET E 261 62.37 -25.95 -15.55
CA MET E 261 61.23 -25.86 -14.65
C MET E 261 61.67 -25.68 -13.21
N LEU E 262 62.70 -26.42 -12.77
CA LEU E 262 63.02 -26.47 -11.33
C LEU E 262 63.31 -25.10 -10.72
N PRO E 263 64.10 -24.21 -11.32
CA PRO E 263 64.33 -22.90 -10.68
C PRO E 263 63.09 -22.01 -10.66
N LEU E 264 62.09 -22.24 -11.50
CA LEU E 264 60.82 -21.53 -11.45
C LEU E 264 59.85 -22.15 -10.44
N ARG E 265 60.13 -23.35 -9.95
CA ARG E 265 59.20 -24.09 -9.12
C ARG E 265 59.59 -24.13 -7.65
N ILE E 266 60.88 -24.12 -7.35
CA ILE E 266 61.32 -24.47 -6.01
C ILE E 266 60.86 -23.44 -5.00
N ASN E 267 60.68 -22.17 -5.41
CA ASN E 267 60.17 -21.12 -4.53
C ASN E 267 58.67 -20.91 -4.67
N MET E 268 57.96 -21.87 -5.29
CA MET E 268 56.51 -21.78 -5.45
C MET E 268 56.11 -20.54 -6.24
N ALA E 269 57.04 -19.96 -6.96
CA ALA E 269 56.76 -18.78 -7.77
C ALA E 269 57.89 -18.68 -8.79
N PRO E 270 57.58 -18.47 -10.08
CA PRO E 270 56.24 -18.17 -10.61
C PRO E 270 55.35 -19.39 -10.81
N LEU E 271 55.91 -20.59 -10.77
CA LEU E 271 55.08 -21.80 -10.86
C LEU E 271 54.41 -22.02 -9.50
N GLN E 272 53.19 -21.46 -9.36
CA GLN E 272 52.50 -21.48 -8.09
C GLN E 272 51.78 -22.79 -7.80
N ASN E 273 51.30 -23.46 -8.83
CA ASN E 273 50.55 -24.70 -8.64
C ASN E 273 51.49 -25.88 -8.87
N VAL E 274 50.93 -27.09 -8.81
CA VAL E 274 51.63 -28.33 -9.14
C VAL E 274 51.57 -28.53 -10.65
N PRO E 275 52.61 -28.18 -11.37
CA PRO E 275 52.59 -28.38 -12.83
C PRO E 275 52.58 -29.86 -13.15
N VAL E 276 51.90 -30.21 -14.23
CA VAL E 276 51.94 -31.56 -14.78
C VAL E 276 52.53 -31.48 -16.18
N LEU E 277 53.37 -32.46 -16.53
CA LEU E 277 53.95 -32.57 -17.86
C LEU E 277 53.54 -33.91 -18.44
N ARG E 278 52.78 -33.89 -19.52
CA ARG E 278 52.14 -35.07 -20.08
C ARG E 278 52.59 -35.30 -21.52
N ASN E 279 52.74 -36.56 -21.91
CA ASN E 279 53.12 -36.84 -23.28
C ASN E 279 51.87 -36.96 -24.17
N ILE E 280 52.11 -37.16 -25.47
CA ILE E 280 51.02 -37.10 -26.44
C ILE E 280 50.11 -38.31 -26.31
N PHE E 281 50.63 -39.44 -25.86
CA PHE E 281 49.77 -40.60 -25.69
C PHE E 281 48.76 -40.35 -24.58
N MET E 282 49.20 -39.71 -23.50
CA MET E 282 48.30 -39.41 -22.40
C MET E 282 47.22 -38.43 -22.83
N ASP E 283 47.60 -37.38 -23.55
CA ASP E 283 46.63 -36.39 -23.99
C ASP E 283 45.73 -36.94 -25.09
N ALA E 284 46.30 -37.72 -26.03
CA ALA E 284 45.48 -38.30 -27.07
C ALA E 284 44.44 -39.25 -26.48
N ALA E 285 44.84 -40.10 -25.53
CA ALA E 285 43.89 -41.00 -24.89
C ALA E 285 42.73 -40.26 -24.24
N ALA E 286 42.95 -39.03 -23.78
CA ALA E 286 41.91 -38.27 -23.11
C ALA E 286 40.84 -37.79 -24.07
N VAL E 287 41.08 -37.82 -25.38
CA VAL E 287 40.19 -37.17 -26.34
C VAL E 287 39.90 -38.04 -27.55
N SER E 288 40.53 -39.22 -27.63
CA SER E 288 40.43 -40.02 -28.84
C SER E 288 40.75 -41.48 -28.56
N LYS E 289 40.15 -42.37 -29.35
CA LYS E 289 40.49 -43.79 -29.38
C LYS E 289 41.81 -44.01 -30.13
N ARG E 290 42.46 -45.15 -29.83
CA ARG E 290 43.70 -45.52 -30.52
C ARG E 290 43.51 -45.65 -32.03
N THR E 291 42.45 -46.36 -32.44
CA THR E 291 42.18 -46.66 -33.84
C THR E 291 41.97 -45.41 -34.69
N GLU E 292 41.81 -44.21 -34.10
CA GLU E 292 41.83 -43.00 -34.91
C GLU E 292 43.21 -42.75 -35.53
N TRP E 293 44.24 -43.40 -35.02
CA TRP E 293 45.61 -43.13 -35.43
C TRP E 293 46.29 -44.32 -36.02
N PHE E 294 46.02 -45.53 -35.52
CA PHE E 294 46.75 -46.71 -35.94
C PHE E 294 45.89 -47.94 -35.63
N ASP E 295 45.84 -48.87 -36.57
CA ASP E 295 44.80 -49.88 -36.61
C ASP E 295 45.33 -51.30 -36.44
N GLY E 296 46.61 -51.46 -36.09
CA GLY E 296 47.32 -52.72 -36.33
C GLY E 296 48.35 -53.09 -35.30
N ASP E 297 49.45 -53.70 -35.77
CA ASP E 297 50.34 -54.52 -34.99
C ASP E 297 51.18 -53.69 -34.02
N GLY E 298 50.90 -53.81 -32.73
CA GLY E 298 51.84 -53.42 -31.71
C GLY E 298 52.04 -51.93 -31.61
N PRO E 299 53.26 -51.52 -31.25
CA PRO E 299 53.53 -50.11 -30.95
C PRO E 299 53.23 -49.21 -32.13
N MET E 300 53.18 -47.92 -31.84
CA MET E 300 52.67 -46.94 -32.80
C MET E 300 53.80 -46.39 -33.66
N PRO E 301 53.62 -46.32 -34.98
CA PRO E 301 54.67 -45.77 -35.85
C PRO E 301 54.85 -44.28 -35.61
N ALA E 302 56.04 -43.78 -35.95
CA ALA E 302 56.34 -42.38 -35.77
C ALA E 302 55.43 -41.50 -36.63
N GLU E 303 55.13 -41.95 -37.85
CA GLU E 303 54.22 -41.21 -38.71
C GLU E 303 52.87 -41.04 -38.02
N ALA E 304 52.40 -42.08 -37.34
CA ALA E 304 51.17 -41.99 -36.56
C ALA E 304 51.30 -40.99 -35.41
N ILE E 305 52.44 -40.98 -34.73
CA ILE E 305 52.62 -40.08 -33.61
C ILE E 305 52.60 -38.63 -34.07
N GLU E 306 53.16 -38.36 -35.25
CA GLU E 306 53.09 -37.01 -35.79
C GLU E 306 51.66 -36.62 -36.13
N ARG E 307 50.84 -37.59 -36.56
CA ARG E 307 49.46 -37.27 -36.91
C ARG E 307 48.67 -36.87 -35.66
N MET E 308 48.82 -37.63 -34.56
CA MET E 308 48.26 -37.20 -33.28
C MET E 308 48.68 -35.78 -32.97
N LYS E 309 50.00 -35.52 -32.99
CA LYS E 309 50.51 -34.19 -32.65
C LYS E 309 49.89 -33.10 -33.51
N LYS E 310 49.83 -33.31 -34.84
CA LYS E 310 49.33 -32.25 -35.73
C LYS E 310 47.83 -32.09 -35.61
N ASP E 311 47.09 -33.20 -35.60
CA ASP E 311 45.63 -33.13 -35.53
C ASP E 311 45.18 -32.43 -34.25
N LEU E 312 45.73 -32.84 -33.09
CA LEU E 312 45.38 -32.27 -31.79
C LEU E 312 46.10 -30.95 -31.51
N ASP E 313 47.00 -30.52 -32.40
CA ASP E 313 47.81 -29.32 -32.19
C ASP E 313 48.57 -29.40 -30.84
N LEU E 314 49.11 -30.58 -30.54
CA LEU E 314 49.90 -30.77 -29.33
C LEU E 314 51.32 -31.18 -29.70
N GLY E 315 52.22 -31.06 -28.73
CA GLY E 315 53.57 -31.55 -28.85
C GLY E 315 53.74 -32.95 -28.25
N PHE E 316 54.97 -33.46 -28.32
CA PHE E 316 55.23 -34.74 -27.66
C PHE E 316 55.09 -34.60 -26.15
N TRP E 317 55.63 -33.54 -25.58
CA TRP E 317 55.49 -33.23 -24.16
C TRP E 317 54.63 -31.99 -24.00
N ASN E 318 53.66 -32.05 -23.07
CA ASN E 318 52.70 -30.97 -22.85
C ASN E 318 52.66 -30.58 -21.39
N PHE E 319 53.01 -29.31 -21.13
CA PHE E 319 53.20 -28.74 -19.79
C PHE E 319 51.94 -27.95 -19.42
N TYR E 320 51.27 -28.33 -18.35
CA TYR E 320 50.06 -27.67 -17.89
C TYR E 320 50.31 -27.02 -16.53
N GLY E 321 49.93 -25.76 -16.43
CA GLY E 321 50.06 -25.04 -15.17
C GLY E 321 48.91 -24.07 -14.99
N THR E 322 48.86 -23.50 -13.78
CA THR E 322 47.84 -22.52 -13.41
C THR E 322 48.47 -21.47 -12.48
N LEU E 323 48.12 -20.21 -12.71
CA LEU E 323 48.58 -19.08 -11.91
C LEU E 323 47.43 -18.50 -11.08
N TYR E 324 47.77 -17.93 -9.91
CA TYR E 324 46.78 -17.43 -8.97
C TYR E 324 47.17 -16.06 -8.43
N GLY E 325 46.20 -15.16 -8.31
CA GLY E 325 46.40 -13.89 -7.65
C GLY E 325 45.90 -12.73 -8.47
N PRO E 326 46.16 -11.50 -8.02
CA PRO E 326 45.69 -10.32 -8.77
C PRO E 326 46.19 -10.39 -10.20
N PRO E 327 45.36 -9.99 -11.16
CA PRO E 327 45.74 -10.07 -12.59
C PRO E 327 47.16 -9.59 -12.86
N PRO E 328 47.62 -8.48 -12.26
CA PRO E 328 49.01 -8.07 -12.54
C PRO E 328 50.05 -9.09 -12.14
N LEU E 329 49.86 -9.79 -11.02
CA LEU E 329 50.80 -10.85 -10.66
C LEU E 329 50.73 -12.01 -11.66
N ILE E 330 49.53 -12.32 -12.14
CA ILE E 330 49.39 -13.41 -13.11
C ILE E 330 50.15 -13.08 -14.39
N GLU E 331 50.02 -11.84 -14.87
CA GLU E 331 50.74 -11.41 -16.08
C GLU E 331 52.25 -11.50 -15.89
N MET E 332 52.76 -10.97 -14.78
CA MET E 332 54.20 -11.02 -14.55
C MET E 332 54.72 -12.45 -14.53
N TYR E 333 54.05 -13.32 -13.76
CA TYR E 333 54.51 -14.71 -13.68
C TYR E 333 54.41 -15.41 -15.03
N TYR E 334 53.34 -15.18 -15.78
CA TYR E 334 53.25 -15.79 -17.10
C TYR E 334 54.33 -15.26 -18.04
N GLY E 335 54.72 -13.98 -17.90
CA GLY E 335 55.82 -13.48 -18.70
C GLY E 335 57.14 -14.15 -18.38
N MET E 336 57.42 -14.38 -17.09
CA MET E 336 58.65 -15.09 -16.71
C MET E 336 58.66 -16.49 -17.28
N ILE E 337 57.51 -17.15 -17.32
CA ILE E 337 57.41 -18.52 -17.82
C ILE E 337 57.65 -18.56 -19.33
N LYS E 338 57.02 -17.65 -20.08
CA LYS E 338 57.21 -17.62 -21.53
C LYS E 338 58.65 -17.31 -21.89
N GLU E 339 59.30 -16.41 -21.15
CA GLU E 339 60.70 -16.08 -21.41
C GLU E 339 61.63 -17.26 -21.16
N ALA E 340 61.34 -18.04 -20.11
CA ALA E 340 62.21 -19.12 -19.71
C ALA E 340 62.05 -20.34 -20.61
N PHE E 341 60.83 -20.82 -20.77
CA PHE E 341 60.62 -22.01 -21.60
C PHE E 341 60.72 -21.70 -23.10
N GLY E 342 60.69 -20.42 -23.48
CA GLY E 342 60.94 -20.03 -24.85
C GLY E 342 62.34 -20.34 -25.35
N LYS E 343 63.28 -20.65 -24.45
CA LYS E 343 64.62 -21.05 -24.86
C LYS E 343 64.65 -22.45 -25.46
N ILE E 344 63.53 -23.16 -25.49
CA ILE E 344 63.46 -24.49 -26.07
C ILE E 344 62.85 -24.35 -27.47
N PRO E 345 63.62 -24.54 -28.53
CA PRO E 345 63.07 -24.34 -29.88
C PRO E 345 61.86 -25.25 -30.12
N GLY E 346 60.81 -24.68 -30.73
CA GLY E 346 59.58 -25.40 -30.97
C GLY E 346 58.51 -25.25 -29.90
N ALA E 347 58.81 -24.62 -28.77
CA ALA E 347 57.82 -24.46 -27.71
C ALA E 347 56.74 -23.49 -28.15
N ARG E 348 55.49 -23.80 -27.82
CA ARG E 348 54.36 -22.92 -28.14
C ARG E 348 53.54 -22.72 -26.87
N PHE E 349 52.78 -21.63 -26.81
CA PHE E 349 52.17 -21.14 -25.57
C PHE E 349 50.69 -20.83 -25.76
N PHE E 350 49.88 -21.17 -24.75
CA PHE E 350 48.42 -21.00 -24.81
C PHE E 350 47.87 -20.77 -23.40
N THR E 351 47.14 -19.68 -23.22
CA THR E 351 46.26 -19.60 -22.06
C THR E 351 44.97 -20.35 -22.34
N HIS E 352 44.18 -20.58 -21.29
CA HIS E 352 42.96 -21.39 -21.42
C HIS E 352 41.89 -20.68 -22.26
N GLU E 353 42.02 -19.38 -22.46
CA GLU E 353 41.11 -18.66 -23.35
C GLU E 353 41.49 -18.76 -24.81
N GLU E 354 42.59 -19.46 -25.15
CA GLU E 354 43.15 -19.45 -26.49
C GLU E 354 42.96 -20.73 -27.30
N ARG E 355 42.21 -21.73 -26.80
CA ARG E 355 42.07 -23.00 -27.52
C ARG E 355 40.70 -23.61 -27.30
N ASP E 356 39.86 -23.64 -28.34
CA ASP E 356 38.54 -24.25 -28.22
C ASP E 356 38.41 -25.55 -29.00
N ASP E 357 39.51 -26.10 -29.48
CA ASP E 357 39.53 -27.34 -30.25
C ASP E 357 39.56 -28.57 -29.34
N ARG E 358 39.51 -29.73 -29.98
CA ARG E 358 39.57 -31.00 -29.25
C ARG E 358 40.86 -31.12 -28.44
N GLY E 359 41.98 -30.72 -29.01
CA GLY E 359 43.26 -30.87 -28.34
C GLY E 359 43.40 -30.04 -27.09
N GLY E 360 42.67 -28.92 -27.02
CA GLY E 360 42.61 -28.08 -25.86
C GLY E 360 41.68 -28.58 -24.78
N HIS E 361 40.98 -29.70 -25.02
CA HIS E 361 40.01 -30.17 -24.02
C HIS E 361 40.70 -30.56 -22.73
N VAL E 362 41.95 -31.03 -22.81
CA VAL E 362 42.72 -31.39 -21.63
C VAL E 362 43.13 -30.15 -20.86
N LEU E 363 43.51 -29.10 -21.58
CA LEU E 363 43.79 -27.82 -20.93
C LEU E 363 42.57 -27.31 -20.18
N GLN E 364 41.37 -27.42 -20.78
CA GLN E 364 40.17 -26.96 -20.08
C GLN E 364 39.94 -27.78 -18.83
N ASP E 365 40.22 -29.08 -18.88
CA ASP E 365 40.01 -29.93 -17.70
C ASP E 365 41.02 -29.60 -16.62
N ARG E 366 42.28 -29.34 -17.00
CA ARG E 366 43.28 -28.96 -15.99
C ARG E 366 42.93 -27.63 -15.32
N HIS E 367 42.33 -26.71 -16.09
CA HIS E 367 41.89 -25.42 -15.54
C HIS E 367 40.79 -25.59 -14.49
N LYS E 368 39.87 -26.53 -14.71
CA LYS E 368 38.91 -26.91 -13.67
C LYS E 368 39.63 -27.49 -12.45
N ILE E 369 40.30 -28.64 -12.64
CA ILE E 369 40.96 -29.36 -11.56
C ILE E 369 41.84 -28.43 -10.76
N ASN E 370 42.64 -27.63 -11.45
CA ASN E 370 43.57 -26.74 -10.79
C ASN E 370 42.85 -25.64 -10.03
N ASN E 371 41.54 -25.48 -10.26
CA ASN E 371 40.78 -24.46 -9.57
C ASN E 371 39.79 -25.06 -8.57
N GLY E 372 40.02 -26.29 -8.13
CA GLY E 372 39.17 -26.90 -7.12
C GLY E 372 37.80 -27.28 -7.63
N ILE E 373 37.67 -27.47 -8.94
CA ILE E 373 36.40 -27.84 -9.57
C ILE E 373 36.53 -29.29 -10.03
N PRO E 374 35.88 -30.25 -9.35
CA PRO E 374 36.02 -31.66 -9.73
C PRO E 374 35.45 -31.96 -11.11
N SER E 375 35.92 -33.07 -11.67
CA SER E 375 35.70 -33.43 -13.06
C SER E 375 35.82 -34.94 -13.19
N LEU E 376 35.04 -35.50 -14.12
CA LEU E 376 35.15 -36.89 -14.50
C LEU E 376 35.56 -37.02 -15.96
N ASP E 377 36.14 -35.94 -16.52
CA ASP E 377 36.52 -35.91 -17.93
C ASP E 377 37.63 -36.89 -18.26
N GLU E 378 38.59 -37.10 -17.36
CA GLU E 378 39.68 -38.01 -17.68
C GLU E 378 39.25 -39.46 -17.76
N LEU E 379 38.02 -39.79 -17.33
CA LEU E 379 37.49 -41.12 -17.56
C LEU E 379 37.52 -41.50 -19.02
N GLN E 380 37.56 -40.51 -19.93
CA GLN E 380 37.62 -40.78 -21.35
C GLN E 380 38.91 -41.49 -21.76
N GLN E 381 40.00 -41.33 -21.00
CA GLN E 381 41.23 -42.05 -21.32
C GLN E 381 41.01 -43.56 -21.37
N LEU E 382 40.10 -44.09 -20.55
CA LEU E 382 39.82 -45.52 -20.56
C LEU E 382 39.24 -46.00 -21.90
N ASP E 383 38.69 -45.11 -22.71
CA ASP E 383 38.12 -45.51 -24.00
C ASP E 383 39.18 -45.69 -25.07
N TRP E 384 40.46 -45.40 -24.74
CA TRP E 384 41.57 -45.55 -25.66
C TRP E 384 41.52 -46.89 -26.40
N VAL E 385 41.15 -47.94 -25.69
CA VAL E 385 41.01 -49.29 -26.26
C VAL E 385 39.74 -49.90 -25.69
N PRO E 386 39.23 -50.96 -26.33
CA PRO E 386 38.03 -51.61 -25.78
C PRO E 386 38.27 -52.05 -24.34
N ASN E 387 37.19 -52.00 -23.54
CA ASN E 387 37.19 -52.43 -22.15
C ASN E 387 38.39 -51.92 -21.36
N GLY E 388 38.79 -50.68 -21.59
CA GLY E 388 40.02 -50.17 -21.03
C GLY E 388 40.08 -50.11 -19.52
N GLY E 389 41.20 -50.58 -18.97
CA GLY E 389 41.57 -50.31 -17.59
C GLY E 389 42.97 -49.70 -17.54
N HIS E 390 43.42 -49.39 -16.33
CA HIS E 390 44.76 -48.85 -16.14
C HIS E 390 45.35 -49.29 -14.80
N ILE E 391 46.66 -49.21 -14.71
CA ILE E 391 47.40 -49.47 -13.48
C ILE E 391 48.36 -48.31 -13.31
N GLY E 392 48.47 -47.79 -12.09
CA GLY E 392 49.41 -46.74 -11.82
C GLY E 392 50.77 -47.27 -11.42
N PHE E 393 51.77 -47.10 -12.27
CA PHE E 393 53.17 -47.33 -11.92
C PHE E 393 53.79 -45.94 -11.78
N VAL E 394 54.09 -45.55 -10.55
CA VAL E 394 54.45 -44.15 -10.32
C VAL E 394 55.76 -44.07 -9.53
N PRO E 395 56.91 -44.20 -10.18
CA PRO E 395 58.18 -43.99 -9.47
C PRO E 395 58.43 -42.51 -9.18
N VAL E 396 59.31 -42.26 -8.20
CA VAL E 396 59.68 -40.92 -7.79
C VAL E 396 61.03 -40.55 -8.41
N SER E 397 61.13 -39.32 -8.89
CA SER E 397 62.32 -38.85 -9.57
C SER E 397 62.76 -37.53 -8.96
N ALA E 398 64.07 -37.32 -8.86
CA ALA E 398 64.57 -35.98 -8.63
C ALA E 398 64.11 -35.05 -9.77
N PRO E 399 63.91 -33.75 -9.49
CA PRO E 399 63.55 -32.84 -10.58
C PRO E 399 64.78 -32.56 -11.41
N ASP E 400 65.14 -33.51 -12.26
CA ASP E 400 66.36 -33.41 -13.02
C ASP E 400 66.15 -33.96 -14.42
N GLY E 401 66.72 -33.26 -15.41
CA GLY E 401 66.47 -33.60 -16.80
C GLY E 401 66.94 -34.98 -17.21
N ARG E 402 68.19 -35.33 -16.88
CA ARG E 402 68.69 -36.64 -17.30
C ARG E 402 68.02 -37.75 -16.52
N GLU E 403 67.86 -37.54 -15.22
CA GLU E 403 67.16 -38.54 -14.42
C GLU E 403 65.78 -38.80 -15.01
N ALA E 404 65.04 -37.74 -15.39
CA ALA E 404 63.74 -37.93 -16.02
C ALA E 404 63.88 -38.66 -17.35
N MET E 405 64.81 -38.19 -18.19
CA MET E 405 65.11 -38.84 -19.46
C MET E 405 65.39 -40.32 -19.29
N LYS E 406 66.20 -40.70 -18.28
CA LYS E 406 66.54 -42.11 -18.09
C LYS E 406 65.33 -42.93 -17.63
N GLN E 407 64.47 -42.33 -16.78
CA GLN E 407 63.23 -43.00 -16.41
C GLN E 407 62.36 -43.22 -17.64
N PHE E 408 62.21 -42.16 -18.45
CA PHE E 408 61.40 -42.23 -19.67
C PHE E 408 61.87 -43.36 -20.58
N GLU E 409 63.19 -43.43 -20.82
CA GLU E 409 63.76 -44.45 -21.71
C GLU E 409 63.59 -45.84 -21.11
N MET E 410 63.82 -45.98 -19.80
CA MET E 410 63.67 -47.29 -19.16
C MET E 410 62.23 -47.79 -19.23
N VAL E 411 61.27 -46.90 -18.97
CA VAL E 411 59.88 -47.34 -18.96
C VAL E 411 59.38 -47.60 -20.39
N ARG E 412 59.78 -46.77 -21.36
CA ARG E 412 59.33 -47.03 -22.72
C ARG E 412 59.86 -48.35 -23.25
N ASN E 413 61.14 -48.66 -23.00
CA ASN E 413 61.73 -49.89 -23.51
C ASN E 413 60.94 -51.11 -23.04
N ARG E 414 60.54 -51.13 -21.76
CA ARG E 414 59.75 -52.24 -21.24
C ARG E 414 58.32 -52.24 -21.79
N ALA E 415 57.68 -51.08 -21.88
CA ALA E 415 56.35 -51.02 -22.47
C ALA E 415 56.35 -51.55 -23.90
N ASN E 416 57.36 -51.17 -24.71
CA ASN E 416 57.50 -51.74 -26.05
C ASN E 416 57.55 -53.26 -25.99
N GLU E 417 58.39 -53.78 -25.09
CA GLU E 417 58.61 -55.22 -24.99
C GLU E 417 57.31 -55.97 -24.65
N TYR E 418 56.49 -55.39 -23.76
CA TYR E 418 55.24 -56.01 -23.33
C TYR E 418 54.04 -55.48 -24.08
N ASN E 419 54.27 -54.82 -25.23
CA ASN E 419 53.20 -54.41 -26.15
C ASN E 419 52.16 -53.52 -25.45
N LYS E 420 52.64 -52.49 -24.79
CA LYS E 420 51.79 -51.52 -24.13
C LYS E 420 52.23 -50.13 -24.55
N ASP E 421 51.27 -49.24 -24.77
CA ASP E 421 51.64 -47.85 -24.96
C ASP E 421 52.04 -47.25 -23.62
N TYR E 422 52.78 -46.16 -23.67
CA TYR E 422 53.32 -45.55 -22.46
C TYR E 422 52.79 -44.12 -22.37
N MET E 423 51.78 -43.91 -21.52
CA MET E 423 51.27 -42.58 -21.22
C MET E 423 51.96 -42.07 -19.95
N ALA E 424 52.42 -40.83 -19.99
CA ALA E 424 53.24 -40.26 -18.92
C ALA E 424 52.65 -38.95 -18.43
N GLN E 425 52.73 -38.73 -17.11
CA GLN E 425 52.34 -37.46 -16.48
C GLN E 425 53.30 -37.23 -15.31
N PHE E 426 54.32 -36.39 -15.55
CA PHE E 426 55.17 -35.94 -14.44
C PHE E 426 54.39 -34.93 -13.59
N VAL E 427 54.30 -35.20 -12.28
CA VAL E 427 53.60 -34.36 -11.31
C VAL E 427 54.67 -33.73 -10.42
N ILE E 428 54.87 -32.42 -10.51
CA ILE E 428 56.13 -31.82 -10.06
C ILE E 428 55.93 -31.04 -8.77
N GLY E 429 56.61 -31.48 -7.70
CA GLY E 429 56.60 -30.77 -6.43
C GLY E 429 57.73 -29.77 -6.31
N LEU E 430 58.00 -29.35 -5.07
CA LEU E 430 59.13 -28.43 -4.88
C LEU E 430 60.46 -29.11 -5.18
N ARG E 431 60.63 -30.37 -4.75
CA ARG E 431 61.94 -30.99 -4.76
C ARG E 431 61.92 -32.41 -5.31
N GLU E 432 60.82 -32.85 -5.89
CA GLU E 432 60.69 -34.21 -6.39
C GLU E 432 59.63 -34.22 -7.49
N MET E 433 59.53 -35.35 -8.18
CA MET E 433 58.48 -35.52 -9.18
C MET E 433 57.91 -36.91 -9.07
N TYR E 434 56.59 -37.02 -9.24
CA TYR E 434 55.92 -38.31 -9.45
C TYR E 434 55.87 -38.54 -10.95
N HIS E 435 56.64 -39.53 -11.42
CA HIS E 435 56.58 -40.01 -12.80
C HIS E 435 55.43 -41.00 -12.90
N VAL E 436 54.21 -40.48 -13.05
CA VAL E 436 53.03 -41.32 -13.24
C VAL E 436 53.09 -41.96 -14.62
N CYS E 437 53.09 -43.29 -14.65
CA CYS E 437 53.01 -44.09 -15.88
C CYS E 437 51.70 -44.87 -15.84
N LEU E 438 50.72 -44.48 -16.65
CA LEU E 438 49.46 -45.22 -16.75
C LEU E 438 49.54 -46.19 -17.92
N PHE E 439 49.30 -47.47 -17.65
CA PHE E 439 49.29 -48.46 -18.72
C PHE E 439 47.84 -48.85 -18.94
N ILE E 440 47.26 -48.36 -20.05
CA ILE E 440 45.90 -48.66 -20.43
C ILE E 440 45.88 -49.93 -21.27
N TYR E 441 44.93 -50.82 -20.96
CA TYR E 441 44.92 -52.14 -21.56
C TYR E 441 43.49 -52.70 -21.54
N ASP E 442 43.29 -53.71 -22.39
CA ASP E 442 42.02 -54.45 -22.48
C ASP E 442 41.85 -55.32 -21.23
N THR E 443 40.91 -54.95 -20.36
CA THR E 443 40.70 -55.71 -19.13
C THR E 443 40.07 -57.07 -19.39
N ALA E 444 39.34 -57.24 -20.49
CA ALA E 444 38.71 -58.51 -20.84
C ALA E 444 39.66 -59.48 -21.54
N ASP E 445 40.94 -59.12 -21.69
CA ASP E 445 41.95 -59.95 -22.36
C ASP E 445 42.92 -60.50 -21.31
N PRO E 446 42.78 -61.75 -20.87
CA PRO E 446 43.67 -62.29 -19.82
C PRO E 446 45.17 -62.11 -20.06
N GLU E 447 45.62 -62.16 -21.32
CA GLU E 447 47.05 -62.05 -21.57
C GLU E 447 47.52 -60.60 -21.53
N ALA E 448 46.64 -59.66 -21.87
CA ALA E 448 46.94 -58.27 -21.56
C ALA E 448 47.12 -58.10 -20.05
N ARG E 449 46.18 -58.62 -19.26
CA ARG E 449 46.27 -58.58 -17.79
C ARG E 449 47.54 -59.23 -17.26
N GLU E 450 47.95 -60.36 -17.83
CA GLU E 450 49.18 -60.97 -17.35
C GLU E 450 50.42 -60.24 -17.86
N GLU E 451 50.34 -59.61 -19.04
CA GLU E 451 51.42 -58.75 -19.49
C GLU E 451 51.62 -57.58 -18.55
N ILE E 452 50.51 -56.97 -18.10
CA ILE E 452 50.60 -55.86 -17.15
C ILE E 452 51.27 -56.32 -15.87
N LEU E 453 50.82 -57.45 -15.32
CA LEU E 453 51.40 -57.99 -14.10
C LEU E 453 52.90 -58.25 -14.25
N GLN E 454 53.31 -58.83 -15.37
CA GLN E 454 54.72 -59.19 -15.50
C GLN E 454 55.59 -57.98 -15.79
N MET E 455 55.06 -57.03 -16.56
CA MET E 455 55.86 -55.87 -16.92
C MET E 455 56.11 -55.00 -15.71
N THR E 456 55.05 -54.73 -14.92
CA THR E 456 55.21 -53.87 -13.76
C THR E 456 56.06 -54.52 -12.69
N LYS E 457 56.03 -55.86 -12.56
CA LYS E 457 56.93 -56.55 -11.64
C LYS E 457 58.36 -56.33 -12.06
N VAL E 458 58.63 -56.48 -13.35
CA VAL E 458 59.96 -56.17 -13.88
C VAL E 458 60.32 -54.70 -13.64
N LEU E 459 59.41 -53.78 -13.99
CA LEU E 459 59.73 -52.35 -13.82
C LEU E 459 60.05 -52.00 -12.37
N VAL E 460 59.31 -52.58 -11.41
CA VAL E 460 59.58 -52.32 -10.00
C VAL E 460 61.00 -52.77 -9.64
N ARG E 461 61.41 -53.96 -10.09
CA ARG E 461 62.76 -54.44 -9.82
C ARG E 461 63.81 -53.56 -10.51
N GLU E 462 63.51 -53.13 -11.73
CA GLU E 462 64.49 -52.39 -12.53
C GLU E 462 64.59 -50.93 -12.08
N ALA E 463 63.47 -50.31 -11.73
CA ALA E 463 63.52 -48.98 -11.14
C ALA E 463 64.33 -49.00 -9.84
N ALA E 464 64.10 -50.01 -9.02
CA ALA E 464 64.80 -50.12 -7.75
C ALA E 464 66.30 -50.26 -7.97
N GLU E 465 66.71 -51.08 -8.94
CA GLU E 465 68.12 -51.24 -9.27
C GLU E 465 68.78 -49.91 -9.64
N ALA E 466 68.04 -49.03 -10.30
CA ALA E 466 68.59 -47.74 -10.71
C ALA E 466 68.50 -46.69 -9.60
N GLY E 467 67.89 -47.04 -8.47
CA GLY E 467 67.77 -46.14 -7.33
C GLY E 467 66.42 -45.49 -7.14
N TYR E 468 65.36 -45.99 -7.79
CA TYR E 468 64.05 -45.36 -7.80
C TYR E 468 63.02 -46.24 -7.09
N GLY E 469 62.17 -45.62 -6.27
CA GLY E 469 61.04 -46.30 -5.68
C GLY E 469 59.71 -45.64 -6.00
N GLU E 470 58.64 -46.39 -5.78
CA GLU E 470 57.27 -45.93 -6.06
C GLU E 470 56.65 -45.31 -4.81
N TYR E 471 55.92 -44.22 -4.99
CA TYR E 471 55.28 -43.58 -3.86
C TYR E 471 54.01 -44.29 -3.40
N ARG E 472 53.54 -45.28 -4.17
CA ARG E 472 52.19 -45.85 -4.04
C ARG E 472 51.98 -46.92 -5.12
N THR E 473 51.23 -47.99 -4.86
CA THR E 473 51.16 -49.08 -5.83
C THR E 473 49.90 -49.91 -5.62
N HIS E 474 49.70 -50.88 -6.49
CA HIS E 474 48.50 -51.70 -6.57
C HIS E 474 48.66 -52.97 -5.72
N ASN E 475 47.52 -53.53 -5.27
CA ASN E 475 47.52 -54.79 -4.50
C ASN E 475 48.56 -55.79 -4.99
N ALA E 476 48.57 -56.04 -6.30
CA ALA E 476 49.40 -57.07 -6.92
C ALA E 476 50.90 -56.80 -6.82
N LEU E 477 51.31 -55.59 -6.42
CA LEU E 477 52.73 -55.22 -6.37
C LEU E 477 53.21 -54.79 -4.98
N MET E 478 52.34 -54.88 -3.96
CA MET E 478 52.66 -54.30 -2.65
C MET E 478 53.82 -55.01 -1.97
N ASP E 479 53.88 -56.34 -2.06
CA ASP E 479 55.04 -57.07 -1.55
C ASP E 479 56.31 -56.71 -2.31
N ASP E 480 56.26 -56.64 -3.65
CA ASP E 480 57.47 -56.37 -4.41
C ASP E 480 58.00 -54.97 -4.14
N VAL E 481 57.10 -53.99 -4.06
CA VAL E 481 57.53 -52.61 -3.84
C VAL E 481 58.13 -52.46 -2.45
N MET E 482 57.42 -53.00 -1.44
CA MET E 482 57.90 -52.94 -0.06
C MET E 482 59.24 -53.64 0.07
N ALA E 483 59.46 -54.74 -0.68
CA ALA E 483 60.78 -55.41 -0.68
C ALA E 483 61.89 -54.54 -1.25
N THR E 484 61.57 -53.51 -2.04
CA THR E 484 62.61 -52.59 -2.52
C THR E 484 63.11 -51.65 -1.43
N PHE E 485 62.30 -51.36 -0.40
CA PHE E 485 62.70 -50.42 0.67
C PHE E 485 63.38 -51.17 1.80
N ASN E 486 64.36 -51.97 1.44
CA ASN E 486 64.94 -52.93 2.35
C ASN E 486 66.33 -52.52 2.85
N TRP E 487 66.59 -51.21 2.96
CA TRP E 487 67.83 -50.79 3.61
C TRP E 487 67.93 -51.44 4.97
N GLY E 488 69.14 -51.84 5.34
CA GLY E 488 69.42 -52.42 6.65
C GLY E 488 68.86 -53.81 6.85
N ASP E 489 68.89 -54.65 5.80
CA ASP E 489 68.27 -55.97 5.83
C ASP E 489 66.78 -55.89 6.17
N GLY E 490 66.08 -54.93 5.54
CA GLY E 490 64.64 -54.88 5.64
C GLY E 490 64.14 -54.25 6.93
N ALA E 491 64.92 -53.34 7.49
CA ALA E 491 64.62 -52.80 8.80
C ALA E 491 63.27 -52.07 8.81
N LEU E 492 62.94 -51.31 7.76
CA LEU E 492 61.67 -50.58 7.72
C LEU E 492 60.47 -51.52 7.90
N LEU E 493 60.44 -52.61 7.13
CA LEU E 493 59.35 -53.59 7.25
C LEU E 493 59.30 -54.21 8.65
N LYS E 494 60.46 -54.43 9.28
CA LYS E 494 60.45 -55.05 10.60
C LYS E 494 59.81 -54.13 11.63
N PHE E 495 60.18 -52.86 11.60
CA PHE E 495 59.52 -51.83 12.39
C PHE E 495 58.01 -51.92 12.24
N HIS E 496 57.52 -51.95 11.01
CA HIS E 496 56.10 -51.88 10.74
C HIS E 496 55.39 -53.13 11.23
N GLU E 497 56.01 -54.30 11.03
CA GLU E 497 55.45 -55.56 11.50
C GLU E 497 55.26 -55.55 13.02
N LYS E 498 56.30 -55.11 13.75
CA LYS E 498 56.22 -55.05 15.22
C LYS E 498 55.11 -54.14 15.70
N ILE E 499 54.93 -52.98 15.05
CA ILE E 499 53.82 -52.10 15.43
C ILE E 499 52.49 -52.74 15.07
N LYS E 500 52.39 -53.28 13.86
CA LYS E 500 51.19 -53.97 13.43
C LYS E 500 50.79 -55.09 14.40
N ASP E 501 51.75 -55.91 14.83
CA ASP E 501 51.41 -57.04 15.70
C ASP E 501 51.02 -56.58 17.11
N ALA E 502 51.58 -55.46 17.56
CA ALA E 502 51.26 -54.93 18.88
C ALA E 502 49.85 -54.35 18.89
N LEU E 503 49.45 -53.67 17.82
CA LEU E 503 48.11 -53.09 17.74
C LEU E 503 47.05 -54.07 17.23
N ASP E 504 47.45 -55.12 16.54
CA ASP E 504 46.50 -56.02 15.88
C ASP E 504 46.85 -57.48 16.15
N PRO E 505 46.89 -57.88 17.43
CA PRO E 505 47.33 -59.25 17.78
C PRO E 505 46.54 -60.33 17.07
N ASN E 506 45.33 -60.03 16.66
CA ASN E 506 44.52 -61.02 15.97
C ASN E 506 44.66 -60.98 14.46
N GLY E 507 45.41 -60.04 13.90
CA GLY E 507 45.65 -60.03 12.47
C GLY E 507 44.40 -59.77 11.65
N ILE E 508 43.72 -58.66 11.94
CA ILE E 508 42.37 -58.42 11.45
C ILE E 508 42.35 -57.42 10.29
N ILE E 509 43.09 -56.32 10.43
CA ILE E 509 42.92 -55.16 9.55
C ILE E 509 43.84 -55.25 8.33
N ALA E 510 43.23 -55.27 7.13
CA ALA E 510 43.83 -55.24 5.80
C ALA E 510 45.19 -55.92 5.74
N PRO E 511 45.25 -57.22 6.03
CA PRO E 511 46.55 -57.92 6.01
C PRO E 511 47.18 -57.81 4.63
N GLY E 512 48.46 -57.45 4.61
CA GLY E 512 49.26 -57.33 3.41
C GLY E 512 49.23 -55.98 2.74
N LYS E 513 48.46 -55.02 3.28
CA LYS E 513 48.50 -53.66 2.76
C LYS E 513 49.91 -53.10 2.93
N SER E 514 50.43 -52.50 1.87
CA SER E 514 51.80 -51.96 1.81
C SER E 514 52.86 -53.02 2.11
N GLY E 515 52.55 -54.31 1.96
CA GLY E 515 53.50 -55.37 2.27
C GLY E 515 53.54 -55.77 3.74
N ILE E 516 52.63 -55.27 4.57
CA ILE E 516 52.68 -55.47 6.01
C ILE E 516 51.72 -56.60 6.37
N TRP E 517 52.26 -57.76 6.79
CA TRP E 517 51.41 -58.87 7.20
C TRP E 517 51.52 -59.13 8.69
N PRO E 518 50.40 -59.40 9.39
CA PRO E 518 50.48 -59.84 10.78
C PRO E 518 51.04 -61.26 10.87
N GLN E 519 51.48 -61.61 12.08
CA GLN E 519 52.24 -62.83 12.30
C GLN E 519 51.53 -64.06 11.76
N ARG E 520 50.19 -64.11 11.87
CA ARG E 520 49.45 -65.34 11.60
C ARG E 520 49.36 -65.66 10.11
N PHE E 521 49.75 -64.74 9.24
CA PHE E 521 49.76 -64.95 7.80
C PHE E 521 51.17 -65.03 7.24
N ARG E 522 52.18 -64.65 8.01
CA ARG E 522 53.52 -64.47 7.46
C ARG E 522 54.15 -65.82 7.12
N GLY E 523 54.72 -65.91 5.92
CA GLY E 523 55.30 -67.14 5.41
C GLY E 523 54.49 -67.78 4.29
N GLN E 524 53.17 -67.69 4.42
CA GLN E 524 52.29 -68.32 3.45
C GLN E 524 52.40 -67.59 2.11
N ASN E 525 51.82 -68.20 1.08
CA ASN E 525 51.85 -67.48 -0.20
C ASN E 525 51.05 -66.23 0.03
N LEU E 526 49.75 -66.36 0.29
CA LEU E 526 49.00 -65.19 0.63
C LEU E 526 47.99 -65.27 1.77
N THR F 2 -35.99 -45.79 25.78
CA THR F 2 -35.86 -47.17 25.37
C THR F 2 -35.58 -47.34 23.88
N ARG F 3 -35.40 -48.61 23.49
CA ARG F 3 -35.40 -49.03 22.11
C ARG F 3 -36.83 -49.25 21.65
N THR F 4 -37.18 -48.76 20.46
CA THR F 4 -38.49 -49.05 19.89
C THR F 4 -38.41 -50.30 19.02
N LEU F 5 -39.37 -51.20 19.21
CA LEU F 5 -39.33 -52.52 18.62
C LEU F 5 -40.62 -52.79 17.86
N PRO F 6 -40.55 -53.57 16.78
CA PRO F 6 -41.77 -53.95 16.06
C PRO F 6 -42.70 -54.74 16.98
N PRO F 7 -44.02 -54.60 16.83
CA PRO F 7 -44.94 -55.36 17.67
C PRO F 7 -44.67 -56.85 17.62
N GLY F 8 -44.64 -57.48 18.80
CA GLY F 8 -44.44 -58.91 18.92
C GLY F 8 -43.07 -59.42 18.56
N VAL F 9 -42.12 -58.55 18.27
CA VAL F 9 -40.79 -58.95 17.82
C VAL F 9 -39.80 -58.67 18.93
N SER F 10 -39.03 -59.69 19.30
CA SER F 10 -38.13 -59.61 20.43
C SER F 10 -36.87 -58.84 20.04
N ASP F 11 -36.15 -58.41 21.08
CA ASP F 11 -34.80 -57.88 20.89
C ASP F 11 -33.93 -58.76 20.00
N GLU F 12 -34.03 -60.09 20.13
CA GLU F 12 -33.10 -60.91 19.38
C GLU F 12 -33.53 -61.09 17.94
N ARG F 13 -34.83 -61.37 17.69
CA ARG F 13 -35.28 -61.50 16.29
C ARG F 13 -35.01 -60.26 15.52
N PHE F 14 -35.12 -59.10 16.16
CA PHE F 14 -34.89 -57.81 15.51
C PHE F 14 -33.41 -57.51 15.31
N ASP F 15 -32.53 -57.85 16.26
CA ASP F 15 -31.10 -57.79 16.04
C ASP F 15 -30.69 -58.59 14.81
N ALA F 16 -31.21 -59.83 14.71
CA ALA F 16 -30.94 -60.67 13.54
C ALA F 16 -31.53 -60.10 12.26
N ALA F 17 -32.69 -59.44 12.36
CA ALA F 17 -33.29 -58.80 11.21
C ALA F 17 -32.44 -57.64 10.70
N LEU F 18 -32.06 -56.72 11.61
CA LEU F 18 -31.22 -55.59 11.27
C LEU F 18 -29.92 -56.00 10.58
N GLN F 19 -29.42 -57.19 10.89
CA GLN F 19 -28.19 -57.67 10.25
C GLN F 19 -28.45 -58.19 8.84
N ARG F 20 -29.61 -58.82 8.61
CA ARG F 20 -30.00 -59.17 7.25
C ARG F 20 -30.21 -57.91 6.41
N PHE F 21 -30.76 -56.83 7.01
CA PHE F 21 -30.90 -55.58 6.27
C PHE F 21 -29.53 -55.05 5.86
N ARG F 22 -28.56 -55.08 6.78
CA ARG F 22 -27.22 -54.60 6.49
C ARG F 22 -26.56 -55.42 5.39
N ASP F 23 -26.85 -56.73 5.35
CA ASP F 23 -26.33 -57.58 4.28
C ASP F 23 -26.83 -57.10 2.93
N VAL F 24 -28.07 -56.60 2.88
CA VAL F 24 -28.65 -56.20 1.60
C VAL F 24 -28.13 -54.85 1.18
N VAL F 25 -28.20 -53.86 2.08
CA VAL F 25 -27.97 -52.47 1.70
C VAL F 25 -26.61 -51.93 2.14
N GLY F 26 -25.87 -52.63 3.00
CA GLY F 26 -24.65 -52.07 3.53
C GLY F 26 -24.82 -51.47 4.90
N ASP F 27 -23.85 -51.65 5.80
CA ASP F 27 -24.06 -51.23 7.19
C ASP F 27 -24.23 -49.73 7.36
N LYS F 28 -23.67 -48.92 6.44
CA LYS F 28 -23.80 -47.46 6.50
C LYS F 28 -25.24 -47.04 6.43
N TRP F 29 -26.06 -47.85 5.80
CA TRP F 29 -27.36 -47.44 5.33
C TRP F 29 -28.48 -48.08 6.15
N VAL F 30 -28.18 -48.47 7.38
CA VAL F 30 -29.16 -49.03 8.32
C VAL F 30 -28.97 -48.31 9.65
N LEU F 31 -29.90 -47.42 9.99
CA LEU F 31 -29.87 -46.71 11.27
C LEU F 31 -30.84 -47.38 12.24
N SER F 32 -30.46 -47.42 13.54
CA SER F 32 -31.36 -48.06 14.50
C SER F 32 -31.09 -47.72 15.95
N THR F 33 -30.52 -46.57 16.26
CA THR F 33 -30.46 -46.13 17.65
C THR F 33 -31.35 -44.90 17.85
N ALA F 34 -31.85 -44.75 19.07
CA ALA F 34 -32.81 -43.69 19.37
C ALA F 34 -32.25 -42.32 19.02
N ASP F 35 -30.99 -42.06 19.40
CA ASP F 35 -30.30 -40.86 18.93
C ASP F 35 -30.44 -40.69 17.42
N GLU F 36 -30.14 -41.76 16.67
CA GLU F 36 -30.11 -41.66 15.21
C GLU F 36 -31.50 -41.45 14.63
N LEU F 37 -32.52 -42.10 15.21
CA LEU F 37 -33.88 -42.06 14.69
C LEU F 37 -34.64 -40.79 15.08
N GLU F 38 -34.06 -39.95 15.95
CA GLU F 38 -34.62 -38.63 16.25
C GLU F 38 -34.96 -37.86 14.98
N ALA F 39 -34.07 -37.91 13.99
CA ALA F 39 -34.25 -37.06 12.83
C ALA F 39 -35.38 -37.54 11.93
N PHE F 40 -35.91 -38.73 12.21
CA PHE F 40 -36.97 -39.30 11.39
C PHE F 40 -38.31 -39.32 12.10
N ARG F 41 -38.35 -38.92 13.37
CA ARG F 41 -39.63 -38.67 14.02
C ARG F 41 -40.34 -37.50 13.33
N ASP F 42 -41.64 -37.42 13.53
CA ASP F 42 -42.44 -36.35 12.98
C ASP F 42 -41.89 -35.01 13.48
N PRO F 43 -41.49 -34.09 12.58
CA PRO F 43 -40.99 -32.79 13.03
C PRO F 43 -42.07 -31.85 13.48
N TYR F 44 -43.33 -32.12 13.13
CA TYR F 44 -44.49 -31.33 13.56
C TYR F 44 -45.37 -32.25 14.39
N PRO F 45 -44.90 -32.66 15.57
CA PRO F 45 -45.60 -33.72 16.31
C PRO F 45 -46.94 -33.21 16.82
N VAL F 46 -47.92 -34.12 16.84
CA VAL F 46 -49.30 -33.81 17.20
C VAL F 46 -49.69 -34.67 18.38
N GLY F 47 -50.22 -34.03 19.42
CA GLY F 47 -50.56 -34.73 20.65
C GLY F 47 -49.46 -34.63 21.68
N ALA F 48 -49.85 -34.69 22.95
CA ALA F 48 -48.86 -34.61 24.01
C ALA F 48 -47.99 -35.86 24.03
N ALA F 49 -48.61 -37.04 23.94
CA ALA F 49 -47.88 -38.30 24.09
C ALA F 49 -46.97 -38.55 22.88
N GLU F 50 -45.90 -39.31 23.11
CA GLU F 50 -45.08 -39.80 22.00
C GLU F 50 -45.93 -40.67 21.10
N ALA F 51 -45.61 -40.67 19.81
CA ALA F 51 -46.37 -41.47 18.86
C ALA F 51 -45.56 -41.64 17.59
N ASN F 52 -45.93 -42.64 16.79
CA ASN F 52 -45.42 -42.77 15.42
C ASN F 52 -43.90 -42.95 15.40
N LEU F 53 -43.41 -43.89 16.20
CA LEU F 53 -41.99 -44.04 16.44
C LEU F 53 -41.38 -45.09 15.53
N PRO F 54 -40.35 -44.78 14.77
CA PRO F 54 -39.67 -45.80 13.96
C PRO F 54 -38.71 -46.67 14.76
N SER F 55 -38.62 -47.93 14.33
CA SER F 55 -37.63 -48.82 14.94
C SER F 55 -36.31 -48.82 14.17
N ALA F 56 -36.29 -48.32 12.94
CA ALA F 56 -35.09 -48.30 12.10
C ALA F 56 -35.39 -47.56 10.80
N VAL F 57 -34.30 -47.22 10.08
CA VAL F 57 -34.34 -46.69 8.71
C VAL F 57 -33.41 -47.52 7.85
N VAL F 58 -33.95 -48.10 6.78
CA VAL F 58 -33.18 -48.87 5.81
C VAL F 58 -33.21 -48.08 4.50
N SER F 59 -32.02 -47.81 3.94
CA SER F 59 -31.89 -47.02 2.71
C SER F 59 -31.37 -47.88 1.56
N PRO F 60 -32.25 -48.37 0.68
CA PRO F 60 -31.83 -49.23 -0.43
C PRO F 60 -31.39 -48.46 -1.67
N GLU F 61 -30.57 -49.13 -2.47
CA GLU F 61 -29.94 -48.53 -3.64
C GLU F 61 -30.59 -48.93 -4.95
N SER F 62 -31.42 -49.98 -4.95
CA SER F 62 -31.93 -50.59 -6.17
C SER F 62 -33.29 -51.22 -5.88
N THR F 63 -34.04 -51.47 -6.97
CA THR F 63 -35.29 -52.22 -6.89
C THR F 63 -35.06 -53.59 -6.28
N GLU F 64 -34.00 -54.29 -6.70
CA GLU F 64 -33.69 -55.62 -6.18
C GLU F 64 -33.48 -55.60 -4.67
N GLN F 65 -32.78 -54.58 -4.15
CA GLN F 65 -32.64 -54.41 -2.71
C GLN F 65 -33.98 -54.19 -2.02
N VAL F 66 -34.87 -53.40 -2.64
CA VAL F 66 -36.21 -53.27 -2.10
C VAL F 66 -36.89 -54.63 -1.98
N GLN F 67 -36.82 -55.45 -3.04
CA GLN F 67 -37.36 -56.81 -2.97
C GLN F 67 -36.76 -57.62 -1.82
N ASP F 68 -35.45 -57.54 -1.63
CA ASP F 68 -34.79 -58.32 -0.59
C ASP F 68 -35.19 -57.81 0.80
N ILE F 69 -35.32 -56.49 0.96
CA ILE F 69 -35.78 -55.97 2.25
C ILE F 69 -37.16 -56.51 2.56
N VAL F 70 -38.05 -56.53 1.56
CA VAL F 70 -39.43 -56.97 1.77
C VAL F 70 -39.45 -58.44 2.18
N ARG F 71 -38.75 -59.29 1.42
CA ARG F 71 -38.75 -60.71 1.74
C ARG F 71 -38.25 -60.95 3.16
N ILE F 72 -37.17 -60.28 3.56
CA ILE F 72 -36.68 -60.38 4.93
C ILE F 72 -37.77 -59.95 5.92
N ALA F 73 -38.40 -58.79 5.68
CA ALA F 73 -39.45 -58.32 6.60
C ALA F 73 -40.63 -59.28 6.68
N ASN F 74 -40.96 -59.97 5.57
CA ASN F 74 -41.95 -61.03 5.64
C ASN F 74 -41.47 -62.19 6.51
N GLU F 75 -40.18 -62.53 6.45
CA GLU F 75 -39.68 -63.68 7.21
C GLU F 75 -39.71 -63.41 8.71
N TYR F 76 -39.51 -62.14 9.12
CA TYR F 76 -39.51 -61.71 10.52
C TYR F 76 -40.80 -61.03 10.95
N GLY F 77 -41.77 -60.86 10.06
CA GLY F 77 -42.96 -60.13 10.46
C GLY F 77 -42.69 -58.70 10.88
N ILE F 78 -41.73 -58.05 10.25
CA ILE F 78 -41.44 -56.63 10.51
C ILE F 78 -42.28 -55.72 9.61
N PRO F 79 -43.03 -54.75 10.16
CA PRO F 79 -43.72 -53.77 9.31
C PRO F 79 -42.77 -52.76 8.69
N LEU F 80 -43.06 -52.39 7.43
CA LEU F 80 -42.28 -51.44 6.64
C LEU F 80 -43.14 -50.24 6.26
N HIS F 81 -42.60 -49.03 6.47
CA HIS F 81 -43.24 -47.79 6.05
C HIS F 81 -42.40 -47.17 4.94
N PRO F 82 -42.78 -47.33 3.67
CA PRO F 82 -41.97 -46.78 2.57
C PRO F 82 -42.21 -45.30 2.39
N VAL F 83 -41.12 -44.57 2.23
CA VAL F 83 -41.21 -43.16 1.91
C VAL F 83 -40.30 -42.88 0.73
N SER F 84 -40.48 -41.72 0.11
CA SER F 84 -39.58 -41.26 -0.94
C SER F 84 -38.52 -40.38 -0.34
N THR F 85 -38.80 -39.07 -0.19
CA THR F 85 -37.93 -38.16 0.55
C THR F 85 -38.36 -37.99 2.01
N GLY F 86 -39.59 -38.32 2.34
CA GLY F 86 -40.05 -38.23 3.72
C GLY F 86 -40.26 -36.81 4.22
N LYS F 87 -40.72 -35.92 3.35
CA LYS F 87 -41.01 -34.54 3.74
C LYS F 87 -42.53 -34.30 3.78
N ASN F 88 -43.30 -35.31 4.22
CA ASN F 88 -44.77 -35.24 4.27
C ASN F 88 -45.17 -34.44 5.50
N ASN F 89 -44.59 -33.26 5.62
CA ASN F 89 -44.74 -32.47 6.84
C ASN F 89 -46.13 -31.87 6.91
N GLY F 90 -46.70 -31.89 8.11
CA GLY F 90 -48.09 -31.57 8.33
C GLY F 90 -48.99 -32.78 8.27
N TYR F 91 -48.49 -33.89 7.74
CA TYR F 91 -49.20 -35.15 7.67
C TYR F 91 -48.47 -36.29 8.38
N GLY F 92 -47.35 -35.99 9.05
CA GLY F 92 -46.60 -36.96 9.84
C GLY F 92 -45.09 -37.00 9.58
N GLY F 93 -44.64 -36.31 8.52
CA GLY F 93 -43.21 -36.35 8.19
C GLY F 93 -42.82 -37.64 7.51
N ALA F 94 -41.72 -38.25 7.96
CA ALA F 94 -41.35 -39.61 7.55
C ALA F 94 -41.83 -40.66 8.54
N ALA F 95 -42.46 -40.24 9.62
CA ALA F 95 -42.79 -41.14 10.71
C ALA F 95 -43.90 -42.10 10.31
N PRO F 96 -43.81 -43.36 10.72
CA PRO F 96 -44.84 -44.32 10.35
C PRO F 96 -46.09 -44.16 11.20
N ARG F 97 -47.21 -44.58 10.64
CA ARG F 97 -48.46 -44.63 11.39
C ARG F 97 -48.37 -45.61 12.55
N LEU F 98 -47.88 -46.83 12.28
CA LEU F 98 -47.70 -47.87 13.31
C LEU F 98 -46.31 -47.79 13.93
N SER F 99 -46.25 -47.52 15.23
CA SER F 99 -44.96 -47.45 15.92
C SER F 99 -44.25 -48.79 15.88
N GLY F 100 -42.93 -48.75 15.73
CA GLY F 100 -42.12 -49.95 15.58
C GLY F 100 -41.88 -50.39 14.16
N SER F 101 -42.43 -49.68 13.17
CA SER F 101 -42.18 -50.00 11.76
C SER F 101 -40.79 -49.51 11.34
N VAL F 102 -40.19 -50.22 10.38
CA VAL F 102 -38.96 -49.78 9.73
C VAL F 102 -39.30 -48.81 8.60
N ILE F 103 -38.74 -47.61 8.64
CA ILE F 103 -38.85 -46.70 7.50
C ILE F 103 -37.94 -47.17 6.38
N VAL F 104 -38.50 -47.40 5.20
CA VAL F 104 -37.70 -47.72 4.02
C VAL F 104 -37.61 -46.44 3.18
N LYS F 105 -36.51 -45.69 3.36
CA LYS F 105 -36.31 -44.42 2.66
C LYS F 105 -35.75 -44.68 1.27
N THR F 106 -36.65 -44.91 0.29
CA THR F 106 -36.21 -45.28 -1.05
C THR F 106 -35.42 -44.16 -1.71
N GLY F 107 -35.70 -42.93 -1.34
CA GLY F 107 -35.17 -41.81 -2.08
C GLY F 107 -33.80 -41.33 -1.67
N GLU F 108 -33.26 -41.85 -0.56
CA GLU F 108 -31.89 -41.47 -0.20
C GLU F 108 -30.89 -41.89 -1.28
N ARG F 109 -31.06 -43.08 -1.87
CA ARG F 109 -30.11 -43.57 -2.86
C ARG F 109 -30.72 -43.87 -4.22
N MET F 110 -32.04 -44.07 -4.29
CA MET F 110 -32.78 -44.17 -5.56
C MET F 110 -33.32 -42.78 -5.90
N ASN F 111 -32.41 -41.94 -6.38
CA ASN F 111 -32.68 -40.53 -6.64
C ASN F 111 -32.29 -40.18 -8.07
N ARG F 112 -32.45 -41.10 -9.00
CA ARG F 112 -31.94 -40.91 -10.34
C ARG F 112 -33.08 -40.61 -11.31
N ILE F 113 -32.85 -39.61 -12.15
CA ILE F 113 -33.74 -39.29 -13.26
C ILE F 113 -33.42 -40.29 -14.38
N LEU F 114 -34.39 -41.15 -14.69
CA LEU F 114 -34.13 -42.23 -15.62
C LEU F 114 -34.42 -41.85 -17.07
N GLU F 115 -35.36 -40.95 -17.30
CA GLU F 115 -35.59 -40.45 -18.64
C GLU F 115 -36.32 -39.12 -18.54
N VAL F 116 -35.93 -38.19 -19.39
CA VAL F 116 -36.76 -37.05 -19.70
C VAL F 116 -36.88 -36.99 -21.22
N ASN F 117 -38.10 -37.22 -21.72
CA ASN F 117 -38.36 -37.28 -23.15
C ASN F 117 -38.89 -35.93 -23.61
N GLU F 118 -38.06 -35.16 -24.34
CA GLU F 118 -38.45 -33.84 -24.84
C GLU F 118 -39.58 -33.94 -25.84
N LYS F 119 -39.56 -34.97 -26.69
CA LYS F 119 -40.49 -35.05 -27.81
C LYS F 119 -41.93 -35.30 -27.34
N TYR F 120 -42.14 -36.29 -26.47
CA TYR F 120 -43.48 -36.63 -26.00
C TYR F 120 -43.85 -35.96 -24.68
N GLY F 121 -42.89 -35.26 -24.05
CA GLY F 121 -43.13 -34.53 -22.82
C GLY F 121 -43.47 -35.44 -21.66
N TYR F 122 -42.47 -36.14 -21.10
CA TYR F 122 -42.64 -36.95 -19.89
C TYR F 122 -41.29 -37.17 -19.23
N ALA F 123 -41.35 -37.71 -18.02
CA ALA F 123 -40.16 -38.14 -17.32
C ALA F 123 -40.45 -39.45 -16.61
N LEU F 124 -39.39 -40.24 -16.42
CA LEU F 124 -39.44 -41.47 -15.65
C LEU F 124 -38.48 -41.27 -14.48
N LEU F 125 -38.98 -41.41 -13.27
CA LEU F 125 -38.24 -40.96 -12.10
C LEU F 125 -38.18 -42.05 -11.04
N GLU F 126 -37.09 -42.06 -10.31
CA GLU F 126 -37.00 -42.78 -9.05
C GLU F 126 -37.56 -41.94 -7.91
N PRO F 127 -37.89 -42.57 -6.78
CA PRO F 127 -38.53 -41.83 -5.67
C PRO F 127 -37.71 -40.66 -5.12
N GLY F 128 -36.39 -40.62 -5.30
CA GLY F 128 -35.52 -39.63 -4.71
C GLY F 128 -35.41 -38.31 -5.43
N VAL F 129 -35.95 -38.21 -6.65
CA VAL F 129 -35.83 -36.99 -7.45
C VAL F 129 -36.70 -35.90 -6.82
N THR F 130 -36.08 -34.85 -6.30
CA THR F 130 -36.86 -33.72 -5.79
C THR F 130 -37.36 -32.85 -6.94
N TYR F 131 -38.29 -31.94 -6.60
CA TYR F 131 -38.67 -30.91 -7.55
C TYR F 131 -37.46 -30.04 -7.91
N PHE F 132 -36.66 -29.66 -6.91
CA PHE F 132 -35.41 -28.97 -7.19
C PHE F 132 -34.54 -29.77 -8.16
N ASP F 133 -34.43 -31.09 -7.94
CA ASP F 133 -33.57 -31.91 -8.80
C ASP F 133 -34.05 -31.86 -10.25
N LEU F 134 -35.35 -32.02 -10.46
CA LEU F 134 -35.88 -32.08 -11.81
C LEU F 134 -35.77 -30.73 -12.50
N TYR F 135 -35.98 -29.66 -11.73
CA TYR F 135 -35.82 -28.32 -12.27
C TYR F 135 -34.37 -28.05 -12.69
N GLU F 136 -33.38 -28.48 -11.88
CA GLU F 136 -31.98 -28.37 -12.34
C GLU F 136 -31.77 -29.05 -13.65
N TYR F 137 -32.31 -30.26 -13.78
CA TYR F 137 -32.05 -31.03 -14.96
C TYR F 137 -32.71 -30.40 -16.18
N LEU F 138 -33.91 -29.85 -16.01
CA LEU F 138 -34.58 -29.25 -17.15
C LEU F 138 -33.89 -27.97 -17.58
N GLN F 139 -33.38 -27.20 -16.61
CA GLN F 139 -32.55 -26.04 -16.93
C GLN F 139 -31.24 -26.43 -17.60
N SER F 140 -30.57 -27.47 -17.08
CA SER F 140 -29.27 -27.86 -17.63
C SER F 140 -29.36 -28.36 -19.06
N HIS F 141 -30.50 -28.93 -19.45
CA HIS F 141 -30.63 -29.53 -20.77
C HIS F 141 -31.43 -28.63 -21.70
N ASP F 142 -31.70 -27.39 -21.30
CA ASP F 142 -32.39 -26.43 -22.18
C ASP F 142 -33.74 -26.96 -22.61
N SER F 143 -34.42 -27.66 -21.70
CA SER F 143 -35.72 -28.27 -21.99
C SER F 143 -36.75 -27.19 -22.31
N GLY F 144 -37.72 -27.55 -23.17
CA GLY F 144 -38.94 -26.79 -23.38
C GLY F 144 -40.09 -27.19 -22.47
N LEU F 145 -39.87 -28.18 -21.61
CA LEU F 145 -40.86 -28.64 -20.66
C LEU F 145 -40.76 -27.84 -19.35
N MET F 146 -41.87 -27.81 -18.61
CA MET F 146 -41.86 -27.35 -17.23
C MET F 146 -42.50 -28.41 -16.35
N LEU F 147 -42.11 -28.41 -15.09
CA LEU F 147 -42.67 -29.32 -14.09
C LEU F 147 -43.82 -28.60 -13.37
N ASP F 148 -44.40 -29.30 -12.41
CA ASP F 148 -45.51 -28.79 -11.62
C ASP F 148 -45.21 -29.12 -10.17
N CYS F 149 -44.94 -28.09 -9.35
CA CYS F 149 -44.45 -28.32 -8.00
C CYS F 149 -45.45 -27.85 -6.94
N PRO F 150 -45.48 -28.49 -5.79
CA PRO F 150 -46.24 -27.93 -4.67
C PRO F 150 -45.58 -26.68 -4.09
N ASP F 151 -46.09 -26.19 -2.97
CA ASP F 151 -45.56 -24.96 -2.38
C ASP F 151 -44.11 -25.11 -1.97
N LEU F 152 -43.68 -26.33 -1.66
CA LEU F 152 -42.33 -26.57 -1.18
C LEU F 152 -41.63 -27.55 -2.12
N GLY F 153 -40.55 -27.11 -2.72
CA GLY F 153 -39.89 -27.94 -3.70
C GLY F 153 -38.92 -29.00 -3.19
N TRP F 154 -38.81 -29.23 -1.87
CA TRP F 154 -37.82 -30.20 -1.41
C TRP F 154 -38.39 -31.60 -1.27
N GLY F 155 -39.66 -31.79 -1.60
CA GLY F 155 -40.29 -33.08 -1.59
C GLY F 155 -40.07 -33.79 -2.92
N SER F 156 -40.71 -34.95 -3.05
CA SER F 156 -40.46 -35.85 -4.17
C SER F 156 -41.58 -35.77 -5.20
N VAL F 157 -41.21 -35.70 -6.49
CA VAL F 157 -42.22 -35.85 -7.54
C VAL F 157 -43.02 -37.13 -7.31
N VAL F 158 -42.33 -38.23 -6.99
CA VAL F 158 -43.00 -39.52 -6.87
C VAL F 158 -43.80 -39.60 -5.57
N GLY F 159 -43.19 -39.22 -4.45
CA GLY F 159 -43.83 -39.35 -3.15
C GLY F 159 -45.05 -38.46 -3.01
N ASN F 160 -44.88 -37.18 -3.34
CA ASN F 160 -46.02 -36.27 -3.40
C ASN F 160 -47.16 -36.88 -4.22
N THR F 161 -46.86 -37.34 -5.44
CA THR F 161 -47.90 -37.93 -6.29
C THR F 161 -48.54 -39.13 -5.59
N LEU F 162 -47.75 -39.91 -4.84
CA LEU F 162 -48.29 -41.13 -4.26
C LEU F 162 -49.16 -40.86 -3.06
N ASP F 163 -49.09 -39.66 -2.48
CA ASP F 163 -50.09 -39.22 -1.52
C ASP F 163 -51.18 -38.39 -2.17
N ARG F 164 -51.20 -38.36 -3.53
CA ARG F 164 -52.14 -37.59 -4.35
C ARG F 164 -52.04 -36.11 -4.03
N GLY F 165 -50.81 -35.63 -3.91
CA GLY F 165 -50.56 -34.21 -3.74
C GLY F 165 -50.92 -33.44 -4.99
N VAL F 166 -50.84 -32.12 -4.90
CA VAL F 166 -51.23 -31.27 -6.02
C VAL F 166 -50.30 -30.06 -6.15
N GLY F 167 -50.19 -29.57 -7.39
CA GLY F 167 -49.51 -28.32 -7.69
C GLY F 167 -50.48 -27.32 -8.29
N TYR F 168 -49.99 -26.36 -9.05
CA TYR F 168 -50.76 -25.15 -9.35
C TYR F 168 -50.68 -24.71 -10.80
N THR F 169 -50.00 -25.47 -11.67
CA THR F 169 -49.96 -25.15 -13.10
C THR F 169 -51.14 -25.87 -13.74
N PRO F 170 -51.38 -25.72 -15.06
CA PRO F 170 -52.42 -26.53 -15.72
C PRO F 170 -52.31 -28.02 -15.46
N TYR F 171 -51.11 -28.52 -15.11
CA TYR F 171 -50.91 -29.94 -14.79
C TYR F 171 -50.93 -30.19 -13.29
N GLY F 172 -51.72 -29.44 -12.52
CA GLY F 172 -51.59 -29.48 -11.06
C GLY F 172 -52.03 -30.78 -10.41
N ASP F 173 -52.96 -31.50 -11.03
CA ASP F 173 -53.41 -32.79 -10.53
C ASP F 173 -52.30 -33.79 -10.83
N HIS F 174 -51.47 -34.10 -9.82
CA HIS F 174 -50.28 -34.92 -10.10
C HIS F 174 -50.67 -36.34 -10.50
N PHE F 175 -51.68 -36.91 -9.84
CA PHE F 175 -52.04 -38.30 -10.09
C PHE F 175 -52.60 -38.50 -11.50
N MET F 176 -53.34 -37.53 -12.03
CA MET F 176 -53.88 -37.67 -13.38
C MET F 176 -52.76 -37.77 -14.41
N TRP F 177 -51.67 -37.06 -14.21
CA TRP F 177 -50.59 -37.02 -15.18
C TRP F 177 -49.55 -38.12 -14.91
N GLN F 178 -49.64 -38.75 -13.75
CA GLN F 178 -48.93 -40.00 -13.54
C GLN F 178 -49.27 -40.97 -14.67
N THR F 179 -48.24 -41.60 -15.23
CA THR F 179 -48.41 -42.53 -16.36
C THR F 179 -47.36 -43.62 -16.18
N GLY F 180 -47.79 -44.78 -15.66
CA GLY F 180 -46.95 -45.93 -15.42
C GLY F 180 -46.16 -45.90 -14.12
N LEU F 181 -46.07 -47.03 -13.42
CA LEU F 181 -45.21 -47.12 -12.26
C LEU F 181 -44.63 -48.53 -12.17
N GLU F 182 -43.63 -48.67 -11.31
CA GLU F 182 -43.03 -49.96 -10.97
C GLU F 182 -43.06 -50.10 -9.46
N VAL F 183 -43.52 -51.26 -8.98
CA VAL F 183 -43.80 -51.42 -7.57
C VAL F 183 -43.35 -52.80 -7.11
N VAL F 184 -42.75 -52.86 -5.93
CA VAL F 184 -42.51 -54.14 -5.28
C VAL F 184 -43.72 -54.49 -4.42
N LEU F 185 -44.38 -55.60 -4.75
CA LEU F 185 -45.58 -56.03 -4.05
C LEU F 185 -45.21 -56.54 -2.64
N PRO F 186 -46.19 -56.76 -1.74
CA PRO F 186 -45.87 -56.88 -0.30
C PRO F 186 -45.19 -58.18 0.10
N GLN F 187 -45.09 -59.17 -0.78
CA GLN F 187 -44.23 -60.31 -0.53
C GLN F 187 -42.99 -60.31 -1.41
N GLY F 188 -42.77 -59.26 -2.19
CA GLY F 188 -41.49 -59.12 -2.88
C GLY F 188 -41.52 -59.23 -4.39
N GLU F 189 -42.55 -59.78 -5.01
CA GLU F 189 -42.58 -59.77 -6.47
C GLU F 189 -42.61 -58.33 -6.98
N VAL F 190 -42.06 -58.12 -8.18
CA VAL F 190 -42.02 -56.81 -8.81
C VAL F 190 -42.95 -56.79 -10.01
N MET F 191 -43.67 -55.66 -10.17
CA MET F 191 -44.70 -55.48 -11.18
C MET F 191 -44.61 -54.10 -11.81
N ARG F 192 -44.95 -54.03 -13.10
CA ARG F 192 -45.03 -52.78 -13.83
C ARG F 192 -46.44 -52.58 -14.38
N THR F 193 -46.96 -51.36 -14.30
CA THR F 193 -48.31 -51.07 -14.74
C THR F 193 -48.34 -50.52 -16.16
N GLY F 194 -49.54 -50.53 -16.74
CA GLY F 194 -49.73 -49.92 -18.04
C GLY F 194 -48.89 -50.62 -19.10
N MET F 195 -48.40 -49.84 -20.06
CA MET F 195 -47.62 -50.46 -21.12
C MET F 195 -46.25 -50.92 -20.62
N GLY F 196 -45.81 -50.51 -19.43
CA GLY F 196 -44.62 -51.07 -18.81
C GLY F 196 -44.65 -52.58 -18.64
N ALA F 197 -45.85 -53.19 -18.61
CA ALA F 197 -46.03 -54.62 -18.49
C ALA F 197 -45.92 -55.35 -19.82
N LEU F 198 -45.85 -54.63 -20.95
CA LEU F 198 -45.63 -55.23 -22.26
C LEU F 198 -44.15 -55.10 -22.61
N PRO F 199 -43.36 -56.17 -22.56
CA PRO F 199 -41.89 -56.02 -22.67
C PRO F 199 -41.49 -55.46 -24.01
N GLY F 200 -40.69 -54.39 -23.97
CA GLY F 200 -40.26 -53.74 -25.20
C GLY F 200 -41.14 -52.61 -25.70
N SER F 201 -42.19 -52.24 -24.97
CA SER F 201 -42.98 -51.09 -25.38
C SER F 201 -42.25 -49.79 -24.99
N ASP F 202 -42.31 -48.80 -25.89
CA ASP F 202 -41.89 -47.43 -25.62
C ASP F 202 -43.03 -46.56 -25.13
N ALA F 203 -44.19 -47.15 -24.82
CA ALA F 203 -45.36 -46.37 -24.46
C ALA F 203 -45.63 -46.33 -22.97
N TRP F 204 -44.67 -46.74 -22.12
CA TRP F 204 -44.93 -46.79 -20.68
C TRP F 204 -45.41 -45.46 -20.14
N GLN F 205 -44.78 -44.37 -20.59
CA GLN F 205 -45.16 -43.03 -20.18
C GLN F 205 -46.00 -42.32 -21.24
N LEU F 206 -46.58 -43.05 -22.19
CA LEU F 206 -47.39 -42.42 -23.23
C LEU F 206 -48.88 -42.69 -23.08
N PHE F 207 -49.25 -43.91 -22.72
CA PHE F 207 -50.63 -44.37 -22.62
C PHE F 207 -50.84 -44.91 -21.21
N PRO F 208 -51.73 -44.34 -20.41
CA PRO F 208 -51.74 -44.70 -18.98
C PRO F 208 -52.32 -46.07 -18.64
N TYR F 209 -53.27 -46.56 -19.42
CA TYR F 209 -54.09 -47.70 -18.97
C TYR F 209 -53.49 -49.08 -19.31
N GLY F 210 -52.84 -49.26 -20.44
CA GLY F 210 -52.49 -50.64 -20.81
C GLY F 210 -53.77 -51.47 -21.00
N PHE F 211 -53.82 -52.66 -20.41
CA PHE F 211 -54.91 -53.59 -20.71
C PHE F 211 -55.39 -54.26 -19.43
N GLY F 212 -56.69 -54.50 -19.34
CA GLY F 212 -57.25 -55.01 -18.11
C GLY F 212 -57.51 -53.92 -17.08
N PRO F 213 -57.86 -54.33 -15.85
CA PRO F 213 -58.23 -53.34 -14.82
C PRO F 213 -57.08 -52.38 -14.53
N PHE F 214 -57.43 -51.11 -14.28
CA PHE F 214 -56.46 -50.03 -14.15
C PHE F 214 -56.09 -49.88 -12.68
N PRO F 215 -54.86 -50.24 -12.27
CA PRO F 215 -54.59 -50.38 -10.82
C PRO F 215 -53.77 -49.26 -10.21
N ASP F 216 -53.26 -48.33 -11.01
CA ASP F 216 -52.29 -47.36 -10.49
C ASP F 216 -52.82 -46.58 -9.29
N GLY F 217 -54.10 -46.21 -9.31
CA GLY F 217 -54.68 -45.51 -8.17
C GLY F 217 -54.73 -46.32 -6.91
N MET F 218 -54.78 -47.65 -7.01
CA MET F 218 -54.70 -48.49 -5.81
C MET F 218 -53.36 -48.37 -5.10
N PHE F 219 -52.35 -47.76 -5.73
CA PHE F 219 -51.06 -47.57 -5.10
C PHE F 219 -50.86 -46.13 -4.62
N THR F 220 -51.92 -45.34 -4.53
CA THR F 220 -51.84 -44.00 -3.95
C THR F 220 -52.64 -43.96 -2.65
N GLN F 221 -52.15 -43.16 -1.68
CA GLN F 221 -52.66 -43.13 -0.30
C GLN F 221 -52.93 -44.55 0.18
N SER F 222 -51.95 -45.41 -0.06
CA SER F 222 -52.12 -46.84 -0.14
C SER F 222 -51.06 -47.53 0.70
N ASN F 223 -51.23 -48.82 0.93
CA ASN F 223 -50.17 -49.61 1.54
C ASN F 223 -50.07 -50.98 0.85
N LEU F 224 -50.08 -50.98 -0.48
CA LEU F 224 -50.09 -52.20 -1.25
C LEU F 224 -48.75 -52.48 -1.94
N GLY F 225 -47.71 -51.77 -1.58
CA GLY F 225 -46.40 -52.06 -2.14
C GLY F 225 -45.41 -50.95 -1.85
N ILE F 226 -44.23 -51.08 -2.42
CA ILE F 226 -43.21 -50.06 -2.38
C ILE F 226 -42.94 -49.66 -3.82
N VAL F 227 -43.19 -48.39 -4.16
CA VAL F 227 -42.99 -47.92 -5.54
C VAL F 227 -41.53 -47.59 -5.74
N THR F 228 -40.95 -48.06 -6.87
CA THR F 228 -39.55 -47.82 -7.18
C THR F 228 -39.30 -46.99 -8.44
N LYS F 229 -40.29 -46.86 -9.33
CA LYS F 229 -40.20 -46.00 -10.49
C LYS F 229 -41.61 -45.47 -10.81
N MET F 230 -41.67 -44.26 -11.38
CA MET F 230 -42.95 -43.69 -11.75
C MET F 230 -42.78 -42.70 -12.90
N GLY F 231 -43.65 -42.82 -13.89
CA GLY F 231 -43.68 -41.86 -14.96
C GLY F 231 -44.70 -40.77 -14.68
N ILE F 232 -44.44 -39.61 -15.27
CA ILE F 232 -45.34 -38.47 -15.17
C ILE F 232 -45.14 -37.63 -16.42
N ALA F 233 -46.24 -37.14 -16.97
CA ALA F 233 -46.19 -36.25 -18.12
C ALA F 233 -45.73 -34.87 -17.67
N LEU F 234 -45.05 -34.18 -18.59
CA LEU F 234 -44.56 -32.83 -18.36
C LEU F 234 -45.15 -31.91 -19.43
N MET F 235 -45.66 -30.76 -19.00
CA MET F 235 -46.25 -29.81 -19.92
C MET F 235 -45.16 -29.03 -20.66
N GLN F 236 -45.48 -28.59 -21.87
CA GLN F 236 -44.57 -27.66 -22.55
C GLN F 236 -44.66 -26.28 -21.92
N ARG F 237 -43.51 -25.62 -21.77
CA ARG F 237 -43.55 -24.26 -21.23
C ARG F 237 -44.16 -23.32 -22.26
N PRO F 238 -45.11 -22.48 -21.88
CA PRO F 238 -45.70 -21.53 -22.84
C PRO F 238 -44.79 -20.34 -23.04
N PRO F 239 -45.01 -19.56 -24.11
CA PRO F 239 -44.06 -18.49 -24.44
C PRO F 239 -44.01 -17.35 -23.44
N ALA F 240 -45.00 -17.22 -22.55
CA ALA F 240 -45.01 -16.14 -21.56
C ALA F 240 -46.07 -16.41 -20.51
N SER F 241 -45.96 -15.69 -19.40
CA SER F 241 -46.92 -15.76 -18.31
C SER F 241 -46.98 -14.42 -17.57
N GLN F 242 -48.08 -14.22 -16.84
CA GLN F 242 -48.24 -13.09 -15.93
C GLN F 242 -49.10 -13.56 -14.76
N SER F 243 -48.71 -13.19 -13.54
CA SER F 243 -49.40 -13.60 -12.32
C SER F 243 -50.00 -12.37 -11.65
N PHE F 244 -51.09 -12.58 -10.90
CA PHE F 244 -51.85 -11.44 -10.35
C PHE F 244 -52.35 -11.71 -8.94
N LEU F 245 -52.53 -10.62 -8.19
CA LEU F 245 -53.17 -10.60 -6.88
C LEU F 245 -54.44 -9.77 -6.94
N ILE F 246 -55.53 -10.30 -6.41
CA ILE F 246 -56.72 -9.51 -6.13
C ILE F 246 -56.89 -9.50 -4.62
N THR F 247 -56.89 -8.32 -4.01
CA THR F 247 -57.18 -8.21 -2.60
C THR F 247 -58.66 -7.88 -2.42
N PHE F 248 -59.29 -8.58 -1.49
CA PHE F 248 -60.68 -8.33 -1.11
C PHE F 248 -60.72 -7.96 0.37
N ASP F 249 -61.46 -6.89 0.68
CA ASP F 249 -61.30 -6.25 1.98
C ASP F 249 -61.99 -7.00 3.13
N LYS F 250 -63.10 -7.69 2.89
CA LYS F 250 -63.90 -8.22 3.99
C LYS F 250 -63.87 -9.75 4.07
N GLU F 251 -63.94 -10.25 5.31
CA GLU F 251 -64.25 -11.66 5.61
C GLU F 251 -65.37 -12.22 4.74
N GLU F 252 -66.49 -11.49 4.68
CA GLU F 252 -67.70 -11.98 4.03
C GLU F 252 -67.58 -12.01 2.51
N ASP F 253 -66.52 -11.43 1.95
CA ASP F 253 -66.34 -11.45 0.51
C ASP F 253 -66.15 -12.87 -0.05
N LEU F 254 -65.76 -13.83 0.81
CA LEU F 254 -65.46 -15.19 0.37
C LEU F 254 -66.59 -15.76 -0.47
N GLU F 255 -67.84 -15.51 -0.03
CA GLU F 255 -69.01 -16.03 -0.73
C GLU F 255 -69.03 -15.56 -2.18
N GLN F 256 -68.93 -14.25 -2.41
CA GLN F 256 -69.02 -13.70 -3.75
C GLN F 256 -67.78 -14.02 -4.58
N ILE F 257 -66.60 -14.15 -3.94
CA ILE F 257 -65.38 -14.49 -4.68
C ILE F 257 -65.53 -15.86 -5.32
N VAL F 258 -65.88 -16.86 -4.51
CA VAL F 258 -66.03 -18.24 -5.00
C VAL F 258 -67.08 -18.30 -6.10
N ASP F 259 -68.23 -17.63 -5.89
CA ASP F 259 -69.33 -17.66 -6.85
C ASP F 259 -68.97 -16.95 -8.16
N ILE F 260 -68.21 -15.86 -8.11
CA ILE F 260 -67.77 -15.24 -9.37
C ILE F 260 -66.66 -16.05 -10.02
N MET F 261 -65.89 -16.80 -9.22
CA MET F 261 -64.76 -17.54 -9.75
C MET F 261 -65.21 -18.73 -10.61
N LEU F 262 -66.19 -19.50 -10.14
CA LEU F 262 -66.56 -20.74 -10.83
C LEU F 262 -66.74 -20.59 -12.35
N PRO F 263 -67.53 -19.64 -12.86
CA PRO F 263 -67.71 -19.57 -14.33
C PRO F 263 -66.43 -19.23 -15.08
N LEU F 264 -65.49 -18.55 -14.44
CA LEU F 264 -64.18 -18.29 -15.04
C LEU F 264 -63.26 -19.49 -15.01
N ARG F 265 -63.58 -20.51 -14.19
CA ARG F 265 -62.68 -21.61 -13.94
C ARG F 265 -63.12 -22.94 -14.56
N ILE F 266 -64.43 -23.19 -14.66
CA ILE F 266 -64.91 -24.52 -15.04
C ILE F 266 -64.42 -24.94 -16.43
N ASN F 267 -64.23 -24.00 -17.34
CA ASN F 267 -63.73 -24.35 -18.67
C ASN F 267 -62.23 -24.10 -18.81
N MET F 268 -61.51 -23.94 -17.70
CA MET F 268 -60.05 -23.74 -17.68
C MET F 268 -59.64 -22.51 -18.47
N ALA F 269 -60.48 -21.48 -18.45
CA ALA F 269 -60.31 -20.22 -19.16
C ALA F 269 -61.44 -19.24 -18.79
N PRO F 270 -61.12 -17.99 -18.42
CA PRO F 270 -59.76 -17.42 -18.40
C PRO F 270 -58.87 -17.84 -17.22
N LEU F 271 -59.37 -18.61 -16.27
CA LEU F 271 -58.54 -19.05 -15.13
C LEU F 271 -57.88 -20.36 -15.52
N GLN F 272 -56.69 -20.27 -16.12
CA GLN F 272 -56.01 -21.43 -16.72
C GLN F 272 -55.23 -22.24 -15.71
N ASN F 273 -54.71 -21.61 -14.66
CA ASN F 273 -53.94 -22.31 -13.66
C ASN F 273 -54.85 -22.58 -12.44
N VAL F 274 -54.30 -23.21 -11.41
CA VAL F 274 -55.08 -23.46 -10.20
C VAL F 274 -55.04 -22.21 -9.33
N PRO F 275 -56.13 -21.46 -9.21
CA PRO F 275 -56.13 -20.28 -8.35
C PRO F 275 -56.03 -20.68 -6.89
N VAL F 276 -55.44 -19.82 -6.11
CA VAL F 276 -55.47 -19.97 -4.66
C VAL F 276 -56.11 -18.73 -4.05
N LEU F 277 -56.76 -18.92 -2.91
CA LEU F 277 -57.42 -17.86 -2.15
C LEU F 277 -56.97 -18.04 -0.70
N ARG F 278 -56.22 -17.08 -0.20
CA ARG F 278 -55.50 -17.16 1.07
C ARG F 278 -55.96 -16.02 1.94
N ASN F 279 -56.27 -16.33 3.20
CA ASN F 279 -56.71 -15.33 4.17
C ASN F 279 -55.52 -14.57 4.75
N ILE F 280 -55.79 -13.43 5.40
CA ILE F 280 -54.72 -12.52 5.80
C ILE F 280 -53.73 -13.22 6.74
N PHE F 281 -54.23 -14.13 7.58
CA PHE F 281 -53.33 -14.87 8.47
C PHE F 281 -52.31 -15.69 7.69
N MET F 282 -52.70 -16.28 6.57
CA MET F 282 -51.76 -17.10 5.79
C MET F 282 -50.66 -16.24 5.19
N ASP F 283 -51.03 -15.12 4.56
CA ASP F 283 -50.03 -14.26 3.93
C ASP F 283 -49.16 -13.56 4.97
N ALA F 284 -49.74 -13.12 6.08
CA ALA F 284 -48.93 -12.45 7.09
C ALA F 284 -47.87 -13.41 7.64
N ALA F 285 -48.24 -14.65 7.93
CA ALA F 285 -47.27 -15.62 8.44
C ALA F 285 -46.11 -15.85 7.48
N ALA F 286 -46.33 -15.67 6.18
CA ALA F 286 -45.24 -15.85 5.24
C ALA F 286 -44.22 -14.71 5.28
N VAL F 287 -44.51 -13.58 5.92
CA VAL F 287 -43.62 -12.43 5.84
C VAL F 287 -43.38 -11.78 7.19
N SER F 288 -43.83 -12.42 8.28
CA SER F 288 -43.81 -11.78 9.59
C SER F 288 -44.12 -12.81 10.67
N LYS F 289 -43.81 -12.46 11.91
CA LYS F 289 -44.17 -13.28 13.07
C LYS F 289 -45.44 -12.73 13.74
N ARG F 290 -46.09 -13.59 14.51
CA ARG F 290 -47.34 -13.22 15.17
C ARG F 290 -47.16 -11.99 16.07
N THR F 291 -46.01 -11.88 16.75
CA THR F 291 -45.79 -10.80 17.70
C THR F 291 -45.64 -9.42 17.06
N GLU F 292 -45.40 -9.31 15.75
CA GLU F 292 -45.40 -7.99 15.10
C GLU F 292 -46.76 -7.32 15.19
N TRP F 293 -47.83 -8.08 15.34
CA TRP F 293 -49.18 -7.57 15.29
C TRP F 293 -49.92 -7.66 16.62
N PHE F 294 -49.54 -8.60 17.48
CA PHE F 294 -50.28 -8.87 18.71
C PHE F 294 -49.40 -9.70 19.61
N ASP F 295 -49.31 -9.32 20.89
CA ASP F 295 -48.37 -9.98 21.80
C ASP F 295 -49.05 -10.62 23.01
N GLY F 296 -50.37 -10.80 22.99
CA GLY F 296 -51.05 -11.11 24.24
C GLY F 296 -52.03 -12.26 24.16
N ASP F 297 -53.19 -12.01 24.76
CA ASP F 297 -54.13 -13.01 25.27
C ASP F 297 -54.94 -13.60 24.13
N GLY F 298 -54.61 -14.83 23.73
CA GLY F 298 -55.48 -15.64 22.91
C GLY F 298 -55.69 -15.10 21.51
N PRO F 299 -56.91 -15.31 20.94
CA PRO F 299 -57.19 -14.87 19.56
C PRO F 299 -56.85 -13.42 19.29
N MET F 300 -56.63 -13.13 18.03
CA MET F 300 -56.15 -11.82 17.63
C MET F 300 -57.32 -10.86 17.52
N PRO F 301 -57.28 -9.70 18.19
CA PRO F 301 -58.36 -8.72 18.05
C PRO F 301 -58.48 -8.21 16.63
N ALA F 302 -59.68 -7.76 16.28
CA ALA F 302 -59.93 -7.21 14.95
C ALA F 302 -58.97 -6.07 14.63
N GLU F 303 -58.71 -5.21 15.63
CA GLU F 303 -57.75 -4.13 15.44
C GLU F 303 -56.42 -4.64 14.87
N ALA F 304 -55.95 -5.79 15.37
CA ALA F 304 -54.65 -6.29 14.92
C ALA F 304 -54.74 -6.88 13.52
N ILE F 305 -55.90 -7.38 13.12
CA ILE F 305 -56.11 -7.87 11.76
C ILE F 305 -56.05 -6.71 10.77
N GLU F 306 -56.52 -5.53 11.15
CA GLU F 306 -56.50 -4.41 10.22
C GLU F 306 -55.10 -3.84 10.08
N ARG F 307 -54.28 -3.90 11.13
CA ARG F 307 -52.90 -3.47 10.98
C ARG F 307 -52.14 -4.40 10.05
N MET F 308 -52.36 -5.71 10.15
CA MET F 308 -51.88 -6.63 9.12
C MET F 308 -52.28 -6.18 7.72
N LYS F 309 -53.56 -5.83 7.57
CA LYS F 309 -54.07 -5.48 6.25
C LYS F 309 -53.47 -4.15 5.75
N LYS F 310 -53.38 -3.14 6.63
CA LYS F 310 -52.82 -1.84 6.25
C LYS F 310 -51.33 -1.95 5.93
N ASP F 311 -50.55 -2.52 6.85
CA ASP F 311 -49.10 -2.47 6.72
C ASP F 311 -48.60 -3.28 5.54
N LEU F 312 -49.23 -4.44 5.28
CA LEU F 312 -48.89 -5.29 4.13
C LEU F 312 -49.63 -4.89 2.86
N ASP F 313 -50.63 -4.03 2.95
CA ASP F 313 -51.43 -3.65 1.79
C ASP F 313 -52.05 -4.90 1.15
N LEU F 314 -52.85 -5.61 1.94
CA LEU F 314 -53.52 -6.82 1.51
C LEU F 314 -54.94 -6.84 2.06
N GLY F 315 -55.81 -7.62 1.39
CA GLY F 315 -57.16 -7.82 1.88
C GLY F 315 -57.24 -8.89 2.97
N PHE F 316 -58.46 -9.09 3.48
CA PHE F 316 -58.67 -10.27 4.32
C PHE F 316 -58.55 -11.53 3.47
N TRP F 317 -59.01 -11.47 2.22
CA TRP F 317 -58.93 -12.56 1.27
C TRP F 317 -58.10 -12.13 0.08
N ASN F 318 -57.15 -12.98 -0.33
CA ASN F 318 -56.16 -12.65 -1.35
C ASN F 318 -56.16 -13.74 -2.40
N PHE F 319 -56.54 -13.37 -3.63
CA PHE F 319 -56.64 -14.26 -4.76
C PHE F 319 -55.36 -14.15 -5.60
N TYR F 320 -54.69 -15.28 -5.80
CA TYR F 320 -53.52 -15.34 -6.68
C TYR F 320 -53.82 -16.31 -7.82
N GLY F 321 -53.46 -15.89 -9.04
CA GLY F 321 -53.60 -16.72 -10.23
C GLY F 321 -52.56 -16.32 -11.28
N THR F 322 -52.42 -17.17 -12.30
CA THR F 322 -51.40 -16.99 -13.34
C THR F 322 -51.99 -17.29 -14.71
N LEU F 323 -51.63 -16.47 -15.70
CA LEU F 323 -52.12 -16.63 -17.06
C LEU F 323 -50.96 -17.02 -17.97
N TYR F 324 -51.26 -17.83 -18.97
CA TYR F 324 -50.26 -18.39 -19.88
C TYR F 324 -50.66 -18.16 -21.33
N GLY F 325 -49.69 -17.76 -22.16
CA GLY F 325 -49.87 -17.72 -23.60
C GLY F 325 -49.27 -16.47 -24.22
N PRO F 326 -49.45 -16.31 -25.53
CA PRO F 326 -49.00 -15.07 -26.17
C PRO F 326 -49.61 -13.86 -25.49
N PRO F 327 -48.89 -12.75 -25.45
CA PRO F 327 -49.30 -11.57 -24.66
C PRO F 327 -50.69 -11.06 -24.99
N PRO F 328 -51.19 -11.18 -26.24
CA PRO F 328 -52.58 -10.74 -26.48
C PRO F 328 -53.59 -11.59 -25.74
N LEU F 329 -53.34 -12.90 -25.59
CA LEU F 329 -54.26 -13.76 -24.86
C LEU F 329 -54.28 -13.41 -23.38
N ILE F 330 -53.10 -13.08 -22.81
CA ILE F 330 -53.03 -12.69 -21.42
C ILE F 330 -53.77 -11.37 -21.19
N GLU F 331 -53.68 -10.44 -22.14
CA GLU F 331 -54.42 -9.18 -22.05
C GLU F 331 -55.92 -9.44 -21.94
N MET F 332 -56.46 -10.19 -22.91
CA MET F 332 -57.88 -10.53 -22.92
C MET F 332 -58.31 -11.22 -21.63
N TYR F 333 -57.68 -12.36 -21.31
CA TYR F 333 -58.07 -13.12 -20.13
C TYR F 333 -57.99 -12.29 -18.86
N TYR F 334 -56.97 -11.43 -18.74
CA TYR F 334 -56.86 -10.60 -17.54
C TYR F 334 -57.96 -9.56 -17.50
N GLY F 335 -58.39 -9.05 -18.66
CA GLY F 335 -59.48 -8.10 -18.68
C GLY F 335 -60.81 -8.75 -18.34
N MET F 336 -61.00 -10.02 -18.72
CA MET F 336 -62.18 -10.73 -18.27
C MET F 336 -62.16 -10.90 -16.75
N ILE F 337 -61.00 -11.29 -16.20
CA ILE F 337 -60.89 -11.48 -14.75
C ILE F 337 -61.13 -10.17 -14.01
N LYS F 338 -60.64 -9.05 -14.56
CA LYS F 338 -60.77 -7.76 -13.87
C LYS F 338 -62.21 -7.27 -13.86
N GLU F 339 -62.94 -7.46 -14.97
CA GLU F 339 -64.32 -7.02 -15.02
C GLU F 339 -65.18 -7.82 -14.05
N ALA F 340 -65.02 -9.15 -14.06
CA ALA F 340 -65.81 -10.03 -13.22
C ALA F 340 -65.60 -9.76 -11.73
N PHE F 341 -64.36 -9.88 -11.24
CA PHE F 341 -64.12 -9.70 -9.82
C PHE F 341 -64.21 -8.24 -9.39
N GLY F 342 -64.21 -7.29 -10.33
CA GLY F 342 -64.36 -5.89 -10.00
C GLY F 342 -65.73 -5.52 -9.46
N LYS F 343 -66.71 -6.41 -9.60
CA LYS F 343 -68.04 -6.13 -9.10
C LYS F 343 -68.13 -6.32 -7.59
N ILE F 344 -67.04 -6.71 -6.94
CA ILE F 344 -66.99 -6.78 -5.48
C ILE F 344 -66.42 -5.45 -4.99
N PRO F 345 -67.19 -4.65 -4.24
CA PRO F 345 -66.65 -3.40 -3.71
C PRO F 345 -65.37 -3.62 -2.91
N GLY F 346 -64.37 -2.78 -3.15
CA GLY F 346 -63.12 -2.84 -2.41
C GLY F 346 -62.08 -3.78 -2.99
N ALA F 347 -62.35 -4.39 -4.14
CA ALA F 347 -61.41 -5.27 -4.82
C ALA F 347 -60.34 -4.47 -5.56
N ARG F 348 -59.08 -4.82 -5.34
CA ARG F 348 -57.96 -4.14 -5.95
C ARG F 348 -57.08 -5.17 -6.65
N PHE F 349 -56.53 -4.78 -7.80
CA PHE F 349 -55.78 -5.67 -8.70
C PHE F 349 -54.31 -5.27 -8.81
N PHE F 350 -53.44 -6.29 -8.87
CA PHE F 350 -52.00 -6.09 -8.95
C PHE F 350 -51.37 -7.19 -9.78
N THR F 351 -50.50 -6.83 -10.72
CA THR F 351 -49.65 -7.82 -11.38
C THR F 351 -48.32 -8.02 -10.64
N HIS F 352 -47.59 -9.09 -11.00
CA HIS F 352 -46.29 -9.38 -10.40
C HIS F 352 -45.26 -8.32 -10.70
N GLU F 353 -45.47 -7.49 -11.73
CA GLU F 353 -44.57 -6.39 -12.05
C GLU F 353 -44.84 -5.15 -11.21
N GLU F 354 -45.95 -5.10 -10.48
CA GLU F 354 -46.46 -3.87 -9.90
C GLU F 354 -46.33 -3.78 -8.39
N ARG F 355 -45.83 -4.82 -7.72
CA ARG F 355 -45.66 -4.73 -6.26
C ARG F 355 -44.31 -5.34 -5.87
N ASP F 356 -43.50 -4.55 -5.15
CA ASP F 356 -42.23 -5.04 -4.63
C ASP F 356 -42.09 -4.80 -3.13
N ASP F 357 -43.15 -4.34 -2.47
CA ASP F 357 -43.14 -4.19 -1.02
C ASP F 357 -43.22 -5.57 -0.36
N ARG F 358 -43.16 -5.58 0.98
CA ARG F 358 -43.13 -6.85 1.71
C ARG F 358 -44.41 -7.66 1.47
N GLY F 359 -45.57 -7.00 1.48
CA GLY F 359 -46.81 -7.67 1.19
C GLY F 359 -46.87 -8.34 -0.18
N GLY F 360 -46.00 -7.94 -1.10
CA GLY F 360 -45.95 -8.55 -2.40
C GLY F 360 -45.09 -9.79 -2.52
N HIS F 361 -44.36 -10.17 -1.45
CA HIS F 361 -43.48 -11.33 -1.54
C HIS F 361 -44.26 -12.60 -1.86
N VAL F 362 -45.46 -12.75 -1.28
CA VAL F 362 -46.26 -13.93 -1.55
C VAL F 362 -46.63 -14.01 -3.03
N LEU F 363 -46.99 -12.88 -3.64
CA LEU F 363 -47.23 -12.83 -5.08
C LEU F 363 -46.02 -13.34 -5.86
N GLN F 364 -44.82 -12.85 -5.52
CA GLN F 364 -43.62 -13.29 -6.20
C GLN F 364 -43.35 -14.78 -5.96
N ASP F 365 -43.69 -15.29 -4.78
CA ASP F 365 -43.54 -16.71 -4.56
C ASP F 365 -44.51 -17.51 -5.44
N ARG F 366 -45.80 -17.15 -5.41
CA ARG F 366 -46.79 -17.81 -6.26
C ARG F 366 -46.36 -17.78 -7.71
N HIS F 367 -45.76 -16.67 -8.14
CA HIS F 367 -45.38 -16.51 -9.54
C HIS F 367 -44.29 -17.50 -9.93
N LYS F 368 -43.30 -17.74 -9.05
CA LYS F 368 -42.39 -18.87 -9.25
C LYS F 368 -43.16 -20.18 -9.35
N ILE F 369 -43.95 -20.49 -8.32
CA ILE F 369 -44.56 -21.81 -8.17
C ILE F 369 -45.47 -22.11 -9.36
N ASN F 370 -46.19 -21.11 -9.84
CA ASN F 370 -47.15 -21.27 -10.92
C ASN F 370 -46.50 -21.36 -12.28
N ASN F 371 -45.18 -21.16 -12.35
CA ASN F 371 -44.41 -21.38 -13.55
C ASN F 371 -43.48 -22.56 -13.42
N GLY F 372 -43.68 -23.38 -12.38
CA GLY F 372 -42.87 -24.57 -12.24
C GLY F 372 -41.46 -24.29 -11.80
N ILE F 373 -41.24 -23.22 -11.07
CA ILE F 373 -39.95 -22.92 -10.45
C ILE F 373 -40.07 -23.22 -8.96
N PRO F 374 -39.44 -24.28 -8.47
CA PRO F 374 -39.60 -24.66 -7.07
C PRO F 374 -39.07 -23.57 -6.15
N SER F 375 -39.61 -23.55 -4.92
CA SER F 375 -39.22 -22.57 -3.92
C SER F 375 -39.29 -23.20 -2.54
N LEU F 376 -38.56 -22.61 -1.59
CA LEU F 376 -38.70 -22.91 -0.17
C LEU F 376 -39.09 -21.68 0.63
N ASP F 377 -39.60 -20.64 -0.03
CA ASP F 377 -39.93 -19.43 0.68
C ASP F 377 -41.08 -19.64 1.64
N GLU F 378 -42.04 -20.52 1.31
CA GLU F 378 -43.20 -20.72 2.17
C GLU F 378 -42.83 -21.27 3.52
N LEU F 379 -41.61 -21.81 3.67
CA LEU F 379 -41.14 -22.26 4.98
C LEU F 379 -41.15 -21.14 6.01
N GLN F 380 -41.07 -19.87 5.56
CA GLN F 380 -41.11 -18.76 6.50
C GLN F 380 -42.36 -18.76 7.37
N GLN F 381 -43.47 -19.33 6.89
CA GLN F 381 -44.68 -19.42 7.69
C GLN F 381 -44.44 -20.12 9.02
N LEU F 382 -43.43 -21.00 9.09
CA LEU F 382 -43.17 -21.70 10.34
C LEU F 382 -42.47 -20.83 11.39
N ASP F 383 -42.14 -19.57 11.07
CA ASP F 383 -41.62 -18.61 12.03
C ASP F 383 -42.72 -17.78 12.66
N TRP F 384 -43.97 -18.10 12.36
CA TRP F 384 -45.12 -17.40 12.94
C TRP F 384 -45.08 -17.41 14.45
N VAL F 385 -44.74 -18.55 15.05
CA VAL F 385 -44.59 -18.70 16.49
C VAL F 385 -43.33 -19.50 16.77
N PRO F 386 -42.77 -19.39 17.99
CA PRO F 386 -41.60 -20.20 18.33
C PRO F 386 -41.80 -21.69 18.05
N ASN F 387 -40.76 -22.32 17.51
CA ASN F 387 -40.71 -23.76 17.28
C ASN F 387 -41.84 -24.21 16.37
N GLY F 388 -42.15 -23.40 15.37
CA GLY F 388 -43.30 -23.62 14.51
C GLY F 388 -43.36 -24.96 13.79
N GLY F 389 -44.53 -25.56 13.86
CA GLY F 389 -44.91 -26.62 12.95
C GLY F 389 -46.34 -26.38 12.51
N HIS F 390 -46.81 -27.26 11.63
CA HIS F 390 -48.19 -27.15 11.20
C HIS F 390 -48.76 -28.54 11.00
N ILE F 391 -50.07 -28.65 11.08
CA ILE F 391 -50.79 -29.82 10.63
C ILE F 391 -51.75 -29.33 9.55
N GLY F 392 -52.03 -30.20 8.58
CA GLY F 392 -52.96 -29.88 7.50
C GLY F 392 -54.33 -30.51 7.64
N PHE F 393 -55.33 -29.70 7.92
CA PHE F 393 -56.72 -30.13 7.94
C PHE F 393 -57.27 -29.64 6.60
N VAL F 394 -57.62 -30.57 5.71
CA VAL F 394 -58.00 -30.10 4.38
C VAL F 394 -59.28 -30.78 3.92
N PRO F 395 -60.44 -30.29 4.33
CA PRO F 395 -61.70 -30.76 3.76
C PRO F 395 -61.89 -30.32 2.31
N VAL F 396 -62.59 -31.16 1.56
CA VAL F 396 -62.99 -30.84 0.18
C VAL F 396 -64.29 -30.05 0.20
N SER F 397 -64.33 -28.98 -0.58
CA SER F 397 -65.51 -28.14 -0.73
C SER F 397 -65.98 -28.15 -2.18
N ALA F 398 -67.30 -28.07 -2.36
CA ALA F 398 -67.89 -27.73 -3.64
C ALA F 398 -67.60 -26.26 -3.92
N PRO F 399 -67.38 -25.87 -5.18
CA PRO F 399 -66.96 -24.47 -5.45
C PRO F 399 -68.15 -23.51 -5.43
N ASP F 400 -68.71 -23.38 -4.25
CA ASP F 400 -69.90 -22.62 -3.99
C ASP F 400 -69.60 -21.66 -2.85
N GLY F 401 -70.05 -20.42 -2.99
CA GLY F 401 -69.72 -19.40 -1.99
C GLY F 401 -70.29 -19.68 -0.62
N ARG F 402 -71.38 -20.42 -0.54
CA ARG F 402 -71.87 -20.56 0.82
C ARG F 402 -71.41 -21.83 1.47
N GLU F 403 -71.20 -22.91 0.71
CA GLU F 403 -70.47 -24.01 1.30
C GLU F 403 -69.12 -23.54 1.82
N ALA F 404 -68.40 -22.74 1.02
CA ALA F 404 -67.14 -22.18 1.47
C ALA F 404 -67.31 -21.43 2.77
N MET F 405 -68.33 -20.55 2.84
CA MET F 405 -68.54 -19.72 4.02
C MET F 405 -68.85 -20.55 5.25
N LYS F 406 -69.70 -21.58 5.12
CA LYS F 406 -70.03 -22.42 6.26
C LYS F 406 -68.79 -23.19 6.73
N GLN F 407 -67.99 -23.68 5.79
CA GLN F 407 -66.74 -24.33 6.16
C GLN F 407 -65.82 -23.35 6.89
N PHE F 408 -65.72 -22.11 6.39
CA PHE F 408 -64.90 -21.07 7.00
C PHE F 408 -65.33 -20.80 8.44
N GLU F 409 -66.62 -20.50 8.63
CA GLU F 409 -67.14 -20.19 9.96
C GLU F 409 -66.96 -21.38 10.90
N MET F 410 -67.22 -22.59 10.41
CA MET F 410 -67.07 -23.78 11.22
C MET F 410 -65.63 -23.94 11.74
N VAL F 411 -64.65 -23.83 10.84
CA VAL F 411 -63.27 -24.09 11.24
C VAL F 411 -62.77 -23.03 12.21
N ARG F 412 -63.02 -21.75 11.87
CA ARG F 412 -62.61 -20.63 12.71
C ARG F 412 -63.20 -20.74 14.11
N ASN F 413 -64.49 -21.06 14.22
CA ASN F 413 -65.10 -21.22 15.53
C ASN F 413 -64.33 -22.23 16.38
N ARG F 414 -64.00 -23.39 15.81
CA ARG F 414 -63.19 -24.36 16.55
C ARG F 414 -61.78 -23.85 16.82
N ALA F 415 -61.22 -23.04 15.91
CA ALA F 415 -59.87 -22.53 16.15
C ALA F 415 -59.85 -21.52 17.29
N ASN F 416 -60.88 -20.65 17.33
CA ASN F 416 -61.07 -19.76 18.48
C ASN F 416 -61.18 -20.53 19.79
N GLU F 417 -61.96 -21.63 19.80
CA GLU F 417 -62.20 -22.38 21.03
C GLU F 417 -60.92 -23.00 21.60
N TYR F 418 -60.02 -23.46 20.72
CA TYR F 418 -58.76 -24.12 21.11
C TYR F 418 -57.54 -23.19 21.00
N ASN F 419 -57.75 -21.91 20.70
CA ASN F 419 -56.71 -20.88 20.75
C ASN F 419 -55.61 -21.14 19.71
N LYS F 420 -56.04 -21.33 18.46
CA LYS F 420 -55.15 -21.51 17.32
C LYS F 420 -55.58 -20.53 16.24
N ASP F 421 -54.61 -19.91 15.58
CA ASP F 421 -54.92 -19.05 14.44
C ASP F 421 -55.39 -19.90 13.27
N TYR F 422 -56.29 -19.35 12.47
CA TYR F 422 -56.86 -20.04 11.33
C TYR F 422 -56.22 -19.49 10.05
N MET F 423 -55.32 -20.27 9.44
CA MET F 423 -54.70 -19.94 8.15
C MET F 423 -55.34 -20.78 7.05
N ALA F 424 -56.04 -20.12 6.13
CA ALA F 424 -56.77 -20.83 5.08
C ALA F 424 -56.13 -20.59 3.71
N GLN F 425 -56.16 -21.63 2.89
CA GLN F 425 -55.82 -21.49 1.47
C GLN F 425 -56.78 -22.38 0.68
N PHE F 426 -57.70 -21.76 -0.04
CA PHE F 426 -58.52 -22.51 -0.98
C PHE F 426 -57.70 -22.76 -2.25
N VAL F 427 -57.60 -24.03 -2.65
CA VAL F 427 -56.94 -24.44 -3.88
C VAL F 427 -58.03 -24.92 -4.82
N ILE F 428 -58.12 -24.32 -6.00
CA ILE F 428 -59.37 -24.36 -6.78
C ILE F 428 -59.22 -25.18 -8.06
N GLY F 429 -59.75 -26.40 -8.04
CA GLY F 429 -59.92 -27.19 -9.25
C GLY F 429 -61.15 -26.79 -10.05
N LEU F 430 -61.55 -27.66 -10.99
CA LEU F 430 -62.65 -27.35 -11.89
C LEU F 430 -64.00 -27.43 -11.20
N ARG F 431 -64.21 -28.47 -10.40
CA ARG F 431 -65.52 -28.79 -9.83
C ARG F 431 -65.43 -28.96 -8.33
N GLU F 432 -64.33 -28.55 -7.72
CA GLU F 432 -64.10 -28.84 -6.33
C GLU F 432 -62.99 -27.94 -5.84
N MET F 433 -62.99 -27.67 -4.54
CA MET F 433 -61.95 -26.87 -3.89
C MET F 433 -61.38 -27.65 -2.71
N TYR F 434 -60.06 -27.65 -2.61
CA TYR F 434 -59.40 -28.06 -1.38
C TYR F 434 -59.38 -26.86 -0.44
N HIS F 435 -59.86 -27.06 0.78
CA HIS F 435 -59.92 -26.01 1.78
C HIS F 435 -58.81 -26.31 2.79
N VAL F 436 -57.60 -25.88 2.44
CA VAL F 436 -56.44 -26.15 3.27
C VAL F 436 -56.52 -25.26 4.51
N CYS F 437 -56.57 -25.89 5.68
CA CYS F 437 -56.53 -25.20 6.95
C CYS F 437 -55.20 -25.56 7.62
N LEU F 438 -54.26 -24.64 7.59
CA LEU F 438 -53.00 -24.80 8.32
C LEU F 438 -53.17 -24.24 9.72
N PHE F 439 -52.90 -25.08 10.71
CA PHE F 439 -52.82 -24.61 12.09
C PHE F 439 -51.35 -24.62 12.47
N ILE F 440 -50.79 -23.45 12.74
CA ILE F 440 -49.38 -23.29 13.10
C ILE F 440 -49.25 -23.13 14.61
N TYR F 441 -48.36 -23.91 15.23
CA TYR F 441 -48.28 -24.03 16.68
C TYR F 441 -46.86 -24.30 17.14
N ASP F 442 -46.66 -24.06 18.43
CA ASP F 442 -45.41 -24.32 19.15
C ASP F 442 -45.26 -25.82 19.36
N THR F 443 -44.39 -26.45 18.57
CA THR F 443 -44.19 -27.88 18.67
C THR F 443 -43.57 -28.28 20.01
N ALA F 444 -42.93 -27.36 20.73
CA ALA F 444 -42.32 -27.70 22.02
C ALA F 444 -43.32 -27.70 23.18
N ASP F 445 -44.54 -27.21 22.97
CA ASP F 445 -45.50 -27.02 24.04
C ASP F 445 -46.43 -28.23 24.15
N PRO F 446 -46.35 -29.05 25.21
CA PRO F 446 -47.16 -30.27 25.25
C PRO F 446 -48.66 -30.00 25.26
N GLU F 447 -49.13 -28.93 25.91
CA GLU F 447 -50.53 -28.57 25.83
C GLU F 447 -50.93 -28.17 24.40
N ALA F 448 -50.05 -27.42 23.71
CA ALA F 448 -50.37 -26.95 22.36
C ALA F 448 -50.41 -28.10 21.37
N ARG F 449 -49.53 -29.10 21.54
CA ARG F 449 -49.61 -30.32 20.76
C ARG F 449 -50.93 -31.04 21.00
N GLU F 450 -51.36 -31.13 22.26
CA GLU F 450 -52.57 -31.87 22.55
C GLU F 450 -53.79 -31.10 22.06
N GLU F 451 -53.77 -29.78 22.21
CA GLU F 451 -54.83 -28.95 21.66
C GLU F 451 -54.98 -29.20 20.16
N ILE F 452 -53.87 -29.42 19.46
CA ILE F 452 -53.95 -29.66 18.02
C ILE F 452 -54.63 -31.00 17.73
N LEU F 453 -54.21 -32.05 18.42
CA LEU F 453 -54.82 -33.37 18.25
C LEU F 453 -56.31 -33.32 18.52
N GLN F 454 -56.72 -32.70 19.63
CA GLN F 454 -58.12 -32.75 20.01
C GLN F 454 -58.99 -31.82 19.15
N MET F 455 -58.44 -30.67 18.77
CA MET F 455 -59.20 -29.77 17.90
C MET F 455 -59.42 -30.39 16.52
N THR F 456 -58.38 -31.02 15.95
CA THR F 456 -58.54 -31.63 14.63
C THR F 456 -59.46 -32.86 14.72
N LYS F 457 -59.35 -33.63 15.80
CA LYS F 457 -60.24 -34.77 15.99
C LYS F 457 -61.70 -34.35 15.99
N VAL F 458 -62.02 -33.22 16.63
CA VAL F 458 -63.38 -32.73 16.65
C VAL F 458 -63.78 -32.17 15.28
N LEU F 459 -62.85 -31.48 14.61
CA LEU F 459 -63.12 -30.95 13.27
C LEU F 459 -63.40 -32.04 12.24
N VAL F 460 -62.71 -33.20 12.33
CA VAL F 460 -63.03 -34.32 11.44
C VAL F 460 -64.46 -34.78 11.64
N ARG F 461 -64.90 -34.88 12.90
CA ARG F 461 -66.26 -35.34 13.19
C ARG F 461 -67.29 -34.29 12.80
N GLU F 462 -66.99 -33.02 13.11
CA GLU F 462 -67.91 -31.94 12.80
C GLU F 462 -68.12 -31.81 11.30
N ALA F 463 -67.03 -31.81 10.52
CA ALA F 463 -67.15 -31.71 9.07
C ALA F 463 -67.96 -32.86 8.50
N ALA F 464 -67.67 -34.08 8.95
CA ALA F 464 -68.37 -35.25 8.44
C ALA F 464 -69.87 -35.15 8.72
N GLU F 465 -70.25 -34.69 9.92
CA GLU F 465 -71.66 -34.49 10.26
C GLU F 465 -72.33 -33.52 9.30
N ALA F 466 -71.55 -32.61 8.69
CA ALA F 466 -72.01 -31.64 7.70
C ALA F 466 -71.85 -32.15 6.27
N GLY F 467 -71.42 -33.40 6.10
CA GLY F 467 -71.22 -33.95 4.77
C GLY F 467 -69.89 -33.59 4.12
N TYR F 468 -68.89 -33.19 4.90
CA TYR F 468 -67.59 -32.80 4.37
C TYR F 468 -66.54 -33.86 4.72
N GLY F 469 -65.78 -34.29 3.72
CA GLY F 469 -64.63 -35.15 3.96
C GLY F 469 -63.30 -34.48 3.60
N GLU F 470 -62.21 -35.01 4.18
CA GLU F 470 -60.86 -34.57 3.89
C GLU F 470 -60.28 -35.41 2.76
N TYR F 471 -59.47 -34.76 1.90
CA TYR F 471 -58.81 -35.45 0.81
C TYR F 471 -57.55 -36.18 1.25
N ARG F 472 -57.05 -35.89 2.44
CA ARG F 472 -55.70 -36.23 2.86
C ARG F 472 -55.60 -35.86 4.33
N THR F 473 -54.88 -36.68 5.11
CA THR F 473 -54.80 -36.39 6.55
C THR F 473 -53.53 -36.98 7.16
N HIS F 474 -53.27 -36.53 8.38
CA HIS F 474 -52.08 -36.84 9.16
C HIS F 474 -52.22 -38.21 9.81
N ASN F 475 -51.07 -38.87 10.05
CA ASN F 475 -51.04 -40.15 10.75
C ASN F 475 -52.11 -40.23 11.86
N ALA F 476 -52.12 -39.23 12.75
CA ALA F 476 -52.89 -39.27 13.99
C ALA F 476 -54.39 -39.20 13.75
N LEU F 477 -54.83 -38.83 12.55
CA LEU F 477 -56.24 -38.70 12.20
C LEU F 477 -56.72 -39.75 11.22
N MET F 478 -55.83 -40.61 10.71
CA MET F 478 -56.18 -41.52 9.62
C MET F 478 -57.36 -42.42 9.98
N ASP F 479 -57.30 -43.07 11.17
CA ASP F 479 -58.42 -43.92 11.60
C ASP F 479 -59.74 -43.14 11.56
N ASP F 480 -59.72 -41.90 12.03
CA ASP F 480 -60.94 -41.12 12.13
C ASP F 480 -61.45 -40.69 10.77
N VAL F 481 -60.54 -40.31 9.87
CA VAL F 481 -60.99 -39.86 8.56
C VAL F 481 -61.59 -41.03 7.79
N MET F 482 -60.94 -42.18 7.80
CA MET F 482 -61.51 -43.33 7.10
C MET F 482 -62.87 -43.71 7.69
N ALA F 483 -63.01 -43.59 9.03
CA ALA F 483 -64.27 -43.91 9.71
C ALA F 483 -65.44 -43.06 9.19
N THR F 484 -65.19 -41.85 8.69
CA THR F 484 -66.26 -41.04 8.12
C THR F 484 -66.79 -41.56 6.79
N PHE F 485 -66.02 -42.37 6.05
CA PHE F 485 -66.43 -42.83 4.71
C PHE F 485 -67.16 -44.17 4.79
N ASN F 486 -68.19 -44.22 5.63
CA ASN F 486 -68.71 -45.50 6.10
C ASN F 486 -70.03 -45.92 5.43
N TRP F 487 -70.39 -45.33 4.29
CA TRP F 487 -71.60 -45.74 3.57
C TRP F 487 -71.70 -47.26 3.48
N GLY F 488 -72.92 -47.78 3.60
CA GLY F 488 -73.07 -49.23 3.51
C GLY F 488 -72.32 -49.99 4.59
N ASP F 489 -72.41 -49.51 5.83
CA ASP F 489 -71.71 -50.03 7.01
C ASP F 489 -70.23 -50.33 6.74
N GLY F 490 -69.52 -49.29 6.32
CA GLY F 490 -68.09 -49.44 6.07
C GLY F 490 -67.77 -50.32 4.87
N ALA F 491 -68.58 -50.23 3.83
CA ALA F 491 -68.31 -51.08 2.67
C ALA F 491 -66.95 -50.77 2.05
N LEU F 492 -66.57 -49.50 2.01
CA LEU F 492 -65.31 -49.12 1.35
C LEU F 492 -64.11 -49.70 2.09
N LEU F 493 -64.03 -49.44 3.40
CA LEU F 493 -62.94 -50.00 4.22
C LEU F 493 -62.86 -51.52 4.10
N LYS F 494 -64.01 -52.21 4.16
CA LYS F 494 -64.00 -53.65 4.01
C LYS F 494 -63.42 -54.09 2.66
N PHE F 495 -63.83 -53.43 1.57
CA PHE F 495 -63.21 -53.67 0.27
C PHE F 495 -61.70 -53.56 0.35
N HIS F 496 -61.19 -52.46 0.91
CA HIS F 496 -59.74 -52.25 0.99
C HIS F 496 -59.05 -53.32 1.86
N GLU F 497 -59.65 -53.68 2.99
CA GLU F 497 -59.02 -54.68 3.88
C GLU F 497 -58.89 -56.03 3.18
N LYS F 498 -59.92 -56.41 2.42
CA LYS F 498 -59.89 -57.68 1.72
C LYS F 498 -58.78 -57.70 0.68
N ILE F 499 -58.64 -56.61 -0.08
CA ILE F 499 -57.54 -56.48 -1.04
C ILE F 499 -56.21 -56.51 -0.31
N LYS F 500 -56.08 -55.68 0.74
CA LYS F 500 -54.86 -55.66 1.55
C LYS F 500 -54.45 -57.06 2.00
N ASP F 501 -55.40 -57.82 2.60
CA ASP F 501 -55.05 -59.14 3.12
C ASP F 501 -54.70 -60.12 2.00
N ALA F 502 -55.22 -59.90 0.79
CA ALA F 502 -54.87 -60.76 -0.32
C ALA F 502 -53.45 -60.53 -0.81
N LEU F 503 -53.00 -59.28 -0.89
CA LEU F 503 -51.65 -59.02 -1.37
C LEU F 503 -50.63 -59.05 -0.25
N ASP F 504 -51.07 -58.81 0.99
CA ASP F 504 -50.18 -58.70 2.15
C ASP F 504 -50.60 -59.70 3.24
N PRO F 505 -50.55 -61.01 2.95
CA PRO F 505 -51.03 -62.00 3.92
C PRO F 505 -50.28 -61.98 5.25
N ASN F 506 -49.03 -61.51 5.28
CA ASN F 506 -48.29 -61.39 6.52
C ASN F 506 -48.39 -60.01 7.13
N GLY F 507 -49.21 -59.14 6.55
CA GLY F 507 -49.48 -57.81 7.07
C GLY F 507 -48.24 -56.96 7.30
N ILE F 508 -47.49 -56.71 6.24
CA ILE F 508 -46.16 -56.14 6.33
C ILE F 508 -46.14 -54.64 6.00
N ILE F 509 -46.83 -54.21 4.93
CA ILE F 509 -46.59 -52.85 4.42
C ILE F 509 -47.45 -51.83 5.16
N ALA F 510 -46.80 -50.77 5.65
CA ALA F 510 -47.35 -49.64 6.41
C ALA F 510 -48.75 -49.88 7.00
N PRO F 511 -48.89 -50.79 7.96
CA PRO F 511 -50.24 -51.05 8.52
C PRO F 511 -50.85 -49.79 9.09
N GLY F 512 -52.14 -49.57 8.77
CA GLY F 512 -52.86 -48.41 9.27
C GLY F 512 -52.85 -47.18 8.38
N LYS F 513 -52.06 -47.18 7.31
CA LYS F 513 -52.08 -46.10 6.34
C LYS F 513 -53.49 -45.99 5.79
N SER F 514 -54.07 -44.79 5.86
CA SER F 514 -55.45 -44.52 5.46
C SER F 514 -56.50 -45.25 6.31
N GLY F 515 -56.15 -45.68 7.52
CA GLY F 515 -57.07 -46.49 8.31
C GLY F 515 -57.15 -47.94 7.91
N ILE F 516 -56.23 -48.44 7.10
CA ILE F 516 -56.31 -49.77 6.50
C ILE F 516 -55.34 -50.68 7.25
N TRP F 517 -55.87 -51.55 8.08
CA TRP F 517 -55.00 -52.44 8.82
C TRP F 517 -55.18 -53.87 8.34
N PRO F 518 -54.08 -54.61 8.16
CA PRO F 518 -54.19 -56.03 7.79
C PRO F 518 -54.70 -56.86 8.95
N GLN F 519 -55.06 -58.11 8.64
CA GLN F 519 -55.75 -58.96 9.61
C GLN F 519 -55.07 -58.95 10.97
N ARG F 520 -53.75 -59.16 10.98
CA ARG F 520 -53.06 -59.46 12.23
C ARG F 520 -53.01 -58.28 13.18
N PHE F 521 -53.37 -57.08 12.74
CA PHE F 521 -53.43 -55.91 13.61
C PHE F 521 -54.84 -55.44 13.91
N ARG F 522 -55.88 -56.08 13.38
CA ARG F 522 -57.21 -55.47 13.41
C ARG F 522 -57.85 -55.70 14.78
N GLY F 523 -58.29 -54.62 15.41
CA GLY F 523 -58.91 -54.73 16.71
C GLY F 523 -57.97 -54.62 17.89
N GLN F 524 -56.79 -54.06 17.69
CA GLN F 524 -55.93 -53.66 18.79
C GLN F 524 -55.93 -52.14 18.90
N ASN F 525 -55.37 -51.66 19.99
CA ASN F 525 -55.03 -50.23 20.11
C ASN F 525 -54.46 -49.71 18.79
N LEU F 526 -53.32 -50.24 18.40
CA LEU F 526 -52.60 -49.83 17.21
C LEU F 526 -51.93 -51.05 16.61
N THR G 2 54.49 -5.93 -16.35
CA THR G 2 54.33 -4.62 -15.73
C THR G 2 53.25 -3.83 -16.44
N ARG G 3 52.56 -2.97 -15.69
CA ARG G 3 51.63 -1.99 -16.23
C ARG G 3 52.24 -1.25 -17.43
N THR G 4 51.53 -1.28 -18.55
CA THR G 4 51.95 -0.53 -19.73
C THR G 4 51.64 0.96 -19.52
N LEU G 5 52.62 1.82 -19.78
CA LEU G 5 52.46 3.25 -19.52
C LEU G 5 52.91 4.09 -20.71
N PRO G 6 52.33 5.26 -20.91
CA PRO G 6 52.78 6.15 -21.99
C PRO G 6 54.20 6.61 -21.72
N PRO G 7 55.03 6.74 -22.77
CA PRO G 7 56.43 7.09 -22.57
C PRO G 7 56.61 8.35 -21.74
N GLY G 8 57.34 8.25 -20.63
CA GLY G 8 57.65 9.39 -19.79
C GLY G 8 56.48 9.94 -19.02
N VAL G 9 55.68 9.07 -18.41
CA VAL G 9 54.42 9.42 -17.74
C VAL G 9 54.21 8.44 -16.58
N SER G 10 54.12 8.98 -15.35
CA SER G 10 54.15 8.19 -14.12
C SER G 10 52.85 7.43 -13.89
N ASP G 11 52.90 6.50 -12.92
CA ASP G 11 51.68 5.83 -12.44
C ASP G 11 50.64 6.85 -12.00
N GLU G 12 51.08 7.87 -11.27
CA GLU G 12 50.18 8.92 -10.79
C GLU G 12 49.53 9.66 -11.95
N ARG G 13 50.35 10.24 -12.84
CA ARG G 13 49.82 11.16 -13.86
C ARG G 13 48.86 10.46 -14.80
N PHE G 14 49.16 9.21 -15.17
CA PHE G 14 48.29 8.46 -16.06
C PHE G 14 46.95 8.15 -15.40
N ASP G 15 46.96 7.82 -14.11
CA ASP G 15 45.71 7.55 -13.41
C ASP G 15 44.86 8.79 -13.27
N ALA G 16 45.48 9.97 -13.20
CA ALA G 16 44.71 11.22 -13.23
C ALA G 16 44.17 11.49 -14.63
N ALA G 17 44.87 11.00 -15.66
CA ALA G 17 44.38 11.21 -17.02
C ALA G 17 43.27 10.24 -17.34
N LEU G 18 43.41 8.99 -16.89
CA LEU G 18 42.34 8.02 -16.98
C LEU G 18 41.02 8.59 -16.46
N GLN G 19 41.06 9.19 -15.27
CA GLN G 19 39.85 9.75 -14.67
C GLN G 19 39.25 10.85 -15.55
N ARG G 20 40.09 11.75 -16.05
CA ARG G 20 39.59 12.79 -16.95
C ARG G 20 38.88 12.18 -18.14
N PHE G 21 39.50 11.16 -18.74
CA PHE G 21 38.87 10.42 -19.83
C PHE G 21 37.52 9.86 -19.39
N ARG G 22 37.44 9.32 -18.17
CA ARG G 22 36.16 8.82 -17.67
C ARG G 22 35.15 9.95 -17.55
N ASP G 23 35.58 11.10 -17.02
CA ASP G 23 34.69 12.27 -16.94
C ASP G 23 34.09 12.60 -18.31
N VAL G 24 34.86 12.40 -19.39
CA VAL G 24 34.41 12.79 -20.71
C VAL G 24 33.43 11.78 -21.29
N VAL G 25 33.81 10.49 -21.31
CA VAL G 25 33.05 9.47 -22.03
C VAL G 25 32.23 8.57 -21.13
N GLY G 26 32.40 8.66 -19.81
CA GLY G 26 31.80 7.67 -18.91
C GLY G 26 32.75 6.53 -18.65
N ASP G 27 32.65 5.93 -17.46
CA ASP G 27 33.72 5.00 -17.12
C ASP G 27 33.47 3.59 -17.61
N LYS G 28 32.26 3.28 -18.11
CA LYS G 28 32.04 2.07 -18.91
C LYS G 28 33.02 2.00 -20.08
N TRP G 29 33.42 3.16 -20.61
CA TRP G 29 34.05 3.26 -21.92
C TRP G 29 35.51 3.70 -21.83
N VAL G 30 36.15 3.49 -20.68
CA VAL G 30 37.58 3.57 -20.53
C VAL G 30 38.03 2.21 -20.03
N LEU G 31 38.82 1.50 -20.84
CA LEU G 31 39.35 0.20 -20.43
C LEU G 31 40.82 0.34 -20.06
N SER G 32 41.30 -0.50 -19.14
CA SER G 32 42.63 -0.26 -18.58
C SER G 32 43.23 -1.46 -17.86
N THR G 33 42.52 -2.58 -17.76
CA THR G 33 43.10 -3.76 -17.15
C THR G 33 43.62 -4.70 -18.23
N ALA G 34 44.54 -5.60 -17.83
CA ALA G 34 45.17 -6.50 -18.78
C ALA G 34 44.16 -7.30 -19.58
N ASP G 35 43.10 -7.78 -18.91
CA ASP G 35 42.14 -8.66 -19.59
C ASP G 35 41.15 -7.87 -20.42
N GLU G 36 40.85 -6.63 -20.04
CA GLU G 36 40.08 -5.78 -20.94
C GLU G 36 40.85 -5.48 -22.22
N LEU G 37 42.17 -5.37 -22.14
CA LEU G 37 42.98 -4.90 -23.25
C LEU G 37 43.47 -6.01 -24.18
N GLU G 38 43.42 -7.28 -23.78
CA GLU G 38 44.00 -8.32 -24.62
C GLU G 38 43.22 -8.51 -25.91
N ALA G 39 41.96 -8.08 -25.98
CA ALA G 39 41.27 -8.09 -27.25
C ALA G 39 41.72 -6.97 -28.18
N PHE G 40 42.47 -5.98 -27.68
CA PHE G 40 42.96 -4.90 -28.52
C PHE G 40 44.41 -5.06 -28.93
N ARG G 41 45.10 -6.05 -28.37
CA ARG G 41 46.41 -6.45 -28.84
C ARG G 41 46.28 -7.02 -30.26
N ASP G 42 47.39 -7.02 -30.98
CA ASP G 42 47.41 -7.48 -32.36
C ASP G 42 46.98 -8.95 -32.38
N PRO G 43 45.92 -9.33 -33.11
CA PRO G 43 45.52 -10.75 -33.14
C PRO G 43 46.45 -11.60 -33.99
N TYR G 44 47.23 -10.98 -34.89
CA TYR G 44 48.22 -11.64 -35.73
C TYR G 44 49.59 -11.06 -35.36
N PRO G 45 50.11 -11.36 -34.17
CA PRO G 45 51.32 -10.68 -33.70
C PRO G 45 52.54 -11.02 -34.55
N VAL G 46 53.40 -10.03 -34.72
CA VAL G 46 54.62 -10.13 -35.52
C VAL G 46 55.81 -9.94 -34.61
N GLY G 47 56.75 -10.89 -34.64
CA GLY G 47 57.94 -10.91 -33.80
C GLY G 47 57.74 -11.75 -32.56
N ALA G 48 58.84 -12.36 -32.08
CA ALA G 48 58.73 -13.14 -30.86
C ALA G 48 58.41 -12.25 -29.66
N ALA G 49 59.00 -11.05 -29.60
CA ALA G 49 58.92 -10.17 -28.44
C ALA G 49 57.59 -9.41 -28.37
N GLU G 50 57.18 -9.07 -27.15
CA GLU G 50 56.04 -8.20 -26.95
C GLU G 50 56.28 -6.86 -27.65
N ALA G 51 55.28 -6.41 -28.41
CA ALA G 51 55.35 -5.12 -29.08
C ALA G 51 53.94 -4.59 -29.25
N ASN G 52 53.85 -3.27 -29.49
CA ASN G 52 52.60 -2.60 -29.83
C ASN G 52 51.54 -2.76 -28.73
N LEU G 53 51.92 -2.43 -27.45
CA LEU G 53 50.97 -2.61 -26.34
C LEU G 53 50.22 -1.32 -26.08
N PRO G 54 48.89 -1.36 -26.04
CA PRO G 54 48.13 -0.16 -25.67
C PRO G 54 48.03 -0.03 -24.16
N SER G 55 48.11 1.20 -23.69
CA SER G 55 47.96 1.42 -22.25
C SER G 55 46.50 1.41 -21.81
N ALA G 56 45.57 1.86 -22.64
CA ALA G 56 44.13 1.93 -22.32
C ALA G 56 43.34 2.05 -23.63
N VAL G 57 42.01 2.01 -23.51
CA VAL G 57 41.10 2.23 -24.65
C VAL G 57 40.00 3.19 -24.23
N VAL G 58 39.79 4.26 -25.00
CA VAL G 58 38.72 5.23 -24.77
C VAL G 58 37.79 5.20 -25.97
N SER G 59 36.51 4.97 -25.73
CA SER G 59 35.50 4.90 -26.77
C SER G 59 34.59 6.11 -26.69
N PRO G 60 34.83 7.16 -27.47
CA PRO G 60 33.98 8.35 -27.45
C PRO G 60 32.65 8.17 -28.18
N GLU G 61 31.71 9.06 -27.82
CA GLU G 61 30.34 8.99 -28.33
C GLU G 61 30.03 10.07 -29.36
N SER G 62 30.86 11.10 -29.46
CA SER G 62 30.56 12.23 -30.34
C SER G 62 31.84 12.97 -30.66
N THR G 63 31.74 13.86 -31.66
CA THR G 63 32.90 14.66 -32.08
C THR G 63 33.41 15.49 -30.93
N GLU G 64 32.51 16.02 -30.09
CA GLU G 64 32.94 16.86 -28.99
C GLU G 64 33.66 16.04 -27.93
N GLN G 65 33.33 14.76 -27.80
CA GLN G 65 34.07 13.94 -26.84
C GLN G 65 35.48 13.64 -27.37
N VAL G 66 35.61 13.42 -28.68
CA VAL G 66 36.92 13.25 -29.30
C VAL G 66 37.80 14.48 -29.04
N GLN G 67 37.24 15.68 -29.22
CA GLN G 67 37.98 16.91 -28.95
C GLN G 67 38.48 16.95 -27.52
N ASP G 68 37.59 16.67 -26.57
CA ASP G 68 37.99 16.70 -25.16
C ASP G 68 39.10 15.72 -24.92
N ILE G 69 39.04 14.57 -25.58
CA ILE G 69 40.07 13.55 -25.41
C ILE G 69 41.40 14.06 -25.94
N VAL G 70 41.39 14.64 -27.14
CA VAL G 70 42.62 15.18 -27.72
C VAL G 70 43.20 16.28 -26.83
N ARG G 71 42.33 17.09 -26.21
CA ARG G 71 42.84 18.18 -25.39
C ARG G 71 43.42 17.67 -24.08
N ILE G 72 42.88 16.56 -23.55
CA ILE G 72 43.43 15.97 -22.35
C ILE G 72 44.74 15.24 -22.66
N ALA G 73 44.87 14.73 -23.88
CA ALA G 73 46.11 14.05 -24.24
C ALA G 73 47.24 15.05 -24.42
N ASN G 74 46.93 16.22 -25.00
CA ASN G 74 47.93 17.28 -25.15
C ASN G 74 48.39 17.79 -23.79
N GLU G 75 47.48 17.83 -22.79
CA GLU G 75 47.78 18.34 -21.46
C GLU G 75 48.62 17.38 -20.63
N TYR G 76 48.67 16.11 -21.01
CA TYR G 76 49.38 15.10 -20.24
C TYR G 76 50.50 14.43 -21.02
N GLY G 77 50.73 14.83 -22.27
CA GLY G 77 51.62 14.06 -23.13
C GLY G 77 51.27 12.59 -23.23
N ILE G 78 49.97 12.27 -23.34
CA ILE G 78 49.55 10.90 -23.68
C ILE G 78 49.47 10.83 -25.19
N PRO G 79 50.03 9.78 -25.82
CA PRO G 79 49.83 9.59 -27.25
C PRO G 79 48.59 8.76 -27.52
N LEU G 80 47.89 9.10 -28.60
CA LEU G 80 46.64 8.46 -28.94
C LEU G 80 46.76 7.75 -30.28
N HIS G 81 46.24 6.51 -30.33
CA HIS G 81 46.13 5.77 -31.58
C HIS G 81 44.66 5.71 -31.97
N PRO G 82 44.21 6.53 -32.91
CA PRO G 82 42.80 6.48 -33.33
C PRO G 82 42.54 5.31 -34.26
N VAL G 83 41.41 4.64 -34.04
CA VAL G 83 40.92 3.63 -34.96
C VAL G 83 39.41 3.87 -35.19
N SER G 84 38.89 3.25 -36.25
CA SER G 84 37.44 3.17 -36.47
C SER G 84 36.94 1.88 -35.84
N THR G 85 36.89 0.77 -36.61
CA THR G 85 36.52 -0.54 -36.06
C THR G 85 37.71 -1.34 -35.51
N GLY G 86 38.95 -0.95 -35.82
CA GLY G 86 40.10 -1.64 -35.27
C GLY G 86 40.31 -3.03 -35.84
N LYS G 87 39.94 -3.24 -37.09
CA LYS G 87 39.97 -4.54 -37.75
C LYS G 87 41.05 -4.60 -38.81
N ASN G 88 42.10 -3.78 -38.67
CA ASN G 88 43.18 -3.70 -39.64
C ASN G 88 44.09 -4.92 -39.50
N ASN G 89 43.48 -6.11 -39.63
CA ASN G 89 44.18 -7.37 -39.43
C ASN G 89 45.10 -7.66 -40.60
N GLY G 90 46.36 -7.98 -40.29
CA GLY G 90 47.41 -8.16 -41.27
C GLY G 90 48.38 -7.02 -41.27
N TYR G 91 47.96 -5.89 -40.70
CA TYR G 91 48.77 -4.68 -40.57
C TYR G 91 48.92 -4.25 -39.13
N GLY G 92 48.47 -5.04 -38.16
CA GLY G 92 48.53 -4.66 -36.75
C GLY G 92 47.19 -4.69 -36.01
N GLY G 93 46.06 -4.92 -36.69
CA GLY G 93 44.76 -4.76 -36.05
C GLY G 93 44.59 -3.38 -35.42
N ALA G 94 44.12 -3.37 -34.18
CA ALA G 94 43.89 -2.14 -33.43
C ALA G 94 45.12 -1.64 -32.67
N ALA G 95 46.17 -2.44 -32.62
CA ALA G 95 47.29 -2.11 -31.74
C ALA G 95 47.98 -0.83 -32.21
N PRO G 96 48.45 0.00 -31.29
CA PRO G 96 49.20 1.20 -31.69
C PRO G 96 50.61 0.83 -32.11
N ARG G 97 51.16 1.64 -33.02
CA ARG G 97 52.55 1.49 -33.41
C ARG G 97 53.48 1.79 -32.24
N LEU G 98 53.22 2.89 -31.54
CA LEU G 98 54.00 3.29 -30.38
C LEU G 98 53.42 2.64 -29.13
N SER G 99 54.24 1.87 -28.42
CA SER G 99 53.74 1.23 -27.22
C SER G 99 53.44 2.28 -26.16
N GLY G 100 52.44 1.98 -25.33
CA GLY G 100 51.99 2.89 -24.30
C GLY G 100 50.94 3.88 -24.74
N SER G 101 50.62 3.94 -26.03
CA SER G 101 49.57 4.82 -26.53
C SER G 101 48.20 4.35 -26.03
N VAL G 102 47.23 5.26 -26.06
CA VAL G 102 45.84 4.94 -25.77
C VAL G 102 45.07 4.87 -27.09
N ILE G 103 44.37 3.77 -27.29
CA ILE G 103 43.53 3.57 -28.47
C ILE G 103 42.24 4.36 -28.28
N VAL G 104 42.00 5.31 -29.19
CA VAL G 104 40.71 5.99 -29.26
C VAL G 104 39.88 5.23 -30.29
N LYS G 105 39.05 4.29 -29.80
CA LYS G 105 38.16 3.51 -30.65
C LYS G 105 36.88 4.30 -30.93
N THR G 106 36.91 5.09 -32.01
CA THR G 106 35.79 5.97 -32.35
C THR G 106 34.55 5.17 -32.73
N GLY G 107 34.73 4.00 -33.37
CA GLY G 107 33.64 3.25 -33.96
C GLY G 107 32.72 2.51 -33.02
N GLU G 108 33.17 2.20 -31.80
CA GLU G 108 32.29 1.48 -30.87
C GLU G 108 30.95 2.21 -30.69
N ARG G 109 30.97 3.53 -30.60
CA ARG G 109 29.77 4.32 -30.31
C ARG G 109 29.44 5.35 -31.38
N MET G 110 30.45 5.86 -32.11
CA MET G 110 30.22 6.69 -33.28
C MET G 110 30.07 5.78 -34.50
N ASN G 111 28.92 5.09 -34.53
CA ASN G 111 28.67 4.04 -35.50
C ASN G 111 27.42 4.33 -36.34
N ARG G 112 27.09 5.60 -36.52
CA ARG G 112 25.81 5.99 -37.11
C ARG G 112 25.96 6.37 -38.57
N ILE G 113 25.01 5.92 -39.39
CA ILE G 113 24.86 6.39 -40.77
C ILE G 113 24.14 7.74 -40.74
N LEU G 114 24.85 8.83 -41.07
CA LEU G 114 24.22 10.15 -40.97
C LEU G 114 23.39 10.47 -42.20
N GLU G 115 23.81 10.04 -43.38
CA GLU G 115 23.03 10.34 -44.57
C GLU G 115 23.35 9.33 -45.67
N VAL G 116 22.32 8.79 -46.30
CA VAL G 116 22.44 8.10 -47.59
C VAL G 116 21.49 8.79 -48.56
N ASN G 117 22.05 9.52 -49.53
CA ASN G 117 21.28 10.29 -50.51
C ASN G 117 21.11 9.46 -51.78
N GLU G 118 19.86 9.09 -52.08
CA GLU G 118 19.53 8.27 -53.23
C GLU G 118 19.70 9.04 -54.54
N LYS G 119 19.37 10.32 -54.52
CA LYS G 119 19.35 11.12 -55.75
C LYS G 119 20.75 11.36 -56.27
N TYR G 120 21.69 11.65 -55.37
CA TYR G 120 23.04 11.98 -55.76
C TYR G 120 23.99 10.82 -55.54
N GLY G 121 23.55 9.77 -54.85
CA GLY G 121 24.31 8.55 -54.68
C GLY G 121 25.56 8.77 -53.86
N TYR G 122 25.40 9.12 -52.58
CA TYR G 122 26.53 9.19 -51.67
C TYR G 122 26.07 8.76 -50.30
N ALA G 123 27.01 8.70 -49.38
CA ALA G 123 26.70 8.43 -48.00
C ALA G 123 27.59 9.32 -47.13
N LEU G 124 27.06 9.70 -45.98
CA LEU G 124 27.84 10.39 -44.95
C LEU G 124 27.82 9.51 -43.71
N LEU G 125 29.00 9.13 -43.22
CA LEU G 125 29.16 8.05 -42.26
C LEU G 125 30.02 8.50 -41.11
N GLU G 126 29.77 7.88 -39.96
CA GLU G 126 30.73 7.87 -38.86
C GLU G 126 31.61 6.64 -38.95
N PRO G 127 32.70 6.60 -38.17
CA PRO G 127 33.65 5.46 -38.26
C PRO G 127 33.11 4.08 -37.92
N GLY G 128 32.09 3.95 -37.07
CA GLY G 128 31.63 2.63 -36.66
C GLY G 128 30.78 1.89 -37.66
N VAL G 129 30.46 2.53 -38.79
CA VAL G 129 29.58 1.92 -39.76
C VAL G 129 30.39 0.88 -40.52
N THR G 130 30.05 -0.39 -40.35
CA THR G 130 30.71 -1.46 -41.08
C THR G 130 30.03 -1.63 -42.43
N TYR G 131 30.73 -2.31 -43.34
CA TYR G 131 30.11 -2.71 -44.60
C TYR G 131 28.83 -3.54 -44.38
N PHE G 132 28.80 -4.41 -43.38
CA PHE G 132 27.54 -5.09 -43.06
C PHE G 132 26.44 -4.11 -42.69
N ASP G 133 26.77 -3.12 -41.85
CA ASP G 133 25.80 -2.09 -41.46
C ASP G 133 25.25 -1.36 -42.70
N LEU G 134 26.15 -0.83 -43.54
CA LEU G 134 25.71 -0.06 -44.70
C LEU G 134 24.91 -0.91 -45.66
N TYR G 135 25.31 -2.17 -45.82
CA TYR G 135 24.60 -3.08 -46.72
C TYR G 135 23.18 -3.33 -46.24
N GLU G 136 23.01 -3.54 -44.92
CA GLU G 136 21.69 -3.76 -44.38
C GLU G 136 20.83 -2.49 -44.49
N TYR G 137 21.42 -1.31 -44.29
CA TYR G 137 20.72 -0.05 -44.54
C TYR G 137 20.25 0.04 -45.99
N LEU G 138 21.15 -0.17 -46.95
CA LEU G 138 20.71 -0.11 -48.35
C LEU G 138 19.64 -1.18 -48.64
N GLN G 139 19.76 -2.36 -48.02
CA GLN G 139 18.72 -3.37 -48.23
C GLN G 139 17.40 -2.96 -47.58
N SER G 140 17.44 -2.42 -46.36
CA SER G 140 16.21 -2.05 -45.64
C SER G 140 15.42 -0.98 -46.36
N HIS G 141 16.10 -0.06 -47.04
CA HIS G 141 15.45 1.08 -47.66
C HIS G 141 15.26 0.87 -49.15
N ASP G 142 15.45 -0.36 -49.63
CA ASP G 142 15.19 -0.71 -51.02
C ASP G 142 15.93 0.28 -51.93
N SER G 143 17.19 0.50 -51.62
CA SER G 143 17.98 1.50 -52.31
C SER G 143 18.38 0.99 -53.70
N GLY G 144 18.64 1.93 -54.59
CA GLY G 144 19.17 1.62 -55.90
C GLY G 144 20.68 1.67 -55.98
N LEU G 145 21.34 1.88 -54.84
CA LEU G 145 22.78 1.97 -54.73
C LEU G 145 23.35 0.68 -54.18
N MET G 146 24.65 0.51 -54.38
CA MET G 146 25.41 -0.59 -53.80
C MET G 146 26.70 -0.04 -53.19
N LEU G 147 27.18 -0.71 -52.16
CA LEU G 147 28.45 -0.30 -51.60
C LEU G 147 29.58 -1.01 -52.34
N ASP G 148 30.81 -0.68 -51.96
CA ASP G 148 32.02 -1.34 -52.44
C ASP G 148 32.83 -1.72 -51.21
N CYS G 149 33.16 -3.01 -51.08
CA CYS G 149 33.72 -3.59 -49.87
C CYS G 149 34.99 -4.40 -50.13
N PRO G 150 35.92 -4.41 -49.15
CA PRO G 150 37.05 -5.36 -49.16
C PRO G 150 36.60 -6.80 -48.97
N ASP G 151 37.54 -7.73 -48.86
CA ASP G 151 37.20 -9.15 -48.73
C ASP G 151 36.47 -9.44 -47.43
N LEU G 152 36.69 -8.63 -46.40
CA LEU G 152 36.06 -8.84 -45.09
C LEU G 152 35.21 -7.64 -44.71
N GLY G 153 33.93 -7.90 -44.44
CA GLY G 153 32.92 -6.89 -44.26
C GLY G 153 32.73 -6.36 -42.86
N TRP G 154 33.51 -6.87 -41.89
CA TRP G 154 33.40 -6.39 -40.53
C TRP G 154 34.25 -5.16 -40.28
N GLY G 155 34.91 -4.67 -41.32
CA GLY G 155 35.67 -3.46 -41.20
C GLY G 155 34.82 -2.22 -41.40
N SER G 156 35.49 -1.08 -41.32
CA SER G 156 34.86 0.23 -41.36
C SER G 156 34.92 0.83 -42.75
N VAL G 157 33.78 1.35 -43.23
CA VAL G 157 33.83 2.08 -44.49
C VAL G 157 34.81 3.24 -44.40
N VAL G 158 34.91 3.86 -43.22
CA VAL G 158 35.78 5.01 -43.03
C VAL G 158 37.22 4.55 -42.74
N GLY G 159 37.38 3.60 -41.80
CA GLY G 159 38.72 3.21 -41.40
C GLY G 159 39.51 2.56 -42.52
N ASN G 160 38.84 1.71 -43.30
CA ASN G 160 39.46 1.17 -44.51
C ASN G 160 39.95 2.28 -45.43
N THR G 161 39.10 3.28 -45.67
CA THR G 161 39.45 4.37 -46.58
C THR G 161 40.68 5.14 -46.08
N LEU G 162 40.75 5.40 -44.77
CA LEU G 162 41.88 6.16 -44.22
C LEU G 162 43.21 5.39 -44.23
N ASP G 163 43.20 4.10 -44.53
CA ASP G 163 44.45 3.36 -44.78
C ASP G 163 44.59 3.05 -46.27
N ARG G 164 43.70 3.59 -47.09
CA ARG G 164 43.78 3.57 -48.55
C ARG G 164 43.60 2.16 -49.10
N GLY G 165 42.79 1.36 -48.41
CA GLY G 165 42.41 0.04 -48.86
C GLY G 165 41.45 0.11 -50.04
N VAL G 166 41.04 -1.07 -50.50
CA VAL G 166 40.40 -1.19 -51.80
C VAL G 166 39.40 -2.33 -51.80
N GLY G 167 38.42 -2.22 -52.70
CA GLY G 167 37.43 -3.24 -52.97
C GLY G 167 37.41 -3.49 -54.46
N TYR G 168 36.35 -4.10 -54.99
CA TYR G 168 36.48 -4.81 -56.25
C TYR G 168 35.45 -4.45 -57.31
N THR G 169 34.48 -3.60 -56.99
CA THR G 169 33.52 -3.11 -57.98
C THR G 169 34.20 -1.99 -58.78
N PRO G 170 33.51 -1.38 -59.75
CA PRO G 170 34.11 -0.20 -60.41
C PRO G 170 34.50 0.90 -59.43
N TYR G 171 33.90 0.94 -58.25
CA TYR G 171 34.19 1.94 -57.24
C TYR G 171 35.24 1.45 -56.24
N GLY G 172 36.18 0.61 -56.68
CA GLY G 172 37.11 -0.04 -55.76
C GLY G 172 38.14 0.86 -55.12
N ASP G 173 38.46 2.00 -55.72
CA ASP G 173 39.44 2.90 -55.11
C ASP G 173 38.72 3.77 -54.08
N HIS G 174 38.74 3.33 -52.82
CA HIS G 174 37.93 3.98 -51.78
C HIS G 174 38.37 5.41 -51.53
N PHE G 175 39.66 5.72 -51.63
CA PHE G 175 40.04 7.11 -51.36
C PHE G 175 39.61 8.02 -52.50
N MET G 176 39.61 7.51 -53.73
CA MET G 176 39.14 8.32 -54.84
C MET G 176 37.70 8.78 -54.63
N TRP G 177 36.81 7.86 -54.23
CA TRP G 177 35.39 8.19 -54.09
C TRP G 177 35.05 8.82 -52.75
N GLN G 178 35.98 8.86 -51.80
CA GLN G 178 35.84 9.72 -50.64
C GLN G 178 35.58 11.16 -51.08
N THR G 179 34.61 11.81 -50.43
CA THR G 179 34.19 13.18 -50.80
C THR G 179 33.87 13.90 -49.51
N GLY G 180 34.83 14.71 -49.03
CA GLY G 180 34.72 15.44 -47.78
C GLY G 180 34.87 14.62 -46.52
N LEU G 181 35.48 15.21 -45.50
CA LEU G 181 35.56 14.59 -44.18
C LEU G 181 35.60 15.69 -43.13
N GLU G 182 35.27 15.30 -41.90
CA GLU G 182 35.46 16.11 -40.71
C GLU G 182 36.58 15.46 -39.91
N VAL G 183 37.49 16.26 -39.35
CA VAL G 183 38.62 15.74 -38.61
C VAL G 183 38.94 16.65 -37.43
N VAL G 184 39.20 16.03 -36.28
CA VAL G 184 39.70 16.73 -35.10
C VAL G 184 41.22 16.73 -35.19
N LEU G 185 41.80 17.92 -35.43
CA LEU G 185 43.25 18.11 -35.54
C LEU G 185 43.95 17.85 -34.19
N PRO G 186 45.29 17.72 -34.20
CA PRO G 186 45.99 17.19 -33.01
C PRO G 186 45.93 18.06 -31.76
N GLN G 187 45.51 19.32 -31.82
CA GLN G 187 45.34 20.11 -30.60
C GLN G 187 43.88 20.25 -30.17
N GLY G 188 42.93 19.77 -30.95
CA GLY G 188 41.53 19.70 -30.55
C GLY G 188 40.58 20.41 -31.47
N GLU G 189 41.08 21.30 -32.33
CA GLU G 189 40.19 22.06 -33.20
C GLU G 189 39.63 21.15 -34.29
N VAL G 190 38.38 21.38 -34.65
CA VAL G 190 37.69 20.53 -35.60
C VAL G 190 37.61 21.26 -36.94
N MET G 191 37.66 20.51 -38.03
CA MET G 191 37.76 21.09 -39.37
C MET G 191 37.00 20.21 -40.35
N ARG G 192 36.42 20.84 -41.36
CA ARG G 192 35.79 20.11 -42.46
C ARG G 192 36.49 20.45 -43.78
N THR G 193 36.71 19.42 -44.60
CA THR G 193 37.35 19.63 -45.89
C THR G 193 36.30 19.92 -46.96
N GLY G 194 36.77 20.44 -48.09
CA GLY G 194 35.93 20.53 -49.27
C GLY G 194 34.83 21.56 -49.12
N MET G 195 33.66 21.24 -49.68
CA MET G 195 32.51 22.12 -49.55
C MET G 195 31.92 22.07 -48.14
N GLY G 196 32.43 21.20 -47.29
CA GLY G 196 32.09 21.24 -45.88
C GLY G 196 32.61 22.44 -45.14
N ALA G 197 33.65 23.09 -45.68
CA ALA G 197 34.18 24.30 -45.07
C ALA G 197 33.35 25.54 -45.39
N LEU G 198 32.42 25.44 -46.35
CA LEU G 198 31.52 26.53 -46.70
C LEU G 198 30.19 26.35 -45.99
N PRO G 199 29.89 27.10 -44.93
CA PRO G 199 28.65 26.88 -44.17
C PRO G 199 27.42 26.97 -45.06
N GLY G 200 26.54 25.99 -44.91
CA GLY G 200 25.30 25.94 -45.64
C GLY G 200 25.33 25.20 -46.96
N SER G 201 26.50 24.69 -47.38
CA SER G 201 26.56 24.00 -48.67
C SER G 201 25.88 22.64 -48.58
N ASP G 202 25.26 22.24 -49.68
CA ASP G 202 24.67 20.93 -49.84
C ASP G 202 25.55 20.00 -50.69
N ALA G 203 26.81 20.38 -50.93
CA ALA G 203 27.69 19.68 -51.86
C ALA G 203 28.95 19.15 -51.21
N TRP G 204 28.98 19.05 -49.87
CA TRP G 204 30.05 18.37 -49.15
C TRP G 204 30.40 17.04 -49.80
N GLN G 205 29.37 16.24 -50.07
CA GLN G 205 29.54 14.92 -50.67
C GLN G 205 29.31 14.92 -52.16
N LEU G 206 29.18 16.09 -52.79
CA LEU G 206 29.05 16.19 -54.23
C LEU G 206 30.33 16.60 -54.93
N PHE G 207 31.17 17.40 -54.28
CA PHE G 207 32.33 17.99 -54.94
C PHE G 207 33.52 17.93 -53.99
N PRO G 208 34.57 17.16 -54.32
CA PRO G 208 35.60 16.88 -53.32
C PRO G 208 36.53 18.04 -53.00
N TYR G 209 36.84 18.89 -53.97
CA TYR G 209 38.05 19.71 -53.85
C TYR G 209 37.87 20.95 -52.98
N GLY G 210 36.67 21.52 -52.91
CA GLY G 210 36.53 22.81 -52.23
C GLY G 210 37.31 23.90 -52.95
N PHE G 211 38.11 24.63 -52.20
CA PHE G 211 38.90 25.73 -52.76
C PHE G 211 40.24 25.76 -52.07
N GLY G 212 41.29 26.06 -52.85
CA GLY G 212 42.63 26.05 -52.31
C GLY G 212 43.20 24.65 -52.26
N PRO G 213 44.27 24.46 -51.50
CA PRO G 213 44.97 23.18 -51.51
C PRO G 213 44.10 22.05 -50.97
N PHE G 214 44.08 20.94 -51.72
CA PHE G 214 43.32 19.73 -51.43
C PHE G 214 44.03 18.92 -50.34
N PRO G 215 43.42 18.82 -49.16
CA PRO G 215 44.14 18.22 -48.01
C PRO G 215 43.70 16.81 -47.63
N ASP G 216 42.65 16.29 -48.25
CA ASP G 216 42.02 15.07 -47.74
C ASP G 216 43.00 13.90 -47.71
N GLY G 217 43.82 13.79 -48.76
CA GLY G 217 44.84 12.75 -48.84
C GLY G 217 45.86 12.79 -47.74
N MET G 218 46.09 13.95 -47.13
CA MET G 218 47.04 14.05 -46.04
C MET G 218 46.52 13.42 -44.76
N PHE G 219 45.23 13.07 -44.69
CA PHE G 219 44.67 12.36 -43.55
C PHE G 219 44.56 10.87 -43.80
N THR G 220 45.01 10.37 -44.94
CA THR G 220 45.03 8.94 -45.22
C THR G 220 46.44 8.40 -45.00
N GLN G 221 46.55 7.20 -44.44
CA GLN G 221 47.83 6.62 -44.00
C GLN G 221 48.66 7.67 -43.27
N SER G 222 48.07 8.22 -42.21
CA SER G 222 48.54 9.48 -41.68
C SER G 222 48.29 9.51 -40.18
N ASN G 223 48.80 10.57 -39.53
CA ASN G 223 48.61 10.79 -38.10
C ASN G 223 48.41 12.27 -37.81
N LEU G 224 47.68 12.97 -38.68
CA LEU G 224 47.40 14.39 -38.53
C LEU G 224 46.06 14.71 -37.87
N GLY G 225 45.39 13.73 -37.25
CA GLY G 225 44.11 13.99 -36.59
C GLY G 225 43.23 12.77 -36.51
N ILE G 226 42.10 12.94 -35.84
CA ILE G 226 41.09 11.91 -35.64
C ILE G 226 39.88 12.27 -36.49
N VAL G 227 39.57 11.41 -37.48
CA VAL G 227 38.42 11.63 -38.35
C VAL G 227 37.15 11.18 -37.63
N THR G 228 36.12 12.03 -37.68
CA THR G 228 34.86 11.77 -37.00
C THR G 228 33.67 11.62 -37.95
N LYS G 229 33.77 12.16 -39.15
CA LYS G 229 32.78 11.95 -40.19
C LYS G 229 33.50 11.85 -41.53
N MET G 230 32.92 11.10 -42.48
CA MET G 230 33.51 10.99 -43.81
C MET G 230 32.39 10.68 -44.81
N GLY G 231 32.40 11.37 -45.94
CA GLY G 231 31.47 11.10 -47.01
C GLY G 231 32.09 10.21 -48.06
N ILE G 232 31.24 9.57 -48.86
CA ILE G 232 31.72 8.68 -49.91
C ILE G 232 30.63 8.50 -50.94
N ALA G 233 31.03 8.42 -52.20
CA ALA G 233 30.07 8.21 -53.26
C ALA G 233 29.69 6.74 -53.33
N LEU G 234 28.49 6.50 -53.84
CA LEU G 234 27.93 5.17 -53.99
C LEU G 234 27.44 5.02 -55.42
N MET G 235 27.87 3.95 -56.06
CA MET G 235 27.43 3.62 -57.40
C MET G 235 26.01 3.05 -57.38
N GLN G 236 25.29 3.25 -58.49
CA GLN G 236 24.02 2.57 -58.70
C GLN G 236 24.24 1.09 -59.00
N ARG G 237 23.38 0.25 -58.48
CA ARG G 237 23.43 -1.15 -58.85
C ARG G 237 23.04 -1.33 -60.32
N PRO G 238 23.82 -2.07 -61.10
CA PRO G 238 23.46 -2.34 -62.48
C PRO G 238 22.29 -3.29 -62.56
N PRO G 239 21.67 -3.43 -63.73
CA PRO G 239 20.52 -4.34 -63.86
C PRO G 239 20.87 -5.80 -63.69
N ALA G 240 22.12 -6.21 -63.94
CA ALA G 240 22.49 -7.62 -63.88
C ALA G 240 24.00 -7.75 -63.70
N SER G 241 24.45 -8.96 -63.39
CA SER G 241 25.89 -9.21 -63.37
C SER G 241 26.17 -10.68 -63.57
N GLN G 242 27.40 -11.00 -63.90
CA GLN G 242 27.84 -12.38 -64.02
C GLN G 242 29.29 -12.45 -63.58
N SER G 243 29.60 -13.37 -62.68
CA SER G 243 30.98 -13.58 -62.28
C SER G 243 31.55 -14.80 -62.99
N PHE G 244 32.85 -14.77 -63.23
CA PHE G 244 33.49 -15.86 -63.93
C PHE G 244 34.85 -16.14 -63.32
N LEU G 245 35.28 -17.38 -63.52
CA LEU G 245 36.59 -17.89 -63.12
C LEU G 245 37.31 -18.42 -64.35
N ILE G 246 38.59 -18.06 -64.50
CA ILE G 246 39.50 -18.69 -65.47
C ILE G 246 40.64 -19.38 -64.72
N THR G 247 40.78 -20.69 -64.92
CA THR G 247 41.86 -21.48 -64.33
C THR G 247 43.01 -21.63 -65.33
N PHE G 248 44.23 -21.34 -64.90
CA PHE G 248 45.44 -21.58 -65.68
C PHE G 248 46.29 -22.62 -64.96
N ASP G 249 46.74 -23.64 -65.69
CA ASP G 249 47.27 -24.83 -65.04
C ASP G 249 48.72 -24.68 -64.52
N LYS G 250 49.49 -23.67 -64.96
CA LYS G 250 50.92 -23.61 -64.67
C LYS G 250 51.34 -22.30 -64.03
N GLU G 251 52.39 -22.40 -63.24
CA GLU G 251 52.98 -21.24 -62.60
C GLU G 251 53.45 -20.24 -63.62
N GLU G 252 54.09 -20.73 -64.70
CA GLU G 252 54.71 -19.91 -65.72
C GLU G 252 53.68 -19.10 -66.51
N ASP G 253 52.41 -19.48 -66.44
CA ASP G 253 51.35 -18.77 -67.15
C ASP G 253 51.14 -17.35 -66.64
N LEU G 254 51.74 -16.98 -65.51
CA LEU G 254 51.52 -15.65 -64.93
C LEU G 254 51.89 -14.56 -65.93
N GLU G 255 52.98 -14.78 -66.67
CA GLU G 255 53.45 -13.80 -67.64
C GLU G 255 52.37 -13.49 -68.67
N GLN G 256 51.86 -14.51 -69.35
CA GLN G 256 50.87 -14.26 -70.40
C GLN G 256 49.50 -13.89 -69.83
N ILE G 257 49.22 -14.25 -68.57
CA ILE G 257 47.93 -13.85 -67.99
C ILE G 257 47.89 -12.35 -67.83
N VAL G 258 48.98 -11.78 -67.33
CA VAL G 258 49.02 -10.34 -67.10
C VAL G 258 49.05 -9.59 -68.42
N ASP G 259 49.85 -10.04 -69.39
CA ASP G 259 50.04 -9.29 -70.62
C ASP G 259 48.81 -9.28 -71.50
N ILE G 260 48.04 -10.38 -71.52
CA ILE G 260 46.78 -10.38 -72.24
C ILE G 260 45.76 -9.51 -71.51
N MET G 261 45.80 -9.53 -70.18
CA MET G 261 44.81 -8.82 -69.37
C MET G 261 44.83 -7.33 -69.65
N LEU G 262 46.03 -6.72 -69.59
CA LEU G 262 46.15 -5.26 -69.67
C LEU G 262 45.34 -4.62 -70.80
N PRO G 263 45.43 -5.06 -72.07
CA PRO G 263 44.58 -4.45 -73.12
C PRO G 263 43.09 -4.55 -72.82
N LEU G 264 42.68 -5.59 -72.09
CA LEU G 264 41.26 -5.76 -71.77
C LEU G 264 40.82 -4.94 -70.57
N ARG G 265 41.73 -4.26 -69.89
CA ARG G 265 41.43 -3.68 -68.59
C ARG G 265 41.69 -2.18 -68.51
N ILE G 266 42.65 -1.66 -69.27
CA ILE G 266 43.03 -0.27 -69.18
C ILE G 266 41.90 0.67 -69.59
N ASN G 267 40.94 0.21 -70.38
CA ASN G 267 39.78 1.03 -70.72
C ASN G 267 38.54 0.67 -69.91
N MET G 268 38.69 -0.02 -68.77
CA MET G 268 37.59 -0.40 -67.89
C MET G 268 36.53 -1.26 -68.58
N ALA G 269 36.91 -1.97 -69.63
CA ALA G 269 36.02 -2.82 -70.42
C ALA G 269 36.87 -3.56 -71.42
N PRO G 270 36.60 -4.86 -71.68
CA PRO G 270 35.50 -5.59 -71.04
C PRO G 270 35.75 -5.99 -69.58
N LEU G 271 36.96 -5.80 -69.06
CA LEU G 271 37.21 -6.03 -67.63
C LEU G 271 36.75 -4.80 -66.87
N GLN G 272 35.49 -4.82 -66.41
CA GLN G 272 34.85 -3.69 -65.73
C GLN G 272 35.15 -3.61 -64.23
N ASN G 273 35.19 -4.75 -63.54
CA ASN G 273 35.45 -4.73 -62.11
C ASN G 273 36.97 -4.85 -61.88
N VAL G 274 37.38 -4.94 -60.62
CA VAL G 274 38.79 -5.13 -60.28
C VAL G 274 39.07 -6.63 -60.34
N PRO G 275 39.71 -7.13 -61.38
CA PRO G 275 40.02 -8.55 -61.43
C PRO G 275 41.05 -8.89 -60.37
N VAL G 276 41.00 -10.13 -59.91
CA VAL G 276 41.95 -10.66 -58.96
C VAL G 276 42.53 -11.94 -59.58
N LEU G 277 43.81 -12.16 -59.34
CA LEU G 277 44.51 -13.36 -59.76
C LEU G 277 45.11 -13.99 -58.51
N ARG G 278 44.59 -15.15 -58.14
CA ARG G 278 44.93 -15.83 -56.90
C ARG G 278 45.57 -17.18 -57.21
N ASN G 279 46.64 -17.51 -56.48
CA ASN G 279 47.32 -18.79 -56.73
C ASN G 279 46.61 -19.92 -56.02
N ILE G 280 47.03 -21.16 -56.30
CA ILE G 280 46.33 -22.34 -55.75
C ILE G 280 46.37 -22.32 -54.23
N PHE G 281 47.47 -21.84 -53.66
CA PHE G 281 47.62 -21.82 -52.22
C PHE G 281 46.57 -20.94 -51.55
N MET G 282 46.35 -19.76 -52.12
CA MET G 282 45.34 -18.85 -51.60
C MET G 282 43.95 -19.49 -51.65
N ASP G 283 43.57 -20.05 -52.81
CA ASP G 283 42.24 -20.63 -52.93
C ASP G 283 42.07 -21.90 -52.11
N ALA G 284 43.15 -22.66 -51.90
CA ALA G 284 43.04 -23.85 -51.07
C ALA G 284 42.85 -23.46 -49.61
N ALA G 285 43.59 -22.45 -49.14
CA ALA G 285 43.43 -21.95 -47.78
C ALA G 285 42.00 -21.49 -47.52
N ALA G 286 41.28 -21.06 -48.56
CA ALA G 286 39.91 -20.59 -48.41
C ALA G 286 38.91 -21.72 -48.19
N VAL G 287 39.27 -22.98 -48.44
CA VAL G 287 38.31 -24.08 -48.37
C VAL G 287 38.92 -25.35 -47.77
N SER G 288 40.14 -25.28 -47.24
CA SER G 288 40.88 -26.48 -46.88
C SER G 288 41.96 -26.17 -45.87
N LYS G 289 42.33 -27.20 -45.12
CA LYS G 289 43.49 -27.13 -44.23
C LYS G 289 44.74 -27.65 -44.95
N ARG G 290 45.91 -27.12 -44.54
CA ARG G 290 47.16 -27.51 -45.18
C ARG G 290 47.42 -29.01 -45.05
N THR G 291 47.05 -29.60 -43.90
CA THR G 291 47.27 -31.03 -43.70
C THR G 291 46.39 -31.91 -44.58
N GLU G 292 45.38 -31.36 -45.25
CA GLU G 292 44.71 -32.16 -46.27
C GLU G 292 45.68 -32.56 -47.36
N TRP G 293 46.66 -31.71 -47.66
CA TRP G 293 47.48 -31.86 -48.85
C TRP G 293 48.90 -32.30 -48.58
N PHE G 294 49.41 -32.09 -47.37
CA PHE G 294 50.80 -32.41 -47.07
C PHE G 294 51.00 -32.38 -45.58
N ASP G 295 51.41 -33.50 -44.98
CA ASP G 295 51.48 -33.57 -43.52
C ASP G 295 52.91 -33.51 -43.01
N GLY G 296 53.83 -32.97 -43.78
CA GLY G 296 55.22 -33.19 -43.45
C GLY G 296 56.10 -31.95 -43.43
N ASP G 297 57.28 -32.14 -44.02
CA ASP G 297 58.48 -31.34 -43.84
C ASP G 297 58.44 -30.10 -44.72
N GLY G 298 58.15 -28.94 -44.10
CA GLY G 298 58.38 -27.67 -44.73
C GLY G 298 57.67 -27.46 -46.06
N PRO G 299 58.34 -26.79 -47.00
CA PRO G 299 57.67 -26.34 -48.23
C PRO G 299 56.96 -27.48 -48.95
N MET G 300 55.78 -27.16 -49.48
CA MET G 300 54.92 -28.17 -50.07
C MET G 300 55.55 -28.68 -51.37
N PRO G 301 55.58 -29.99 -51.58
CA PRO G 301 56.18 -30.54 -52.81
C PRO G 301 55.26 -30.35 -54.01
N ALA G 302 55.82 -30.58 -55.20
CA ALA G 302 55.03 -30.45 -56.43
C ALA G 302 53.90 -31.47 -56.48
N GLU G 303 54.13 -32.68 -55.96
CA GLU G 303 53.11 -33.71 -55.92
C GLU G 303 51.87 -33.23 -55.17
N ALA G 304 52.09 -32.47 -54.10
CA ALA G 304 51.01 -31.98 -53.26
C ALA G 304 50.22 -30.87 -53.95
N ILE G 305 50.92 -29.89 -54.52
CA ILE G 305 50.26 -28.80 -55.25
C ILE G 305 49.31 -29.37 -56.30
N GLU G 306 49.77 -30.39 -57.04
CA GLU G 306 48.93 -31.05 -58.03
C GLU G 306 47.70 -31.66 -57.40
N ARG G 307 47.83 -32.22 -56.19
CA ARG G 307 46.65 -32.81 -55.55
C ARG G 307 45.62 -31.74 -55.21
N MET G 308 46.10 -30.57 -54.75
CA MET G 308 45.21 -29.43 -54.54
C MET G 308 44.47 -29.06 -55.82
N LYS G 309 45.18 -28.93 -56.93
CA LYS G 309 44.55 -28.53 -58.19
C LYS G 309 43.49 -29.53 -58.61
N LYS G 310 43.83 -30.82 -58.57
CA LYS G 310 42.94 -31.88 -59.01
C LYS G 310 41.69 -31.97 -58.15
N ASP G 311 41.88 -32.03 -56.84
CA ASP G 311 40.78 -32.18 -55.91
C ASP G 311 39.81 -31.00 -56.02
N LEU G 312 40.35 -29.78 -56.08
CA LEU G 312 39.52 -28.58 -56.11
C LEU G 312 39.05 -28.22 -57.51
N ASP G 313 39.67 -28.78 -58.53
CA ASP G 313 39.40 -28.45 -59.94
C ASP G 313 39.77 -26.98 -60.21
N LEU G 314 40.97 -26.60 -59.75
CA LEU G 314 41.52 -25.26 -59.91
C LEU G 314 42.91 -25.36 -60.52
N GLY G 315 43.42 -24.21 -60.98
CA GLY G 315 44.73 -24.12 -61.56
C GLY G 315 45.74 -23.53 -60.59
N PHE G 316 46.97 -23.33 -61.06
CA PHE G 316 47.95 -22.66 -60.21
C PHE G 316 47.61 -21.19 -60.04
N TRP G 317 47.04 -20.60 -61.10
CA TRP G 317 46.56 -19.23 -61.11
C TRP G 317 45.07 -19.24 -61.41
N ASN G 318 44.31 -18.46 -60.65
CA ASN G 318 42.87 -18.44 -60.78
C ASN G 318 42.38 -17.01 -60.90
N PHE G 319 41.79 -16.70 -62.04
CA PHE G 319 41.39 -15.36 -62.42
C PHE G 319 39.90 -15.24 -62.15
N TYR G 320 39.53 -14.30 -61.28
CA TYR G 320 38.13 -14.03 -60.92
C TYR G 320 37.76 -12.63 -61.39
N GLY G 321 36.60 -12.49 -62.03
CA GLY G 321 36.12 -11.20 -62.48
C GLY G 321 34.60 -11.15 -62.54
N THR G 322 34.06 -9.95 -62.69
CA THR G 322 32.62 -9.79 -62.77
C THR G 322 32.26 -8.74 -63.82
N LEU G 323 31.24 -9.04 -64.62
CA LEU G 323 30.74 -8.14 -65.65
C LEU G 323 29.36 -7.62 -65.22
N TYR G 324 29.08 -6.36 -65.58
CA TYR G 324 27.85 -5.67 -65.19
C TYR G 324 27.12 -5.14 -66.42
N GLY G 325 25.79 -5.11 -66.36
CA GLY G 325 24.99 -4.45 -67.38
C GLY G 325 23.87 -5.33 -67.92
N PRO G 326 23.24 -4.91 -69.01
CA PRO G 326 22.23 -5.77 -69.63
C PRO G 326 22.86 -7.05 -70.10
N PRO G 327 22.13 -8.17 -70.06
CA PRO G 327 22.70 -9.48 -70.46
C PRO G 327 23.43 -9.41 -71.80
N PRO G 328 22.88 -8.74 -72.83
CA PRO G 328 23.65 -8.64 -74.09
C PRO G 328 25.05 -8.08 -73.90
N LEU G 329 25.19 -7.02 -73.10
CA LEU G 329 26.53 -6.47 -72.89
C LEU G 329 27.43 -7.47 -72.21
N ILE G 330 26.88 -8.24 -71.27
CA ILE G 330 27.67 -9.21 -70.52
C ILE G 330 28.16 -10.34 -71.41
N GLU G 331 27.25 -10.88 -72.26
CA GLU G 331 27.65 -11.95 -73.16
C GLU G 331 28.72 -11.47 -74.12
N MET G 332 28.56 -10.26 -74.68
CA MET G 332 29.58 -9.72 -75.58
C MET G 332 30.91 -9.54 -74.87
N TYR G 333 30.89 -8.98 -73.65
CA TYR G 333 32.14 -8.76 -72.92
C TYR G 333 32.77 -10.09 -72.50
N TYR G 334 31.96 -11.07 -72.08
CA TYR G 334 32.50 -12.38 -71.74
C TYR G 334 33.12 -13.06 -72.97
N GLY G 335 32.48 -12.89 -74.13
CA GLY G 335 33.05 -13.44 -75.36
C GLY G 335 34.42 -12.88 -75.65
N MET G 336 34.59 -11.57 -75.46
CA MET G 336 35.91 -10.98 -75.64
C MET G 336 36.92 -11.60 -74.68
N ILE G 337 36.51 -11.80 -73.43
CA ILE G 337 37.41 -12.32 -72.41
C ILE G 337 37.79 -13.77 -72.70
N LYS G 338 36.82 -14.55 -73.19
CA LYS G 338 37.09 -15.94 -73.54
C LYS G 338 38.03 -16.03 -74.75
N GLU G 339 37.82 -15.19 -75.76
CA GLU G 339 38.68 -15.23 -76.94
C GLU G 339 40.11 -14.83 -76.58
N ALA G 340 40.26 -13.81 -75.73
CA ALA G 340 41.59 -13.31 -75.40
C ALA G 340 42.39 -14.33 -74.58
N PHE G 341 41.84 -14.76 -73.45
CA PHE G 341 42.57 -15.61 -72.53
C PHE G 341 42.62 -17.06 -72.98
N GLY G 342 41.66 -17.51 -73.79
CA GLY G 342 41.73 -18.81 -74.42
C GLY G 342 43.00 -19.04 -75.24
N LYS G 343 43.67 -17.95 -75.68
CA LYS G 343 44.95 -18.09 -76.36
C LYS G 343 45.96 -18.88 -75.53
N ILE G 344 45.80 -18.88 -74.21
CA ILE G 344 46.71 -19.56 -73.30
C ILE G 344 46.34 -21.02 -73.23
N PRO G 345 47.27 -21.94 -73.49
CA PRO G 345 46.97 -23.37 -73.43
C PRO G 345 46.70 -23.81 -71.99
N GLY G 346 45.64 -24.60 -71.81
CA GLY G 346 45.22 -25.08 -70.50
C GLY G 346 44.15 -24.25 -69.82
N ALA G 347 43.82 -23.07 -70.35
CA ALA G 347 42.79 -22.23 -69.76
C ALA G 347 41.42 -22.92 -69.81
N ARG G 348 40.63 -22.73 -68.75
CA ARG G 348 39.27 -23.25 -68.68
C ARG G 348 38.37 -22.22 -68.01
N PHE G 349 37.10 -22.22 -68.39
CA PHE G 349 36.20 -21.12 -68.05
C PHE G 349 35.01 -21.64 -67.27
N PHE G 350 34.59 -20.84 -66.29
CA PHE G 350 33.41 -21.13 -65.49
C PHE G 350 32.64 -19.83 -65.23
N THR G 351 31.31 -19.90 -65.26
CA THR G 351 30.53 -18.81 -64.69
C THR G 351 30.14 -19.18 -63.26
N HIS G 352 29.61 -18.17 -62.54
CA HIS G 352 29.09 -18.43 -61.20
C HIS G 352 27.89 -19.38 -61.22
N GLU G 353 27.29 -19.62 -62.36
CA GLU G 353 26.18 -20.55 -62.43
C GLU G 353 26.60 -21.99 -62.67
N GLU G 354 27.88 -22.27 -62.82
CA GLU G 354 28.36 -23.56 -63.33
C GLU G 354 29.20 -24.36 -62.33
N ARG G 355 29.50 -23.81 -61.15
CA ARG G 355 30.32 -24.53 -60.20
C ARG G 355 29.72 -24.47 -58.80
N ASP G 356 29.18 -25.61 -58.34
CA ASP G 356 28.57 -25.75 -57.03
C ASP G 356 29.41 -26.62 -56.13
N ASP G 357 30.68 -26.80 -56.48
CA ASP G 357 31.54 -27.71 -55.76
C ASP G 357 32.40 -26.93 -54.76
N ARG G 358 33.21 -27.66 -53.99
CA ARG G 358 34.09 -27.03 -53.01
C ARG G 358 35.04 -26.03 -53.66
N GLY G 359 35.69 -26.41 -54.76
CA GLY G 359 36.62 -25.54 -55.45
C GLY G 359 36.00 -24.26 -55.98
N GLY G 360 34.68 -24.23 -56.11
CA GLY G 360 33.96 -23.07 -56.57
C GLY G 360 33.46 -22.17 -55.47
N HIS G 361 33.77 -22.47 -54.19
CA HIS G 361 33.29 -21.62 -53.10
C HIS G 361 33.92 -20.24 -53.16
N VAL G 362 35.18 -20.14 -53.61
CA VAL G 362 35.80 -18.82 -53.76
C VAL G 362 35.06 -18.03 -54.82
N LEU G 363 34.78 -18.65 -55.96
CA LEU G 363 34.07 -17.96 -57.02
C LEU G 363 32.78 -17.35 -56.49
N GLN G 364 31.99 -18.15 -55.77
CA GLN G 364 30.74 -17.62 -55.21
C GLN G 364 30.99 -16.52 -54.21
N ASP G 365 32.12 -16.55 -53.49
CA ASP G 365 32.48 -15.45 -52.59
C ASP G 365 32.86 -14.18 -53.35
N ARG G 366 33.61 -14.30 -54.45
CA ARG G 366 33.90 -13.10 -55.24
C ARG G 366 32.63 -12.54 -55.86
N HIS G 367 31.70 -13.42 -56.25
CA HIS G 367 30.45 -12.96 -56.86
C HIS G 367 29.65 -12.10 -55.89
N LYS G 368 29.77 -12.38 -54.58
CA LYS G 368 29.15 -11.53 -53.58
C LYS G 368 29.91 -10.21 -53.45
N ILE G 369 31.22 -10.32 -53.19
CA ILE G 369 32.06 -9.14 -52.98
C ILE G 369 31.99 -8.20 -54.17
N ASN G 370 32.02 -8.75 -55.38
CA ASN G 370 32.00 -7.91 -56.57
C ASN G 370 30.65 -7.25 -56.80
N ASN G 371 29.60 -7.67 -56.09
CA ASN G 371 28.28 -7.06 -56.18
C ASN G 371 27.93 -6.32 -54.90
N GLY G 372 28.94 -5.84 -54.20
CA GLY G 372 28.75 -5.09 -52.96
C GLY G 372 28.02 -5.84 -51.87
N ILE G 373 28.14 -7.17 -51.82
CA ILE G 373 27.51 -7.98 -50.79
C ILE G 373 28.60 -8.46 -49.84
N PRO G 374 28.67 -7.92 -48.63
CA PRO G 374 29.82 -8.21 -47.76
C PRO G 374 29.78 -9.65 -47.27
N SER G 375 30.95 -10.13 -46.87
CA SER G 375 31.15 -11.53 -46.52
C SER G 375 32.28 -11.65 -45.51
N LEU G 376 32.23 -12.73 -44.75
CA LEU G 376 33.36 -13.14 -43.92
C LEU G 376 33.92 -14.51 -44.27
N ASP G 377 33.53 -15.10 -45.40
CA ASP G 377 33.96 -16.48 -45.68
C ASP G 377 35.48 -16.59 -45.80
N GLU G 378 36.16 -15.50 -46.16
CA GLU G 378 37.61 -15.53 -46.30
C GLU G 378 38.33 -15.79 -44.98
N LEU G 379 37.67 -15.58 -43.83
CA LEU G 379 38.30 -15.92 -42.56
C LEU G 379 38.69 -17.39 -42.49
N GLN G 380 38.11 -18.23 -43.35
CA GLN G 380 38.53 -19.62 -43.41
C GLN G 380 40.01 -19.78 -43.77
N GLN G 381 40.60 -18.79 -44.47
CA GLN G 381 42.02 -18.86 -44.79
C GLN G 381 42.89 -19.05 -43.55
N LEU G 382 42.50 -18.43 -42.44
CA LEU G 382 43.31 -18.51 -41.22
C LEU G 382 43.25 -19.89 -40.56
N ASP G 383 42.45 -20.82 -41.06
CA ASP G 383 42.49 -22.19 -40.59
C ASP G 383 43.46 -23.07 -41.36
N TRP G 384 44.16 -22.49 -42.35
CA TRP G 384 45.18 -23.23 -43.10
C TRP G 384 46.05 -24.01 -42.14
N VAL G 385 46.48 -23.37 -41.06
CA VAL G 385 47.25 -24.01 -39.99
C VAL G 385 46.69 -23.58 -38.64
N PRO G 386 46.95 -24.37 -37.59
CA PRO G 386 46.41 -24.04 -36.27
C PRO G 386 46.90 -22.69 -35.73
N ASN G 387 46.02 -22.02 -34.98
CA ASN G 387 46.28 -20.69 -34.39
C ASN G 387 46.71 -19.67 -35.45
N GLY G 388 46.07 -19.72 -36.62
CA GLY G 388 46.63 -19.03 -37.79
C GLY G 388 46.40 -17.52 -37.74
N GLY G 389 47.47 -16.77 -38.03
CA GLY G 389 47.36 -15.36 -38.34
C GLY G 389 48.02 -15.06 -39.68
N HIS G 390 47.85 -13.83 -40.16
CA HIS G 390 48.51 -13.45 -41.39
C HIS G 390 49.13 -12.07 -41.22
N ILE G 391 50.07 -11.78 -42.12
CA ILE G 391 50.61 -10.43 -42.31
C ILE G 391 50.53 -10.10 -43.78
N GLY G 392 50.29 -8.84 -44.10
CA GLY G 392 50.25 -8.39 -45.48
C GLY G 392 51.54 -7.74 -45.93
N PHE G 393 52.14 -8.32 -46.97
CA PHE G 393 53.25 -7.74 -47.73
C PHE G 393 52.71 -7.47 -49.12
N VAL G 394 52.56 -6.21 -49.48
CA VAL G 394 51.84 -5.89 -50.72
C VAL G 394 52.66 -4.91 -51.55
N PRO G 395 53.63 -5.40 -52.32
CA PRO G 395 54.34 -4.51 -53.23
C PRO G 395 53.47 -4.16 -54.40
N VAL G 396 53.81 -3.03 -55.02
CA VAL G 396 53.13 -2.56 -56.23
C VAL G 396 53.86 -3.08 -57.45
N SER G 397 53.09 -3.57 -58.42
CA SER G 397 53.64 -4.09 -59.67
C SER G 397 52.99 -3.40 -60.87
N ALA G 398 53.82 -2.99 -61.83
CA ALA G 398 53.32 -2.57 -63.13
C ALA G 398 52.54 -3.73 -63.75
N PRO G 399 51.54 -3.44 -64.60
CA PRO G 399 50.74 -4.52 -65.22
C PRO G 399 51.48 -5.18 -66.39
N ASP G 400 52.65 -5.72 -66.10
CA ASP G 400 53.52 -6.38 -67.06
C ASP G 400 53.80 -7.80 -66.59
N GLY G 401 53.80 -8.74 -67.55
CA GLY G 401 54.00 -10.13 -67.20
C GLY G 401 55.36 -10.44 -66.60
N ARG G 402 56.42 -9.82 -67.12
CA ARG G 402 57.72 -10.15 -66.59
C ARG G 402 58.02 -9.47 -65.27
N GLU G 403 57.47 -8.29 -65.02
CA GLU G 403 57.57 -7.77 -63.67
C GLU G 403 56.79 -8.63 -62.70
N ALA G 404 55.59 -9.06 -63.09
CA ALA G 404 54.80 -9.90 -62.22
C ALA G 404 55.54 -11.18 -61.89
N MET G 405 56.23 -11.74 -62.87
CA MET G 405 56.91 -13.01 -62.65
C MET G 405 58.17 -12.82 -61.81
N LYS G 406 58.83 -11.67 -61.90
CA LYS G 406 60.01 -11.43 -61.09
C LYS G 406 59.64 -11.28 -59.61
N GLN G 407 58.55 -10.54 -59.33
CA GLN G 407 58.09 -10.40 -57.95
C GLN G 407 57.66 -11.74 -57.37
N PHE G 408 56.94 -12.54 -58.17
CA PHE G 408 56.45 -13.84 -57.71
C PHE G 408 57.61 -14.73 -57.28
N GLU G 409 58.70 -14.70 -58.03
CA GLU G 409 59.81 -15.59 -57.71
C GLU G 409 60.64 -15.01 -56.59
N MET G 410 60.84 -13.70 -56.58
CA MET G 410 61.48 -13.05 -55.45
C MET G 410 60.82 -13.46 -54.14
N VAL G 411 59.49 -13.36 -54.07
CA VAL G 411 58.76 -13.67 -52.84
C VAL G 411 58.75 -15.17 -52.58
N ARG G 412 58.48 -15.99 -53.60
CA ARG G 412 58.48 -17.43 -53.40
C ARG G 412 59.82 -17.94 -52.87
N ASN G 413 60.92 -17.32 -53.26
CA ASN G 413 62.22 -17.80 -52.81
C ASN G 413 62.43 -17.55 -51.32
N ARG G 414 62.17 -16.32 -50.86
CA ARG G 414 62.24 -16.03 -49.43
C ARG G 414 61.23 -16.86 -48.65
N ALA G 415 60.02 -17.03 -49.19
CA ALA G 415 59.01 -17.82 -48.49
C ALA G 415 59.49 -19.23 -48.23
N ASN G 416 60.11 -19.86 -49.26
CA ASN G 416 60.72 -21.18 -49.09
C ASN G 416 61.86 -21.15 -48.07
N GLU G 417 62.72 -20.14 -48.14
CA GLU G 417 63.85 -20.05 -47.21
C GLU G 417 63.41 -19.93 -45.76
N TYR G 418 62.32 -19.19 -45.50
CA TYR G 418 61.79 -19.07 -44.15
C TYR G 418 60.64 -20.03 -43.88
N ASN G 419 60.46 -21.03 -44.73
CA ASN G 419 59.41 -22.04 -44.60
C ASN G 419 58.04 -21.43 -44.27
N LYS G 420 57.62 -20.47 -45.09
CA LYS G 420 56.25 -19.97 -45.03
C LYS G 420 55.63 -20.19 -46.41
N ASP G 421 54.39 -20.67 -46.42
CA ASP G 421 53.63 -20.81 -47.67
C ASP G 421 53.33 -19.43 -48.25
N TYR G 422 53.40 -19.35 -49.57
CA TYR G 422 53.29 -18.07 -50.28
C TYR G 422 51.91 -18.01 -50.94
N MET G 423 51.00 -17.26 -50.34
CA MET G 423 49.67 -17.02 -50.90
C MET G 423 49.65 -15.67 -51.61
N ALA G 424 49.21 -15.66 -52.86
CA ALA G 424 49.27 -14.47 -53.69
C ALA G 424 47.89 -14.11 -54.22
N GLN G 425 47.59 -12.81 -54.19
CA GLN G 425 46.41 -12.27 -54.87
C GLN G 425 46.84 -10.99 -55.56
N PHE G 426 46.95 -11.01 -56.87
CA PHE G 426 47.14 -9.78 -57.64
C PHE G 426 45.80 -9.06 -57.74
N VAL G 427 45.78 -7.79 -57.29
CA VAL G 427 44.60 -6.91 -57.38
C VAL G 427 44.91 -5.87 -58.45
N ILE G 428 44.14 -5.88 -59.52
CA ILE G 428 44.59 -5.34 -60.81
C ILE G 428 43.85 -4.04 -61.11
N GLY G 429 44.55 -2.93 -61.03
CA GLY G 429 44.00 -1.66 -61.42
C GLY G 429 44.04 -1.48 -62.92
N LEU G 430 43.87 -0.22 -63.33
CA LEU G 430 43.98 0.14 -64.73
C LEU G 430 45.41 0.12 -65.21
N ARG G 431 46.34 0.63 -64.39
CA ARG G 431 47.74 0.85 -64.77
C ARG G 431 48.70 0.29 -63.74
N GLU G 432 48.19 -0.45 -62.76
CA GLU G 432 48.98 -0.89 -61.62
C GLU G 432 48.33 -2.14 -61.07
N MET G 433 49.10 -2.87 -60.26
CA MET G 433 48.57 -4.02 -59.52
C MET G 433 49.07 -3.98 -58.09
N TYR G 434 48.17 -4.33 -57.16
CA TYR G 434 48.57 -4.63 -55.81
C TYR G 434 48.95 -6.11 -55.77
N HIS G 435 50.21 -6.41 -55.43
CA HIS G 435 50.65 -7.81 -55.37
C HIS G 435 50.47 -8.23 -53.92
N VAL G 436 49.32 -8.80 -53.60
CA VAL G 436 49.03 -9.13 -52.21
C VAL G 436 49.68 -10.49 -51.91
N CYS G 437 50.68 -10.48 -51.01
CA CYS G 437 51.33 -11.69 -50.50
C CYS G 437 50.93 -11.85 -49.03
N LEU G 438 50.09 -12.84 -48.76
CA LEU G 438 49.70 -13.18 -47.39
C LEU G 438 50.55 -14.33 -46.88
N PHE G 439 51.22 -14.13 -45.75
CA PHE G 439 51.93 -15.21 -45.07
C PHE G 439 51.12 -15.63 -43.84
N ILE G 440 50.58 -16.85 -43.86
CA ILE G 440 49.78 -17.39 -42.76
C ILE G 440 50.65 -18.29 -41.90
N TYR G 441 50.78 -17.95 -40.62
CA TYR G 441 51.71 -18.58 -39.69
C TYR G 441 51.05 -18.89 -38.34
N ASP G 442 51.73 -19.72 -37.54
CA ASP G 442 51.26 -20.08 -36.19
C ASP G 442 51.55 -18.93 -35.23
N THR G 443 50.50 -18.25 -34.74
CA THR G 443 50.70 -17.06 -33.90
C THR G 443 51.15 -17.41 -32.48
N ALA G 444 50.93 -18.65 -32.02
CA ALA G 444 51.40 -19.04 -30.70
C ALA G 444 52.86 -19.53 -30.69
N ASP G 445 53.51 -19.61 -31.86
CA ASP G 445 54.90 -20.06 -31.97
C ASP G 445 55.83 -18.85 -32.02
N PRO G 446 56.61 -18.57 -30.98
CA PRO G 446 57.53 -17.43 -31.05
C PRO G 446 58.52 -17.51 -32.21
N GLU G 447 59.03 -18.70 -32.56
CA GLU G 447 59.91 -18.81 -33.72
C GLU G 447 59.21 -18.34 -34.99
N ALA G 448 57.98 -18.82 -35.21
CA ALA G 448 57.23 -18.48 -36.42
C ALA G 448 57.00 -16.97 -36.51
N ARG G 449 56.60 -16.33 -35.40
CA ARG G 449 56.41 -14.88 -35.41
C ARG G 449 57.71 -14.16 -35.76
N GLU G 450 58.82 -14.67 -35.25
CA GLU G 450 60.11 -14.02 -35.49
C GLU G 450 60.57 -14.27 -36.93
N GLU G 451 60.36 -15.47 -37.45
CA GLU G 451 60.63 -15.73 -38.87
C GLU G 451 59.82 -14.80 -39.74
N ILE G 452 58.51 -14.65 -39.44
CA ILE G 452 57.63 -13.77 -40.21
C ILE G 452 58.20 -12.37 -40.23
N LEU G 453 58.65 -11.91 -39.06
CA LEU G 453 59.17 -10.55 -38.96
C LEU G 453 60.41 -10.41 -39.85
N GLN G 454 61.35 -11.35 -39.72
CA GLN G 454 62.64 -11.26 -40.40
C GLN G 454 62.50 -11.41 -41.91
N MET G 455 61.74 -12.41 -42.35
CA MET G 455 61.48 -12.58 -43.78
C MET G 455 60.94 -11.29 -44.40
N THR G 456 59.87 -10.71 -43.82
CA THR G 456 59.27 -9.53 -44.45
C THR G 456 60.21 -8.34 -44.40
N LYS G 457 61.03 -8.22 -43.34
CA LYS G 457 62.04 -7.16 -43.29
C LYS G 457 63.03 -7.29 -44.44
N VAL G 458 63.41 -8.53 -44.77
CA VAL G 458 64.33 -8.82 -45.87
C VAL G 458 63.64 -8.61 -47.22
N LEU G 459 62.37 -8.98 -47.34
CA LEU G 459 61.63 -8.74 -48.58
C LEU G 459 61.41 -7.25 -48.84
N VAL G 460 61.27 -6.43 -47.79
CA VAL G 460 61.11 -4.98 -47.99
C VAL G 460 62.38 -4.38 -48.58
N ARG G 461 63.54 -4.67 -47.98
CA ARG G 461 64.81 -4.20 -48.52
C ARG G 461 65.05 -4.74 -49.93
N GLU G 462 64.87 -6.05 -50.13
CA GLU G 462 65.05 -6.68 -51.44
C GLU G 462 64.08 -6.11 -52.48
N ALA G 463 62.80 -5.88 -52.10
CA ALA G 463 61.87 -5.30 -53.05
C ALA G 463 62.30 -3.91 -53.47
N ALA G 464 62.76 -3.11 -52.49
CA ALA G 464 63.25 -1.76 -52.78
C ALA G 464 64.42 -1.78 -53.75
N GLU G 465 65.36 -2.73 -53.55
CA GLU G 465 66.57 -2.76 -54.38
C GLU G 465 66.27 -3.11 -55.82
N ALA G 466 65.10 -3.68 -56.08
CA ALA G 466 64.64 -3.94 -57.43
C ALA G 466 63.73 -2.85 -57.95
N GLY G 467 63.53 -1.77 -57.19
CA GLY G 467 62.65 -0.70 -57.61
C GLY G 467 61.17 -0.88 -57.32
N TYR G 468 60.80 -1.78 -56.40
CA TYR G 468 59.41 -1.97 -55.98
C TYR G 468 59.17 -1.41 -54.57
N GLY G 469 58.03 -0.70 -54.41
CA GLY G 469 57.57 -0.28 -53.09
C GLY G 469 56.26 -0.92 -52.66
N GLU G 470 56.00 -0.95 -51.37
CA GLU G 470 54.72 -1.44 -50.86
C GLU G 470 53.76 -0.28 -50.66
N TYR G 471 52.48 -0.55 -50.92
CA TYR G 471 51.42 0.46 -50.81
C TYR G 471 50.92 0.69 -49.39
N ARG G 472 51.30 -0.17 -48.44
CA ARG G 472 50.64 -0.28 -47.13
C ARG G 472 51.31 -1.40 -46.33
N THR G 473 51.54 -1.24 -45.02
CA THR G 473 52.34 -2.23 -44.30
C THR G 473 51.93 -2.31 -42.82
N HIS G 474 52.47 -3.32 -42.17
CA HIS G 474 52.23 -3.58 -40.76
C HIS G 474 53.03 -2.60 -39.89
N ASN G 475 52.54 -2.37 -38.66
CA ASN G 475 53.24 -1.54 -37.66
C ASN G 475 54.73 -1.89 -37.59
N ALA G 476 55.06 -3.17 -37.52
CA ALA G 476 56.43 -3.62 -37.33
C ALA G 476 57.34 -3.33 -38.51
N LEU G 477 56.80 -2.85 -39.63
CA LEU G 477 57.56 -2.60 -40.85
C LEU G 477 57.50 -1.15 -41.31
N MET G 478 56.75 -0.29 -40.61
CA MET G 478 56.47 1.06 -41.10
C MET G 478 57.75 1.87 -41.28
N ASP G 479 58.66 1.79 -40.30
CA ASP G 479 59.93 2.51 -40.41
C ASP G 479 60.74 2.03 -41.61
N ASP G 480 60.83 0.71 -41.80
CA ASP G 480 61.63 0.19 -42.91
C ASP G 480 61.02 0.60 -44.24
N VAL G 481 59.69 0.54 -44.36
CA VAL G 481 59.05 0.83 -45.63
C VAL G 481 59.19 2.30 -45.98
N MET G 482 59.07 3.20 -44.99
CA MET G 482 59.27 4.62 -45.25
C MET G 482 60.72 4.92 -45.60
N ALA G 483 61.66 4.19 -44.99
CA ALA G 483 63.08 4.33 -45.30
C ALA G 483 63.37 4.07 -46.78
N THR G 484 62.60 3.18 -47.41
CA THR G 484 62.81 2.93 -48.83
C THR G 484 62.32 4.06 -49.73
N PHE G 485 61.56 5.04 -49.23
CA PHE G 485 61.06 6.13 -50.07
C PHE G 485 61.90 7.40 -49.91
N ASN G 486 63.22 7.26 -50.08
CA ASN G 486 64.20 8.23 -49.60
C ASN G 486 64.90 9.00 -50.74
N TRP G 487 64.35 8.96 -51.95
CA TRP G 487 64.88 9.76 -53.04
C TRP G 487 65.18 11.18 -52.57
N GLY G 488 66.28 11.76 -53.05
CA GLY G 488 66.68 13.06 -52.58
C GLY G 488 66.98 13.12 -51.10
N ASP G 489 67.59 12.06 -50.55
CA ASP G 489 68.08 12.07 -49.17
C ASP G 489 66.93 12.21 -48.16
N GLY G 490 65.92 11.35 -48.28
CA GLY G 490 64.81 11.37 -47.35
C GLY G 490 63.98 12.62 -47.40
N ALA G 491 63.80 13.18 -48.60
CA ALA G 491 63.01 14.40 -48.79
C ALA G 491 61.56 14.18 -48.34
N LEU G 492 60.88 13.21 -48.96
CA LEU G 492 59.48 12.93 -48.64
C LEU G 492 59.24 12.86 -47.13
N LEU G 493 60.04 12.07 -46.39
CA LEU G 493 59.84 11.98 -44.96
C LEU G 493 60.13 13.31 -44.28
N LYS G 494 61.09 14.07 -44.79
CA LYS G 494 61.39 15.39 -44.23
C LYS G 494 60.20 16.31 -44.34
N PHE G 495 59.61 16.38 -45.53
CA PHE G 495 58.38 17.11 -45.76
C PHE G 495 57.29 16.72 -44.76
N HIS G 496 57.06 15.40 -44.59
CA HIS G 496 56.02 14.94 -43.67
C HIS G 496 56.32 15.34 -42.23
N GLU G 497 57.59 15.35 -41.83
CA GLU G 497 57.93 15.64 -40.44
C GLU G 497 57.65 17.10 -40.10
N LYS G 498 57.99 18.01 -41.00
CA LYS G 498 57.68 19.42 -40.77
C LYS G 498 56.19 19.62 -40.56
N ILE G 499 55.37 19.03 -41.44
CA ILE G 499 53.92 19.15 -41.35
C ILE G 499 53.42 18.54 -40.04
N LYS G 500 53.86 17.32 -39.73
CA LYS G 500 53.47 16.70 -38.47
C LYS G 500 53.84 17.56 -37.27
N ASP G 501 55.08 18.06 -37.22
CA ASP G 501 55.50 18.91 -36.11
C ASP G 501 54.71 20.20 -36.07
N ALA G 502 54.40 20.76 -37.24
CA ALA G 502 53.60 21.98 -37.29
C ALA G 502 52.24 21.77 -36.64
N LEU G 503 51.46 20.77 -37.11
CA LEU G 503 50.09 20.55 -36.64
C LEU G 503 50.01 19.82 -35.32
N ASP G 504 51.11 19.29 -34.81
CA ASP G 504 51.09 18.46 -33.61
C ASP G 504 52.29 18.78 -32.73
N PRO G 505 52.37 20.01 -32.22
CA PRO G 505 53.58 20.42 -31.47
C PRO G 505 53.89 19.56 -30.27
N ASN G 506 52.89 18.90 -29.66
CA ASN G 506 53.19 18.06 -28.51
C ASN G 506 53.38 16.60 -28.87
N GLY G 507 53.31 16.26 -30.17
CA GLY G 507 53.53 14.90 -30.63
C GLY G 507 52.59 13.89 -29.98
N ILE G 508 51.31 13.93 -30.35
CA ILE G 508 50.26 13.22 -29.63
C ILE G 508 49.63 12.12 -30.48
N ILE G 509 49.42 12.36 -31.77
CA ILE G 509 48.59 11.49 -32.61
C ILE G 509 49.45 10.41 -33.24
N ALA G 510 49.18 9.14 -32.88
CA ALA G 510 49.76 7.91 -33.42
C ALA G 510 51.21 8.12 -33.83
N PRO G 511 52.08 8.39 -32.87
CA PRO G 511 53.48 8.63 -33.22
C PRO G 511 54.06 7.40 -33.92
N GLY G 512 54.66 7.64 -35.09
CA GLY G 512 55.33 6.61 -35.85
C GLY G 512 54.52 6.00 -36.97
N LYS G 513 53.24 6.35 -37.09
CA LYS G 513 52.42 5.80 -38.17
C LYS G 513 53.06 6.10 -39.53
N SER G 514 53.18 5.07 -40.38
CA SER G 514 53.84 5.20 -41.69
C SER G 514 55.23 5.87 -41.57
N GLY G 515 55.93 5.60 -40.48
CA GLY G 515 57.27 6.09 -40.25
C GLY G 515 57.40 7.54 -39.83
N ILE G 516 56.30 8.22 -39.55
CA ILE G 516 56.32 9.65 -39.30
C ILE G 516 56.27 9.85 -37.79
N TRP G 517 57.40 10.26 -37.22
CA TRP G 517 57.52 10.54 -35.79
C TRP G 517 57.61 12.04 -35.55
N PRO G 518 57.05 12.51 -34.43
CA PRO G 518 57.22 13.92 -34.05
C PRO G 518 58.53 14.15 -33.33
N GLN G 519 59.02 15.40 -33.42
CA GLN G 519 60.33 15.78 -32.92
C GLN G 519 60.67 15.15 -31.56
N ARG G 520 59.72 15.16 -30.62
CA ARG G 520 60.01 14.68 -29.27
C ARG G 520 60.32 13.19 -29.19
N PHE G 521 60.07 12.41 -30.26
CA PHE G 521 60.36 11.00 -30.28
C PHE G 521 61.49 10.62 -31.24
N ARG G 522 61.77 11.46 -32.23
CA ARG G 522 62.82 11.17 -33.21
C ARG G 522 64.17 11.10 -32.54
N GLY G 523 64.84 9.95 -32.67
CA GLY G 523 66.15 9.73 -32.08
C GLY G 523 66.23 8.56 -31.12
N GLN G 524 65.09 8.04 -30.67
CA GLN G 524 65.05 6.91 -29.74
C GLN G 524 64.74 5.62 -30.52
N ASN G 525 64.73 4.50 -29.78
CA ASN G 525 64.33 3.23 -30.37
C ASN G 525 62.87 3.26 -30.79
N LEU G 526 61.97 3.49 -29.83
CA LEU G 526 60.56 3.58 -30.16
C LEU G 526 59.88 4.68 -29.38
N THR H 2 28.73 -23.70 70.83
CA THR H 2 28.41 -22.30 70.52
C THR H 2 27.17 -22.14 69.62
N ARG H 3 26.32 -21.19 69.98
CA ARG H 3 25.11 -20.89 69.23
C ARG H 3 25.42 -20.67 67.76
N THR H 4 24.63 -21.29 66.89
CA THR H 4 24.75 -21.04 65.46
C THR H 4 24.06 -19.72 65.09
N LEU H 5 24.73 -18.90 64.28
CA LEU H 5 24.33 -17.53 63.93
C LEU H 5 24.48 -17.29 62.43
N PRO H 6 23.58 -16.52 61.80
CA PRO H 6 23.79 -16.16 60.40
C PRO H 6 25.07 -15.38 60.26
N PRO H 7 25.79 -15.55 59.15
CA PRO H 7 27.02 -14.77 58.92
C PRO H 7 26.78 -13.27 59.09
N GLY H 8 27.68 -12.63 59.85
CA GLY H 8 27.61 -11.18 60.03
C GLY H 8 26.37 -10.67 60.72
N VAL H 9 25.69 -11.51 61.50
CA VAL H 9 24.53 -11.11 62.28
C VAL H 9 24.86 -11.39 63.74
N SER H 10 24.70 -10.38 64.58
CA SER H 10 25.12 -10.48 65.97
C SER H 10 24.12 -11.30 66.79
N ASP H 11 24.58 -11.71 67.97
CA ASP H 11 23.68 -12.34 68.94
C ASP H 11 22.43 -11.51 69.17
N GLU H 12 22.60 -10.19 69.31
CA GLU H 12 21.47 -9.30 69.57
C GLU H 12 20.55 -9.21 68.36
N ARG H 13 21.12 -9.04 67.16
CA ARG H 13 20.28 -8.85 65.98
C ARG H 13 19.56 -10.13 65.57
N PHE H 14 20.14 -11.30 65.84
CA PHE H 14 19.42 -12.55 65.56
C PHE H 14 18.29 -12.77 66.55
N ASP H 15 18.49 -12.43 67.84
CA ASP H 15 17.40 -12.47 68.81
C ASP H 15 16.24 -11.56 68.36
N ALA H 16 16.54 -10.41 67.75
CA ALA H 16 15.47 -9.50 67.35
C ALA H 16 14.76 -10.00 66.10
N ALA H 17 15.50 -10.57 65.14
CA ALA H 17 14.86 -11.19 63.98
C ALA H 17 13.96 -12.35 64.40
N LEU H 18 14.46 -13.22 65.29
CA LEU H 18 13.65 -14.33 65.79
C LEU H 18 12.33 -13.86 66.39
N GLN H 19 12.34 -12.73 67.11
CA GLN H 19 11.12 -12.21 67.70
C GLN H 19 10.16 -11.71 66.62
N ARG H 20 10.68 -11.08 65.56
CA ARG H 20 9.83 -10.69 64.44
C ARG H 20 9.20 -11.91 63.79
N PHE H 21 9.96 -13.00 63.63
CA PHE H 21 9.41 -14.25 63.11
C PHE H 21 8.29 -14.76 64.02
N ARG H 22 8.54 -14.76 65.34
CA ARG H 22 7.50 -15.16 66.29
C ARG H 22 6.22 -14.36 66.08
N ASP H 23 6.35 -13.05 65.89
CA ASP H 23 5.18 -12.22 65.67
C ASP H 23 4.39 -12.68 64.46
N VAL H 24 5.06 -13.24 63.45
CA VAL H 24 4.42 -13.63 62.19
C VAL H 24 3.74 -15.00 62.31
N VAL H 25 4.45 -16.01 62.82
CA VAL H 25 3.99 -17.40 62.75
C VAL H 25 3.48 -17.92 64.09
N GLY H 26 3.63 -17.16 65.16
CA GLY H 26 3.38 -17.74 66.45
C GLY H 26 4.65 -18.33 67.02
N ASP H 27 4.75 -18.27 68.35
CA ASP H 27 6.05 -18.62 68.90
C ASP H 27 6.26 -20.13 69.08
N LYS H 28 5.20 -20.95 69.04
CA LYS H 28 5.37 -22.40 68.92
C LYS H 28 6.19 -22.78 67.70
N TRP H 29 6.11 -21.96 66.66
CA TRP H 29 6.54 -22.37 65.34
C TRP H 29 7.86 -21.73 64.95
N VAL H 30 8.63 -21.27 65.93
CA VAL H 30 10.00 -20.78 65.75
C VAL H 30 10.90 -21.59 66.68
N LEU H 31 11.73 -22.46 66.11
CA LEU H 31 12.68 -23.26 66.89
C LEU H 31 14.05 -22.62 66.84
N SER H 32 14.75 -22.61 67.96
CA SER H 32 16.08 -22.02 67.95
C SER H 32 17.04 -22.47 69.05
N THR H 33 16.72 -23.51 69.82
CA THR H 33 17.68 -24.03 70.80
C THR H 33 18.42 -25.22 70.19
N ALA H 34 19.59 -25.52 70.75
CA ALA H 34 20.41 -26.63 70.25
C ALA H 34 19.60 -27.93 70.19
N ASP H 35 18.83 -28.24 71.24
CA ASP H 35 18.12 -29.52 71.27
C ASP H 35 17.04 -29.58 70.21
N GLU H 36 16.27 -28.48 70.04
CA GLU H 36 15.23 -28.45 69.01
C GLU H 36 15.81 -28.62 67.61
N LEU H 37 17.04 -28.15 67.38
CA LEU H 37 17.61 -28.07 66.04
C LEU H 37 18.28 -29.36 65.60
N GLU H 38 18.74 -30.18 66.57
CA GLU H 38 19.38 -31.46 66.30
C GLU H 38 18.63 -32.28 65.28
N ALA H 39 17.29 -32.33 65.39
CA ALA H 39 16.50 -33.11 64.45
C ALA H 39 16.54 -32.55 63.03
N PHE H 40 17.07 -31.35 62.82
CA PHE H 40 17.11 -30.76 61.48
C PHE H 40 18.50 -30.75 60.88
N ARG H 41 19.50 -31.27 61.60
CA ARG H 41 20.78 -31.51 60.98
C ARG H 41 20.62 -32.57 59.91
N ASP H 42 21.61 -32.64 59.04
CA ASP H 42 21.68 -33.70 58.07
C ASP H 42 21.66 -35.06 58.77
N PRO H 43 20.67 -35.92 58.52
CA PRO H 43 20.71 -37.26 59.15
C PRO H 43 21.79 -38.17 58.57
N TYR H 44 22.23 -37.94 57.33
CA TYR H 44 23.31 -38.75 56.79
C TYR H 44 24.51 -37.83 56.62
N PRO H 45 25.17 -37.42 57.72
CA PRO H 45 26.20 -36.39 57.61
C PRO H 45 27.33 -36.85 56.74
N VAL H 46 27.94 -35.89 56.07
CA VAL H 46 29.03 -36.16 55.14
C VAL H 46 30.24 -35.38 55.63
N GLY H 47 31.36 -36.09 55.80
CA GLY H 47 32.58 -35.52 56.35
C GLY H 47 32.64 -35.62 57.86
N ALA H 48 33.88 -35.61 58.38
CA ALA H 48 34.04 -35.62 59.83
C ALA H 48 33.58 -34.30 60.45
N ALA H 49 33.94 -33.18 59.82
CA ALA H 49 33.68 -31.86 60.38
C ALA H 49 32.19 -31.53 60.43
N GLU H 50 31.82 -30.70 61.41
CA GLU H 50 30.49 -30.09 61.44
C GLU H 50 30.30 -29.19 60.23
N ALA H 51 29.11 -29.26 59.63
CA ALA H 51 28.79 -28.45 58.44
C ALA H 51 27.28 -28.24 58.37
N ASN H 52 26.87 -27.24 57.59
CA ASN H 52 25.48 -27.11 57.17
C ASN H 52 24.54 -26.98 58.36
N LEU H 53 24.91 -26.13 59.30
CA LEU H 53 24.15 -25.98 60.53
C LEU H 53 23.04 -24.94 60.37
N PRO H 54 21.81 -25.27 60.74
CA PRO H 54 20.75 -24.25 60.84
C PRO H 54 20.83 -23.44 62.13
N SER H 55 20.39 -22.20 62.05
CA SER H 55 20.30 -21.30 63.18
C SER H 55 18.90 -21.23 63.78
N ALA H 56 17.89 -21.69 63.05
CA ALA H 56 16.48 -21.62 63.44
C ALA H 56 15.63 -22.32 62.39
N VAL H 57 14.48 -22.86 62.81
CA VAL H 57 13.44 -23.37 61.94
C VAL H 57 12.19 -22.52 62.16
N VAL H 58 11.68 -21.91 61.09
CA VAL H 58 10.44 -21.15 61.10
C VAL H 58 9.39 -21.93 60.32
N SER H 59 8.20 -22.08 60.88
CA SER H 59 7.12 -22.82 60.23
C SER H 59 5.90 -21.96 59.90
N PRO H 60 5.79 -21.44 58.67
CA PRO H 60 4.65 -20.58 58.33
C PRO H 60 3.36 -21.34 57.98
N GLU H 61 2.22 -20.66 58.20
CA GLU H 61 0.90 -21.24 57.98
C GLU H 61 0.27 -20.88 56.64
N SER H 62 0.76 -19.84 55.96
CA SER H 62 0.12 -19.35 54.74
C SER H 62 1.13 -18.64 53.84
N THR H 63 0.70 -18.33 52.62
CA THR H 63 1.53 -17.57 51.69
C THR H 63 1.85 -16.18 52.23
N GLU H 64 0.84 -15.47 52.73
CA GLU H 64 1.04 -14.17 53.36
C GLU H 64 2.12 -14.20 54.44
N GLN H 65 2.17 -15.27 55.25
CA GLN H 65 3.23 -15.39 56.26
C GLN H 65 4.60 -15.61 55.63
N VAL H 66 4.67 -16.35 54.52
CA VAL H 66 5.95 -16.52 53.83
C VAL H 66 6.47 -15.18 53.35
N GLN H 67 5.61 -14.36 52.75
CA GLN H 67 6.00 -13.02 52.34
C GLN H 67 6.61 -12.26 53.52
N ASP H 68 5.91 -12.25 54.65
CA ASP H 68 6.37 -11.49 55.81
C ASP H 68 7.69 -12.03 56.34
N ILE H 69 7.85 -13.36 56.41
CA ILE H 69 9.13 -13.94 56.80
C ILE H 69 10.25 -13.46 55.88
N VAL H 70 9.96 -13.39 54.58
CA VAL H 70 10.96 -13.00 53.61
C VAL H 70 11.32 -11.54 53.77
N ARG H 71 10.33 -10.69 54.02
CA ARG H 71 10.59 -9.27 54.17
C ARG H 71 11.44 -9.01 55.41
N ILE H 72 11.13 -9.71 56.51
CA ILE H 72 11.96 -9.65 57.72
C ILE H 72 13.38 -10.10 57.43
N ALA H 73 13.53 -11.19 56.67
CA ALA H 73 14.86 -11.69 56.37
C ALA H 73 15.68 -10.68 55.54
N ASN H 74 15.02 -9.93 54.65
CA ASN H 74 15.72 -8.87 53.92
C ASN H 74 16.18 -7.75 54.84
N GLU H 75 15.35 -7.37 55.81
CA GLU H 75 15.70 -6.27 56.71
C GLU H 75 16.88 -6.62 57.61
N TYR H 76 17.05 -7.90 57.95
CA TYR H 76 18.10 -8.28 58.87
C TYR H 76 19.31 -8.93 58.19
N GLY H 77 19.21 -9.29 56.92
CA GLY H 77 20.32 -9.99 56.28
C GLY H 77 20.38 -11.45 56.64
N ILE H 78 19.25 -12.07 56.96
CA ILE H 78 19.21 -13.45 57.42
C ILE H 78 18.98 -14.35 56.21
N PRO H 79 19.87 -15.31 55.94
CA PRO H 79 19.60 -16.25 54.84
C PRO H 79 18.50 -17.23 55.20
N LEU H 80 17.69 -17.58 54.20
CA LEU H 80 16.59 -18.54 54.37
C LEU H 80 16.83 -19.74 53.47
N HIS H 81 16.64 -20.94 54.03
CA HIS H 81 16.66 -22.19 53.28
C HIS H 81 15.24 -22.76 53.29
N PRO H 82 14.50 -22.65 52.18
CA PRO H 82 13.13 -23.13 52.18
C PRO H 82 13.09 -24.62 51.89
N VAL H 83 12.25 -25.34 52.62
CA VAL H 83 12.02 -26.75 52.35
C VAL H 83 10.52 -27.02 52.35
N SER H 84 10.16 -28.21 51.89
CA SER H 84 8.77 -28.66 51.98
C SER H 84 8.64 -29.58 53.18
N THR H 85 8.96 -30.86 53.00
CA THR H 85 9.03 -31.81 54.10
C THR H 85 10.44 -31.99 54.65
N GLY H 86 11.46 -31.56 53.92
CA GLY H 86 12.82 -31.64 54.43
C GLY H 86 13.37 -33.05 54.51
N LYS H 87 12.92 -33.94 53.62
CA LYS H 87 13.34 -35.34 53.56
C LYS H 87 14.35 -35.62 52.43
N ASN H 88 15.12 -34.61 52.01
CA ASN H 88 16.13 -34.75 50.97
C ASN H 88 17.34 -35.55 51.45
N ASN H 89 17.07 -36.73 52.02
CA ASN H 89 18.10 -37.58 52.58
C ASN H 89 18.89 -38.22 51.44
N GLY H 90 20.22 -38.17 51.54
CA GLY H 90 21.08 -38.42 50.44
C GLY H 90 21.67 -37.16 49.87
N TYR H 91 21.04 -36.03 50.13
CA TYR H 91 21.47 -34.79 49.54
C TYR H 91 21.64 -33.68 50.56
N GLY H 92 21.43 -33.96 51.85
CA GLY H 92 21.49 -32.95 52.87
C GLY H 92 20.33 -32.99 53.86
N GLY H 93 19.32 -33.80 53.59
CA GLY H 93 18.13 -33.73 54.44
C GLY H 93 17.49 -32.35 54.34
N ALA H 94 17.15 -31.77 55.48
CA ALA H 94 16.69 -30.39 55.55
C ALA H 94 17.82 -29.40 55.81
N ALA H 95 19.05 -29.87 55.94
CA ALA H 95 20.13 -28.97 56.35
C ALA H 95 20.39 -27.92 55.27
N PRO H 96 20.64 -26.67 55.64
CA PRO H 96 20.97 -25.65 54.64
C PRO H 96 22.38 -25.79 54.13
N ARG H 97 22.57 -25.39 52.87
CA ARG H 97 23.91 -25.37 52.30
C ARG H 97 24.82 -24.39 53.05
N LEU H 98 24.31 -23.18 53.31
CA LEU H 98 25.05 -22.16 54.04
C LEU H 98 24.77 -22.31 55.53
N SER H 99 25.83 -22.59 56.30
CA SER H 99 25.70 -22.70 57.76
C SER H 99 25.25 -21.38 58.35
N GLY H 100 24.31 -21.47 59.30
CA GLY H 100 23.71 -20.31 59.93
C GLY H 100 22.42 -19.85 59.30
N SER H 101 21.96 -20.54 58.25
CA SER H 101 20.71 -20.20 57.63
C SER H 101 19.54 -20.58 58.52
N VAL H 102 18.42 -19.92 58.30
CA VAL H 102 17.16 -20.31 58.93
C VAL H 102 16.40 -21.21 57.95
N ILE H 103 16.01 -22.40 58.41
CA ILE H 103 15.14 -23.25 57.59
C ILE H 103 13.73 -22.68 57.64
N VAL H 104 13.11 -22.55 56.47
CA VAL H 104 11.69 -22.22 56.36
C VAL H 104 11.00 -23.52 55.95
N LYS H 105 10.47 -24.23 56.95
CA LYS H 105 9.80 -25.51 56.72
C LYS H 105 8.34 -25.22 56.36
N THR H 106 8.10 -25.01 55.07
CA THR H 106 6.76 -24.66 54.59
C THR H 106 5.76 -25.78 54.81
N GLY H 107 6.21 -27.03 54.78
CA GLY H 107 5.30 -28.16 54.77
C GLY H 107 4.72 -28.59 56.09
N GLU H 108 5.28 -28.11 57.22
CA GLU H 108 4.74 -28.46 58.53
C GLU H 108 3.28 -28.03 58.66
N ARG H 109 2.99 -26.79 58.31
CA ARG H 109 1.64 -26.26 58.42
C ARG H 109 0.95 -26.09 57.07
N MET H 110 1.70 -25.80 56.01
CA MET H 110 1.09 -25.65 54.70
C MET H 110 1.09 -27.02 54.04
N ASN H 111 0.18 -27.86 54.50
CA ASN H 111 0.20 -29.28 54.14
C ASN H 111 -1.12 -29.69 53.51
N ARG H 112 -1.78 -28.76 52.81
CA ARG H 112 -3.18 -28.97 52.43
C ARG H 112 -3.30 -29.29 50.94
N ILE H 113 -4.14 -30.28 50.65
CA ILE H 113 -4.51 -30.58 49.27
C ILE H 113 -5.59 -29.58 48.88
N LEU H 114 -5.23 -28.63 48.02
CA LEU H 114 -6.18 -27.59 47.65
C LEU H 114 -7.15 -28.05 46.58
N GLU H 115 -6.75 -28.98 45.71
CA GLU H 115 -7.65 -29.44 44.66
C GLU H 115 -7.14 -30.74 44.07
N VAL H 116 -8.06 -31.68 43.88
CA VAL H 116 -7.79 -32.85 43.04
C VAL H 116 -8.98 -32.96 42.09
N ASN H 117 -8.71 -32.71 40.79
CA ASN H 117 -9.73 -32.72 39.74
C ASN H 117 -9.74 -34.07 39.05
N GLU H 118 -10.86 -34.79 39.13
CA GLU H 118 -10.91 -36.12 38.52
C GLU H 118 -11.08 -36.02 37.01
N LYS H 119 -11.86 -35.04 36.56
CA LYS H 119 -12.16 -34.97 35.15
C LYS H 119 -10.90 -34.73 34.34
N TYR H 120 -10.11 -33.72 34.71
CA TYR H 120 -8.94 -33.36 33.92
C TYR H 120 -7.66 -34.00 34.43
N GLY H 121 -7.70 -34.67 35.57
CA GLY H 121 -6.57 -35.41 36.07
C GLY H 121 -5.45 -34.51 36.51
N TYR H 122 -5.68 -33.75 37.58
CA TYR H 122 -4.62 -32.94 38.15
C TYR H 122 -4.88 -32.70 39.62
N ALA H 123 -3.84 -32.26 40.31
CA ALA H 123 -3.94 -31.82 41.69
C ALA H 123 -3.23 -30.49 41.79
N LEU H 124 -3.68 -29.68 42.75
CA LEU H 124 -2.99 -28.47 43.14
C LEU H 124 -2.64 -28.61 44.62
N LEU H 125 -1.37 -28.39 44.95
CA LEU H 125 -0.83 -28.87 46.20
C LEU H 125 -0.02 -27.79 46.91
N GLU H 126 -0.04 -27.88 48.23
CA GLU H 126 0.87 -27.17 49.12
C GLU H 126 2.08 -28.05 49.41
N PRO H 127 3.17 -27.47 49.93
CA PRO H 127 4.42 -28.25 50.04
C PRO H 127 4.37 -29.40 51.03
N GLY H 128 3.49 -29.36 52.03
CA GLY H 128 3.44 -30.38 53.06
C GLY H 128 2.77 -31.68 52.66
N VAL H 129 2.12 -31.71 51.50
CA VAL H 129 1.36 -32.89 51.11
C VAL H 129 2.37 -33.98 50.73
N THR H 130 2.37 -35.08 51.48
CA THR H 130 3.29 -36.16 51.16
C THR H 130 2.63 -37.11 50.16
N TYR H 131 3.44 -37.94 49.52
CA TYR H 131 2.91 -39.01 48.69
C TYR H 131 1.94 -39.91 49.47
N PHE H 132 2.22 -40.21 50.75
CA PHE H 132 1.23 -40.95 51.54
C PHE H 132 -0.09 -40.18 51.66
N ASP H 133 -0.02 -38.90 52.01
CA ASP H 133 -1.23 -38.10 52.14
C ASP H 133 -2.02 -38.08 50.85
N LEU H 134 -1.33 -37.95 49.70
CA LEU H 134 -2.03 -37.83 48.44
C LEU H 134 -2.70 -39.15 48.07
N TYR H 135 -1.97 -40.25 48.31
CA TYR H 135 -2.52 -41.58 48.10
C TYR H 135 -3.71 -41.85 49.02
N GLU H 136 -3.59 -41.49 50.29
CA GLU H 136 -4.72 -41.60 51.21
C GLU H 136 -5.93 -40.84 50.67
N TYR H 137 -5.71 -39.61 50.20
CA TYR H 137 -6.83 -38.82 49.66
C TYR H 137 -7.46 -39.52 48.45
N LEU H 138 -6.63 -39.99 47.51
CA LEU H 138 -7.16 -40.67 46.32
C LEU H 138 -7.96 -41.91 46.70
N GLN H 139 -7.51 -42.62 47.75
CA GLN H 139 -8.25 -43.80 48.19
C GLN H 139 -9.60 -43.39 48.76
N SER H 140 -9.59 -42.46 49.73
CA SER H 140 -10.83 -42.03 50.41
C SER H 140 -11.88 -41.49 49.44
N HIS H 141 -11.46 -40.88 48.33
CA HIS H 141 -12.41 -40.32 47.38
C HIS H 141 -12.65 -41.24 46.18
N ASP H 142 -12.16 -42.49 46.23
CA ASP H 142 -12.46 -43.49 45.19
C ASP H 142 -12.00 -43.00 43.82
N SER H 143 -10.81 -42.41 43.79
CA SER H 143 -10.35 -41.72 42.59
C SER H 143 -9.98 -42.72 41.49
N GLY H 144 -10.19 -42.30 40.24
CA GLY H 144 -9.67 -43.00 39.09
C GLY H 144 -8.25 -42.62 38.73
N LEU H 145 -7.61 -41.74 39.51
CA LEU H 145 -6.26 -41.27 39.30
C LEU H 145 -5.23 -42.09 40.10
N MET H 146 -3.98 -42.01 39.69
CA MET H 146 -2.87 -42.55 40.48
C MET H 146 -1.77 -41.50 40.57
N LEU H 147 -1.01 -41.54 41.65
CA LEU H 147 0.11 -40.61 41.73
C LEU H 147 1.34 -41.29 41.19
N ASP H 148 2.43 -40.53 41.14
CA ASP H 148 3.74 -41.05 40.78
C ASP H 148 4.70 -40.76 41.92
N CYS H 149 5.34 -41.80 42.50
CA CYS H 149 6.15 -41.58 43.68
C CYS H 149 7.59 -42.04 43.50
N PRO H 150 8.52 -41.39 44.22
CA PRO H 150 9.87 -41.93 44.38
C PRO H 150 9.86 -43.20 45.23
N ASP H 151 11.07 -43.71 45.58
CA ASP H 151 11.18 -44.95 46.35
C ASP H 151 10.66 -44.78 47.76
N LEU H 152 10.80 -43.59 48.35
CA LEU H 152 10.31 -43.31 49.70
C LEU H 152 9.12 -42.35 49.66
N GLY H 153 8.06 -42.73 50.35
CA GLY H 153 6.82 -42.01 50.21
C GLY H 153 6.59 -40.91 51.19
N TRP H 154 7.50 -40.69 52.13
CA TRP H 154 7.31 -39.68 53.16
C TRP H 154 7.80 -38.30 52.73
N GLY H 155 8.34 -38.19 51.53
CA GLY H 155 8.70 -36.92 50.96
C GLY H 155 7.50 -36.19 50.38
N SER H 156 7.79 -35.06 49.75
CA SER H 156 6.80 -34.09 49.32
C SER H 156 6.59 -34.18 47.81
N VAL H 157 5.33 -34.12 47.37
CA VAL H 157 5.07 -34.05 45.93
C VAL H 157 5.76 -32.82 45.36
N VAL H 158 5.61 -31.68 46.05
CA VAL H 158 6.20 -30.42 45.62
C VAL H 158 7.72 -30.42 45.81
N GLY H 159 8.21 -30.73 47.02
CA GLY H 159 9.63 -30.62 47.28
C GLY H 159 10.47 -31.49 46.36
N ASN H 160 9.99 -32.71 46.09
CA ASN H 160 10.71 -33.61 45.21
C ASN H 160 10.75 -33.03 43.81
N THR H 161 9.60 -32.58 43.31
CA THR H 161 9.54 -31.93 42.02
C THR H 161 10.52 -30.78 41.94
N LEU H 162 10.62 -29.97 43.01
CA LEU H 162 11.49 -28.80 42.98
C LEU H 162 12.96 -29.12 43.09
N ASP H 163 13.35 -30.36 43.39
CA ASP H 163 14.73 -30.76 43.20
C ASP H 163 14.89 -31.59 41.93
N ARG H 164 13.83 -31.67 41.12
CA ARG H 164 13.74 -32.44 39.88
C ARG H 164 13.96 -33.94 40.14
N GLY H 165 13.48 -34.41 41.30
CA GLY H 165 13.48 -35.83 41.59
C GLY H 165 12.54 -36.58 40.66
N VAL H 166 12.56 -37.91 40.76
CA VAL H 166 11.82 -38.73 39.81
C VAL H 166 11.17 -39.93 40.48
N GLY H 167 10.15 -40.46 39.80
CA GLY H 167 9.44 -41.68 40.14
C GLY H 167 9.40 -42.58 38.92
N TYR H 168 8.55 -43.59 38.91
CA TYR H 168 8.79 -44.71 38.01
C TYR H 168 7.59 -45.10 37.16
N THR H 169 6.46 -44.39 37.24
CA THR H 169 5.32 -44.63 36.37
C THR H 169 5.57 -43.90 35.05
N PRO H 170 4.65 -43.99 34.07
CA PRO H 170 4.81 -43.16 32.85
C PRO H 170 4.87 -41.65 33.13
N TYR H 171 4.45 -41.20 34.32
CA TYR H 171 4.59 -39.81 34.75
C TYR H 171 5.82 -39.62 35.65
N GLY H 172 6.86 -40.43 35.45
CA GLY H 172 8.03 -40.43 36.32
C GLY H 172 8.80 -39.13 36.39
N ASP H 173 8.77 -38.31 35.33
CA ASP H 173 9.55 -37.07 35.27
C ASP H 173 8.70 -35.95 35.87
N HIS H 174 8.94 -35.62 37.15
CA HIS H 174 7.95 -34.81 37.87
C HIS H 174 7.89 -33.39 37.36
N PHE H 175 9.03 -32.80 37.02
CA PHE H 175 9.02 -31.42 36.54
C PHE H 175 8.19 -31.28 35.28
N MET H 176 8.27 -32.28 34.39
CA MET H 176 7.51 -32.26 33.15
C MET H 176 6.02 -32.09 33.42
N TRP H 177 5.49 -32.90 34.33
CA TRP H 177 4.06 -32.94 34.60
C TRP H 177 3.63 -31.85 35.57
N GLN H 178 4.59 -31.18 36.18
CA GLN H 178 4.31 -29.97 36.92
C GLN H 178 3.58 -28.98 36.01
N THR H 179 2.52 -28.35 36.56
CA THR H 179 1.67 -27.45 35.76
C THR H 179 1.22 -26.31 36.67
N GLY H 180 1.92 -25.19 36.60
CA GLY H 180 1.63 -24.00 37.37
C GLY H 180 2.23 -24.00 38.76
N LEU H 181 2.71 -22.85 39.23
CA LEU H 181 3.15 -22.73 40.60
C LEU H 181 2.93 -21.30 41.08
N GLU H 182 2.90 -21.17 42.40
CA GLU H 182 2.84 -19.88 43.08
C GLU H 182 4.11 -19.74 43.90
N VAL H 183 4.75 -18.59 43.83
CA VAL H 183 6.06 -18.45 44.47
C VAL H 183 6.23 -17.06 45.05
N VAL H 184 6.75 -17.00 46.26
CA VAL H 184 7.19 -15.77 46.88
C VAL H 184 8.63 -15.53 46.44
N LEU H 185 8.88 -14.38 45.84
CA LEU H 185 10.16 -14.06 45.24
C LEU H 185 11.06 -13.41 46.30
N PRO H 186 12.37 -13.27 46.03
CA PRO H 186 13.34 -13.05 47.13
C PRO H 186 13.09 -11.81 47.97
N GLN H 187 12.32 -10.84 47.47
CA GLN H 187 11.96 -9.66 48.25
C GLN H 187 10.51 -9.65 48.72
N GLY H 188 9.78 -10.76 48.59
CA GLY H 188 8.49 -10.88 49.22
C GLY H 188 7.27 -10.71 48.32
N GLU H 189 7.45 -10.35 47.05
CA GLU H 189 6.36 -10.29 46.10
C GLU H 189 5.96 -11.71 45.69
N VAL H 190 4.66 -11.92 45.48
CA VAL H 190 4.12 -13.23 45.09
C VAL H 190 3.71 -13.18 43.62
N MET H 191 4.02 -14.26 42.90
CA MET H 191 3.78 -14.39 41.47
C MET H 191 3.21 -15.77 41.17
N ARG H 192 2.28 -15.84 40.22
CA ARG H 192 1.78 -17.11 39.70
C ARG H 192 2.23 -17.30 38.26
N THR H 193 2.53 -18.54 37.88
CA THR H 193 3.01 -18.85 36.54
C THR H 193 1.90 -19.46 35.68
N GLY H 194 2.12 -19.41 34.37
CA GLY H 194 1.27 -20.06 33.42
C GLY H 194 -0.09 -19.41 33.37
N MET H 195 -1.13 -20.23 33.22
CA MET H 195 -2.47 -19.68 33.21
C MET H 195 -2.89 -19.14 34.56
N GLY H 196 -2.14 -19.43 35.63
CA GLY H 196 -2.38 -18.83 36.94
C GLY H 196 -2.23 -17.31 36.98
N ALA H 197 -1.46 -16.74 36.04
CA ALA H 197 -1.27 -15.30 35.94
C ALA H 197 -2.49 -14.60 35.32
N LEU H 198 -3.42 -15.36 34.75
CA LEU H 198 -4.60 -14.78 34.13
C LEU H 198 -5.79 -14.87 35.09
N PRO H 199 -6.21 -13.76 35.72
CA PRO H 199 -7.31 -13.82 36.70
C PRO H 199 -8.56 -14.51 36.15
N GLY H 200 -9.09 -15.46 36.92
CA GLY H 200 -10.30 -16.16 36.54
C GLY H 200 -10.13 -17.30 35.56
N SER H 201 -8.92 -17.53 35.08
CA SER H 201 -8.68 -18.72 34.27
C SER H 201 -8.92 -19.97 35.11
N ASP H 202 -9.55 -20.97 34.50
CA ASP H 202 -9.65 -22.27 35.13
C ASP H 202 -8.54 -23.22 34.69
N ALA H 203 -7.55 -22.73 33.93
CA ALA H 203 -6.58 -23.57 33.23
C ALA H 203 -5.20 -23.62 33.89
N TRP H 204 -5.06 -23.19 35.14
CA TRP H 204 -3.75 -23.19 35.82
C TRP H 204 -3.06 -24.54 35.74
N GLN H 205 -3.81 -25.62 35.93
CA GLN H 205 -3.23 -26.96 35.92
C GLN H 205 -3.55 -27.72 34.63
N LEU H 206 -4.02 -27.02 33.58
CA LEU H 206 -4.32 -27.58 32.27
C LEU H 206 -3.28 -27.26 31.20
N PHE H 207 -2.76 -26.05 31.15
CA PHE H 207 -1.85 -25.65 30.10
C PHE H 207 -0.60 -25.11 30.76
N PRO H 208 0.57 -25.67 30.51
CA PRO H 208 1.76 -25.35 31.33
C PRO H 208 2.36 -23.97 31.08
N TYR H 209 2.42 -23.55 29.82
CA TYR H 209 3.24 -22.41 29.42
C TYR H 209 2.62 -21.04 29.66
N GLY H 210 1.31 -20.86 29.56
CA GLY H 210 0.79 -19.50 29.57
C GLY H 210 1.25 -18.71 28.35
N PHE H 211 1.86 -17.53 28.59
CA PHE H 211 2.22 -16.60 27.52
C PHE H 211 3.48 -15.85 27.93
N GLY H 212 4.40 -15.69 27.00
CA GLY H 212 5.66 -15.07 27.30
C GLY H 212 6.66 -16.11 27.74
N PRO H 213 7.82 -15.65 28.22
CA PRO H 213 8.90 -16.59 28.55
C PRO H 213 8.49 -17.55 29.67
N PHE H 214 8.84 -18.83 29.48
CA PHE H 214 8.42 -19.90 30.38
C PHE H 214 9.38 -20.03 31.57
N PRO H 215 8.96 -19.70 32.80
CA PRO H 215 9.94 -19.54 33.89
C PRO H 215 9.95 -20.63 34.95
N ASP H 216 9.08 -21.64 34.86
CA ASP H 216 8.88 -22.56 35.99
C ASP H 216 10.15 -23.32 36.32
N GLY H 217 10.94 -23.68 35.30
CA GLY H 217 12.17 -24.43 35.50
C GLY H 217 13.23 -23.65 36.23
N MET H 218 13.16 -22.32 36.16
CA MET H 218 14.07 -21.48 36.93
C MET H 218 13.86 -21.64 38.42
N PHE H 219 12.74 -22.22 38.86
CA PHE H 219 12.48 -22.43 40.28
C PHE H 219 12.75 -23.85 40.74
N THR H 220 13.36 -24.68 39.90
CA THR H 220 13.79 -26.01 40.33
C THR H 220 15.30 -26.02 40.50
N GLN H 221 15.77 -26.78 41.48
CA GLN H 221 17.20 -26.81 41.85
C GLN H 221 17.75 -25.38 41.93
N SER H 222 16.97 -24.49 42.51
CA SER H 222 17.17 -23.05 42.41
C SER H 222 17.08 -22.41 43.78
N ASN H 223 17.38 -21.12 43.83
CA ASN H 223 17.24 -20.32 45.04
C ASN H 223 16.66 -18.95 44.70
N LEU H 224 15.70 -18.93 43.78
CA LEU H 224 15.06 -17.72 43.31
C LEU H 224 13.72 -17.46 43.97
N GLY H 225 13.31 -18.30 44.93
CA GLY H 225 12.07 -18.04 45.64
C GLY H 225 11.70 -19.15 46.59
N ILE H 226 10.53 -18.99 47.19
CA ILE H 226 9.92 -19.96 48.10
C ILE H 226 8.58 -20.36 47.51
N VAL H 227 8.48 -21.59 47.01
CA VAL H 227 7.25 -22.03 46.34
C VAL H 227 6.20 -22.32 47.39
N THR H 228 5.00 -21.81 47.16
CA THR H 228 3.93 -21.95 48.13
C THR H 228 2.78 -22.81 47.64
N LYS H 229 2.66 -23.02 46.34
CA LYS H 229 1.61 -23.84 45.73
C LYS H 229 2.16 -24.39 44.42
N MET H 230 1.78 -25.62 44.09
CA MET H 230 2.22 -26.24 42.86
C MET H 230 1.16 -27.20 42.34
N GLY H 231 0.93 -27.17 41.03
CA GLY H 231 0.08 -28.13 40.38
C GLY H 231 0.88 -29.22 39.69
N ILE H 232 0.24 -30.38 39.53
CA ILE H 232 0.85 -31.52 38.85
C ILE H 232 -0.25 -32.35 38.21
N ALA H 233 0.05 -32.90 37.04
CA ALA H 233 -0.86 -33.76 36.33
C ALA H 233 -0.84 -35.13 36.98
N LEU H 234 -1.99 -35.78 37.02
CA LEU H 234 -2.12 -37.13 37.55
C LEU H 234 -2.65 -38.01 36.44
N MET H 235 -1.94 -39.10 36.19
CA MET H 235 -2.37 -40.11 35.24
C MET H 235 -3.62 -40.84 35.73
N GLN H 236 -4.50 -41.22 34.79
CA GLN H 236 -5.57 -42.17 35.09
C GLN H 236 -5.01 -43.56 35.29
N ARG H 237 -5.52 -44.26 36.29
CA ARG H 237 -5.05 -45.62 36.56
C ARG H 237 -5.48 -46.53 35.42
N PRO H 238 -4.57 -47.31 34.84
CA PRO H 238 -4.96 -48.21 33.73
C PRO H 238 -5.77 -49.39 34.25
N PRO H 239 -6.42 -50.17 33.38
CA PRO H 239 -7.31 -51.22 33.91
C PRO H 239 -6.54 -52.41 34.47
N ALA H 240 -5.25 -52.54 34.18
CA ALA H 240 -4.47 -53.66 34.68
C ALA H 240 -3.00 -53.32 34.60
N SER H 241 -2.20 -54.06 35.36
CA SER H 241 -0.76 -53.89 35.31
C SER H 241 -0.09 -55.18 35.72
N GLN H 242 1.13 -55.35 35.26
CA GLN H 242 1.94 -56.51 35.62
C GLN H 242 3.38 -56.06 35.70
N SER H 243 4.05 -56.37 36.81
CA SER H 243 5.46 -56.08 37.01
C SER H 243 6.30 -57.34 36.87
N PHE H 244 7.55 -57.15 36.50
CA PHE H 244 8.42 -58.28 36.20
C PHE H 244 9.83 -57.99 36.67
N LEU H 245 10.59 -59.06 36.84
CA LEU H 245 12.00 -59.05 37.16
C LEU H 245 12.73 -59.94 36.17
N ILE H 246 13.83 -59.44 35.59
CA ILE H 246 14.79 -60.23 34.84
C ILE H 246 16.08 -60.27 35.64
N THR H 247 16.57 -61.49 35.92
CA THR H 247 17.86 -61.69 36.56
C THR H 247 18.89 -62.01 35.49
N PHE H 248 20.08 -61.43 35.65
CA PHE H 248 21.22 -61.59 34.78
C PHE H 248 22.39 -62.03 35.65
N ASP H 249 23.09 -63.10 35.24
CA ASP H 249 24.04 -63.78 36.11
C ASP H 249 25.33 -62.98 36.33
N LYS H 250 25.96 -62.43 35.27
CA LYS H 250 27.31 -61.88 35.32
C LYS H 250 27.32 -60.36 35.48
N GLU H 251 28.37 -59.83 36.12
CA GLU H 251 28.62 -58.40 36.12
C GLU H 251 28.66 -57.85 34.70
N GLU H 252 29.29 -58.62 33.82
CA GLU H 252 29.60 -58.20 32.48
C GLU H 252 28.36 -58.09 31.61
N ASP H 253 27.24 -58.69 32.02
CA ASP H 253 25.99 -58.57 31.25
C ASP H 253 25.53 -57.11 31.14
N LEU H 254 25.94 -56.23 32.06
CA LEU H 254 25.44 -54.85 32.05
C LEU H 254 25.49 -54.24 30.65
N GLU H 255 26.58 -54.51 29.92
CA GLU H 255 26.76 -53.90 28.61
C GLU H 255 25.65 -54.31 27.65
N GLN H 256 25.38 -55.61 27.57
CA GLN H 256 24.33 -56.10 26.68
C GLN H 256 22.94 -55.82 27.25
N ILE H 257 22.78 -55.79 28.58
CA ILE H 257 21.46 -55.45 29.13
C ILE H 257 21.03 -54.07 28.66
N VAL H 258 21.95 -53.10 28.69
CA VAL H 258 21.65 -51.75 28.27
C VAL H 258 21.43 -51.68 26.75
N ASP H 259 22.19 -52.43 25.96
CA ASP H 259 22.04 -52.29 24.51
C ASP H 259 20.72 -52.89 24.01
N ILE H 260 20.30 -54.02 24.60
CA ILE H 260 19.04 -54.63 24.20
C ILE H 260 17.88 -53.77 24.66
N MET H 261 18.05 -53.09 25.80
CA MET H 261 17.00 -52.28 26.40
C MET H 261 16.62 -51.07 25.54
N LEU H 262 17.61 -50.39 24.92
CA LEU H 262 17.34 -49.10 24.29
C LEU H 262 16.26 -49.19 23.21
N PRO H 263 16.29 -50.14 22.26
CA PRO H 263 15.19 -50.21 21.27
C PRO H 263 13.83 -50.55 21.88
N LEU H 264 13.79 -51.14 23.07
CA LEU H 264 12.52 -51.43 23.71
C LEU H 264 12.02 -50.25 24.52
N ARG H 265 12.90 -49.29 24.80
CA ARG H 265 12.58 -48.18 25.69
C ARG H 265 12.29 -46.88 24.97
N ILE H 266 12.96 -46.60 23.83
CA ILE H 266 12.96 -45.24 23.30
C ILE H 266 11.59 -44.82 22.80
N ASN H 267 10.72 -45.75 22.40
CA ASN H 267 9.34 -45.44 22.00
C ASN H 267 8.33 -45.58 23.14
N MET H 268 8.77 -45.75 24.38
CA MET H 268 7.86 -45.92 25.54
C MET H 268 7.00 -47.16 25.38
N ALA H 269 7.50 -48.13 24.65
CA ALA H 269 6.80 -49.36 24.35
C ALA H 269 7.77 -50.33 23.70
N PRO H 270 7.83 -51.59 24.14
CA PRO H 270 7.05 -52.20 25.22
C PRO H 270 7.40 -51.77 26.65
N LEU H 271 8.53 -51.08 26.86
CA LEU H 271 8.91 -50.61 28.20
C LEU H 271 8.22 -49.27 28.49
N GLN H 272 7.01 -49.36 29.06
CA GLN H 272 6.14 -48.19 29.31
C GLN H 272 6.54 -47.45 30.58
N ASN H 273 7.00 -48.15 31.60
CA ASN H 273 7.36 -47.47 32.83
C ASN H 273 8.84 -47.10 32.76
N VAL H 274 9.35 -46.52 33.84
CA VAL H 274 10.78 -46.26 33.97
C VAL H 274 11.42 -47.55 34.47
N PRO H 275 12.13 -48.29 33.63
CA PRO H 275 12.83 -49.49 34.13
C PRO H 275 13.91 -49.07 35.08
N VAL H 276 14.15 -49.92 36.09
CA VAL H 276 15.33 -49.82 36.94
C VAL H 276 16.13 -51.10 36.79
N LEU H 277 17.47 -50.96 36.82
CA LEU H 277 18.46 -52.04 36.78
C LEU H 277 19.33 -51.89 38.02
N ARG H 278 19.28 -52.89 38.90
CA ARG H 278 19.84 -52.83 40.23
C ARG H 278 20.85 -53.96 40.39
N ASN H 279 21.94 -53.71 41.10
CA ASN H 279 22.92 -54.76 41.26
C ASN H 279 22.57 -55.61 42.47
N ILE H 280 23.33 -56.68 42.70
CA ILE H 280 23.00 -57.59 43.77
C ILE H 280 23.16 -56.90 45.13
N PHE H 281 24.17 -56.03 45.29
CA PHE H 281 24.36 -55.30 46.55
C PHE H 281 23.12 -54.48 46.91
N MET H 282 22.57 -53.72 45.94
CA MET H 282 21.38 -52.91 46.22
C MET H 282 20.20 -53.78 46.63
N ASP H 283 20.02 -54.93 45.99
CA ASP H 283 18.89 -55.77 46.32
C ASP H 283 19.11 -56.51 47.64
N ALA H 284 20.33 -56.96 47.89
CA ALA H 284 20.64 -57.65 49.14
C ALA H 284 20.39 -56.74 50.33
N ALA H 285 20.84 -55.48 50.23
CA ALA H 285 20.65 -54.54 51.33
C ALA H 285 19.18 -54.26 51.61
N ALA H 286 18.30 -54.41 50.60
CA ALA H 286 16.89 -54.21 50.84
C ALA H 286 16.31 -55.28 51.77
N VAL H 287 16.91 -56.47 51.82
CA VAL H 287 16.35 -57.61 52.54
C VAL H 287 17.28 -58.22 53.57
N SER H 288 18.46 -57.64 53.82
CA SER H 288 19.44 -58.36 54.63
C SER H 288 20.54 -57.40 55.10
N LYS H 289 21.27 -57.85 56.11
CA LYS H 289 22.41 -57.13 56.67
C LYS H 289 23.70 -57.58 56.00
N ARG H 290 24.69 -56.69 55.97
CA ARG H 290 25.97 -57.04 55.34
C ARG H 290 26.60 -58.25 56.03
N THR H 291 26.47 -58.32 57.36
CA THR H 291 27.08 -59.40 58.13
C THR H 291 26.48 -60.77 57.82
N GLU H 292 25.27 -60.85 57.24
CA GLU H 292 24.76 -62.16 56.87
C GLU H 292 25.65 -62.82 55.82
N TRP H 293 26.36 -62.00 55.04
CA TRP H 293 27.15 -62.48 53.92
C TRP H 293 28.66 -62.47 54.15
N PHE H 294 29.17 -61.58 55.01
CA PHE H 294 30.60 -61.41 55.19
C PHE H 294 30.86 -60.63 56.48
N ASP H 295 31.75 -61.08 57.35
CA ASP H 295 31.90 -60.42 58.64
C ASP H 295 33.12 -59.52 58.75
N GLY H 296 33.96 -59.45 57.71
CA GLY H 296 35.28 -58.90 57.94
C GLY H 296 35.88 -57.77 57.12
N ASP H 297 37.07 -58.09 56.59
CA ASP H 297 38.06 -57.13 56.12
C ASP H 297 37.66 -56.58 54.76
N GLY H 298 37.02 -55.40 54.76
CA GLY H 298 36.91 -54.61 53.55
C GLY H 298 35.99 -55.21 52.52
N PRO H 299 36.44 -55.25 51.26
CA PRO H 299 35.52 -55.51 50.15
C PRO H 299 35.00 -56.94 50.17
N MET H 300 33.78 -57.10 49.70
CA MET H 300 33.18 -58.42 49.74
C MET H 300 33.85 -59.32 48.71
N PRO H 301 34.31 -60.51 49.11
CA PRO H 301 34.93 -61.44 48.15
C PRO H 301 33.91 -62.04 47.19
N ALA H 302 34.42 -62.54 46.07
CA ALA H 302 33.56 -63.15 45.06
C ALA H 302 32.63 -64.19 45.66
N GLU H 303 33.15 -65.02 46.57
CA GLU H 303 32.35 -66.09 47.16
C GLU H 303 31.10 -65.55 47.86
N ALA H 304 31.26 -64.46 48.62
CA ALA H 304 30.13 -63.90 49.34
C ALA H 304 29.08 -63.32 48.38
N ILE H 305 29.53 -62.68 47.29
CA ILE H 305 28.57 -62.16 46.31
C ILE H 305 27.72 -63.30 45.74
N GLU H 306 28.34 -64.45 45.41
CA GLU H 306 27.58 -65.59 44.89
C GLU H 306 26.63 -66.15 45.94
N ARG H 307 26.97 -66.07 47.23
CA ARG H 307 26.04 -66.48 48.26
C ARG H 307 24.82 -65.56 48.32
N MET H 308 25.00 -64.26 48.06
CA MET H 308 23.85 -63.36 47.94
C MET H 308 23.00 -63.75 46.72
N LYS H 309 23.64 -64.00 45.58
CA LYS H 309 22.92 -64.44 44.39
C LYS H 309 22.13 -65.72 44.62
N LYS H 310 22.75 -66.74 45.26
CA LYS H 310 22.09 -68.04 45.39
C LYS H 310 21.02 -68.02 46.50
N ASP H 311 21.33 -67.44 47.66
CA ASP H 311 20.32 -67.41 48.72
C ASP H 311 19.07 -66.66 48.28
N LEU H 312 19.24 -65.54 47.58
CA LEU H 312 18.13 -64.68 47.17
C LEU H 312 17.58 -65.00 45.80
N ASP H 313 18.18 -65.96 45.08
CA ASP H 313 17.77 -66.34 43.73
C ASP H 313 17.70 -65.10 42.82
N LEU H 314 18.77 -64.31 42.84
CA LEU H 314 18.90 -63.10 42.04
C LEU H 314 20.17 -63.14 41.22
N GLY H 315 20.24 -62.25 40.23
CA GLY H 315 21.44 -62.07 39.44
C GLY H 315 22.36 -61.01 40.05
N PHE H 316 23.54 -60.86 39.44
CA PHE H 316 24.33 -59.68 39.74
C PHE H 316 23.57 -58.42 39.32
N TRP H 317 22.85 -58.49 38.21
CA TRP H 317 22.04 -57.38 37.71
C TRP H 317 20.61 -57.84 37.65
N ASN H 318 19.72 -57.01 38.21
CA ASN H 318 18.30 -57.32 38.27
C ASN H 318 17.49 -56.16 37.71
N PHE H 319 16.71 -56.45 36.67
CA PHE H 319 15.97 -55.48 35.89
C PHE H 319 14.51 -55.53 36.32
N TYR H 320 13.95 -54.40 36.75
CA TYR H 320 12.57 -54.32 37.24
C TYR H 320 11.76 -53.40 36.33
N GLY H 321 10.59 -53.89 35.87
CA GLY H 321 9.74 -53.11 35.00
C GLY H 321 8.26 -53.35 35.28
N THR H 322 7.43 -52.45 34.74
CA THR H 322 5.99 -52.61 34.85
C THR H 322 5.28 -52.22 33.55
N LEU H 323 4.31 -53.04 33.17
CA LEU H 323 3.47 -52.87 31.99
C LEU H 323 2.05 -52.47 32.42
N TYR H 324 1.34 -51.77 31.53
CA TYR H 324 0.02 -51.24 31.88
C TYR H 324 -0.95 -51.36 30.71
N GLY H 325 -2.23 -51.55 31.02
CA GLY H 325 -3.27 -51.57 30.01
C GLY H 325 -4.08 -52.84 29.99
N PRO H 326 -4.88 -53.03 28.95
CA PRO H 326 -5.58 -54.32 28.75
C PRO H 326 -4.60 -55.47 28.82
N PRO H 327 -5.01 -56.59 29.39
CA PRO H 327 -4.12 -57.77 29.49
C PRO H 327 -3.58 -58.20 28.13
N PRO H 328 -4.37 -58.13 27.02
CA PRO H 328 -3.76 -58.44 25.71
C PRO H 328 -2.53 -57.61 25.38
N LEU H 329 -2.56 -56.31 25.71
CA LEU H 329 -1.39 -55.48 25.49
C LEU H 329 -0.25 -55.90 26.41
N ILE H 330 -0.57 -56.24 27.66
CA ILE H 330 0.44 -56.63 28.62
C ILE H 330 1.11 -57.92 28.18
N GLU H 331 0.31 -58.92 27.78
CA GLU H 331 0.87 -60.17 27.27
C GLU H 331 1.83 -59.90 26.12
N MET H 332 1.39 -59.12 25.13
CA MET H 332 2.21 -58.84 23.96
C MET H 332 3.51 -58.16 24.35
N TYR H 333 3.42 -57.08 25.13
CA TYR H 333 4.61 -56.34 25.51
C TYR H 333 5.58 -57.23 26.30
N TYR H 334 5.05 -58.00 27.25
CA TYR H 334 5.90 -58.90 28.02
C TYR H 334 6.57 -59.94 27.12
N GLY H 335 5.91 -60.35 26.04
CA GLY H 335 6.50 -61.34 25.15
C GLY H 335 7.67 -60.78 24.36
N MET H 336 7.52 -59.55 23.84
CA MET H 336 8.62 -58.86 23.18
C MET H 336 9.81 -58.72 24.13
N ILE H 337 9.53 -58.42 25.40
CA ILE H 337 10.59 -58.24 26.37
C ILE H 337 11.28 -59.58 26.65
N LYS H 338 10.51 -60.66 26.73
CA LYS H 338 11.11 -61.98 26.95
C LYS H 338 11.96 -62.41 25.75
N GLU H 339 11.46 -62.17 24.55
CA GLU H 339 12.18 -62.51 23.33
C GLU H 339 13.51 -61.76 23.25
N ALA H 340 13.49 -60.45 23.50
CA ALA H 340 14.68 -59.62 23.32
C ALA H 340 15.74 -59.95 24.37
N PHE H 341 15.40 -59.79 25.67
CA PHE H 341 16.40 -60.02 26.71
C PHE H 341 16.78 -61.49 26.84
N GLY H 342 15.93 -62.40 26.36
CA GLY H 342 16.29 -63.81 26.35
C GLY H 342 17.55 -64.11 25.59
N LYS H 343 17.96 -63.24 24.66
CA LYS H 343 19.21 -63.41 23.93
C LYS H 343 20.43 -63.39 24.83
N ILE H 344 20.33 -62.85 26.04
CA ILE H 344 21.45 -62.88 26.96
C ILE H 344 21.46 -64.23 27.67
N PRO H 345 22.52 -65.02 27.52
CA PRO H 345 22.56 -66.32 28.19
C PRO H 345 22.52 -66.15 29.69
N GLY H 346 21.70 -66.99 30.34
CA GLY H 346 21.49 -66.92 31.77
C GLY H 346 20.39 -65.98 32.22
N ALA H 347 19.74 -65.27 31.30
CA ALA H 347 18.60 -64.43 31.67
C ALA H 347 17.41 -65.28 32.10
N ARG H 348 16.72 -64.84 33.16
CA ARG H 348 15.53 -65.51 33.68
C ARG H 348 14.46 -64.48 34.02
N PHE H 349 13.19 -64.88 33.89
CA PHE H 349 12.08 -63.95 33.96
C PHE H 349 11.08 -64.38 35.05
N PHE H 350 10.43 -63.39 35.65
CA PHE H 350 9.47 -63.59 36.74
C PHE H 350 8.46 -62.44 36.70
N THR H 351 7.17 -62.77 36.74
CA THR H 351 6.17 -61.75 37.05
C THR H 351 6.10 -61.54 38.56
N HIS H 352 5.36 -60.51 38.98
CA HIS H 352 5.23 -60.26 40.41
C HIS H 352 4.44 -61.37 41.11
N GLU H 353 3.66 -62.17 40.37
CA GLU H 353 2.92 -63.26 40.99
C GLU H 353 3.77 -64.50 41.26
N GLU H 354 4.97 -64.61 40.68
CA GLU H 354 5.72 -65.85 40.68
C GLU H 354 6.86 -65.88 41.70
N ARG H 355 6.91 -64.94 42.65
CA ARG H 355 7.93 -64.98 43.69
C ARG H 355 7.36 -64.51 45.03
N ASP H 356 7.18 -65.44 45.96
CA ASP H 356 6.81 -65.09 47.33
C ASP H 356 8.01 -65.14 48.28
N ASP H 357 9.21 -65.37 47.77
CA ASP H 357 10.41 -65.55 48.56
C ASP H 357 10.98 -64.20 49.02
N ARG H 358 12.04 -64.27 49.84
CA ARG H 358 12.70 -63.06 50.35
C ARG H 358 13.42 -62.32 49.22
N GLY H 359 13.96 -63.05 48.25
CA GLY H 359 14.54 -62.42 47.09
C GLY H 359 13.57 -61.62 46.26
N GLY H 360 12.29 -62.00 46.28
CA GLY H 360 11.23 -61.32 45.57
C GLY H 360 10.65 -60.10 46.27
N HIS H 361 11.13 -59.80 47.48
CA HIS H 361 10.57 -58.64 48.19
C HIS H 361 10.92 -57.34 47.49
N VAL H 362 12.00 -57.30 46.70
CA VAL H 362 12.29 -56.09 45.93
C VAL H 362 11.27 -55.92 44.82
N LEU H 363 11.01 -57.00 44.09
CA LEU H 363 9.97 -57.01 43.06
C LEU H 363 8.60 -56.63 43.61
N GLN H 364 8.27 -57.05 44.83
CA GLN H 364 6.98 -56.66 45.37
C GLN H 364 6.93 -55.18 45.69
N ASP H 365 8.04 -54.62 46.16
CA ASP H 365 8.09 -53.19 46.43
C ASP H 365 8.05 -52.36 45.13
N ARG H 366 8.78 -52.77 44.08
CA ARG H 366 8.72 -52.02 42.82
C ARG H 366 7.29 -52.05 42.26
N HIS H 367 6.63 -53.20 42.33
CA HIS H 367 5.23 -53.33 41.91
C HIS H 367 4.35 -52.31 42.62
N LYS H 368 4.56 -52.10 43.91
CA LYS H 368 3.83 -51.04 44.61
C LYS H 368 4.20 -49.67 44.03
N ILE H 369 5.49 -49.31 44.08
CA ILE H 369 5.96 -48.01 43.61
C ILE H 369 5.55 -47.75 42.16
N ASN H 370 5.70 -48.76 41.29
CA ASN H 370 5.37 -48.58 39.89
C ASN H 370 3.88 -48.45 39.64
N ASN H 371 3.02 -48.74 40.63
CA ASN H 371 1.58 -48.54 40.50
C ASN H 371 1.09 -47.36 41.33
N GLY H 372 2.00 -46.45 41.71
CA GLY H 372 1.62 -45.29 42.51
C GLY H 372 1.19 -45.60 43.93
N ILE H 373 1.71 -46.66 44.53
CA ILE H 373 1.40 -46.96 45.93
C ILE H 373 2.65 -46.66 46.75
N PRO H 374 2.73 -45.55 47.48
CA PRO H 374 3.99 -45.20 48.16
C PRO H 374 4.36 -46.21 49.24
N SER H 375 5.64 -46.26 49.55
CA SER H 375 6.18 -47.30 50.41
C SER H 375 7.35 -46.75 51.21
N LEU H 376 7.63 -47.39 52.33
CA LEU H 376 8.84 -47.10 53.09
C LEU H 376 9.75 -48.29 53.16
N ASP H 377 9.41 -49.39 52.48
CA ASP H 377 10.16 -50.64 52.62
C ASP H 377 11.64 -50.46 52.32
N GLU H 378 11.99 -49.49 51.45
CA GLU H 378 13.38 -49.35 51.03
C GLU H 378 14.28 -48.77 52.11
N LEU H 379 13.71 -48.25 53.20
CA LEU H 379 14.54 -47.85 54.34
C LEU H 379 15.32 -49.01 54.91
N GLN H 380 14.88 -50.25 54.69
CA GLN H 380 15.63 -51.40 55.18
C GLN H 380 17.06 -51.39 54.71
N GLN H 381 17.34 -50.79 53.55
CA GLN H 381 18.69 -50.68 53.02
C GLN H 381 19.64 -50.01 53.99
N LEU H 382 19.19 -48.99 54.72
CA LEU H 382 20.06 -48.33 55.69
C LEU H 382 20.46 -49.25 56.85
N ASP H 383 19.87 -50.44 56.98
CA ASP H 383 20.26 -51.41 57.99
C ASP H 383 21.33 -52.36 57.52
N TRP H 384 21.95 -52.04 56.38
CA TRP H 384 23.02 -52.86 55.82
C TRP H 384 24.23 -52.89 56.74
N VAL H 385 24.49 -51.79 57.43
CA VAL H 385 25.55 -51.65 58.41
C VAL H 385 24.99 -50.81 59.56
N PRO H 386 25.64 -50.80 60.72
CA PRO H 386 25.10 -50.02 61.84
C PRO H 386 25.05 -48.52 61.54
N ASN H 387 24.06 -47.86 62.15
CA ASN H 387 23.78 -46.43 62.01
C ASN H 387 23.87 -46.00 60.55
N GLY H 388 23.22 -46.75 59.68
CA GLY H 388 23.45 -46.60 58.26
C GLY H 388 22.85 -45.32 57.70
N GLY H 389 23.59 -44.71 56.77
CA GLY H 389 23.15 -43.56 55.99
C GLY H 389 23.67 -43.69 54.57
N HIS H 390 23.21 -42.79 53.70
CA HIS H 390 23.66 -42.83 52.32
C HIS H 390 23.84 -41.42 51.79
N ILE H 391 24.69 -41.33 50.77
CA ILE H 391 24.77 -40.16 49.93
C ILE H 391 24.47 -40.62 48.52
N GLY H 392 23.84 -39.76 47.73
CA GLY H 392 23.63 -40.09 46.33
C GLY H 392 24.61 -39.42 45.39
N PHE H 393 25.36 -40.23 44.66
CA PHE H 393 26.23 -39.80 43.57
C PHE H 393 25.58 -40.34 42.31
N VAL H 394 25.04 -39.44 41.49
CA VAL H 394 24.15 -39.86 40.41
C VAL H 394 24.64 -39.28 39.09
N PRO H 395 25.67 -39.85 38.47
CA PRO H 395 26.04 -39.42 37.13
C PRO H 395 24.95 -39.78 36.13
N VAL H 396 24.87 -39.00 35.06
CA VAL H 396 23.96 -39.34 33.97
C VAL H 396 24.76 -40.11 32.91
N SER H 397 24.12 -41.09 32.30
CA SER H 397 24.71 -41.98 31.31
C SER H 397 23.84 -42.00 30.07
N ALA H 398 24.46 -42.00 28.89
CA ALA H 398 23.74 -42.34 27.68
C ALA H 398 23.21 -43.77 27.81
N PRO H 399 22.10 -44.11 27.15
CA PRO H 399 21.69 -45.51 27.24
C PRO H 399 22.52 -46.37 26.30
N ASP H 400 23.81 -46.47 26.64
CA ASP H 400 24.79 -47.25 25.90
C ASP H 400 25.49 -48.22 26.83
N GLY H 401 25.71 -49.45 26.35
CA GLY H 401 26.30 -50.47 27.18
C GLY H 401 27.76 -50.22 27.55
N ARG H 402 28.58 -49.78 26.58
CA ARG H 402 29.98 -49.45 26.87
C ARG H 402 30.08 -48.34 27.91
N GLU H 403 29.36 -47.22 27.69
CA GLU H 403 29.38 -46.10 28.64
C GLU H 403 28.90 -46.54 30.03
N ALA H 404 27.80 -47.30 30.07
CA ALA H 404 27.36 -47.84 31.36
C ALA H 404 28.47 -48.66 31.99
N MET H 405 29.15 -49.48 31.18
CA MET H 405 30.19 -50.36 31.72
C MET H 405 31.37 -49.55 32.26
N LYS H 406 31.79 -48.49 31.55
CA LYS H 406 32.88 -47.66 32.05
C LYS H 406 32.49 -46.93 33.33
N GLN H 407 31.29 -46.35 33.37
CA GLN H 407 30.86 -45.72 34.61
C GLN H 407 30.85 -46.74 35.75
N PHE H 408 30.39 -47.96 35.47
CA PHE H 408 30.37 -49.02 36.47
C PHE H 408 31.77 -49.26 37.03
N GLU H 409 32.76 -49.38 36.14
CA GLU H 409 34.11 -49.67 36.59
C GLU H 409 34.75 -48.45 37.27
N MET H 410 34.51 -47.24 36.76
CA MET H 410 35.04 -46.05 37.42
C MET H 410 34.59 -45.96 38.89
N VAL H 411 33.29 -46.08 39.14
CA VAL H 411 32.77 -45.92 40.49
C VAL H 411 33.21 -47.10 41.36
N ARG H 412 33.21 -48.33 40.81
CA ARG H 412 33.59 -49.48 41.63
C ARG H 412 35.03 -49.36 42.11
N ASN H 413 35.94 -48.93 41.24
CA ASN H 413 37.34 -48.82 41.61
C ASN H 413 37.56 -47.80 42.73
N ARG H 414 36.86 -46.66 42.68
CA ARG H 414 36.92 -45.71 43.80
C ARG H 414 36.23 -46.24 45.05
N ALA H 415 35.19 -47.06 44.89
CA ALA H 415 34.49 -47.61 46.05
C ALA H 415 35.38 -48.59 46.81
N ASN H 416 36.05 -49.47 46.08
CA ASN H 416 37.05 -50.35 46.68
C ASN H 416 38.14 -49.56 47.41
N GLU H 417 38.63 -48.50 46.79
CA GLU H 417 39.75 -47.73 47.32
C GLU H 417 39.41 -46.98 48.60
N TYR H 418 38.17 -46.50 48.76
CA TYR H 418 37.73 -45.81 49.96
C TYR H 418 36.92 -46.73 50.88
N ASN H 419 36.93 -48.03 50.60
CA ASN H 419 36.32 -49.06 51.45
C ASN H 419 34.81 -48.85 51.61
N LYS H 420 34.11 -48.71 50.49
CA LYS H 420 32.65 -48.64 50.49
C LYS H 420 32.12 -49.64 49.49
N ASP H 421 31.00 -50.28 49.82
CA ASP H 421 30.31 -51.12 48.85
C ASP H 421 29.68 -50.24 47.78
N TYR H 422 29.54 -50.80 46.59
CA TYR H 422 28.97 -50.08 45.46
C TYR H 422 27.59 -50.65 45.15
N MET H 423 26.56 -49.87 45.44
CA MET H 423 25.18 -50.23 45.20
C MET H 423 24.64 -49.34 44.10
N ALA H 424 24.17 -49.95 43.00
CA ALA H 424 23.79 -49.19 41.83
C ALA H 424 22.34 -49.43 41.45
N GLN H 425 21.66 -48.35 41.07
CA GLN H 425 20.32 -48.40 40.46
C GLN H 425 20.34 -47.49 39.24
N PHE H 426 20.53 -48.07 38.08
CA PHE H 426 20.27 -47.35 36.85
C PHE H 426 18.76 -47.05 36.72
N VAL H 427 18.43 -45.77 36.52
CA VAL H 427 17.06 -45.30 36.32
C VAL H 427 16.96 -44.82 34.87
N ILE H 428 16.08 -45.46 34.10
CA ILE H 428 16.19 -45.49 32.64
C ILE H 428 15.04 -44.72 32.00
N GLY H 429 15.34 -43.47 31.57
CA GLY H 429 14.45 -42.66 30.75
C GLY H 429 14.51 -43.09 29.29
N LEU H 430 14.09 -42.19 28.39
CA LEU H 430 13.99 -42.54 26.98
C LEU H 430 15.35 -42.54 26.30
N ARG H 431 16.18 -41.56 26.64
CA ARG H 431 17.44 -41.31 25.94
C ARG H 431 18.57 -41.11 26.92
N GLU H 432 18.37 -41.46 28.18
CA GLU H 432 19.29 -41.13 29.23
C GLU H 432 19.06 -42.06 30.41
N MET H 433 20.08 -42.21 31.24
CA MET H 433 19.96 -43.00 32.45
C MET H 433 20.53 -42.25 33.64
N TYR H 434 19.83 -42.31 34.76
CA TYR H 434 20.37 -41.83 36.02
C TYR H 434 21.11 -42.99 36.66
N HIS H 435 22.44 -42.86 36.79
CA HIS H 435 23.24 -43.94 37.36
C HIS H 435 23.38 -43.67 38.86
N VAL H 436 22.34 -44.07 39.60
CA VAL H 436 22.29 -43.88 41.04
C VAL H 436 23.27 -44.83 41.70
N CYS H 437 24.26 -44.25 42.39
CA CYS H 437 25.24 -44.99 43.20
C CYS H 437 24.97 -44.61 44.66
N LEU H 438 24.36 -45.51 45.41
CA LEU H 438 24.10 -45.27 46.84
C LEU H 438 25.30 -45.81 47.60
N PHE H 439 26.00 -44.94 48.31
CA PHE H 439 27.05 -45.40 49.20
C PHE H 439 26.48 -45.41 50.61
N ILE H 440 26.40 -46.60 51.20
CA ILE H 440 25.82 -46.78 52.52
C ILE H 440 26.96 -46.93 53.52
N TYR H 441 26.88 -46.20 54.62
CA TYR H 441 27.99 -46.10 55.56
C TYR H 441 27.50 -45.84 56.97
N ASP H 442 28.38 -46.12 57.93
CA ASP H 442 28.12 -45.89 59.35
C ASP H 442 28.25 -44.39 59.65
N THR H 443 27.11 -43.72 59.87
CA THR H 443 27.11 -42.30 60.12
C THR H 443 27.69 -41.93 61.49
N ALA H 444 27.84 -42.88 62.42
CA ALA H 444 28.45 -42.56 63.70
C ALA H 444 29.97 -42.55 63.64
N ASP H 445 30.56 -43.07 62.56
CA ASP H 445 32.00 -43.22 62.45
C ASP H 445 32.56 -42.01 61.72
N PRO H 446 33.39 -41.16 62.38
CA PRO H 446 33.91 -39.95 61.69
C PRO H 446 34.78 -40.25 60.47
N GLU H 447 35.61 -41.29 60.51
CA GLU H 447 36.47 -41.60 59.38
C GLU H 447 35.66 -42.06 58.18
N ALA H 448 34.63 -42.88 58.42
CA ALA H 448 33.71 -43.28 57.36
C ALA H 448 33.06 -42.06 56.70
N ARG H 449 32.61 -41.08 57.50
CA ARG H 449 32.02 -39.86 56.95
C ARG H 449 33.02 -39.12 56.10
N GLU H 450 34.26 -39.07 56.55
CA GLU H 450 35.32 -38.37 55.84
C GLU H 450 35.70 -39.10 54.56
N GLU H 451 35.69 -40.42 54.59
CA GLU H 451 35.90 -41.19 53.38
C GLU H 451 34.79 -40.99 52.36
N ILE H 452 33.54 -40.79 52.80
CA ILE H 452 32.45 -40.54 51.86
C ILE H 452 32.66 -39.21 51.15
N LEU H 453 33.03 -38.17 51.91
CA LEU H 453 33.28 -36.86 51.33
C LEU H 453 34.45 -36.90 50.34
N GLN H 454 35.60 -37.44 50.76
CA GLN H 454 36.76 -37.47 49.88
C GLN H 454 36.56 -38.39 48.68
N MET H 455 35.84 -39.50 48.84
CA MET H 455 35.63 -40.36 47.67
C MET H 455 34.71 -39.69 46.65
N THR H 456 33.65 -39.02 47.12
CA THR H 456 32.68 -38.43 46.18
C THR H 456 33.27 -37.21 45.51
N LYS H 457 34.06 -36.42 46.25
CA LYS H 457 34.77 -35.30 45.62
C LYS H 457 35.65 -35.78 44.46
N VAL H 458 36.41 -36.87 44.69
CA VAL H 458 37.23 -37.48 43.64
C VAL H 458 36.36 -37.95 42.48
N LEU H 459 35.21 -38.55 42.78
CA LEU H 459 34.32 -39.09 41.76
C LEU H 459 33.64 -38.00 40.94
N VAL H 460 33.29 -36.86 41.55
CA VAL H 460 32.80 -35.74 40.75
C VAL H 460 33.85 -35.28 39.75
N ARG H 461 35.08 -35.04 40.22
CA ARG H 461 36.12 -34.57 39.31
C ARG H 461 36.45 -35.62 38.26
N GLU H 462 36.49 -36.90 38.67
CA GLU H 462 36.81 -37.98 37.75
C GLU H 462 35.73 -38.17 36.70
N ALA H 463 34.47 -38.07 37.09
CA ALA H 463 33.39 -38.24 36.13
C ALA H 463 33.38 -37.09 35.14
N ALA H 464 33.62 -35.87 35.61
CA ALA H 464 33.68 -34.72 34.71
C ALA H 464 34.81 -34.87 33.70
N GLU H 465 35.99 -35.36 34.15
CA GLU H 465 37.10 -35.61 33.24
C GLU H 465 36.72 -36.61 32.16
N ALA H 466 35.73 -37.46 32.41
CA ALA H 466 35.31 -38.41 31.39
C ALA H 466 34.13 -37.92 30.57
N GLY H 467 33.62 -36.72 30.84
CA GLY H 467 32.46 -36.18 30.15
C GLY H 467 31.10 -36.43 30.81
N TYR H 468 31.08 -36.82 32.09
CA TYR H 468 29.84 -37.13 32.80
C TYR H 468 29.56 -36.09 33.88
N GLY H 469 28.33 -35.58 33.93
CA GLY H 469 27.88 -34.72 35.00
C GLY H 469 26.84 -35.42 35.86
N GLU H 470 26.57 -34.85 37.02
CA GLU H 470 25.53 -35.37 37.89
C GLU H 470 24.25 -34.55 37.74
N TYR H 471 23.10 -35.23 37.83
CA TYR H 471 21.83 -34.52 37.70
C TYR H 471 21.43 -33.84 39.00
N ARG H 472 22.03 -34.24 40.13
CA ARG H 472 21.60 -33.84 41.47
C ARG H 472 22.70 -34.19 42.45
N THR H 473 22.86 -33.39 43.52
CA THR H 473 23.96 -33.70 44.43
C THR H 473 23.69 -33.16 45.83
N HIS H 474 24.56 -33.59 46.74
CA HIS H 474 24.56 -33.24 48.15
C HIS H 474 25.14 -31.85 48.35
N ASN H 475 24.67 -31.19 49.41
CA ASN H 475 25.21 -29.91 49.88
C ASN H 475 26.71 -29.83 49.76
N ALA H 476 27.39 -30.85 50.27
CA ALA H 476 28.85 -30.84 50.33
C ALA H 476 29.50 -30.83 48.95
N LEU H 477 28.78 -31.18 47.88
CA LEU H 477 29.32 -31.30 46.53
C LEU H 477 28.83 -30.24 45.54
N MET H 478 27.96 -29.33 45.96
CA MET H 478 27.28 -28.45 44.99
C MET H 478 28.26 -27.53 44.28
N ASP H 479 29.24 -26.97 44.97
CA ASP H 479 30.20 -26.13 44.29
C ASP H 479 31.02 -26.94 43.28
N ASP H 480 31.40 -28.16 43.63
CA ASP H 480 32.24 -28.98 42.77
C ASP H 480 31.48 -29.40 41.51
N VAL H 481 30.21 -29.78 41.66
CA VAL H 481 29.39 -30.18 40.53
C VAL H 481 29.19 -28.99 39.59
N MET H 482 28.77 -27.84 40.13
CA MET H 482 28.48 -26.72 39.25
C MET H 482 29.74 -26.29 38.50
N ALA H 483 30.90 -26.41 39.15
CA ALA H 483 32.18 -26.08 38.52
C ALA H 483 32.48 -26.96 37.32
N THR H 484 31.81 -28.11 37.17
CA THR H 484 32.08 -28.94 36.02
C THR H 484 31.34 -28.46 34.79
N PHE H 485 30.29 -27.66 34.96
CA PHE H 485 29.49 -27.15 33.85
C PHE H 485 30.00 -25.79 33.36
N ASN H 486 31.29 -25.74 33.01
CA ASN H 486 32.09 -24.52 32.91
C ASN H 486 32.39 -24.13 31.45
N TRP H 487 31.64 -24.69 30.49
CA TRP H 487 31.82 -24.33 29.09
C TRP H 487 31.86 -22.82 28.92
N GLY H 488 32.75 -22.34 28.05
CA GLY H 488 32.79 -20.91 27.79
C GLY H 488 33.23 -20.07 28.98
N ASP H 489 34.21 -20.55 29.74
CA ASP H 489 34.65 -19.95 31.01
C ASP H 489 33.46 -19.67 31.95
N GLY H 490 32.72 -20.74 32.26
CA GLY H 490 31.66 -20.64 33.24
C GLY H 490 30.48 -19.77 32.84
N ALA H 491 30.15 -19.72 31.55
CA ALA H 491 29.05 -18.90 31.08
C ALA H 491 27.74 -19.21 31.82
N LEU H 492 27.45 -20.50 32.03
CA LEU H 492 26.19 -20.93 32.65
C LEU H 492 26.05 -20.37 34.07
N LEU H 493 27.08 -20.55 34.92
CA LEU H 493 27.00 -20.04 36.30
C LEU H 493 26.92 -18.52 36.35
N LYS H 494 27.62 -17.82 35.45
CA LYS H 494 27.53 -16.36 35.40
C LYS H 494 26.12 -15.89 35.05
N PHE H 495 25.44 -16.62 34.18
CA PHE H 495 24.06 -16.34 33.85
C PHE H 495 23.17 -16.44 35.09
N HIS H 496 23.30 -17.53 35.84
CA HIS H 496 22.52 -17.70 37.07
C HIS H 496 22.87 -16.64 38.11
N GLU H 497 24.14 -16.23 38.17
CA GLU H 497 24.54 -15.25 39.16
C GLU H 497 23.91 -13.89 38.87
N LYS H 498 23.82 -13.50 37.58
CA LYS H 498 23.17 -12.25 37.23
C LYS H 498 21.67 -12.29 37.55
N ILE H 499 21.02 -13.41 37.26
CA ILE H 499 19.59 -13.55 37.55
C ILE H 499 19.35 -13.56 39.05
N LYS H 500 20.15 -14.33 39.81
CA LYS H 500 20.09 -14.32 41.28
C LYS H 500 20.24 -12.92 41.84
N ASP H 501 21.31 -12.23 41.45
CA ASP H 501 21.55 -10.92 42.03
C ASP H 501 20.48 -9.90 41.62
N ALA H 502 19.76 -10.13 40.52
CA ALA H 502 18.70 -9.21 40.13
C ALA H 502 17.43 -9.44 40.94
N LEU H 503 17.07 -10.70 41.17
CA LEU H 503 15.88 -11.02 41.93
C LEU H 503 16.13 -10.97 43.43
N ASP H 504 17.38 -10.96 43.88
CA ASP H 504 17.72 -11.12 45.29
C ASP H 504 18.86 -10.17 45.65
N PRO H 505 18.64 -8.86 45.54
CA PRO H 505 19.75 -7.90 45.75
C PRO H 505 20.40 -8.03 47.11
N ASN H 506 19.64 -8.41 48.15
CA ASN H 506 20.18 -8.56 49.49
C ASN H 506 20.78 -9.93 49.75
N GLY H 507 20.76 -10.84 48.77
CA GLY H 507 21.33 -12.18 48.89
C GLY H 507 20.77 -12.98 50.06
N ILE H 508 19.46 -13.31 49.98
CA ILE H 508 18.68 -13.84 51.10
C ILE H 508 18.36 -15.33 50.93
N ILE H 509 17.84 -15.74 49.76
CA ILE H 509 17.26 -17.08 49.60
C ILE H 509 18.35 -18.13 49.38
N ALA H 510 18.41 -19.14 50.30
CA ALA H 510 19.30 -20.33 50.25
C ALA H 510 20.62 -20.09 49.50
N PRO H 511 21.51 -19.21 49.98
CA PRO H 511 22.75 -18.94 49.27
C PRO H 511 23.56 -20.21 49.05
N GLY H 512 24.10 -20.35 47.83
CA GLY H 512 24.95 -21.48 47.50
C GLY H 512 24.24 -22.69 46.94
N LYS H 513 22.91 -22.71 46.94
CA LYS H 513 22.18 -23.85 46.38
C LYS H 513 22.58 -24.04 44.92
N SER H 514 22.89 -25.28 44.55
CA SER H 514 23.48 -25.57 43.25
C SER H 514 24.74 -24.73 42.96
N GLY H 515 25.51 -24.30 43.96
CA GLY H 515 26.71 -23.52 43.65
C GLY H 515 26.45 -22.09 43.18
N ILE H 516 25.22 -21.59 43.30
CA ILE H 516 24.84 -20.23 42.89
C ILE H 516 24.87 -19.34 44.13
N TRP H 517 25.86 -18.45 44.22
CA TRP H 517 26.07 -17.60 45.38
C TRP H 517 25.75 -16.15 45.03
N PRO H 518 24.95 -15.43 45.83
CA PRO H 518 24.71 -14.01 45.55
C PRO H 518 25.95 -13.18 45.82
N GLN H 519 25.92 -11.92 45.35
CA GLN H 519 27.13 -11.10 45.31
C GLN H 519 27.86 -11.05 46.64
N ARG H 520 27.11 -10.92 47.75
CA ARG H 520 27.75 -10.64 49.02
C ARG H 520 28.48 -11.85 49.60
N PHE H 521 28.32 -13.03 49.00
CA PHE H 521 29.01 -14.24 49.46
C PHE H 521 30.12 -14.70 48.53
N ARG H 522 30.20 -14.16 47.32
CA ARG H 522 31.15 -14.66 46.31
C ARG H 522 32.56 -14.23 46.67
N GLY H 523 33.42 -15.20 46.97
CA GLY H 523 34.81 -14.95 47.30
C GLY H 523 35.21 -15.35 48.71
N GLN H 524 34.24 -15.56 49.60
CA GLN H 524 34.47 -16.11 50.91
C GLN H 524 34.55 -17.63 50.81
N ASN H 525 35.07 -18.28 51.85
CA ASN H 525 34.93 -19.72 51.90
C ASN H 525 33.47 -20.09 51.70
N LEU H 526 32.62 -19.74 52.68
CA LEU H 526 31.18 -19.99 52.69
C LEU H 526 30.39 -18.77 53.19
N THR I 2 -45.61 -52.44 43.16
CA THR I 2 -45.23 -51.68 41.97
C THR I 2 -43.90 -50.93 42.16
N ARG I 3 -43.52 -50.16 41.13
CA ARG I 3 -42.28 -49.40 41.10
C ARG I 3 -42.60 -47.93 41.26
N THR I 4 -42.02 -47.30 42.29
CA THR I 4 -42.18 -45.86 42.48
C THR I 4 -41.59 -45.10 41.29
N LEU I 5 -42.38 -44.21 40.71
CA LEU I 5 -42.08 -43.46 39.50
C LEU I 5 -42.41 -41.98 39.66
N PRO I 6 -41.68 -41.10 38.96
CA PRO I 6 -42.06 -39.69 38.97
C PRO I 6 -43.42 -39.49 38.36
N PRO I 7 -44.20 -38.53 38.87
CA PRO I 7 -45.55 -38.30 38.32
C PRO I 7 -45.52 -38.04 36.83
N GLY I 8 -46.46 -38.67 36.11
CA GLY I 8 -46.61 -38.50 34.68
C GLY I 8 -45.51 -39.05 33.80
N VAL I 9 -44.59 -39.84 34.36
CA VAL I 9 -43.42 -40.34 33.65
C VAL I 9 -43.46 -41.87 33.68
N SER I 10 -43.29 -42.49 32.50
CA SER I 10 -43.52 -43.92 32.35
C SER I 10 -42.28 -44.73 32.71
N ASP I 11 -42.46 -46.05 32.80
CA ASP I 11 -41.32 -46.96 33.02
C ASP I 11 -40.22 -46.74 31.98
N GLU I 12 -40.60 -46.46 30.73
CA GLU I 12 -39.60 -46.33 29.68
C GLU I 12 -38.83 -45.02 29.82
N ARG I 13 -39.55 -43.89 29.86
CA ARG I 13 -38.86 -42.60 30.02
C ARG I 13 -37.97 -42.59 31.25
N PHE I 14 -38.37 -43.31 32.30
CA PHE I 14 -37.62 -43.29 33.57
C PHE I 14 -36.43 -44.23 33.55
N ASP I 15 -36.52 -45.37 32.85
CA ASP I 15 -35.33 -46.19 32.67
C ASP I 15 -34.31 -45.46 31.80
N ALA I 16 -34.78 -44.66 30.85
CA ALA I 16 -33.92 -43.83 30.02
C ALA I 16 -33.22 -42.81 30.90
N ALA I 17 -33.98 -41.88 31.47
CA ALA I 17 -33.44 -40.81 32.32
C ALA I 17 -32.43 -41.35 33.33
N LEU I 18 -32.72 -42.53 33.90
CA LEU I 18 -31.76 -43.17 34.79
C LEU I 18 -30.43 -43.43 34.06
N GLN I 19 -30.50 -43.82 32.78
CA GLN I 19 -29.29 -44.10 32.02
C GLN I 19 -28.51 -42.82 31.73
N ARG I 20 -29.19 -41.75 31.33
CA ARG I 20 -28.52 -40.46 31.22
C ARG I 20 -27.81 -40.10 32.50
N PHE I 21 -28.47 -40.27 33.66
CA PHE I 21 -27.82 -40.00 34.94
C PHE I 21 -26.54 -40.83 35.10
N ARG I 22 -26.60 -42.13 34.78
CA ARG I 22 -25.43 -42.99 34.86
C ARG I 22 -24.29 -42.49 33.99
N ASP I 23 -24.59 -41.97 32.79
CA ASP I 23 -23.53 -41.44 31.93
C ASP I 23 -22.82 -40.26 32.60
N VAL I 24 -23.52 -39.49 33.43
CA VAL I 24 -22.91 -38.33 34.08
C VAL I 24 -22.06 -38.76 35.27
N VAL I 25 -22.61 -39.58 36.17
CA VAL I 25 -21.98 -39.78 37.46
C VAL I 25 -21.31 -41.13 37.59
N GLY I 26 -21.37 -41.98 36.57
CA GLY I 26 -20.92 -43.36 36.73
C GLY I 26 -22.07 -44.23 37.22
N ASP I 27 -21.93 -45.54 37.03
CA ASP I 27 -23.14 -46.32 37.30
C ASP I 27 -23.20 -46.83 38.74
N LYS I 28 -22.09 -46.78 39.49
CA LYS I 28 -22.15 -47.03 40.92
C LYS I 28 -22.95 -46.00 41.69
N TRP I 29 -23.20 -44.83 41.11
CA TRP I 29 -23.67 -43.67 41.86
C TRP I 29 -25.09 -43.29 41.45
N VAL I 30 -25.81 -44.27 40.93
CA VAL I 30 -27.25 -44.20 40.68
C VAL I 30 -27.84 -45.44 41.35
N LEU I 31 -28.65 -45.24 42.39
CA LEU I 31 -29.36 -46.32 43.05
C LEU I 31 -30.82 -46.30 42.60
N SER I 32 -31.41 -47.49 42.39
CA SER I 32 -32.78 -47.55 41.87
C SER I 32 -33.60 -48.76 42.33
N THR I 33 -32.97 -49.76 42.94
CA THR I 33 -33.73 -50.92 43.39
C THR I 33 -34.30 -50.68 44.78
N ALA I 34 -35.23 -51.57 45.18
CA ALA I 34 -35.88 -51.45 46.48
C ALA I 34 -34.87 -51.48 47.61
N ASP I 35 -34.05 -52.53 47.66
CA ASP I 35 -33.08 -52.68 48.74
C ASP I 35 -32.14 -51.48 48.84
N GLU I 36 -31.74 -50.91 47.70
CA GLU I 36 -30.85 -49.76 47.72
C GLU I 36 -31.55 -48.48 48.18
N LEU I 37 -32.85 -48.36 47.95
CA LEU I 37 -33.56 -47.13 48.30
C LEU I 37 -33.98 -47.07 49.75
N GLU I 38 -34.07 -48.23 50.42
CA GLU I 38 -34.67 -48.27 51.75
C GLU I 38 -33.97 -47.33 52.69
N ALA I 39 -32.64 -47.27 52.65
CA ALA I 39 -31.91 -46.38 53.54
C ALA I 39 -32.29 -44.91 53.31
N PHE I 40 -32.85 -44.56 52.16
CA PHE I 40 -33.26 -43.20 51.91
C PHE I 40 -34.74 -42.97 52.21
N ARG I 41 -35.46 -43.98 52.68
CA ARG I 41 -36.77 -43.75 53.28
C ARG I 41 -36.59 -43.00 54.61
N ASP I 42 -37.54 -42.11 54.92
CA ASP I 42 -37.65 -41.48 56.23
C ASP I 42 -37.44 -42.52 57.33
N PRO I 43 -36.35 -42.43 58.11
CA PRO I 43 -36.19 -43.37 59.25
C PRO I 43 -37.26 -43.21 60.34
N TYR I 44 -37.85 -42.03 60.48
CA TYR I 44 -38.90 -41.78 61.46
C TYR I 44 -40.23 -41.53 60.74
N PRO I 45 -40.84 -42.56 60.14
CA PRO I 45 -42.03 -42.31 59.32
C PRO I 45 -43.19 -41.80 60.14
N VAL I 46 -43.98 -40.98 59.46
CA VAL I 46 -45.11 -40.24 60.01
C VAL I 46 -46.33 -40.69 59.24
N GLY I 47 -47.37 -41.06 59.98
CA GLY I 47 -48.59 -41.54 59.36
C GLY I 47 -48.54 -43.04 59.10
N ALA I 48 -49.72 -43.65 59.06
CA ALA I 48 -49.78 -45.09 58.82
C ALA I 48 -49.40 -45.43 57.39
N ALA I 49 -49.82 -44.61 56.43
CA ALA I 49 -49.67 -44.96 55.02
C ALA I 49 -48.28 -44.59 54.52
N GLU I 50 -47.87 -45.27 53.45
CA GLU I 50 -46.67 -44.92 52.70
C GLU I 50 -46.72 -43.47 52.29
N ALA I 51 -45.56 -42.81 52.34
CA ALA I 51 -45.45 -41.44 51.87
C ALA I 51 -43.97 -41.15 51.59
N ASN I 52 -43.74 -40.06 50.87
CA ASN I 52 -42.39 -39.53 50.65
C ASN I 52 -41.44 -40.61 50.11
N LEU I 53 -41.87 -41.29 49.07
CA LEU I 53 -41.04 -42.37 48.51
C LEU I 53 -40.13 -41.84 47.40
N PRO I 54 -38.82 -42.06 47.48
CA PRO I 54 -37.95 -41.68 46.36
C PRO I 54 -38.02 -42.72 45.26
N SER I 55 -37.86 -42.27 44.02
CA SER I 55 -37.75 -43.19 42.90
C SER I 55 -36.32 -43.60 42.59
N ALA I 56 -35.33 -42.81 43.00
CA ALA I 56 -33.93 -43.07 42.69
C ALA I 56 -33.08 -42.22 43.62
N VAL I 57 -31.78 -42.54 43.67
CA VAL I 57 -30.77 -41.66 44.26
C VAL I 57 -29.64 -41.47 43.28
N VAL I 58 -29.25 -40.21 43.03
CA VAL I 58 -28.09 -39.85 42.20
C VAL I 58 -27.08 -39.10 43.05
N SER I 59 -25.80 -39.50 42.96
CA SER I 59 -24.68 -38.95 43.75
C SER I 59 -23.64 -38.31 42.84
N PRO I 60 -23.71 -37.00 42.58
CA PRO I 60 -22.73 -36.33 41.69
C PRO I 60 -21.41 -36.00 42.38
N GLU I 61 -20.38 -35.75 41.55
CA GLU I 61 -19.02 -35.56 42.03
C GLU I 61 -18.55 -34.11 41.95
N SER I 62 -19.32 -33.23 41.31
CA SER I 62 -18.81 -31.91 40.95
C SER I 62 -19.98 -31.00 40.66
N THR I 63 -19.73 -29.69 40.80
CA THR I 63 -20.74 -28.72 40.37
C THR I 63 -21.19 -29.01 38.94
N GLU I 64 -20.26 -29.48 38.11
CA GLU I 64 -20.63 -29.71 36.73
C GLU I 64 -21.63 -30.86 36.60
N GLN I 65 -21.37 -31.95 37.31
CA GLN I 65 -22.32 -33.05 37.27
C GLN I 65 -23.70 -32.62 37.81
N VAL I 66 -23.73 -31.72 38.79
CA VAL I 66 -25.00 -31.17 39.27
C VAL I 66 -25.75 -30.47 38.14
N GLN I 67 -25.04 -29.65 37.36
CA GLN I 67 -25.65 -28.93 36.25
C GLN I 67 -26.21 -29.88 35.19
N ASP I 68 -25.49 -30.99 34.95
CA ASP I 68 -25.91 -31.95 33.95
C ASP I 68 -27.13 -32.72 34.41
N ILE I 69 -27.09 -33.24 35.65
CA ILE I 69 -28.26 -33.88 36.24
C ILE I 69 -29.48 -32.97 36.13
N VAL I 70 -29.32 -31.69 36.49
CA VAL I 70 -30.43 -30.76 36.45
C VAL I 70 -30.98 -30.61 35.03
N ARG I 71 -30.10 -30.63 34.03
CA ARG I 71 -30.56 -30.46 32.65
C ARG I 71 -31.26 -31.71 32.14
N ILE I 72 -30.78 -32.89 32.53
CA ILE I 72 -31.47 -34.13 32.20
C ILE I 72 -32.87 -34.16 32.81
N ALA I 73 -33.01 -33.63 34.03
CA ALA I 73 -34.31 -33.65 34.69
C ALA I 73 -35.26 -32.67 34.04
N ASN I 74 -34.77 -31.50 33.62
CA ASN I 74 -35.63 -30.57 32.90
C ASN I 74 -36.13 -31.20 31.60
N GLU I 75 -35.27 -31.96 30.91
CA GLU I 75 -35.68 -32.56 29.65
C GLU I 75 -36.76 -33.62 29.85
N TYR I 76 -36.70 -34.38 30.96
CA TYR I 76 -37.60 -35.51 31.20
C TYR I 76 -38.72 -35.20 32.18
N GLY I 77 -38.68 -34.06 32.88
CA GLY I 77 -39.68 -33.77 33.89
C GLY I 77 -39.51 -34.50 35.20
N ILE I 78 -38.37 -35.13 35.43
CA ILE I 78 -38.11 -35.79 36.72
C ILE I 78 -37.95 -34.72 37.79
N PRO I 79 -38.65 -34.82 38.92
CA PRO I 79 -38.41 -33.89 40.04
C PRO I 79 -37.23 -34.31 40.90
N LEU I 80 -36.55 -33.30 41.46
CA LEU I 80 -35.27 -33.48 42.13
C LEU I 80 -35.37 -32.98 43.57
N HIS I 81 -34.96 -33.81 44.51
CA HIS I 81 -34.85 -33.44 45.93
C HIS I 81 -33.38 -33.38 46.33
N PRO I 82 -32.75 -32.20 46.28
CA PRO I 82 -31.34 -32.13 46.66
C PRO I 82 -31.17 -32.23 48.16
N VAL I 83 -30.14 -32.98 48.57
CA VAL I 83 -29.76 -33.09 49.97
C VAL I 83 -28.23 -33.04 50.06
N SER I 84 -27.75 -32.78 51.29
CA SER I 84 -26.31 -32.77 51.56
C SER I 84 -25.92 -34.13 52.14
N THR I 85 -26.11 -34.33 53.44
CA THR I 85 -25.87 -35.65 54.04
C THR I 85 -27.15 -36.45 54.24
N GLY I 86 -28.32 -35.81 54.13
CA GLY I 86 -29.59 -36.50 54.21
C GLY I 86 -29.96 -36.99 55.58
N LYS I 87 -29.52 -36.27 56.61
CA LYS I 87 -29.78 -36.56 58.01
C LYS I 87 -30.81 -35.60 58.62
N ASN I 88 -31.77 -35.13 57.83
CA ASN I 88 -32.77 -34.23 58.39
C ASN I 88 -33.77 -35.02 59.24
N ASN I 89 -33.25 -35.87 60.15
CA ASN I 89 -34.07 -36.74 60.98
C ASN I 89 -34.89 -35.93 61.98
N GLY I 90 -36.18 -36.24 62.06
CA GLY I 90 -37.17 -35.43 62.73
C GLY I 90 -38.07 -34.68 61.77
N TYR I 91 -37.57 -34.33 60.58
CA TYR I 91 -38.29 -33.54 59.60
C TYR I 91 -38.49 -34.26 58.29
N GLY I 92 -38.07 -35.53 58.18
CA GLY I 92 -38.24 -36.30 56.97
C GLY I 92 -37.02 -37.07 56.50
N GLY I 93 -35.89 -36.95 57.22
CA GLY I 93 -34.66 -37.64 56.80
C GLY I 93 -34.18 -37.13 55.44
N ALA I 94 -33.87 -38.06 54.55
CA ALA I 94 -33.53 -37.72 53.18
C ALA I 94 -34.74 -37.75 52.24
N ALA I 95 -35.90 -38.21 52.71
CA ALA I 95 -37.03 -38.46 51.82
C ALA I 95 -37.56 -37.17 51.18
N PRO I 96 -38.02 -37.24 49.94
CA PRO I 96 -38.61 -36.08 49.29
C PRO I 96 -40.04 -35.87 49.74
N ARG I 97 -40.46 -34.61 49.74
CA ARG I 97 -41.85 -34.31 50.04
C ARG I 97 -42.78 -34.94 49.02
N LEU I 98 -42.39 -34.90 47.73
CA LEU I 98 -43.18 -35.42 46.61
C LEU I 98 -42.72 -36.82 46.25
N SER I 99 -43.62 -37.79 46.36
CA SER I 99 -43.29 -39.15 46.00
C SER I 99 -42.92 -39.24 44.54
N GLY I 100 -41.97 -40.13 44.23
CA GLY I 100 -41.46 -40.29 42.90
C GLY I 100 -40.27 -39.42 42.57
N SER I 101 -39.98 -38.42 43.39
CA SER I 101 -38.86 -37.53 43.14
C SER I 101 -37.55 -38.31 43.20
N VAL I 102 -36.52 -37.78 42.53
CA VAL I 102 -35.17 -38.34 42.57
C VAL I 102 -34.35 -37.57 43.60
N ILE I 103 -33.66 -38.29 44.49
CA ILE I 103 -32.81 -37.62 45.49
C ILE I 103 -31.44 -37.37 44.88
N VAL I 104 -30.99 -36.13 44.97
CA VAL I 104 -29.65 -35.74 44.57
C VAL I 104 -28.83 -35.62 45.84
N LYS I 105 -28.07 -36.67 46.17
CA LYS I 105 -27.28 -36.66 47.40
C LYS I 105 -25.91 -36.06 47.09
N THR I 106 -25.84 -34.73 47.14
CA THR I 106 -24.61 -34.00 46.80
C THR I 106 -23.46 -34.38 47.71
N GLY I 107 -23.77 -34.68 48.99
CA GLY I 107 -22.75 -34.86 50.00
C GLY I 107 -22.01 -36.17 49.94
N GLU I 108 -22.54 -37.17 49.25
CA GLU I 108 -21.89 -38.49 49.20
C GLU I 108 -20.46 -38.38 48.64
N ARG I 109 -20.29 -37.63 47.55
CA ARG I 109 -19.00 -37.46 46.93
C ARG I 109 -18.48 -36.03 46.94
N MET I 110 -19.36 -35.02 46.89
CA MET I 110 -18.91 -33.64 47.05
C MET I 110 -18.86 -33.34 48.55
N ASN I 111 -17.79 -33.84 49.18
CA ASN I 111 -17.65 -33.89 50.63
C ASN I 111 -16.40 -33.18 51.11
N ARG I 112 -15.95 -32.15 50.39
CA ARG I 112 -14.59 -31.62 50.53
C ARG I 112 -14.57 -30.25 51.19
N ILE I 113 -13.61 -30.06 52.09
CA ILE I 113 -13.35 -28.79 52.74
C ILE I 113 -12.49 -27.95 51.80
N LEU I 114 -13.08 -26.95 51.14
CA LEU I 114 -12.35 -26.21 50.11
C LEU I 114 -11.41 -25.16 50.71
N GLU I 115 -11.81 -24.49 51.79
CA GLU I 115 -10.87 -23.62 52.47
C GLU I 115 -11.21 -23.55 53.96
N VAL I 116 -10.16 -23.48 54.78
CA VAL I 116 -10.30 -23.00 56.15
C VAL I 116 -9.27 -21.90 56.33
N ASN I 117 -9.75 -20.67 56.49
CA ASN I 117 -8.89 -19.49 56.58
C ASN I 117 -8.75 -19.12 58.05
N GLU I 118 -7.51 -19.24 58.57
CA GLU I 118 -7.28 -19.03 60.00
C GLU I 118 -7.27 -17.56 60.33
N LYS I 119 -6.65 -16.77 59.46
CA LYS I 119 -6.51 -15.35 59.68
C LYS I 119 -7.88 -14.66 59.77
N TYR I 120 -8.74 -14.88 58.78
CA TYR I 120 -10.03 -14.19 58.75
C TYR I 120 -11.14 -15.01 59.38
N GLY I 121 -10.84 -16.27 59.77
CA GLY I 121 -11.77 -17.14 60.46
C GLY I 121 -13.04 -17.48 59.69
N TYR I 122 -12.94 -18.28 58.63
CA TYR I 122 -14.09 -18.76 57.88
C TYR I 122 -13.75 -20.08 57.20
N ALA I 123 -14.77 -20.71 56.63
CA ALA I 123 -14.58 -21.91 55.83
C ALA I 123 -15.43 -21.83 54.57
N LEU I 124 -14.97 -22.49 53.52
CA LEU I 124 -15.74 -22.74 52.29
C LEU I 124 -15.90 -24.25 52.17
N LEU I 125 -17.15 -24.72 52.13
CA LEU I 125 -17.41 -26.16 52.24
C LEU I 125 -18.33 -26.66 51.13
N GLU I 126 -18.15 -27.94 50.79
CA GLU I 126 -19.13 -28.67 50.02
C GLU I 126 -20.17 -29.31 50.95
N PRO I 127 -21.30 -29.79 50.41
CA PRO I 127 -22.40 -30.25 51.28
C PRO I 127 -22.10 -31.49 52.11
N GLY I 128 -21.12 -32.28 51.72
CA GLY I 128 -20.81 -33.51 52.42
C GLY I 128 -19.90 -33.36 53.60
N VAL I 129 -19.39 -32.17 53.88
CA VAL I 129 -18.59 -31.96 55.08
C VAL I 129 -19.53 -31.97 56.28
N THR I 130 -19.35 -32.96 57.15
CA THR I 130 -20.12 -33.09 58.38
C THR I 130 -19.42 -32.31 59.47
N TYR I 131 -20.12 -32.09 60.59
CA TYR I 131 -19.50 -31.40 61.72
C TYR I 131 -18.33 -32.21 62.29
N PHE I 132 -18.46 -33.54 62.31
CA PHE I 132 -17.29 -34.37 62.67
C PHE I 132 -16.12 -34.09 61.74
N ASP I 133 -16.35 -34.16 60.41
CA ASP I 133 -15.28 -33.89 59.42
C ASP I 133 -14.56 -32.57 59.69
N LEU I 134 -15.33 -31.50 59.91
CA LEU I 134 -14.77 -30.16 60.10
C LEU I 134 -14.04 -30.03 61.43
N TYR I 135 -14.60 -30.59 62.51
CA TYR I 135 -13.87 -30.66 63.78
C TYR I 135 -12.56 -31.43 63.66
N GLU I 136 -12.59 -32.61 63.02
CA GLU I 136 -11.35 -33.36 62.78
C GLU I 136 -10.32 -32.51 62.03
N TYR I 137 -10.79 -31.70 61.08
CA TYR I 137 -9.87 -30.84 60.34
C TYR I 137 -9.30 -29.74 61.23
N LEU I 138 -10.12 -29.10 62.07
CA LEU I 138 -9.59 -28.05 62.94
C LEU I 138 -8.61 -28.63 63.97
N GLN I 139 -8.86 -29.84 64.49
CA GLN I 139 -7.91 -30.49 65.41
C GLN I 139 -6.58 -30.82 64.72
N SER I 140 -6.62 -31.48 63.56
CA SER I 140 -5.41 -31.82 62.80
C SER I 140 -4.48 -30.62 62.61
N HIS I 141 -5.05 -29.48 62.19
CA HIS I 141 -4.29 -28.32 61.76
C HIS I 141 -4.04 -27.35 62.88
N ASP I 142 -4.22 -27.80 64.12
CA ASP I 142 -4.04 -26.98 65.33
C ASP I 142 -4.67 -25.59 65.17
N SER I 143 -5.90 -25.60 64.68
CA SER I 143 -6.61 -24.37 64.39
C SER I 143 -6.92 -23.61 65.68
N GLY I 144 -6.99 -22.27 65.59
CA GLY I 144 -7.51 -21.45 66.66
C GLY I 144 -9.00 -21.20 66.57
N LEU I 145 -9.65 -21.82 65.60
CA LEU I 145 -11.07 -21.63 65.35
C LEU I 145 -11.88 -22.77 65.96
N MET I 146 -13.18 -22.53 66.07
CA MET I 146 -14.12 -23.56 66.49
C MET I 146 -15.38 -23.46 65.64
N LEU I 147 -16.07 -24.59 65.53
CA LEU I 147 -17.28 -24.65 64.74
C LEU I 147 -18.45 -24.52 65.69
N ASP I 148 -19.65 -24.51 65.11
CA ASP I 148 -20.89 -24.47 65.88
C ASP I 148 -21.78 -25.62 65.42
N CYS I 149 -21.98 -26.66 66.25
CA CYS I 149 -22.75 -27.81 65.81
C CYS I 149 -24.13 -27.83 66.45
N PRO I 150 -25.07 -28.49 65.78
CA PRO I 150 -26.31 -28.88 66.47
C PRO I 150 -26.06 -30.07 67.38
N ASP I 151 -27.13 -30.64 67.94
CA ASP I 151 -27.01 -31.68 68.96
C ASP I 151 -26.39 -32.95 68.44
N LEU I 152 -26.57 -33.23 67.15
CA LEU I 152 -26.02 -34.39 66.48
C LEU I 152 -24.99 -33.92 65.46
N GLY I 153 -23.82 -34.58 65.43
CA GLY I 153 -22.77 -34.12 64.56
C GLY I 153 -22.65 -34.82 63.22
N TRP I 154 -23.52 -35.78 62.94
CA TRP I 154 -23.38 -36.55 61.72
C TRP I 154 -24.03 -35.87 60.52
N GLY I 155 -24.70 -34.73 60.73
CA GLY I 155 -25.23 -33.92 59.66
C GLY I 155 -24.16 -33.04 59.02
N SER I 156 -24.62 -32.09 58.22
CA SER I 156 -23.79 -31.30 57.33
C SER I 156 -23.79 -29.83 57.74
N VAL I 157 -22.62 -29.18 57.69
CA VAL I 157 -22.60 -27.74 57.93
C VAL I 157 -23.51 -27.03 56.92
N VAL I 158 -23.39 -27.41 55.64
CA VAL I 158 -24.21 -26.78 54.60
C VAL I 158 -25.68 -27.12 54.79
N GLY I 159 -26.01 -28.41 54.80
CA GLY I 159 -27.41 -28.81 54.73
C GLY I 159 -28.22 -28.31 55.92
N ASN I 160 -27.63 -28.41 57.11
CA ASN I 160 -28.24 -27.84 58.29
C ASN I 160 -28.50 -26.36 58.11
N THR I 161 -27.51 -25.63 57.59
CA THR I 161 -27.70 -24.21 57.36
C THR I 161 -28.83 -23.95 56.35
N LEU I 162 -28.91 -24.78 55.30
CA LEU I 162 -29.93 -24.56 54.28
C LEU I 162 -31.35 -24.80 54.79
N ASP I 163 -31.53 -25.49 55.92
CA ASP I 163 -32.82 -25.54 56.59
C ASP I 163 -32.90 -24.57 57.78
N ARG I 164 -31.95 -23.63 57.88
CA ARG I 164 -31.86 -22.67 58.99
C ARG I 164 -31.88 -23.36 60.34
N GLY I 165 -31.16 -24.48 60.44
CA GLY I 165 -30.88 -25.11 61.72
C GLY I 165 -30.03 -24.22 62.58
N VAL I 166 -29.77 -24.66 63.82
CA VAL I 166 -29.09 -23.84 64.80
C VAL I 166 -28.21 -24.68 65.72
N GLY I 167 -27.23 -24.01 66.31
CA GLY I 167 -26.37 -24.59 67.34
C GLY I 167 -26.35 -23.72 68.59
N TYR I 168 -25.32 -23.83 69.41
CA TYR I 168 -25.48 -23.39 70.79
C TYR I 168 -24.35 -22.51 71.30
N THR I 169 -23.34 -22.22 70.48
CA THR I 169 -22.28 -21.26 70.77
C THR I 169 -22.73 -19.85 70.41
N PRO I 170 -21.90 -18.78 70.68
CA PRO I 170 -22.25 -17.43 70.20
C PRO I 170 -22.53 -17.33 68.70
N TYR I 171 -22.05 -18.31 67.90
CA TYR I 171 -22.32 -18.37 66.46
C TYR I 171 -23.46 -19.34 66.13
N GLY I 172 -24.44 -19.47 67.02
CA GLY I 172 -25.44 -20.50 66.90
C GLY I 172 -26.44 -20.30 65.78
N ASP I 173 -26.63 -19.06 65.31
CA ASP I 173 -27.49 -18.77 64.15
C ASP I 173 -26.70 -19.05 62.87
N HIS I 174 -26.82 -20.27 62.35
CA HIS I 174 -25.96 -20.67 61.25
C HIS I 174 -26.20 -19.81 60.01
N PHE I 175 -27.47 -19.47 59.75
CA PHE I 175 -27.76 -18.69 58.56
C PHE I 175 -27.14 -17.30 58.65
N MET I 176 -27.16 -16.68 59.83
CA MET I 176 -26.54 -15.37 60.01
C MET I 176 -25.06 -15.40 59.65
N TRP I 177 -24.35 -16.46 60.04
CA TRP I 177 -22.91 -16.53 59.80
C TRP I 177 -22.56 -17.14 58.47
N GLN I 178 -23.56 -17.59 57.70
CA GLN I 178 -23.32 -18.01 56.31
C GLN I 178 -22.81 -16.83 55.49
N THR I 179 -21.79 -17.07 54.67
CA THR I 179 -21.18 -16.00 53.88
C THR I 179 -20.82 -16.56 52.52
N GLY I 180 -21.66 -16.24 51.53
CA GLY I 180 -21.50 -16.71 50.17
C GLY I 180 -21.89 -18.15 49.90
N LEU I 181 -22.44 -18.39 48.72
CA LEU I 181 -22.80 -19.74 48.31
C LEU I 181 -22.70 -19.80 46.79
N GLU I 182 -22.62 -21.01 46.28
CA GLU I 182 -22.66 -21.30 44.85
C GLU I 182 -23.85 -22.23 44.65
N VAL I 183 -24.75 -21.85 43.73
CA VAL I 183 -26.01 -22.57 43.54
C VAL I 183 -26.21 -22.85 42.05
N VAL I 184 -26.57 -24.10 41.74
CA VAL I 184 -27.07 -24.46 40.42
C VAL I 184 -28.57 -24.15 40.39
N LEU I 185 -28.97 -23.22 39.55
CA LEU I 185 -30.37 -22.83 39.44
C LEU I 185 -31.19 -23.93 38.73
N PRO I 186 -32.52 -23.84 38.78
CA PRO I 186 -33.37 -24.98 38.38
C PRO I 186 -33.27 -25.40 36.92
N GLN I 187 -32.81 -24.55 36.02
CA GLN I 187 -32.63 -24.98 34.63
C GLN I 187 -31.19 -25.32 34.31
N GLY I 188 -30.27 -25.13 35.26
CA GLY I 188 -28.91 -25.62 35.14
C GLY I 188 -27.84 -24.55 35.17
N GLU I 189 -28.20 -23.27 35.19
CA GLU I 189 -27.19 -22.22 35.20
C GLU I 189 -26.58 -22.10 36.59
N VAL I 190 -25.30 -21.79 36.65
CA VAL I 190 -24.62 -21.73 37.94
C VAL I 190 -24.38 -20.27 38.29
N MET I 191 -24.41 -19.96 39.59
CA MET I 191 -24.38 -18.59 40.08
C MET I 191 -23.71 -18.55 41.46
N ARG I 192 -23.00 -17.46 41.73
CA ARG I 192 -22.39 -17.19 43.02
C ARG I 192 -23.01 -15.94 43.64
N THR I 193 -23.36 -16.02 44.91
CA THR I 193 -23.91 -14.87 45.63
C THR I 193 -22.80 -14.00 46.16
N GLY I 194 -23.12 -12.72 46.37
CA GLY I 194 -22.23 -11.84 47.11
C GLY I 194 -20.96 -11.47 46.37
N MET I 195 -19.86 -11.40 47.12
CA MET I 195 -18.58 -11.05 46.53
C MET I 195 -18.04 -12.14 45.62
N GLY I 196 -18.56 -13.36 45.69
CA GLY I 196 -18.22 -14.39 44.71
C GLY I 196 -18.73 -14.07 43.33
N ALA I 197 -19.65 -13.10 43.22
CA ALA I 197 -20.15 -12.69 41.91
C ALA I 197 -19.17 -11.78 41.19
N LEU I 198 -18.26 -11.13 41.91
CA LEU I 198 -17.18 -10.34 41.31
C LEU I 198 -15.96 -11.22 41.12
N PRO I 199 -15.63 -11.64 39.91
CA PRO I 199 -14.51 -12.56 39.73
C PRO I 199 -13.22 -11.98 40.33
N GLY I 200 -12.42 -12.86 40.90
CA GLY I 200 -11.13 -12.47 41.44
C GLY I 200 -11.17 -11.83 42.81
N SER I 201 -12.35 -11.66 43.41
CA SER I 201 -12.42 -11.10 44.75
C SER I 201 -12.09 -12.14 45.80
N ASP I 202 -11.46 -11.69 46.87
CA ASP I 202 -11.13 -12.52 48.02
C ASP I 202 -12.10 -12.31 49.17
N ALA I 203 -13.20 -11.62 48.92
CA ALA I 203 -14.16 -11.31 49.97
C ALA I 203 -15.40 -12.21 49.92
N TRP I 204 -15.36 -13.33 49.19
CA TRP I 204 -16.51 -14.23 49.18
C TRP I 204 -16.97 -14.59 50.58
N GLN I 205 -16.03 -14.94 51.46
CA GLN I 205 -16.35 -15.31 52.83
C GLN I 205 -16.07 -14.19 53.84
N LEU I 206 -15.74 -12.99 53.36
CA LEU I 206 -15.51 -11.84 54.24
C LEU I 206 -16.71 -10.91 54.36
N PHE I 207 -17.48 -10.70 53.29
CA PHE I 207 -18.57 -9.71 53.26
C PHE I 207 -19.81 -10.39 52.68
N PRO I 208 -20.93 -10.39 53.37
CA PRO I 208 -22.05 -11.25 52.94
C PRO I 208 -22.95 -10.66 51.88
N TYR I 209 -22.98 -9.33 51.74
CA TYR I 209 -24.10 -8.74 51.03
C TYR I 209 -23.86 -8.57 49.53
N GLY I 210 -22.62 -8.41 49.10
CA GLY I 210 -22.37 -8.15 47.68
C GLY I 210 -22.90 -6.80 47.26
N PHE I 211 -23.52 -6.73 46.08
CA PHE I 211 -24.16 -5.50 45.61
C PHE I 211 -25.53 -5.82 45.05
N GLY I 212 -26.51 -4.98 45.41
CA GLY I 212 -27.87 -5.17 44.96
C GLY I 212 -28.68 -5.99 45.93
N PRO I 213 -29.77 -6.58 45.47
CA PRO I 213 -30.62 -7.36 46.38
C PRO I 213 -29.92 -8.62 46.87
N PHE I 214 -30.07 -8.86 48.17
CA PHE I 214 -29.39 -9.94 48.87
C PHE I 214 -30.23 -11.21 48.76
N PRO I 215 -29.77 -12.24 48.06
CA PRO I 215 -30.59 -13.43 47.78
C PRO I 215 -30.31 -14.70 48.58
N ASP I 216 -29.31 -14.74 49.48
CA ASP I 216 -28.89 -16.02 50.05
C ASP I 216 -30.00 -16.67 50.86
N GLY I 217 -30.78 -15.87 51.60
CA GLY I 217 -31.92 -16.38 52.36
C GLY I 217 -32.98 -17.04 51.52
N MET I 218 -33.05 -16.73 50.22
CA MET I 218 -34.03 -17.34 49.34
C MET I 218 -33.67 -18.77 48.96
N PHE I 219 -32.46 -19.21 49.30
CA PHE I 219 -32.09 -20.60 49.05
C PHE I 219 -32.13 -21.44 50.32
N THR I 220 -32.67 -20.91 51.39
CA THR I 220 -32.81 -21.66 52.63
C THR I 220 -34.28 -21.98 52.85
N GLN I 221 -34.57 -23.20 53.33
CA GLN I 221 -35.95 -23.70 53.45
C GLN I 221 -36.72 -23.49 52.16
N SER I 222 -36.11 -23.89 51.04
CA SER I 222 -36.52 -23.41 49.73
C SER I 222 -36.25 -24.48 48.68
N ASN I 223 -36.76 -24.22 47.47
CA ASN I 223 -36.60 -25.14 46.34
C ASN I 223 -36.25 -24.35 45.07
N LEU I 224 -35.32 -23.39 45.19
CA LEU I 224 -34.90 -22.58 44.06
C LEU I 224 -33.50 -22.92 43.55
N GLY I 225 -32.96 -24.07 43.92
CA GLY I 225 -31.66 -24.46 43.40
C GLY I 225 -31.00 -25.56 44.20
N ILE I 226 -29.83 -25.97 43.70
CA ILE I 226 -28.98 -26.97 44.35
C ILE I 226 -27.69 -26.30 44.75
N VAL I 227 -27.45 -26.18 46.05
CA VAL I 227 -26.25 -25.53 46.56
C VAL I 227 -25.08 -26.50 46.44
N THR I 228 -23.97 -26.01 45.86
CA THR I 228 -22.77 -26.80 45.63
C THR I 228 -21.57 -26.35 46.47
N LYS I 229 -21.57 -25.11 46.94
CA LYS I 229 -20.53 -24.57 47.81
C LYS I 229 -21.17 -23.55 48.74
N MET I 230 -20.61 -23.41 49.94
CA MET I 230 -21.15 -22.45 50.90
C MET I 230 -20.06 -22.05 51.90
N GLY I 231 -19.93 -20.76 52.12
CA GLY I 231 -19.00 -20.29 53.13
C GLY I 231 -19.70 -20.10 54.46
N ILE I 232 -18.89 -20.08 55.52
CA ILE I 232 -19.40 -19.88 56.88
C ILE I 232 -18.29 -19.29 57.72
N ALA I 233 -18.64 -18.28 58.51
CA ALA I 233 -17.70 -17.69 59.44
C ALA I 233 -17.46 -18.66 60.59
N LEU I 234 -16.24 -18.62 61.14
CA LEU I 234 -15.84 -19.47 62.25
C LEU I 234 -15.32 -18.59 63.37
N MET I 235 -15.86 -18.78 64.56
CA MET I 235 -15.41 -18.05 65.73
C MET I 235 -14.03 -18.53 66.18
N GLN I 236 -13.25 -17.61 66.71
CA GLN I 236 -12.07 -17.94 67.49
C GLN I 236 -12.44 -18.65 68.78
N ARG I 237 -11.75 -19.75 69.09
CA ARG I 237 -12.00 -20.47 70.34
C ARG I 237 -11.52 -19.65 71.52
N PRO I 238 -12.37 -19.40 72.52
CA PRO I 238 -11.97 -18.64 73.72
C PRO I 238 -10.92 -19.39 74.54
N PRO I 239 -10.22 -18.71 75.44
CA PRO I 239 -9.15 -19.38 76.21
C PRO I 239 -9.66 -20.33 77.26
N ALA I 240 -10.91 -20.20 77.72
CA ALA I 240 -11.46 -21.10 78.73
C ALA I 240 -12.99 -21.02 78.73
N SER I 241 -13.60 -22.10 79.19
CA SER I 241 -15.05 -22.22 79.26
C SER I 241 -15.48 -22.95 80.53
N GLN I 242 -16.71 -22.65 80.96
CA GLN I 242 -17.36 -23.34 82.07
C GLN I 242 -18.81 -23.58 81.72
N SER I 243 -19.29 -24.80 81.95
CA SER I 243 -20.67 -25.15 81.69
C SER I 243 -21.38 -25.49 83.01
N PHE I 244 -22.66 -25.11 83.09
CA PHE I 244 -23.39 -25.25 84.34
C PHE I 244 -24.81 -25.75 84.07
N LEU I 245 -25.42 -26.28 85.13
CA LEU I 245 -26.79 -26.79 85.15
C LEU I 245 -27.52 -26.14 86.31
N ILE I 246 -28.73 -25.67 86.05
CA ILE I 246 -29.62 -25.19 87.10
C ILE I 246 -30.86 -26.06 87.04
N THR I 247 -31.09 -26.88 88.07
CA THR I 247 -32.29 -27.69 88.17
C THR I 247 -33.38 -26.95 88.97
N PHE I 248 -34.58 -26.89 88.39
CA PHE I 248 -35.75 -26.29 89.02
C PHE I 248 -36.77 -27.39 89.29
N ASP I 249 -37.39 -27.33 90.46
CA ASP I 249 -38.15 -28.48 90.93
C ASP I 249 -39.58 -28.56 90.38
N LYS I 250 -40.24 -27.44 90.10
CA LYS I 250 -41.68 -27.44 89.81
C LYS I 250 -41.96 -27.10 88.35
N GLU I 251 -42.96 -27.78 87.77
CA GLU I 251 -43.36 -27.47 86.40
C GLU I 251 -43.75 -26.01 86.24
N GLU I 252 -44.30 -25.42 87.29
CA GLU I 252 -44.73 -24.03 87.21
C GLU I 252 -43.56 -23.07 87.24
N ASP I 253 -42.35 -23.54 87.56
CA ASP I 253 -41.18 -22.68 87.55
C ASP I 253 -40.85 -22.13 86.16
N LEU I 254 -41.33 -22.76 85.10
CA LEU I 254 -40.99 -22.29 83.76
C LEU I 254 -41.35 -20.83 83.54
N GLU I 255 -42.34 -20.30 84.28
CA GLU I 255 -42.70 -18.89 84.11
C GLU I 255 -41.61 -17.98 84.67
N GLN I 256 -41.17 -18.22 85.90
CA GLN I 256 -40.11 -17.39 86.49
C GLN I 256 -38.78 -17.60 85.78
N ILE I 257 -38.47 -18.84 85.38
CA ILE I 257 -37.18 -19.10 84.75
C ILE I 257 -36.99 -18.19 83.53
N VAL I 258 -37.98 -18.21 82.64
CA VAL I 258 -37.94 -17.38 81.43
C VAL I 258 -37.88 -15.90 81.77
N ASP I 259 -38.70 -15.43 82.72
CA ASP I 259 -38.74 -13.98 82.97
C ASP I 259 -37.45 -13.48 83.61
N ILE I 260 -36.79 -14.30 84.42
CA ILE I 260 -35.51 -13.93 85.00
C ILE I 260 -34.38 -14.08 83.97
N MET I 261 -34.60 -14.90 82.94
CA MET I 261 -33.56 -15.21 81.96
C MET I 261 -33.35 -14.02 81.02
N LEU I 262 -34.44 -13.42 80.52
CA LEU I 262 -34.35 -12.39 79.49
C LEU I 262 -33.39 -11.25 79.83
N PRO I 263 -33.48 -10.58 80.99
CA PRO I 263 -32.51 -9.52 81.27
C PRO I 263 -31.07 -10.02 81.32
N LEU I 264 -30.84 -11.29 81.67
CA LEU I 264 -29.51 -11.89 81.68
C LEU I 264 -29.05 -12.36 80.30
N ARG I 265 -29.89 -12.23 79.29
CA ARG I 265 -29.64 -12.86 78.00
C ARG I 265 -29.60 -11.87 76.84
N ILE I 266 -30.41 -10.81 76.88
CA ILE I 266 -30.63 -9.98 75.70
C ILE I 266 -29.40 -9.19 75.27
N ASN I 267 -28.40 -9.02 76.13
CA ASN I 267 -27.19 -8.31 75.75
C ASN I 267 -26.03 -9.24 75.49
N MET I 268 -26.30 -10.54 75.34
CA MET I 268 -25.32 -11.60 75.12
C MET I 268 -24.35 -11.75 76.28
N ALA I 269 -24.71 -11.24 77.46
CA ALA I 269 -23.87 -11.39 78.65
C ALA I 269 -24.75 -11.03 79.81
N PRO I 270 -24.69 -11.76 80.94
CA PRO I 270 -23.74 -12.86 81.20
C PRO I 270 -24.10 -14.20 80.56
N LEU I 271 -25.26 -14.34 79.94
CA LEU I 271 -25.60 -15.56 79.19
C LEU I 271 -25.02 -15.44 77.79
N GLN I 272 -23.76 -15.84 77.66
CA GLN I 272 -23.02 -15.68 76.41
C GLN I 272 -23.40 -16.67 75.33
N ASN I 273 -23.73 -17.91 75.68
CA ASN I 273 -24.07 -18.92 74.69
C ASN I 273 -25.58 -18.99 74.54
N VAL I 274 -26.06 -19.96 73.76
CA VAL I 274 -27.49 -20.20 73.61
C VAL I 274 -27.93 -21.15 74.71
N PRO I 275 -28.62 -20.68 75.74
CA PRO I 275 -29.09 -21.60 76.80
C PRO I 275 -30.16 -22.54 76.29
N VAL I 276 -30.23 -23.73 76.88
CA VAL I 276 -31.34 -24.63 76.64
C VAL I 276 -32.08 -24.88 77.96
N LEU I 277 -33.41 -24.93 77.90
CA LEU I 277 -34.22 -25.32 79.04
C LEU I 277 -34.94 -26.60 78.66
N ARG I 278 -34.63 -27.68 79.36
CA ARG I 278 -35.08 -29.02 79.00
C ARG I 278 -35.89 -29.63 80.14
N ASN I 279 -37.03 -30.23 79.81
CA ASN I 279 -37.86 -30.81 80.86
C ASN I 279 -37.29 -32.18 81.27
N ILE I 280 -37.86 -32.76 82.33
CA ILE I 280 -37.29 -34.02 82.85
C ILE I 280 -37.49 -35.16 81.84
N PHE I 281 -38.56 -35.13 81.05
CA PHE I 281 -38.75 -36.18 80.04
C PHE I 281 -37.61 -36.21 79.04
N MET I 282 -37.16 -35.03 78.59
CA MET I 282 -36.06 -34.96 77.61
C MET I 282 -34.76 -35.50 78.20
N ASP I 283 -34.39 -35.06 79.41
CA ASP I 283 -33.15 -35.53 80.02
C ASP I 283 -33.21 -37.01 80.36
N ALA I 284 -34.35 -37.48 80.86
CA ALA I 284 -34.46 -38.90 81.17
C ALA I 284 -34.30 -39.76 79.91
N ALA I 285 -34.94 -39.36 78.81
CA ALA I 285 -34.79 -40.09 77.55
C ALA I 285 -33.35 -40.14 77.07
N ALA I 286 -32.56 -39.12 77.41
CA ALA I 286 -31.16 -39.14 77.04
C ALA I 286 -30.37 -40.25 77.72
N VAL I 287 -30.85 -40.79 78.84
CA VAL I 287 -30.05 -41.75 79.62
C VAL I 287 -30.88 -42.89 80.21
N SER I 288 -32.13 -43.06 79.77
CA SER I 288 -32.97 -44.10 80.35
C SER I 288 -34.09 -44.43 79.36
N LYS I 289 -34.63 -45.64 79.51
CA LYS I 289 -35.84 -46.07 78.81
C LYS I 289 -37.07 -45.81 79.66
N ARG I 290 -38.22 -45.72 79.00
CA ARG I 290 -39.45 -45.39 79.70
C ARG I 290 -39.79 -46.43 80.76
N THR I 291 -39.52 -47.71 80.50
CA THR I 291 -39.91 -48.77 81.41
C THR I 291 -39.12 -48.78 82.71
N GLU I 292 -38.04 -48.00 82.81
CA GLU I 292 -37.36 -47.89 84.10
C GLU I 292 -38.22 -47.13 85.12
N TRP I 293 -39.17 -46.31 84.66
CA TRP I 293 -39.95 -45.40 85.47
C TRP I 293 -41.42 -45.77 85.57
N PHE I 294 -41.94 -46.43 84.55
CA PHE I 294 -43.37 -46.61 84.41
C PHE I 294 -43.64 -47.56 83.26
N ASP I 295 -44.23 -48.71 83.55
CA ASP I 295 -44.31 -49.75 82.54
C ASP I 295 -45.69 -49.90 81.96
N GLY I 296 -46.68 -49.12 82.39
CA GLY I 296 -48.01 -49.45 81.97
C GLY I 296 -48.75 -48.50 81.03
N ASP I 297 -49.89 -48.07 81.55
CA ASP I 297 -50.99 -47.55 80.74
C ASP I 297 -50.89 -46.03 80.68
N GLY I 298 -50.40 -45.56 79.53
CA GLY I 298 -50.68 -44.21 79.07
C GLY I 298 -49.73 -43.17 79.61
N PRO I 299 -50.25 -41.98 79.87
CA PRO I 299 -49.39 -40.88 80.33
C PRO I 299 -48.77 -41.22 81.67
N MET I 300 -47.64 -40.58 81.93
CA MET I 300 -46.84 -40.98 83.08
C MET I 300 -47.35 -40.31 84.36
N PRO I 301 -47.65 -41.07 85.42
CA PRO I 301 -48.18 -40.46 86.65
C PRO I 301 -47.12 -39.64 87.40
N ALA I 302 -47.61 -38.59 88.05
CA ALA I 302 -46.85 -37.75 88.97
C ALA I 302 -45.78 -38.51 89.75
N GLU I 303 -46.15 -39.64 90.33
CA GLU I 303 -45.24 -40.43 91.17
C GLU I 303 -44.11 -41.03 90.35
N ALA I 304 -44.35 -41.32 89.07
CA ALA I 304 -43.29 -41.79 88.19
C ALA I 304 -42.36 -40.65 87.80
N ILE I 305 -42.93 -39.47 87.51
CA ILE I 305 -42.14 -38.27 87.25
C ILE I 305 -41.23 -37.95 88.43
N GLU I 306 -41.74 -38.11 89.65
CA GLU I 306 -40.94 -37.81 90.82
C GLU I 306 -39.81 -38.82 90.99
N ARG I 307 -40.05 -40.08 90.61
CA ARG I 307 -38.96 -41.05 90.66
C ARG I 307 -37.88 -40.72 89.66
N MET I 308 -38.26 -40.21 88.48
CA MET I 308 -37.27 -39.71 87.53
C MET I 308 -36.43 -38.59 88.15
N LYS I 309 -37.08 -37.62 88.79
CA LYS I 309 -36.31 -36.50 89.35
C LYS I 309 -35.41 -36.94 90.49
N LYS I 310 -35.88 -37.89 91.31
CA LYS I 310 -35.07 -38.34 92.43
C LYS I 310 -33.87 -39.15 91.95
N ASP I 311 -34.12 -40.13 91.08
CA ASP I 311 -33.05 -41.04 90.69
C ASP I 311 -31.97 -40.29 89.92
N LEU I 312 -32.38 -39.40 89.01
CA LEU I 312 -31.46 -38.63 88.20
C LEU I 312 -30.94 -37.39 88.90
N ASP I 313 -31.50 -37.02 90.06
CA ASP I 313 -31.13 -35.79 90.76
C ASP I 313 -31.27 -34.59 89.82
N LEU I 314 -32.46 -34.47 89.21
CA LEU I 314 -32.72 -33.39 88.27
C LEU I 314 -34.07 -32.78 88.59
N GLY I 315 -34.30 -31.56 88.09
CA GLY I 315 -35.58 -30.90 88.28
C GLY I 315 -36.58 -31.27 87.20
N PHE I 316 -37.77 -30.66 87.27
CA PHE I 316 -38.67 -30.75 86.13
C PHE I 316 -38.11 -29.98 84.95
N TRP I 317 -37.56 -28.80 85.22
CA TRP I 317 -36.93 -27.95 84.22
C TRP I 317 -35.44 -27.87 84.52
N ASN I 318 -34.62 -28.03 83.48
CA ASN I 318 -33.17 -28.11 83.62
C ASN I 318 -32.49 -27.17 82.64
N PHE I 319 -31.87 -26.13 83.18
CA PHE I 319 -31.29 -25.02 82.42
C PHE I 319 -29.80 -25.29 82.26
N TYR I 320 -29.34 -25.38 81.00
CA TYR I 320 -27.94 -25.61 80.66
C TYR I 320 -27.39 -24.40 79.92
N GLY I 321 -26.23 -23.92 80.37
CA GLY I 321 -25.56 -22.78 79.75
C GLY I 321 -24.07 -23.01 79.78
N THR I 322 -23.35 -22.14 79.06
CA THR I 322 -21.89 -22.22 78.99
C THR I 322 -21.33 -20.80 78.95
N LEU I 323 -20.31 -20.56 79.78
CA LEU I 323 -19.59 -19.30 79.86
C LEU I 323 -18.23 -19.42 79.19
N TYR I 324 -17.79 -18.32 78.58
CA TYR I 324 -16.51 -18.30 77.87
C TYR I 324 -15.69 -17.06 78.26
N GLY I 325 -14.38 -17.25 78.44
CA GLY I 325 -13.46 -16.15 78.62
C GLY I 325 -12.36 -16.45 79.63
N PRO I 326 -11.65 -15.41 80.09
CA PRO I 326 -10.70 -15.61 81.18
C PRO I 326 -11.41 -16.03 82.45
N PRO I 327 -10.73 -16.79 83.30
CA PRO I 327 -11.35 -17.25 84.56
C PRO I 327 -12.02 -16.15 85.38
N PRO I 328 -11.43 -14.95 85.51
CA PRO I 328 -12.13 -13.91 86.31
C PRO I 328 -13.44 -13.45 85.70
N LEU I 329 -13.58 -13.56 84.37
CA LEU I 329 -14.86 -13.24 83.75
C LEU I 329 -15.89 -14.34 84.01
N ILE I 330 -15.45 -15.60 83.97
CA ILE I 330 -16.37 -16.70 84.20
C ILE I 330 -16.89 -16.67 85.62
N GLU I 331 -16.01 -16.36 86.58
CA GLU I 331 -16.46 -16.18 87.97
C GLU I 331 -17.51 -15.08 88.07
N MET I 332 -17.25 -13.92 87.47
CA MET I 332 -18.18 -12.80 87.60
C MET I 332 -19.51 -13.10 86.94
N TYR I 333 -19.49 -13.62 85.72
CA TYR I 333 -20.74 -13.93 85.02
C TYR I 333 -21.52 -15.01 85.76
N TYR I 334 -20.84 -16.08 86.17
CA TYR I 334 -21.50 -17.17 86.88
C TYR I 334 -22.18 -16.65 88.14
N GLY I 335 -21.47 -15.83 88.92
CA GLY I 335 -22.06 -15.22 90.10
C GLY I 335 -23.35 -14.47 89.79
N MET I 336 -23.32 -13.62 88.77
CA MET I 336 -24.55 -12.95 88.35
C MET I 336 -25.66 -13.97 88.10
N ILE I 337 -25.32 -15.07 87.41
CA ILE I 337 -26.31 -16.09 87.08
C ILE I 337 -26.88 -16.72 88.36
N LYS I 338 -26.02 -17.02 89.32
CA LYS I 338 -26.51 -17.62 90.58
C LYS I 338 -27.32 -16.62 91.40
N GLU I 339 -26.96 -15.34 91.38
CA GLU I 339 -27.74 -14.37 92.15
C GLU I 339 -29.15 -14.22 91.58
N ALA I 340 -29.32 -14.29 90.26
CA ALA I 340 -30.65 -14.06 89.70
C ALA I 340 -31.50 -15.33 89.80
N PHE I 341 -30.98 -16.47 89.38
CA PHE I 341 -31.82 -17.67 89.44
C PHE I 341 -31.92 -18.26 90.83
N GLY I 342 -31.14 -17.76 91.79
CA GLY I 342 -31.35 -18.12 93.17
C GLY I 342 -32.61 -17.55 93.80
N LYS I 343 -33.30 -16.63 93.11
CA LYS I 343 -34.57 -16.08 93.60
C LYS I 343 -35.74 -17.03 93.36
N ILE I 344 -35.51 -18.14 92.66
CA ILE I 344 -36.55 -19.16 92.46
C ILE I 344 -36.37 -20.22 93.54
N PRO I 345 -37.33 -20.39 94.44
CA PRO I 345 -37.22 -21.44 95.47
C PRO I 345 -36.99 -22.81 94.85
N GLY I 346 -36.02 -23.55 95.39
CA GLY I 346 -35.69 -24.88 94.92
C GLY I 346 -34.61 -24.94 93.85
N ALA I 347 -34.13 -23.81 93.33
CA ALA I 347 -33.09 -23.87 92.32
C ALA I 347 -31.78 -24.37 92.93
N ARG I 348 -31.11 -25.27 92.20
CA ARG I 348 -29.81 -25.81 92.59
C ARG I 348 -28.84 -25.74 91.42
N PHE I 349 -27.56 -25.57 91.76
CA PHE I 349 -26.54 -25.19 90.79
C PHE I 349 -25.47 -26.26 90.74
N PHE I 350 -25.04 -26.60 89.52
CA PHE I 350 -23.98 -27.56 89.26
C PHE I 350 -23.13 -27.06 88.10
N THR I 351 -21.82 -27.06 88.27
CA THR I 351 -20.92 -26.87 87.15
C THR I 351 -20.53 -28.22 86.54
N HIS I 352 -19.90 -28.18 85.36
CA HIS I 352 -19.55 -29.40 84.64
C HIS I 352 -18.50 -30.22 85.37
N GLU I 353 -17.81 -29.66 86.37
CA GLU I 353 -16.83 -30.40 87.15
C GLU I 353 -17.42 -31.13 88.35
N GLU I 354 -18.63 -30.80 88.74
CA GLU I 354 -19.20 -31.30 89.99
C GLU I 354 -20.05 -32.55 89.83
N ARG I 355 -20.44 -32.93 88.61
CA ARG I 355 -21.41 -34.01 88.48
C ARG I 355 -20.90 -35.16 87.62
N ASP I 356 -20.63 -36.30 88.26
CA ASP I 356 -20.03 -37.48 87.66
C ASP I 356 -21.05 -38.60 87.50
N ASP I 357 -22.33 -38.30 87.67
CA ASP I 357 -23.35 -39.33 87.77
C ASP I 357 -24.15 -39.43 86.48
N ARG I 358 -25.08 -40.39 86.45
CA ARG I 358 -25.86 -40.66 85.24
C ARG I 358 -26.73 -39.46 84.85
N GLY I 359 -27.45 -38.87 85.81
CA GLY I 359 -28.24 -37.67 85.56
C GLY I 359 -27.44 -36.51 85.01
N GLY I 360 -26.16 -36.45 85.30
CA GLY I 360 -25.31 -35.38 84.80
C GLY I 360 -24.74 -35.58 83.40
N HIS I 361 -25.02 -36.73 82.75
CA HIS I 361 -24.41 -37.01 81.46
C HIS I 361 -24.91 -36.05 80.39
N VAL I 362 -26.06 -35.40 80.61
CA VAL I 362 -26.55 -34.39 79.67
C VAL I 362 -25.72 -33.13 79.78
N LEU I 363 -25.40 -32.72 81.01
CA LEU I 363 -24.53 -31.57 81.19
C LEU I 363 -23.18 -31.81 80.52
N GLN I 364 -22.63 -33.01 80.67
CA GLN I 364 -21.41 -33.35 79.95
C GLN I 364 -21.60 -33.24 78.44
N ASP I 365 -22.79 -33.59 77.95
CA ASP I 365 -22.99 -33.55 76.51
C ASP I 365 -23.26 -32.14 76.01
N ARG I 366 -23.92 -31.30 76.80
CA ARG I 366 -24.04 -29.90 76.42
C ARG I 366 -22.67 -29.22 76.46
N HIS I 367 -21.77 -29.69 77.34
CA HIS I 367 -20.47 -29.04 77.46
C HIS I 367 -19.62 -29.27 76.22
N LYS I 368 -19.74 -30.45 75.61
CA LYS I 368 -19.13 -30.70 74.32
C LYS I 368 -19.77 -29.84 73.25
N ILE I 369 -21.10 -29.95 73.11
CA ILE I 369 -21.81 -29.23 72.05
C ILE I 369 -21.52 -27.74 72.15
N ASN I 370 -21.53 -27.18 73.38
CA ASN I 370 -21.39 -25.73 73.55
C ASN I 370 -19.96 -25.26 73.30
N ASN I 371 -19.00 -26.18 73.26
CA ASN I 371 -17.62 -25.87 72.93
C ASN I 371 -17.28 -26.28 71.52
N GLY I 372 -18.29 -26.55 70.71
CA GLY I 372 -18.07 -26.91 69.32
C GLY I 372 -17.40 -28.25 69.19
N ILE I 373 -17.67 -29.17 70.11
CA ILE I 373 -17.17 -30.55 70.01
C ILE I 373 -18.35 -31.44 69.71
N PRO I 374 -18.51 -31.93 68.48
CA PRO I 374 -19.76 -32.61 68.11
C PRO I 374 -19.84 -34.01 68.69
N SER I 375 -21.08 -34.51 68.75
CA SER I 375 -21.44 -35.68 69.54
C SER I 375 -22.65 -36.35 68.92
N LEU I 376 -22.79 -37.65 69.21
CA LEU I 376 -23.99 -38.41 68.88
C LEU I 376 -24.64 -38.98 70.13
N ASP I 377 -24.18 -38.55 71.31
CA ASP I 377 -24.72 -39.12 72.54
C ASP I 377 -26.23 -38.96 72.63
N GLU I 378 -26.78 -37.90 72.05
CA GLU I 378 -28.22 -37.65 72.08
C GLU I 378 -29.02 -38.67 71.28
N LEU I 379 -28.39 -39.50 70.45
CA LEU I 379 -29.15 -40.58 69.81
C LEU I 379 -29.75 -41.54 70.84
N GLN I 380 -29.19 -41.57 72.05
CA GLN I 380 -29.77 -42.41 73.10
C GLN I 380 -31.22 -42.03 73.43
N GLN I 381 -31.64 -40.81 73.13
CA GLN I 381 -33.04 -40.45 73.37
C GLN I 381 -33.99 -41.35 72.60
N LEU I 382 -33.56 -41.90 71.46
CA LEU I 382 -34.46 -42.71 70.65
C LEU I 382 -34.71 -44.08 71.24
N ASP I 383 -33.95 -44.48 72.26
CA ASP I 383 -34.17 -45.74 72.95
C ASP I 383 -35.24 -45.64 74.05
N TRP I 384 -35.87 -44.48 74.21
CA TRP I 384 -36.90 -44.29 75.21
C TRP I 384 -38.02 -45.32 75.07
N VAL I 385 -38.38 -45.68 73.85
CA VAL I 385 -39.40 -46.69 73.61
C VAL I 385 -38.78 -47.60 72.57
N PRO I 386 -39.31 -48.79 72.32
CA PRO I 386 -38.69 -49.65 71.30
C PRO I 386 -38.93 -49.10 69.91
N ASN I 387 -37.99 -49.38 69.01
CA ASN I 387 -38.07 -48.97 67.61
C ASN I 387 -38.33 -47.49 67.48
N GLY I 388 -37.61 -46.71 68.29
CA GLY I 388 -37.95 -45.33 68.52
C GLY I 388 -37.62 -44.42 67.35
N GLY I 389 -38.53 -43.46 67.09
CA GLY I 389 -38.31 -42.38 66.16
C GLY I 389 -38.85 -41.08 66.73
N HIS I 390 -38.53 -39.96 66.08
CA HIS I 390 -39.08 -38.71 66.59
C HIS I 390 -39.51 -37.82 65.45
N ILE I 391 -40.36 -36.86 65.79
CA ILE I 391 -40.72 -35.74 64.94
C ILE I 391 -40.51 -34.48 65.76
N GLY I 392 -40.18 -33.40 65.09
CA GLY I 392 -39.93 -32.13 65.77
C GLY I 392 -41.07 -31.17 65.54
N PHE I 393 -41.74 -30.79 66.62
CA PHE I 393 -42.73 -29.73 66.58
C PHE I 393 -42.09 -28.51 67.22
N VAL I 394 -41.81 -27.48 66.44
CA VAL I 394 -41.01 -26.39 66.99
C VAL I 394 -41.69 -25.04 66.83
N PRO I 395 -42.65 -24.71 67.67
CA PRO I 395 -43.24 -23.37 67.63
C PRO I 395 -42.27 -22.35 68.19
N VAL I 396 -42.36 -21.16 67.66
CA VAL I 396 -41.56 -20.05 68.16
C VAL I 396 -42.31 -19.35 69.28
N SER I 397 -41.58 -18.96 70.32
CA SER I 397 -42.14 -18.24 71.46
C SER I 397 -41.36 -16.94 71.72
N ALA I 398 -42.07 -15.93 72.23
CA ALA I 398 -41.37 -14.80 72.82
C ALA I 398 -40.73 -15.23 74.14
N PRO I 399 -39.62 -14.61 74.55
CA PRO I 399 -39.04 -14.95 75.85
C PRO I 399 -39.86 -14.39 77.00
N ASP I 400 -41.14 -14.75 77.06
CA ASP I 400 -42.04 -14.38 78.13
C ASP I 400 -42.49 -15.64 78.88
N GLY I 401 -42.42 -15.58 80.21
CA GLY I 401 -42.79 -16.72 81.03
C GLY I 401 -44.22 -17.19 80.82
N ARG I 402 -45.17 -16.27 80.67
CA ARG I 402 -46.56 -16.70 80.52
C ARG I 402 -46.81 -17.26 79.12
N GLU I 403 -46.15 -16.73 78.11
CA GLU I 403 -46.27 -17.35 76.79
C GLU I 403 -45.61 -18.71 76.78
N ALA I 404 -44.49 -18.85 77.47
CA ALA I 404 -43.87 -20.15 77.52
C ALA I 404 -44.79 -21.16 78.19
N MET I 405 -45.49 -20.74 79.25
CA MET I 405 -46.36 -21.65 79.98
C MET I 405 -47.64 -21.94 79.21
N LYS I 406 -48.18 -20.97 78.48
CA LYS I 406 -49.32 -21.28 77.62
C LYS I 406 -48.93 -22.36 76.61
N GLN I 407 -47.79 -22.19 75.93
CA GLN I 407 -47.38 -23.15 74.91
C GLN I 407 -47.10 -24.51 75.52
N PHE I 408 -46.47 -24.53 76.69
CA PHE I 408 -46.22 -25.79 77.40
C PHE I 408 -47.53 -26.52 77.68
N GLU I 409 -48.54 -25.82 78.18
CA GLU I 409 -49.78 -26.48 78.55
C GLU I 409 -50.57 -26.91 77.34
N MET I 410 -50.54 -26.11 76.27
CA MET I 410 -51.22 -26.46 75.03
C MET I 410 -50.71 -27.77 74.45
N VAL I 411 -49.37 -27.93 74.42
CA VAL I 411 -48.74 -29.13 73.84
C VAL I 411 -48.93 -30.33 74.75
N ARG I 412 -48.75 -30.15 76.05
CA ARG I 412 -48.96 -31.26 76.98
C ARG I 412 -50.39 -31.79 76.94
N ASN I 413 -51.39 -30.91 76.77
CA ASN I 413 -52.77 -31.41 76.71
C ASN I 413 -52.97 -32.31 75.50
N ARG I 414 -52.48 -31.89 74.32
CA ARG I 414 -52.59 -32.73 73.13
C ARG I 414 -51.68 -33.95 73.20
N ALA I 415 -50.55 -33.87 73.88
CA ALA I 415 -49.73 -35.06 74.04
C ALA I 415 -50.47 -36.10 74.89
N ASN I 416 -51.09 -35.67 75.99
CA ASN I 416 -51.88 -36.57 76.81
C ASN I 416 -53.04 -37.18 76.02
N GLU I 417 -53.84 -36.34 75.34
CA GLU I 417 -54.94 -36.84 74.53
C GLU I 417 -54.50 -37.98 73.61
N TYR I 418 -53.35 -37.82 72.96
CA TYR I 418 -52.85 -38.80 72.00
C TYR I 418 -51.83 -39.77 72.63
N ASN I 419 -51.62 -39.69 73.93
CA ASN I 419 -50.74 -40.60 74.68
C ASN I 419 -49.35 -40.69 74.04
N LYS I 420 -48.73 -39.55 73.87
CA LYS I 420 -47.31 -39.43 73.55
C LYS I 420 -46.65 -38.61 74.64
N ASP I 421 -45.50 -39.07 75.10
CA ASP I 421 -44.70 -38.29 76.04
C ASP I 421 -44.26 -36.98 75.39
N TYR I 422 -44.13 -35.94 76.21
CA TYR I 422 -43.88 -34.58 75.76
C TYR I 422 -42.48 -34.18 76.23
N MET I 423 -41.48 -34.34 75.35
CA MET I 423 -40.09 -33.88 75.58
C MET I 423 -39.94 -32.47 75.03
N ALA I 424 -39.47 -31.54 75.87
CA ALA I 424 -39.31 -30.16 75.47
C ALA I 424 -37.87 -29.71 75.70
N GLN I 425 -37.40 -28.85 74.80
CA GLN I 425 -36.12 -28.14 74.92
C GLN I 425 -36.41 -26.74 74.39
N PHE I 426 -36.42 -25.75 75.27
CA PHE I 426 -36.49 -24.36 74.86
C PHE I 426 -35.08 -23.91 74.47
N VAL I 427 -34.93 -23.37 73.27
CA VAL I 427 -33.66 -22.85 72.76
C VAL I 427 -33.82 -21.34 72.65
N ILE I 428 -32.94 -20.62 73.33
CA ILE I 428 -33.22 -19.25 73.77
C ILE I 428 -32.31 -18.29 73.02
N GLY I 429 -32.90 -17.52 72.08
CA GLY I 429 -32.20 -16.47 71.38
C GLY I 429 -32.05 -15.22 72.23
N LEU I 430 -31.82 -14.08 71.57
CA LEU I 430 -31.84 -12.81 72.30
C LEU I 430 -33.25 -12.30 72.53
N ARG I 431 -34.14 -12.51 71.56
CA ARG I 431 -35.49 -11.93 71.58
C ARG I 431 -36.54 -12.97 71.21
N GLU I 432 -36.19 -14.25 71.32
CA GLU I 432 -37.02 -15.30 70.75
C GLU I 432 -36.55 -16.62 71.30
N MET I 433 -37.45 -17.60 71.25
CA MET I 433 -37.18 -18.95 71.76
C MET I 433 -37.76 -19.98 70.81
N TYR I 434 -36.97 -21.00 70.48
CA TYR I 434 -37.45 -22.17 69.77
C TYR I 434 -37.96 -23.14 70.82
N HIS I 435 -39.27 -23.38 70.83
CA HIS I 435 -39.86 -24.33 71.76
C HIS I 435 -39.84 -25.68 71.06
N VAL I 436 -38.82 -26.50 71.33
CA VAL I 436 -38.64 -27.75 70.63
C VAL I 436 -39.44 -28.81 71.34
N CYS I 437 -40.45 -29.36 70.67
CA CYS I 437 -41.24 -30.46 71.22
C CYS I 437 -40.94 -31.72 70.40
N LEU I 438 -40.19 -32.64 70.99
CA LEU I 438 -39.88 -33.92 70.37
C LEU I 438 -40.85 -34.99 70.87
N PHE I 439 -41.59 -35.58 69.95
CA PHE I 439 -42.47 -36.71 70.25
C PHE I 439 -41.80 -37.99 69.77
N ILE I 440 -41.40 -38.82 70.73
CA ILE I 440 -40.71 -40.08 70.46
C ILE I 440 -41.75 -41.19 70.48
N TYR I 441 -41.78 -42.01 69.42
CA TYR I 441 -42.86 -42.97 69.20
C TYR I 441 -42.29 -44.23 68.53
N ASP I 442 -43.11 -45.27 68.53
CA ASP I 442 -42.74 -46.59 68.01
C ASP I 442 -42.97 -46.65 66.50
N THR I 443 -41.90 -46.50 65.70
CA THR I 443 -42.03 -46.43 64.24
C THR I 443 -42.60 -47.72 63.64
N ALA I 444 -42.45 -48.86 64.30
CA ALA I 444 -42.98 -50.13 63.79
C ALA I 444 -44.48 -50.30 64.02
N ASP I 445 -45.15 -49.33 64.65
CA ASP I 445 -46.57 -49.41 65.01
C ASP I 445 -47.36 -48.44 64.13
N PRO I 446 -48.20 -48.93 63.19
CA PRO I 446 -48.95 -48.01 62.32
C PRO I 446 -49.96 -47.11 63.05
N GLU I 447 -50.57 -47.56 64.15
CA GLU I 447 -51.43 -46.65 64.93
C GLU I 447 -50.61 -45.50 65.51
N ALA I 448 -49.44 -45.81 66.08
CA ALA I 448 -48.60 -44.77 66.66
C ALA I 448 -48.15 -43.75 65.60
N ARG I 449 -47.81 -44.21 64.39
CA ARG I 449 -47.43 -43.27 63.34
C ARG I 449 -48.59 -42.38 62.93
N GLU I 450 -49.81 -42.94 62.87
CA GLU I 450 -50.98 -42.13 62.56
C GLU I 450 -51.31 -41.18 63.71
N GLU I 451 -51.25 -41.67 64.95
CA GLU I 451 -51.42 -40.79 66.11
C GLU I 451 -50.51 -39.56 66.01
N ILE I 452 -49.25 -39.76 65.57
CA ILE I 452 -48.31 -38.66 65.48
C ILE I 452 -48.72 -37.68 64.36
N LEU I 453 -49.13 -38.22 63.21
CA LEU I 453 -49.61 -37.35 62.12
C LEU I 453 -50.80 -36.52 62.58
N GLN I 454 -51.81 -37.16 63.16
CA GLN I 454 -53.03 -36.45 63.54
C GLN I 454 -52.77 -35.45 64.65
N MET I 455 -52.01 -35.84 65.68
CA MET I 455 -51.72 -34.93 66.78
C MET I 455 -50.92 -33.71 66.31
N THR I 456 -49.94 -33.90 65.42
CA THR I 456 -49.15 -32.75 64.98
C THR I 456 -49.96 -31.85 64.07
N LYS I 457 -50.83 -32.41 63.23
CA LYS I 457 -51.73 -31.56 62.44
C LYS I 457 -52.59 -30.69 63.33
N VAL I 458 -53.13 -31.28 64.41
CA VAL I 458 -53.95 -30.56 65.37
C VAL I 458 -53.13 -29.47 66.06
N LEU I 459 -51.89 -29.79 66.42
CA LEU I 459 -51.03 -28.82 67.09
C LEU I 459 -50.69 -27.64 66.16
N VAL I 460 -50.49 -27.91 64.87
CA VAL I 460 -50.20 -26.83 63.92
C VAL I 460 -51.40 -25.87 63.86
N ARG I 461 -52.59 -26.42 63.77
CA ARG I 461 -53.77 -25.58 63.68
C ARG I 461 -54.01 -24.83 64.98
N GLU I 462 -53.97 -25.54 66.11
CA GLU I 462 -54.24 -24.94 67.41
C GLU I 462 -53.23 -23.84 67.74
N ALA I 463 -51.94 -24.07 67.44
CA ALA I 463 -50.92 -23.07 67.74
C ALA I 463 -51.07 -21.83 66.88
N ALA I 464 -51.41 -22.00 65.60
CA ALA I 464 -51.67 -20.84 64.75
C ALA I 464 -52.85 -20.02 65.27
N GLU I 465 -53.87 -20.69 65.80
CA GLU I 465 -55.02 -19.96 66.29
C GLU I 465 -54.75 -19.20 67.55
N ALA I 466 -53.64 -19.49 68.22
CA ALA I 466 -53.20 -18.71 69.36
C ALA I 466 -52.03 -17.80 69.00
N GLY I 467 -51.77 -17.61 67.71
CA GLY I 467 -50.76 -16.66 67.29
C GLY I 467 -49.33 -17.14 67.29
N TYR I 468 -49.09 -18.45 67.18
CA TYR I 468 -47.74 -19.01 67.10
C TYR I 468 -47.61 -19.86 65.84
N GLY I 469 -46.50 -19.67 65.11
CA GLY I 469 -46.11 -20.55 64.03
C GLY I 469 -44.79 -21.27 64.34
N GLU I 470 -44.47 -22.25 63.51
CA GLU I 470 -43.25 -23.02 63.65
C GLU I 470 -42.19 -22.45 62.74
N TYR I 471 -40.92 -22.59 63.16
CA TYR I 471 -39.77 -22.17 62.38
C TYR I 471 -39.35 -23.19 61.32
N ARG I 472 -39.90 -24.40 61.31
CA ARG I 472 -39.35 -25.53 60.58
C ARG I 472 -40.28 -26.71 60.80
N THR I 473 -40.41 -27.63 59.85
CA THR I 473 -41.39 -28.69 60.04
C THR I 473 -41.06 -29.84 59.10
N HIS I 474 -41.71 -30.96 59.35
CA HIS I 474 -41.61 -32.23 58.63
C HIS I 474 -42.28 -32.14 57.27
N ASN I 475 -41.86 -33.04 56.36
CA ASN I 475 -42.50 -33.19 55.05
C ASN I 475 -44.02 -33.22 55.16
N ALA I 476 -44.57 -34.03 56.09
CA ALA I 476 -46.01 -34.27 56.20
C ALA I 476 -46.79 -33.05 56.69
N LEU I 477 -46.13 -32.06 57.25
CA LEU I 477 -46.81 -30.90 57.78
C LEU I 477 -46.55 -29.62 57.01
N MET I 478 -45.76 -29.68 55.93
CA MET I 478 -45.27 -28.48 55.26
C MET I 478 -46.42 -27.67 54.68
N ASP I 479 -47.35 -28.35 53.99
CA ASP I 479 -48.55 -27.66 53.50
C ASP I 479 -49.28 -26.96 54.64
N ASP I 480 -49.57 -27.71 55.72
CA ASP I 480 -50.40 -27.17 56.79
C ASP I 480 -49.72 -26.00 57.48
N VAL I 481 -48.38 -26.01 57.58
CA VAL I 481 -47.69 -24.93 58.27
C VAL I 481 -47.62 -23.67 57.40
N MET I 482 -47.28 -23.81 56.12
CA MET I 482 -47.31 -22.62 55.26
C MET I 482 -48.70 -22.00 55.24
N ALA I 483 -49.75 -22.82 55.29
CA ALA I 483 -51.11 -22.31 55.30
C ALA I 483 -51.42 -21.45 56.53
N THR I 484 -50.65 -21.58 57.60
CA THR I 484 -50.89 -20.72 58.74
C THR I 484 -50.27 -19.34 58.57
N PHE I 485 -49.38 -19.19 57.60
CA PHE I 485 -48.65 -17.95 57.33
C PHE I 485 -49.33 -17.13 56.25
N ASN I 486 -50.66 -17.00 56.37
CA ASN I 486 -51.56 -16.57 55.29
C ASN I 486 -52.17 -15.19 55.52
N TRP I 487 -51.48 -14.29 56.23
CA TRP I 487 -51.91 -12.89 56.32
C TRP I 487 -52.07 -12.30 54.92
N GLY I 488 -53.06 -11.42 54.77
CA GLY I 488 -53.36 -10.85 53.47
C GLY I 488 -53.80 -11.88 52.45
N ASP I 489 -54.59 -12.85 52.89
CA ASP I 489 -55.15 -13.89 52.02
C ASP I 489 -54.06 -14.71 51.31
N GLY I 490 -53.08 -15.16 52.08
CA GLY I 490 -52.02 -15.99 51.52
C GLY I 490 -51.07 -15.27 50.59
N ALA I 491 -50.68 -14.04 50.94
CA ALA I 491 -49.78 -13.24 50.12
C ALA I 491 -48.39 -13.87 50.02
N LEU I 492 -47.79 -14.23 51.17
CA LEU I 492 -46.42 -14.76 51.18
C LEU I 492 -46.26 -15.96 50.26
N LEU I 493 -47.24 -16.89 50.26
CA LEU I 493 -47.15 -18.07 49.40
C LEU I 493 -47.29 -17.71 47.92
N LYS I 494 -48.13 -16.73 47.59
CA LYS I 494 -48.26 -16.30 46.20
C LYS I 494 -46.98 -15.64 45.71
N PHE I 495 -46.35 -14.81 46.55
CA PHE I 495 -45.00 -14.29 46.30
C PHE I 495 -44.02 -15.42 45.99
N HIS I 496 -43.92 -16.43 46.88
CA HIS I 496 -42.97 -17.53 46.63
C HIS I 496 -43.32 -18.29 45.35
N GLU I 497 -44.61 -18.61 45.16
CA GLU I 497 -45.02 -19.36 43.97
C GLU I 497 -44.64 -18.67 42.66
N LYS I 498 -44.58 -17.33 42.66
CA LYS I 498 -44.26 -16.64 41.41
C LYS I 498 -42.76 -16.68 41.13
N ILE I 499 -41.95 -16.42 42.17
CA ILE I 499 -40.51 -16.58 42.07
C ILE I 499 -40.16 -17.99 41.68
N LYS I 500 -40.83 -18.96 42.31
CA LYS I 500 -40.60 -20.36 41.99
C LYS I 500 -40.86 -20.65 40.52
N ASP I 501 -42.00 -20.18 40.00
CA ASP I 501 -42.32 -20.50 38.61
C ASP I 501 -41.39 -19.77 37.65
N ALA I 502 -40.96 -18.55 37.97
CA ALA I 502 -40.06 -17.83 37.06
C ALA I 502 -38.69 -18.48 36.99
N LEU I 503 -38.18 -18.98 38.12
CA LEU I 503 -36.88 -19.65 38.14
C LEU I 503 -36.96 -21.12 37.76
N ASP I 504 -38.12 -21.75 37.93
CA ASP I 504 -38.29 -23.20 37.75
C ASP I 504 -39.50 -23.43 36.84
N PRO I 505 -39.42 -22.99 35.58
CA PRO I 505 -40.63 -23.08 34.72
C PRO I 505 -41.06 -24.51 34.44
N ASN I 506 -40.14 -25.47 34.46
CA ASN I 506 -40.52 -26.87 34.30
C ASN I 506 -40.86 -27.55 35.63
N GLY I 507 -40.65 -26.90 36.75
CA GLY I 507 -41.08 -27.42 38.04
C GLY I 507 -40.32 -28.65 38.49
N ILE I 508 -38.98 -28.56 38.47
CA ILE I 508 -38.15 -29.72 38.72
C ILE I 508 -37.69 -29.82 40.18
N ILE I 509 -37.33 -28.71 40.81
CA ILE I 509 -36.63 -28.75 42.10
C ILE I 509 -37.63 -28.89 43.26
N ALA I 510 -37.48 -30.00 44.05
CA ALA I 510 -38.21 -30.33 45.28
C ALA I 510 -39.60 -29.70 45.34
N PRO I 511 -40.49 -30.11 44.45
CA PRO I 511 -41.84 -29.57 44.46
C PRO I 511 -42.50 -29.80 45.81
N GLY I 512 -43.13 -28.74 46.35
CA GLY I 512 -43.85 -28.82 47.61
C GLY I 512 -43.02 -28.59 48.87
N LYS I 513 -41.72 -28.29 48.74
CA LYS I 513 -40.92 -27.92 49.89
C LYS I 513 -41.45 -26.62 50.50
N SER I 514 -41.57 -26.60 51.83
CA SER I 514 -42.20 -25.49 52.56
C SER I 514 -43.61 -25.17 52.05
N GLY I 515 -44.31 -26.13 51.45
CA GLY I 515 -45.61 -25.88 50.87
C GLY I 515 -45.60 -25.14 49.54
N ILE I 516 -44.44 -25.05 48.88
CA ILE I 516 -44.26 -24.25 47.68
C ILE I 516 -44.17 -25.21 46.50
N TRP I 517 -45.25 -25.26 45.72
CA TRP I 517 -45.46 -26.13 44.56
C TRP I 517 -45.35 -25.34 43.25
N PRO I 518 -44.71 -25.89 42.23
CA PRO I 518 -44.72 -25.24 40.90
C PRO I 518 -46.04 -25.51 40.18
N GLN I 519 -46.39 -24.56 39.28
CA GLN I 519 -47.74 -24.48 38.74
C GLN I 519 -48.25 -25.84 38.26
N ARG I 520 -47.40 -26.63 37.59
CA ARG I 520 -47.85 -27.92 37.07
C ARG I 520 -48.32 -28.87 38.16
N PHE I 521 -48.12 -28.56 39.45
CA PHE I 521 -48.55 -29.45 40.53
C PHE I 521 -49.65 -28.86 41.41
N ARG I 522 -49.92 -27.55 41.30
CA ARG I 522 -50.90 -26.91 42.17
C ARG I 522 -52.32 -27.31 41.76
N GLY I 523 -53.07 -27.86 42.71
CA GLY I 523 -54.39 -28.36 42.41
C GLY I 523 -54.52 -29.85 42.68
N GLN I 524 -53.49 -30.62 42.30
CA GLN I 524 -53.45 -32.04 42.56
C GLN I 524 -53.20 -32.30 44.04
N ASN I 525 -53.57 -33.51 44.49
CA ASN I 525 -53.28 -33.96 45.84
C ASN I 525 -51.81 -33.72 46.17
N LEU I 526 -50.94 -34.46 45.52
CA LEU I 526 -49.50 -34.34 45.73
C LEU I 526 -48.80 -34.00 44.42
N THR J 2 -63.16 13.55 -33.28
CA THR J 2 -62.84 13.04 -31.95
C THR J 2 -62.93 14.12 -30.87
N ARG J 3 -63.65 13.80 -29.80
CA ARG J 3 -63.75 14.68 -28.65
C ARG J 3 -62.38 14.81 -27.98
N THR J 4 -61.97 16.05 -27.70
CA THR J 4 -60.67 16.32 -27.08
C THR J 4 -60.76 16.06 -25.59
N LEU J 5 -59.90 15.17 -25.08
CA LEU J 5 -60.00 14.78 -23.68
C LEU J 5 -58.69 15.02 -22.94
N PRO J 6 -58.76 15.30 -21.63
CA PRO J 6 -57.54 15.48 -20.85
C PRO J 6 -56.78 14.16 -20.73
N PRO J 7 -55.45 14.21 -20.67
CA PRO J 7 -54.66 12.98 -20.58
C PRO J 7 -55.11 12.05 -19.46
N GLY J 8 -55.42 10.82 -19.86
CA GLY J 8 -55.71 9.75 -18.92
C GLY J 8 -57.11 9.73 -18.38
N VAL J 9 -58.02 10.51 -18.96
CA VAL J 9 -59.35 10.71 -18.38
C VAL J 9 -60.40 10.21 -19.38
N SER J 10 -61.15 9.18 -18.97
CA SER J 10 -62.17 8.55 -19.82
C SER J 10 -63.33 9.50 -20.08
N ASP J 11 -64.10 9.20 -21.12
CA ASP J 11 -65.28 10.00 -21.44
C ASP J 11 -66.19 10.12 -20.24
N GLU J 12 -66.43 9.01 -19.53
CA GLU J 12 -67.35 9.02 -18.41
C GLU J 12 -66.85 9.97 -17.33
N ARG J 13 -65.58 9.81 -16.93
CA ARG J 13 -65.00 10.66 -15.88
C ARG J 13 -65.05 12.13 -16.27
N PHE J 14 -64.74 12.43 -17.53
CA PHE J 14 -64.74 13.81 -17.98
C PHE J 14 -66.14 14.40 -18.00
N ASP J 15 -67.14 13.62 -18.46
CA ASP J 15 -68.53 14.06 -18.37
C ASP J 15 -68.91 14.35 -16.92
N ALA J 16 -68.45 13.52 -15.99
CA ALA J 16 -68.73 13.76 -14.58
C ALA J 16 -68.07 15.02 -14.09
N ALA J 17 -66.83 15.26 -14.54
CA ALA J 17 -66.12 16.47 -14.11
C ALA J 17 -66.77 17.72 -14.67
N LEU J 18 -67.19 17.68 -15.94
CA LEU J 18 -67.91 18.81 -16.50
C LEU J 18 -69.18 19.11 -15.71
N GLN J 19 -69.88 18.05 -15.25
CA GLN J 19 -71.10 18.28 -14.46
C GLN J 19 -70.78 18.94 -13.13
N ARG J 20 -69.73 18.49 -12.46
CA ARG J 20 -69.32 19.15 -11.23
C ARG J 20 -68.97 20.61 -11.49
N PHE J 21 -68.19 20.88 -12.56
CA PHE J 21 -67.92 22.26 -12.97
C PHE J 21 -69.21 23.05 -13.12
N ARG J 22 -70.22 22.45 -13.77
CA ARG J 22 -71.49 23.14 -13.97
C ARG J 22 -72.19 23.40 -12.64
N ASP J 23 -72.05 22.50 -11.65
CA ASP J 23 -72.66 22.75 -10.35
C ASP J 23 -72.05 23.95 -9.65
N VAL J 24 -70.88 24.40 -10.08
CA VAL J 24 -70.16 25.45 -9.36
C VAL J 24 -70.31 26.81 -10.03
N VAL J 25 -70.21 26.85 -11.35
CA VAL J 25 -70.28 28.13 -12.05
C VAL J 25 -71.62 28.34 -12.75
N GLY J 26 -72.48 27.31 -12.83
CA GLY J 26 -73.71 27.37 -13.63
C GLY J 26 -73.43 26.86 -15.04
N ASP J 27 -74.36 26.13 -15.69
CA ASP J 27 -73.98 25.48 -16.96
C ASP J 27 -73.96 26.43 -18.16
N LYS J 28 -74.44 27.66 -18.01
CA LYS J 28 -74.17 28.69 -19.01
C LYS J 28 -72.68 28.86 -19.26
N TRP J 29 -71.87 28.67 -18.23
CA TRP J 29 -70.49 29.13 -18.20
C TRP J 29 -69.49 27.98 -18.31
N VAL J 30 -69.93 26.84 -18.82
CA VAL J 30 -69.05 25.73 -19.15
C VAL J 30 -69.23 25.47 -20.64
N LEU J 31 -68.14 25.51 -21.40
CA LEU J 31 -68.15 25.24 -22.84
C LEU J 31 -67.37 23.97 -23.08
N SER J 32 -67.91 23.07 -23.93
CA SER J 32 -67.18 21.85 -24.22
C SER J 32 -67.43 21.31 -25.63
N THR J 33 -67.94 22.11 -26.56
CA THR J 33 -68.21 21.64 -27.91
C THR J 33 -67.38 22.43 -28.91
N ALA J 34 -66.93 21.72 -29.95
CA ALA J 34 -66.01 22.19 -30.99
C ALA J 34 -66.15 23.67 -31.40
N ASP J 35 -67.39 24.16 -31.57
CA ASP J 35 -67.65 25.47 -32.15
C ASP J 35 -67.58 26.63 -31.14
N GLU J 36 -68.08 26.43 -29.91
CA GLU J 36 -67.87 27.42 -28.86
C GLU J 36 -66.40 27.49 -28.47
N LEU J 37 -65.66 26.39 -28.65
CA LEU J 37 -64.24 26.37 -28.33
C LEU J 37 -63.37 27.07 -29.36
N GLU J 38 -63.80 27.14 -30.63
CA GLU J 38 -62.87 27.43 -31.71
C GLU J 38 -62.24 28.81 -31.54
N ALA J 39 -62.98 29.74 -30.91
CA ALA J 39 -62.36 31.01 -30.56
C ALA J 39 -61.34 30.88 -29.43
N PHE J 40 -61.26 29.73 -28.76
CA PHE J 40 -60.28 29.52 -27.71
C PHE J 40 -59.07 28.74 -28.19
N ARG J 41 -59.14 28.13 -29.38
CA ARG J 41 -57.97 27.68 -30.10
C ARG J 41 -57.04 28.86 -30.37
N ASP J 42 -55.79 28.56 -30.69
CA ASP J 42 -54.85 29.62 -31.04
C ASP J 42 -55.30 30.28 -32.33
N PRO J 43 -55.58 31.59 -32.33
CA PRO J 43 -56.00 32.24 -33.58
C PRO J 43 -54.86 32.44 -34.58
N TYR J 44 -53.60 32.44 -34.13
CA TYR J 44 -52.46 32.49 -35.03
C TYR J 44 -51.73 31.15 -34.98
N PRO J 45 -52.34 30.07 -35.50
CA PRO J 45 -51.79 28.72 -35.26
C PRO J 45 -50.41 28.54 -35.88
N VAL J 46 -49.67 27.61 -35.27
CA VAL J 46 -48.25 27.42 -35.52
C VAL J 46 -47.99 25.94 -35.66
N GLY J 47 -47.46 25.53 -36.81
CA GLY J 47 -47.37 24.12 -37.16
C GLY J 47 -48.50 23.69 -38.08
N ALA J 48 -48.21 22.68 -38.92
CA ALA J 48 -49.21 22.13 -39.81
C ALA J 48 -50.29 21.39 -39.03
N ALA J 49 -49.87 20.48 -38.15
CA ALA J 49 -50.77 19.63 -37.41
C ALA J 49 -51.57 20.42 -36.36
N GLU J 50 -52.69 19.82 -35.96
CA GLU J 50 -53.41 20.31 -34.78
C GLU J 50 -52.52 20.25 -33.55
N ALA J 51 -52.59 21.30 -32.73
CA ALA J 51 -51.94 21.30 -31.42
C ALA J 51 -52.63 22.31 -30.51
N ASN J 52 -52.34 22.20 -29.22
CA ASN J 52 -52.79 23.15 -28.21
C ASN J 52 -54.33 23.17 -28.14
N LEU J 53 -54.92 21.99 -27.89
CA LEU J 53 -56.36 21.80 -27.97
C LEU J 53 -56.98 21.89 -26.59
N PRO J 54 -57.85 22.86 -26.33
CA PRO J 54 -58.62 22.85 -25.08
C PRO J 54 -59.71 21.79 -25.14
N SER J 55 -59.92 21.11 -24.01
CA SER J 55 -61.06 20.21 -23.87
C SER J 55 -62.34 20.92 -23.44
N ALA J 56 -62.22 22.02 -22.71
CA ALA J 56 -63.37 22.77 -22.23
C ALA J 56 -62.92 24.15 -21.74
N VAL J 57 -63.91 25.01 -21.48
CA VAL J 57 -63.66 26.32 -20.90
C VAL J 57 -64.66 26.52 -19.77
N VAL J 58 -64.16 26.81 -18.57
CA VAL J 58 -64.98 27.12 -17.41
C VAL J 58 -64.74 28.57 -17.05
N SER J 59 -65.82 29.33 -16.85
CA SER J 59 -65.77 30.77 -16.54
C SER J 59 -66.32 31.06 -15.14
N PRO J 60 -65.45 31.21 -14.13
CA PRO J 60 -65.91 31.41 -12.75
C PRO J 60 -66.24 32.86 -12.46
N GLU J 61 -67.03 33.04 -11.40
CA GLU J 61 -67.58 34.33 -11.01
C GLU J 61 -66.88 34.95 -9.81
N SER J 62 -66.22 34.15 -8.98
CA SER J 62 -65.71 34.62 -7.71
C SER J 62 -64.42 33.89 -7.45
N THR J 63 -63.63 34.41 -6.48
CA THR J 63 -62.45 33.67 -6.02
C THR J 63 -62.84 32.29 -5.54
N GLU J 64 -63.98 32.20 -4.92
CA GLU J 64 -64.31 30.95 -4.30
C GLU J 64 -64.78 29.93 -5.34
N GLN J 65 -65.38 30.39 -6.43
CA GLN J 65 -65.66 29.47 -7.52
C GLN J 65 -64.36 28.94 -8.12
N VAL J 66 -63.32 29.77 -8.18
CA VAL J 66 -62.02 29.29 -8.61
C VAL J 66 -61.53 28.22 -7.63
N GLN J 67 -61.74 28.44 -6.34
CA GLN J 67 -61.33 27.43 -5.36
C GLN J 67 -62.03 26.10 -5.60
N ASP J 68 -63.32 26.12 -5.96
CA ASP J 68 -64.07 24.88 -6.15
C ASP J 68 -63.61 24.16 -7.42
N ILE J 69 -63.36 24.92 -8.48
CA ILE J 69 -62.87 24.33 -9.73
C ILE J 69 -61.55 23.62 -9.51
N VAL J 70 -60.65 24.26 -8.77
CA VAL J 70 -59.32 23.68 -8.58
C VAL J 70 -59.42 22.38 -7.78
N ARG J 71 -60.30 22.35 -6.79
CA ARG J 71 -60.53 21.13 -6.01
C ARG J 71 -61.09 20.01 -6.89
N ILE J 72 -62.11 20.32 -7.70
CA ILE J 72 -62.70 19.31 -8.57
C ILE J 72 -61.66 18.80 -9.57
N ALA J 73 -60.80 19.71 -10.05
CA ALA J 73 -59.71 19.31 -10.94
C ALA J 73 -58.72 18.39 -10.24
N ASN J 74 -58.53 18.56 -8.93
CA ASN J 74 -57.65 17.64 -8.19
C ASN J 74 -58.31 16.28 -8.02
N GLU J 75 -59.62 16.25 -7.77
CA GLU J 75 -60.32 14.97 -7.61
C GLU J 75 -60.19 14.13 -8.87
N TYR J 76 -60.39 14.73 -10.04
CA TYR J 76 -60.49 14.01 -11.30
C TYR J 76 -59.20 14.04 -12.11
N GLY J 77 -58.17 14.72 -11.62
CA GLY J 77 -56.89 14.85 -12.32
C GLY J 77 -56.97 15.52 -13.69
N ILE J 78 -57.63 16.67 -13.78
CA ILE J 78 -57.82 17.38 -15.05
C ILE J 78 -56.97 18.63 -15.05
N PRO J 79 -56.18 18.87 -16.10
CA PRO J 79 -55.30 20.05 -16.13
C PRO J 79 -56.10 21.35 -16.28
N LEU J 80 -55.62 22.42 -15.66
CA LEU J 80 -56.26 23.73 -15.78
C LEU J 80 -55.26 24.75 -16.34
N HIS J 81 -55.66 25.43 -17.42
CA HIS J 81 -54.89 26.54 -17.96
C HIS J 81 -55.64 27.83 -17.65
N PRO J 82 -55.27 28.55 -16.59
CA PRO J 82 -55.98 29.80 -16.30
C PRO J 82 -55.52 30.91 -17.23
N VAL J 83 -56.48 31.71 -17.68
CA VAL J 83 -56.21 32.90 -18.49
C VAL J 83 -57.05 34.04 -17.94
N SER J 84 -56.62 35.25 -18.20
CA SER J 84 -57.46 36.39 -17.88
C SER J 84 -58.42 36.71 -19.02
N THR J 85 -57.98 37.45 -20.04
CA THR J 85 -58.79 37.75 -21.21
C THR J 85 -58.44 36.83 -22.37
N GLY J 86 -57.43 35.99 -22.21
CA GLY J 86 -57.02 35.02 -23.21
C GLY J 86 -56.61 35.62 -24.52
N LYS J 87 -56.09 36.85 -24.52
CA LYS J 87 -55.66 37.55 -25.72
C LYS J 87 -54.14 37.50 -25.94
N ASN J 88 -53.49 36.43 -25.48
CA ASN J 88 -52.05 36.30 -25.63
C ASN J 88 -51.73 35.97 -27.09
N ASN J 89 -52.26 36.77 -28.02
CA ASN J 89 -52.04 36.51 -29.45
C ASN J 89 -50.58 36.80 -29.81
N GLY J 90 -49.97 35.87 -30.55
CA GLY J 90 -48.54 35.83 -30.77
C GLY J 90 -47.84 34.77 -29.97
N TYR J 91 -48.45 34.35 -28.85
CA TYR J 91 -47.88 33.33 -28.00
C TYR J 91 -48.83 32.18 -27.75
N GLY J 92 -49.97 32.14 -28.42
CA GLY J 92 -50.88 31.01 -28.31
C GLY J 92 -52.32 31.42 -28.10
N GLY J 93 -52.60 32.70 -27.88
CA GLY J 93 -53.94 33.09 -27.48
C GLY J 93 -54.32 32.50 -26.13
N ALA J 94 -55.57 32.02 -26.03
CA ALA J 94 -56.07 31.36 -24.83
C ALA J 94 -55.67 29.89 -24.77
N ALA J 95 -55.12 29.34 -25.85
CA ALA J 95 -54.98 27.89 -25.94
C ALA J 95 -53.97 27.36 -24.94
N PRO J 96 -54.21 26.19 -24.36
CA PRO J 96 -53.28 25.63 -23.38
C PRO J 96 -52.07 25.00 -24.05
N ARG J 97 -50.97 24.94 -23.31
CA ARG J 97 -49.77 24.31 -23.86
C ARG J 97 -49.95 22.81 -23.95
N LEU J 98 -50.58 22.21 -22.94
CA LEU J 98 -50.97 20.80 -22.98
C LEU J 98 -52.38 20.65 -23.57
N SER J 99 -52.48 19.92 -24.68
CA SER J 99 -53.79 19.56 -25.22
C SER J 99 -54.55 18.70 -24.23
N GLY J 100 -55.86 18.89 -24.16
CA GLY J 100 -56.70 18.23 -23.18
C GLY J 100 -57.01 19.05 -21.94
N SER J 101 -56.33 20.16 -21.74
CA SER J 101 -56.52 20.96 -20.54
C SER J 101 -57.80 21.78 -20.64
N VAL J 102 -58.43 22.00 -19.49
CA VAL J 102 -59.59 22.86 -19.37
C VAL J 102 -59.14 24.29 -19.11
N ILE J 103 -59.59 25.22 -19.94
CA ILE J 103 -59.27 26.63 -19.73
C ILE J 103 -60.22 27.21 -18.68
N VAL J 104 -59.63 27.88 -17.69
CA VAL J 104 -60.35 28.67 -16.70
C VAL J 104 -60.21 30.13 -17.12
N LYS J 105 -61.22 30.64 -17.85
CA LYS J 105 -61.27 32.05 -18.24
C LYS J 105 -61.84 32.86 -17.09
N THR J 106 -60.96 33.31 -16.19
CA THR J 106 -61.31 34.18 -15.07
C THR J 106 -61.84 35.54 -15.54
N GLY J 107 -61.34 36.08 -16.65
CA GLY J 107 -61.73 37.44 -17.02
C GLY J 107 -63.13 37.58 -17.58
N GLU J 108 -63.80 36.46 -17.85
CA GLU J 108 -65.12 36.54 -18.44
C GLU J 108 -66.08 37.28 -17.52
N ARG J 109 -66.11 36.87 -16.25
CA ARG J 109 -67.02 37.40 -15.24
C ARG J 109 -66.32 38.07 -14.06
N MET J 110 -65.06 37.73 -13.78
CA MET J 110 -64.29 38.47 -12.77
C MET J 110 -63.62 39.62 -13.50
N ASN J 111 -64.44 40.64 -13.83
CA ASN J 111 -64.01 41.72 -14.71
C ASN J 111 -64.19 43.08 -14.06
N ARG J 112 -64.06 43.16 -12.74
CA ARG J 112 -64.46 44.32 -11.97
C ARG J 112 -63.23 45.09 -11.45
N ILE J 113 -63.27 46.41 -11.64
CA ILE J 113 -62.34 47.34 -10.98
C ILE J 113 -62.76 47.45 -9.51
N LEU J 114 -61.91 46.95 -8.60
CA LEU J 114 -62.26 46.92 -7.18
C LEU J 114 -61.87 48.18 -6.42
N GLU J 115 -60.84 48.89 -6.90
CA GLU J 115 -60.45 50.17 -6.32
C GLU J 115 -59.52 50.90 -7.30
N VAL J 116 -59.76 52.20 -7.46
CA VAL J 116 -58.77 53.13 -8.00
C VAL J 116 -58.58 54.22 -6.97
N ASN J 117 -57.37 54.29 -6.39
CA ASN J 117 -57.05 55.24 -5.35
C ASN J 117 -56.37 56.46 -5.96
N GLU J 118 -57.01 57.63 -5.86
CA GLU J 118 -56.49 58.83 -6.51
C GLU J 118 -55.38 59.49 -5.71
N LYS J 119 -55.41 59.40 -4.39
CA LYS J 119 -54.39 60.05 -3.59
C LYS J 119 -53.04 59.36 -3.73
N TYR J 120 -53.01 58.03 -3.58
CA TYR J 120 -51.77 57.26 -3.64
C TYR J 120 -51.49 56.67 -5.02
N GLY J 121 -52.44 56.77 -5.96
CA GLY J 121 -52.25 56.33 -7.33
C GLY J 121 -52.02 54.84 -7.56
N TYR J 122 -53.05 54.03 -7.39
CA TYR J 122 -52.94 52.61 -7.68
C TYR J 122 -54.32 52.09 -8.08
N ALA J 123 -54.38 50.83 -8.53
CA ALA J 123 -55.66 50.15 -8.81
C ALA J 123 -55.62 48.70 -8.29
N LEU J 124 -56.76 48.23 -7.83
CA LEU J 124 -56.93 46.82 -7.45
C LEU J 124 -57.93 46.24 -8.42
N LEU J 125 -57.55 45.15 -9.11
CA LEU J 125 -58.23 44.72 -10.32
C LEU J 125 -58.45 43.22 -10.32
N GLU J 126 -59.55 42.81 -10.92
CA GLU J 126 -59.72 41.41 -11.28
C GLU J 126 -59.20 41.19 -12.70
N PRO J 127 -59.03 39.92 -13.10
CA PRO J 127 -58.40 39.63 -14.40
C PRO J 127 -59.13 40.16 -15.62
N GLY J 128 -60.42 40.44 -15.55
CA GLY J 128 -61.18 40.81 -16.73
C GLY J 128 -61.13 42.26 -17.10
N VAL J 129 -60.47 43.09 -16.29
CA VAL J 129 -60.44 44.52 -16.53
C VAL J 129 -59.47 44.79 -17.67
N THR J 130 -59.99 45.16 -18.84
CA THR J 130 -59.09 45.41 -19.96
C THR J 130 -58.46 46.80 -19.81
N TYR J 131 -57.45 47.04 -20.63
CA TYR J 131 -56.92 48.40 -20.71
C TYR J 131 -57.99 49.38 -21.18
N PHE J 132 -58.85 48.97 -22.10
CA PHE J 132 -59.93 49.85 -22.49
C PHE J 132 -60.88 50.10 -21.32
N ASP J 133 -61.17 49.06 -20.53
CA ASP J 133 -62.03 49.23 -19.35
C ASP J 133 -61.43 50.23 -18.36
N LEU J 134 -60.14 50.09 -18.05
CA LEU J 134 -59.50 50.97 -17.07
C LEU J 134 -59.41 52.40 -17.57
N TYR J 135 -59.05 52.59 -18.85
CA TYR J 135 -59.02 53.94 -19.42
C TYR J 135 -60.38 54.63 -19.32
N GLU J 136 -61.48 53.91 -19.64
CA GLU J 136 -62.80 54.53 -19.60
C GLU J 136 -63.17 54.91 -18.17
N TYR J 137 -62.88 54.01 -17.22
CA TYR J 137 -63.10 54.32 -15.81
C TYR J 137 -62.33 55.59 -15.42
N LEU J 138 -61.07 55.70 -15.83
CA LEU J 138 -60.30 56.87 -15.45
C LEU J 138 -60.88 58.13 -16.06
N GLN J 139 -61.33 58.09 -17.32
CA GLN J 139 -61.96 59.27 -17.95
C GLN J 139 -63.25 59.65 -17.25
N SER J 140 -64.11 58.67 -16.95
CA SER J 140 -65.40 58.96 -16.29
C SER J 140 -65.22 59.66 -14.95
N HIS J 141 -64.24 59.23 -14.15
CA HIS J 141 -64.06 59.80 -12.82
C HIS J 141 -63.06 60.94 -12.81
N ASP J 142 -62.75 61.50 -13.99
CA ASP J 142 -61.92 62.70 -14.09
C ASP J 142 -60.58 62.51 -13.40
N SER J 143 -60.02 61.31 -13.58
CA SER J 143 -58.80 60.89 -12.92
C SER J 143 -57.64 61.84 -13.22
N GLY J 144 -56.75 61.97 -12.24
CA GLY J 144 -55.45 62.52 -12.56
C GLY J 144 -54.40 61.47 -12.90
N LEU J 145 -54.76 60.20 -13.00
CA LEU J 145 -53.84 59.11 -13.29
C LEU J 145 -53.88 58.73 -14.77
N MET J 146 -52.89 57.96 -15.19
CA MET J 146 -52.87 57.33 -16.50
C MET J 146 -52.40 55.88 -16.36
N LEU J 147 -52.82 55.03 -17.28
CA LEU J 147 -52.36 53.65 -17.24
C LEU J 147 -51.15 53.49 -18.14
N ASP J 148 -50.62 52.27 -18.17
CA ASP J 148 -49.55 51.92 -19.09
C ASP J 148 -50.03 50.70 -19.86
N CYS J 149 -50.25 50.87 -21.17
CA CYS J 149 -50.84 49.81 -21.97
C CYS J 149 -49.87 49.32 -23.06
N PRO J 150 -49.97 48.04 -23.40
CA PRO J 150 -49.23 47.49 -24.54
C PRO J 150 -49.80 48.00 -25.85
N ASP J 151 -49.35 47.44 -26.99
CA ASP J 151 -49.74 47.94 -28.31
C ASP J 151 -51.22 47.76 -28.61
N LEU J 152 -51.89 46.81 -27.95
CA LEU J 152 -53.31 46.55 -28.16
C LEU J 152 -54.05 46.63 -26.83
N GLY J 153 -55.14 47.39 -26.80
CA GLY J 153 -55.81 47.66 -25.56
C GLY J 153 -56.78 46.61 -25.10
N TRP J 154 -56.99 45.55 -25.88
CA TRP J 154 -58.05 44.62 -25.53
C TRP J 154 -57.57 43.53 -24.59
N GLY J 155 -56.29 43.53 -24.24
CA GLY J 155 -55.78 42.61 -23.25
C GLY J 155 -56.07 43.07 -21.83
N SER J 156 -55.56 42.30 -20.87
CA SER J 156 -55.85 42.46 -19.46
C SER J 156 -54.68 43.12 -18.74
N VAL J 157 -54.96 44.12 -17.91
CA VAL J 157 -53.90 44.64 -17.05
C VAL J 157 -53.24 43.50 -16.28
N VAL J 158 -54.05 42.57 -15.78
CA VAL J 158 -53.54 41.47 -14.95
C VAL J 158 -52.82 40.45 -15.81
N GLY J 159 -53.52 39.86 -16.78
CA GLY J 159 -52.94 38.83 -17.62
C GLY J 159 -51.63 39.24 -18.26
N ASN J 160 -51.59 40.44 -18.83
CA ASN J 160 -50.35 40.93 -19.43
C ASN J 160 -49.22 40.99 -18.40
N THR J 161 -49.49 41.57 -17.24
CA THR J 161 -48.52 41.58 -16.15
C THR J 161 -48.05 40.17 -15.79
N LEU J 162 -48.95 39.18 -15.84
CA LEU J 162 -48.58 37.83 -15.41
C LEU J 162 -47.74 37.09 -16.43
N ASP J 163 -47.64 37.57 -17.68
CA ASP J 163 -46.70 37.08 -18.68
C ASP J 163 -45.49 38.00 -18.79
N ARG J 164 -45.39 39.00 -17.90
CA ARG J 164 -44.33 40.00 -17.86
C ARG J 164 -44.25 40.77 -19.18
N GLY J 165 -45.43 41.10 -19.74
CA GLY J 165 -45.51 42.03 -20.86
C GLY J 165 -45.17 43.46 -20.47
N VAL J 166 -45.11 44.33 -21.48
CA VAL J 166 -44.57 45.67 -21.30
C VAL J 166 -45.35 46.69 -22.10
N GLY J 167 -45.23 47.94 -21.68
CA GLY J 167 -45.82 49.07 -22.34
C GLY J 167 -44.77 50.15 -22.48
N TYR J 168 -45.19 51.39 -22.70
CA TYR J 168 -44.25 52.35 -23.26
C TYR J 168 -44.25 53.70 -22.54
N THR J 169 -44.95 53.84 -21.42
CA THR J 169 -44.76 55.03 -20.59
C THR J 169 -43.60 54.80 -19.61
N PRO J 170 -43.23 55.76 -18.76
CA PRO J 170 -42.23 55.44 -17.72
C PRO J 170 -42.65 54.32 -16.79
N TYR J 171 -43.94 54.00 -16.67
CA TYR J 171 -44.35 52.79 -15.97
C TYR J 171 -44.44 51.57 -16.92
N GLY J 172 -43.67 51.55 -18.02
CA GLY J 172 -43.64 50.43 -18.95
C GLY J 172 -43.40 49.03 -18.37
N ASP J 173 -42.61 48.90 -17.30
CA ASP J 173 -42.34 47.58 -16.69
C ASP J 173 -43.55 47.21 -15.84
N HIS J 174 -44.50 46.46 -16.43
CA HIS J 174 -45.73 46.15 -15.70
C HIS J 174 -45.43 45.42 -14.40
N PHE J 175 -44.55 44.43 -14.44
CA PHE J 175 -44.34 43.60 -13.26
C PHE J 175 -43.78 44.41 -12.11
N MET J 176 -42.84 45.31 -12.40
CA MET J 176 -42.28 46.17 -11.38
C MET J 176 -43.39 46.82 -10.55
N TRP J 177 -44.33 47.48 -11.23
CA TRP J 177 -45.35 48.26 -10.55
C TRP J 177 -46.49 47.40 -10.03
N GLN J 178 -46.54 46.12 -10.39
CA GLN J 178 -47.50 45.25 -9.72
C GLN J 178 -47.26 45.29 -8.21
N THR J 179 -48.36 45.40 -7.46
CA THR J 179 -48.28 45.59 -6.00
C THR J 179 -49.42 44.83 -5.36
N GLY J 180 -49.12 43.63 -4.86
CA GLY J 180 -50.10 42.78 -4.23
C GLY J 180 -50.88 41.95 -5.22
N LEU J 181 -51.10 40.67 -4.91
CA LEU J 181 -52.02 39.85 -5.69
C LEU J 181 -52.68 38.85 -4.75
N GLU J 182 -53.83 38.36 -5.18
CA GLU J 182 -54.52 37.24 -4.53
C GLU J 182 -54.48 36.07 -5.51
N VAL J 183 -54.18 34.88 -4.99
CA VAL J 183 -53.96 33.71 -5.84
C VAL J 183 -54.57 32.48 -5.15
N VAL J 184 -55.20 31.63 -5.95
CA VAL J 184 -55.65 30.32 -5.53
C VAL J 184 -54.52 29.36 -5.86
N LEU J 185 -53.90 28.77 -4.81
CA LEU J 185 -52.81 27.81 -4.95
C LEU J 185 -53.37 26.52 -5.57
N PRO J 186 -52.50 25.56 -5.95
CA PRO J 186 -52.98 24.51 -6.87
C PRO J 186 -53.78 23.38 -6.23
N GLN J 187 -53.92 23.34 -4.91
CA GLN J 187 -54.86 22.41 -4.31
C GLN J 187 -56.09 23.11 -3.76
N GLY J 188 -56.24 24.41 -4.03
CA GLY J 188 -57.45 25.14 -3.70
C GLY J 188 -57.27 26.23 -2.66
N GLU J 189 -56.17 26.26 -1.93
CA GLU J 189 -55.99 27.25 -0.87
C GLU J 189 -55.85 28.64 -1.48
N VAL J 190 -56.33 29.66 -0.78
CA VAL J 190 -56.24 31.03 -1.26
C VAL J 190 -55.24 31.80 -0.39
N MET J 191 -54.48 32.69 -1.03
CA MET J 191 -53.41 33.41 -0.37
C MET J 191 -53.33 34.83 -0.92
N ARG J 192 -53.00 35.78 -0.05
CA ARG J 192 -52.64 37.14 -0.43
C ARG J 192 -51.17 37.41 -0.14
N THR J 193 -50.53 38.15 -1.04
CA THR J 193 -49.13 38.53 -0.89
C THR J 193 -49.01 39.92 -0.29
N GLY J 194 -47.82 40.18 0.28
CA GLY J 194 -47.44 41.50 0.70
C GLY J 194 -48.28 41.91 1.89
N MET J 195 -48.59 43.19 1.95
CA MET J 195 -49.40 43.72 3.03
C MET J 195 -50.82 43.17 2.98
N GLY J 196 -51.22 42.56 1.86
CA GLY J 196 -52.50 41.87 1.83
C GLY J 196 -52.62 40.73 2.82
N ALA J 197 -51.48 40.17 3.27
CA ALA J 197 -51.46 39.07 4.22
C ALA J 197 -51.77 39.50 5.64
N LEU J 198 -51.65 40.80 5.91
CA LEU J 198 -51.93 41.38 7.21
C LEU J 198 -53.37 41.92 7.22
N PRO J 199 -54.31 41.25 7.89
CA PRO J 199 -55.71 41.72 7.87
C PRO J 199 -55.84 43.15 8.37
N GLY J 200 -56.72 43.90 7.73
CA GLY J 200 -56.95 45.28 8.10
C GLY J 200 -55.91 46.27 7.66
N SER J 201 -54.89 45.85 6.93
CA SER J 201 -53.91 46.79 6.40
C SER J 201 -54.51 47.44 5.16
N ASP J 202 -54.38 48.77 5.07
CA ASP J 202 -54.70 49.51 3.86
C ASP J 202 -53.50 49.63 2.91
N ALA J 203 -52.41 48.90 3.16
CA ALA J 203 -51.17 49.11 2.42
C ALA J 203 -50.93 48.06 1.33
N TRP J 204 -51.95 47.26 0.99
CA TRP J 204 -51.76 46.18 0.03
C TRP J 204 -51.16 46.66 -1.30
N GLN J 205 -51.59 47.83 -1.77
CA GLN J 205 -51.08 48.40 -3.01
C GLN J 205 -50.13 49.56 -2.77
N LEU J 206 -49.74 49.81 -1.52
CA LEU J 206 -48.73 50.83 -1.23
C LEU J 206 -47.33 50.25 -1.12
N PHE J 207 -47.18 49.09 -0.47
CA PHE J 207 -45.89 48.50 -0.19
C PHE J 207 -45.82 47.13 -0.83
N PRO J 208 -44.94 46.88 -1.79
CA PRO J 208 -45.00 45.58 -2.50
C PRO J 208 -44.54 44.40 -1.67
N TYR J 209 -43.50 44.57 -0.86
CA TYR J 209 -42.74 43.40 -0.42
C TYR J 209 -43.43 42.65 0.72
N GLY J 210 -44.01 43.36 1.68
CA GLY J 210 -44.47 42.64 2.86
C GLY J 210 -43.30 42.22 3.75
N PHE J 211 -43.42 41.03 4.32
CA PHE J 211 -42.43 40.47 5.24
C PHE J 211 -42.15 39.05 4.78
N GLY J 212 -40.89 38.61 4.94
CA GLY J 212 -40.49 37.30 4.49
C GLY J 212 -40.12 37.26 3.02
N PRO J 213 -39.80 36.05 2.51
CA PRO J 213 -39.53 35.88 1.07
C PRO J 213 -40.62 36.48 0.19
N PHE J 214 -40.18 37.22 -0.85
CA PHE J 214 -41.04 37.92 -1.80
C PHE J 214 -41.50 36.99 -2.93
N PRO J 215 -42.74 36.48 -2.92
CA PRO J 215 -43.09 35.40 -3.86
C PRO J 215 -43.79 35.84 -5.14
N ASP J 216 -44.23 37.10 -5.24
CA ASP J 216 -45.07 37.54 -6.36
C ASP J 216 -44.50 37.17 -7.71
N GLY J 217 -43.18 37.26 -7.85
CA GLY J 217 -42.56 36.92 -9.11
C GLY J 217 -42.74 35.48 -9.52
N MET J 218 -42.80 34.58 -8.54
CA MET J 218 -43.03 33.17 -8.83
C MET J 218 -44.37 32.91 -9.53
N PHE J 219 -45.28 33.87 -9.56
CA PHE J 219 -46.57 33.69 -10.22
C PHE J 219 -46.64 34.34 -11.61
N THR J 220 -45.54 34.87 -12.11
CA THR J 220 -45.43 35.38 -13.49
C THR J 220 -44.73 34.35 -14.37
N GLN J 221 -45.27 34.14 -15.58
CA GLN J 221 -44.76 33.12 -16.52
C GLN J 221 -44.61 31.76 -15.84
N SER J 222 -45.65 31.37 -15.11
CA SER J 222 -45.58 30.24 -14.18
C SER J 222 -46.89 29.47 -14.16
N ASN J 223 -46.89 28.39 -13.38
CA ASN J 223 -48.04 27.51 -13.26
C ASN J 223 -48.20 27.08 -11.81
N LEU J 224 -48.19 28.06 -10.91
CA LEU J 224 -48.27 27.83 -9.48
C LEU J 224 -49.60 28.27 -8.87
N GLY J 225 -50.52 28.79 -9.66
CA GLY J 225 -51.79 29.20 -9.07
C GLY J 225 -52.66 29.89 -10.10
N ILE J 226 -53.85 30.25 -9.66
CA ILE J 226 -54.79 31.03 -10.46
C ILE J 226 -54.96 32.37 -9.72
N VAL J 227 -54.41 33.43 -10.32
CA VAL J 227 -54.51 34.77 -9.76
C VAL J 227 -55.94 35.28 -9.93
N THR J 228 -56.50 35.85 -8.87
CA THR J 228 -57.88 36.34 -8.89
C THR J 228 -58.01 37.81 -8.58
N LYS J 229 -57.02 38.43 -7.95
CA LYS J 229 -56.93 39.87 -7.77
C LYS J 229 -55.47 40.29 -7.92
N MET J 230 -55.26 41.54 -8.36
CA MET J 230 -53.89 42.04 -8.48
C MET J 230 -53.88 43.56 -8.42
N GLY J 231 -52.88 44.12 -7.72
CA GLY J 231 -52.71 45.55 -7.63
C GLY J 231 -51.63 46.04 -8.57
N ILE J 232 -51.74 47.31 -8.97
CA ILE J 232 -50.74 47.97 -9.80
C ILE J 232 -50.75 49.45 -9.46
N ALA J 233 -49.55 50.04 -9.39
CA ALA J 233 -49.40 51.48 -9.25
C ALA J 233 -49.74 52.19 -10.55
N LEU J 234 -50.23 53.42 -10.44
CA LEU J 234 -50.56 54.21 -11.61
C LEU J 234 -49.83 55.54 -11.51
N MET J 235 -49.19 55.93 -12.61
CA MET J 235 -48.47 57.19 -12.65
C MET J 235 -49.44 58.38 -12.73
N GLN J 236 -49.01 59.52 -12.19
CA GLN J 236 -49.76 60.76 -12.40
C GLN J 236 -49.52 61.27 -13.82
N ARG J 237 -50.57 61.77 -14.46
CA ARG J 237 -50.44 62.24 -15.82
C ARG J 237 -49.72 63.59 -15.84
N PRO J 238 -48.66 63.74 -16.63
CA PRO J 238 -47.92 65.03 -16.71
C PRO J 238 -48.76 66.12 -17.34
N PRO J 239 -48.41 67.41 -17.12
CA PRO J 239 -49.24 68.48 -17.67
C PRO J 239 -49.25 68.53 -19.19
N ALA J 240 -48.17 68.09 -19.84
CA ALA J 240 -48.12 68.10 -21.30
C ALA J 240 -47.22 66.97 -21.79
N SER J 241 -47.38 66.61 -23.06
CA SER J 241 -46.57 65.56 -23.67
C SER J 241 -46.30 65.93 -25.13
N GLN J 242 -45.29 65.29 -25.72
CA GLN J 242 -45.03 65.50 -27.14
C GLN J 242 -44.30 64.29 -27.70
N SER J 243 -44.80 63.76 -28.81
CA SER J 243 -44.19 62.57 -29.38
C SER J 243 -43.38 62.95 -30.61
N PHE J 244 -42.37 62.15 -30.93
CA PHE J 244 -41.57 62.43 -32.12
C PHE J 244 -41.25 61.16 -32.87
N LEU J 245 -40.83 61.37 -34.12
CA LEU J 245 -40.36 60.33 -35.03
C LEU J 245 -39.03 60.76 -35.61
N ILE J 246 -38.08 59.83 -35.69
CA ILE J 246 -36.84 60.02 -36.44
C ILE J 246 -36.75 58.92 -37.49
N THR J 247 -36.76 59.32 -38.75
CA THR J 247 -36.52 58.38 -39.84
C THR J 247 -35.01 58.30 -40.07
N PHE J 248 -34.54 57.10 -40.39
CA PHE J 248 -33.16 56.87 -40.77
C PHE J 248 -33.18 56.07 -42.07
N ASP J 249 -32.37 56.48 -43.04
CA ASP J 249 -32.58 55.95 -44.38
C ASP J 249 -31.96 54.56 -44.62
N LYS J 250 -30.85 54.21 -43.95
CA LYS J 250 -30.13 53.00 -44.30
C LYS J 250 -30.40 51.88 -43.30
N GLU J 251 -30.31 50.63 -43.79
CA GLU J 251 -30.33 49.49 -42.89
C GLU J 251 -29.16 49.50 -41.93
N GLU J 252 -28.01 49.97 -42.41
CA GLU J 252 -26.80 49.97 -41.62
C GLU J 252 -26.82 50.98 -40.48
N ASP J 253 -27.79 51.90 -40.47
CA ASP J 253 -27.85 52.92 -39.43
C ASP J 253 -28.16 52.36 -38.05
N LEU J 254 -28.75 51.16 -37.98
CA LEU J 254 -29.07 50.50 -36.71
C LEU J 254 -27.94 50.58 -35.69
N GLU J 255 -26.70 50.37 -36.12
CA GLU J 255 -25.57 50.39 -35.20
C GLU J 255 -25.42 51.75 -34.52
N GLN J 256 -25.39 52.82 -35.32
CA GLN J 256 -25.19 54.15 -34.79
C GLN J 256 -26.42 54.63 -34.00
N ILE J 257 -27.62 54.21 -34.42
CA ILE J 257 -28.84 54.63 -33.73
C ILE J 257 -28.83 54.16 -32.27
N VAL J 258 -28.61 52.84 -32.09
CA VAL J 258 -28.60 52.25 -30.76
C VAL J 258 -27.50 52.86 -29.90
N ASP J 259 -26.31 53.10 -30.49
CA ASP J 259 -25.20 53.60 -29.70
C ASP J 259 -25.43 55.05 -29.28
N ILE J 260 -26.05 55.86 -30.14
CA ILE J 260 -26.33 57.24 -29.73
C ILE J 260 -27.45 57.25 -28.72
N MET J 261 -28.38 56.29 -28.82
CA MET J 261 -29.53 56.21 -27.94
C MET J 261 -29.15 55.99 -26.48
N LEU J 262 -28.31 54.97 -26.23
CA LEU J 262 -27.99 54.54 -24.87
C LEU J 262 -27.61 55.68 -23.93
N PRO J 263 -26.67 56.59 -24.26
CA PRO J 263 -26.37 57.66 -23.30
C PRO J 263 -27.57 58.54 -23.01
N LEU J 264 -28.49 58.65 -23.96
CA LEU J 264 -29.67 59.47 -23.76
C LEU J 264 -30.75 58.76 -22.97
N ARG J 265 -30.64 57.44 -22.80
CA ARG J 265 -31.70 56.63 -22.23
C ARG J 265 -31.40 56.12 -20.83
N ILE J 266 -30.13 55.87 -20.51
CA ILE J 266 -29.81 55.11 -19.29
C ILE J 266 -30.21 55.87 -18.04
N ASN J 267 -30.30 57.19 -18.09
CA ASN J 267 -30.73 57.99 -16.94
C ASN J 267 -32.21 58.38 -17.03
N MET J 268 -32.98 57.73 -17.90
CA MET J 268 -34.38 58.04 -18.14
C MET J 268 -34.58 59.49 -18.57
N ALA J 269 -33.55 60.12 -19.14
CA ALA J 269 -33.65 61.51 -19.57
C ALA J 269 -32.47 61.79 -20.49
N PRO J 270 -32.67 62.47 -21.62
CA PRO J 270 -33.95 63.02 -22.10
C PRO J 270 -34.94 61.97 -22.63
N LEU J 271 -34.54 60.70 -22.72
CA LEU J 271 -35.43 59.66 -23.26
C LEU J 271 -36.28 59.11 -22.11
N GLN J 272 -37.41 59.78 -21.86
CA GLN J 272 -38.21 59.56 -20.66
C GLN J 272 -39.13 58.34 -20.75
N ASN J 273 -39.66 58.05 -21.94
CA ASN J 273 -40.51 56.89 -22.13
C ASN J 273 -39.69 55.72 -22.68
N VAL J 274 -40.38 54.63 -23.03
CA VAL J 274 -39.74 53.45 -23.66
C VAL J 274 -39.61 53.66 -25.17
N PRO J 275 -38.46 54.11 -25.68
CA PRO J 275 -38.34 54.32 -27.13
C PRO J 275 -38.56 53.02 -27.88
N VAL J 276 -39.13 53.12 -29.08
CA VAL J 276 -39.25 51.98 -29.97
C VAL J 276 -38.58 52.30 -31.30
N LEU J 277 -37.87 51.32 -31.85
CA LEU J 277 -37.18 51.44 -33.13
C LEU J 277 -37.73 50.34 -34.06
N ARG J 278 -38.52 50.74 -35.04
CA ARG J 278 -39.25 49.82 -35.89
C ARG J 278 -38.72 49.89 -37.32
N ASN J 279 -38.80 48.77 -38.03
CA ASN J 279 -38.31 48.79 -39.40
C ASN J 279 -39.45 49.06 -40.38
N ILE J 280 -39.06 49.38 -41.62
CA ILE J 280 -40.03 49.82 -42.63
C ILE J 280 -41.09 48.76 -42.89
N PHE J 281 -40.72 47.47 -42.82
CA PHE J 281 -41.70 46.41 -42.96
C PHE J 281 -42.76 46.49 -41.87
N MET J 282 -42.35 46.73 -40.62
CA MET J 282 -43.29 46.94 -39.53
C MET J 282 -44.21 48.12 -39.82
N ASP J 283 -43.65 49.30 -40.04
CA ASP J 283 -44.47 50.50 -40.24
C ASP J 283 -45.31 50.42 -41.52
N ALA J 284 -44.82 49.71 -42.54
CA ALA J 284 -45.61 49.56 -43.77
C ALA J 284 -46.84 48.72 -43.51
N ALA J 285 -46.67 47.56 -42.87
CA ALA J 285 -47.78 46.67 -42.60
C ALA J 285 -48.85 47.36 -41.75
N ALA J 286 -48.46 48.35 -40.96
CA ALA J 286 -49.46 49.03 -40.15
C ALA J 286 -50.39 49.91 -40.98
N VAL J 287 -50.08 50.18 -42.25
CA VAL J 287 -50.88 51.09 -43.06
C VAL J 287 -51.20 50.57 -44.47
N SER J 288 -50.72 49.38 -44.82
CA SER J 288 -50.79 48.92 -46.20
C SER J 288 -50.74 47.40 -46.24
N LYS J 289 -51.11 46.82 -47.38
CA LYS J 289 -50.94 45.40 -47.67
C LYS J 289 -49.70 45.18 -48.55
N ARG J 290 -49.08 44.00 -48.38
CA ARG J 290 -47.83 43.70 -49.08
C ARG J 290 -47.97 43.82 -50.60
N THR J 291 -49.15 43.48 -51.15
CA THR J 291 -49.38 43.55 -52.59
C THR J 291 -49.42 44.99 -53.12
N GLU J 292 -49.48 46.00 -52.27
CA GLU J 292 -49.31 47.37 -52.76
C GLU J 292 -47.90 47.62 -53.27
N TRP J 293 -46.92 46.88 -52.76
CA TRP J 293 -45.52 47.13 -53.03
C TRP J 293 -44.87 46.03 -53.85
N PHE J 294 -45.37 44.80 -53.76
CA PHE J 294 -44.73 43.66 -54.41
C PHE J 294 -45.73 42.53 -54.48
N ASP J 295 -46.04 42.07 -55.69
CA ASP J 295 -47.05 41.05 -55.89
C ASP J 295 -46.47 39.66 -56.09
N GLY J 296 -45.15 39.54 -56.16
CA GLY J 296 -44.60 38.33 -56.73
C GLY J 296 -43.78 37.39 -55.86
N ASP J 297 -42.61 37.06 -56.40
CA ASP J 297 -41.85 35.86 -56.04
C ASP J 297 -40.93 36.12 -54.84
N GLY J 298 -41.29 35.55 -53.69
CA GLY J 298 -40.39 35.41 -52.58
C GLY J 298 -40.08 36.69 -51.84
N PRO J 299 -38.84 36.82 -51.34
CA PRO J 299 -38.49 38.00 -50.54
C PRO J 299 -38.50 39.27 -51.37
N MET J 300 -38.79 40.37 -50.71
CA MET J 300 -39.11 41.61 -51.40
C MET J 300 -37.84 42.27 -51.95
N PRO J 301 -37.82 42.69 -53.21
CA PRO J 301 -36.62 43.33 -53.75
C PRO J 301 -36.39 44.70 -53.15
N ALA J 302 -35.12 45.13 -53.20
CA ALA J 302 -34.74 46.41 -52.65
C ALA J 302 -35.51 47.57 -53.31
N GLU J 303 -35.93 47.40 -54.58
CA GLU J 303 -36.66 48.46 -55.26
C GLU J 303 -38.04 48.67 -54.62
N ALA J 304 -38.69 47.58 -54.19
CA ALA J 304 -39.97 47.70 -53.52
C ALA J 304 -39.81 48.33 -52.14
N ILE J 305 -38.70 48.05 -51.46
CA ILE J 305 -38.45 48.65 -50.17
C ILE J 305 -38.26 50.15 -50.29
N GLU J 306 -37.64 50.60 -51.39
CA GLU J 306 -37.50 52.03 -51.61
C GLU J 306 -38.84 52.67 -51.92
N ARG J 307 -39.75 51.92 -52.57
CA ARG J 307 -41.08 52.47 -52.80
C ARG J 307 -41.85 52.55 -51.48
N MET J 308 -41.66 51.56 -50.59
CA MET J 308 -42.23 51.69 -49.25
C MET J 308 -41.69 52.93 -48.56
N LYS J 309 -40.39 53.20 -48.70
CA LYS J 309 -39.83 54.37 -48.04
C LYS J 309 -40.31 55.67 -48.68
N LYS J 310 -40.22 55.76 -50.01
CA LYS J 310 -40.60 56.99 -50.71
C LYS J 310 -42.06 57.36 -50.47
N ASP J 311 -42.97 56.38 -50.59
CA ASP J 311 -44.39 56.69 -50.57
C ASP J 311 -44.88 57.01 -49.16
N LEU J 312 -44.41 56.26 -48.16
CA LEU J 312 -44.76 56.54 -46.76
C LEU J 312 -43.86 57.60 -46.14
N ASP J 313 -42.83 58.09 -46.85
CA ASP J 313 -41.88 59.06 -46.32
C ASP J 313 -41.34 58.64 -44.95
N LEU J 314 -40.88 57.39 -44.88
CA LEU J 314 -40.29 56.83 -43.67
C LEU J 314 -38.91 56.32 -44.02
N GLY J 315 -38.11 56.04 -42.99
CA GLY J 315 -36.81 55.43 -43.17
C GLY J 315 -36.90 53.93 -43.19
N PHE J 316 -35.74 53.28 -43.33
CA PHE J 316 -35.71 51.85 -43.11
C PHE J 316 -35.95 51.56 -41.63
N TRP J 317 -35.36 52.37 -40.76
CA TRP J 317 -35.54 52.30 -39.32
C TRP J 317 -36.23 53.58 -38.88
N ASN J 318 -37.25 53.43 -38.03
CA ASN J 318 -38.07 54.55 -37.60
C ASN J 318 -38.15 54.53 -36.08
N PHE J 319 -37.68 55.61 -35.47
CA PHE J 319 -37.51 55.75 -34.02
C PHE J 319 -38.65 56.62 -33.49
N TYR J 320 -39.45 56.08 -32.56
CA TYR J 320 -40.58 56.79 -31.95
C TYR J 320 -40.34 56.92 -30.46
N GLY J 321 -40.59 58.10 -29.92
CA GLY J 321 -40.50 58.33 -28.50
C GLY J 321 -41.45 59.44 -28.10
N THR J 322 -41.48 59.70 -26.78
CA THR J 322 -42.43 60.65 -26.20
C THR J 322 -41.80 61.35 -25.00
N LEU J 323 -42.04 62.66 -24.92
CA LEU J 323 -41.56 63.50 -23.82
C LEU J 323 -42.74 64.01 -22.98
N TYR J 324 -42.49 64.23 -21.69
CA TYR J 324 -43.54 64.65 -20.76
C TYR J 324 -43.07 65.77 -19.83
N GLY J 325 -43.96 66.73 -19.56
CA GLY J 325 -43.72 67.75 -18.57
C GLY J 325 -44.03 69.16 -19.04
N PRO J 326 -43.52 70.16 -18.34
CA PRO J 326 -43.70 71.57 -18.78
C PRO J 326 -43.12 71.78 -20.17
N PRO J 327 -43.78 72.62 -21.00
CA PRO J 327 -43.27 72.94 -22.36
C PRO J 327 -41.81 73.41 -22.40
N PRO J 328 -41.29 74.11 -21.39
CA PRO J 328 -39.83 74.33 -21.37
C PRO J 328 -39.02 73.03 -21.34
N LEU J 329 -39.39 72.07 -20.47
CA LEU J 329 -38.61 70.84 -20.35
C LEU J 329 -38.69 70.00 -21.63
N ILE J 330 -39.85 69.95 -22.27
CA ILE J 330 -40.00 69.24 -23.53
C ILE J 330 -39.11 69.86 -24.59
N GLU J 331 -39.08 71.19 -24.64
CA GLU J 331 -38.24 71.92 -25.57
C GLU J 331 -36.78 71.52 -25.42
N MET J 332 -36.27 71.56 -24.18
CA MET J 332 -34.87 71.26 -23.94
C MET J 332 -34.54 69.84 -24.33
N TYR J 333 -35.34 68.86 -23.86
CA TYR J 333 -35.05 67.45 -24.11
C TYR J 333 -35.14 67.13 -25.60
N TYR J 334 -36.17 67.63 -26.26
CA TYR J 334 -36.22 67.49 -27.71
C TYR J 334 -34.99 68.08 -28.38
N GLY J 335 -34.44 69.18 -27.83
CA GLY J 335 -33.22 69.75 -28.38
C GLY J 335 -32.03 68.82 -28.27
N MET J 336 -31.87 68.17 -27.12
CA MET J 336 -30.76 67.23 -26.96
C MET J 336 -30.92 66.03 -27.88
N ILE J 337 -32.15 65.63 -28.20
CA ILE J 337 -32.33 64.42 -28.99
C ILE J 337 -32.00 64.67 -30.45
N LYS J 338 -32.33 65.87 -30.95
CA LYS J 338 -31.97 66.24 -32.32
C LYS J 338 -30.47 66.46 -32.46
N GLU J 339 -29.83 67.15 -31.51
CA GLU J 339 -28.39 67.32 -31.64
C GLU J 339 -27.65 66.00 -31.49
N ALA J 340 -28.24 65.02 -30.80
CA ALA J 340 -27.57 63.73 -30.66
C ALA J 340 -27.75 62.87 -31.89
N PHE J 341 -28.99 62.49 -32.17
CA PHE J 341 -29.31 61.67 -33.34
C PHE J 341 -29.12 62.32 -34.73
N GLY J 342 -29.13 63.64 -34.84
CA GLY J 342 -28.49 64.36 -35.86
C GLY J 342 -27.45 63.50 -36.37
N LYS J 343 -26.38 63.35 -35.58
CA LYS J 343 -25.09 63.09 -36.14
C LYS J 343 -25.08 62.02 -37.22
N ILE J 344 -26.14 61.22 -37.31
CA ILE J 344 -26.34 60.21 -38.37
C ILE J 344 -26.78 60.92 -39.65
N PRO J 345 -26.07 60.76 -40.75
CA PRO J 345 -26.54 61.32 -42.02
C PRO J 345 -27.91 60.79 -42.47
N GLY J 346 -28.72 61.69 -43.02
CA GLY J 346 -30.03 61.35 -43.54
C GLY J 346 -31.11 61.23 -42.50
N ALA J 347 -30.80 61.53 -41.23
CA ALA J 347 -31.78 61.50 -40.15
C ALA J 347 -32.71 62.71 -40.21
N ARG J 348 -34.00 62.46 -40.29
CA ARG J 348 -35.02 63.50 -40.28
C ARG J 348 -35.93 63.34 -39.07
N PHE J 349 -36.52 64.44 -38.65
CA PHE J 349 -37.21 64.57 -37.37
C PHE J 349 -38.58 65.19 -37.56
N PHE J 350 -39.58 64.60 -36.90
CA PHE J 350 -40.96 65.06 -36.99
C PHE J 350 -41.61 64.97 -35.61
N THR J 351 -42.38 65.99 -35.22
CA THR J 351 -43.24 65.87 -34.04
C THR J 351 -44.60 65.31 -34.48
N HIS J 352 -45.48 65.06 -33.49
CA HIS J 352 -46.80 64.53 -33.79
C HIS J 352 -47.69 65.58 -34.43
N GLU J 353 -47.38 66.85 -34.21
CA GLU J 353 -48.09 67.93 -34.88
C GLU J 353 -47.74 68.04 -36.37
N GLU J 354 -46.64 67.44 -36.82
CA GLU J 354 -46.08 67.72 -38.14
C GLU J 354 -46.35 66.64 -39.18
N ARG J 355 -47.12 65.60 -38.88
CA ARG J 355 -47.25 64.49 -39.85
C ARG J 355 -48.66 63.92 -39.82
N ASP J 356 -49.46 64.31 -40.82
CA ASP J 356 -50.86 63.90 -40.98
C ASP J 356 -51.05 63.00 -42.19
N ASP J 357 -49.97 62.55 -42.81
CA ASP J 357 -50.06 61.69 -43.97
C ASP J 357 -50.13 60.23 -43.58
N ARG J 358 -50.20 59.38 -44.61
CA ARG J 358 -50.39 57.95 -44.39
C ARG J 358 -49.24 57.39 -43.56
N GLY J 359 -48.00 57.84 -43.82
CA GLY J 359 -46.86 57.36 -43.07
C GLY J 359 -46.89 57.71 -41.61
N GLY J 360 -47.48 58.87 -41.24
CA GLY J 360 -47.56 59.28 -39.85
C GLY J 360 -48.56 58.54 -39.01
N HIS J 361 -49.35 57.62 -39.58
CA HIS J 361 -50.34 56.94 -38.76
C HIS J 361 -49.74 56.14 -37.66
N VAL J 362 -48.53 55.61 -37.86
CA VAL J 362 -47.89 54.89 -36.77
C VAL J 362 -47.51 55.85 -35.66
N LEU J 363 -46.98 57.03 -36.02
CA LEU J 363 -46.57 58.02 -35.04
C LEU J 363 -47.74 58.44 -34.17
N GLN J 364 -48.91 58.70 -34.79
CA GLN J 364 -50.12 59.07 -34.04
C GLN J 364 -50.60 57.93 -33.16
N ASP J 365 -50.35 56.69 -33.55
CA ASP J 365 -50.70 55.58 -32.67
C ASP J 365 -49.76 55.51 -31.46
N ARG J 366 -48.45 55.63 -31.70
CA ARG J 366 -47.50 55.65 -30.59
C ARG J 366 -47.83 56.79 -29.64
N HIS J 367 -48.30 57.92 -30.18
CA HIS J 367 -48.63 59.07 -29.36
C HIS J 367 -49.80 58.78 -28.46
N LYS J 368 -50.76 57.98 -28.92
CA LYS J 368 -51.83 57.48 -28.04
C LYS J 368 -51.25 56.58 -26.96
N ILE J 369 -50.64 55.46 -27.39
CA ILE J 369 -50.11 54.45 -26.48
C ILE J 369 -49.18 55.07 -25.43
N ASN J 370 -48.23 55.90 -25.87
CA ASN J 370 -47.26 56.48 -24.95
C ASN J 370 -47.89 57.43 -23.94
N ASN J 371 -49.16 57.77 -24.09
CA ASN J 371 -49.90 58.60 -23.15
C ASN J 371 -51.00 57.80 -22.43
N GLY J 372 -50.92 56.48 -22.45
CA GLY J 372 -51.89 55.69 -21.73
C GLY J 372 -53.27 55.66 -22.37
N ILE J 373 -53.39 56.03 -23.63
CA ILE J 373 -54.66 55.98 -24.35
C ILE J 373 -54.65 54.71 -25.19
N PRO J 374 -55.45 53.70 -24.84
CA PRO J 374 -55.33 52.40 -25.52
C PRO J 374 -55.94 52.44 -26.91
N SER J 375 -55.57 51.42 -27.70
CA SER J 375 -55.74 51.41 -29.16
C SER J 375 -55.82 49.99 -29.69
N LEU J 376 -56.43 49.89 -30.88
CA LEU J 376 -56.42 48.68 -31.67
C LEU J 376 -55.88 48.90 -33.07
N ASP J 377 -55.41 50.11 -33.38
CA ASP J 377 -55.00 50.43 -34.74
C ASP J 377 -53.93 49.47 -35.25
N GLU J 378 -53.06 48.98 -34.36
CA GLU J 378 -52.00 48.09 -34.81
C GLU J 378 -52.53 46.76 -35.32
N LEU J 379 -53.81 46.46 -35.12
CA LEU J 379 -54.37 45.24 -35.70
C LEU J 379 -54.31 45.25 -37.22
N GLN J 380 -54.29 46.42 -37.86
CA GLN J 380 -54.14 46.49 -39.30
C GLN J 380 -52.88 45.78 -39.79
N GLN J 381 -51.89 45.56 -38.92
CA GLN J 381 -50.69 44.82 -39.34
C GLN J 381 -51.01 43.42 -39.84
N LEU J 382 -52.11 42.85 -39.37
CA LEU J 382 -52.46 41.50 -39.80
C LEU J 382 -53.06 41.48 -41.22
N ASP J 383 -53.39 42.63 -41.81
CA ASP J 383 -53.84 42.71 -43.19
C ASP J 383 -52.69 42.75 -44.20
N TRP J 384 -51.45 42.53 -43.73
CA TRP J 384 -50.30 42.46 -44.64
C TRP J 384 -50.51 41.40 -45.71
N VAL J 385 -50.86 40.19 -45.28
CA VAL J 385 -51.18 39.05 -46.14
C VAL J 385 -52.57 38.57 -45.76
N PRO J 386 -53.23 37.81 -46.65
CA PRO J 386 -54.55 37.27 -46.30
C PRO J 386 -54.49 36.27 -45.16
N ASN J 387 -55.57 36.25 -44.36
CA ASN J 387 -55.70 35.39 -43.17
C ASN J 387 -54.55 35.62 -42.20
N GLY J 388 -54.06 36.85 -42.15
CA GLY J 388 -52.82 37.16 -41.48
C GLY J 388 -52.85 36.89 -40.00
N GLY J 389 -51.75 36.28 -39.51
CA GLY J 389 -51.50 36.15 -38.09
C GLY J 389 -50.01 36.22 -37.81
N HIS J 390 -49.64 36.36 -36.54
CA HIS J 390 -48.23 36.53 -36.22
C HIS J 390 -47.83 35.65 -35.03
N ILE J 391 -46.51 35.56 -34.85
CA ILE J 391 -45.85 34.90 -33.72
C ILE J 391 -44.71 35.80 -33.28
N GLY J 392 -44.54 35.91 -31.96
CA GLY J 392 -43.49 36.71 -31.38
C GLY J 392 -42.26 35.87 -31.10
N PHE J 393 -41.18 36.22 -31.79
CA PHE J 393 -39.83 35.79 -31.49
C PHE J 393 -39.12 37.03 -30.96
N VAL J 394 -38.88 37.06 -29.64
CA VAL J 394 -38.41 38.27 -28.97
C VAL J 394 -37.14 38.01 -28.15
N PRO J 395 -35.98 37.85 -28.78
CA PRO J 395 -34.73 37.71 -28.00
C PRO J 395 -34.33 39.04 -27.34
N VAL J 396 -33.71 38.93 -26.17
CA VAL J 396 -33.23 40.10 -25.45
C VAL J 396 -31.84 40.47 -25.95
N SER J 397 -31.58 41.76 -26.11
CA SER J 397 -30.31 42.27 -26.65
C SER J 397 -29.74 43.31 -25.70
N ALA J 398 -28.42 43.34 -25.60
CA ALA J 398 -27.79 44.49 -24.95
C ALA J 398 -28.08 45.73 -25.79
N PRO J 399 -28.16 46.91 -25.17
CA PRO J 399 -28.33 48.14 -25.99
C PRO J 399 -26.99 48.55 -26.58
N ASP J 400 -26.53 47.74 -27.54
CA ASP J 400 -25.27 47.96 -28.20
C ASP J 400 -25.50 47.83 -29.69
N GLY J 401 -24.83 48.69 -30.46
CA GLY J 401 -25.10 48.75 -31.89
C GLY J 401 -24.72 47.48 -32.62
N ARG J 402 -23.51 46.97 -32.36
CA ARG J 402 -23.07 45.79 -33.07
C ARG J 402 -23.91 44.57 -32.69
N GLU J 403 -24.36 44.51 -31.43
CA GLU J 403 -25.21 43.39 -31.04
C GLU J 403 -26.58 43.50 -31.70
N ALA J 404 -27.16 44.70 -31.72
CA ALA J 404 -28.38 44.88 -32.46
C ALA J 404 -28.18 44.46 -33.92
N MET J 405 -27.02 44.80 -34.49
CA MET J 405 -26.74 44.46 -35.89
C MET J 405 -26.64 42.95 -36.12
N LYS J 406 -25.93 42.22 -35.26
CA LYS J 406 -25.74 40.80 -35.50
C LYS J 406 -27.06 40.05 -35.33
N GLN J 407 -27.88 40.46 -34.35
CA GLN J 407 -29.21 39.90 -34.17
C GLN J 407 -30.09 40.17 -35.39
N PHE J 408 -30.01 41.40 -35.93
CA PHE J 408 -30.73 41.77 -37.15
C PHE J 408 -30.31 40.88 -38.32
N GLU J 409 -29.00 40.76 -38.56
CA GLU J 409 -28.53 39.91 -39.66
C GLU J 409 -28.92 38.45 -39.43
N MET J 410 -28.84 37.97 -38.19
CA MET J 410 -29.18 36.59 -37.90
C MET J 410 -30.65 36.30 -38.19
N VAL J 411 -31.56 37.21 -37.82
CA VAL J 411 -32.98 36.95 -38.01
C VAL J 411 -33.35 37.13 -39.48
N ARG J 412 -32.76 38.11 -40.16
CA ARG J 412 -33.13 38.36 -41.55
C ARG J 412 -32.74 37.19 -42.44
N ASN J 413 -31.58 36.59 -42.16
CA ASN J 413 -31.12 35.48 -42.98
C ASN J 413 -32.07 34.30 -42.91
N ARG J 414 -32.59 33.97 -41.70
CA ARG J 414 -33.51 32.85 -41.55
C ARG J 414 -34.91 33.16 -42.10
N ALA J 415 -35.38 34.40 -41.92
CA ALA J 415 -36.63 34.81 -42.55
C ALA J 415 -36.54 34.65 -44.06
N ASN J 416 -35.43 35.11 -44.65
CA ASN J 416 -35.20 34.93 -46.08
C ASN J 416 -35.21 33.45 -46.45
N GLU J 417 -34.49 32.62 -45.69
CA GLU J 417 -34.44 31.18 -45.95
C GLU J 417 -35.83 30.53 -45.95
N TYR J 418 -36.72 30.95 -45.03
CA TYR J 418 -38.05 30.36 -44.90
C TYR J 418 -39.17 31.24 -45.46
N ASN J 419 -38.84 32.16 -46.38
CA ASN J 419 -39.82 33.02 -47.06
C ASN J 419 -40.78 33.73 -46.10
N LYS J 420 -40.18 34.48 -45.20
CA LYS J 420 -40.99 35.31 -44.33
C LYS J 420 -40.42 36.71 -44.38
N ASP J 421 -41.31 37.67 -44.20
CA ASP J 421 -40.91 39.05 -44.04
C ASP J 421 -40.49 39.29 -42.59
N TYR J 422 -39.50 40.14 -42.41
CA TYR J 422 -38.91 40.43 -41.11
C TYR J 422 -39.37 41.81 -40.66
N MET J 423 -40.41 41.86 -39.80
CA MET J 423 -40.83 43.07 -39.11
C MET J 423 -40.16 43.14 -37.74
N ALA J 424 -39.51 44.27 -37.46
CA ALA J 424 -38.71 44.46 -36.25
C ALA J 424 -39.19 45.67 -35.47
N GLN J 425 -39.28 45.51 -34.14
CA GLN J 425 -39.50 46.62 -33.22
C GLN J 425 -38.58 46.40 -32.04
N PHE J 426 -37.48 47.14 -31.97
CA PHE J 426 -36.66 47.18 -30.77
C PHE J 426 -37.39 48.03 -29.72
N VAL J 427 -37.61 47.45 -28.54
CA VAL J 427 -38.26 48.11 -27.41
C VAL J 427 -37.20 48.33 -26.34
N ILE J 428 -36.92 49.59 -26.00
CA ILE J 428 -35.67 49.95 -25.34
C ILE J 428 -35.90 50.28 -23.86
N GLY J 429 -35.28 49.50 -22.99
CA GLY J 429 -35.22 49.79 -21.57
C GLY J 429 -33.98 50.58 -21.21
N LEU J 430 -33.66 50.59 -19.91
CA LEU J 430 -32.48 51.30 -19.47
C LEU J 430 -31.21 50.59 -19.92
N ARG J 431 -31.15 49.28 -19.68
CA ARG J 431 -29.93 48.49 -19.83
C ARG J 431 -30.15 47.32 -20.77
N GLU J 432 -31.21 47.33 -21.55
CA GLU J 432 -31.57 46.16 -22.33
C GLU J 432 -32.63 46.55 -23.33
N MET J 433 -32.75 45.71 -24.36
CA MET J 433 -33.73 45.91 -25.43
C MET J 433 -34.43 44.59 -25.71
N TYR J 434 -35.74 44.66 -25.90
CA TYR J 434 -36.53 43.55 -26.42
C TYR J 434 -36.56 43.67 -27.94
N HIS J 435 -35.90 42.73 -28.63
CA HIS J 435 -35.84 42.69 -30.09
C HIS J 435 -37.04 41.90 -30.60
N VAL J 436 -38.14 42.59 -30.82
CA VAL J 436 -39.39 41.92 -31.21
C VAL J 436 -39.35 41.66 -32.70
N CYS J 437 -39.31 40.38 -33.06
CA CYS J 437 -39.40 39.94 -34.44
C CYS J 437 -40.79 39.35 -34.64
N LEU J 438 -41.64 40.10 -35.35
CA LEU J 438 -42.95 39.63 -35.76
C LEU J 438 -42.87 38.98 -37.14
N PHE J 439 -43.43 37.79 -37.26
CA PHE J 439 -43.50 37.07 -38.53
C PHE J 439 -44.96 36.91 -38.90
N ILE J 440 -45.39 37.65 -39.93
CA ILE J 440 -46.78 37.70 -40.35
C ILE J 440 -46.97 36.75 -41.53
N TYR J 441 -47.95 35.86 -41.40
CA TYR J 441 -48.13 34.76 -42.34
C TYR J 441 -49.62 34.46 -42.53
N ASP J 442 -49.93 33.90 -43.69
CA ASP J 442 -51.25 33.33 -43.98
C ASP J 442 -51.51 32.16 -43.05
N THR J 443 -52.48 32.30 -42.13
CA THR J 443 -52.73 31.23 -41.17
C THR J 443 -53.55 30.07 -41.77
N ALA J 444 -54.10 30.23 -42.99
CA ALA J 444 -54.88 29.17 -43.63
C ALA J 444 -54.03 28.18 -44.38
N ASP J 445 -52.76 28.56 -44.64
CA ASP J 445 -51.86 27.76 -45.48
C ASP J 445 -51.07 26.83 -44.59
N PRO J 446 -51.29 25.51 -44.66
CA PRO J 446 -50.55 24.60 -43.75
C PRO J 446 -49.04 24.62 -43.96
N GLU J 447 -48.54 24.98 -45.14
CA GLU J 447 -47.09 25.02 -45.32
C GLU J 447 -46.47 26.25 -44.68
N ALA J 448 -47.15 27.40 -44.73
CA ALA J 448 -46.68 28.58 -44.01
C ALA J 448 -46.61 28.31 -42.51
N ARG J 449 -47.68 27.71 -41.95
CA ARG J 449 -47.68 27.30 -40.55
C ARG J 449 -46.47 26.45 -40.20
N GLU J 450 -46.16 25.46 -41.04
CA GLU J 450 -45.01 24.62 -40.76
C GLU J 450 -43.70 25.36 -41.01
N GLU J 451 -43.68 26.41 -41.81
CA GLU J 451 -42.45 27.17 -42.03
C GLU J 451 -42.16 28.09 -40.85
N ILE J 452 -43.19 28.70 -40.30
CA ILE J 452 -43.06 29.47 -39.05
C ILE J 452 -42.46 28.58 -37.97
N LEU J 453 -43.11 27.43 -37.72
CA LEU J 453 -42.71 26.56 -36.61
C LEU J 453 -41.27 26.11 -36.74
N GLN J 454 -40.89 25.64 -37.95
CA GLN J 454 -39.53 25.17 -38.14
C GLN J 454 -38.53 26.32 -38.08
N MET J 455 -38.90 27.50 -38.61
CA MET J 455 -38.00 28.65 -38.60
C MET J 455 -37.71 29.13 -37.19
N THR J 456 -38.74 29.15 -36.32
CA THR J 456 -38.54 29.74 -35.01
C THR J 456 -37.78 28.79 -34.09
N LYS J 457 -37.96 27.47 -34.26
CA LYS J 457 -37.13 26.51 -33.54
C LYS J 457 -35.66 26.68 -33.91
N VAL J 458 -35.37 26.89 -35.19
CA VAL J 458 -34.00 27.18 -35.60
C VAL J 458 -33.52 28.49 -34.98
N LEU J 459 -34.39 29.51 -34.99
CA LEU J 459 -34.00 30.79 -34.41
C LEU J 459 -33.68 30.67 -32.92
N VAL J 460 -34.46 29.85 -32.18
CA VAL J 460 -34.22 29.68 -30.75
C VAL J 460 -32.86 29.04 -30.47
N ARG J 461 -32.54 27.95 -31.20
CA ARG J 461 -31.23 27.30 -31.07
C ARG J 461 -30.12 28.25 -31.47
N GLU J 462 -30.23 28.85 -32.64
CA GLU J 462 -29.21 29.74 -33.17
C GLU J 462 -28.98 30.94 -32.26
N ALA J 463 -30.06 31.60 -31.81
CA ALA J 463 -29.88 32.73 -30.91
C ALA J 463 -29.22 32.31 -29.60
N ALA J 464 -29.54 31.09 -29.13
CA ALA J 464 -28.92 30.59 -27.90
C ALA J 464 -27.45 30.26 -28.10
N GLU J 465 -27.09 29.70 -29.26
CA GLU J 465 -25.69 29.42 -29.58
C GLU J 465 -24.86 30.70 -29.57
N ALA J 466 -25.48 31.83 -29.93
CA ALA J 466 -24.80 33.12 -29.88
C ALA J 466 -24.97 33.84 -28.54
N GLY J 467 -25.59 33.20 -27.55
CA GLY J 467 -25.76 33.81 -26.24
C GLY J 467 -26.97 34.71 -26.04
N TYR J 468 -28.06 34.50 -26.77
CA TYR J 468 -29.27 35.30 -26.64
C TYR J 468 -30.45 34.41 -26.26
N GLY J 469 -31.18 34.81 -25.21
CA GLY J 469 -32.40 34.16 -24.81
C GLY J 469 -33.62 35.03 -25.14
N GLU J 470 -34.78 34.40 -25.14
CA GLU J 470 -36.04 35.11 -25.33
C GLU J 470 -36.68 35.35 -23.97
N TYR J 471 -37.30 36.52 -23.82
CA TYR J 471 -37.98 36.93 -22.58
C TYR J 471 -39.38 36.35 -22.46
N ARG J 472 -39.95 35.83 -23.54
CA ARG J 472 -41.35 35.39 -23.63
C ARG J 472 -41.49 34.55 -24.89
N THR J 473 -42.32 33.50 -24.86
CA THR J 473 -42.44 32.70 -26.07
C THR J 473 -43.78 31.99 -26.18
N HIS J 474 -44.03 31.48 -27.38
CA HIS J 474 -45.18 30.70 -27.78
C HIS J 474 -45.19 29.32 -27.13
N ASN J 475 -46.41 28.79 -26.88
CA ASN J 475 -46.67 27.38 -26.56
C ASN J 475 -45.70 26.44 -27.30
N ALA J 476 -45.73 26.48 -28.63
CA ALA J 476 -44.91 25.57 -29.45
C ALA J 476 -43.42 25.68 -29.15
N LEU J 477 -42.97 26.74 -28.51
CA LEU J 477 -41.54 26.96 -28.32
C LEU J 477 -41.09 26.87 -26.87
N MET J 478 -42.02 26.62 -25.93
CA MET J 478 -41.68 26.79 -24.52
C MET J 478 -40.65 25.76 -24.05
N ASP J 479 -40.82 24.50 -24.45
CA ASP J 479 -39.86 23.45 -24.10
C ASP J 479 -38.46 23.83 -24.56
N ASP J 480 -38.36 24.42 -25.76
CA ASP J 480 -37.08 24.74 -26.39
C ASP J 480 -36.42 25.97 -25.77
N VAL J 481 -37.20 27.00 -25.45
CA VAL J 481 -36.63 28.19 -24.84
C VAL J 481 -36.05 27.85 -23.48
N MET J 482 -36.77 27.05 -22.68
CA MET J 482 -36.29 26.69 -21.36
C MET J 482 -35.10 25.73 -21.43
N ALA J 483 -34.95 24.97 -22.51
CA ALA J 483 -33.74 24.16 -22.66
C ALA J 483 -32.49 25.01 -22.86
N THR J 484 -32.60 26.24 -23.37
CA THR J 484 -31.43 27.09 -23.55
C THR J 484 -30.96 27.72 -22.23
N PHE J 485 -31.82 27.81 -21.22
CA PHE J 485 -31.46 28.33 -19.90
C PHE J 485 -30.95 27.20 -19.00
N ASN J 486 -29.91 26.50 -19.48
CA ASN J 486 -29.54 25.18 -18.98
C ASN J 486 -28.27 25.16 -18.13
N TRP J 487 -27.81 26.31 -17.63
CA TRP J 487 -26.58 26.39 -16.83
C TRP J 487 -26.58 25.36 -15.69
N GLY J 488 -25.40 24.82 -15.40
CA GLY J 488 -25.25 23.89 -14.30
C GLY J 488 -26.21 22.72 -14.44
N ASP J 489 -26.23 22.14 -15.65
CA ASP J 489 -27.04 20.97 -16.01
C ASP J 489 -28.52 21.21 -15.75
N GLY J 490 -29.05 22.30 -16.31
CA GLY J 490 -30.46 22.62 -16.14
C GLY J 490 -30.88 22.85 -14.69
N ALA J 491 -30.01 23.47 -13.90
CA ALA J 491 -30.32 23.76 -12.50
C ALA J 491 -31.64 24.53 -12.36
N LEU J 492 -31.86 25.55 -13.20
CA LEU J 492 -33.01 26.42 -13.02
C LEU J 492 -34.31 25.64 -13.17
N LEU J 493 -34.40 24.82 -14.25
CA LEU J 493 -35.60 24.02 -14.49
C LEU J 493 -35.83 23.02 -13.36
N LYS J 494 -34.75 22.40 -12.87
CA LYS J 494 -34.91 21.47 -11.74
C LYS J 494 -35.50 22.16 -10.51
N PHE J 495 -35.07 23.40 -10.23
CA PHE J 495 -35.57 24.10 -9.06
C PHE J 495 -37.05 24.45 -9.22
N HIS J 496 -37.45 24.88 -10.42
CA HIS J 496 -38.86 25.14 -10.70
C HIS J 496 -39.70 23.87 -10.56
N GLU J 497 -39.17 22.73 -11.03
CA GLU J 497 -39.93 21.47 -10.94
C GLU J 497 -40.16 21.06 -9.48
N LYS J 498 -39.16 21.29 -8.62
CA LYS J 498 -39.31 20.90 -7.23
C LYS J 498 -40.31 21.79 -6.51
N ILE J 499 -40.36 23.07 -6.87
CA ILE J 499 -41.35 23.95 -6.28
C ILE J 499 -42.72 23.62 -6.83
N LYS J 500 -42.80 23.35 -8.14
CA LYS J 500 -44.06 22.93 -8.76
C LYS J 500 -44.63 21.68 -8.08
N ASP J 501 -43.82 20.60 -7.99
CA ASP J 501 -44.35 19.36 -7.43
C ASP J 501 -44.76 19.54 -5.97
N ALA J 502 -44.09 20.44 -5.24
CA ALA J 502 -44.43 20.62 -3.83
C ALA J 502 -45.80 21.26 -3.66
N LEU J 503 -46.11 22.30 -4.44
CA LEU J 503 -47.38 22.99 -4.33
C LEU J 503 -48.46 22.40 -5.21
N ASP J 504 -48.09 21.54 -6.16
CA ASP J 504 -49.06 20.92 -7.07
C ASP J 504 -48.84 19.41 -7.13
N PRO J 505 -49.03 18.69 -6.02
CA PRO J 505 -48.72 17.25 -6.02
C PRO J 505 -49.47 16.44 -7.06
N ASN J 506 -50.64 16.89 -7.51
CA ASN J 506 -51.40 16.16 -8.50
C ASN J 506 -51.17 16.67 -9.91
N GLY J 507 -50.24 17.61 -10.08
CA GLY J 507 -49.89 18.18 -11.36
C GLY J 507 -51.05 18.75 -12.15
N ILE J 508 -51.72 19.77 -11.62
CA ILE J 508 -53.00 20.24 -12.15
C ILE J 508 -52.86 21.52 -12.97
N ILE J 509 -52.03 22.49 -12.56
CA ILE J 509 -52.10 23.84 -13.13
C ILE J 509 -51.12 23.99 -14.30
N ALA J 510 -51.67 24.27 -15.49
CA ALA J 510 -50.95 24.63 -16.72
C ALA J 510 -49.68 23.79 -16.93
N PRO J 511 -49.80 22.46 -16.99
CA PRO J 511 -48.60 21.64 -17.16
C PRO J 511 -47.86 22.03 -18.44
N GLY J 512 -46.56 22.30 -18.29
CA GLY J 512 -45.72 22.61 -19.43
C GLY J 512 -45.55 24.09 -19.72
N LYS J 513 -46.31 24.96 -19.05
CA LYS J 513 -46.06 26.39 -19.13
C LYS J 513 -44.59 26.67 -18.80
N SER J 514 -43.99 27.57 -19.61
CA SER J 514 -42.56 27.91 -19.56
C SER J 514 -41.65 26.67 -19.48
N GLY J 515 -42.05 25.57 -20.13
CA GLY J 515 -41.32 24.32 -20.05
C GLY J 515 -41.32 23.63 -18.69
N ILE J 516 -42.24 23.97 -17.78
CA ILE J 516 -42.26 23.37 -16.44
C ILE J 516 -43.36 22.31 -16.37
N TRP J 517 -42.97 21.06 -16.14
CA TRP J 517 -43.86 19.90 -16.19
C TRP J 517 -43.91 19.18 -14.84
N PRO J 518 -45.09 18.92 -14.27
CA PRO J 518 -45.15 18.17 -13.02
C PRO J 518 -44.75 16.71 -13.22
N GLN J 519 -44.41 16.04 -12.11
CA GLN J 519 -43.83 14.70 -12.17
C GLN J 519 -44.60 13.77 -13.10
N ARG J 520 -45.93 13.72 -12.96
CA ARG J 520 -46.74 12.73 -13.68
C ARG J 520 -46.71 12.92 -15.18
N PHE J 521 -46.22 14.05 -15.66
CA PHE J 521 -46.10 14.32 -17.09
C PHE J 521 -44.65 14.30 -17.59
N ARG J 522 -43.67 14.12 -16.70
CA ARG J 522 -42.27 14.21 -17.11
C ARG J 522 -41.85 12.92 -17.83
N GLY J 523 -41.23 13.09 -18.99
CA GLY J 523 -40.80 11.97 -19.82
C GLY J 523 -41.61 11.85 -21.11
N GLN J 524 -42.90 12.13 -21.00
CA GLN J 524 -43.81 11.89 -22.11
C GLN J 524 -43.61 12.92 -23.23
N ASN J 525 -44.23 12.64 -24.37
CA ASN J 525 -44.34 13.63 -25.44
C ASN J 525 -45.03 14.88 -24.95
N LEU J 526 -46.26 14.74 -24.48
CA LEU J 526 -47.06 15.89 -24.11
C LEU J 526 -48.03 15.57 -22.99
N THR K 2 33.93 97.67 19.72
CA THR K 2 34.62 97.39 20.98
C THR K 2 35.18 95.98 21.01
N ARG K 3 36.50 95.86 20.83
CA ARG K 3 37.20 94.60 21.01
C ARG K 3 36.64 93.86 22.21
N THR K 4 36.44 92.56 22.07
CA THR K 4 35.98 91.75 23.17
C THR K 4 37.16 91.28 24.01
N LEU K 5 37.11 91.54 25.31
CA LEU K 5 38.22 91.19 26.19
C LEU K 5 37.76 90.26 27.31
N PRO K 6 38.64 89.40 27.80
CA PRO K 6 38.29 88.61 28.97
C PRO K 6 38.00 89.51 30.15
N PRO K 7 37.07 89.13 31.03
CA PRO K 7 36.67 90.00 32.14
C PRO K 7 37.87 90.38 32.99
N GLY K 8 38.06 91.70 33.22
CA GLY K 8 39.26 92.20 33.86
C GLY K 8 40.53 91.70 33.20
N VAL K 9 40.68 91.78 31.87
CA VAL K 9 41.96 91.60 31.20
C VAL K 9 42.14 92.78 30.24
N SER K 10 43.23 93.49 30.42
CA SER K 10 43.47 94.70 29.69
C SER K 10 43.99 94.36 28.30
N ASP K 11 43.85 95.35 27.42
CA ASP K 11 44.32 95.22 26.04
C ASP K 11 45.78 94.80 26.00
N GLU K 12 46.61 95.40 26.86
CA GLU K 12 48.03 95.06 26.89
C GLU K 12 48.25 93.62 27.34
N ARG K 13 47.61 93.21 28.45
CA ARG K 13 47.80 91.85 28.97
C ARG K 13 47.19 90.78 28.07
N PHE K 14 46.10 91.11 27.35
CA PHE K 14 45.51 90.15 26.41
C PHE K 14 46.35 89.99 25.14
N ASP K 15 47.06 91.04 24.72
CA ASP K 15 47.97 90.92 23.58
C ASP K 15 49.14 90.02 23.94
N ALA K 16 49.68 90.17 25.16
CA ALA K 16 50.78 89.32 25.59
C ALA K 16 50.34 87.87 25.72
N ALA K 17 49.14 87.64 26.25
CA ALA K 17 48.62 86.27 26.33
C ALA K 17 48.36 85.70 24.93
N LEU K 18 47.90 86.55 24.00
CA LEU K 18 47.72 86.12 22.62
C LEU K 18 49.04 85.67 22.00
N GLN K 19 50.13 86.39 22.30
CA GLN K 19 51.45 85.96 21.79
C GLN K 19 51.88 84.66 22.45
N ARG K 20 51.55 84.47 23.74
CA ARG K 20 51.88 83.22 24.41
C ARG K 20 51.14 82.06 23.78
N PHE K 21 49.86 82.26 23.45
CA PHE K 21 49.13 81.22 22.73
C PHE K 21 49.80 80.88 21.40
N ARG K 22 50.13 81.92 20.61
CA ARG K 22 50.79 81.70 19.33
C ARG K 22 52.08 80.90 19.47
N ASP K 23 52.87 81.18 20.52
CA ASP K 23 54.10 80.42 20.74
C ASP K 23 53.83 78.94 20.97
N VAL K 24 52.64 78.58 21.46
CA VAL K 24 52.28 77.18 21.70
C VAL K 24 51.73 76.51 20.42
N VAL K 25 50.77 77.11 19.74
CA VAL K 25 50.07 76.43 18.65
C VAL K 25 50.44 76.92 17.27
N GLY K 26 51.16 78.03 17.16
CA GLY K 26 51.47 78.68 15.89
C GLY K 26 50.54 79.86 15.62
N ASP K 27 51.09 80.91 14.98
CA ASP K 27 50.29 82.12 14.72
C ASP K 27 49.03 81.83 13.93
N LYS K 28 49.10 80.90 12.98
CA LYS K 28 47.95 80.53 12.17
C LYS K 28 46.75 80.11 13.00
N TRP K 29 47.00 79.62 14.21
CA TRP K 29 45.98 78.88 14.92
C TRP K 29 45.40 79.69 16.08
N VAL K 30 45.60 80.99 16.07
CA VAL K 30 45.04 81.91 17.06
C VAL K 30 44.27 82.99 16.30
N LEU K 31 42.95 82.94 16.38
CA LEU K 31 42.11 83.99 15.83
C LEU K 31 41.77 84.98 16.93
N SER K 32 41.81 86.29 16.60
CA SER K 32 41.41 87.30 17.58
C SER K 32 40.78 88.57 17.01
N THR K 33 40.57 88.72 15.70
CA THR K 33 39.87 89.93 15.25
C THR K 33 38.38 89.65 15.19
N ALA K 34 37.58 90.70 15.35
CA ALA K 34 36.13 90.53 15.29
C ALA K 34 35.72 89.87 13.97
N ASP K 35 36.35 90.28 12.86
CA ASP K 35 36.09 89.60 11.58
C ASP K 35 36.40 88.11 11.69
N GLU K 36 37.58 87.76 12.20
CA GLU K 36 37.96 86.35 12.27
C GLU K 36 36.98 85.53 13.14
N LEU K 37 36.41 86.13 14.17
CA LEU K 37 35.60 85.42 15.16
C LEU K 37 34.12 85.28 14.78
N GLU K 38 33.66 85.87 13.66
CA GLU K 38 32.23 85.93 13.40
C GLU K 38 31.63 84.55 13.18
N ALA K 39 32.41 83.60 12.69
CA ALA K 39 31.91 82.25 12.60
C ALA K 39 31.72 81.61 13.97
N PHE K 40 32.32 82.16 15.03
CA PHE K 40 32.27 81.51 16.34
C PHE K 40 31.25 82.14 17.28
N ARG K 41 30.65 83.27 16.91
CA ARG K 41 29.41 83.68 17.54
C ARG K 41 28.35 82.60 17.34
N ASP K 42 27.34 82.63 18.21
CA ASP K 42 26.21 81.74 18.11
C ASP K 42 25.53 81.91 16.74
N PRO K 43 25.43 80.87 15.92
CA PRO K 43 24.75 81.04 14.62
C PRO K 43 23.24 81.19 14.73
N TYR K 44 22.62 80.72 15.84
CA TYR K 44 21.19 80.90 16.12
C TYR K 44 21.06 81.79 17.36
N PRO K 45 21.33 83.09 17.22
CA PRO K 45 21.46 83.95 18.40
C PRO K 45 20.11 84.09 19.12
N VAL K 46 20.18 84.15 20.45
CA VAL K 46 19.00 84.21 21.32
C VAL K 46 19.05 85.51 22.13
N GLY K 47 17.94 86.24 22.12
CA GLY K 47 17.88 87.58 22.69
C GLY K 47 18.24 88.64 21.68
N ALA K 48 17.81 89.89 21.98
CA ALA K 48 18.13 91.01 21.08
C ALA K 48 19.55 91.52 21.31
N ALA K 49 19.96 91.60 22.57
CA ALA K 49 21.27 92.09 22.97
C ALA K 49 22.38 91.16 22.52
N GLU K 50 23.58 91.72 22.37
CA GLU K 50 24.75 90.88 22.19
C GLU K 50 24.97 90.04 23.45
N ALA K 51 25.45 88.81 23.27
CA ALA K 51 25.81 87.95 24.39
C ALA K 51 26.70 86.83 23.85
N ASN K 52 27.38 86.16 24.77
CA ASN K 52 28.16 84.97 24.46
C ASN K 52 29.23 85.28 23.41
N LEU K 53 30.00 86.34 23.66
CA LEU K 53 31.00 86.71 22.67
C LEU K 53 32.36 86.13 23.03
N PRO K 54 33.04 85.51 22.06
CA PRO K 54 34.41 85.03 22.32
C PRO K 54 35.45 86.10 22.06
N SER K 55 36.47 86.13 22.91
CA SER K 55 37.61 87.02 22.70
C SER K 55 38.65 86.49 21.72
N ALA K 56 38.66 85.18 21.45
CA ALA K 56 39.68 84.54 20.62
C ALA K 56 39.32 83.07 20.45
N VAL K 57 39.96 82.47 19.45
CA VAL K 57 39.88 81.04 19.18
C VAL K 57 41.32 80.54 19.08
N VAL K 58 41.62 79.44 19.80
CA VAL K 58 42.93 78.77 19.77
C VAL K 58 42.75 77.32 19.35
N SER K 59 43.61 76.84 18.45
CA SER K 59 43.53 75.47 17.92
C SER K 59 44.78 74.65 18.26
N PRO K 60 44.72 73.83 19.30
CA PRO K 60 45.89 73.00 19.65
C PRO K 60 45.99 71.75 18.80
N GLU K 61 47.22 71.25 18.72
CA GLU K 61 47.51 70.06 17.94
C GLU K 61 47.61 68.81 18.80
N SER K 62 47.77 68.97 20.12
CA SER K 62 48.19 67.87 20.99
C SER K 62 47.70 68.14 22.42
N THR K 63 47.60 67.07 23.21
CA THR K 63 47.28 67.19 24.62
C THR K 63 48.24 68.12 25.33
N GLU K 64 49.51 67.98 25.02
CA GLU K 64 50.52 68.82 25.63
C GLU K 64 50.29 70.29 25.32
N GLN K 65 49.88 70.61 24.09
CA GLN K 65 49.52 71.98 23.75
C GLN K 65 48.29 72.42 24.56
N VAL K 66 47.29 71.54 24.71
CA VAL K 66 46.14 71.88 25.55
C VAL K 66 46.61 72.26 26.95
N GLN K 67 47.58 71.50 27.49
CA GLN K 67 48.12 71.79 28.82
C GLN K 67 48.80 73.15 28.86
N ASP K 68 49.59 73.49 27.83
CA ASP K 68 50.30 74.79 27.85
C ASP K 68 49.31 75.95 27.76
N ILE K 69 48.26 75.80 26.93
CA ILE K 69 47.19 76.78 26.87
C ILE K 69 46.58 77.01 28.24
N VAL K 70 46.25 75.93 28.94
CA VAL K 70 45.59 76.02 30.26
C VAL K 70 46.50 76.72 31.25
N ARG K 71 47.79 76.39 31.23
CA ARG K 71 48.73 77.02 32.17
C ARG K 71 48.89 78.51 31.89
N ILE K 72 48.86 78.90 30.61
CA ILE K 72 48.85 80.31 30.27
C ILE K 72 47.54 80.97 30.75
N ALA K 73 46.40 80.31 30.52
CA ALA K 73 45.12 80.85 31.02
C ALA K 73 45.14 81.07 32.52
N ASN K 74 45.80 80.17 33.27
CA ASN K 74 45.89 80.35 34.71
C ASN K 74 46.78 81.52 35.08
N GLU K 75 47.83 81.77 34.28
CA GLU K 75 48.72 82.89 34.52
C GLU K 75 48.01 84.22 34.34
N TYR K 76 47.23 84.37 33.27
CA TYR K 76 46.57 85.62 32.95
C TYR K 76 45.15 85.72 33.49
N GLY K 77 44.59 84.65 34.04
CA GLY K 77 43.21 84.65 34.46
C GLY K 77 42.24 84.81 33.30
N ILE K 78 42.55 84.19 32.16
CA ILE K 78 41.68 84.11 30.98
C ILE K 78 40.72 82.93 31.11
N PRO K 79 39.41 83.10 30.96
CA PRO K 79 38.52 81.95 30.86
C PRO K 79 38.68 81.23 29.53
N LEU K 80 38.48 79.92 29.56
CA LEU K 80 38.60 79.10 28.37
C LEU K 80 37.32 78.30 28.18
N HIS K 81 36.79 78.33 26.96
CA HIS K 81 35.61 77.55 26.63
C HIS K 81 36.01 76.40 25.72
N PRO K 82 36.18 75.18 26.24
CA PRO K 82 36.59 74.08 25.35
C PRO K 82 35.40 73.57 24.55
N VAL K 83 35.61 73.38 23.24
CA VAL K 83 34.68 72.72 22.35
C VAL K 83 35.45 71.66 21.55
N SER K 84 34.68 70.81 20.86
CA SER K 84 35.23 69.81 19.97
C SER K 84 35.21 70.33 18.53
N THR K 85 34.12 70.03 17.80
CA THR K 85 33.83 70.63 16.50
C THR K 85 33.00 71.92 16.63
N GLY K 86 32.45 72.23 17.81
CA GLY K 86 31.73 73.48 18.03
C GLY K 86 30.45 73.66 17.22
N LYS K 87 29.68 72.58 17.04
CA LYS K 87 28.44 72.60 16.27
C LYS K 87 27.23 72.36 17.16
N ASN K 88 27.29 72.84 18.41
CA ASN K 88 26.21 72.68 19.36
C ASN K 88 25.06 73.64 19.05
N ASN K 89 24.64 73.67 17.78
CA ASN K 89 23.61 74.59 17.35
C ASN K 89 22.25 74.20 17.96
N GLY K 90 21.54 75.20 18.49
CA GLY K 90 20.35 75.00 19.28
C GLY K 90 20.59 75.19 20.76
N TYR K 91 21.85 75.14 21.15
CA TYR K 91 22.26 75.27 22.53
C TYR K 91 23.32 76.36 22.73
N GLY K 92 23.71 77.07 21.67
CA GLY K 92 24.74 78.12 21.75
C GLY K 92 25.87 78.02 20.72
N GLY K 93 25.89 76.94 19.93
CA GLY K 93 26.96 76.74 18.95
C GLY K 93 28.32 76.60 19.61
N ALA K 94 29.28 77.33 19.09
CA ALA K 94 30.64 77.33 19.63
C ALA K 94 30.84 78.38 20.72
N ALA K 95 29.84 79.20 20.98
CA ALA K 95 29.98 80.42 21.76
C ALA K 95 30.06 80.13 23.25
N PRO K 96 30.94 80.82 23.98
CA PRO K 96 31.04 80.63 25.43
C PRO K 96 29.85 81.20 26.17
N ARG K 97 29.55 80.57 27.32
CA ARG K 97 28.58 81.12 28.25
C ARG K 97 29.00 82.51 28.73
N LEU K 98 30.26 82.64 29.16
CA LEU K 98 30.82 83.89 29.64
C LEU K 98 31.51 84.64 28.50
N SER K 99 31.02 85.84 28.19
CA SER K 99 31.62 86.68 27.16
C SER K 99 33.05 87.08 27.53
N GLY K 100 33.92 87.09 26.52
CA GLY K 100 35.32 87.33 26.74
C GLY K 100 36.14 86.08 26.93
N SER K 101 35.51 84.91 26.92
CA SER K 101 36.25 83.65 27.06
C SER K 101 36.94 83.31 25.74
N VAL K 102 38.08 82.62 25.86
CA VAL K 102 38.81 82.11 24.71
C VAL K 102 38.27 80.72 24.38
N ILE K 103 37.77 80.54 23.16
CA ILE K 103 37.37 79.22 22.71
C ILE K 103 38.63 78.41 22.40
N VAL K 104 38.72 77.21 22.94
CA VAL K 104 39.76 76.25 22.60
C VAL K 104 39.12 75.20 21.70
N LYS K 105 39.37 75.27 20.39
CA LYS K 105 38.74 74.34 19.47
C LYS K 105 39.66 73.14 19.33
N THR K 106 39.43 72.13 20.18
CA THR K 106 40.27 70.93 20.17
C THR K 106 40.08 70.12 18.88
N GLY K 107 38.89 70.14 18.29
CA GLY K 107 38.65 69.33 17.13
C GLY K 107 39.29 69.81 15.84
N GLU K 108 39.66 71.09 15.75
CA GLU K 108 40.20 71.61 14.50
C GLU K 108 41.39 70.77 14.05
N ARG K 109 42.36 70.56 14.93
CA ARG K 109 43.56 69.79 14.58
C ARG K 109 43.71 68.50 15.36
N MET K 110 43.01 68.31 16.48
CA MET K 110 43.04 67.01 17.17
C MET K 110 41.84 66.19 16.67
N ASN K 111 41.98 65.72 15.43
CA ASN K 111 40.88 65.15 14.66
C ASN K 111 41.18 63.72 14.22
N ARG K 112 41.96 62.98 15.02
CA ARG K 112 42.48 61.70 14.59
C ARG K 112 41.77 60.55 15.29
N ILE K 113 41.48 59.51 14.53
CA ILE K 113 40.95 58.26 15.06
C ILE K 113 42.15 57.48 15.58
N LEU K 114 42.24 57.29 16.90
CA LEU K 114 43.41 56.61 17.45
C LEU K 114 43.29 55.10 17.36
N GLU K 115 42.08 54.56 17.32
CA GLU K 115 41.91 53.11 17.35
C GLU K 115 40.47 52.75 17.09
N VAL K 116 40.27 51.75 16.22
CA VAL K 116 39.02 51.02 16.09
C VAL K 116 39.37 49.55 16.24
N ASN K 117 38.84 48.91 17.28
CA ASN K 117 39.10 47.49 17.57
C ASN K 117 37.93 46.71 17.00
N GLU K 118 38.22 45.86 16.00
CA GLU K 118 37.17 45.04 15.39
C GLU K 118 36.68 43.95 16.33
N LYS K 119 37.60 43.28 17.03
CA LYS K 119 37.27 42.09 17.79
C LYS K 119 36.35 42.41 18.97
N TYR K 120 36.64 43.49 19.72
CA TYR K 120 35.90 43.86 20.92
C TYR K 120 34.92 44.98 20.68
N GLY K 121 34.97 45.64 19.52
CA GLY K 121 33.97 46.64 19.17
C GLY K 121 34.04 47.94 19.94
N TYR K 122 35.11 48.71 19.72
CA TYR K 122 35.21 50.04 20.28
C TYR K 122 36.08 50.92 19.40
N ALA K 123 36.05 52.22 19.72
CA ALA K 123 36.88 53.25 19.12
C ALA K 123 37.52 54.09 20.21
N LEU K 124 38.71 54.60 19.93
CA LEU K 124 39.35 55.63 20.73
C LEU K 124 39.51 56.85 19.82
N LEU K 125 38.91 57.97 20.21
CA LEU K 125 38.77 59.11 19.34
C LEU K 125 39.30 60.37 20.01
N GLU K 126 39.85 61.24 19.20
CA GLU K 126 40.06 62.66 19.51
C GLU K 126 38.80 63.45 19.21
N PRO K 127 38.69 64.67 19.76
CA PRO K 127 37.44 65.44 19.63
C PRO K 127 37.08 65.88 18.19
N GLY K 128 38.01 65.95 17.25
CA GLY K 128 37.70 66.37 15.89
C GLY K 128 37.12 65.30 14.97
N VAL K 129 36.97 64.07 15.44
CA VAL K 129 36.37 63.02 14.62
C VAL K 129 34.86 63.28 14.55
N THR K 130 34.38 63.68 13.39
CA THR K 130 32.95 63.81 13.19
C THR K 130 32.35 62.44 12.95
N TYR K 131 31.01 62.38 12.98
CA TYR K 131 30.32 61.14 12.62
C TYR K 131 30.59 60.76 11.18
N PHE K 132 30.65 61.75 10.27
CA PHE K 132 31.02 61.43 8.88
C PHE K 132 32.39 60.75 8.81
N ASP K 133 33.38 61.26 9.56
CA ASP K 133 34.73 60.70 9.54
C ASP K 133 34.73 59.27 10.05
N LEU K 134 34.09 59.02 11.19
CA LEU K 134 34.08 57.66 11.73
C LEU K 134 33.34 56.71 10.79
N TYR K 135 32.21 57.15 10.21
CA TYR K 135 31.53 56.32 9.22
C TYR K 135 32.43 56.04 8.02
N GLU K 136 33.10 57.07 7.51
CA GLU K 136 34.03 56.94 6.40
C GLU K 136 35.17 55.97 6.72
N TYR K 137 35.71 56.05 7.94
CA TYR K 137 36.70 55.08 8.41
C TYR K 137 36.14 53.66 8.41
N LEU K 138 34.95 53.47 8.99
CA LEU K 138 34.38 52.13 9.15
C LEU K 138 34.13 51.48 7.79
N GLN K 139 33.68 52.28 6.81
CA GLN K 139 33.46 51.79 5.45
C GLN K 139 34.77 51.42 4.77
N SER K 140 35.77 52.31 4.84
CA SER K 140 37.09 52.07 4.23
C SER K 140 37.72 50.78 4.71
N HIS K 141 37.48 50.42 5.97
CA HIS K 141 38.12 49.28 6.58
C HIS K 141 37.21 48.08 6.65
N ASP K 142 36.09 48.13 5.92
CA ASP K 142 35.18 46.99 5.83
C ASP K 142 34.76 46.47 7.21
N SER K 143 34.61 47.39 8.16
CA SER K 143 34.32 47.03 9.54
C SER K 143 32.95 46.33 9.66
N GLY K 144 32.87 45.37 10.58
CA GLY K 144 31.59 44.79 10.95
C GLY K 144 30.80 45.62 11.95
N LEU K 145 31.35 46.77 12.35
CA LEU K 145 30.77 47.65 13.35
C LEU K 145 29.93 48.77 12.71
N MET K 146 29.00 49.30 13.49
CA MET K 146 28.29 50.52 13.10
C MET K 146 28.37 51.53 14.23
N LEU K 147 28.21 52.80 13.88
CA LEU K 147 28.23 53.85 14.87
C LEU K 147 26.81 54.22 15.23
N ASP K 148 26.68 55.09 16.22
CA ASP K 148 25.40 55.68 16.59
C ASP K 148 25.53 57.19 16.46
N CYS K 149 24.70 57.80 15.62
CA CYS K 149 24.77 59.23 15.38
C CYS K 149 23.46 59.92 15.74
N PRO K 150 23.54 61.22 16.07
CA PRO K 150 22.36 62.08 16.14
C PRO K 150 21.88 62.47 14.75
N ASP K 151 20.95 63.43 14.68
CA ASP K 151 20.31 63.80 13.41
C ASP K 151 21.31 64.45 12.47
N LEU K 152 22.29 65.15 13.00
CA LEU K 152 23.23 65.91 12.17
C LEU K 152 24.62 65.30 12.35
N GLY K 153 25.19 64.80 11.25
CA GLY K 153 26.40 64.03 11.23
C GLY K 153 27.69 64.82 11.19
N TRP K 154 27.62 66.15 11.19
CA TRP K 154 28.81 67.00 11.14
C TRP K 154 29.35 67.35 12.52
N GLY K 155 28.79 66.77 13.58
CA GLY K 155 29.24 67.03 14.92
C GLY K 155 30.20 65.96 15.40
N SER K 156 30.69 66.16 16.62
CA SER K 156 31.78 65.35 17.16
C SER K 156 31.25 64.19 17.99
N VAL K 157 31.75 62.99 17.70
CA VAL K 157 31.44 61.83 18.55
C VAL K 157 31.75 62.15 20.01
N VAL K 158 32.88 62.81 20.26
CA VAL K 158 33.25 63.19 21.62
C VAL K 158 32.34 64.30 22.14
N GLY K 159 32.25 65.40 21.38
CA GLY K 159 31.57 66.59 21.89
C GLY K 159 30.11 66.35 22.17
N ASN K 160 29.44 65.57 21.30
CA ASN K 160 28.05 65.19 21.54
C ASN K 160 27.91 64.39 22.84
N THR K 161 28.83 63.44 23.05
CA THR K 161 28.79 62.63 24.27
C THR K 161 28.99 63.48 25.52
N LEU K 162 29.83 64.52 25.45
CA LEU K 162 30.13 65.35 26.62
C LEU K 162 29.01 66.34 26.96
N ASP K 163 28.03 66.51 26.09
CA ASP K 163 26.82 67.22 26.47
C ASP K 163 25.67 66.23 26.71
N ARG K 164 25.99 64.94 26.77
CA ARG K 164 25.06 63.84 26.90
C ARG K 164 23.98 63.89 25.81
N GLY K 165 24.44 64.08 24.56
CA GLY K 165 23.60 63.89 23.40
C GLY K 165 23.20 62.43 23.21
N VAL K 166 22.32 62.21 22.22
CA VAL K 166 21.74 60.88 21.99
C VAL K 166 21.51 60.63 20.50
N GLY K 167 21.61 59.37 20.13
CA GLY K 167 21.24 58.95 18.79
C GLY K 167 20.10 57.97 18.85
N TYR K 168 19.91 57.17 17.80
CA TYR K 168 18.66 56.45 17.67
C TYR K 168 18.80 54.94 17.46
N THR K 169 20.04 54.38 17.46
CA THR K 169 20.21 52.93 17.34
C THR K 169 20.09 52.30 18.74
N PRO K 170 20.24 50.98 18.91
CA PRO K 170 20.22 50.45 20.28
C PRO K 170 21.35 50.99 21.16
N TYR K 171 22.42 51.52 20.57
CA TYR K 171 23.52 52.21 21.28
C TYR K 171 23.28 53.72 21.37
N GLY K 172 22.02 54.18 21.47
CA GLY K 172 21.71 55.60 21.40
C GLY K 172 22.06 56.44 22.62
N ASP K 173 22.27 55.82 23.78
CA ASP K 173 22.67 56.53 25.01
C ASP K 173 24.19 56.66 25.00
N HIS K 174 24.71 57.72 24.35
CA HIS K 174 26.14 57.82 24.04
C HIS K 174 27.00 57.74 25.29
N PHE K 175 26.55 58.35 26.40
CA PHE K 175 27.38 58.37 27.60
C PHE K 175 27.51 56.99 28.24
N MET K 176 26.46 56.19 28.18
CA MET K 176 26.53 54.83 28.73
C MET K 176 27.64 54.04 28.04
N TRP K 177 27.79 54.22 26.74
CA TRP K 177 28.75 53.46 25.98
C TRP K 177 30.11 54.10 25.95
N GLN K 178 30.23 55.35 26.43
CA GLN K 178 31.54 55.95 26.62
C GLN K 178 32.34 55.05 27.55
N THR K 179 33.63 54.89 27.23
CA THR K 179 34.51 53.97 27.99
C THR K 179 35.91 54.57 28.01
N GLY K 180 36.21 55.30 29.08
CA GLY K 180 37.52 55.90 29.29
C GLY K 180 37.65 57.26 28.62
N LEU K 181 38.38 58.15 29.28
CA LEU K 181 38.75 59.40 28.64
C LEU K 181 40.06 59.92 29.20
N GLU K 182 40.63 60.87 28.46
CA GLU K 182 41.77 61.68 28.87
C GLU K 182 41.31 63.13 28.99
N VAL K 183 41.57 63.74 30.13
CA VAL K 183 41.19 65.13 30.33
C VAL K 183 42.37 65.94 30.89
N VAL K 184 42.50 67.17 30.41
CA VAL K 184 43.40 68.16 31.00
C VAL K 184 42.61 68.93 32.05
N LEU K 185 43.00 68.78 33.31
CA LEU K 185 42.31 69.38 34.45
C LEU K 185 42.57 70.87 34.50
N PRO K 186 41.81 71.65 35.30
CA PRO K 186 41.76 73.10 35.09
C PRO K 186 43.03 73.84 35.46
N GLN K 187 43.99 73.21 36.12
CA GLN K 187 45.29 73.83 36.28
C GLN K 187 46.35 73.20 35.38
N GLY K 188 45.99 72.23 34.56
CA GLY K 188 46.88 71.80 33.51
C GLY K 188 47.38 70.39 33.62
N GLU K 189 47.00 69.68 34.66
CA GLU K 189 47.45 68.30 34.84
C GLU K 189 46.57 67.37 34.03
N VAL K 190 47.17 66.37 33.42
CA VAL K 190 46.44 65.42 32.59
C VAL K 190 46.18 64.13 33.36
N MET K 191 44.99 63.57 33.16
CA MET K 191 44.48 62.39 33.87
C MET K 191 43.73 61.49 32.90
N ARG K 192 43.82 60.17 33.14
CA ARG K 192 43.08 59.16 32.38
C ARG K 192 42.20 58.36 33.33
N THR K 193 40.95 58.12 32.93
CA THR K 193 39.97 57.40 33.74
C THR K 193 39.99 55.90 33.39
N GLY K 194 39.27 55.11 34.21
CA GLY K 194 39.12 53.70 33.91
C GLY K 194 40.45 52.96 33.96
N MET K 195 40.56 51.89 33.15
CA MET K 195 41.81 51.14 33.12
C MET K 195 42.92 51.95 32.46
N GLY K 196 42.58 53.03 31.78
CA GLY K 196 43.60 53.94 31.28
C GLY K 196 44.58 54.41 32.34
N ALA K 197 44.12 54.61 33.58
CA ALA K 197 45.03 54.96 34.66
C ALA K 197 46.01 53.86 35.02
N LEU K 198 45.80 52.63 34.55
CA LEU K 198 46.76 51.57 34.85
C LEU K 198 47.76 51.42 33.69
N PRO K 199 49.01 51.89 33.83
CA PRO K 199 49.93 51.94 32.68
C PRO K 199 50.14 50.57 32.04
N GLY K 200 50.02 50.53 30.71
CA GLY K 200 50.11 49.27 29.98
C GLY K 200 48.90 48.37 30.08
N SER K 201 47.72 48.89 30.39
CA SER K 201 46.51 48.07 30.27
C SER K 201 45.99 48.15 28.84
N ASP K 202 45.47 47.03 28.36
CA ASP K 202 44.79 46.89 27.08
C ASP K 202 43.32 47.20 27.17
N ALA K 203 42.84 47.55 28.36
CA ALA K 203 41.43 47.45 28.71
C ALA K 203 40.77 48.82 28.93
N TRP K 204 41.38 49.89 28.42
CA TRP K 204 40.86 51.24 28.62
C TRP K 204 39.44 51.39 28.07
N GLN K 205 39.16 50.75 26.94
CA GLN K 205 37.85 50.80 26.30
C GLN K 205 37.04 49.52 26.49
N LEU K 206 37.53 48.60 27.31
CA LEU K 206 36.86 47.32 27.56
C LEU K 206 35.99 47.35 28.81
N PHE K 207 36.53 47.88 29.90
CA PHE K 207 35.89 47.87 31.21
C PHE K 207 35.67 49.31 31.64
N PRO K 208 34.43 49.75 31.87
CA PRO K 208 34.22 51.19 32.07
C PRO K 208 34.75 51.72 33.40
N TYR K 209 34.65 50.95 34.49
CA TYR K 209 34.70 51.55 35.82
C TYR K 209 36.12 51.72 36.37
N GLY K 210 36.99 50.75 36.14
CA GLY K 210 38.26 50.77 36.86
C GLY K 210 38.04 50.50 38.34
N PHE K 211 38.75 51.25 39.16
CA PHE K 211 38.79 51.02 40.60
C PHE K 211 38.64 52.37 41.27
N GLY K 212 37.90 52.40 42.39
CA GLY K 212 37.63 53.65 43.06
C GLY K 212 36.42 54.36 42.50
N PRO K 213 36.19 55.59 42.92
CA PRO K 213 35.03 56.34 42.40
C PRO K 213 35.07 56.52 40.89
N PHE K 214 33.89 56.45 40.26
CA PHE K 214 33.70 56.56 38.82
C PHE K 214 33.53 58.02 38.44
N PRO K 215 34.55 58.66 37.86
CA PRO K 215 34.50 60.11 37.66
C PRO K 215 34.00 60.58 36.30
N ASP K 216 33.93 59.69 35.31
CA ASP K 216 33.67 60.12 33.94
C ASP K 216 32.40 60.98 33.82
N GLY K 217 31.36 60.64 34.59
CA GLY K 217 30.13 61.42 34.55
C GLY K 217 30.34 62.89 34.89
N MET K 218 31.24 63.19 35.83
CA MET K 218 31.55 64.56 36.24
C MET K 218 32.12 65.40 35.11
N PHE K 219 32.52 64.80 34.00
CA PHE K 219 33.05 65.56 32.89
C PHE K 219 32.02 65.80 31.78
N THR K 220 30.78 65.38 31.96
CA THR K 220 29.74 65.65 30.97
C THR K 220 28.87 66.80 31.45
N GLN K 221 28.47 67.67 30.51
CA GLN K 221 27.74 68.91 30.81
C GLN K 221 28.43 69.65 31.95
N SER K 222 29.72 69.90 31.79
CA SER K 222 30.62 70.18 32.90
C SER K 222 31.61 71.27 32.51
N ASN K 223 32.41 71.67 33.48
CA ASN K 223 33.50 72.61 33.26
C ASN K 223 34.68 72.28 34.18
N LEU K 224 34.93 70.99 34.38
CA LEU K 224 36.05 70.52 35.19
C LEU K 224 37.27 70.13 34.36
N GLY K 225 37.25 70.31 33.05
CA GLY K 225 38.41 69.98 32.25
C GLY K 225 38.17 70.08 30.75
N ILE K 226 39.27 69.94 30.02
CA ILE K 226 39.27 69.83 28.57
C ILE K 226 39.57 68.38 28.18
N VAL K 227 38.62 67.71 27.52
CA VAL K 227 38.78 66.29 27.19
C VAL K 227 39.56 66.16 25.88
N THR K 228 40.60 65.32 25.89
CA THR K 228 41.49 65.22 24.74
C THR K 228 41.39 63.88 24.04
N LYS K 229 40.79 62.88 24.67
CA LYS K 229 40.65 61.54 24.14
C LYS K 229 39.43 60.93 24.81
N MET K 230 38.66 60.17 24.04
CA MET K 230 37.49 59.49 24.58
C MET K 230 37.33 58.14 23.91
N GLY K 231 36.94 57.14 24.68
CA GLY K 231 36.60 55.83 24.15
C GLY K 231 35.08 55.70 24.04
N ILE K 232 34.63 54.82 23.15
CA ILE K 232 33.22 54.51 23.02
C ILE K 232 33.09 53.07 22.49
N ALA K 233 32.13 52.34 23.03
CA ALA K 233 31.77 51.03 22.51
C ALA K 233 30.98 51.20 21.20
N LEU K 234 31.24 50.30 20.25
CA LEU K 234 30.51 50.24 18.99
C LEU K 234 29.81 48.88 18.88
N MET K 235 28.61 48.90 18.35
CA MET K 235 27.83 47.67 18.20
C MET K 235 28.10 47.03 16.84
N GLN K 236 27.99 45.70 16.79
CA GLN K 236 28.03 45.01 15.51
C GLN K 236 26.79 45.36 14.67
N ARG K 237 27.00 45.55 13.37
CA ARG K 237 25.88 45.81 12.47
C ARG K 237 25.05 44.55 12.30
N PRO K 238 23.74 44.62 12.46
CA PRO K 238 22.90 43.41 12.42
C PRO K 238 22.70 42.91 11.00
N PRO K 239 22.20 41.68 10.82
CA PRO K 239 22.02 41.15 9.46
C PRO K 239 21.19 42.03 8.54
N ALA K 240 20.06 42.52 9.00
CA ALA K 240 19.17 43.31 8.16
C ALA K 240 18.41 44.34 9.00
N SER K 241 17.73 45.26 8.32
CA SER K 241 16.94 46.28 9.01
C SER K 241 15.80 46.76 8.12
N GLN K 242 14.72 47.20 8.78
CA GLN K 242 13.54 47.75 8.13
C GLN K 242 13.02 48.89 8.98
N SER K 243 12.78 50.04 8.34
CA SER K 243 12.26 51.22 9.02
C SER K 243 10.79 51.44 8.65
N PHE K 244 10.01 51.92 9.61
CA PHE K 244 8.58 52.09 9.38
C PHE K 244 8.11 53.42 9.93
N LEU K 245 6.94 53.83 9.44
CA LEU K 245 6.26 55.07 9.80
C LEU K 245 4.80 54.77 10.08
N ILE K 246 4.33 55.20 11.24
CA ILE K 246 2.92 55.12 11.59
C ILE K 246 2.41 56.55 11.67
N THR K 247 1.51 56.91 10.75
CA THR K 247 0.79 58.17 10.82
C THR K 247 -0.44 58.02 11.73
N PHE K 248 -0.62 58.97 12.64
CA PHE K 248 -1.82 59.08 13.47
C PHE K 248 -2.50 60.41 13.19
N ASP K 249 -3.82 60.38 13.00
CA ASP K 249 -4.50 61.52 12.38
C ASP K 249 -4.74 62.70 13.35
N LYS K 250 -5.01 62.45 14.63
CA LYS K 250 -5.49 63.52 15.51
C LYS K 250 -4.44 63.89 16.56
N GLU K 251 -4.42 65.18 16.93
CA GLU K 251 -3.57 65.65 18.03
C GLU K 251 -3.81 64.85 19.31
N GLU K 252 -5.04 64.42 19.55
CA GLU K 252 -5.38 63.75 20.79
C GLU K 252 -4.92 62.30 20.82
N ASP K 253 -4.35 61.80 19.71
CA ASP K 253 -3.85 60.44 19.65
C ASP K 253 -2.58 60.23 20.48
N LEU K 254 -1.89 61.31 20.83
CA LEU K 254 -0.59 61.21 21.49
C LEU K 254 -0.70 60.40 22.78
N GLU K 255 -1.79 60.59 23.55
CA GLU K 255 -1.95 59.89 24.82
C GLU K 255 -1.96 58.38 24.60
N GLN K 256 -2.72 57.90 23.61
CA GLN K 256 -2.80 56.46 23.43
C GLN K 256 -1.55 55.89 22.74
N ILE K 257 -0.97 56.64 21.79
CA ILE K 257 0.30 56.24 21.17
C ILE K 257 1.33 55.93 22.25
N VAL K 258 1.61 56.91 23.11
CA VAL K 258 2.61 56.72 24.16
C VAL K 258 2.25 55.51 25.01
N ASP K 259 0.97 55.40 25.41
CA ASP K 259 0.58 54.36 26.35
C ASP K 259 0.67 52.97 25.73
N ILE K 260 0.19 52.80 24.49
CA ILE K 260 0.42 51.53 23.79
C ILE K 260 1.90 51.25 23.65
N MET K 261 2.68 52.29 23.37
CA MET K 261 4.10 52.17 23.05
C MET K 261 4.91 51.54 24.19
N LEU K 262 4.71 52.04 25.41
CA LEU K 262 5.57 51.67 26.55
C LEU K 262 5.76 50.16 26.74
N PRO K 263 4.73 49.31 26.71
CA PRO K 263 4.99 47.88 26.86
C PRO K 263 5.76 47.27 25.69
N LEU K 264 5.78 47.94 24.53
CA LEU K 264 6.54 47.48 23.38
C LEU K 264 8.01 47.90 23.42
N ARG K 265 8.38 48.80 24.33
CA ARG K 265 9.70 49.43 24.39
C ARG K 265 10.55 48.98 25.57
N ILE K 266 9.92 48.77 26.73
CA ILE K 266 10.66 48.66 27.98
C ILE K 266 11.54 47.41 28.00
N ASN K 267 11.12 46.35 27.31
CA ASN K 267 11.95 45.16 27.14
C ASN K 267 12.82 45.22 25.90
N MET K 268 12.97 46.40 25.30
CA MET K 268 13.84 46.65 24.13
C MET K 268 13.48 45.74 22.96
N ALA K 269 12.18 45.44 22.81
CA ALA K 269 11.64 44.52 21.81
C ALA K 269 10.14 44.38 22.03
N PRO K 270 9.31 44.44 20.98
CA PRO K 270 9.69 44.57 19.56
C PRO K 270 10.26 45.94 19.14
N LEU K 271 10.22 46.96 20.00
CA LEU K 271 10.77 48.28 19.67
C LEU K 271 12.25 48.30 20.09
N GLN K 272 13.11 47.88 19.16
CA GLN K 272 14.54 47.67 19.43
C GLN K 272 15.36 48.96 19.42
N ASN K 273 15.03 49.91 18.54
CA ASN K 273 15.77 51.15 18.43
C ASN K 273 15.14 52.23 19.30
N VAL K 274 15.56 53.48 19.11
CA VAL K 274 14.95 54.63 19.76
C VAL K 274 13.83 55.16 18.86
N PRO K 275 12.57 54.92 19.19
CA PRO K 275 11.48 55.48 18.39
C PRO K 275 11.43 56.99 18.51
N VAL K 276 11.00 57.65 17.44
CA VAL K 276 10.75 59.09 17.45
C VAL K 276 9.27 59.33 17.17
N LEU K 277 8.70 60.33 17.86
CA LEU K 277 7.31 60.74 17.68
C LEU K 277 7.31 62.21 17.27
N ARG K 278 7.13 62.48 15.98
CA ARG K 278 7.28 63.83 15.42
C ARG K 278 5.93 64.38 14.96
N ASN K 279 5.60 65.60 15.37
CA ASN K 279 4.35 66.19 14.89
C ASN K 279 4.54 66.78 13.49
N ILE K 280 3.42 67.18 12.89
CA ILE K 280 3.38 67.55 11.48
C ILE K 280 4.22 68.79 11.20
N PHE K 281 4.30 69.71 12.17
CA PHE K 281 5.11 70.91 11.99
C PHE K 281 6.59 70.57 11.79
N MET K 282 7.08 69.58 12.52
CA MET K 282 8.46 69.12 12.36
C MET K 282 8.67 68.53 10.96
N ASP K 283 7.87 67.54 10.58
CA ASP K 283 8.05 66.88 9.28
C ASP K 283 7.82 67.82 8.10
N ALA K 284 6.90 68.77 8.23
CA ALA K 284 6.70 69.73 7.14
C ALA K 284 7.93 70.61 6.97
N ALA K 285 8.46 71.14 8.08
CA ALA K 285 9.65 71.99 8.01
C ALA K 285 10.83 71.29 7.36
N ALA K 286 10.95 69.96 7.57
CA ALA K 286 12.01 69.22 6.93
C ALA K 286 11.91 69.18 5.41
N VAL K 287 10.72 69.43 4.82
CA VAL K 287 10.54 69.29 3.37
C VAL K 287 9.89 70.49 2.69
N SER K 288 9.68 71.59 3.41
CA SER K 288 9.02 72.76 2.81
C SER K 288 9.21 73.99 3.68
N LYS K 289 8.94 75.16 3.06
CA LYS K 289 8.89 76.45 3.74
C LYS K 289 7.48 76.75 4.24
N ARG K 290 7.41 77.56 5.29
CA ARG K 290 6.14 77.86 5.96
C ARG K 290 5.12 78.44 4.99
N THR K 291 5.59 79.29 4.08
CA THR K 291 4.75 79.98 3.12
C THR K 291 4.27 79.09 1.97
N GLU K 292 4.45 77.76 2.05
CA GLU K 292 3.67 76.84 1.22
C GLU K 292 2.30 76.55 1.83
N TRP K 293 2.16 76.77 3.14
CA TRP K 293 0.96 76.40 3.87
C TRP K 293 0.21 77.59 4.45
N PHE K 294 0.90 78.71 4.67
CA PHE K 294 0.30 79.89 5.30
C PHE K 294 1.18 81.11 5.08
N ASP K 295 0.63 82.13 4.44
CA ASP K 295 1.40 83.26 3.94
C ASP K 295 1.25 84.48 4.83
N GLY K 296 0.82 84.29 6.09
CA GLY K 296 0.28 85.42 6.82
C GLY K 296 0.52 85.59 8.30
N ASP K 297 -0.59 85.64 9.04
CA ASP K 297 -0.68 86.24 10.36
C ASP K 297 -0.65 85.17 11.45
N GLY K 298 0.40 85.17 12.26
CA GLY K 298 0.41 84.48 13.53
C GLY K 298 0.36 82.98 13.44
N PRO K 299 -0.17 82.33 14.47
CA PRO K 299 -0.18 80.86 14.51
C PRO K 299 -0.95 80.28 13.34
N MET K 300 -0.57 79.07 12.95
CA MET K 300 -1.08 78.49 11.71
C MET K 300 -2.51 77.99 11.91
N PRO K 301 -3.45 78.35 11.03
CA PRO K 301 -4.84 77.93 11.18
C PRO K 301 -5.02 76.44 10.97
N ALA K 302 -6.11 75.94 11.51
CA ALA K 302 -6.40 74.52 11.48
C ALA K 302 -6.72 74.02 10.09
N GLU K 303 -7.06 74.92 9.15
CA GLU K 303 -7.25 74.45 7.79
C GLU K 303 -5.94 74.33 7.05
N ALA K 304 -4.92 75.06 7.51
CA ALA K 304 -3.57 74.92 6.97
C ALA K 304 -2.83 73.72 7.57
N ILE K 305 -3.14 73.37 8.82
CA ILE K 305 -2.56 72.15 9.38
C ILE K 305 -3.11 70.92 8.66
N GLU K 306 -4.40 70.94 8.28
CA GLU K 306 -4.94 69.81 7.53
C GLU K 306 -4.36 69.77 6.11
N ARG K 307 -3.96 70.93 5.57
CA ARG K 307 -3.36 70.99 4.24
C ARG K 307 -2.01 70.30 4.21
N MET K 308 -1.14 70.68 5.16
CA MET K 308 0.12 69.97 5.37
C MET K 308 -0.10 68.47 5.43
N LYS K 309 -1.06 68.07 6.26
CA LYS K 309 -1.34 66.65 6.47
C LYS K 309 -1.64 65.93 5.17
N LYS K 310 -2.52 66.51 4.33
CA LYS K 310 -2.99 65.77 3.16
C LYS K 310 -1.96 65.79 2.03
N ASP K 311 -1.32 66.94 1.80
CA ASP K 311 -0.35 67.04 0.70
C ASP K 311 0.83 66.11 0.93
N LEU K 312 1.35 66.06 2.15
CA LEU K 312 2.47 65.18 2.48
C LEU K 312 2.03 63.77 2.88
N ASP K 313 0.73 63.52 2.94
CA ASP K 313 0.17 62.23 3.37
C ASP K 313 0.79 61.80 4.71
N LEU K 314 0.52 62.58 5.74
CA LEU K 314 1.03 62.34 7.08
C LEU K 314 -0.01 62.81 8.09
N GLY K 315 -0.09 62.12 9.23
CA GLY K 315 -0.95 62.56 10.31
C GLY K 315 -0.36 63.71 11.10
N PHE K 316 -1.09 64.14 12.13
CA PHE K 316 -0.54 65.13 13.05
C PHE K 316 0.65 64.56 13.82
N TRP K 317 0.58 63.32 14.26
CA TRP K 317 1.67 62.64 14.95
C TRP K 317 2.20 61.53 14.05
N ASN K 318 3.53 61.43 13.94
CA ASN K 318 4.18 60.48 13.02
C ASN K 318 5.26 59.72 13.77
N PHE K 319 5.03 58.42 13.92
CA PHE K 319 5.87 57.53 14.71
C PHE K 319 6.84 56.83 13.74
N TYR K 320 8.14 57.02 13.95
CA TYR K 320 9.17 56.37 13.11
C TYR K 320 9.95 55.36 13.93
N GLY K 321 10.18 54.18 13.37
CA GLY K 321 10.91 53.12 14.05
C GLY K 321 11.75 52.31 13.07
N THR K 322 12.58 51.43 13.64
CA THR K 322 13.45 50.55 12.86
C THR K 322 13.60 49.23 13.60
N LEU K 323 13.63 48.13 12.84
CA LEU K 323 13.74 46.80 13.43
C LEU K 323 15.02 46.12 12.94
N TYR K 324 15.68 45.38 13.81
CA TYR K 324 16.97 44.75 13.47
C TYR K 324 16.89 43.24 13.66
N GLY K 325 17.30 42.49 12.63
CA GLY K 325 17.56 41.08 12.76
C GLY K 325 17.37 40.30 11.47
N PRO K 326 17.40 38.98 11.56
CA PRO K 326 16.98 38.15 10.43
C PRO K 326 15.55 38.51 10.03
N PRO K 327 15.24 38.48 8.73
CA PRO K 327 13.92 38.92 8.25
C PRO K 327 12.75 38.25 8.97
N PRO K 328 12.85 36.96 9.38
CA PRO K 328 11.81 36.42 10.26
C PRO K 328 11.55 37.28 11.50
N LEU K 329 12.58 37.54 12.30
CA LEU K 329 12.37 38.31 13.52
C LEU K 329 11.82 39.70 13.23
N ILE K 330 12.17 40.29 12.07
CA ILE K 330 11.57 41.55 11.66
C ILE K 330 10.09 41.36 11.37
N GLU K 331 9.75 40.31 10.62
CA GLU K 331 8.34 39.98 10.36
C GLU K 331 7.52 39.96 11.65
N MET K 332 7.92 39.12 12.61
CA MET K 332 7.20 38.99 13.88
C MET K 332 7.11 40.32 14.61
N TYR K 333 8.26 40.94 14.88
CA TYR K 333 8.27 42.20 15.61
C TYR K 333 7.38 43.24 14.94
N TYR K 334 7.41 43.30 13.60
CA TYR K 334 6.56 44.24 12.87
C TYR K 334 5.09 43.91 13.01
N GLY K 335 4.75 42.64 13.20
CA GLY K 335 3.36 42.26 13.39
C GLY K 335 2.82 42.65 14.75
N MET K 336 3.61 42.44 15.80
CA MET K 336 3.19 42.88 17.13
C MET K 336 3.00 44.40 17.16
N ILE K 337 3.86 45.14 16.47
CA ILE K 337 3.69 46.59 16.40
C ILE K 337 2.40 46.94 15.68
N LYS K 338 2.19 46.36 14.48
CA LYS K 338 1.00 46.65 13.70
C LYS K 338 -0.29 46.26 14.43
N GLU K 339 -0.28 45.18 15.22
CA GLU K 339 -1.47 44.82 15.98
C GLU K 339 -1.73 45.82 17.10
N ALA K 340 -0.72 46.08 17.94
CA ALA K 340 -0.84 47.02 19.04
C ALA K 340 -1.34 48.37 18.57
N PHE K 341 -0.63 49.00 17.63
CA PHE K 341 -0.95 50.36 17.22
C PHE K 341 -2.13 50.43 16.25
N GLY K 342 -2.49 49.33 15.60
CA GLY K 342 -3.70 49.32 14.80
C GLY K 342 -4.97 49.52 15.58
N LYS K 343 -4.91 49.37 16.92
CA LYS K 343 -6.06 49.61 17.78
C LYS K 343 -6.49 51.09 17.77
N ILE K 344 -5.65 51.98 17.25
CA ILE K 344 -5.92 53.41 17.29
C ILE K 344 -6.63 53.80 15.99
N PRO K 345 -7.86 54.29 16.06
CA PRO K 345 -8.54 54.75 14.85
C PRO K 345 -7.70 55.76 14.08
N GLY K 346 -7.58 55.53 12.79
CA GLY K 346 -6.89 56.43 11.89
C GLY K 346 -5.43 56.12 11.63
N ALA K 347 -4.90 55.04 12.21
CA ALA K 347 -3.48 54.70 12.10
C ALA K 347 -3.18 53.97 10.79
N ARG K 348 -2.17 54.44 10.07
CA ARG K 348 -1.75 53.85 8.80
C ARG K 348 -0.24 53.57 8.82
N PHE K 349 0.16 52.50 8.12
CA PHE K 349 1.50 51.95 8.24
C PHE K 349 2.23 51.95 6.89
N PHE K 350 3.54 52.21 6.94
CA PHE K 350 4.41 52.26 5.76
C PHE K 350 5.84 51.85 6.14
N THR K 351 6.45 50.95 5.36
CA THR K 351 7.87 50.70 5.47
C THR K 351 8.66 51.70 4.60
N HIS K 352 9.98 51.72 4.79
CA HIS K 352 10.82 52.59 3.98
C HIS K 352 10.81 52.20 2.50
N GLU K 353 10.38 50.97 2.18
CA GLU K 353 10.24 50.55 0.78
C GLU K 353 8.93 50.99 0.16
N GLU K 354 7.98 51.46 0.98
CA GLU K 354 6.62 51.69 0.51
C GLU K 354 6.33 53.15 0.20
N ARG K 355 7.32 54.05 0.31
CA ARG K 355 7.05 55.49 0.16
C ARG K 355 8.25 56.19 -0.46
N ASP K 356 8.15 56.52 -1.74
CA ASP K 356 9.16 57.34 -2.41
C ASP K 356 8.62 58.75 -2.69
N ASP K 357 7.67 59.21 -1.88
CA ASP K 357 7.06 60.53 -2.04
C ASP K 357 7.72 61.54 -1.10
N ARG K 358 7.40 62.83 -1.33
CA ARG K 358 8.06 63.90 -0.60
C ARG K 358 7.85 63.79 0.91
N GLY K 359 6.61 63.54 1.34
CA GLY K 359 6.34 63.27 2.75
C GLY K 359 7.07 62.06 3.30
N GLY K 360 7.60 61.19 2.43
CA GLY K 360 8.43 60.08 2.82
C GLY K 360 9.89 60.43 3.00
N HIS K 361 10.27 61.71 2.79
CA HIS K 361 11.68 62.11 2.90
C HIS K 361 12.18 61.88 4.32
N VAL K 362 11.40 62.28 5.32
CA VAL K 362 11.82 62.11 6.71
C VAL K 362 11.95 60.64 7.06
N LEU K 363 11.06 59.78 6.53
CA LEU K 363 11.17 58.35 6.80
C LEU K 363 12.49 57.77 6.27
N GLN K 364 12.87 58.10 5.02
CA GLN K 364 14.14 57.64 4.48
C GLN K 364 15.33 58.24 5.23
N ASP K 365 15.20 59.46 5.74
CA ASP K 365 16.24 60.03 6.59
C ASP K 365 16.42 59.22 7.87
N ARG K 366 15.32 58.91 8.58
CA ARG K 366 15.42 58.09 9.80
C ARG K 366 15.94 56.69 9.50
N HIS K 367 15.70 56.19 8.28
CA HIS K 367 16.25 54.89 7.89
C HIS K 367 17.77 54.92 7.86
N LYS K 368 18.36 56.00 7.35
CA LYS K 368 19.82 56.18 7.40
C LYS K 368 20.28 56.31 8.84
N ILE K 369 19.74 57.31 9.55
CA ILE K 369 20.19 57.65 10.90
C ILE K 369 20.14 56.42 11.80
N ASN K 370 19.03 55.66 11.76
CA ASN K 370 18.88 54.47 12.59
C ASN K 370 19.74 53.30 12.11
N ASN K 371 20.48 53.45 11.00
CA ASN K 371 21.40 52.41 10.56
C ASN K 371 22.85 52.86 10.66
N GLY K 372 23.11 53.97 11.33
CA GLY K 372 24.48 54.42 11.49
C GLY K 372 25.05 55.12 10.27
N ILE K 373 24.21 55.79 9.51
CA ILE K 373 24.63 56.49 8.30
C ILE K 373 24.37 57.98 8.53
N PRO K 374 25.41 58.78 8.71
CA PRO K 374 25.21 60.20 8.98
C PRO K 374 24.59 60.93 7.79
N SER K 375 23.89 62.01 8.13
CA SER K 375 23.12 62.81 7.19
C SER K 375 23.18 64.24 7.68
N LEU K 376 22.96 65.17 6.76
CA LEU K 376 22.64 66.54 7.14
C LEU K 376 21.32 66.98 6.54
N ASP K 377 20.50 66.03 6.08
CA ASP K 377 19.26 66.37 5.41
C ASP K 377 18.32 67.15 6.32
N GLU K 378 18.34 66.86 7.64
CA GLU K 378 17.47 67.55 8.59
C GLU K 378 17.72 69.06 8.62
N LEU K 379 18.89 69.52 8.13
CA LEU K 379 19.17 70.95 8.02
C LEU K 379 18.12 71.71 7.20
N GLN K 380 17.37 71.02 6.33
CA GLN K 380 16.31 71.66 5.56
C GLN K 380 15.24 72.28 6.46
N GLN K 381 15.15 71.85 7.72
CA GLN K 381 14.21 72.45 8.65
C GLN K 381 14.47 73.93 8.85
N LEU K 382 15.73 74.37 8.78
CA LEU K 382 16.02 75.79 8.98
C LEU K 382 15.55 76.68 7.83
N ASP K 383 14.95 76.10 6.77
CA ASP K 383 14.35 76.87 5.69
C ASP K 383 12.90 77.23 5.96
N TRP K 384 12.28 76.58 6.96
CA TRP K 384 10.89 76.83 7.34
C TRP K 384 10.55 78.31 7.24
N VAL K 385 11.44 79.16 7.76
CA VAL K 385 11.35 80.61 7.66
C VAL K 385 12.71 81.13 7.21
N PRO K 386 12.78 82.38 6.74
CA PRO K 386 14.08 82.92 6.28
C PRO K 386 15.07 83.10 7.43
N ASN K 387 16.36 83.13 7.07
CA ASN K 387 17.46 83.21 8.03
C ASN K 387 17.21 82.33 9.24
N GLY K 388 16.79 81.09 8.98
CA GLY K 388 16.30 80.22 10.02
C GLY K 388 17.32 79.67 10.99
N GLY K 389 17.05 79.89 12.28
CA GLY K 389 17.72 79.20 13.35
C GLY K 389 16.71 78.55 14.30
N HIS K 390 17.23 77.75 15.21
CA HIS K 390 16.38 77.08 16.19
C HIS K 390 17.03 77.12 17.57
N ILE K 391 16.21 76.90 18.59
CA ILE K 391 16.64 76.66 19.95
C ILE K 391 15.98 75.37 20.42
N GLY K 392 16.66 74.66 21.31
CA GLY K 392 16.20 73.40 21.87
C GLY K 392 15.71 73.53 23.30
N PHE K 393 14.39 73.37 23.48
CA PHE K 393 13.79 73.31 24.80
C PHE K 393 13.32 71.87 24.99
N VAL K 394 14.05 71.11 25.80
CA VAL K 394 13.86 69.67 25.82
C VAL K 394 13.52 69.19 27.23
N PRO K 395 12.27 69.28 27.66
CA PRO K 395 11.88 68.68 28.93
C PRO K 395 11.89 67.16 28.87
N VAL K 396 12.05 66.57 30.04
CA VAL K 396 12.00 65.12 30.20
C VAL K 396 10.58 64.72 30.59
N SER K 397 10.10 63.63 30.00
CA SER K 397 8.74 63.17 30.22
C SER K 397 8.72 61.70 30.60
N ALA K 398 7.84 61.33 31.53
CA ALA K 398 7.59 59.92 31.78
C ALA K 398 6.86 59.31 30.59
N PRO K 399 7.14 58.03 30.24
CA PRO K 399 6.47 57.44 29.08
C PRO K 399 5.03 57.13 29.43
N ASP K 400 4.24 58.19 29.62
CA ASP K 400 2.85 58.11 30.03
C ASP K 400 2.04 59.11 29.21
N GLY K 401 0.92 58.67 28.64
CA GLY K 401 0.14 59.53 27.76
C GLY K 401 -0.27 60.84 28.38
N ARG K 402 -0.81 60.81 29.60
CA ARG K 402 -1.33 62.02 30.23
C ARG K 402 -0.22 63.05 30.40
N GLU K 403 0.89 62.65 31.02
CA GLU K 403 2.04 63.53 31.18
C GLU K 403 2.51 64.09 29.84
N ALA K 404 2.53 63.24 28.80
CA ALA K 404 2.86 63.72 27.45
C ALA K 404 1.87 64.77 26.97
N MET K 405 0.56 64.49 27.11
CA MET K 405 -0.45 65.44 26.66
C MET K 405 -0.31 66.76 27.41
N LYS K 406 -0.09 66.69 28.73
CA LYS K 406 0.04 67.89 29.54
C LYS K 406 1.22 68.74 29.10
N GLN K 407 2.37 68.08 28.81
CA GLN K 407 3.53 68.81 28.30
C GLN K 407 3.23 69.41 26.94
N PHE K 408 2.60 68.63 26.04
CA PHE K 408 2.19 69.12 24.74
C PHE K 408 1.37 70.40 24.86
N GLU K 409 0.26 70.35 25.60
CA GLU K 409 -0.62 71.50 25.70
C GLU K 409 0.08 72.69 26.33
N MET K 410 0.91 72.43 27.36
CA MET K 410 1.60 73.52 28.06
C MET K 410 2.55 74.28 27.15
N VAL K 411 3.30 73.56 26.31
CA VAL K 411 4.27 74.19 25.41
C VAL K 411 3.57 74.90 24.25
N ARG K 412 2.49 74.28 23.73
CA ARG K 412 1.74 74.86 22.61
C ARG K 412 1.07 76.18 22.98
N ASN K 413 0.53 76.30 24.21
CA ASN K 413 -0.11 77.54 24.63
C ASN K 413 0.89 78.70 24.64
N ARG K 414 2.08 78.47 25.20
CA ARG K 414 3.14 79.49 25.18
C ARG K 414 3.65 79.77 23.77
N ALA K 415 3.71 78.74 22.92
CA ALA K 415 4.16 78.97 21.54
C ALA K 415 3.15 79.81 20.75
N ASN K 416 1.86 79.67 21.06
CA ASN K 416 0.86 80.53 20.43
C ASN K 416 0.93 81.94 21.00
N GLU K 417 1.03 82.03 22.33
CA GLU K 417 1.13 83.33 23.00
C GLU K 417 2.27 84.17 22.43
N TYR K 418 3.45 83.55 22.16
CA TYR K 418 4.61 84.26 21.64
C TYR K 418 4.80 84.11 20.13
N ASN K 419 3.86 83.44 19.45
CA ASN K 419 3.81 83.37 17.98
C ASN K 419 5.01 82.63 17.41
N LYS K 420 5.36 81.52 18.04
CA LYS K 420 6.28 80.54 17.54
C LYS K 420 5.47 79.33 17.09
N ASP K 421 5.95 78.64 16.06
CA ASP K 421 5.41 77.33 15.73
C ASP K 421 6.09 76.26 16.59
N TYR K 422 5.31 75.26 17.00
CA TYR K 422 5.79 74.27 17.95
C TYR K 422 6.08 72.96 17.24
N MET K 423 7.38 72.68 17.05
CA MET K 423 7.88 71.44 16.47
C MET K 423 8.24 70.47 17.59
N ALA K 424 7.69 69.25 17.53
CA ALA K 424 7.83 68.28 18.61
C ALA K 424 8.39 66.98 18.08
N GLN K 425 9.34 66.41 18.83
CA GLN K 425 9.95 65.11 18.54
C GLN K 425 10.14 64.40 19.88
N PHE K 426 9.24 63.47 20.22
CA PHE K 426 9.41 62.66 21.42
C PHE K 426 10.44 61.58 21.11
N VAL K 427 11.62 61.67 21.76
CA VAL K 427 12.67 60.65 21.68
C VAL K 427 12.49 59.71 22.87
N ILE K 428 12.36 58.42 22.60
CA ILE K 428 11.78 57.47 23.55
C ILE K 428 12.83 56.46 24.02
N GLY K 429 13.16 56.51 25.31
CA GLY K 429 14.01 55.52 25.95
C GLY K 429 13.20 54.36 26.52
N LEU K 430 13.83 53.64 27.45
CA LEU K 430 13.10 52.53 28.07
C LEU K 430 12.03 53.03 29.04
N ARG K 431 12.36 54.04 29.85
CA ARG K 431 11.54 54.46 30.98
C ARG K 431 11.40 55.97 31.05
N GLU K 432 11.64 56.67 29.95
CA GLU K 432 11.73 58.12 29.93
C GLU K 432 11.74 58.55 28.48
N MET K 433 11.22 59.75 28.21
CA MET K 433 11.25 60.32 26.88
C MET K 433 11.78 61.74 26.92
N TYR K 434 12.46 62.14 25.84
CA TYR K 434 12.89 63.51 25.65
C TYR K 434 11.84 64.18 24.78
N HIS K 435 11.13 65.14 25.37
CA HIS K 435 10.15 65.93 24.63
C HIS K 435 10.91 67.08 23.99
N VAL K 436 11.51 66.80 22.84
CA VAL K 436 12.27 67.81 22.11
C VAL K 436 11.32 68.81 21.47
N CYS K 437 11.40 70.06 21.91
CA CYS K 437 10.66 71.17 21.31
C CYS K 437 11.64 72.08 20.60
N LEU K 438 11.49 72.18 19.27
CA LEU K 438 12.28 73.09 18.44
C LEU K 438 11.43 74.32 18.09
N PHE K 439 11.98 75.50 18.36
CA PHE K 439 11.35 76.76 17.96
C PHE K 439 12.22 77.37 16.87
N ILE K 440 11.73 77.34 15.62
CA ILE K 440 12.42 77.86 14.44
C ILE K 440 11.95 79.29 14.15
N TYR K 441 12.91 80.19 13.88
CA TYR K 441 12.65 81.63 13.91
C TYR K 441 13.69 82.35 13.08
N ASP K 442 13.33 83.57 12.65
CA ASP K 442 14.23 84.44 11.88
C ASP K 442 15.28 85.05 12.79
N THR K 443 16.55 84.72 12.55
CA THR K 443 17.64 85.14 13.43
C THR K 443 18.05 86.60 13.23
N ALA K 444 17.71 87.19 12.08
CA ALA K 444 18.02 88.58 11.80
C ALA K 444 16.95 89.56 12.29
N ASP K 445 15.99 89.10 13.10
CA ASP K 445 14.88 89.92 13.59
C ASP K 445 15.00 90.09 15.11
N PRO K 446 15.42 91.26 15.59
CA PRO K 446 15.63 91.43 17.04
C PRO K 446 14.39 91.11 17.88
N GLU K 447 13.18 91.37 17.36
CA GLU K 447 11.98 91.05 18.13
C GLU K 447 11.80 89.54 18.27
N ALA K 448 12.09 88.79 17.20
CA ALA K 448 11.90 87.34 17.27
C ALA K 448 12.92 86.69 18.21
N ARG K 449 14.17 87.13 18.16
CA ARG K 449 15.18 86.62 19.10
C ARG K 449 14.78 86.87 20.54
N GLU K 450 14.26 88.07 20.83
CA GLU K 450 13.83 88.43 22.18
C GLU K 450 12.61 87.64 22.62
N GLU K 451 11.70 87.32 21.69
CA GLU K 451 10.54 86.52 22.05
C GLU K 451 10.95 85.08 22.34
N ILE K 452 11.90 84.55 21.57
CA ILE K 452 12.47 83.22 21.82
C ILE K 452 13.04 83.14 23.25
N LEU K 453 13.77 84.18 23.66
CA LEU K 453 14.41 84.14 24.97
C LEU K 453 13.37 84.24 26.09
N GLN K 454 12.44 85.19 25.97
CA GLN K 454 11.43 85.36 27.02
C GLN K 454 10.47 84.18 27.06
N MET K 455 10.14 83.60 25.90
CA MET K 455 9.27 82.44 25.88
C MET K 455 9.90 81.25 26.60
N THR K 456 11.18 80.96 26.28
CA THR K 456 11.83 79.80 26.86
C THR K 456 12.10 80.00 28.34
N LYS K 457 12.33 81.24 28.78
CA LYS K 457 12.44 81.51 30.22
C LYS K 457 11.14 81.14 30.94
N VAL K 458 9.99 81.45 30.33
CA VAL K 458 8.69 81.15 30.93
C VAL K 458 8.42 79.65 30.95
N LEU K 459 8.83 78.94 29.88
CA LEU K 459 8.59 77.49 29.81
C LEU K 459 9.45 76.73 30.81
N VAL K 460 10.70 77.16 31.00
CA VAL K 460 11.54 76.56 32.05
C VAL K 460 10.87 76.67 33.42
N ARG K 461 10.33 77.86 33.75
CA ARG K 461 9.73 78.02 35.08
C ARG K 461 8.36 77.35 35.14
N GLU K 462 7.62 77.39 34.03
CA GLU K 462 6.31 76.75 33.99
C GLU K 462 6.43 75.23 34.12
N ALA K 463 7.35 74.60 33.37
CA ALA K 463 7.53 73.15 33.46
C ALA K 463 8.03 72.74 34.84
N ALA K 464 8.89 73.54 35.46
CA ALA K 464 9.40 73.22 36.79
C ALA K 464 8.30 73.28 37.85
N GLU K 465 7.37 74.23 37.74
CA GLU K 465 6.25 74.26 38.68
C GLU K 465 5.38 73.02 38.54
N ALA K 466 5.31 72.45 37.34
CA ALA K 466 4.55 71.23 37.08
C ALA K 466 5.35 69.96 37.33
N GLY K 467 6.61 70.06 37.73
CA GLY K 467 7.41 68.90 38.11
C GLY K 467 8.40 68.34 37.08
N TYR K 468 8.71 69.11 36.03
CA TYR K 468 9.57 68.67 34.92
C TYR K 468 10.81 69.54 34.78
N GLY K 469 11.95 68.89 34.49
CA GLY K 469 13.16 69.59 34.09
C GLY K 469 13.64 69.19 32.70
N GLU K 470 14.62 69.94 32.21
CA GLU K 470 15.18 69.74 30.88
C GLU K 470 16.54 69.06 31.01
N TYR K 471 16.85 68.15 30.08
CA TYR K 471 18.08 67.37 30.17
C TYR K 471 19.29 68.13 29.68
N ARG K 472 19.09 69.28 29.03
CA ARG K 472 20.13 69.98 28.28
C ARG K 472 19.53 71.30 27.82
N THR K 473 20.32 72.38 27.81
CA THR K 473 19.76 73.67 27.45
C THR K 473 20.84 74.60 26.87
N HIS K 474 20.39 75.78 26.45
CA HIS K 474 21.16 76.82 25.76
C HIS K 474 21.93 77.66 26.79
N ASN K 475 23.04 78.28 26.34
CA ASN K 475 23.81 79.17 27.21
C ASN K 475 22.91 80.14 27.97
N ALA K 476 21.96 80.75 27.26
CA ALA K 476 21.08 81.78 27.81
C ALA K 476 20.13 81.27 28.89
N LEU K 477 19.92 79.96 28.98
CA LEU K 477 18.98 79.40 29.94
C LEU K 477 19.65 78.58 31.04
N MET K 478 20.99 78.43 31.01
CA MET K 478 21.67 77.53 31.94
C MET K 478 21.41 77.93 33.39
N ASP K 479 21.47 79.23 33.70
CA ASP K 479 21.27 79.69 35.07
C ASP K 479 19.85 79.36 35.54
N ASP K 480 18.83 79.74 34.76
CA ASP K 480 17.46 79.44 35.11
C ASP K 480 17.27 77.95 35.30
N VAL K 481 17.88 77.14 34.44
CA VAL K 481 17.57 75.72 34.42
C VAL K 481 18.19 75.02 35.63
N MET K 482 19.47 75.31 35.94
CA MET K 482 20.08 74.75 37.16
C MET K 482 19.33 75.20 38.41
N ALA K 483 18.66 76.35 38.37
CA ALA K 483 17.90 76.81 39.53
C ALA K 483 16.70 75.93 39.81
N THR K 484 16.18 75.26 38.79
CA THR K 484 15.02 74.41 38.99
C THR K 484 15.36 73.13 39.76
N PHE K 485 16.62 72.75 39.79
CA PHE K 485 17.05 71.54 40.47
C PHE K 485 17.56 71.84 41.88
N ASN K 486 16.76 72.55 42.69
CA ASN K 486 17.23 73.15 43.94
C ASN K 486 16.72 72.45 45.21
N TRP K 487 16.28 71.19 45.10
CA TRP K 487 15.92 70.42 46.30
C TRP K 487 16.97 70.60 47.40
N GLY K 488 16.51 70.69 48.65
CA GLY K 488 17.41 70.81 49.78
C GLY K 488 18.15 72.13 49.82
N ASP K 489 17.46 73.21 49.45
CA ASP K 489 18.00 74.56 49.45
C ASP K 489 19.22 74.69 48.53
N GLY K 490 19.09 74.11 47.33
CA GLY K 490 20.16 74.20 46.34
C GLY K 490 21.31 73.27 46.59
N ALA K 491 21.07 72.11 47.20
CA ALA K 491 22.17 71.20 47.55
C ALA K 491 22.97 70.81 46.32
N LEU K 492 22.30 70.47 45.21
CA LEU K 492 23.00 69.94 44.04
C LEU K 492 24.03 70.91 43.52
N LEU K 493 23.61 72.15 43.26
CA LEU K 493 24.53 73.16 42.74
C LEU K 493 25.68 73.42 43.71
N LYS K 494 25.39 73.49 45.02
CA LYS K 494 26.45 73.78 45.98
C LYS K 494 27.49 72.68 46.04
N PHE K 495 27.06 71.43 45.78
CA PHE K 495 27.98 70.32 45.66
C PHE K 495 28.90 70.53 44.45
N HIS K 496 28.30 70.85 43.31
CA HIS K 496 29.08 71.16 42.11
C HIS K 496 30.02 72.33 42.35
N GLU K 497 29.55 73.38 43.03
CA GLU K 497 30.39 74.57 43.20
C GLU K 497 31.64 74.27 44.02
N LYS K 498 31.47 73.53 45.12
CA LYS K 498 32.63 73.18 45.94
C LYS K 498 33.62 72.34 45.16
N ILE K 499 33.14 71.46 44.29
CA ILE K 499 34.02 70.64 43.47
C ILE K 499 34.71 71.49 42.41
N LYS K 500 33.96 72.38 41.77
CA LYS K 500 34.54 73.31 40.81
C LYS K 500 35.70 74.09 41.41
N ASP K 501 35.47 74.76 42.56
CA ASP K 501 36.55 75.57 43.15
C ASP K 501 37.75 74.72 43.55
N ALA K 502 37.53 73.46 43.94
CA ALA K 502 38.63 72.58 44.33
C ALA K 502 39.59 72.32 43.16
N LEU K 503 39.05 71.99 42.00
CA LEU K 503 39.90 71.65 40.86
C LEU K 503 40.30 72.86 40.04
N ASP K 504 39.58 73.97 40.20
CA ASP K 504 39.73 75.16 39.38
C ASP K 504 39.88 76.38 40.29
N PRO K 505 40.92 76.42 41.11
CA PRO K 505 41.06 77.54 42.05
C PRO K 505 41.12 78.91 41.39
N ASN K 506 41.59 79.01 40.14
CA ASN K 506 41.61 80.30 39.46
C ASN K 506 40.35 80.56 38.63
N GLY K 507 39.36 79.68 38.69
CA GLY K 507 38.15 79.78 37.87
C GLY K 507 38.33 79.97 36.36
N ILE K 508 38.98 79.03 35.69
CA ILE K 508 39.42 79.21 34.31
C ILE K 508 38.47 78.55 33.30
N ILE K 509 38.00 77.36 33.60
CA ILE K 509 37.32 76.55 32.61
C ILE K 509 35.84 76.93 32.56
N ALA K 510 35.35 77.21 31.31
CA ALA K 510 33.95 77.41 30.91
C ALA K 510 33.07 77.86 32.08
N PRO K 511 33.34 79.02 32.67
CA PRO K 511 32.54 79.46 33.84
C PRO K 511 31.08 79.67 33.45
N GLY K 512 30.18 79.19 34.32
CA GLY K 512 28.74 79.28 34.10
C GLY K 512 28.18 78.18 33.25
N LYS K 513 29.00 77.23 32.80
CA LYS K 513 28.49 76.04 32.15
C LYS K 513 27.60 75.27 33.13
N SER K 514 26.40 74.91 32.69
CA SER K 514 25.39 74.28 33.53
C SER K 514 25.06 75.13 34.77
N GLY K 515 25.26 76.45 34.67
CA GLY K 515 25.05 77.36 35.78
C GLY K 515 26.05 77.26 36.90
N ILE K 516 27.17 76.56 36.70
CA ILE K 516 28.19 76.33 37.71
C ILE K 516 29.29 77.39 37.55
N TRP K 517 29.32 78.36 38.48
CA TRP K 517 30.32 79.40 38.41
C TRP K 517 31.39 79.20 39.48
N PRO K 518 32.64 79.56 39.19
CA PRO K 518 33.68 79.51 40.22
C PRO K 518 33.61 80.74 41.13
N GLN K 519 34.30 80.62 42.28
CA GLN K 519 34.19 81.60 43.37
C GLN K 519 34.37 83.04 42.90
N ARG K 520 35.23 83.28 41.92
CA ARG K 520 35.55 84.66 41.59
C ARG K 520 34.47 85.38 40.77
N PHE K 521 33.51 84.64 40.20
CA PHE K 521 32.44 85.24 39.42
C PHE K 521 31.08 85.20 40.10
N ARG K 522 30.95 84.42 41.18
CA ARG K 522 29.66 84.25 41.85
C ARG K 522 29.22 85.58 42.45
N GLY K 523 27.99 85.97 42.16
CA GLY K 523 27.44 87.21 42.65
C GLY K 523 27.63 88.38 41.72
N GLN K 524 27.62 88.15 40.41
CA GLN K 524 27.76 89.20 39.41
C GLN K 524 26.79 88.89 38.28
N ASN K 525 26.47 89.92 37.50
CA ASN K 525 25.69 89.78 36.27
C ASN K 525 26.11 88.54 35.50
N LEU K 526 27.34 88.57 34.97
CA LEU K 526 27.88 87.47 34.21
C LEU K 526 29.35 87.28 34.53
N THR L 2 -14.19 -17.62 -48.78
CA THR L 2 -15.20 -18.37 -49.55
C THR L 2 -16.00 -19.33 -48.67
N ARG L 3 -17.29 -19.47 -48.98
CA ARG L 3 -18.19 -20.31 -48.19
C ARG L 3 -17.84 -21.78 -48.39
N THR L 4 -17.51 -22.48 -47.29
CA THR L 4 -17.18 -23.90 -47.38
C THR L 4 -18.44 -24.73 -47.66
N LEU L 5 -18.37 -25.55 -48.70
CA LEU L 5 -19.51 -26.28 -49.23
C LEU L 5 -19.17 -27.75 -49.35
N PRO L 6 -20.15 -28.63 -49.21
CA PRO L 6 -19.91 -30.04 -49.46
C PRO L 6 -19.47 -30.25 -50.91
N PRO L 7 -18.63 -31.23 -51.17
CA PRO L 7 -18.18 -31.47 -52.55
C PRO L 7 -19.35 -31.72 -53.48
N GLY L 8 -19.42 -30.94 -54.56
CA GLY L 8 -20.49 -31.07 -55.54
C GLY L 8 -21.88 -30.72 -55.04
N VAL L 9 -21.99 -29.82 -54.07
CA VAL L 9 -23.30 -29.39 -53.56
C VAL L 9 -23.38 -27.88 -53.70
N SER L 10 -24.34 -27.42 -54.50
CA SER L 10 -24.45 -26.00 -54.83
C SER L 10 -24.95 -25.18 -53.64
N ASP L 11 -24.67 -23.87 -53.71
CA ASP L 11 -25.07 -22.95 -52.64
C ASP L 11 -26.55 -23.06 -52.29
N GLU L 12 -27.40 -23.36 -53.27
CA GLU L 12 -28.84 -23.38 -53.02
C GLU L 12 -29.26 -24.70 -52.39
N ARG L 13 -28.77 -25.83 -52.94
CA ARG L 13 -29.13 -27.14 -52.40
C ARG L 13 -28.61 -27.31 -50.98
N PHE L 14 -27.45 -26.70 -50.66
CA PHE L 14 -26.95 -26.74 -49.28
C PHE L 14 -27.86 -25.93 -48.36
N ASP L 15 -28.16 -24.69 -48.75
CA ASP L 15 -29.12 -23.86 -48.04
C ASP L 15 -30.39 -24.64 -47.73
N ALA L 16 -30.88 -25.39 -48.70
CA ALA L 16 -32.08 -26.19 -48.47
C ALA L 16 -31.81 -27.29 -47.45
N ALA L 17 -30.63 -27.93 -47.53
CA ALA L 17 -30.32 -29.00 -46.59
C ALA L 17 -30.11 -28.44 -45.19
N LEU L 18 -29.43 -27.31 -45.08
CA LEU L 18 -29.30 -26.64 -43.79
C LEU L 18 -30.68 -26.43 -43.16
N GLN L 19 -31.66 -26.00 -43.97
CA GLN L 19 -33.02 -25.82 -43.47
C GLN L 19 -33.65 -27.15 -43.05
N ARG L 20 -33.44 -28.21 -43.84
CA ARG L 20 -33.97 -29.52 -43.45
C ARG L 20 -33.42 -29.94 -42.10
N PHE L 21 -32.12 -29.71 -41.86
CA PHE L 21 -31.53 -30.01 -40.55
C PHE L 21 -32.24 -29.21 -39.45
N ARG L 22 -32.46 -27.92 -39.68
CA ARG L 22 -33.15 -27.08 -38.71
C ARG L 22 -34.53 -27.63 -38.35
N ASP L 23 -35.27 -28.13 -39.35
CA ASP L 23 -36.56 -28.75 -39.07
C ASP L 23 -36.44 -29.94 -38.12
N VAL L 24 -35.27 -30.59 -38.08
CA VAL L 24 -35.07 -31.75 -37.22
C VAL L 24 -34.60 -31.33 -35.82
N VAL L 25 -33.60 -30.44 -35.72
CA VAL L 25 -32.93 -30.24 -34.44
C VAL L 25 -33.19 -28.88 -33.82
N GLY L 26 -33.87 -27.96 -34.50
CA GLY L 26 -33.98 -26.58 -34.03
C GLY L 26 -32.97 -25.60 -34.63
N ASP L 27 -33.39 -24.34 -34.89
CA ASP L 27 -32.45 -23.38 -35.47
C ASP L 27 -31.20 -23.16 -34.61
N LYS L 28 -31.34 -23.25 -33.30
CA LYS L 28 -30.20 -23.00 -32.40
C LYS L 28 -29.06 -23.95 -32.66
N TRP L 29 -29.37 -25.15 -33.10
CA TRP L 29 -28.43 -26.26 -33.07
C TRP L 29 -27.86 -26.58 -34.45
N VAL L 30 -27.94 -25.63 -35.38
CA VAL L 30 -27.30 -25.73 -36.69
C VAL L 30 -26.46 -24.48 -36.89
N LEU L 31 -25.15 -24.60 -36.70
CA LEU L 31 -24.22 -23.53 -37.01
C LEU L 31 -23.72 -23.65 -38.46
N SER L 32 -23.57 -22.50 -39.14
CA SER L 32 -23.13 -22.51 -40.54
C SER L 32 -22.49 -21.19 -41.01
N THR L 33 -22.32 -20.23 -40.13
CA THR L 33 -21.59 -19.03 -40.50
C THR L 33 -20.11 -19.23 -40.22
N ALA L 34 -19.28 -18.44 -40.91
CA ALA L 34 -17.84 -18.56 -40.79
C ALA L 34 -17.37 -18.30 -39.36
N ASP L 35 -17.85 -17.21 -38.74
CA ASP L 35 -17.48 -16.88 -37.36
C ASP L 35 -17.82 -18.02 -36.42
N GLU L 36 -19.03 -18.58 -36.55
CA GLU L 36 -19.41 -19.74 -35.75
C GLU L 36 -18.46 -20.92 -35.97
N LEU L 37 -17.96 -21.10 -37.18
CA LEU L 37 -17.21 -22.32 -37.50
C LEU L 37 -15.76 -22.26 -37.06
N GLU L 38 -15.23 -21.06 -36.73
CA GLU L 38 -13.84 -20.96 -36.30
C GLU L 38 -13.55 -21.86 -35.11
N ALA L 39 -14.55 -22.06 -34.26
CA ALA L 39 -14.41 -22.89 -33.07
C ALA L 39 -14.25 -24.35 -33.41
N PHE L 40 -14.70 -24.79 -34.58
CA PHE L 40 -14.62 -26.19 -34.94
C PHE L 40 -13.46 -26.48 -35.89
N ARG L 41 -12.65 -25.48 -36.22
CA ARG L 41 -11.38 -25.74 -36.88
C ARG L 41 -10.45 -26.46 -35.91
N ASP L 42 -9.63 -27.36 -36.45
CA ASP L 42 -8.61 -28.10 -35.71
C ASP L 42 -7.85 -27.11 -34.82
N PRO L 43 -7.88 -27.29 -33.50
CA PRO L 43 -7.14 -26.35 -32.63
C PRO L 43 -5.63 -26.41 -32.84
N TYR L 44 -5.07 -27.55 -33.24
CA TYR L 44 -3.64 -27.72 -33.46
C TYR L 44 -3.37 -28.04 -34.92
N PRO L 45 -3.51 -27.06 -35.83
CA PRO L 45 -3.42 -27.37 -37.27
C PRO L 45 -2.06 -27.89 -37.66
N VAL L 46 -2.06 -28.69 -38.73
CA VAL L 46 -0.86 -29.25 -39.32
C VAL L 46 -0.81 -28.80 -40.78
N GLY L 47 0.37 -28.38 -41.24
CA GLY L 47 0.52 -27.90 -42.59
C GLY L 47 0.22 -26.41 -42.72
N ALA L 48 0.82 -25.75 -43.72
CA ALA L 48 0.63 -24.32 -43.85
C ALA L 48 -0.76 -24.01 -44.38
N ALA L 49 -1.24 -24.84 -45.28
CA ALA L 49 -2.44 -24.58 -46.04
C ALA L 49 -3.71 -24.90 -45.25
N GLU L 50 -4.80 -24.23 -45.64
CA GLU L 50 -6.15 -24.54 -45.20
C GLU L 50 -6.51 -26.00 -45.49
N ALA L 51 -6.98 -26.71 -44.46
CA ALA L 51 -7.43 -28.08 -44.67
C ALA L 51 -8.44 -28.44 -43.59
N ASN L 52 -9.19 -29.53 -43.85
CA ASN L 52 -10.08 -30.13 -42.87
C ASN L 52 -11.12 -29.11 -42.38
N LEU L 53 -11.91 -28.56 -43.35
CA LEU L 53 -12.86 -27.45 -43.12
C LEU L 53 -14.28 -27.98 -43.06
N PRO L 54 -15.02 -27.68 -41.98
CA PRO L 54 -16.43 -28.07 -41.90
C PRO L 54 -17.34 -27.07 -42.59
N SER L 55 -18.39 -27.57 -43.23
CA SER L 55 -19.37 -26.68 -43.84
C SER L 55 -20.50 -26.29 -42.89
N ALA L 56 -20.77 -27.11 -41.87
CA ALA L 56 -21.78 -26.81 -40.86
C ALA L 56 -21.56 -27.73 -39.65
N VAL L 57 -22.26 -27.39 -38.57
CA VAL L 57 -22.27 -28.17 -37.33
C VAL L 57 -23.72 -28.39 -36.95
N VAL L 58 -24.09 -29.65 -36.73
CA VAL L 58 -25.45 -30.04 -36.41
C VAL L 58 -25.43 -30.77 -35.07
N SER L 59 -26.26 -30.33 -34.14
CA SER L 59 -26.32 -30.91 -32.80
C SER L 59 -27.66 -31.60 -32.55
N PRO L 60 -27.75 -32.91 -32.68
CA PRO L 60 -29.01 -33.62 -32.45
C PRO L 60 -29.23 -33.94 -30.98
N GLU L 61 -30.49 -34.24 -30.65
CA GLU L 61 -30.93 -34.48 -29.27
C GLU L 61 -31.29 -35.92 -28.96
N SER L 62 -31.40 -36.79 -29.96
CA SER L 62 -31.91 -38.13 -29.75
C SER L 62 -31.44 -39.00 -30.91
N THR L 63 -31.51 -40.31 -30.70
CA THR L 63 -31.21 -41.23 -31.79
C THR L 63 -32.11 -40.95 -32.99
N GLU L 64 -33.36 -40.61 -32.74
CA GLU L 64 -34.29 -40.38 -33.82
C GLU L 64 -33.84 -39.18 -34.67
N GLN L 65 -33.30 -38.17 -34.04
CA GLN L 65 -32.86 -37.01 -34.80
C GLN L 65 -31.61 -37.33 -35.60
N VAL L 66 -30.73 -38.20 -35.06
CA VAL L 66 -29.56 -38.66 -35.78
C VAL L 66 -29.98 -39.40 -37.05
N GLN L 67 -30.90 -40.34 -36.89
CA GLN L 67 -31.57 -41.01 -38.01
C GLN L 67 -32.03 -40.02 -39.06
N ASP L 68 -32.78 -38.99 -38.64
CA ASP L 68 -33.38 -38.06 -39.59
C ASP L 68 -32.30 -37.25 -40.31
N ILE L 69 -31.27 -36.84 -39.57
CA ILE L 69 -30.11 -36.18 -40.17
C ILE L 69 -29.51 -37.07 -41.24
N VAL L 70 -29.24 -38.32 -40.90
CA VAL L 70 -28.58 -39.25 -41.83
C VAL L 70 -29.41 -39.42 -43.09
N ARG L 71 -30.73 -39.60 -42.93
CA ARG L 71 -31.57 -39.77 -44.11
C ARG L 71 -31.53 -38.52 -44.98
N ILE L 72 -31.40 -37.34 -44.36
CA ILE L 72 -31.32 -36.10 -45.11
C ILE L 72 -29.99 -36.00 -45.83
N ALA L 73 -28.90 -36.40 -45.16
CA ALA L 73 -27.58 -36.41 -45.78
C ALA L 73 -27.50 -37.33 -46.98
N ASN L 74 -28.22 -38.45 -46.94
CA ASN L 74 -28.28 -39.30 -48.12
C ASN L 74 -29.02 -38.59 -49.25
N GLU L 75 -30.16 -37.96 -48.93
CA GLU L 75 -30.97 -37.28 -49.92
C GLU L 75 -30.15 -36.29 -50.73
N TYR L 76 -29.33 -35.49 -50.05
CA TYR L 76 -28.58 -34.42 -50.70
C TYR L 76 -27.15 -34.82 -51.02
N GLY L 77 -26.70 -35.99 -50.60
CA GLY L 77 -25.31 -36.37 -50.83
C GLY L 77 -24.31 -35.59 -50.00
N ILE L 78 -24.67 -35.22 -48.76
CA ILE L 78 -23.83 -34.43 -47.85
C ILE L 78 -22.99 -35.36 -46.99
N PRO L 79 -21.66 -35.25 -46.97
CA PRO L 79 -20.88 -36.05 -46.01
C PRO L 79 -21.12 -35.58 -44.59
N LEU L 80 -21.06 -36.53 -43.65
CA LEU L 80 -21.25 -36.26 -42.22
C LEU L 80 -20.08 -36.79 -41.42
N HIS L 81 -19.44 -35.93 -40.65
CA HIS L 81 -18.37 -36.35 -39.75
C HIS L 81 -18.92 -36.38 -38.33
N PRO L 82 -19.23 -37.55 -37.76
CA PRO L 82 -19.80 -37.54 -36.41
C PRO L 82 -18.72 -37.55 -35.35
N VAL L 83 -18.98 -36.81 -34.27
CA VAL L 83 -18.09 -36.73 -33.12
C VAL L 83 -18.89 -36.84 -31.83
N SER L 84 -18.18 -37.10 -30.72
CA SER L 84 -18.83 -37.10 -29.42
C SER L 84 -18.69 -35.73 -28.79
N THR L 85 -17.59 -35.50 -28.08
CA THR L 85 -17.25 -34.16 -27.61
C THR L 85 -16.30 -33.41 -28.54
N GLY L 86 -15.70 -34.08 -29.54
CA GLY L 86 -14.85 -33.39 -30.50
C GLY L 86 -13.51 -32.92 -29.96
N LYS L 87 -13.02 -33.53 -28.89
CA LYS L 87 -11.76 -33.18 -28.23
C LYS L 87 -10.60 -34.07 -28.69
N ASN L 88 -10.62 -34.50 -29.96
CA ASN L 88 -9.59 -35.40 -30.49
C ASN L 88 -8.33 -34.62 -30.82
N ASN L 89 -7.84 -33.91 -29.80
CA ASN L 89 -6.79 -32.93 -29.98
C ASN L 89 -5.44 -33.63 -30.08
N GLY L 90 -4.71 -33.35 -31.17
CA GLY L 90 -3.52 -34.08 -31.57
C GLY L 90 -3.74 -34.98 -32.76
N TYR L 91 -5.00 -35.18 -33.18
CA TYR L 91 -5.35 -36.02 -34.31
C TYR L 91 -6.37 -35.35 -35.22
N GLY L 92 -6.66 -34.08 -35.01
CA GLY L 92 -7.57 -33.33 -35.86
C GLY L 92 -8.57 -32.45 -35.12
N GLY L 93 -8.84 -32.76 -33.85
CA GLY L 93 -9.94 -32.12 -33.14
C GLY L 93 -11.31 -32.59 -33.58
N ALA L 94 -12.21 -31.65 -33.82
CA ALA L 94 -13.55 -31.94 -34.35
C ALA L 94 -13.61 -31.88 -35.87
N ALA L 95 -12.55 -31.36 -36.53
CA ALA L 95 -12.52 -31.05 -37.96
C ALA L 95 -12.57 -32.33 -38.79
N PRO L 96 -13.37 -32.35 -39.85
CA PRO L 96 -13.48 -33.56 -40.68
C PRO L 96 -12.25 -33.77 -41.56
N ARG L 97 -11.98 -35.06 -41.84
CA ARG L 97 -10.96 -35.43 -42.81
C ARG L 97 -11.24 -34.83 -44.17
N LEU L 98 -12.51 -34.90 -44.62
CA LEU L 98 -12.96 -34.39 -45.92
C LEU L 98 -13.50 -32.97 -45.73
N SER L 99 -12.82 -31.99 -46.32
CA SER L 99 -13.34 -30.61 -46.33
C SER L 99 -14.73 -30.57 -46.93
N GLY L 100 -15.55 -29.66 -46.39
CA GLY L 100 -16.94 -29.50 -46.77
C GLY L 100 -17.91 -30.45 -46.08
N SER L 101 -17.41 -31.33 -45.22
CA SER L 101 -18.31 -32.21 -44.48
C SER L 101 -19.03 -31.45 -43.37
N VAL L 102 -20.15 -32.01 -42.93
CA VAL L 102 -20.95 -31.46 -41.85
C VAL L 102 -20.60 -32.21 -40.59
N ILE L 103 -20.28 -31.49 -39.52
CA ILE L 103 -20.00 -32.13 -38.25
C ILE L 103 -21.33 -32.37 -37.52
N VAL L 104 -21.60 -33.63 -37.19
CA VAL L 104 -22.69 -34.01 -36.29
C VAL L 104 -22.07 -34.14 -34.91
N LYS L 105 -22.12 -33.07 -34.14
CA LYS L 105 -21.66 -33.11 -32.75
C LYS L 105 -22.79 -33.74 -31.91
N THR L 106 -22.66 -35.06 -31.66
CA THR L 106 -23.69 -35.76 -30.92
C THR L 106 -23.64 -35.43 -29.44
N GLY L 107 -22.45 -35.14 -28.92
CA GLY L 107 -22.29 -34.98 -27.50
C GLY L 107 -22.79 -33.66 -26.93
N GLU L 108 -23.07 -32.68 -27.78
CA GLU L 108 -23.51 -31.40 -27.25
C GLU L 108 -24.83 -31.55 -26.50
N ARG L 109 -25.77 -32.32 -27.06
CA ARG L 109 -27.05 -32.50 -26.43
C ARG L 109 -27.31 -33.93 -25.96
N MET L 110 -26.73 -34.94 -26.63
CA MET L 110 -26.90 -36.32 -26.18
C MET L 110 -25.82 -36.64 -25.15
N ASN L 111 -26.00 -36.07 -23.96
CA ASN L 111 -24.94 -36.00 -22.98
C ASN L 111 -25.32 -36.65 -21.64
N ARG L 112 -26.13 -37.70 -21.66
CA ARG L 112 -26.76 -38.16 -20.44
C ARG L 112 -26.35 -39.59 -20.09
N ILE L 113 -26.11 -39.79 -18.80
CA ILE L 113 -25.74 -41.08 -18.23
C ILE L 113 -27.03 -41.87 -18.11
N LEU L 114 -27.18 -42.92 -18.92
CA LEU L 114 -28.42 -43.67 -19.01
C LEU L 114 -28.57 -44.74 -17.92
N GLU L 115 -27.48 -45.34 -17.47
CA GLU L 115 -27.48 -46.30 -16.37
C GLU L 115 -26.07 -46.44 -15.81
N VAL L 116 -25.95 -46.49 -14.49
CA VAL L 116 -24.75 -46.98 -13.82
C VAL L 116 -25.21 -48.07 -12.86
N ASN L 117 -24.78 -49.30 -13.11
CA ASN L 117 -25.21 -50.45 -12.34
C ASN L 117 -24.13 -50.81 -11.32
N GLU L 118 -24.44 -50.59 -10.03
CA GLU L 118 -23.49 -50.89 -8.96
C GLU L 118 -23.26 -52.40 -8.82
N LYS L 119 -24.34 -53.19 -8.87
CA LYS L 119 -24.21 -54.63 -8.63
C LYS L 119 -23.28 -55.28 -9.65
N TYR L 120 -23.44 -54.96 -10.94
CA TYR L 120 -22.72 -55.70 -11.96
C TYR L 120 -21.53 -54.94 -12.54
N GLY L 121 -21.33 -53.69 -12.16
CA GLY L 121 -20.18 -52.91 -12.55
C GLY L 121 -20.12 -52.42 -13.98
N TYR L 122 -21.05 -51.55 -14.39
CA TYR L 122 -21.05 -51.07 -15.76
C TYR L 122 -21.84 -49.78 -15.86
N ALA L 123 -21.58 -49.02 -16.92
CA ALA L 123 -22.33 -47.83 -17.26
C ALA L 123 -22.82 -47.98 -18.69
N LEU L 124 -23.96 -47.36 -18.98
CA LEU L 124 -24.51 -47.22 -20.33
C LEU L 124 -24.60 -45.72 -20.58
N LEU L 125 -23.82 -45.21 -21.55
CA LEU L 125 -23.64 -43.77 -21.72
C LEU L 125 -24.06 -43.29 -23.11
N GLU L 126 -24.44 -42.01 -23.19
CA GLU L 126 -24.51 -41.25 -24.42
C GLU L 126 -23.16 -40.58 -24.71
N PRO L 127 -22.95 -40.12 -25.95
CA PRO L 127 -21.60 -39.63 -26.33
C PRO L 127 -21.13 -38.40 -25.56
N GLY L 128 -22.05 -37.56 -25.12
CA GLY L 128 -21.68 -36.30 -24.48
C GLY L 128 -21.20 -36.39 -23.06
N VAL L 129 -21.20 -37.58 -22.47
CA VAL L 129 -20.71 -37.81 -21.12
C VAL L 129 -19.19 -37.72 -21.09
N THR L 130 -18.68 -36.62 -20.53
CA THR L 130 -17.25 -36.46 -20.37
C THR L 130 -16.76 -37.33 -19.22
N TYR L 131 -15.44 -37.54 -19.17
CA TYR L 131 -14.87 -38.26 -18.03
C TYR L 131 -15.14 -37.48 -16.74
N PHE L 132 -15.14 -36.15 -16.81
CA PHE L 132 -15.49 -35.37 -15.62
C PHE L 132 -16.92 -35.66 -15.20
N ASP L 133 -17.83 -35.84 -16.16
CA ASP L 133 -19.23 -36.08 -15.83
C ASP L 133 -19.39 -37.42 -15.14
N LEU L 134 -18.82 -38.48 -15.71
CA LEU L 134 -18.91 -39.79 -15.11
C LEU L 134 -18.29 -39.77 -13.73
N TYR L 135 -17.18 -39.05 -13.57
CA TYR L 135 -16.52 -38.96 -12.27
C TYR L 135 -17.41 -38.30 -11.24
N GLU L 136 -18.07 -37.21 -11.62
CA GLU L 136 -18.97 -36.52 -10.69
C GLU L 136 -20.20 -37.37 -10.34
N TYR L 137 -20.71 -38.12 -11.30
CA TYR L 137 -21.84 -39.00 -11.02
C TYR L 137 -21.43 -40.07 -10.01
N LEU L 138 -20.24 -40.64 -10.19
CA LEU L 138 -19.77 -41.71 -9.31
C LEU L 138 -19.54 -41.19 -7.89
N GLN L 139 -19.00 -39.96 -7.77
CA GLN L 139 -18.84 -39.34 -6.45
C GLN L 139 -20.19 -39.06 -5.79
N SER L 140 -21.12 -38.39 -6.50
CA SER L 140 -22.41 -38.01 -5.92
C SER L 140 -23.22 -39.22 -5.47
N HIS L 141 -23.08 -40.35 -6.17
CA HIS L 141 -23.87 -41.55 -5.84
C HIS L 141 -23.10 -42.51 -4.96
N ASP L 142 -21.98 -42.06 -4.39
CA ASP L 142 -21.17 -42.82 -3.45
C ASP L 142 -20.88 -44.21 -4.03
N SER L 143 -20.41 -44.21 -5.27
CA SER L 143 -20.24 -45.48 -5.98
C SER L 143 -19.01 -46.22 -5.44
N GLY L 144 -19.06 -47.54 -5.56
CA GLY L 144 -17.92 -48.39 -5.36
C GLY L 144 -17.10 -48.59 -6.61
N LEU L 145 -17.54 -48.03 -7.73
CA LEU L 145 -16.81 -48.17 -8.99
C LEU L 145 -15.86 -47.01 -9.22
N MET L 146 -14.86 -47.26 -10.06
CA MET L 146 -13.98 -46.21 -10.58
C MET L 146 -13.99 -46.27 -12.11
N LEU L 147 -13.75 -45.13 -12.73
CA LEU L 147 -13.65 -45.08 -14.18
C LEU L 147 -12.18 -45.18 -14.59
N ASP L 148 -11.98 -45.19 -15.90
CA ASP L 148 -10.66 -45.25 -16.49
C ASP L 148 -10.56 -44.11 -17.48
N CYS L 149 -9.68 -43.15 -17.21
CA CYS L 149 -9.60 -41.94 -18.01
C CYS L 149 -8.25 -41.86 -18.70
N PRO L 150 -8.19 -41.12 -19.80
CA PRO L 150 -6.91 -40.71 -20.38
C PRO L 150 -6.37 -39.47 -19.67
N ASP L 151 -5.22 -39.01 -20.15
CA ASP L 151 -4.50 -37.90 -19.52
C ASP L 151 -5.37 -36.67 -19.35
N LEU L 152 -6.32 -36.45 -20.25
CA LEU L 152 -7.20 -35.30 -20.22
C LEU L 152 -8.61 -35.77 -19.93
N GLY L 153 -9.36 -34.96 -19.20
CA GLY L 153 -10.63 -35.41 -18.69
C GLY L 153 -11.84 -34.87 -19.42
N TRP L 154 -11.63 -33.92 -20.34
CA TRP L 154 -12.74 -33.22 -20.96
C TRP L 154 -13.25 -33.91 -22.21
N GLY L 155 -12.65 -35.04 -22.58
CA GLY L 155 -13.12 -35.87 -23.66
C GLY L 155 -14.24 -36.82 -23.26
N SER L 156 -14.63 -37.63 -24.22
CA SER L 156 -15.79 -38.50 -24.14
C SER L 156 -15.39 -39.94 -23.80
N VAL L 157 -16.08 -40.53 -22.82
CA VAL L 157 -15.95 -41.97 -22.59
C VAL L 157 -16.26 -42.77 -23.84
N VAL L 158 -17.31 -42.38 -24.58
CA VAL L 158 -17.67 -43.08 -25.81
C VAL L 158 -16.68 -42.72 -26.92
N GLY L 159 -16.42 -41.43 -27.10
CA GLY L 159 -15.63 -40.98 -28.24
C GLY L 159 -14.20 -41.48 -28.20
N ASN L 160 -13.56 -41.43 -27.02
CA ASN L 160 -12.23 -42.00 -26.86
C ASN L 160 -12.20 -43.46 -27.26
N THR L 161 -13.15 -44.26 -26.72
CA THR L 161 -13.22 -45.68 -27.04
C THR L 161 -13.37 -45.91 -28.54
N LEU L 162 -14.16 -45.08 -29.24
CA LEU L 162 -14.36 -45.29 -30.66
C LEU L 162 -13.10 -44.99 -31.46
N ASP L 163 -12.17 -44.19 -30.94
CA ASP L 163 -10.86 -44.07 -31.58
C ASP L 163 -9.85 -45.05 -31.00
N ARG L 164 -10.31 -45.96 -30.14
CA ARG L 164 -9.49 -46.96 -29.44
C ARG L 164 -8.39 -46.30 -28.61
N GLY L 165 -8.73 -45.17 -27.99
CA GLY L 165 -7.87 -44.51 -27.03
C GLY L 165 -7.70 -45.32 -25.76
N VAL L 166 -6.86 -44.83 -24.87
CA VAL L 166 -6.40 -45.66 -23.76
C VAL L 166 -6.27 -44.82 -22.50
N GLY L 167 -6.38 -45.52 -21.38
CA GLY L 167 -6.12 -44.96 -20.06
C GLY L 167 -5.12 -45.84 -19.33
N TYR L 168 -5.05 -45.73 -18.01
CA TYR L 168 -3.88 -46.25 -17.31
C TYR L 168 -4.21 -47.10 -16.09
N THR L 169 -5.50 -47.39 -15.83
CA THR L 169 -5.89 -48.29 -14.74
C THR L 169 -5.89 -49.70 -15.29
N PRO L 170 -6.17 -50.73 -14.49
CA PRO L 170 -6.26 -52.08 -15.07
C PRO L 170 -7.30 -52.22 -16.17
N TYR L 171 -8.24 -51.26 -16.31
CA TYR L 171 -9.22 -51.22 -17.39
C TYR L 171 -8.81 -50.24 -18.49
N GLY L 172 -7.51 -49.96 -18.65
CA GLY L 172 -7.01 -49.00 -19.60
C GLY L 172 -7.39 -49.25 -21.05
N ASP L 173 -7.55 -50.51 -21.45
CA ASP L 173 -7.93 -50.86 -22.84
C ASP L 173 -9.43 -50.58 -22.99
N HIS L 174 -9.78 -49.36 -23.39
CA HIS L 174 -11.18 -48.95 -23.37
C HIS L 174 -12.04 -49.84 -24.28
N PHE L 175 -11.51 -50.26 -25.44
CA PHE L 175 -12.34 -51.04 -26.35
C PHE L 175 -12.68 -52.39 -25.76
N MET L 176 -11.74 -53.01 -25.06
CA MET L 176 -11.96 -54.32 -24.47
C MET L 176 -13.21 -54.29 -23.60
N TRP L 177 -13.30 -53.28 -22.73
CA TRP L 177 -14.36 -53.22 -21.74
C TRP L 177 -15.63 -52.54 -22.25
N GLN L 178 -15.59 -51.90 -23.41
CA GLN L 178 -16.83 -51.56 -24.12
C GLN L 178 -17.70 -52.81 -24.21
N THR L 179 -19.01 -52.65 -23.97
CA THR L 179 -19.93 -53.80 -23.92
C THR L 179 -21.29 -53.34 -24.45
N GLY L 180 -21.54 -53.60 -25.74
CA GLY L 180 -22.77 -53.22 -26.42
C GLY L 180 -22.72 -51.82 -26.99
N LEU L 181 -23.39 -51.60 -28.13
CA LEU L 181 -23.63 -50.25 -28.61
C LEU L 181 -24.91 -50.19 -29.44
N GLU L 182 -25.44 -48.97 -29.53
CA GLU L 182 -26.46 -48.57 -30.47
C GLU L 182 -25.81 -47.69 -31.54
N VAL L 183 -26.05 -48.00 -32.81
CA VAL L 183 -25.42 -47.30 -33.92
C VAL L 183 -26.49 -47.01 -34.97
N VAL L 184 -26.51 -45.78 -35.48
CA VAL L 184 -27.24 -45.46 -36.70
C VAL L 184 -26.34 -45.77 -37.89
N LEU L 185 -26.71 -46.78 -38.68
CA LEU L 185 -25.98 -47.18 -39.89
C LEU L 185 -26.11 -46.13 -41.00
N PRO L 186 -25.23 -46.18 -42.02
CA PRO L 186 -25.07 -45.02 -42.92
C PRO L 186 -26.30 -44.63 -43.75
N GLN L 187 -27.33 -45.46 -43.87
CA GLN L 187 -28.56 -45.02 -44.53
C GLN L 187 -29.68 -44.73 -43.53
N GLY L 188 -29.42 -44.80 -42.23
CA GLY L 188 -30.37 -44.34 -41.23
C GLY L 188 -31.05 -45.41 -40.40
N GLU L 189 -30.79 -46.70 -40.64
CA GLU L 189 -31.40 -47.73 -39.80
C GLU L 189 -30.62 -47.83 -38.49
N VAL L 190 -31.33 -48.08 -37.41
CA VAL L 190 -30.71 -48.18 -36.10
C VAL L 190 -30.56 -49.64 -35.72
N MET L 191 -29.44 -49.98 -35.06
CA MET L 191 -29.05 -51.35 -34.73
C MET L 191 -28.41 -51.38 -33.34
N ARG L 192 -28.58 -52.50 -32.63
CA ARG L 192 -27.94 -52.75 -31.35
C ARG L 192 -27.10 -54.02 -31.45
N THR L 193 -25.88 -53.96 -30.91
CA THR L 193 -24.99 -55.11 -30.93
C THR L 193 -25.21 -55.98 -29.71
N GLY L 194 -24.63 -57.19 -29.76
CA GLY L 194 -24.63 -58.08 -28.61
C GLY L 194 -26.03 -58.35 -28.09
N MET L 195 -26.16 -58.41 -26.76
CA MET L 195 -27.43 -58.76 -26.13
C MET L 195 -28.46 -57.65 -26.23
N GLY L 196 -28.05 -56.44 -26.59
CA GLY L 196 -29.03 -55.43 -26.97
C GLY L 196 -29.91 -55.84 -28.13
N ALA L 197 -29.43 -56.74 -29.00
CA ALA L 197 -30.21 -57.24 -30.14
C ALA L 197 -31.26 -58.26 -29.71
N LEU L 198 -31.24 -58.71 -28.45
CA LEU L 198 -32.30 -59.56 -27.94
C LEU L 198 -33.30 -58.72 -27.16
N PRO L 199 -34.51 -58.50 -27.66
CA PRO L 199 -35.47 -57.66 -26.92
C PRO L 199 -35.69 -58.21 -25.53
N GLY L 200 -35.61 -57.32 -24.54
CA GLY L 200 -35.90 -57.69 -23.17
C GLY L 200 -34.78 -58.36 -22.40
N SER L 201 -33.58 -58.47 -22.96
CA SER L 201 -32.45 -58.95 -22.19
C SER L 201 -31.88 -57.85 -21.31
N ASP L 202 -31.40 -58.23 -20.13
CA ASP L 202 -30.72 -57.33 -19.19
C ASP L 202 -29.21 -57.41 -19.34
N ALA L 203 -28.73 -58.20 -20.30
CA ALA L 203 -27.33 -58.56 -20.42
C ALA L 203 -26.57 -57.73 -21.46
N TRP L 204 -27.13 -56.58 -21.88
CA TRP L 204 -26.48 -55.75 -22.90
C TRP L 204 -25.07 -55.36 -22.48
N GLN L 205 -24.91 -54.98 -21.23
CA GLN L 205 -23.64 -54.53 -20.71
C GLN L 205 -22.97 -55.62 -19.88
N LEU L 206 -23.51 -56.84 -19.89
CA LEU L 206 -22.99 -57.99 -19.15
C LEU L 206 -22.18 -58.96 -20.01
N PHE L 207 -22.62 -59.24 -21.24
CA PHE L 207 -21.97 -60.22 -22.11
C PHE L 207 -21.69 -59.59 -23.47
N PRO L 208 -20.43 -59.38 -23.86
CA PRO L 208 -20.17 -58.52 -25.02
C PRO L 208 -20.54 -59.11 -26.37
N TYR L 209 -20.55 -60.44 -26.53
CA TYR L 209 -20.51 -61.02 -27.87
C TYR L 209 -21.87 -61.34 -28.48
N GLY L 210 -22.93 -61.46 -27.70
CA GLY L 210 -24.23 -61.76 -28.28
C GLY L 210 -24.24 -63.12 -28.97
N PHE L 211 -24.61 -63.14 -30.25
CA PHE L 211 -24.61 -64.36 -31.06
C PHE L 211 -24.27 -63.98 -32.50
N GLY L 212 -23.48 -64.83 -33.17
CA GLY L 212 -23.09 -64.57 -34.54
C GLY L 212 -21.81 -63.75 -34.58
N PRO L 213 -21.44 -63.26 -35.76
CA PRO L 213 -20.20 -62.48 -35.87
C PRO L 213 -20.23 -61.27 -34.94
N PHE L 214 -19.06 -60.97 -34.37
CA PHE L 214 -18.89 -59.90 -33.42
C PHE L 214 -18.55 -58.61 -34.16
N PRO L 215 -19.39 -57.58 -34.12
CA PRO L 215 -19.18 -56.44 -35.03
C PRO L 215 -18.73 -55.14 -34.36
N ASP L 216 -18.71 -55.06 -33.03
CA ASP L 216 -18.50 -53.77 -32.36
C ASP L 216 -17.19 -53.13 -32.78
N GLY L 217 -16.15 -53.93 -32.92
CA GLY L 217 -14.85 -53.41 -33.32
C GLY L 217 -14.86 -52.74 -34.67
N MET L 218 -15.77 -53.14 -35.56
CA MET L 218 -15.84 -52.48 -36.87
C MET L 218 -16.36 -51.03 -36.79
N PHE L 219 -16.87 -50.59 -35.63
CA PHE L 219 -17.26 -49.19 -35.45
C PHE L 219 -16.23 -48.38 -34.68
N THR L 220 -14.99 -48.84 -34.62
CA THR L 220 -13.92 -48.10 -33.98
C THR L 220 -12.92 -47.73 -35.05
N GLN L 221 -12.42 -46.49 -35.01
CA GLN L 221 -11.60 -45.93 -36.09
C GLN L 221 -12.26 -46.19 -37.43
N SER L 222 -13.51 -45.78 -37.52
CA SER L 222 -14.48 -46.30 -38.47
C SER L 222 -15.28 -45.16 -39.07
N ASN L 223 -15.96 -45.46 -40.18
CA ASN L 223 -16.93 -44.52 -40.73
C ASN L 223 -18.12 -45.31 -41.23
N LEU L 224 -18.54 -46.28 -40.42
CA LEU L 224 -19.67 -47.14 -40.72
C LEU L 224 -20.94 -46.78 -39.95
N GLY L 225 -20.96 -45.67 -39.21
CA GLY L 225 -22.18 -45.30 -38.51
C GLY L 225 -21.97 -44.16 -37.53
N ILE L 226 -23.08 -43.75 -36.91
CA ILE L 226 -23.09 -42.76 -35.84
C ILE L 226 -23.58 -43.45 -34.57
N VAL L 227 -22.67 -43.63 -33.62
CA VAL L 227 -22.97 -44.32 -32.37
C VAL L 227 -23.74 -43.38 -31.45
N THR L 228 -24.85 -43.86 -30.90
CA THR L 228 -25.74 -43.09 -30.03
C THR L 228 -25.71 -43.53 -28.57
N LYS L 229 -25.31 -44.77 -28.31
CA LYS L 229 -25.20 -45.31 -26.96
C LYS L 229 -24.09 -46.35 -27.00
N MET L 230 -23.32 -46.40 -25.92
CA MET L 230 -22.29 -47.39 -25.72
C MET L 230 -22.29 -47.83 -24.26
N GLY L 231 -22.09 -49.13 -24.04
CA GLY L 231 -21.89 -49.66 -22.69
C GLY L 231 -20.41 -49.85 -22.39
N ILE L 232 -20.05 -49.66 -21.13
CA ILE L 232 -18.68 -49.90 -20.69
C ILE L 232 -18.72 -50.49 -19.29
N ALA L 233 -17.92 -51.54 -19.08
CA ALA L 233 -17.74 -52.08 -17.75
C ALA L 233 -16.85 -51.15 -16.92
N LEU L 234 -17.12 -51.12 -15.63
CA LEU L 234 -16.39 -50.32 -14.67
C LEU L 234 -15.90 -51.23 -13.55
N MET L 235 -14.64 -51.07 -13.18
CA MET L 235 -13.99 -51.87 -12.17
C MET L 235 -14.36 -51.38 -10.77
N GLN L 236 -14.48 -52.32 -9.83
CA GLN L 236 -14.54 -51.94 -8.42
C GLN L 236 -13.23 -51.28 -7.98
N ARG L 237 -13.36 -50.10 -7.36
CA ARG L 237 -12.19 -49.44 -6.79
C ARG L 237 -11.54 -50.32 -5.71
N PRO L 238 -10.23 -50.51 -5.74
CA PRO L 238 -9.55 -51.32 -4.71
C PRO L 238 -9.55 -50.61 -3.36
N PRO L 239 -9.27 -51.31 -2.27
CA PRO L 239 -9.30 -50.65 -0.94
C PRO L 239 -8.16 -49.65 -0.71
N ALA L 240 -7.07 -49.74 -1.46
CA ALA L 240 -5.96 -48.82 -1.26
C ALA L 240 -5.16 -48.76 -2.55
N SER L 241 -4.46 -47.64 -2.74
CA SER L 241 -3.56 -47.47 -3.86
C SER L 241 -2.35 -46.63 -3.45
N GLN L 242 -1.25 -46.83 -4.16
CA GLN L 242 -0.01 -46.10 -3.98
C GLN L 242 0.65 -45.93 -5.34
N SER L 243 1.16 -44.73 -5.61
CA SER L 243 1.85 -44.39 -6.84
C SER L 243 3.32 -44.09 -6.59
N PHE L 244 4.15 -44.43 -7.56
CA PHE L 244 5.59 -44.30 -7.40
C PHE L 244 6.19 -43.71 -8.66
N LEU L 245 7.39 -43.15 -8.50
CA LEU L 245 8.16 -42.58 -9.58
C LEU L 245 9.59 -43.10 -9.47
N ILE L 246 10.12 -43.66 -10.56
CA ILE L 246 11.53 -44.03 -10.66
C ILE L 246 12.21 -43.07 -11.64
N THR L 247 13.22 -42.36 -11.17
CA THR L 247 14.03 -41.54 -12.05
C THR L 247 15.25 -42.33 -12.48
N PHE L 248 15.62 -42.18 -13.75
CA PHE L 248 16.84 -42.77 -14.30
C PHE L 248 17.67 -41.68 -14.97
N ASP L 249 18.99 -41.80 -14.85
CA ASP L 249 19.87 -40.68 -15.17
C ASP L 249 20.11 -40.50 -16.67
N LYS L 250 20.39 -41.58 -17.39
CA LYS L 250 20.95 -41.50 -18.74
C LYS L 250 19.96 -41.90 -19.81
N GLU L 251 20.15 -41.34 -21.01
CA GLU L 251 19.35 -41.69 -22.18
C GLU L 251 19.38 -43.18 -22.46
N GLU L 252 20.56 -43.80 -22.38
CA GLU L 252 20.71 -45.20 -22.76
C GLU L 252 20.27 -46.17 -21.69
N ASP L 253 19.64 -45.68 -20.62
CA ASP L 253 19.03 -46.58 -19.65
C ASP L 253 17.76 -47.22 -20.20
N LEU L 254 17.08 -46.54 -21.15
CA LEU L 254 15.80 -46.96 -21.70
C LEU L 254 15.82 -48.42 -22.10
N GLU L 255 16.94 -48.85 -22.70
CA GLU L 255 17.12 -50.26 -23.03
C GLU L 255 16.82 -51.13 -21.82
N GLN L 256 17.59 -50.98 -20.75
CA GLN L 256 17.48 -51.88 -19.61
C GLN L 256 16.22 -51.65 -18.79
N ILE L 257 15.71 -50.41 -18.76
CA ILE L 257 14.40 -50.15 -18.13
C ILE L 257 13.34 -51.08 -18.71
N VAL L 258 13.07 -50.93 -20.02
CA VAL L 258 12.08 -51.78 -20.70
C VAL L 258 12.38 -53.26 -20.47
N ASP L 259 13.67 -53.65 -20.52
CA ASP L 259 14.01 -55.07 -20.43
C ASP L 259 13.79 -55.62 -19.03
N ILE L 260 13.97 -54.79 -17.99
CA ILE L 260 13.63 -55.22 -16.63
C ILE L 260 12.12 -55.18 -16.41
N MET L 261 11.44 -54.21 -17.03
CA MET L 261 10.00 -54.01 -16.88
C MET L 261 9.21 -55.24 -17.31
N LEU L 262 9.43 -55.71 -18.53
CA LEU L 262 8.56 -56.73 -19.14
C LEU L 262 8.30 -57.92 -18.24
N PRO L 263 9.27 -58.52 -17.54
CA PRO L 263 8.96 -59.64 -16.65
C PRO L 263 8.02 -59.27 -15.51
N LEU L 264 7.97 -58.00 -15.11
CA LEU L 264 7.11 -57.50 -14.04
C LEU L 264 5.76 -56.97 -14.53
N ARG L 265 5.52 -56.92 -15.85
CA ARG L 265 4.24 -56.42 -16.38
C ARG L 265 3.38 -57.50 -17.01
N ILE L 266 3.99 -58.47 -17.70
CA ILE L 266 3.27 -59.45 -18.50
C ILE L 266 2.20 -60.19 -17.70
N ASN L 267 2.41 -60.35 -16.40
CA ASN L 267 1.46 -61.06 -15.56
C ASN L 267 0.50 -60.13 -14.85
N MET L 268 0.53 -58.83 -15.16
CA MET L 268 -0.27 -57.82 -14.49
C MET L 268 0.07 -57.75 -12.99
N ALA L 269 1.30 -58.14 -12.62
CA ALA L 269 1.79 -58.06 -11.25
C ALA L 269 3.28 -58.35 -11.21
N PRO L 270 4.08 -57.59 -10.44
CA PRO L 270 3.65 -56.50 -9.53
C PRO L 270 3.16 -55.25 -10.24
N LEU L 271 3.40 -55.12 -11.55
CA LEU L 271 2.93 -53.95 -12.29
C LEU L 271 1.47 -54.21 -12.69
N GLN L 272 0.54 -53.67 -11.90
CA GLN L 272 -0.89 -53.91 -12.09
C GLN L 272 -1.53 -52.89 -12.99
N ASN L 273 -1.01 -51.66 -12.97
CA ASN L 273 -1.52 -50.55 -13.75
C ASN L 273 -0.68 -50.43 -15.02
N VAL L 274 -1.08 -49.53 -15.91
CA VAL L 274 -0.35 -49.30 -17.15
C VAL L 274 0.76 -48.32 -16.84
N PRO L 275 2.01 -48.78 -16.78
CA PRO L 275 3.11 -47.85 -16.54
C PRO L 275 3.25 -46.90 -17.70
N VAL L 276 3.81 -45.74 -17.41
CA VAL L 276 4.24 -44.78 -18.42
C VAL L 276 5.71 -44.43 -18.15
N LEU L 277 6.48 -44.29 -19.24
CA LEU L 277 7.90 -43.90 -19.20
C LEU L 277 8.05 -42.61 -20.00
N ARG L 278 8.36 -41.52 -19.31
CA ARG L 278 8.42 -40.18 -19.90
C ARG L 278 9.85 -39.66 -19.91
N ASN L 279 10.16 -38.87 -20.92
CA ASN L 279 11.48 -38.25 -20.99
C ASN L 279 11.39 -36.83 -20.39
N ILE L 280 12.56 -36.33 -19.99
CA ILE L 280 12.64 -35.04 -19.30
C ILE L 280 11.92 -33.94 -20.06
N PHE L 281 11.91 -34.02 -21.40
CA PHE L 281 11.22 -33.02 -22.20
C PHE L 281 9.71 -33.04 -21.94
N MET L 282 9.14 -34.23 -21.76
CA MET L 282 7.72 -34.36 -21.45
C MET L 282 7.40 -33.79 -20.07
N ASP L 283 8.21 -34.13 -19.06
CA ASP L 283 7.94 -33.66 -17.71
C ASP L 283 8.19 -32.16 -17.60
N ALA L 284 9.36 -31.71 -18.08
CA ALA L 284 9.67 -30.28 -18.05
C ALA L 284 8.57 -29.44 -18.69
N ALA L 285 8.04 -29.88 -19.83
CA ALA L 285 6.95 -29.14 -20.48
C ALA L 285 5.70 -29.11 -19.62
N ALA L 286 5.48 -30.16 -18.81
CA ALA L 286 4.35 -30.17 -17.90
C ALA L 286 4.46 -29.13 -16.80
N VAL L 287 5.66 -28.62 -16.50
CA VAL L 287 5.85 -27.74 -15.37
C VAL L 287 6.54 -26.43 -15.72
N SER L 288 6.91 -26.21 -16.99
CA SER L 288 7.70 -25.02 -17.31
C SER L 288 7.58 -24.66 -18.79
N LYS L 289 7.98 -23.43 -19.10
CA LYS L 289 8.22 -22.97 -20.46
C LYS L 289 9.64 -23.36 -20.90
N ARG L 290 9.85 -23.33 -22.22
CA ARG L 290 11.18 -23.64 -22.78
C ARG L 290 12.18 -22.53 -22.47
N THR L 291 11.75 -21.27 -22.59
CA THR L 291 12.61 -20.11 -22.34
C THR L 291 13.20 -20.11 -20.94
N GLU L 292 12.79 -21.01 -20.07
CA GLU L 292 13.45 -21.15 -18.77
C GLU L 292 14.75 -21.94 -18.87
N TRP L 293 14.90 -22.78 -19.89
CA TRP L 293 16.04 -23.67 -20.04
C TRP L 293 16.96 -23.29 -21.20
N PHE L 294 16.39 -22.84 -22.31
CA PHE L 294 17.17 -22.47 -23.49
C PHE L 294 16.47 -21.34 -24.22
N ASP L 295 17.25 -20.37 -24.66
CA ASP L 295 16.75 -19.07 -25.08
C ASP L 295 16.78 -18.84 -26.58
N GLY L 296 17.32 -19.78 -27.35
CA GLY L 296 17.76 -19.42 -28.67
C GLY L 296 17.53 -20.40 -29.83
N ASP L 297 18.65 -20.85 -30.38
CA ASP L 297 18.69 -21.35 -31.77
C ASP L 297 18.63 -22.87 -31.80
N GLY L 298 17.49 -23.37 -32.22
CA GLY L 298 17.37 -24.74 -32.63
C GLY L 298 17.31 -25.70 -31.47
N PRO L 299 17.92 -26.88 -31.65
CA PRO L 299 17.74 -27.96 -30.68
C PRO L 299 18.37 -27.64 -29.34
N MET L 300 17.85 -28.26 -28.30
CA MET L 300 18.28 -27.91 -26.96
C MET L 300 19.63 -28.54 -26.66
N PRO L 301 20.62 -27.76 -26.23
CA PRO L 301 21.94 -28.32 -25.91
C PRO L 301 21.88 -29.26 -24.72
N ALA L 302 22.96 -30.01 -24.57
CA ALA L 302 23.01 -31.03 -23.53
C ALA L 302 23.19 -30.47 -22.12
N GLU L 303 23.61 -29.20 -21.96
CA GLU L 303 23.67 -28.69 -20.58
C GLU L 303 22.35 -28.09 -20.16
N ALA L 304 21.62 -27.45 -21.10
CA ALA L 304 20.26 -27.04 -20.80
C ALA L 304 19.36 -28.23 -20.48
N ILE L 305 19.70 -29.42 -21.02
CA ILE L 305 19.04 -30.66 -20.59
C ILE L 305 19.46 -31.00 -19.17
N GLU L 306 20.76 -30.86 -18.88
CA GLU L 306 21.26 -31.18 -17.56
C GLU L 306 20.77 -30.20 -16.51
N ARG L 307 20.24 -29.06 -16.91
CA ARG L 307 19.68 -28.11 -15.94
C ARG L 307 18.26 -28.48 -15.58
N MET L 308 17.52 -29.06 -16.54
CA MET L 308 16.20 -29.59 -16.24
C MET L 308 16.28 -30.76 -15.28
N LYS L 309 17.26 -31.64 -15.47
CA LYS L 309 17.33 -32.83 -14.64
C LYS L 309 17.81 -32.54 -13.22
N LYS L 310 18.45 -31.39 -12.97
CA LYS L 310 18.86 -31.06 -11.61
C LYS L 310 17.88 -30.09 -10.94
N ASP L 311 17.44 -29.08 -11.68
CA ASP L 311 16.42 -28.14 -11.18
C ASP L 311 15.16 -28.88 -10.73
N LEU L 312 14.72 -29.87 -11.51
CA LEU L 312 13.51 -30.62 -11.24
C LEU L 312 13.77 -31.94 -10.53
N ASP L 313 15.02 -32.22 -10.18
CA ASP L 313 15.38 -33.47 -9.50
C ASP L 313 14.75 -34.67 -10.21
N LEU L 314 14.81 -34.65 -11.55
CA LEU L 314 14.22 -35.66 -12.41
C LEU L 314 15.28 -36.24 -13.34
N GLY L 315 15.12 -37.51 -13.71
CA GLY L 315 16.01 -38.14 -14.66
C GLY L 315 15.70 -37.81 -16.12
N PHE L 316 16.48 -38.40 -17.03
CA PHE L 316 16.11 -38.30 -18.45
C PHE L 316 14.86 -39.12 -18.72
N TRP L 317 14.80 -40.34 -18.19
CA TRP L 317 13.63 -41.21 -18.25
C TRP L 317 13.00 -41.32 -16.88
N ASN L 318 11.68 -41.12 -16.83
CA ASN L 318 10.90 -41.10 -15.60
C ASN L 318 9.76 -42.10 -15.74
N PHE L 319 9.73 -43.07 -14.85
CA PHE L 319 8.80 -44.18 -14.90
C PHE L 319 7.75 -43.96 -13.81
N TYR L 320 6.49 -43.79 -14.21
CA TYR L 320 5.38 -43.64 -13.29
C TYR L 320 4.53 -44.91 -13.30
N GLY L 321 4.18 -45.38 -12.11
CA GLY L 321 3.29 -46.52 -11.93
C GLY L 321 2.47 -46.34 -10.67
N THR L 322 1.52 -47.26 -10.47
CA THR L 322 0.61 -47.20 -9.32
C THR L 322 0.24 -48.61 -8.94
N LEU L 323 0.19 -48.90 -7.64
CA LEU L 323 -0.19 -50.22 -7.14
C LEU L 323 -1.52 -50.14 -6.41
N TYR L 324 -2.29 -51.23 -6.49
CA TYR L 324 -3.60 -51.32 -5.86
C TYR L 324 -3.71 -52.56 -4.97
N GLY L 325 -4.39 -52.43 -3.83
CA GLY L 325 -4.77 -53.58 -3.06
C GLY L 325 -4.73 -53.34 -1.57
N PRO L 326 -4.82 -54.41 -0.78
CA PRO L 326 -4.57 -54.29 0.66
C PRO L 326 -3.16 -53.76 0.89
N PRO L 327 -2.98 -52.89 1.89
CA PRO L 327 -1.66 -52.29 2.15
C PRO L 327 -0.50 -53.26 2.09
N PRO L 328 -0.59 -54.48 2.66
CA PRO L 328 0.59 -55.36 2.59
C PRO L 328 0.85 -55.96 1.22
N LEU L 329 -0.17 -56.10 0.36
CA LEU L 329 0.11 -56.47 -1.02
C LEU L 329 0.89 -55.36 -1.71
N ILE L 330 0.52 -54.12 -1.42
CA ILE L 330 1.18 -52.98 -2.05
C ILE L 330 2.65 -52.95 -1.68
N GLU L 331 2.98 -53.18 -0.39
CA GLU L 331 4.38 -53.12 0.01
C GLU L 331 5.17 -54.31 -0.57
N MET L 332 4.55 -55.50 -0.65
CA MET L 332 5.24 -56.61 -1.29
C MET L 332 5.60 -56.27 -2.74
N TYR L 333 4.66 -55.70 -3.50
CA TYR L 333 4.91 -55.44 -4.92
C TYR L 333 5.94 -54.34 -5.10
N TYR L 334 5.82 -53.25 -4.34
CA TYR L 334 6.80 -52.19 -4.37
C TYR L 334 8.17 -52.66 -3.90
N GLY L 335 8.22 -53.78 -3.17
CA GLY L 335 9.50 -54.39 -2.85
C GLY L 335 10.11 -55.08 -4.05
N MET L 336 9.32 -55.86 -4.78
CA MET L 336 9.82 -56.47 -6.00
C MET L 336 10.14 -55.44 -7.06
N ILE L 337 9.39 -54.33 -7.11
CA ILE L 337 9.69 -53.31 -8.10
C ILE L 337 11.00 -52.59 -7.77
N LYS L 338 11.25 -52.30 -6.49
CA LYS L 338 12.50 -51.64 -6.12
C LYS L 338 13.70 -52.55 -6.35
N GLU L 339 13.57 -53.82 -5.96
CA GLU L 339 14.64 -54.79 -6.18
C GLU L 339 15.06 -54.85 -7.65
N ALA L 340 14.08 -54.93 -8.56
CA ALA L 340 14.40 -55.13 -9.96
C ALA L 340 15.04 -53.88 -10.58
N PHE L 341 14.40 -52.73 -10.42
CA PHE L 341 14.92 -51.51 -11.03
C PHE L 341 16.09 -50.91 -10.24
N GLY L 342 16.41 -51.46 -9.07
CA GLY L 342 17.63 -51.06 -8.39
C GLY L 342 18.87 -51.35 -9.22
N LYS L 343 18.87 -52.49 -9.91
CA LYS L 343 20.05 -52.95 -10.64
C LYS L 343 20.57 -51.92 -11.64
N ILE L 344 19.74 -51.00 -12.07
CA ILE L 344 20.19 -49.90 -12.94
C ILE L 344 20.91 -48.88 -12.08
N PRO L 345 22.20 -48.64 -12.33
CA PRO L 345 22.90 -47.59 -11.58
C PRO L 345 22.21 -46.25 -11.75
N GLY L 346 22.07 -45.53 -10.64
CA GLY L 346 21.49 -44.21 -10.65
C GLY L 346 19.98 -44.15 -10.52
N ALA L 347 19.34 -45.28 -10.22
CA ALA L 347 17.88 -45.40 -10.18
C ALA L 347 17.36 -45.02 -8.79
N ARG L 348 16.54 -43.98 -8.73
CA ARG L 348 16.06 -43.40 -7.49
C ARG L 348 14.54 -43.45 -7.44
N PHE L 349 13.99 -43.93 -6.33
CA PHE L 349 12.57 -44.21 -6.17
C PHE L 349 11.90 -43.17 -5.26
N PHE L 350 10.61 -42.90 -5.54
CA PHE L 350 9.82 -41.91 -4.79
C PHE L 350 8.34 -42.29 -4.79
N THR L 351 7.70 -42.32 -3.61
CA THR L 351 6.25 -42.53 -3.55
C THR L 351 5.52 -41.19 -3.62
N HIS L 352 4.20 -41.26 -3.89
CA HIS L 352 3.41 -40.04 -4.09
C HIS L 352 3.11 -39.30 -2.79
N GLU L 353 3.15 -39.96 -1.65
CA GLU L 353 3.14 -39.25 -0.37
C GLU L 353 4.45 -38.52 -0.13
N GLU L 354 5.58 -39.09 -0.59
CA GLU L 354 6.91 -38.58 -0.28
C GLU L 354 7.24 -37.28 -1.02
N ARG L 355 6.92 -37.18 -2.31
CA ARG L 355 7.34 -36.05 -3.14
C ARG L 355 6.18 -35.11 -3.44
N ASP L 356 6.38 -33.83 -3.20
CA ASP L 356 5.40 -32.80 -3.51
C ASP L 356 6.03 -31.55 -4.12
N ASP L 357 7.32 -31.59 -4.48
CA ASP L 357 8.00 -30.44 -5.06
C ASP L 357 7.48 -30.22 -6.49
N ARG L 358 8.02 -29.21 -7.20
CA ARG L 358 7.48 -28.91 -8.52
C ARG L 358 7.71 -30.03 -9.51
N GLY L 359 8.81 -30.79 -9.39
CA GLY L 359 9.05 -31.94 -10.23
C GLY L 359 8.22 -33.16 -9.93
N GLY L 360 7.66 -33.25 -8.72
CA GLY L 360 6.77 -34.33 -8.41
C GLY L 360 5.37 -34.10 -8.91
N HIS L 361 5.13 -32.93 -9.48
CA HIS L 361 3.79 -32.55 -9.91
C HIS L 361 3.22 -33.57 -10.89
N VAL L 362 4.05 -34.07 -11.81
CA VAL L 362 3.61 -35.11 -12.72
C VAL L 362 3.25 -36.36 -11.94
N LEU L 363 4.07 -36.71 -10.94
CA LEU L 363 3.75 -37.85 -10.09
C LEU L 363 2.38 -37.70 -9.45
N GLN L 364 2.02 -36.47 -9.06
CA GLN L 364 0.69 -36.25 -8.50
C GLN L 364 -0.39 -36.43 -9.55
N ASP L 365 -0.17 -35.90 -10.77
CA ASP L 365 -1.20 -36.03 -11.79
C ASP L 365 -1.39 -37.48 -12.22
N ARG L 366 -0.29 -38.19 -12.49
CA ARG L 366 -0.43 -39.61 -12.80
C ARG L 366 -1.21 -40.33 -11.70
N HIS L 367 -1.01 -39.92 -10.44
CA HIS L 367 -1.67 -40.60 -9.32
C HIS L 367 -3.18 -40.43 -9.39
N LYS L 368 -3.65 -39.22 -9.68
CA LYS L 368 -5.05 -39.00 -10.00
C LYS L 368 -5.47 -39.86 -11.18
N ILE L 369 -4.73 -39.78 -12.29
CA ILE L 369 -5.14 -40.45 -13.51
C ILE L 369 -5.24 -41.96 -13.30
N ASN L 370 -4.31 -42.53 -12.52
CA ASN L 370 -4.28 -43.97 -12.27
C ASN L 370 -5.33 -44.40 -11.24
N ASN L 371 -6.05 -43.47 -10.63
CA ASN L 371 -7.15 -43.82 -9.73
C ASN L 371 -8.50 -43.37 -10.28
N GLY L 372 -8.55 -43.09 -11.59
CA GLY L 372 -9.77 -42.67 -12.24
C GLY L 372 -10.29 -41.33 -11.78
N ILE L 373 -9.39 -40.41 -11.42
CA ILE L 373 -9.72 -39.02 -11.13
C ILE L 373 -9.23 -38.18 -12.30
N PRO L 374 -10.12 -37.71 -13.18
CA PRO L 374 -9.67 -36.96 -14.37
C PRO L 374 -9.04 -35.63 -13.99
N SER L 375 -8.33 -35.08 -14.97
CA SER L 375 -7.48 -33.91 -14.77
C SER L 375 -7.29 -33.22 -16.11
N LEU L 376 -7.08 -31.90 -16.06
CA LEU L 376 -6.64 -31.11 -17.20
C LEU L 376 -5.22 -30.59 -17.00
N ASP L 377 -4.47 -31.16 -16.04
CA ASP L 377 -3.17 -30.61 -15.69
C ASP L 377 -2.16 -30.77 -16.81
N GLU L 378 -2.44 -31.65 -17.78
CA GLU L 378 -1.47 -31.82 -18.84
C GLU L 378 -1.56 -30.73 -19.90
N LEU L 379 -2.61 -29.93 -19.92
CA LEU L 379 -2.67 -28.82 -20.87
C LEU L 379 -1.53 -27.83 -20.67
N GLN L 380 -0.85 -27.90 -19.53
CA GLN L 380 0.30 -27.06 -19.25
C GLN L 380 1.46 -27.35 -20.19
N GLN L 381 1.50 -28.52 -20.83
CA GLN L 381 2.57 -28.81 -21.76
C GLN L 381 2.49 -27.95 -23.01
N LEU L 382 1.31 -27.42 -23.34
CA LEU L 382 1.17 -26.57 -24.52
C LEU L 382 1.52 -25.11 -24.25
N ASP L 383 2.05 -24.80 -23.07
CA ASP L 383 2.71 -23.52 -22.78
C ASP L 383 4.21 -23.59 -22.98
N TRP L 384 4.71 -24.75 -23.44
CA TRP L 384 6.12 -24.94 -23.75
C TRP L 384 6.64 -23.81 -24.63
N VAL L 385 5.89 -23.48 -25.68
CA VAL L 385 6.20 -22.39 -26.61
C VAL L 385 4.92 -21.61 -26.85
N PRO L 386 5.03 -20.34 -27.27
CA PRO L 386 3.81 -19.56 -27.50
C PRO L 386 2.91 -20.21 -28.54
N ASN L 387 1.59 -20.04 -28.33
CA ASN L 387 0.53 -20.61 -29.17
C ASN L 387 0.63 -22.15 -29.28
N GLY L 388 1.16 -22.81 -28.25
CA GLY L 388 1.46 -24.23 -28.29
C GLY L 388 0.34 -25.17 -28.71
N GLY L 389 0.63 -26.02 -29.70
CA GLY L 389 -0.26 -27.10 -30.07
C GLY L 389 0.58 -28.36 -30.26
N HIS L 390 -0.09 -29.51 -30.35
CA HIS L 390 0.66 -30.75 -30.56
C HIS L 390 0.02 -31.60 -31.65
N ILE L 391 0.85 -32.51 -32.18
CA ILE L 391 0.45 -33.59 -33.08
C ILE L 391 0.90 -34.88 -32.42
N GLY L 392 0.12 -35.93 -32.61
CA GLY L 392 0.49 -37.20 -31.99
C GLY L 392 0.95 -38.24 -32.98
N PHE L 393 2.25 -38.50 -33.04
CA PHE L 393 2.84 -39.60 -33.82
C PHE L 393 3.08 -40.73 -32.83
N VAL L 394 2.31 -41.80 -32.94
CA VAL L 394 2.39 -42.82 -31.91
C VAL L 394 2.61 -44.20 -32.53
N PRO L 395 3.86 -44.57 -32.82
CA PRO L 395 4.14 -45.93 -33.28
C PRO L 395 4.04 -46.94 -32.14
N VAL L 396 3.64 -48.17 -32.50
CA VAL L 396 3.62 -49.28 -31.56
C VAL L 396 4.99 -49.97 -31.57
N SER L 397 5.42 -50.41 -30.40
CA SER L 397 6.74 -51.03 -30.24
C SER L 397 6.62 -52.28 -29.38
N ALA L 398 7.49 -53.23 -29.64
CA ALA L 398 7.59 -54.37 -28.75
C ALA L 398 8.12 -53.90 -27.39
N PRO L 399 7.77 -54.59 -26.31
CA PRO L 399 8.38 -54.29 -24.99
C PRO L 399 9.81 -54.82 -24.95
N ASP L 400 10.68 -54.16 -25.73
CA ASP L 400 12.04 -54.62 -26.00
C ASP L 400 12.98 -53.43 -26.04
N GLY L 401 14.07 -53.53 -25.27
CA GLY L 401 14.94 -52.39 -25.09
C GLY L 401 15.48 -51.85 -26.40
N ARG L 402 15.99 -52.75 -27.24
CA ARG L 402 16.61 -52.33 -28.49
C ARG L 402 15.60 -51.70 -29.41
N GLU L 403 14.41 -52.32 -29.53
CA GLU L 403 13.34 -51.75 -30.35
C GLU L 403 12.90 -50.39 -29.81
N ALA L 404 12.75 -50.28 -28.49
CA ALA L 404 12.47 -48.96 -27.92
C ALA L 404 13.58 -47.98 -28.27
N MET L 405 14.82 -48.44 -28.15
CA MET L 405 15.97 -47.56 -28.42
C MET L 405 16.01 -47.14 -29.88
N LYS L 406 15.83 -48.11 -30.79
CA LYS L 406 15.92 -47.79 -32.21
C LYS L 406 14.87 -46.74 -32.59
N GLN L 407 13.63 -46.93 -32.11
CA GLN L 407 12.58 -45.96 -32.38
C GLN L 407 12.95 -44.58 -31.84
N PHE L 408 13.48 -44.56 -30.61
CA PHE L 408 13.82 -43.31 -29.95
C PHE L 408 14.84 -42.51 -30.76
N GLU L 409 15.92 -43.16 -31.22
CA GLU L 409 16.92 -42.49 -32.02
C GLU L 409 16.37 -42.11 -33.39
N MET L 410 15.59 -42.99 -34.01
CA MET L 410 14.92 -42.66 -35.27
C MET L 410 14.15 -41.35 -35.15
N VAL L 411 13.27 -41.25 -34.15
CA VAL L 411 12.43 -40.06 -34.01
C VAL L 411 13.28 -38.83 -33.71
N ARG L 412 14.32 -38.99 -32.89
CA ARG L 412 15.11 -37.83 -32.44
C ARG L 412 15.96 -37.24 -33.57
N ASN L 413 16.59 -38.09 -34.38
CA ASN L 413 17.34 -37.60 -35.54
C ASN L 413 16.45 -36.74 -36.43
N ARG L 414 15.25 -37.24 -36.75
CA ARG L 414 14.32 -36.47 -37.57
C ARG L 414 13.82 -35.24 -36.83
N ALA L 415 13.57 -35.36 -35.53
CA ALA L 415 13.12 -34.20 -34.76
C ALA L 415 14.21 -33.15 -34.73
N ASN L 416 15.47 -33.58 -34.62
CA ASN L 416 16.60 -32.66 -34.73
C ASN L 416 16.62 -31.99 -36.10
N GLU L 417 16.46 -32.78 -37.17
CA GLU L 417 16.53 -32.23 -38.52
C GLU L 417 15.51 -31.10 -38.73
N TYR L 418 14.26 -31.29 -38.30
CA TYR L 418 13.20 -30.32 -38.60
C TYR L 418 12.94 -29.32 -37.47
N ASN L 419 13.86 -29.20 -36.51
CA ASN L 419 13.83 -28.15 -35.48
C ASN L 419 12.66 -28.29 -34.53
N LYS L 420 12.44 -29.51 -34.00
CA LYS L 420 11.34 -29.72 -33.05
C LYS L 420 11.78 -30.64 -31.91
N ASP L 421 11.50 -30.20 -30.67
CA ASP L 421 11.76 -31.01 -29.49
C ASP L 421 10.90 -32.27 -29.48
N TYR L 422 11.46 -33.33 -28.95
CA TYR L 422 10.84 -34.65 -28.99
C TYR L 422 10.50 -35.06 -27.56
N MET L 423 9.19 -35.11 -27.27
CA MET L 423 8.67 -35.61 -25.99
C MET L 423 8.14 -37.02 -26.13
N ALA L 424 8.56 -37.89 -25.21
CA ALA L 424 8.24 -39.32 -25.28
C ALA L 424 7.51 -39.77 -24.03
N GLN L 425 6.44 -40.54 -24.24
CA GLN L 425 5.74 -41.24 -23.17
C GLN L 425 5.45 -42.64 -23.69
N PHE L 426 6.30 -43.59 -23.37
CA PHE L 426 5.94 -44.98 -23.60
C PHE L 426 4.78 -45.33 -22.68
N VAL L 427 3.66 -45.72 -23.29
CA VAL L 427 2.52 -46.28 -22.58
C VAL L 427 2.62 -47.80 -22.71
N ILE L 428 2.69 -48.51 -21.57
CA ILE L 428 3.17 -49.88 -21.54
C ILE L 428 2.03 -50.85 -21.25
N GLY L 429 1.66 -51.67 -22.24
CA GLY L 429 0.71 -52.74 -22.03
C GLY L 429 1.38 -54.04 -21.59
N LEU L 430 0.61 -55.13 -21.64
CA LEU L 430 1.14 -56.44 -21.28
C LEU L 430 2.20 -56.92 -22.26
N ARG L 431 1.92 -56.82 -23.56
CA ARG L 431 2.82 -57.35 -24.58
C ARG L 431 3.13 -56.33 -25.67
N GLU L 432 2.98 -55.04 -25.39
CA GLU L 432 3.24 -54.04 -26.42
C GLU L 432 3.37 -52.69 -25.74
N MET L 433 3.89 -51.71 -26.47
CA MET L 433 3.99 -50.36 -25.93
C MET L 433 3.57 -49.34 -26.98
N TYR L 434 2.79 -48.35 -26.55
CA TYR L 434 2.58 -47.14 -27.34
C TYR L 434 3.77 -46.21 -27.13
N HIS L 435 4.43 -45.80 -28.21
CA HIS L 435 5.55 -44.87 -28.17
C HIS L 435 5.01 -43.50 -28.55
N VAL L 436 4.47 -42.81 -27.55
CA VAL L 436 3.80 -41.55 -27.82
C VAL L 436 4.88 -40.50 -28.08
N CYS L 437 4.84 -39.91 -29.27
CA CYS L 437 5.73 -38.82 -29.62
C CYS L 437 4.91 -37.57 -29.84
N LEU L 438 4.99 -36.64 -28.89
CA LEU L 438 4.26 -35.38 -28.93
C LEU L 438 5.17 -34.28 -29.45
N PHE L 439 4.77 -33.66 -30.55
CA PHE L 439 5.54 -32.56 -31.13
C PHE L 439 4.74 -31.29 -30.90
N ILE L 440 5.23 -30.48 -29.97
CA ILE L 440 4.65 -29.19 -29.64
C ILE L 440 5.31 -28.14 -30.52
N TYR L 441 4.56 -27.11 -30.90
CA TYR L 441 5.03 -26.18 -31.92
C TYR L 441 4.12 -24.96 -31.94
N ASP L 442 4.63 -23.86 -32.51
CA ASP L 442 3.88 -22.61 -32.59
C ASP L 442 2.82 -22.74 -33.69
N THR L 443 1.55 -22.87 -33.28
CA THR L 443 0.45 -23.06 -34.23
C THR L 443 0.12 -21.81 -35.02
N ALA L 444 0.75 -20.68 -34.73
CA ALA L 444 0.52 -19.46 -35.49
C ALA L 444 1.62 -19.21 -36.52
N ASP L 445 2.64 -20.06 -36.56
CA ASP L 445 3.75 -19.91 -37.47
C ASP L 445 3.60 -20.90 -38.61
N PRO L 446 3.24 -20.46 -39.82
CA PRO L 446 3.08 -21.42 -40.93
C PRO L 446 4.33 -22.22 -41.22
N GLU L 447 5.51 -21.65 -40.96
CA GLU L 447 6.75 -22.42 -41.05
C GLU L 447 6.73 -23.66 -40.17
N ALA L 448 6.32 -23.51 -38.91
CA ALA L 448 6.35 -24.63 -37.98
C ALA L 448 5.31 -25.68 -38.34
N ARG L 449 4.10 -25.26 -38.75
CA ARG L 449 3.06 -26.20 -39.16
C ARG L 449 3.54 -27.11 -40.27
N GLU L 450 4.12 -26.51 -41.33
CA GLU L 450 4.55 -27.26 -42.51
C GLU L 450 5.68 -28.22 -42.17
N GLU L 451 6.63 -27.79 -41.33
CA GLU L 451 7.67 -28.70 -40.85
C GLU L 451 7.03 -29.89 -40.13
N ILE L 452 6.04 -29.60 -39.27
CA ILE L 452 5.32 -30.65 -38.56
C ILE L 452 4.75 -31.69 -39.52
N LEU L 453 4.06 -31.21 -40.57
CA LEU L 453 3.49 -32.10 -41.57
C LEU L 453 4.58 -32.89 -42.32
N GLN L 454 5.63 -32.20 -42.78
CA GLN L 454 6.63 -32.88 -43.60
C GLN L 454 7.43 -33.88 -42.79
N MET L 455 7.74 -33.53 -41.54
CA MET L 455 8.47 -34.45 -40.67
C MET L 455 7.65 -35.69 -40.37
N THR L 456 6.37 -35.50 -40.00
CA THR L 456 5.54 -36.65 -39.64
C THR L 456 5.30 -37.56 -40.84
N LYS L 457 5.10 -36.98 -42.04
CA LYS L 457 5.08 -37.80 -43.25
C LYS L 457 6.36 -38.64 -43.39
N VAL L 458 7.52 -38.02 -43.16
CA VAL L 458 8.79 -38.75 -43.29
C VAL L 458 8.89 -39.88 -42.27
N LEU L 459 8.44 -39.62 -41.03
CA LEU L 459 8.51 -40.60 -39.95
C LEU L 459 7.54 -41.78 -40.17
N VAL L 460 6.33 -41.53 -40.68
CA VAL L 460 5.44 -42.66 -40.96
C VAL L 460 6.11 -43.62 -41.95
N ARG L 461 6.75 -43.06 -42.99
CA ARG L 461 7.40 -43.88 -44.00
C ARG L 461 8.69 -44.51 -43.45
N GLU L 462 9.56 -43.69 -42.87
CA GLU L 462 10.78 -44.23 -42.25
C GLU L 462 10.46 -45.32 -41.22
N ALA L 463 9.45 -45.10 -40.36
CA ALA L 463 9.10 -46.11 -39.37
C ALA L 463 8.50 -47.36 -40.00
N ALA L 464 7.70 -47.21 -41.05
CA ALA L 464 7.16 -48.37 -41.75
C ALA L 464 8.26 -49.14 -42.50
N GLU L 465 9.31 -48.45 -42.92
CA GLU L 465 10.39 -49.16 -43.59
C GLU L 465 11.17 -50.05 -42.62
N ALA L 466 11.17 -49.71 -41.32
CA ALA L 466 11.77 -50.52 -40.26
C ALA L 466 10.81 -51.56 -39.68
N GLY L 467 9.56 -51.57 -40.14
CA GLY L 467 8.57 -52.51 -39.66
C GLY L 467 7.64 -52.00 -38.58
N TYR L 468 7.42 -50.68 -38.49
CA TYR L 468 6.66 -50.06 -37.41
C TYR L 468 5.43 -49.35 -37.96
N GLY L 469 4.29 -49.53 -37.29
CA GLY L 469 3.08 -48.83 -37.65
C GLY L 469 2.46 -48.16 -36.43
N GLU L 470 1.79 -47.05 -36.69
CA GLU L 470 1.09 -46.31 -35.64
C GLU L 470 -0.32 -46.89 -35.42
N TYR L 471 -0.76 -46.84 -34.16
CA TYR L 471 -2.06 -47.35 -33.74
C TYR L 471 -3.20 -46.38 -34.02
N ARG L 472 -2.91 -45.14 -34.38
CA ARG L 472 -3.87 -44.04 -34.43
C ARG L 472 -3.16 -42.84 -35.00
N THR L 473 -3.82 -42.03 -35.83
CA THR L 473 -3.09 -40.93 -36.45
C THR L 473 -4.02 -39.75 -36.69
N HIS L 474 -3.40 -38.62 -37.07
CA HIS L 474 -4.04 -37.35 -37.39
C HIS L 474 -4.69 -37.41 -38.77
N ASN L 475 -5.71 -36.55 -38.95
CA ASN L 475 -6.39 -36.35 -40.23
C ASN L 475 -5.44 -36.32 -41.43
N ALA L 476 -4.33 -35.59 -41.31
CA ALA L 476 -3.45 -35.31 -42.44
C ALA L 476 -2.58 -36.49 -42.80
N LEU L 477 -2.47 -37.48 -41.92
CA LEU L 477 -1.64 -38.65 -42.13
C LEU L 477 -2.43 -39.92 -42.31
N MET L 478 -3.77 -39.85 -42.29
CA MET L 478 -4.56 -41.08 -42.32
C MET L 478 -4.31 -41.89 -43.59
N ASP L 479 -4.35 -41.23 -44.76
CA ASP L 479 -4.05 -41.91 -46.03
C ASP L 479 -2.68 -42.60 -45.98
N ASP L 480 -1.64 -41.85 -45.56
CA ASP L 480 -0.29 -42.42 -45.55
C ASP L 480 -0.15 -43.56 -44.55
N VAL L 481 -0.83 -43.47 -43.38
CA VAL L 481 -0.70 -44.53 -42.38
C VAL L 481 -1.36 -45.82 -42.86
N MET L 482 -2.54 -45.70 -43.47
CA MET L 482 -3.19 -46.88 -44.02
C MET L 482 -2.39 -47.47 -45.19
N ALA L 483 -1.67 -46.62 -45.94
CA ALA L 483 -0.85 -47.11 -47.06
C ALA L 483 0.27 -48.04 -46.59
N THR L 484 0.78 -47.85 -45.38
CA THR L 484 1.80 -48.75 -44.83
C THR L 484 1.23 -50.13 -44.47
N PHE L 485 -0.07 -50.24 -44.27
CA PHE L 485 -0.67 -51.51 -43.88
C PHE L 485 -1.10 -52.33 -45.10
N ASN L 486 -0.22 -52.39 -46.11
CA ASN L 486 -0.59 -52.82 -47.45
C ASN L 486 -0.12 -54.25 -47.77
N TRP L 487 -0.09 -55.13 -46.77
CA TRP L 487 0.24 -56.53 -47.04
C TRP L 487 -0.77 -57.13 -48.01
N GLY L 488 -0.29 -58.04 -48.88
CA GLY L 488 -1.17 -58.67 -49.85
C GLY L 488 -1.71 -57.76 -50.92
N ASP L 489 -0.92 -56.74 -51.32
CA ASP L 489 -1.33 -55.72 -52.29
C ASP L 489 -2.50 -54.90 -51.76
N GLY L 490 -2.34 -54.41 -50.53
CA GLY L 490 -3.37 -53.61 -49.88
C GLY L 490 -4.68 -54.34 -49.71
N ALA L 491 -4.61 -55.62 -49.33
CA ALA L 491 -5.80 -56.42 -49.07
C ALA L 491 -6.70 -55.81 -47.99
N LEU L 492 -6.10 -55.29 -46.91
CA LEU L 492 -6.89 -54.81 -45.79
C LEU L 492 -7.75 -53.61 -46.18
N LEU L 493 -7.18 -52.64 -46.91
CA LEU L 493 -7.96 -51.48 -47.34
C LEU L 493 -9.06 -51.90 -48.31
N LYS L 494 -8.79 -52.91 -49.16
CA LYS L 494 -9.82 -53.44 -50.05
C LYS L 494 -10.97 -54.06 -49.27
N PHE L 495 -10.68 -54.75 -48.17
CA PHE L 495 -11.72 -55.36 -47.35
C PHE L 495 -12.60 -54.29 -46.70
N HIS L 496 -11.98 -53.22 -46.21
CA HIS L 496 -12.73 -52.14 -45.60
C HIS L 496 -13.56 -51.37 -46.63
N GLU L 497 -12.95 -51.09 -47.79
CA GLU L 497 -13.68 -50.40 -48.86
C GLU L 497 -14.91 -51.18 -49.28
N LYS L 498 -14.81 -52.52 -49.39
CA LYS L 498 -15.94 -53.31 -49.85
C LYS L 498 -17.07 -53.30 -48.83
N ILE L 499 -16.71 -53.35 -47.55
CA ILE L 499 -17.72 -53.25 -46.50
C ILE L 499 -18.28 -51.82 -46.45
N LYS L 500 -17.38 -50.83 -46.46
CA LYS L 500 -17.81 -49.44 -46.47
C LYS L 500 -18.85 -49.18 -47.58
N ASP L 501 -18.56 -49.63 -48.81
CA ASP L 501 -19.43 -49.33 -49.94
C ASP L 501 -20.80 -50.03 -49.83
N ALA L 502 -20.84 -51.19 -49.17
CA ALA L 502 -22.11 -51.91 -49.08
C ALA L 502 -23.05 -51.31 -48.04
N LEU L 503 -22.51 -50.77 -46.94
CA LEU L 503 -23.32 -50.15 -45.91
C LEU L 503 -23.60 -48.70 -46.20
N ASP L 504 -22.77 -48.08 -47.02
CA ASP L 504 -22.82 -46.65 -47.29
C ASP L 504 -22.84 -46.40 -48.81
N PRO L 505 -23.87 -46.92 -49.50
CA PRO L 505 -23.90 -46.80 -50.98
C PRO L 505 -23.86 -45.36 -51.49
N ASN L 506 -24.26 -44.38 -50.69
CA ASN L 506 -24.22 -42.99 -51.15
C ASN L 506 -22.99 -42.22 -50.67
N GLY L 507 -22.07 -42.89 -49.95
CA GLY L 507 -20.85 -42.26 -49.43
C GLY L 507 -21.06 -41.09 -48.48
N ILE L 508 -21.75 -41.32 -47.36
CA ILE L 508 -22.16 -40.25 -46.48
C ILE L 508 -21.24 -40.12 -45.25
N ILE L 509 -20.86 -41.23 -44.63
CA ILE L 509 -20.30 -41.18 -43.28
C ILE L 509 -18.79 -41.01 -43.36
N ALA L 510 -18.30 -39.93 -42.71
CA ALA L 510 -16.91 -39.51 -42.53
C ALA L 510 -15.97 -40.06 -43.59
N PRO L 511 -16.13 -39.68 -44.85
CA PRO L 511 -15.27 -40.24 -45.92
C PRO L 511 -13.81 -39.92 -45.68
N GLY L 512 -12.96 -40.96 -45.80
CA GLY L 512 -11.53 -40.83 -45.65
C GLY L 512 -11.00 -41.11 -44.26
N LYS L 513 -11.89 -41.34 -43.29
CA LYS L 513 -11.44 -41.77 -41.97
C LYS L 513 -10.65 -43.07 -42.12
N SER L 514 -9.45 -43.10 -41.54
CA SER L 514 -8.56 -44.25 -41.61
C SER L 514 -8.13 -44.57 -43.05
N GLY L 515 -8.16 -43.59 -43.96
CA GLY L 515 -7.91 -43.88 -45.35
C GLY L 515 -8.97 -44.68 -46.07
N ILE L 516 -10.17 -44.82 -45.52
CA ILE L 516 -11.23 -45.60 -46.15
C ILE L 516 -12.17 -44.60 -46.84
N TRP L 517 -12.23 -44.66 -48.16
CA TRP L 517 -13.02 -43.75 -48.97
C TRP L 517 -14.08 -44.54 -49.70
N PRO L 518 -15.33 -44.08 -49.75
CA PRO L 518 -16.35 -44.74 -50.57
C PRO L 518 -16.10 -44.52 -52.06
N GLN L 519 -16.80 -45.35 -52.87
CA GLN L 519 -16.63 -45.32 -54.32
C GLN L 519 -16.61 -43.89 -54.88
N ARG L 520 -17.56 -43.06 -54.49
CA ARG L 520 -17.74 -41.82 -55.23
C ARG L 520 -16.62 -40.80 -55.00
N PHE L 521 -15.68 -41.08 -54.09
CA PHE L 521 -14.49 -40.26 -53.88
C PHE L 521 -13.17 -40.94 -54.26
N ARG L 522 -13.16 -42.26 -54.48
CA ARG L 522 -11.91 -43.01 -54.67
C ARG L 522 -11.26 -42.62 -56.00
N GLY L 523 -10.10 -41.95 -55.93
CA GLY L 523 -9.40 -41.49 -57.11
C GLY L 523 -9.18 -39.99 -57.18
N GLN L 524 -9.65 -39.20 -56.21
CA GLN L 524 -9.49 -37.75 -56.24
C GLN L 524 -8.41 -37.32 -55.27
N ASN L 525 -8.06 -36.03 -55.33
CA ASN L 525 -7.23 -35.38 -54.31
C ASN L 525 -7.86 -35.57 -52.94
N LEU L 526 -8.92 -34.81 -52.70
CA LEU L 526 -9.75 -34.97 -51.51
C LEU L 526 -11.21 -34.94 -51.89
N THR M 2 -28.57 -92.31 -52.13
CA THR M 2 -28.48 -91.33 -53.21
C THR M 2 -27.28 -90.41 -52.96
N ARG M 3 -26.51 -90.18 -54.03
CA ARG M 3 -25.34 -89.32 -53.96
C ARG M 3 -25.70 -87.91 -53.49
N THR M 4 -24.91 -87.40 -52.54
CA THR M 4 -25.13 -86.05 -52.04
C THR M 4 -24.47 -85.03 -52.96
N LEU M 5 -25.25 -84.03 -53.39
CA LEU M 5 -24.81 -83.01 -54.32
C LEU M 5 -25.02 -81.61 -53.75
N PRO M 6 -24.12 -80.67 -54.05
CA PRO M 6 -24.40 -79.28 -53.70
C PRO M 6 -25.66 -78.81 -54.41
N PRO M 7 -26.43 -77.89 -53.78
CA PRO M 7 -27.74 -77.53 -54.34
C PRO M 7 -27.64 -77.04 -55.78
N GLY M 8 -28.45 -77.63 -56.65
CA GLY M 8 -28.48 -77.27 -58.06
C GLY M 8 -27.17 -77.48 -58.79
N VAL M 9 -26.39 -78.50 -58.41
CA VAL M 9 -25.17 -78.84 -59.12
C VAL M 9 -25.28 -80.30 -59.55
N SER M 10 -25.06 -80.55 -60.84
CA SER M 10 -25.32 -81.88 -61.38
C SER M 10 -24.21 -82.86 -61.04
N ASP M 11 -24.52 -84.14 -61.21
CA ASP M 11 -23.49 -85.17 -61.12
C ASP M 11 -22.27 -84.80 -61.94
N GLU M 12 -22.46 -84.43 -63.21
CA GLU M 12 -21.28 -84.25 -64.03
C GLU M 12 -20.51 -83.01 -63.61
N ARG M 13 -21.22 -81.91 -63.38
CA ARG M 13 -20.51 -80.73 -62.94
C ARG M 13 -19.75 -81.02 -61.65
N PHE M 14 -20.40 -81.70 -60.71
CA PHE M 14 -19.71 -81.99 -59.45
C PHE M 14 -18.45 -82.83 -59.68
N ASP M 15 -18.50 -83.80 -60.60
CA ASP M 15 -17.32 -84.63 -60.87
C ASP M 15 -16.17 -83.79 -61.41
N ALA M 16 -16.47 -82.84 -62.29
CA ALA M 16 -15.44 -81.94 -62.81
C ALA M 16 -14.83 -81.10 -61.69
N ALA M 17 -15.66 -80.62 -60.77
CA ALA M 17 -15.15 -79.83 -59.65
C ALA M 17 -14.24 -80.68 -58.75
N LEU M 18 -14.68 -81.90 -58.42
CA LEU M 18 -13.87 -82.81 -57.63
C LEU M 18 -12.48 -82.97 -58.23
N GLN M 19 -12.43 -83.19 -59.55
CA GLN M 19 -11.16 -83.32 -60.26
C GLN M 19 -10.30 -82.06 -60.15
N ARG M 20 -10.93 -80.88 -60.28
CA ARG M 20 -10.17 -79.65 -60.10
C ARG M 20 -9.61 -79.56 -58.68
N PHE M 21 -10.37 -80.01 -57.68
CA PHE M 21 -9.86 -80.09 -56.32
C PHE M 21 -8.63 -81.02 -56.26
N ARG M 22 -8.73 -82.18 -56.91
CA ARG M 22 -7.63 -83.12 -56.93
C ARG M 22 -6.39 -82.51 -57.56
N ASP M 23 -6.55 -81.72 -58.63
CA ASP M 23 -5.42 -81.00 -59.22
C ASP M 23 -4.75 -80.04 -58.22
N VAL M 24 -5.52 -79.49 -57.29
CA VAL M 24 -4.95 -78.52 -56.35
C VAL M 24 -4.22 -79.22 -55.21
N VAL M 25 -4.87 -80.19 -54.55
CA VAL M 25 -4.39 -80.78 -53.31
C VAL M 25 -3.82 -82.20 -53.49
N GLY M 26 -4.05 -82.87 -54.62
CA GLY M 26 -3.80 -84.28 -54.80
C GLY M 26 -5.05 -85.13 -54.54
N ASP M 27 -5.05 -86.35 -55.10
CA ASP M 27 -6.26 -87.18 -55.11
C ASP M 27 -6.54 -87.91 -53.80
N LYS M 28 -5.53 -88.16 -52.98
CA LYS M 28 -5.79 -88.79 -51.68
C LYS M 28 -6.59 -87.86 -50.79
N TRP M 29 -6.47 -86.56 -51.04
CA TRP M 29 -6.99 -85.52 -50.16
C TRP M 29 -8.31 -84.96 -50.62
N VAL M 30 -9.04 -85.74 -51.42
CA VAL M 30 -10.40 -85.41 -51.85
C VAL M 30 -11.24 -86.68 -51.65
N LEU M 31 -12.13 -86.65 -50.66
CA LEU M 31 -13.02 -87.78 -50.37
C LEU M 31 -14.42 -87.46 -50.87
N SER M 32 -15.09 -88.46 -51.47
CA SER M 32 -16.33 -88.20 -52.18
C SER M 32 -17.32 -89.38 -52.16
N THR M 33 -16.87 -90.56 -51.74
CA THR M 33 -17.74 -91.74 -51.71
C THR M 33 -18.56 -91.78 -50.44
N ALA M 34 -19.72 -92.46 -50.50
CA ALA M 34 -20.57 -92.57 -49.31
C ALA M 34 -19.79 -93.13 -48.12
N ASP M 35 -18.95 -94.15 -48.37
CA ASP M 35 -18.14 -94.76 -47.32
C ASP M 35 -17.15 -93.76 -46.73
N GLU M 36 -16.35 -93.13 -47.60
CA GLU M 36 -15.37 -92.16 -47.15
C GLU M 36 -16.02 -91.00 -46.39
N LEU M 37 -17.34 -90.79 -46.59
CA LEU M 37 -18.01 -89.62 -46.04
C LEU M 37 -18.70 -89.88 -44.70
N GLU M 38 -18.94 -91.14 -44.31
CA GLU M 38 -19.75 -91.35 -43.12
C GLU M 38 -19.04 -90.92 -41.84
N ALA M 39 -17.70 -90.89 -41.85
CA ALA M 39 -16.97 -90.38 -40.70
C ALA M 39 -17.09 -88.88 -40.53
N PHE M 40 -17.69 -88.16 -41.48
CA PHE M 40 -17.86 -86.73 -41.37
C PHE M 40 -19.31 -86.32 -41.17
N ARG M 41 -20.23 -87.27 -41.02
CA ARG M 41 -21.57 -86.90 -40.61
C ARG M 41 -21.56 -86.38 -39.19
N ASP M 42 -22.67 -85.78 -38.77
CA ASP M 42 -22.81 -85.35 -37.38
C ASP M 42 -22.69 -86.57 -36.46
N PRO M 43 -21.68 -86.64 -35.59
CA PRO M 43 -21.59 -87.80 -34.70
C PRO M 43 -22.75 -87.86 -33.73
N TYR M 44 -23.33 -86.72 -33.38
CA TYR M 44 -24.50 -86.64 -32.50
C TYR M 44 -25.64 -86.04 -33.31
N PRO M 45 -26.25 -86.82 -34.20
CA PRO M 45 -27.29 -86.26 -35.08
C PRO M 45 -28.53 -85.80 -34.32
N VAL M 46 -29.11 -84.70 -34.80
CA VAL M 46 -30.27 -84.06 -34.19
C VAL M 46 -31.45 -84.15 -35.15
N GLY M 47 -32.59 -84.60 -34.65
CA GLY M 47 -33.77 -84.80 -35.48
C GLY M 47 -33.76 -86.13 -36.21
N ALA M 48 -34.96 -86.59 -36.58
CA ALA M 48 -35.10 -87.91 -37.16
C ALA M 48 -34.58 -87.98 -38.60
N ALA M 49 -34.94 -87.00 -39.43
CA ALA M 49 -34.61 -87.05 -40.85
C ALA M 49 -33.13 -86.78 -41.08
N GLU M 50 -32.61 -87.37 -42.17
CA GLU M 50 -31.28 -87.02 -42.66
C GLU M 50 -31.14 -85.50 -42.74
N ALA M 51 -29.96 -85.00 -42.37
CA ALA M 51 -29.73 -83.57 -42.32
C ALA M 51 -28.22 -83.32 -42.37
N ASN M 52 -27.84 -82.11 -42.80
CA ASN M 52 -26.48 -81.60 -42.63
C ASN M 52 -25.44 -82.52 -43.29
N LEU M 53 -25.71 -82.91 -44.56
CA LEU M 53 -24.92 -83.90 -45.29
C LEU M 53 -23.79 -83.23 -46.05
N PRO M 54 -22.56 -83.73 -45.96
CA PRO M 54 -21.52 -83.21 -46.85
C PRO M 54 -21.56 -83.91 -48.20
N SER M 55 -21.18 -83.17 -49.24
CA SER M 55 -20.97 -83.80 -50.53
C SER M 55 -19.56 -84.35 -50.71
N ALA M 56 -18.56 -83.81 -49.99
CA ALA M 56 -17.15 -84.16 -50.20
C ALA M 56 -16.30 -83.50 -49.11
N VAL M 57 -15.01 -83.84 -49.08
CA VAL M 57 -14.06 -83.25 -48.12
C VAL M 57 -12.74 -82.99 -48.82
N VAL M 58 -12.22 -81.76 -48.66
CA VAL M 58 -10.95 -81.34 -49.23
C VAL M 58 -10.00 -80.96 -48.11
N SER M 59 -8.73 -81.30 -48.25
CA SER M 59 -7.75 -81.17 -47.17
C SER M 59 -6.52 -80.44 -47.68
N PRO M 60 -6.56 -79.11 -47.69
CA PRO M 60 -5.43 -78.35 -48.24
C PRO M 60 -4.20 -78.41 -47.33
N GLU M 61 -3.06 -78.07 -47.93
CA GLU M 61 -1.75 -78.09 -47.28
C GLU M 61 -1.16 -76.70 -47.09
N SER M 62 -1.65 -75.71 -47.83
CA SER M 62 -1.11 -74.36 -47.78
C SER M 62 -2.27 -73.37 -47.86
N THR M 63 -1.96 -72.11 -47.52
CA THR M 63 -2.90 -71.02 -47.76
C THR M 63 -3.18 -70.91 -49.25
N GLU M 64 -2.12 -70.97 -50.06
CA GLU M 64 -2.25 -70.88 -51.52
C GLU M 64 -3.23 -71.91 -52.05
N GLN M 65 -3.12 -73.15 -51.57
CA GLN M 65 -4.09 -74.18 -51.96
C GLN M 65 -5.50 -73.87 -51.47
N VAL M 66 -5.66 -73.16 -50.34
CA VAL M 66 -7.00 -72.73 -49.93
C VAL M 66 -7.56 -71.70 -50.92
N GLN M 67 -6.73 -70.74 -51.32
CA GLN M 67 -7.14 -69.73 -52.30
C GLN M 67 -7.61 -70.38 -53.60
N ASP M 68 -6.98 -71.50 -53.99
CA ASP M 68 -7.35 -72.12 -55.26
C ASP M 68 -8.60 -72.97 -55.14
N ILE M 69 -8.88 -73.53 -53.95
CA ILE M 69 -10.15 -74.23 -53.73
C ILE M 69 -11.30 -73.25 -53.74
N VAL M 70 -11.10 -72.06 -53.17
CA VAL M 70 -12.16 -71.06 -53.12
C VAL M 70 -12.47 -70.55 -54.52
N ARG M 71 -11.44 -70.32 -55.34
CA ARG M 71 -11.71 -69.87 -56.71
C ARG M 71 -12.49 -70.92 -57.49
N ILE M 72 -12.09 -72.20 -57.35
CA ILE M 72 -12.86 -73.29 -57.98
C ILE M 72 -14.29 -73.29 -57.48
N ALA M 73 -14.46 -73.14 -56.16
CA ALA M 73 -15.80 -73.14 -55.58
C ALA M 73 -16.66 -72.03 -56.15
N ASN M 74 -16.06 -70.85 -56.38
CA ASN M 74 -16.78 -69.74 -57.02
C ASN M 74 -17.09 -70.05 -58.49
N GLU M 75 -16.23 -70.78 -59.20
CA GLU M 75 -16.51 -71.09 -60.60
C GLU M 75 -17.74 -71.97 -60.74
N TYR M 76 -17.92 -72.92 -59.82
CA TYR M 76 -18.92 -73.97 -59.94
C TYR M 76 -20.11 -73.76 -59.04
N GLY M 77 -20.12 -72.70 -58.25
CA GLY M 77 -21.18 -72.51 -57.25
C GLY M 77 -21.28 -73.63 -56.25
N ILE M 78 -20.14 -74.10 -55.73
CA ILE M 78 -20.07 -75.15 -54.72
C ILE M 78 -19.95 -74.48 -53.35
N PRO M 79 -20.86 -74.74 -52.43
CA PRO M 79 -20.69 -74.22 -51.05
C PRO M 79 -19.54 -74.91 -50.32
N LEU M 80 -18.75 -74.13 -49.58
CA LEU M 80 -17.65 -74.64 -48.75
C LEU M 80 -17.96 -74.47 -47.26
N HIS M 81 -17.67 -75.51 -46.47
CA HIS M 81 -17.79 -75.44 -45.02
C HIS M 81 -16.41 -75.57 -44.38
N PRO M 82 -15.75 -74.47 -44.04
CA PRO M 82 -14.42 -74.60 -43.44
C PRO M 82 -14.52 -75.11 -42.01
N VAL M 83 -13.60 -76.04 -41.67
CA VAL M 83 -13.37 -76.46 -40.30
C VAL M 83 -11.87 -76.54 -40.07
N SER M 84 -11.51 -76.73 -38.81
CA SER M 84 -10.11 -76.97 -38.46
C SER M 84 -9.92 -78.46 -38.22
N THR M 85 -10.31 -78.93 -37.02
CA THR M 85 -10.27 -80.35 -36.70
C THR M 85 -11.64 -81.02 -36.85
N GLY M 86 -12.70 -80.23 -36.91
CA GLY M 86 -14.04 -80.77 -37.07
C GLY M 86 -14.53 -81.56 -35.88
N LYS M 87 -14.24 -81.10 -34.66
CA LYS M 87 -14.69 -81.77 -33.44
C LYS M 87 -15.73 -80.93 -32.70
N ASN M 88 -16.46 -80.09 -33.43
CA ASN M 88 -17.50 -79.24 -32.85
C ASN M 88 -18.69 -80.04 -32.35
N ASN M 89 -18.45 -81.18 -31.69
CA ASN M 89 -19.55 -82.07 -31.34
C ASN M 89 -20.46 -81.44 -30.29
N GLY M 90 -21.76 -81.70 -30.43
CA GLY M 90 -22.79 -80.99 -29.70
C GLY M 90 -23.38 -79.82 -30.46
N TYR M 91 -22.71 -79.37 -31.52
CA TYR M 91 -23.09 -78.23 -32.34
C TYR M 91 -23.10 -78.56 -33.83
N GLY M 92 -22.91 -79.83 -34.20
CA GLY M 92 -22.86 -80.28 -35.58
C GLY M 92 -21.63 -81.09 -35.94
N GLY M 93 -20.60 -81.07 -35.09
CA GLY M 93 -19.35 -81.75 -35.44
C GLY M 93 -18.68 -81.05 -36.60
N ALA M 94 -18.34 -81.83 -37.63
CA ALA M 94 -17.85 -81.26 -38.87
C ALA M 94 -18.98 -81.02 -39.90
N ALA M 95 -20.22 -81.39 -39.58
CA ALA M 95 -21.29 -81.38 -40.58
C ALA M 95 -21.60 -79.95 -40.99
N PRO M 96 -21.89 -79.71 -42.28
CA PRO M 96 -22.23 -78.37 -42.73
C PRO M 96 -23.69 -78.06 -42.47
N ARG M 97 -23.95 -76.79 -42.19
CA ARG M 97 -25.33 -76.34 -42.00
C ARG M 97 -26.20 -76.64 -43.22
N LEU M 98 -25.66 -76.40 -44.43
CA LEU M 98 -26.38 -76.59 -45.68
C LEU M 98 -25.95 -77.91 -46.32
N SER M 99 -26.90 -78.82 -46.49
CA SER M 99 -26.61 -80.12 -47.10
C SER M 99 -26.11 -79.94 -48.52
N GLY M 100 -25.08 -80.70 -48.86
CA GLY M 100 -24.45 -80.58 -50.15
C GLY M 100 -23.18 -79.77 -50.12
N SER M 101 -22.83 -79.18 -48.99
CA SER M 101 -21.59 -78.41 -48.91
C SER M 101 -20.38 -79.33 -48.90
N VAL M 102 -19.27 -78.82 -49.43
CA VAL M 102 -17.98 -79.49 -49.38
C VAL M 102 -17.24 -78.96 -48.15
N ILE M 103 -16.84 -79.87 -47.27
CA ILE M 103 -16.07 -79.54 -46.07
C ILE M 103 -14.61 -79.31 -46.46
N VAL M 104 -14.08 -78.15 -46.10
CA VAL M 104 -12.65 -77.88 -46.23
C VAL M 104 -12.06 -78.08 -44.84
N LYS M 105 -11.53 -79.28 -44.58
CA LYS M 105 -10.86 -79.62 -43.33
C LYS M 105 -9.42 -79.10 -43.44
N THR M 106 -9.21 -77.89 -42.92
CA THR M 106 -7.92 -77.23 -43.08
C THR M 106 -6.85 -77.82 -42.17
N GLY M 107 -7.26 -78.42 -41.04
CA GLY M 107 -6.37 -78.94 -40.02
C GLY M 107 -5.78 -80.30 -40.27
N GLU M 108 -6.33 -81.04 -41.23
CA GLU M 108 -5.77 -82.33 -41.60
C GLU M 108 -4.29 -82.23 -41.93
N ARG M 109 -3.89 -81.18 -42.65
CA ARG M 109 -2.51 -81.02 -43.09
C ARG M 109 -1.92 -79.64 -42.81
N MET M 110 -2.72 -78.64 -42.43
CA MET M 110 -2.18 -77.37 -41.95
C MET M 110 -2.24 -77.40 -40.43
N ASN M 111 -1.23 -78.05 -39.81
CA ASN M 111 -1.23 -78.38 -38.39
C ASN M 111 0.07 -78.00 -37.69
N ARG M 112 0.84 -77.08 -38.26
CA ARG M 112 2.15 -76.74 -37.73
C ARG M 112 2.05 -75.66 -36.66
N ILE M 113 2.89 -75.78 -35.63
CA ILE M 113 3.02 -74.74 -34.63
C ILE M 113 4.07 -73.78 -35.18
N LEU M 114 3.60 -72.66 -35.73
CA LEU M 114 4.52 -71.79 -36.47
C LEU M 114 5.48 -71.05 -35.55
N GLU M 115 5.07 -70.77 -34.32
CA GLU M 115 5.91 -69.99 -33.40
C GLU M 115 5.31 -70.13 -32.01
N VAL M 116 6.17 -70.32 -31.02
CA VAL M 116 5.83 -70.08 -29.62
C VAL M 116 6.91 -69.19 -29.05
N ASN M 117 6.52 -68.03 -28.57
CA ASN M 117 7.44 -67.01 -28.09
C ASN M 117 7.38 -67.06 -26.57
N GLU M 118 8.48 -67.46 -25.94
CA GLU M 118 8.52 -67.51 -24.48
C GLU M 118 8.57 -66.10 -23.90
N LYS M 119 9.36 -65.24 -24.51
CA LYS M 119 9.61 -63.92 -23.96
C LYS M 119 8.34 -63.09 -23.91
N TYR M 120 7.49 -63.20 -24.92
CA TYR M 120 6.28 -62.41 -25.04
C TYR M 120 5.01 -63.20 -24.79
N GLY M 121 5.10 -64.51 -24.58
CA GLY M 121 3.95 -65.33 -24.25
C GLY M 121 2.82 -65.34 -25.27
N TYR M 122 3.04 -66.00 -26.42
CA TYR M 122 2.01 -66.19 -27.45
C TYR M 122 2.41 -67.36 -28.33
N ALA M 123 1.42 -67.86 -29.08
CA ALA M 123 1.62 -68.87 -30.12
C ALA M 123 1.11 -68.34 -31.45
N LEU M 124 1.71 -68.81 -32.55
CA LEU M 124 1.18 -68.62 -33.89
C LEU M 124 0.88 -70.00 -34.45
N LEU M 125 -0.40 -70.27 -34.72
CA LEU M 125 -0.89 -71.61 -34.98
C LEU M 125 -1.58 -71.68 -36.33
N GLU M 126 -1.42 -72.81 -37.00
CA GLU M 126 -2.28 -73.22 -38.08
C GLU M 126 -3.46 -73.99 -37.52
N PRO M 127 -4.53 -74.19 -38.31
CA PRO M 127 -5.77 -74.74 -37.75
C PRO M 127 -5.64 -76.12 -37.12
N GLY M 128 -4.68 -76.93 -37.56
CA GLY M 128 -4.61 -78.33 -37.15
C GLY M 128 -4.00 -78.59 -35.79
N VAL M 129 -3.36 -77.60 -35.19
CA VAL M 129 -2.80 -77.68 -33.84
C VAL M 129 -3.93 -77.98 -32.87
N THR M 130 -3.98 -79.22 -32.37
CA THR M 130 -4.92 -79.56 -31.31
C THR M 130 -4.42 -79.01 -29.98
N TYR M 131 -5.20 -79.19 -28.93
CA TYR M 131 -4.73 -78.75 -27.62
C TYR M 131 -3.63 -79.68 -27.12
N PHE M 132 -3.81 -80.99 -27.30
CA PHE M 132 -2.75 -81.96 -27.01
C PHE M 132 -1.45 -81.60 -27.71
N ASP M 133 -1.47 -81.47 -29.05
CA ASP M 133 -0.30 -81.02 -29.82
C ASP M 133 0.44 -79.88 -29.13
N LEU M 134 -0.29 -78.83 -28.75
CA LEU M 134 0.36 -77.64 -28.19
C LEU M 134 0.86 -77.89 -26.78
N TYR M 135 0.13 -78.66 -25.97
CA TYR M 135 0.63 -79.01 -24.65
C TYR M 135 1.92 -79.81 -24.77
N GLU M 136 1.86 -80.97 -25.44
CA GLU M 136 3.03 -81.78 -25.76
C GLU M 136 4.22 -80.91 -26.20
N TYR M 137 3.96 -79.95 -27.09
CA TYR M 137 5.03 -79.02 -27.49
C TYR M 137 5.58 -78.24 -26.31
N LEU M 138 4.71 -77.76 -25.41
CA LEU M 138 5.19 -76.87 -24.36
C LEU M 138 6.00 -77.64 -23.32
N GLN M 139 5.57 -78.86 -23.00
CA GLN M 139 6.41 -79.78 -22.22
C GLN M 139 7.79 -79.89 -22.84
N SER M 140 7.82 -80.37 -24.09
CA SER M 140 9.07 -80.66 -24.78
C SER M 140 10.03 -79.47 -24.77
N HIS M 141 9.51 -78.26 -24.94
CA HIS M 141 10.36 -77.08 -25.04
C HIS M 141 10.62 -76.46 -23.67
N ASP M 142 10.31 -77.19 -22.60
CA ASP M 142 10.52 -76.72 -21.23
C ASP M 142 9.98 -75.31 -21.03
N SER M 143 8.72 -75.13 -21.41
CA SER M 143 8.10 -73.83 -21.52
C SER M 143 7.53 -73.37 -20.18
N GLY M 144 7.65 -72.07 -19.91
CA GLY M 144 7.03 -71.45 -18.76
C GLY M 144 5.59 -71.01 -18.98
N LEU M 145 5.06 -71.21 -20.19
CA LEU M 145 3.69 -70.86 -20.53
C LEU M 145 2.76 -72.04 -20.27
N MET M 146 1.50 -71.74 -20.05
CA MET M 146 0.46 -72.75 -20.09
C MET M 146 -0.58 -72.35 -21.12
N LEU M 147 -1.44 -73.30 -21.48
CA LEU M 147 -2.51 -73.03 -22.42
C LEU M 147 -3.83 -72.96 -21.66
N ASP M 148 -4.87 -72.57 -22.38
CA ASP M 148 -6.23 -72.65 -21.89
C ASP M 148 -7.03 -73.51 -22.85
N CYS M 149 -7.77 -74.46 -22.30
CA CYS M 149 -8.39 -75.49 -23.11
C CYS M 149 -9.78 -75.78 -22.58
N PRO M 150 -10.70 -76.21 -23.46
CA PRO M 150 -12.01 -76.69 -23.03
C PRO M 150 -11.90 -78.07 -22.39
N ASP M 151 -13.06 -78.62 -22.01
CA ASP M 151 -13.13 -79.91 -21.32
C ASP M 151 -12.45 -81.03 -22.12
N LEU M 152 -12.62 -81.04 -23.44
CA LEU M 152 -12.02 -82.05 -24.30
C LEU M 152 -10.86 -81.45 -25.07
N GLY M 153 -9.81 -82.23 -25.25
CA GLY M 153 -8.55 -81.70 -25.75
C GLY M 153 -8.20 -82.03 -27.17
N TRP M 154 -9.02 -82.86 -27.82
CA TRP M 154 -8.76 -83.19 -29.22
C TRP M 154 -9.18 -82.08 -30.17
N GLY M 155 -9.91 -81.08 -29.68
CA GLY M 155 -10.32 -79.96 -30.50
C GLY M 155 -9.16 -79.11 -30.98
N SER M 156 -9.50 -78.06 -31.71
CA SER M 156 -8.51 -77.18 -32.29
C SER M 156 -8.40 -75.91 -31.45
N VAL M 157 -7.17 -75.45 -31.23
CA VAL M 157 -7.01 -74.14 -30.60
C VAL M 157 -7.64 -73.06 -31.48
N VAL M 158 -7.34 -73.11 -32.79
CA VAL M 158 -7.90 -72.14 -33.74
C VAL M 158 -9.40 -72.30 -33.87
N GLY M 159 -9.86 -73.51 -34.20
CA GLY M 159 -11.27 -73.72 -34.47
C GLY M 159 -12.15 -73.35 -33.31
N ASN M 160 -11.73 -73.68 -32.08
CA ASN M 160 -12.51 -73.33 -30.90
C ASN M 160 -12.63 -71.82 -30.74
N THR M 161 -11.53 -71.08 -30.92
CA THR M 161 -11.59 -69.62 -30.90
C THR M 161 -12.58 -69.09 -31.95
N LEU M 162 -12.67 -69.76 -33.09
CA LEU M 162 -13.52 -69.25 -34.15
C LEU M 162 -15.01 -69.43 -33.86
N ASP M 163 -15.37 -70.39 -33.01
CA ASP M 163 -16.76 -70.49 -32.54
C ASP M 163 -16.96 -69.79 -31.20
N ARG M 164 -15.98 -69.00 -30.75
CA ARG M 164 -16.01 -68.29 -29.45
C ARG M 164 -16.20 -69.26 -28.29
N GLY M 165 -15.49 -70.40 -28.33
CA GLY M 165 -15.50 -71.33 -27.23
C GLY M 165 -14.66 -70.84 -26.07
N VAL M 166 -14.73 -71.57 -24.94
CA VAL M 166 -14.17 -71.09 -23.68
C VAL M 166 -13.44 -72.20 -22.94
N GLY M 167 -12.39 -71.81 -22.21
CA GLY M 167 -11.81 -72.67 -21.21
C GLY M 167 -11.97 -72.08 -19.83
N TYR M 168 -11.14 -72.52 -18.86
CA TYR M 168 -11.41 -72.30 -17.43
C TYR M 168 -10.22 -71.76 -16.65
N THR M 169 -9.13 -71.41 -17.31
CA THR M 169 -8.03 -70.68 -16.67
C THR M 169 -8.35 -69.19 -16.76
N PRO M 170 -7.57 -68.29 -16.12
CA PRO M 170 -7.81 -66.85 -16.30
C PRO M 170 -7.69 -66.36 -17.76
N TYR M 171 -7.32 -67.25 -18.69
CA TYR M 171 -7.23 -66.95 -20.10
C TYR M 171 -8.36 -67.63 -20.88
N GLY M 172 -9.50 -67.86 -20.21
CA GLY M 172 -10.57 -68.70 -20.73
C GLY M 172 -11.40 -68.10 -21.83
N ASP M 173 -11.37 -66.77 -22.01
CA ASP M 173 -12.05 -66.15 -23.14
C ASP M 173 -11.10 -66.21 -24.35
N HIS M 174 -11.10 -67.37 -25.03
CA HIS M 174 -10.13 -67.57 -26.11
C HIS M 174 -10.17 -66.47 -27.15
N PHE M 175 -11.36 -65.89 -27.41
CA PHE M 175 -11.39 -64.83 -28.42
C PHE M 175 -10.78 -63.53 -27.91
N MET M 176 -10.82 -63.29 -26.59
CA MET M 176 -10.19 -62.08 -26.06
C MET M 176 -8.67 -62.08 -26.32
N TRP M 177 -8.04 -63.25 -26.20
CA TRP M 177 -6.58 -63.35 -26.24
C TRP M 177 -6.07 -63.64 -27.64
N GLN M 178 -6.94 -64.09 -28.54
CA GLN M 178 -6.65 -64.15 -29.97
C GLN M 178 -5.97 -62.87 -30.42
N THR M 179 -4.86 -63.01 -31.14
CA THR M 179 -4.09 -61.85 -31.61
C THR M 179 -3.56 -62.15 -33.01
N GLY M 180 -4.17 -61.49 -34.01
CA GLY M 180 -3.80 -61.65 -35.40
C GLY M 180 -4.48 -62.84 -36.05
N LEU M 181 -4.84 -62.69 -37.33
CA LEU M 181 -5.19 -63.87 -38.10
C LEU M 181 -4.93 -63.60 -39.58
N GLU M 182 -4.67 -64.68 -40.31
CA GLU M 182 -4.63 -64.70 -41.75
C GLU M 182 -5.89 -65.39 -42.24
N VAL M 183 -6.58 -64.77 -43.19
CA VAL M 183 -7.87 -65.30 -43.64
C VAL M 183 -7.94 -65.24 -45.17
N VAL M 184 -8.53 -66.27 -45.75
CA VAL M 184 -8.83 -66.32 -47.18
C VAL M 184 -10.31 -65.92 -47.37
N LEU M 185 -10.52 -64.83 -48.09
CA LEU M 185 -11.84 -64.22 -48.23
C LEU M 185 -12.66 -64.91 -49.32
N PRO M 186 -14.02 -64.77 -49.27
CA PRO M 186 -14.91 -65.68 -50.03
C PRO M 186 -14.73 -65.72 -51.55
N GLN M 187 -13.85 -64.90 -52.11
CA GLN M 187 -13.45 -65.07 -53.49
C GLN M 187 -11.98 -65.41 -53.64
N GLY M 188 -11.30 -65.75 -52.55
CA GLY M 188 -9.95 -66.27 -52.64
C GLY M 188 -8.85 -65.24 -52.58
N GLU M 189 -9.17 -63.99 -52.32
CA GLU M 189 -8.15 -63.04 -51.90
C GLU M 189 -7.73 -63.38 -50.47
N VAL M 190 -6.49 -63.05 -50.11
CA VAL M 190 -5.95 -63.38 -48.78
C VAL M 190 -5.56 -62.11 -48.02
N MET M 191 -5.79 -62.12 -46.71
CA MET M 191 -5.67 -60.91 -45.89
C MET M 191 -5.20 -61.25 -44.48
N ARG M 192 -4.38 -60.38 -43.91
CA ARG M 192 -3.90 -60.52 -42.53
C ARG M 192 -4.42 -59.37 -41.69
N THR M 193 -4.90 -59.68 -40.48
CA THR M 193 -5.39 -58.64 -39.58
C THR M 193 -4.26 -58.08 -38.73
N GLY M 194 -4.51 -56.89 -38.18
CA GLY M 194 -3.63 -56.34 -37.16
C GLY M 194 -2.31 -55.86 -37.73
N MET M 195 -1.24 -56.06 -36.94
CA MET M 195 0.09 -55.66 -37.38
C MET M 195 0.64 -56.57 -38.48
N GLY M 196 0.09 -57.76 -38.67
CA GLY M 196 0.43 -58.60 -39.80
C GLY M 196 0.10 -58.00 -41.15
N ALA M 197 -0.75 -56.98 -41.20
CA ALA M 197 -0.96 -56.26 -42.46
C ALA M 197 0.11 -55.21 -42.69
N LEU M 198 1.00 -55.03 -41.72
CA LEU M 198 2.16 -54.19 -41.91
C LEU M 198 3.33 -55.10 -42.30
N PRO M 199 3.89 -54.96 -43.51
CA PRO M 199 4.91 -55.93 -43.94
C PRO M 199 6.16 -55.79 -43.10
N GLY M 200 6.58 -56.91 -42.49
CA GLY M 200 7.80 -56.95 -41.71
C GLY M 200 7.65 -56.58 -40.25
N SER M 201 6.43 -56.51 -39.73
CA SER M 201 6.24 -56.28 -38.31
C SER M 201 6.43 -57.60 -37.57
N ASP M 202 7.10 -57.54 -36.42
CA ASP M 202 7.10 -58.68 -35.52
C ASP M 202 5.93 -58.64 -34.55
N ALA M 203 5.20 -57.51 -34.51
CA ALA M 203 4.15 -57.25 -33.54
C ALA M 203 2.79 -57.84 -33.92
N TRP M 204 2.75 -58.79 -34.86
CA TRP M 204 1.47 -59.38 -35.25
C TRP M 204 0.79 -60.08 -34.08
N GLN M 205 1.57 -60.78 -33.24
CA GLN M 205 1.00 -61.47 -32.09
C GLN M 205 1.18 -60.70 -30.80
N LEU M 206 1.52 -59.41 -30.88
CA LEU M 206 1.68 -58.55 -29.72
C LEU M 206 0.53 -57.56 -29.56
N PHE M 207 0.21 -56.81 -30.60
CA PHE M 207 -0.80 -55.76 -30.55
C PHE M 207 -1.97 -56.16 -31.45
N PRO M 208 -3.16 -56.46 -30.90
CA PRO M 208 -4.21 -57.10 -31.71
C PRO M 208 -4.89 -56.18 -32.73
N TYR M 209 -4.99 -54.87 -32.47
CA TYR M 209 -5.89 -54.01 -33.24
C TYR M 209 -5.31 -53.54 -34.57
N GLY M 210 -4.01 -53.25 -34.63
CA GLY M 210 -3.51 -52.58 -35.83
C GLY M 210 -4.14 -51.19 -35.96
N PHE M 211 -4.57 -50.86 -37.19
CA PHE M 211 -5.05 -49.53 -37.53
C PHE M 211 -6.35 -49.61 -38.31
N GLY M 212 -7.24 -48.63 -38.08
CA GLY M 212 -8.55 -48.63 -38.69
C GLY M 212 -9.48 -49.61 -38.00
N PRO M 213 -10.56 -49.98 -38.68
CA PRO M 213 -11.58 -50.86 -38.07
C PRO M 213 -11.05 -52.24 -37.69
N PHE M 214 -11.44 -52.70 -36.50
CA PHE M 214 -10.97 -53.97 -35.96
C PHE M 214 -11.89 -55.10 -36.42
N PRO M 215 -11.44 -55.98 -37.36
CA PRO M 215 -12.38 -56.94 -37.97
C PRO M 215 -12.32 -58.37 -37.44
N ASP M 216 -11.34 -58.71 -36.61
CA ASP M 216 -11.10 -60.13 -36.29
C ASP M 216 -12.37 -60.81 -35.78
N GLY M 217 -13.14 -60.12 -34.93
CA GLY M 217 -14.39 -60.68 -34.44
C GLY M 217 -15.43 -60.97 -35.50
N MET M 218 -15.38 -60.27 -36.64
CA MET M 218 -16.32 -60.57 -37.71
C MET M 218 -16.10 -61.96 -38.30
N PHE M 219 -14.92 -62.55 -38.04
CA PHE M 219 -14.59 -63.89 -38.50
C PHE M 219 -14.82 -64.95 -37.43
N THR M 220 -15.66 -64.67 -36.44
CA THR M 220 -16.01 -65.67 -35.43
C THR M 220 -17.51 -65.92 -35.50
N GLN M 221 -17.91 -67.18 -35.25
CA GLN M 221 -19.27 -67.65 -35.53
C GLN M 221 -19.77 -67.05 -36.84
N SER M 222 -18.93 -67.16 -37.86
CA SER M 222 -19.04 -66.36 -39.06
C SER M 222 -18.84 -67.25 -40.28
N ASN M 223 -19.26 -66.74 -41.44
CA ASN M 223 -19.07 -67.40 -42.73
C ASN M 223 -18.52 -66.41 -43.75
N LEU M 224 -17.52 -65.63 -43.35
CA LEU M 224 -16.92 -64.63 -44.22
C LEU M 224 -15.48 -64.94 -44.62
N GLY M 225 -15.00 -66.17 -44.39
CA GLY M 225 -13.70 -66.55 -44.90
C GLY M 225 -13.25 -67.91 -44.42
N ILE M 226 -12.06 -68.30 -44.90
CA ILE M 226 -11.37 -69.51 -44.46
C ILE M 226 -10.10 -69.06 -43.75
N VAL M 227 -10.00 -69.31 -42.45
CA VAL M 227 -8.83 -68.85 -41.69
C VAL M 227 -7.69 -69.85 -41.85
N THR M 228 -6.48 -69.33 -42.15
CA THR M 228 -5.29 -70.14 -42.38
C THR M 228 -4.25 -70.02 -41.28
N LYS M 229 -4.19 -68.89 -40.60
CA LYS M 229 -3.28 -68.68 -39.48
C LYS M 229 -3.99 -67.90 -38.41
N MET M 230 -3.73 -68.25 -37.15
CA MET M 230 -4.28 -67.51 -36.01
C MET M 230 -3.28 -67.50 -34.87
N GLY M 231 -3.02 -66.32 -34.32
CA GLY M 231 -2.18 -66.17 -33.15
C GLY M 231 -3.02 -65.95 -31.89
N ILE M 232 -2.57 -66.56 -30.78
CA ILE M 232 -3.23 -66.43 -29.48
C ILE M 232 -2.20 -66.13 -28.40
N ALA M 233 -2.65 -65.42 -27.36
CA ALA M 233 -1.82 -65.15 -26.21
C ALA M 233 -1.81 -66.34 -25.27
N LEU M 234 -0.68 -66.52 -24.59
CA LEU M 234 -0.52 -67.60 -23.63
C LEU M 234 -0.07 -67.02 -22.31
N MET M 235 -0.53 -67.63 -21.23
CA MET M 235 -0.28 -67.13 -19.87
C MET M 235 0.85 -67.92 -19.22
N GLN M 236 1.78 -67.19 -18.61
CA GLN M 236 2.80 -67.83 -17.79
C GLN M 236 2.15 -68.74 -16.75
N ARG M 237 2.62 -69.97 -16.64
CA ARG M 237 2.15 -70.83 -15.57
C ARG M 237 2.59 -70.22 -14.23
N PRO M 238 1.76 -70.32 -13.19
CA PRO M 238 2.13 -69.77 -11.88
C PRO M 238 2.81 -70.82 -11.03
N PRO M 239 3.54 -70.42 -9.97
CA PRO M 239 4.38 -71.38 -9.22
C PRO M 239 3.64 -72.56 -8.61
N ALA M 240 2.33 -72.46 -8.38
CA ALA M 240 1.58 -73.54 -7.74
C ALA M 240 0.09 -73.30 -7.93
N SER M 241 -0.71 -74.30 -7.54
CA SER M 241 -2.16 -74.21 -7.70
C SER M 241 -2.85 -75.21 -6.79
N GLN M 242 -4.08 -74.87 -6.40
CA GLN M 242 -4.91 -75.77 -5.60
C GLN M 242 -6.35 -75.69 -6.09
N SER M 243 -6.89 -76.84 -6.48
CA SER M 243 -8.28 -76.99 -6.91
C SER M 243 -9.14 -77.47 -5.75
N PHE M 244 -10.43 -77.16 -5.83
CA PHE M 244 -11.34 -77.48 -4.74
C PHE M 244 -12.74 -77.80 -5.24
N LEU M 245 -13.50 -78.45 -4.36
CA LEU M 245 -14.88 -78.87 -4.59
C LEU M 245 -15.75 -78.43 -3.41
N ILE M 246 -16.86 -77.77 -3.70
CA ILE M 246 -17.87 -77.46 -2.70
C ILE M 246 -19.16 -78.18 -3.11
N THR M 247 -19.60 -79.12 -2.28
CA THR M 247 -20.86 -79.80 -2.51
C THR M 247 -21.98 -79.10 -1.76
N PHE M 248 -23.17 -79.13 -2.35
CA PHE M 248 -24.35 -78.51 -1.77
C PHE M 248 -25.51 -79.48 -1.89
N ASP M 249 -26.28 -79.59 -0.80
CA ASP M 249 -27.24 -80.70 -0.66
C ASP M 249 -28.52 -80.47 -1.46
N LYS M 250 -29.09 -79.27 -1.42
CA LYS M 250 -30.45 -79.02 -1.91
C LYS M 250 -30.46 -78.36 -3.29
N GLU M 251 -31.39 -78.80 -4.15
CA GLU M 251 -31.66 -78.10 -5.41
C GLU M 251 -31.78 -76.60 -5.21
N GLU M 252 -32.57 -76.19 -4.22
CA GLU M 252 -32.90 -74.80 -3.94
C GLU M 252 -31.69 -73.96 -3.56
N ASP M 253 -30.52 -74.56 -3.33
CA ASP M 253 -29.33 -73.80 -2.92
C ASP M 253 -28.74 -72.96 -4.05
N LEU M 254 -28.99 -73.32 -5.30
CA LEU M 254 -28.47 -72.62 -6.49
C LEU M 254 -28.53 -71.10 -6.35
N GLU M 255 -29.63 -70.61 -5.77
CA GLU M 255 -29.79 -69.17 -5.58
C GLU M 255 -28.74 -68.58 -4.63
N GLN M 256 -28.59 -69.09 -3.39
CA GLN M 256 -27.55 -68.48 -2.56
C GLN M 256 -26.18 -68.74 -3.11
N ILE M 257 -25.96 -69.89 -3.76
CA ILE M 257 -24.64 -70.19 -4.27
C ILE M 257 -24.19 -69.11 -5.24
N VAL M 258 -24.95 -68.92 -6.32
CA VAL M 258 -24.68 -67.87 -7.30
C VAL M 258 -24.45 -66.52 -6.61
N ASP M 259 -25.27 -66.22 -5.60
CA ASP M 259 -25.23 -64.88 -5.02
C ASP M 259 -24.02 -64.68 -4.13
N ILE M 260 -23.54 -65.74 -3.48
CA ILE M 260 -22.31 -65.64 -2.74
C ILE M 260 -21.14 -65.51 -3.70
N MET M 261 -21.24 -66.23 -4.82
CA MET M 261 -20.16 -66.32 -5.79
C MET M 261 -19.76 -64.95 -6.33
N LEU M 262 -20.75 -64.17 -6.77
CA LEU M 262 -20.49 -62.97 -7.57
C LEU M 262 -19.49 -62.01 -6.94
N PRO M 263 -19.67 -61.58 -5.67
CA PRO M 263 -18.67 -60.67 -5.08
C PRO M 263 -17.26 -61.25 -5.04
N LEU M 264 -17.15 -62.58 -4.88
CA LEU M 264 -15.85 -63.21 -4.87
C LEU M 264 -15.21 -63.29 -6.24
N ARG M 265 -16.00 -63.18 -7.32
CA ARG M 265 -15.57 -63.43 -8.69
C ARG M 265 -15.30 -62.16 -9.49
N ILE M 266 -16.14 -61.14 -9.36
CA ILE M 266 -16.14 -60.01 -10.29
C ILE M 266 -14.78 -59.30 -10.33
N ASN M 267 -14.02 -59.36 -9.24
CA ASN M 267 -12.70 -58.76 -9.14
C ASN M 267 -11.56 -59.74 -9.42
N MET M 268 -11.86 -60.98 -9.82
CA MET M 268 -10.85 -62.00 -10.15
C MET M 268 -10.01 -62.44 -8.96
N ALA M 269 -10.59 -62.39 -7.75
CA ALA M 269 -9.96 -62.79 -6.50
C ALA M 269 -10.98 -62.65 -5.39
N PRO M 270 -11.20 -63.69 -4.56
CA PRO M 270 -10.40 -64.91 -4.60
C PRO M 270 -10.68 -65.87 -5.76
N LEU M 271 -11.82 -65.80 -6.44
CA LEU M 271 -12.08 -66.79 -7.49
C LEU M 271 -11.29 -66.36 -8.73
N GLN M 272 -10.05 -66.87 -8.82
CA GLN M 272 -9.11 -66.53 -9.89
C GLN M 272 -9.46 -67.18 -11.23
N ASN M 273 -10.00 -68.40 -11.19
CA ASN M 273 -10.32 -69.16 -12.38
C ASN M 273 -11.80 -69.04 -12.68
N VAL M 274 -12.22 -69.63 -13.81
CA VAL M 274 -13.61 -69.77 -14.19
C VAL M 274 -14.29 -70.86 -13.37
N PRO M 275 -15.06 -70.51 -12.35
CA PRO M 275 -15.76 -71.55 -11.57
C PRO M 275 -16.82 -72.21 -12.41
N VAL M 276 -17.00 -73.52 -12.19
CA VAL M 276 -18.16 -74.21 -12.76
C VAL M 276 -19.02 -74.73 -11.62
N LEU M 277 -20.32 -74.81 -11.90
CA LEU M 277 -21.30 -75.32 -10.97
C LEU M 277 -22.11 -76.35 -11.74
N ARG M 278 -21.97 -77.61 -11.34
CA ARG M 278 -22.51 -78.76 -12.05
C ARG M 278 -23.52 -79.45 -11.15
N ASN M 279 -24.67 -79.84 -11.72
CA ASN M 279 -25.64 -80.57 -10.91
C ASN M 279 -25.26 -82.05 -10.85
N ILE M 280 -25.99 -82.81 -10.05
CA ILE M 280 -25.59 -84.19 -9.79
C ILE M 280 -25.60 -85.00 -11.08
N PHE M 281 -26.61 -84.76 -11.94
CA PHE M 281 -26.76 -85.54 -13.17
C PHE M 281 -25.53 -85.43 -14.05
N MET M 282 -24.98 -84.21 -14.18
CA MET M 282 -23.79 -84.00 -14.98
C MET M 282 -22.59 -84.72 -14.40
N ASP M 283 -22.48 -84.76 -13.06
CA ASP M 283 -21.35 -85.40 -12.41
C ASP M 283 -21.50 -86.92 -12.35
N ALA M 284 -22.71 -87.42 -12.09
CA ALA M 284 -22.97 -88.86 -12.20
C ALA M 284 -22.59 -89.37 -13.59
N ALA M 285 -23.02 -88.65 -14.64
CA ALA M 285 -22.75 -89.07 -16.02
C ALA M 285 -21.27 -89.19 -16.32
N ALA M 286 -20.41 -88.46 -15.59
CA ALA M 286 -18.98 -88.48 -15.86
C ALA M 286 -18.29 -89.74 -15.36
N VAL M 287 -18.97 -90.59 -14.58
CA VAL M 287 -18.30 -91.69 -13.88
C VAL M 287 -19.17 -92.94 -13.91
N SER M 288 -20.43 -92.82 -14.34
CA SER M 288 -21.44 -93.84 -14.14
C SER M 288 -22.29 -93.98 -15.39
N LYS M 289 -23.07 -95.06 -15.44
CA LYS M 289 -24.15 -95.20 -16.41
C LYS M 289 -25.48 -94.92 -15.71
N ARG M 290 -26.50 -94.63 -16.51
CA ARG M 290 -27.81 -94.30 -15.94
C ARG M 290 -28.44 -95.50 -15.24
N THR M 291 -28.16 -96.72 -15.72
CA THR M 291 -28.91 -97.88 -15.24
C THR M 291 -28.54 -98.22 -13.80
N GLU M 292 -27.29 -97.95 -13.39
CA GLU M 292 -26.88 -98.19 -12.00
C GLU M 292 -27.81 -97.49 -11.00
N TRP M 293 -28.46 -96.40 -11.39
CA TRP M 293 -29.33 -95.69 -10.48
C TRP M 293 -30.81 -95.94 -10.71
N PHE M 294 -31.19 -96.27 -11.96
CA PHE M 294 -32.58 -96.37 -12.38
C PHE M 294 -32.62 -97.04 -13.75
N ASP M 295 -33.64 -97.88 -13.99
CA ASP M 295 -33.76 -98.66 -15.21
C ASP M 295 -35.17 -98.55 -15.79
N GLY M 296 -35.99 -97.64 -15.26
CA GLY M 296 -37.42 -97.69 -15.53
C GLY M 296 -38.00 -96.56 -16.37
N ASP M 297 -39.15 -96.06 -15.93
CA ASP M 297 -39.99 -95.20 -16.75
C ASP M 297 -39.55 -93.74 -16.53
N GLY M 298 -38.61 -93.31 -17.36
CA GLY M 298 -38.40 -91.91 -17.62
C GLY M 298 -37.63 -91.10 -16.59
N PRO M 299 -38.23 -89.99 -16.13
CA PRO M 299 -37.49 -89.04 -15.28
C PRO M 299 -37.16 -89.65 -13.93
N MET M 300 -35.88 -89.62 -13.59
CA MET M 300 -35.38 -90.34 -12.43
C MET M 300 -36.07 -89.86 -11.16
N PRO M 301 -36.55 -90.76 -10.30
CA PRO M 301 -37.33 -90.35 -9.12
C PRO M 301 -36.44 -89.79 -8.01
N ALA M 302 -37.11 -89.27 -6.98
CA ALA M 302 -36.42 -88.59 -5.89
C ALA M 302 -35.35 -89.49 -5.26
N GLU M 303 -35.77 -90.66 -4.77
CA GLU M 303 -34.85 -91.55 -4.06
C GLU M 303 -33.63 -91.90 -4.90
N ALA M 304 -33.81 -92.04 -6.21
CA ALA M 304 -32.69 -92.44 -7.06
C ALA M 304 -31.64 -91.34 -7.19
N ILE M 305 -32.06 -90.08 -7.14
CA ILE M 305 -31.10 -88.96 -7.11
C ILE M 305 -30.32 -88.98 -5.81
N GLU M 306 -30.98 -89.37 -4.70
CA GLU M 306 -30.32 -89.46 -3.40
C GLU M 306 -29.25 -90.55 -3.40
N ARG M 307 -29.55 -91.72 -3.99
CA ARG M 307 -28.53 -92.75 -4.15
C ARG M 307 -27.30 -92.21 -4.85
N MET M 308 -27.52 -91.41 -5.92
CA MET M 308 -26.40 -90.79 -6.63
C MET M 308 -25.57 -89.92 -5.70
N LYS M 309 -26.23 -89.20 -4.78
CA LYS M 309 -25.54 -88.29 -3.88
C LYS M 309 -24.81 -89.04 -2.77
N LYS M 310 -25.48 -90.02 -2.14
CA LYS M 310 -24.84 -90.81 -1.09
C LYS M 310 -23.66 -91.57 -1.66
N ASP M 311 -23.90 -92.37 -2.72
CA ASP M 311 -22.84 -93.22 -3.27
C ASP M 311 -21.65 -92.39 -3.74
N LEU M 312 -21.91 -91.34 -4.51
CA LEU M 312 -20.79 -90.57 -5.04
C LEU M 312 -20.27 -89.53 -4.07
N ASP M 313 -20.93 -89.36 -2.92
CA ASP M 313 -20.56 -88.35 -1.92
C ASP M 313 -20.57 -86.96 -2.54
N LEU M 314 -21.61 -86.69 -3.33
CA LEU M 314 -21.76 -85.42 -4.04
C LEU M 314 -23.06 -84.76 -3.62
N GLY M 315 -23.16 -83.47 -3.95
CA GLY M 315 -24.36 -82.70 -3.72
C GLY M 315 -25.26 -82.68 -4.94
N PHE M 316 -26.40 -82.01 -4.81
CA PHE M 316 -27.20 -81.74 -6.00
C PHE M 316 -26.48 -80.75 -6.90
N TRP M 317 -25.74 -79.80 -6.32
CA TRP M 317 -24.86 -78.89 -7.06
C TRP M 317 -23.44 -79.05 -6.53
N ASN M 318 -22.47 -78.98 -7.44
CA ASN M 318 -21.08 -79.13 -7.09
C ASN M 318 -20.28 -78.00 -7.73
N PHE M 319 -19.42 -77.38 -6.92
CA PHE M 319 -18.65 -76.19 -7.30
C PHE M 319 -17.19 -76.61 -7.45
N TYR M 320 -16.58 -76.24 -8.57
CA TYR M 320 -15.19 -76.61 -8.85
C TYR M 320 -14.46 -75.32 -9.20
N GLY M 321 -13.40 -75.01 -8.45
CA GLY M 321 -12.58 -73.86 -8.73
C GLY M 321 -11.11 -74.18 -8.50
N THR M 322 -10.25 -73.20 -8.84
CA THR M 322 -8.80 -73.42 -8.76
C THR M 322 -8.08 -72.11 -8.48
N LEU M 323 -7.15 -72.15 -7.54
CA LEU M 323 -6.39 -70.97 -7.13
C LEU M 323 -4.94 -71.09 -7.59
N TYR M 324 -4.31 -69.94 -7.83
CA TYR M 324 -2.98 -69.87 -8.41
C TYR M 324 -2.12 -68.89 -7.61
N GLY M 325 -0.80 -69.16 -7.57
CA GLY M 325 0.15 -68.27 -6.93
C GLY M 325 0.90 -68.93 -5.78
N PRO M 326 1.65 -68.14 -5.01
CA PRO M 326 2.36 -68.71 -3.88
C PRO M 326 1.41 -69.28 -2.88
N PRO M 327 1.77 -70.38 -2.21
CA PRO M 327 0.87 -71.06 -1.26
C PRO M 327 0.33 -70.15 -0.15
N PRO M 328 1.03 -69.09 0.28
CA PRO M 328 0.35 -68.16 1.22
C PRO M 328 -0.92 -67.56 0.64
N LEU M 329 -0.83 -67.02 -0.58
CA LEU M 329 -2.00 -66.46 -1.26
C LEU M 329 -3.10 -67.50 -1.43
N ILE M 330 -2.73 -68.73 -1.78
CA ILE M 330 -3.73 -69.78 -1.97
C ILE M 330 -4.48 -70.04 -0.66
N GLU M 331 -3.77 -70.00 0.47
CA GLU M 331 -4.42 -70.29 1.75
C GLU M 331 -5.39 -69.17 2.14
N MET M 332 -4.96 -67.92 1.99
CA MET M 332 -5.84 -66.77 2.22
C MET M 332 -7.10 -66.86 1.37
N TYR M 333 -6.93 -67.05 0.05
CA TYR M 333 -8.07 -67.10 -0.86
C TYR M 333 -8.99 -68.28 -0.54
N TYR M 334 -8.42 -69.46 -0.25
CA TYR M 334 -9.25 -70.61 0.09
C TYR M 334 -10.04 -70.38 1.38
N GLY M 335 -9.50 -69.58 2.31
CA GLY M 335 -10.20 -69.27 3.54
C GLY M 335 -11.41 -68.37 3.35
N MET M 336 -11.23 -67.31 2.56
CA MET M 336 -12.33 -66.44 2.17
C MET M 336 -13.45 -67.23 1.50
N ILE M 337 -13.08 -68.14 0.58
CA ILE M 337 -14.07 -68.98 -0.10
C ILE M 337 -14.83 -69.83 0.92
N LYS M 338 -14.13 -70.39 1.91
CA LYS M 338 -14.78 -71.25 2.91
C LYS M 338 -15.68 -70.43 3.84
N GLU M 339 -15.20 -69.30 4.34
CA GLU M 339 -16.02 -68.46 5.20
C GLU M 339 -17.29 -68.01 4.49
N ALA M 340 -17.18 -67.65 3.21
CA ALA M 340 -18.32 -67.17 2.43
C ALA M 340 -19.31 -68.30 2.13
N PHE M 341 -18.86 -69.36 1.44
CA PHE M 341 -19.81 -70.42 1.07
C PHE M 341 -20.25 -71.27 2.25
N GLY M 342 -19.52 -71.19 3.37
CA GLY M 342 -19.93 -71.87 4.59
C GLY M 342 -21.22 -71.36 5.18
N LYS M 343 -21.64 -70.14 4.84
CA LYS M 343 -22.89 -69.62 5.36
C LYS M 343 -24.11 -70.39 4.82
N ILE M 344 -23.93 -71.26 3.83
CA ILE M 344 -25.01 -72.06 3.28
C ILE M 344 -25.05 -73.37 4.04
N PRO M 345 -26.12 -73.66 4.78
CA PRO M 345 -26.21 -74.95 5.49
C PRO M 345 -26.03 -76.13 4.54
N GLY M 346 -25.26 -77.14 4.99
CA GLY M 346 -25.05 -78.36 4.26
C GLY M 346 -23.83 -78.37 3.37
N ALA M 347 -23.20 -77.22 3.16
CA ALA M 347 -22.02 -77.15 2.32
C ALA M 347 -20.88 -77.93 2.95
N ARG M 348 -20.14 -78.66 2.12
CA ARG M 348 -18.93 -79.38 2.53
C ARG M 348 -17.83 -79.12 1.50
N PHE M 349 -16.57 -79.11 1.96
CA PHE M 349 -15.45 -78.70 1.12
C PHE M 349 -14.43 -79.85 0.98
N PHE M 350 -13.65 -79.80 -0.11
CA PHE M 350 -12.70 -80.85 -0.46
C PHE M 350 -11.62 -80.28 -1.38
N THR M 351 -10.35 -80.45 -1.02
CA THR M 351 -9.28 -80.09 -1.95
C THR M 351 -9.04 -81.22 -2.95
N HIS M 352 -8.18 -80.94 -3.95
CA HIS M 352 -7.82 -81.97 -4.91
C HIS M 352 -6.99 -83.08 -4.27
N GLU M 353 -6.26 -82.77 -3.19
CA GLU M 353 -5.53 -83.81 -2.47
C GLU M 353 -6.44 -84.70 -1.66
N GLU M 354 -7.55 -84.16 -1.14
CA GLU M 354 -8.36 -84.82 -0.14
C GLU M 354 -9.45 -85.70 -0.72
N ARG M 355 -9.34 -86.13 -1.98
CA ARG M 355 -10.37 -87.02 -2.50
C ARG M 355 -9.81 -87.92 -3.59
N ASP M 356 -10.00 -89.24 -3.42
CA ASP M 356 -9.47 -90.27 -4.30
C ASP M 356 -10.54 -91.29 -4.66
N ASP M 357 -11.79 -91.06 -4.26
CA ASP M 357 -12.87 -91.99 -4.58
C ASP M 357 -13.47 -91.62 -5.94
N ARG M 358 -14.42 -92.47 -6.38
CA ARG M 358 -14.99 -92.32 -7.72
C ARG M 358 -15.55 -90.91 -7.93
N GLY M 359 -16.38 -90.44 -7.00
CA GLY M 359 -16.92 -89.09 -7.03
C GLY M 359 -15.92 -87.99 -7.28
N GLY M 360 -14.67 -88.17 -6.88
CA GLY M 360 -13.61 -87.20 -7.12
C GLY M 360 -13.00 -87.20 -8.51
N HIS M 361 -13.42 -88.12 -9.39
CA HIS M 361 -12.87 -88.15 -10.74
C HIS M 361 -13.13 -86.83 -11.47
N VAL M 362 -14.31 -86.23 -11.24
CA VAL M 362 -14.59 -84.93 -11.82
C VAL M 362 -13.60 -83.88 -11.29
N LEU M 363 -13.46 -83.80 -9.95
CA LEU M 363 -12.55 -82.82 -9.37
C LEU M 363 -11.12 -82.98 -9.91
N GLN M 364 -10.66 -84.22 -10.10
CA GLN M 364 -9.32 -84.44 -10.63
C GLN M 364 -9.24 -84.03 -12.10
N ASP M 365 -10.32 -84.24 -12.86
CA ASP M 365 -10.39 -83.79 -14.24
C ASP M 365 -10.39 -82.25 -14.31
N ARG M 366 -11.26 -81.60 -13.52
CA ARG M 366 -11.23 -80.14 -13.43
C ARG M 366 -9.85 -79.62 -13.07
N HIS M 367 -9.15 -80.31 -12.16
CA HIS M 367 -7.81 -79.91 -11.72
C HIS M 367 -6.84 -79.85 -12.90
N LYS M 368 -6.91 -80.83 -13.81
CA LYS M 368 -6.07 -80.78 -15.01
C LYS M 368 -6.53 -79.67 -15.97
N ILE M 369 -7.82 -79.66 -16.34
CA ILE M 369 -8.36 -78.63 -17.24
C ILE M 369 -7.99 -77.24 -16.71
N ASN M 370 -8.27 -76.98 -15.42
CA ASN M 370 -7.97 -75.65 -14.88
C ASN M 370 -6.48 -75.31 -14.90
N ASN M 371 -5.60 -76.30 -15.13
CA ASN M 371 -4.17 -76.06 -15.17
C ASN M 371 -3.60 -76.20 -16.57
N GLY M 372 -4.45 -76.09 -17.59
CA GLY M 372 -4.01 -76.21 -18.97
C GLY M 372 -3.50 -77.58 -19.34
N ILE M 373 -4.13 -78.63 -18.83
CA ILE M 373 -3.72 -80.01 -19.08
C ILE M 373 -4.87 -80.71 -19.79
N PRO M 374 -4.79 -80.82 -21.12
CA PRO M 374 -5.89 -81.40 -21.90
C PRO M 374 -6.25 -82.80 -21.42
N SER M 375 -7.53 -83.13 -21.58
CA SER M 375 -8.06 -84.38 -21.11
C SER M 375 -9.13 -84.81 -22.11
N LEU M 376 -9.46 -86.10 -22.09
CA LEU M 376 -10.64 -86.61 -22.79
C LEU M 376 -11.57 -87.40 -21.87
N ASP M 377 -11.33 -87.36 -20.56
CA ASP M 377 -12.08 -88.23 -19.65
C ASP M 377 -13.55 -87.88 -19.62
N GLU M 378 -13.91 -86.64 -19.96
CA GLU M 378 -15.31 -86.23 -20.00
C GLU M 378 -16.13 -86.92 -21.10
N LEU M 379 -15.49 -87.58 -22.08
CA LEU M 379 -16.25 -88.39 -23.03
C LEU M 379 -17.01 -89.50 -22.33
N GLN M 380 -16.54 -89.91 -21.14
CA GLN M 380 -17.26 -90.86 -20.31
C GLN M 380 -18.72 -90.47 -20.16
N GLN M 381 -19.01 -89.17 -20.21
CA GLN M 381 -20.38 -88.70 -20.03
C GLN M 381 -21.30 -89.26 -21.10
N LEU M 382 -20.77 -89.53 -22.31
CA LEU M 382 -21.60 -90.08 -23.37
C LEU M 382 -22.11 -91.49 -23.02
N ASP M 383 -21.30 -92.29 -22.31
CA ASP M 383 -21.68 -93.64 -21.93
C ASP M 383 -22.85 -93.68 -20.95
N TRP M 384 -23.44 -92.53 -20.63
CA TRP M 384 -24.55 -92.46 -19.69
C TRP M 384 -25.72 -93.31 -20.16
N VAL M 385 -26.00 -93.28 -21.47
CA VAL M 385 -27.02 -94.14 -22.07
C VAL M 385 -26.34 -94.80 -23.27
N PRO M 386 -26.92 -95.83 -23.85
CA PRO M 386 -26.27 -96.47 -25.00
C PRO M 386 -26.31 -95.59 -26.24
N ASN M 387 -25.21 -95.62 -27.01
CA ASN M 387 -25.05 -94.83 -28.25
C ASN M 387 -25.10 -93.32 -27.99
N GLY M 388 -24.51 -92.87 -26.89
CA GLY M 388 -24.82 -91.54 -26.40
C GLY M 388 -24.20 -90.45 -27.25
N GLY M 389 -24.94 -89.35 -27.41
CA GLY M 389 -24.39 -88.11 -27.91
C GLY M 389 -25.03 -86.95 -27.18
N HIS M 390 -24.54 -85.74 -27.44
CA HIS M 390 -25.13 -84.58 -26.77
C HIS M 390 -25.31 -83.40 -27.71
N ILE M 391 -26.28 -82.54 -27.40
CA ILE M 391 -26.38 -81.21 -27.98
C ILE M 391 -26.15 -80.20 -26.87
N GLY M 392 -25.48 -79.10 -27.20
CA GLY M 392 -25.28 -78.04 -26.24
C GLY M 392 -26.32 -76.94 -26.37
N PHE M 393 -27.12 -76.74 -25.32
CA PHE M 393 -28.11 -75.67 -25.25
C PHE M 393 -27.65 -74.69 -24.18
N VAL M 394 -27.13 -73.54 -24.60
CA VAL M 394 -26.39 -72.71 -23.66
C VAL M 394 -26.93 -71.28 -23.61
N PRO M 395 -27.98 -71.04 -22.83
CA PRO M 395 -28.42 -69.66 -22.59
C PRO M 395 -27.45 -68.90 -21.71
N VAL M 396 -27.46 -67.57 -21.90
CA VAL M 396 -26.65 -66.64 -21.12
C VAL M 396 -27.52 -66.05 -20.03
N SER M 397 -26.95 -65.93 -18.83
CA SER M 397 -27.63 -65.52 -17.62
C SER M 397 -26.82 -64.44 -16.93
N ALA M 398 -27.50 -63.57 -16.20
CA ALA M 398 -26.80 -62.69 -15.28
C ALA M 398 -26.31 -63.49 -14.08
N PRO M 399 -25.23 -63.08 -13.42
CA PRO M 399 -24.83 -63.76 -12.18
C PRO M 399 -25.75 -63.41 -11.02
N ASP M 400 -27.00 -63.88 -11.09
CA ASP M 400 -27.99 -63.60 -10.06
C ASP M 400 -28.70 -64.88 -9.70
N GLY M 401 -28.91 -65.10 -8.39
CA GLY M 401 -29.49 -66.36 -7.94
C GLY M 401 -30.87 -66.61 -8.49
N ARG M 402 -31.75 -65.60 -8.41
CA ARG M 402 -33.14 -65.78 -8.85
C ARG M 402 -33.20 -66.04 -10.36
N GLU M 403 -32.36 -65.37 -11.14
CA GLU M 403 -32.36 -65.61 -12.58
C GLU M 403 -31.81 -66.99 -12.89
N ALA M 404 -30.79 -67.42 -12.14
CA ALA M 404 -30.28 -68.78 -12.29
C ALA M 404 -31.36 -69.80 -11.95
N MET M 405 -32.17 -69.52 -10.92
CA MET M 405 -33.21 -70.45 -10.48
C MET M 405 -34.37 -70.53 -11.47
N LYS M 406 -34.74 -69.41 -12.12
CA LYS M 406 -35.81 -69.45 -13.10
C LYS M 406 -35.40 -70.22 -14.35
N GLN M 407 -34.16 -70.01 -14.83
CA GLN M 407 -33.64 -70.78 -15.97
C GLN M 407 -33.55 -72.26 -15.63
N PHE M 408 -33.17 -72.58 -14.39
CA PHE M 408 -33.10 -73.97 -13.94
C PHE M 408 -34.46 -74.65 -14.04
N GLU M 409 -35.50 -74.04 -13.43
CA GLU M 409 -36.83 -74.64 -13.45
C GLU M 409 -37.41 -74.68 -14.87
N MET M 410 -37.23 -73.60 -15.64
CA MET M 410 -37.76 -73.54 -16.99
C MET M 410 -37.19 -74.66 -17.86
N VAL M 411 -35.88 -74.91 -17.76
CA VAL M 411 -35.24 -75.93 -18.59
C VAL M 411 -35.56 -77.33 -18.07
N ARG M 412 -35.73 -77.48 -16.75
CA ARG M 412 -35.96 -78.80 -16.18
C ARG M 412 -37.35 -79.32 -16.50
N ASN M 413 -38.36 -78.44 -16.45
CA ASN M 413 -39.71 -78.83 -16.83
C ASN M 413 -39.75 -79.37 -18.26
N ARG M 414 -39.20 -78.62 -19.22
CA ARG M 414 -39.19 -79.09 -20.61
C ARG M 414 -38.43 -80.39 -20.78
N ALA M 415 -37.39 -80.61 -19.97
CA ALA M 415 -36.66 -81.86 -20.01
C ALA M 415 -37.51 -83.00 -19.47
N ASN M 416 -38.27 -82.74 -18.40
CA ASN M 416 -39.24 -83.72 -17.91
C ASN M 416 -40.19 -84.14 -19.02
N GLU M 417 -40.75 -83.14 -19.72
CA GLU M 417 -41.82 -83.42 -20.68
C GLU M 417 -41.28 -84.12 -21.91
N TYR M 418 -40.14 -83.67 -22.43
CA TYR M 418 -39.57 -84.44 -23.52
C TYR M 418 -38.80 -85.67 -23.02
N ASN M 419 -38.94 -85.97 -21.73
CA ASN M 419 -38.45 -87.22 -21.14
C ASN M 419 -36.94 -87.36 -21.35
N LYS M 420 -36.21 -86.27 -21.12
CA LYS M 420 -34.76 -86.29 -21.16
C LYS M 420 -34.18 -85.75 -19.85
N ASP M 421 -33.00 -86.26 -19.50
CA ASP M 421 -32.34 -85.87 -18.25
C ASP M 421 -31.66 -84.52 -18.39
N TYR M 422 -31.76 -83.72 -17.35
CA TYR M 422 -31.24 -82.35 -17.37
C TYR M 422 -29.88 -82.36 -16.69
N MET M 423 -28.83 -82.22 -17.49
CA MET M 423 -27.48 -82.06 -16.97
C MET M 423 -27.03 -80.62 -17.20
N ALA M 424 -26.59 -79.96 -16.12
CA ALA M 424 -26.32 -78.53 -16.12
C ALA M 424 -24.89 -78.25 -15.68
N GLN M 425 -24.21 -77.37 -16.41
CA GLN M 425 -22.91 -76.84 -15.99
C GLN M 425 -22.97 -75.32 -16.11
N PHE M 426 -23.03 -74.63 -14.97
CA PHE M 426 -22.92 -73.18 -14.95
C PHE M 426 -21.45 -72.79 -15.03
N VAL M 427 -21.06 -72.16 -16.13
CA VAL M 427 -19.71 -71.61 -16.30
C VAL M 427 -19.81 -70.12 -16.01
N ILE M 428 -18.88 -69.59 -15.22
CA ILE M 428 -19.08 -68.29 -14.60
C ILE M 428 -17.91 -67.35 -14.90
N GLY M 429 -18.16 -66.33 -15.72
CA GLY M 429 -17.22 -65.27 -15.97
C GLY M 429 -17.42 -64.11 -15.02
N LEU M 430 -16.96 -62.92 -15.44
CA LEU M 430 -16.93 -61.80 -14.50
C LEU M 430 -18.33 -61.29 -14.21
N ARG M 431 -19.18 -61.12 -15.23
CA ARG M 431 -20.47 -60.46 -15.15
C ARG M 431 -21.59 -61.26 -15.84
N GLU M 432 -21.34 -62.52 -16.14
CA GLU M 432 -22.19 -63.32 -17.03
C GLU M 432 -21.98 -64.78 -16.67
N MET M 433 -23.01 -65.59 -16.89
CA MET M 433 -22.93 -67.04 -16.69
C MET M 433 -23.43 -67.76 -17.93
N TYR M 434 -22.68 -68.77 -18.34
CA TYR M 434 -23.10 -69.70 -19.40
C TYR M 434 -23.78 -70.89 -18.73
N HIS M 435 -25.11 -70.97 -18.85
CA HIS M 435 -25.90 -72.08 -18.33
C HIS M 435 -25.86 -73.21 -19.36
N VAL M 436 -24.84 -74.06 -19.28
CA VAL M 436 -24.64 -75.15 -20.23
C VAL M 436 -25.65 -76.26 -19.92
N CYS M 437 -26.54 -76.54 -20.87
CA CYS M 437 -27.51 -77.63 -20.73
C CYS M 437 -27.16 -78.68 -21.77
N LEU M 438 -26.51 -79.76 -21.31
CA LEU M 438 -26.30 -80.93 -22.13
C LEU M 438 -27.48 -81.86 -22.00
N PHE M 439 -27.98 -82.33 -23.13
CA PHE M 439 -28.93 -83.42 -23.18
C PHE M 439 -28.24 -84.56 -23.89
N ILE M 440 -28.15 -85.71 -23.20
CA ILE M 440 -27.47 -86.88 -23.72
C ILE M 440 -28.53 -87.91 -24.05
N TYR M 441 -28.41 -88.51 -25.23
CA TYR M 441 -29.51 -89.27 -25.81
C TYR M 441 -28.95 -90.38 -26.68
N ASP M 442 -29.83 -91.31 -27.03
CA ASP M 442 -29.52 -92.47 -27.87
C ASP M 442 -29.52 -92.02 -29.32
N THR M 443 -28.33 -91.83 -29.91
CA THR M 443 -28.28 -91.33 -31.28
C THR M 443 -28.71 -92.36 -32.31
N ALA M 444 -28.79 -93.64 -31.95
CA ALA M 444 -29.24 -94.67 -32.87
C ALA M 444 -30.76 -94.84 -32.89
N ASP M 445 -31.48 -94.07 -32.08
CA ASP M 445 -32.93 -94.10 -31.95
C ASP M 445 -33.54 -92.89 -32.68
N PRO M 446 -34.31 -93.07 -33.75
CA PRO M 446 -34.85 -91.89 -34.46
C PRO M 446 -35.76 -91.02 -33.60
N GLU M 447 -36.66 -91.62 -32.81
CA GLU M 447 -37.61 -90.82 -32.02
C GLU M 447 -36.91 -89.92 -31.01
N ALA M 448 -35.83 -90.43 -30.40
CA ALA M 448 -35.08 -89.61 -29.44
C ALA M 448 -34.46 -88.39 -30.13
N ARG M 449 -33.79 -88.61 -31.26
CA ARG M 449 -33.24 -87.51 -32.04
C ARG M 449 -34.31 -86.47 -32.38
N GLU M 450 -35.54 -86.91 -32.64
CA GLU M 450 -36.63 -85.99 -32.92
C GLU M 450 -37.06 -85.25 -31.64
N GLU M 451 -37.14 -85.98 -30.52
CA GLU M 451 -37.47 -85.37 -29.23
C GLU M 451 -36.47 -84.29 -28.86
N ILE M 452 -35.18 -84.56 -29.09
CA ILE M 452 -34.14 -83.54 -28.89
C ILE M 452 -34.43 -82.30 -29.72
N LEU M 453 -34.65 -82.48 -31.04
CA LEU M 453 -34.89 -81.35 -31.93
C LEU M 453 -36.12 -80.57 -31.52
N GLN M 454 -37.26 -81.25 -31.29
CA GLN M 454 -38.44 -80.49 -30.88
C GLN M 454 -38.24 -79.85 -29.51
N MET M 455 -37.48 -80.50 -28.62
CA MET M 455 -37.29 -79.96 -27.28
C MET M 455 -36.47 -78.68 -27.32
N THR M 456 -35.31 -78.72 -27.98
CA THR M 456 -34.44 -77.54 -27.99
C THR M 456 -35.09 -76.39 -28.74
N LYS M 457 -35.80 -76.67 -29.84
CA LYS M 457 -36.56 -75.63 -30.52
C LYS M 457 -37.51 -74.94 -29.54
N VAL M 458 -38.20 -75.74 -28.73
CA VAL M 458 -39.13 -75.18 -27.75
C VAL M 458 -38.37 -74.37 -26.72
N LEU M 459 -37.20 -74.87 -26.29
CA LEU M 459 -36.43 -74.18 -25.27
C LEU M 459 -35.85 -72.88 -25.81
N VAL M 460 -35.43 -72.84 -27.07
CA VAL M 460 -34.90 -71.61 -27.64
C VAL M 460 -35.98 -70.53 -27.64
N ARG M 461 -37.18 -70.87 -28.11
CA ARG M 461 -38.30 -69.92 -28.15
C ARG M 461 -38.73 -69.49 -26.75
N GLU M 462 -38.82 -70.45 -25.82
CA GLU M 462 -39.26 -70.14 -24.45
C GLU M 462 -38.27 -69.24 -23.73
N ALA M 463 -36.96 -69.49 -23.90
CA ALA M 463 -35.95 -68.68 -23.26
C ALA M 463 -35.95 -67.25 -23.79
N ALA M 464 -36.16 -67.10 -25.10
CA ALA M 464 -36.22 -65.76 -25.70
C ALA M 464 -37.41 -64.96 -25.19
N GLU M 465 -38.56 -65.61 -24.92
CA GLU M 465 -39.69 -64.87 -24.35
C GLU M 465 -39.36 -64.34 -22.97
N ALA M 466 -38.46 -64.99 -22.27
CA ALA M 466 -38.05 -64.58 -20.94
C ALA M 466 -36.91 -63.55 -20.94
N GLY M 467 -36.23 -63.36 -22.06
CA GLY M 467 -35.12 -62.42 -22.13
C GLY M 467 -33.75 -63.05 -22.24
N TYR M 468 -33.67 -64.36 -22.50
CA TYR M 468 -32.43 -65.10 -22.55
C TYR M 468 -32.15 -65.55 -23.99
N GLY M 469 -30.91 -65.31 -24.44
CA GLY M 469 -30.43 -65.85 -25.68
C GLY M 469 -29.22 -66.73 -25.47
N GLU M 470 -28.90 -67.49 -26.52
CA GLU M 470 -27.82 -68.47 -26.49
C GLU M 470 -26.57 -67.91 -27.13
N TYR M 471 -25.41 -68.28 -26.58
CA TYR M 471 -24.14 -67.73 -27.06
C TYR M 471 -23.59 -68.50 -28.25
N ARG M 472 -24.14 -69.67 -28.53
CA ARG M 472 -23.63 -70.70 -29.44
C ARG M 472 -24.70 -71.77 -29.51
N THR M 473 -24.79 -72.46 -30.65
CA THR M 473 -25.86 -73.44 -30.80
C THR M 473 -25.58 -74.32 -32.01
N HIS M 474 -26.44 -75.32 -32.17
CA HIS M 474 -26.34 -76.37 -33.19
C HIS M 474 -26.80 -75.89 -34.57
N ASN M 475 -26.23 -76.52 -35.61
CA ASN M 475 -26.69 -76.34 -36.98
C ASN M 475 -28.22 -76.34 -37.08
N ALA M 476 -28.86 -77.31 -36.41
CA ALA M 476 -30.30 -77.49 -36.49
C ALA M 476 -31.10 -76.36 -35.85
N LEU M 477 -30.44 -75.42 -35.17
CA LEU M 477 -31.12 -74.34 -34.48
C LEU M 477 -30.62 -72.95 -34.86
N MET M 478 -29.68 -72.87 -35.81
CA MET M 478 -29.03 -71.60 -36.09
C MET M 478 -30.02 -70.55 -36.63
N ASP M 479 -31.02 -70.97 -37.42
CA ASP M 479 -32.04 -70.01 -37.86
C ASP M 479 -32.88 -69.54 -36.69
N ASP M 480 -33.43 -70.49 -35.91
CA ASP M 480 -34.27 -70.14 -34.76
C ASP M 480 -33.55 -69.22 -33.79
N VAL M 481 -32.23 -69.40 -33.61
CA VAL M 481 -31.49 -68.64 -32.61
C VAL M 481 -31.29 -67.20 -33.08
N MET M 482 -30.81 -67.03 -34.32
CA MET M 482 -30.64 -65.70 -34.91
C MET M 482 -31.95 -64.94 -35.03
N ALA M 483 -33.09 -65.64 -35.15
CA ALA M 483 -34.38 -64.98 -35.14
C ALA M 483 -34.78 -64.44 -33.77
N THR M 484 -34.13 -64.88 -32.70
CA THR M 484 -34.42 -64.26 -31.41
C THR M 484 -33.77 -62.90 -31.29
N PHE M 485 -32.64 -62.70 -31.93
CA PHE M 485 -31.92 -61.44 -31.83
C PHE M 485 -32.43 -60.43 -32.85
N ASN M 486 -33.71 -60.04 -32.70
CA ASN M 486 -34.44 -59.34 -33.75
C ASN M 486 -34.86 -57.92 -33.35
N TRP M 487 -34.19 -57.30 -32.39
CA TRP M 487 -34.43 -55.90 -32.08
C TRP M 487 -34.40 -55.02 -33.33
N GLY M 488 -35.36 -54.10 -33.44
CA GLY M 488 -35.41 -53.23 -34.60
C GLY M 488 -35.77 -53.94 -35.90
N ASP M 489 -36.71 -54.90 -35.85
CA ASP M 489 -37.16 -55.61 -37.04
C ASP M 489 -35.99 -56.31 -37.74
N GLY M 490 -35.18 -57.03 -36.95
CA GLY M 490 -34.10 -57.82 -37.49
C GLY M 490 -32.93 -57.00 -37.96
N ALA M 491 -32.71 -55.83 -37.34
CA ALA M 491 -31.62 -54.95 -37.71
C ALA M 491 -30.28 -55.69 -37.78
N LEU M 492 -29.99 -56.53 -36.77
CA LEU M 492 -28.67 -57.16 -36.68
C LEU M 492 -28.43 -58.12 -37.84
N LEU M 493 -29.41 -58.98 -38.12
CA LEU M 493 -29.28 -59.93 -39.22
C LEU M 493 -29.20 -59.20 -40.56
N LYS M 494 -30.00 -58.13 -40.72
CA LYS M 494 -29.92 -57.33 -41.93
C LYS M 494 -28.51 -56.79 -42.16
N PHE M 495 -27.87 -56.30 -41.10
CA PHE M 495 -26.50 -55.80 -41.19
C PHE M 495 -25.54 -56.91 -41.62
N HIS M 496 -25.67 -58.12 -41.04
CA HIS M 496 -24.79 -59.25 -41.38
C HIS M 496 -24.99 -59.71 -42.83
N GLU M 497 -26.24 -59.80 -43.28
CA GLU M 497 -26.50 -60.24 -44.66
C GLU M 497 -25.88 -59.28 -45.67
N LYS M 498 -25.94 -57.98 -45.40
CA LYS M 498 -25.36 -57.02 -46.33
C LYS M 498 -23.85 -57.18 -46.43
N ILE M 499 -23.18 -57.44 -45.29
CA ILE M 499 -21.75 -57.66 -45.34
C ILE M 499 -21.45 -59.00 -45.98
N LYS M 500 -22.22 -60.03 -45.62
CA LYS M 500 -22.14 -61.33 -46.27
C LYS M 500 -22.20 -61.21 -47.80
N ASP M 501 -23.23 -60.52 -48.32
CA ASP M 501 -23.38 -60.42 -49.76
C ASP M 501 -22.28 -59.59 -50.41
N ALA M 502 -21.64 -58.69 -49.66
CA ALA M 502 -20.61 -57.84 -50.26
C ALA M 502 -19.27 -58.55 -50.41
N LEU M 503 -18.95 -59.48 -49.51
CA LEU M 503 -17.70 -60.22 -49.59
C LEU M 503 -17.86 -61.53 -50.35
N ASP M 504 -19.05 -62.10 -50.32
CA ASP M 504 -19.37 -63.41 -50.87
C ASP M 504 -20.47 -63.24 -51.93
N PRO M 505 -20.16 -62.56 -53.05
CA PRO M 505 -21.21 -62.26 -54.05
C PRO M 505 -21.82 -63.51 -54.69
N ASN M 506 -21.11 -64.64 -54.69
CA ASN M 506 -21.61 -65.91 -55.22
C ASN M 506 -22.18 -66.82 -54.13
N GLY M 507 -22.19 -66.38 -52.87
CA GLY M 507 -22.76 -67.17 -51.80
C GLY M 507 -22.13 -68.52 -51.59
N ILE M 508 -20.82 -68.55 -51.32
CA ILE M 508 -20.02 -69.78 -51.30
C ILE M 508 -19.79 -70.29 -49.88
N ILE M 509 -19.25 -69.44 -48.98
CA ILE M 509 -18.77 -69.86 -47.66
C ILE M 509 -19.93 -70.17 -46.73
N ALA M 510 -19.88 -71.35 -46.11
CA ALA M 510 -20.77 -71.85 -45.07
C ALA M 510 -22.12 -71.13 -45.00
N PRO M 511 -22.96 -71.25 -46.04
CA PRO M 511 -24.28 -70.60 -46.00
C PRO M 511 -25.14 -71.11 -44.84
N GLY M 512 -25.82 -70.19 -44.17
CA GLY M 512 -26.66 -70.56 -43.05
C GLY M 512 -25.96 -70.58 -41.70
N LYS M 513 -24.63 -70.52 -41.66
CA LYS M 513 -23.94 -70.31 -40.40
C LYS M 513 -24.58 -69.16 -39.62
N SER M 514 -24.93 -69.41 -38.36
CA SER M 514 -25.50 -68.38 -37.47
C SER M 514 -26.76 -67.73 -38.05
N GLY M 515 -27.45 -68.45 -38.94
CA GLY M 515 -28.64 -67.92 -39.61
C GLY M 515 -28.36 -66.91 -40.70
N ILE M 516 -27.13 -66.78 -41.15
CA ILE M 516 -26.72 -65.79 -42.15
C ILE M 516 -26.59 -66.51 -43.49
N TRP M 517 -27.59 -66.36 -44.37
CA TRP M 517 -27.67 -66.92 -45.73
C TRP M 517 -27.34 -65.87 -46.77
N PRO M 518 -26.61 -66.19 -47.82
CA PRO M 518 -26.40 -65.23 -48.90
C PRO M 518 -27.62 -65.18 -49.81
N GLN M 519 -27.71 -64.08 -50.57
CA GLN M 519 -28.83 -63.77 -51.45
C GLN M 519 -29.41 -64.99 -52.18
N ARG M 520 -28.54 -65.71 -52.90
CA ARG M 520 -29.03 -66.80 -53.74
C ARG M 520 -29.69 -67.94 -52.96
N PHE M 521 -29.58 -67.98 -51.63
CA PHE M 521 -30.29 -68.97 -50.82
C PHE M 521 -31.43 -68.40 -49.99
N ARG M 522 -31.51 -67.08 -49.85
CA ARG M 522 -32.49 -66.51 -48.94
C ARG M 522 -33.89 -66.66 -49.51
N GLY M 523 -34.80 -67.23 -48.70
CA GLY M 523 -36.19 -67.36 -49.06
C GLY M 523 -36.65 -68.78 -49.29
N GLN M 524 -35.75 -69.73 -49.46
CA GLN M 524 -36.12 -71.13 -49.61
C GLN M 524 -36.13 -71.82 -48.23
N ASN M 525 -36.38 -73.13 -48.22
CA ASN M 525 -36.28 -73.91 -46.99
C ASN M 525 -34.87 -73.89 -46.43
N LEU M 526 -33.91 -74.41 -47.23
CA LEU M 526 -32.55 -74.64 -46.77
C LEU M 526 -31.51 -74.39 -47.86
N THR N 2 43.58 46.31 75.10
CA THR N 2 43.24 47.73 75.21
C THR N 2 41.99 48.09 74.41
N ARG N 3 41.27 49.12 74.87
CA ARG N 3 40.09 49.63 74.18
C ARG N 3 40.48 50.24 72.84
N THR N 4 39.72 49.93 71.79
CA THR N 4 39.97 50.49 70.47
C THR N 4 39.42 51.91 70.39
N LEU N 5 40.26 52.85 69.92
CA LEU N 5 39.96 54.27 69.98
C LEU N 5 40.21 54.94 68.64
N PRO N 6 39.42 55.94 68.28
CA PRO N 6 39.68 56.73 67.06
C PRO N 6 41.00 57.48 67.17
N PRO N 7 41.81 57.52 66.11
CA PRO N 7 43.15 58.13 66.22
C PRO N 7 43.09 59.57 66.71
N GLY N 8 43.96 59.87 67.69
CA GLY N 8 44.01 61.20 68.25
C GLY N 8 42.77 61.62 68.99
N VAL N 9 41.93 60.67 69.35
CA VAL N 9 40.78 60.93 70.19
C VAL N 9 40.90 60.09 71.45
N SER N 10 40.79 60.74 72.60
CA SER N 10 41.07 60.15 73.90
C SER N 10 39.90 59.32 74.41
N ASP N 11 40.14 58.63 75.54
CA ASP N 11 39.07 57.96 76.27
C ASP N 11 37.94 58.93 76.64
N GLU N 12 38.29 60.07 77.24
CA GLU N 12 37.28 61.01 77.71
C GLU N 12 36.44 61.53 76.54
N ARG N 13 37.11 62.04 75.48
CA ARG N 13 36.40 62.58 74.32
C ARG N 13 35.53 61.50 73.66
N PHE N 14 36.04 60.26 73.55
CA PHE N 14 35.29 59.19 72.90
C PHE N 14 34.05 58.77 73.70
N ASP N 15 34.11 58.83 75.05
CA ASP N 15 32.89 58.59 75.85
C ASP N 15 31.87 59.71 75.62
N ALA N 16 32.33 60.95 75.68
CA ALA N 16 31.43 62.08 75.43
C ALA N 16 30.79 61.99 74.06
N ALA N 17 31.57 61.55 73.06
CA ALA N 17 31.02 61.35 71.71
C ALA N 17 29.95 60.27 71.71
N LEU N 18 30.26 59.09 72.28
CA LEU N 18 29.28 58.00 72.31
C LEU N 18 27.96 58.47 72.90
N GLN N 19 28.02 59.28 73.96
CA GLN N 19 26.79 59.81 74.56
C GLN N 19 26.00 60.67 73.58
N ARG N 20 26.68 61.55 72.85
CA ARG N 20 26.02 62.40 71.86
C ARG N 20 25.36 61.56 70.77
N PHE N 21 26.01 60.46 70.38
CA PHE N 21 25.39 59.49 69.48
C PHE N 21 24.15 58.89 70.11
N ARG N 22 24.28 58.44 71.37
CA ARG N 22 23.14 57.86 72.09
C ARG N 22 21.99 58.86 72.19
N ASP N 23 22.28 60.17 72.26
CA ASP N 23 21.23 61.19 72.32
C ASP N 23 20.43 61.26 71.04
N VAL N 24 21.00 60.79 69.93
CA VAL N 24 20.41 60.92 68.60
C VAL N 24 19.61 59.69 68.22
N VAL N 25 20.21 58.50 68.43
CA VAL N 25 19.64 57.22 67.99
C VAL N 25 19.09 56.38 69.13
N GLY N 26 19.40 56.71 70.39
CA GLY N 26 19.00 55.91 71.53
C GLY N 26 20.16 55.08 72.07
N ASP N 27 20.04 54.70 73.34
CA ASP N 27 21.07 53.96 74.05
C ASP N 27 21.13 52.47 73.68
N LYS N 28 20.11 51.92 72.99
CA LYS N 28 20.19 50.53 72.57
C LYS N 28 20.93 50.37 71.25
N TRP N 29 21.13 51.47 70.53
CA TRP N 29 21.65 51.44 69.17
C TRP N 29 23.06 52.05 69.07
N VAL N 30 23.83 51.99 70.16
CA VAL N 30 25.23 52.43 70.16
C VAL N 30 26.07 51.38 70.89
N LEU N 31 26.89 50.64 70.14
CA LEU N 31 27.68 49.56 70.69
C LEU N 31 29.15 49.96 70.81
N SER N 32 29.77 49.61 71.95
CA SER N 32 31.09 50.09 72.30
C SER N 32 31.97 49.03 72.96
N THR N 33 31.44 47.89 73.40
CA THR N 33 32.25 46.93 74.13
C THR N 33 32.93 45.92 73.19
N ALA N 34 33.89 45.21 73.77
CA ALA N 34 34.64 44.20 73.04
C ALA N 34 33.72 43.08 72.55
N ASP N 35 32.90 42.52 73.45
CA ASP N 35 31.92 41.50 73.09
C ASP N 35 30.94 42.05 72.04
N GLU N 36 30.35 43.23 72.28
CA GLU N 36 29.32 43.76 71.37
C GLU N 36 29.88 44.02 69.96
N LEU N 37 31.19 44.25 69.81
CA LEU N 37 31.72 44.58 68.50
C LEU N 37 32.33 43.42 67.76
N GLU N 38 32.46 42.23 68.39
CA GLU N 38 33.10 41.11 67.71
C GLU N 38 32.38 40.75 66.41
N ALA N 39 31.04 40.83 66.42
CA ALA N 39 30.23 40.58 65.24
C ALA N 39 30.57 41.49 64.06
N PHE N 40 31.18 42.65 64.32
CA PHE N 40 31.50 43.58 63.25
C PHE N 40 32.98 43.61 62.88
N ARG N 41 33.80 42.79 63.53
CA ARG N 41 35.15 42.56 63.04
C ARG N 41 35.08 41.68 61.80
N ASP N 42 36.06 41.86 60.91
CA ASP N 42 36.16 41.10 59.66
C ASP N 42 35.97 39.61 59.93
N PRO N 43 34.87 39.01 59.43
CA PRO N 43 34.65 37.58 59.67
C PRO N 43 35.71 36.70 59.03
N TYR N 44 36.31 37.14 57.93
CA TYR N 44 37.41 36.43 57.29
C TYR N 44 38.67 37.27 57.43
N PRO N 45 39.24 37.35 58.64
CA PRO N 45 40.33 38.30 58.88
C PRO N 45 41.56 37.95 58.04
N VAL N 46 42.29 38.99 57.65
CA VAL N 46 43.49 38.83 56.84
C VAL N 46 44.69 39.29 57.66
N GLY N 47 45.82 38.59 57.48
CA GLY N 47 47.05 38.90 58.18
C GLY N 47 47.08 38.46 59.64
N ALA N 48 48.28 38.13 60.15
CA ALA N 48 48.43 37.68 61.53
C ALA N 48 48.03 38.78 62.52
N ALA N 49 48.44 40.01 62.27
CA ALA N 49 48.22 41.07 63.24
C ALA N 49 46.75 41.50 63.30
N GLU N 50 46.40 42.13 64.42
CA GLU N 50 45.16 42.90 64.53
C GLU N 50 45.08 43.93 63.40
N ALA N 51 43.89 44.14 62.87
CA ALA N 51 43.70 45.21 61.88
C ALA N 51 42.21 45.47 61.66
N ASN N 52 41.90 46.68 61.21
CA ASN N 52 40.54 47.07 60.82
C ASN N 52 39.58 46.95 61.99
N LEU N 53 39.98 47.45 63.14
CA LEU N 53 39.19 47.35 64.35
C LEU N 53 38.17 48.48 64.40
N PRO N 54 36.88 48.18 64.56
CA PRO N 54 35.91 49.24 64.81
C PRO N 54 35.93 49.65 66.27
N SER N 55 35.75 50.95 66.51
CA SER N 55 35.64 51.49 67.87
C SER N 55 34.21 51.47 68.41
N ALA N 56 33.22 51.58 67.53
CA ALA N 56 31.83 51.65 67.95
C ALA N 56 30.94 51.38 66.74
N VAL N 57 29.67 51.13 67.01
CA VAL N 57 28.65 50.97 65.97
C VAL N 57 27.42 51.77 66.36
N VAL N 58 26.98 52.63 65.44
CA VAL N 58 25.75 53.41 65.57
C VAL N 58 24.77 52.94 64.50
N SER N 59 23.51 52.78 64.88
CA SER N 59 22.45 52.32 63.96
C SER N 59 21.35 53.35 63.86
N PRO N 60 21.44 54.31 62.93
CA PRO N 60 20.40 55.33 62.79
C PRO N 60 19.13 54.79 62.16
N GLU N 61 18.03 55.50 62.47
CA GLU N 61 16.68 55.13 62.07
C GLU N 61 16.14 56.01 60.96
N SER N 62 16.87 57.05 60.57
CA SER N 62 16.36 58.01 59.59
C SER N 62 17.51 58.82 59.03
N THR N 63 17.24 59.47 57.89
CA THR N 63 18.22 60.39 57.28
C THR N 63 18.63 61.47 58.27
N GLU N 64 17.65 62.10 58.89
CA GLU N 64 17.92 63.18 59.85
C GLU N 64 18.96 62.76 60.87
N GLN N 65 18.81 61.56 61.43
CA GLN N 65 19.79 61.06 62.39
C GLN N 65 21.17 60.85 61.74
N VAL N 66 21.20 60.44 60.47
CA VAL N 66 22.48 60.31 59.76
C VAL N 66 23.17 61.67 59.70
N GLN N 67 22.43 62.72 59.35
CA GLN N 67 23.03 64.05 59.33
C GLN N 67 23.59 64.42 60.69
N ASP N 68 22.81 64.16 61.75
CA ASP N 68 23.26 64.53 63.10
C ASP N 68 24.47 63.70 63.52
N ILE N 69 24.49 62.41 63.20
CA ILE N 69 25.67 61.59 63.47
C ILE N 69 26.90 62.23 62.83
N VAL N 70 26.74 62.68 61.57
CA VAL N 70 27.86 63.19 60.80
C VAL N 70 28.36 64.51 61.39
N ARG N 71 27.45 65.41 61.76
CA ARG N 71 27.85 66.66 62.40
C ARG N 71 28.61 66.39 63.70
N ILE N 72 28.17 65.38 64.47
CA ILE N 72 28.83 65.07 65.73
C ILE N 72 30.22 64.50 65.47
N ALA N 73 30.34 63.62 64.48
CA ALA N 73 31.66 63.13 64.10
C ALA N 73 32.60 64.28 63.69
N ASN N 74 32.07 65.32 63.04
CA ASN N 74 32.88 66.45 62.59
C ASN N 74 33.35 67.31 63.77
N GLU N 75 32.49 67.50 64.77
CA GLU N 75 32.90 68.25 65.96
C GLU N 75 34.01 67.51 66.72
N TYR N 76 33.90 66.17 66.79
CA TYR N 76 34.83 65.35 67.55
C TYR N 76 35.94 64.72 66.71
N GLY N 77 35.86 64.81 65.39
CA GLY N 77 36.91 64.24 64.55
C GLY N 77 36.92 62.74 64.56
N ILE N 78 35.75 62.11 64.51
CA ILE N 78 35.61 60.66 64.58
C ILE N 78 35.43 60.13 63.15
N PRO N 79 36.29 59.23 62.68
CA PRO N 79 36.08 58.64 61.35
C PRO N 79 34.86 57.72 61.32
N LEU N 80 34.09 57.81 60.23
CA LEU N 80 32.84 57.06 60.05
C LEU N 80 32.97 56.10 58.86
N HIS N 81 32.60 54.84 59.10
CA HIS N 81 32.52 53.80 58.07
C HIS N 81 31.06 53.45 57.81
N PRO N 82 30.41 54.08 56.83
CA PRO N 82 29.01 53.75 56.53
C PRO N 82 28.90 52.45 55.77
N VAL N 83 28.05 51.57 56.27
CA VAL N 83 27.72 50.31 55.62
C VAL N 83 26.21 50.28 55.42
N SER N 84 25.72 49.27 54.71
CA SER N 84 24.30 48.98 54.70
C SER N 84 23.97 47.77 55.55
N THR N 85 24.16 46.55 55.02
CA THR N 85 24.08 45.35 55.83
C THR N 85 25.44 44.88 56.36
N GLY N 86 26.55 45.38 55.82
CA GLY N 86 27.87 45.00 56.31
C GLY N 86 28.30 43.58 55.97
N LYS N 87 27.84 43.04 54.84
CA LYS N 87 28.10 41.67 54.44
C LYS N 87 29.11 41.60 53.28
N ASN N 88 29.98 42.61 53.18
CA ASN N 88 31.04 42.66 52.18
C ASN N 88 32.15 41.67 52.53
N ASN N 89 31.77 40.41 52.75
CA ASN N 89 32.71 39.37 53.12
C ASN N 89 33.58 38.96 51.94
N GLY N 90 34.88 38.78 52.21
CA GLY N 90 35.92 38.67 51.20
C GLY N 90 36.69 39.97 51.00
N TYR N 91 36.06 41.10 51.34
CA TYR N 91 36.64 42.43 51.21
C TYR N 91 36.74 43.16 52.55
N GLY N 92 36.53 42.46 53.66
CA GLY N 92 36.58 43.06 54.98
C GLY N 92 35.28 43.02 55.78
N GLY N 93 34.18 42.50 55.27
CA GLY N 93 32.94 42.51 56.02
C GLY N 93 32.48 43.93 56.27
N ALA N 94 31.97 44.19 57.48
CA ALA N 94 31.61 45.53 57.90
C ALA N 94 32.77 46.30 58.53
N ALA N 95 33.94 45.68 58.65
CA ALA N 95 35.06 46.31 59.35
C ALA N 95 35.61 47.50 58.56
N PRO N 96 35.98 48.60 59.24
CA PRO N 96 36.47 49.78 58.53
C PRO N 96 37.92 49.63 58.12
N ARG N 97 38.28 50.35 57.08
CA ARG N 97 39.66 50.33 56.63
C ARG N 97 40.58 50.95 57.67
N LEU N 98 40.11 51.95 58.39
CA LEU N 98 40.87 52.66 59.43
C LEU N 98 40.47 52.17 60.82
N SER N 99 41.37 51.42 61.48
CA SER N 99 41.16 51.04 62.87
C SER N 99 40.85 52.27 63.73
N GLY N 100 39.77 52.19 64.51
CA GLY N 100 39.31 53.33 65.28
C GLY N 100 38.10 54.01 64.70
N SER N 101 37.71 53.65 63.48
CA SER N 101 36.53 54.23 62.87
C SER N 101 35.26 53.71 63.53
N VAL N 102 34.23 54.54 63.51
CA VAL N 102 32.90 54.15 63.95
C VAL N 102 32.09 53.65 62.76
N ILE N 103 31.51 52.46 62.91
CA ILE N 103 30.59 51.92 61.90
C ILE N 103 29.21 52.57 62.07
N VAL N 104 28.73 53.19 61.00
CA VAL N 104 27.34 53.64 60.92
C VAL N 104 26.59 52.62 60.08
N LYS N 105 25.85 51.73 60.74
CA LYS N 105 25.15 50.64 60.09
C LYS N 105 23.72 51.11 59.78
N THR N 106 23.55 51.66 58.58
CA THR N 106 22.28 52.20 58.12
C THR N 106 21.21 51.13 57.96
N GLY N 107 21.60 49.91 57.54
CA GLY N 107 20.63 48.88 57.20
C GLY N 107 19.95 48.22 58.38
N GLU N 108 20.51 48.40 59.59
CA GLU N 108 19.91 47.78 60.76
C GLU N 108 18.49 48.29 60.99
N ARG N 109 18.28 49.60 60.85
CA ARG N 109 16.96 50.18 61.09
C ARG N 109 16.33 50.87 59.88
N MET N 110 17.12 51.40 58.95
CA MET N 110 16.55 51.98 57.72
C MET N 110 16.47 50.89 56.65
N ASN N 111 15.43 50.06 56.76
CA ASN N 111 15.37 48.84 55.97
C ASN N 111 14.06 48.68 55.19
N ARG N 112 13.37 49.79 54.90
CA ARG N 112 12.08 49.71 54.25
C ARG N 112 12.23 49.78 52.73
N ILE N 113 11.35 49.05 52.05
CA ILE N 113 11.08 49.24 50.63
C ILE N 113 10.17 50.45 50.51
N LEU N 114 10.65 51.49 49.84
CA LEU N 114 9.88 52.71 49.73
C LEU N 114 8.89 52.67 48.58
N GLU N 115 9.25 52.05 47.47
CA GLU N 115 8.36 51.89 46.32
C GLU N 115 8.85 50.72 45.49
N VAL N 116 7.92 50.06 44.81
CA VAL N 116 8.21 49.10 43.74
C VAL N 116 7.18 49.38 42.66
N ASN N 117 7.59 49.99 41.57
CA ASN N 117 6.69 50.47 40.53
C ASN N 117 6.61 49.41 39.42
N GLU N 118 5.42 48.82 39.26
CA GLU N 118 5.25 47.73 38.29
C GLU N 118 5.26 48.26 36.86
N LYS N 119 4.59 49.38 36.64
CA LYS N 119 4.39 49.87 35.28
C LYS N 119 5.71 50.22 34.61
N TYR N 120 6.58 50.95 35.32
CA TYR N 120 7.84 51.43 34.80
C TYR N 120 9.02 50.54 35.18
N GLY N 121 8.81 49.56 36.03
CA GLY N 121 9.86 48.65 36.42
C GLY N 121 10.99 49.32 37.15
N TYR N 122 10.73 49.79 38.37
CA TYR N 122 11.82 50.20 39.26
C TYR N 122 11.42 49.94 40.71
N ALA N 123 12.42 49.99 41.58
CA ALA N 123 12.19 50.01 43.02
C ALA N 123 13.04 51.14 43.59
N LEU N 124 12.56 51.69 44.71
CA LEU N 124 13.28 52.72 45.46
C LEU N 124 13.50 52.15 46.85
N LEU N 125 14.76 52.06 47.27
CA LEU N 125 15.10 51.26 48.45
C LEU N 125 15.91 52.06 49.45
N GLU N 126 15.84 51.62 50.70
CA GLU N 126 16.68 51.99 51.80
C GLU N 126 17.75 50.93 51.98
N PRO N 127 18.87 51.24 52.64
CA PRO N 127 20.03 50.32 52.61
C PRO N 127 19.81 48.99 53.31
N GLY N 128 18.75 48.85 54.12
CA GLY N 128 18.50 47.61 54.84
C GLY N 128 17.71 46.58 54.07
N VAL N 129 17.20 46.93 52.88
CA VAL N 129 16.49 45.98 52.03
C VAL N 129 17.49 44.96 51.50
N THR N 130 17.44 43.74 52.03
CA THR N 130 18.29 42.67 51.48
C THR N 130 17.65 42.10 50.22
N TYR N 131 18.45 41.34 49.47
CA TYR N 131 17.93 40.66 48.28
C TYR N 131 16.79 39.72 48.64
N PHE N 132 16.92 38.97 49.75
CA PHE N 132 15.79 38.17 50.25
C PHE N 132 14.57 39.03 50.56
N ASP N 133 14.76 40.19 51.20
CA ASP N 133 13.64 41.06 51.54
C ASP N 133 12.85 41.47 50.30
N LEU N 134 13.56 41.83 49.23
CA LEU N 134 12.92 42.33 48.02
C LEU N 134 12.28 41.22 47.21
N TYR N 135 12.88 40.03 47.20
CA TYR N 135 12.23 38.88 46.57
C TYR N 135 10.91 38.56 47.25
N GLU N 136 10.89 38.54 48.59
CA GLU N 136 9.64 38.26 49.32
C GLU N 136 8.57 39.29 48.97
N TYR N 137 8.92 40.58 48.98
CA TYR N 137 8.00 41.61 48.53
C TYR N 137 7.44 41.30 47.15
N LEU N 138 8.31 40.92 46.21
CA LEU N 138 7.86 40.65 44.83
C LEU N 138 7.02 39.39 44.74
N GLN N 139 7.36 38.36 45.53
CA GLN N 139 6.50 37.17 45.64
C GLN N 139 5.14 37.54 46.18
N SER N 140 5.12 38.15 47.37
CA SER N 140 3.88 38.60 47.99
C SER N 140 2.98 39.32 47.01
N HIS N 141 3.52 40.32 46.29
CA HIS N 141 2.72 41.22 45.49
C HIS N 141 2.43 40.69 44.09
N ASP N 142 2.70 39.41 43.84
CA ASP N 142 2.39 38.81 42.55
C ASP N 142 3.09 39.53 41.40
N SER N 143 4.26 40.10 41.67
CA SER N 143 4.86 41.05 40.74
C SER N 143 5.38 40.37 39.46
N GLY N 144 5.26 41.07 38.34
CA GLY N 144 5.86 40.69 37.07
C GLY N 144 7.33 41.04 36.91
N LEU N 145 7.94 41.70 37.89
CA LEU N 145 9.34 42.06 37.89
C LEU N 145 10.18 40.99 38.59
N MET N 146 11.45 40.93 38.25
CA MET N 146 12.41 40.10 38.95
C MET N 146 13.56 40.99 39.40
N LEU N 147 14.31 40.52 40.37
CA LEU N 147 15.47 41.28 40.83
C LEU N 147 16.73 40.70 40.20
N ASP N 148 17.88 41.27 40.57
CA ASP N 148 19.18 40.74 40.17
C ASP N 148 20.04 40.64 41.41
N CYS N 149 20.56 39.43 41.70
CA CYS N 149 21.23 39.12 42.95
C CYS N 149 22.60 38.50 42.76
N PRO N 150 23.53 38.83 43.65
CA PRO N 150 24.80 38.11 43.71
C PRO N 150 24.59 36.70 44.26
N ASP N 151 25.68 35.95 44.43
CA ASP N 151 25.58 34.54 44.82
C ASP N 151 24.95 34.38 46.19
N LEU N 152 25.12 35.35 47.08
CA LEU N 152 24.52 35.34 48.40
C LEU N 152 23.47 36.45 48.51
N GLY N 153 22.28 36.08 48.95
CA GLY N 153 21.14 36.97 49.04
C GLY N 153 20.97 37.69 50.36
N TRP N 154 21.92 37.61 51.28
CA TRP N 154 21.78 38.29 52.57
C TRP N 154 22.43 39.67 52.56
N GLY N 155 22.99 40.11 51.44
CA GLY N 155 23.47 41.47 51.28
C GLY N 155 22.38 42.44 50.84
N SER N 156 22.76 43.71 50.74
CA SER N 156 21.84 44.79 50.43
C SER N 156 21.82 45.07 48.94
N VAL N 157 20.63 45.41 48.43
CA VAL N 157 20.56 45.91 47.06
C VAL N 157 21.39 47.18 46.92
N VAL N 158 21.29 48.07 47.91
CA VAL N 158 22.00 49.34 47.84
C VAL N 158 23.48 49.15 48.10
N GLY N 159 23.84 48.39 49.13
CA GLY N 159 25.22 48.29 49.53
C GLY N 159 26.08 47.56 48.50
N ASN N 160 25.51 46.50 47.90
CA ASN N 160 26.19 45.84 46.79
C ASN N 160 26.45 46.81 45.65
N THR N 161 25.42 47.57 45.24
CA THR N 161 25.56 48.53 44.15
C THR N 161 26.67 49.54 44.43
N LEU N 162 26.75 50.02 45.68
CA LEU N 162 27.70 51.07 46.03
C LEU N 162 29.14 50.60 46.06
N ASP N 163 29.41 49.31 46.25
CA ASP N 163 30.73 48.77 45.99
C ASP N 163 30.86 48.26 44.56
N ARG N 164 29.85 48.53 43.72
CA ARG N 164 29.77 48.11 42.32
C ARG N 164 29.86 46.59 42.18
N GLY N 165 29.10 45.89 43.00
CA GLY N 165 28.99 44.46 42.86
C GLY N 165 28.13 44.10 41.68
N VAL N 166 28.07 42.80 41.37
CA VAL N 166 27.44 42.37 40.15
C VAL N 166 26.59 41.13 40.38
N GLY N 167 25.57 40.99 39.53
CA GLY N 167 24.75 39.80 39.47
C GLY N 167 24.81 39.11 38.13
N TYR N 168 23.85 38.23 37.83
CA TYR N 168 24.02 37.28 36.75
C TYR N 168 22.86 37.20 35.75
N THR N 169 21.84 38.06 35.87
CA THR N 169 20.76 38.18 34.88
C THR N 169 21.11 39.24 33.84
N PRO N 170 20.24 39.59 32.88
CA PRO N 170 20.59 40.70 31.98
C PRO N 170 20.82 42.04 32.68
N TYR N 171 20.35 42.22 33.91
CA TYR N 171 20.62 43.42 34.69
C TYR N 171 21.73 43.18 35.73
N GLY N 172 22.75 42.39 35.39
CA GLY N 172 23.78 42.02 36.35
C GLY N 172 24.76 43.12 36.71
N ASP N 173 24.82 44.17 35.89
CA ASP N 173 25.68 45.35 36.11
C ASP N 173 24.85 46.34 36.94
N HIS N 174 24.94 46.19 38.26
CA HIS N 174 24.00 46.87 39.16
C HIS N 174 24.12 48.37 39.03
N PHE N 175 25.35 48.90 39.01
CA PHE N 175 25.49 50.35 39.00
C PHE N 175 24.90 50.96 37.75
N MET N 176 24.96 50.25 36.61
CA MET N 176 24.34 50.77 35.41
C MET N 176 22.85 51.01 35.62
N TRP N 177 22.16 50.06 36.24
CA TRP N 177 20.72 50.15 36.39
C TRP N 177 20.30 50.98 37.60
N GLN N 178 21.26 51.37 38.45
CA GLN N 178 20.97 52.32 39.51
C GLN N 178 20.52 53.66 38.93
N THR N 179 19.41 54.19 39.44
CA THR N 179 18.80 55.44 38.98
C THR N 179 18.39 56.31 40.16
N GLY N 180 19.26 57.23 40.55
CA GLY N 180 18.95 58.20 41.59
C GLY N 180 19.40 57.71 42.96
N LEU N 181 19.98 58.60 43.76
CA LEU N 181 20.20 58.29 45.16
C LEU N 181 19.99 59.54 46.01
N GLU N 182 19.91 59.32 47.32
CA GLU N 182 19.96 60.36 48.33
C GLU N 182 21.19 60.08 49.18
N VAL N 183 21.93 61.13 49.53
CA VAL N 183 23.22 60.96 50.18
C VAL N 183 23.43 62.12 51.13
N VAL N 184 24.06 61.82 52.27
CA VAL N 184 24.44 62.82 53.26
C VAL N 184 25.90 63.15 53.04
N LEU N 185 26.19 64.41 52.70
CA LEU N 185 27.55 64.82 52.35
C LEU N 185 28.41 64.96 53.62
N PRO N 186 29.75 64.97 53.49
CA PRO N 186 30.59 64.68 54.66
C PRO N 186 30.47 65.66 55.83
N GLN N 187 29.78 66.80 55.69
CA GLN N 187 29.61 67.74 56.80
C GLN N 187 28.17 67.84 57.27
N GLY N 188 27.34 66.87 56.88
CA GLY N 188 25.97 66.72 57.38
C GLY N 188 24.89 67.17 56.42
N GLU N 189 25.23 67.75 55.26
CA GLU N 189 24.24 68.29 54.34
C GLU N 189 23.69 67.18 53.44
N VAL N 190 22.36 67.19 53.22
CA VAL N 190 21.72 66.14 52.44
C VAL N 190 21.47 66.63 51.02
N MET N 191 21.47 65.68 50.07
CA MET N 191 21.38 65.99 48.64
C MET N 191 20.77 64.82 47.88
N ARG N 192 19.97 65.13 46.85
CA ARG N 192 19.47 64.14 45.90
C ARG N 192 20.03 64.36 44.49
N THR N 193 20.36 63.26 43.82
CA THR N 193 20.95 63.29 42.48
C THR N 193 19.86 63.16 41.42
N GLY N 194 20.24 63.48 40.18
CA GLY N 194 19.34 63.33 39.06
C GLY N 194 18.07 64.13 39.24
N MET N 195 16.95 63.52 38.85
CA MET N 195 15.65 64.17 38.90
C MET N 195 15.11 64.28 40.32
N GLY N 196 15.70 63.58 41.30
CA GLY N 196 15.40 63.85 42.69
C GLY N 196 15.77 65.24 43.13
N ALA N 197 16.66 65.91 42.38
CA ALA N 197 17.02 67.30 42.66
C ALA N 197 15.98 68.30 42.18
N LEU N 198 14.97 67.88 41.41
CA LEU N 198 13.89 68.77 41.00
C LEU N 198 12.63 68.50 41.82
N PRO N 199 12.17 69.46 42.63
CA PRO N 199 11.06 69.18 43.56
C PRO N 199 9.75 68.83 42.86
N GLY N 200 9.13 67.75 43.34
CA GLY N 200 7.86 67.31 42.80
C GLY N 200 7.94 66.57 41.49
N SER N 201 9.00 65.80 41.25
CA SER N 201 9.23 65.12 39.99
C SER N 201 9.04 63.62 40.20
N ASP N 202 8.28 62.99 39.30
CA ASP N 202 8.09 61.54 39.37
C ASP N 202 9.18 60.75 38.65
N ALA N 203 10.19 61.43 38.08
CA ALA N 203 11.17 60.76 37.23
C ALA N 203 12.47 60.44 37.96
N TRP N 204 12.46 60.41 39.30
CA TRP N 204 13.69 60.15 40.04
C TRP N 204 14.24 58.77 39.74
N GLN N 205 13.37 57.80 39.48
CA GLN N 205 13.79 56.45 39.14
C GLN N 205 13.59 56.15 37.66
N LEU N 206 13.19 57.14 36.86
CA LEU N 206 12.97 56.96 35.43
C LEU N 206 14.12 57.45 34.58
N PHE N 207 14.82 58.50 34.99
CA PHE N 207 15.84 59.14 34.16
C PHE N 207 17.08 59.48 34.98
N PRO N 208 18.19 58.75 34.81
CA PRO N 208 19.29 58.82 35.80
C PRO N 208 20.08 60.12 35.84
N TYR N 209 20.19 60.86 34.72
CA TYR N 209 21.22 61.88 34.58
C TYR N 209 20.84 63.25 35.16
N GLY N 210 19.55 63.58 35.25
CA GLY N 210 19.20 64.95 35.64
C GLY N 210 19.79 65.98 34.69
N PHE N 211 20.41 67.01 35.24
CA PHE N 211 21.00 68.11 34.48
C PHE N 211 22.39 68.41 35.04
N GLY N 212 23.28 68.89 34.16
CA GLY N 212 24.65 69.19 34.57
C GLY N 212 25.49 67.94 34.80
N PRO N 213 26.59 68.10 35.54
CA PRO N 213 27.52 66.97 35.73
C PRO N 213 26.89 65.81 36.47
N PHE N 214 27.21 64.59 36.02
CA PHE N 214 26.59 63.37 36.52
C PHE N 214 27.39 62.83 37.70
N PRO N 215 26.85 62.83 38.93
CA PRO N 215 27.70 62.55 40.10
C PRO N 215 27.54 61.17 40.74
N ASP N 216 26.51 60.37 40.41
CA ASP N 216 26.22 59.16 41.18
C ASP N 216 27.41 58.20 41.22
N GLY N 217 28.14 58.09 40.11
CA GLY N 217 29.35 57.28 40.08
C GLY N 217 30.37 57.67 41.12
N MET N 218 30.40 58.93 41.53
CA MET N 218 31.36 59.36 42.53
C MET N 218 31.02 58.86 43.93
N PHE N 219 29.84 58.26 44.11
CA PHE N 219 29.43 57.67 45.38
C PHE N 219 29.49 56.14 45.35
N THR N 220 30.31 55.56 44.47
CA THR N 220 30.52 54.13 44.44
C THR N 220 32.01 53.88 44.64
N GLN N 221 32.35 52.78 45.31
CA GLN N 221 33.70 52.55 45.87
C GLN N 221 34.31 53.85 46.40
N SER N 222 33.51 54.57 47.20
CA SER N 222 33.77 55.96 47.51
C SER N 222 33.68 56.22 49.00
N ASN N 223 34.15 57.40 49.42
CA ASN N 223 34.00 57.90 50.78
C ASN N 223 33.59 59.38 50.76
N LEU N 224 32.64 59.72 49.89
CA LEU N 224 32.15 61.09 49.78
C LEU N 224 30.79 61.28 50.42
N GLY N 225 30.20 60.25 51.01
CA GLY N 225 28.93 60.44 51.66
C GLY N 225 28.43 59.16 52.32
N ILE N 226 27.24 59.28 52.91
CA ILE N 226 26.52 58.17 53.53
C ILE N 226 25.15 58.08 52.86
N VAL N 227 24.95 57.04 52.04
CA VAL N 227 23.77 56.95 51.17
C VAL N 227 22.58 56.50 51.98
N THR N 228 21.47 57.23 51.85
CA THR N 228 20.25 56.91 52.58
C THR N 228 19.17 56.28 51.71
N LYS N 229 19.12 56.63 50.43
CA LYS N 229 18.09 56.15 49.52
C LYS N 229 18.72 55.86 48.16
N MET N 230 18.15 54.89 47.43
CA MET N 230 18.65 54.53 46.11
C MET N 230 17.55 53.86 45.29
N GLY N 231 17.38 54.33 44.04
CA GLY N 231 16.54 53.64 43.09
C GLY N 231 17.35 52.67 42.24
N ILE N 232 16.64 51.68 41.69
CA ILE N 232 17.26 50.73 40.76
C ILE N 232 16.16 50.22 39.84
N ALA N 233 16.51 50.06 38.56
CA ALA N 233 15.59 49.47 37.59
C ALA N 233 15.49 47.96 37.81
N LEU N 234 14.29 47.45 37.57
CA LEU N 234 13.99 46.02 37.62
C LEU N 234 13.46 45.56 36.26
N MET N 235 13.99 44.46 35.78
CA MET N 235 13.59 43.93 34.48
C MET N 235 12.35 43.06 34.61
N GLN N 236 11.51 43.11 33.58
CA GLN N 236 10.33 42.24 33.52
C GLN N 236 10.74 40.78 33.48
N ARG N 237 10.03 39.94 34.24
CA ARG N 237 10.30 38.51 34.18
C ARG N 237 9.87 37.98 32.83
N PRO N 238 10.67 37.13 32.19
CA PRO N 238 10.30 36.58 30.88
C PRO N 238 9.46 35.33 31.04
N PRO N 239 8.78 34.89 29.98
CA PRO N 239 7.82 33.78 30.12
C PRO N 239 8.41 32.44 30.55
N ALA N 240 9.67 32.14 30.23
CA ALA N 240 10.25 30.86 30.62
C ALA N 240 11.77 30.99 30.67
N SER N 241 12.40 30.00 31.29
CA SER N 241 13.86 30.05 31.40
C SER N 241 14.41 28.63 31.43
N GLN N 242 15.63 28.48 30.89
CA GLN N 242 16.34 27.21 30.97
C GLN N 242 17.81 27.47 31.26
N SER N 243 18.33 26.81 32.29
CA SER N 243 19.74 26.86 32.64
C SER N 243 20.47 25.62 32.11
N PHE N 244 21.78 25.75 31.93
CA PHE N 244 22.57 24.63 31.43
C PHE N 244 23.96 24.62 32.04
N LEU N 245 24.54 23.43 32.11
CA LEU N 245 25.94 23.21 32.46
C LEU N 245 26.66 22.60 31.26
N ILE N 246 27.89 23.06 31.01
CA ILE N 246 28.81 22.40 30.08
C ILE N 246 30.07 22.06 30.85
N THR N 247 30.47 20.79 30.76
CA THR N 247 31.65 20.29 31.46
C THR N 247 32.80 20.14 30.46
N PHE N 248 34.00 20.56 30.88
CA PHE N 248 35.19 20.51 30.03
C PHE N 248 36.29 19.78 30.79
N ASP N 249 36.88 18.76 30.15
CA ASP N 249 37.74 17.82 30.86
C ASP N 249 39.09 18.40 31.27
N LYS N 250 39.67 19.31 30.47
CA LYS N 250 41.08 19.67 30.59
C LYS N 250 41.27 21.05 31.20
N GLU N 251 42.34 21.18 31.99
CA GLU N 251 42.77 22.50 32.45
C GLU N 251 43.01 23.44 31.27
N GLU N 252 43.57 22.93 30.18
CA GLU N 252 43.97 23.74 29.04
C GLU N 252 42.80 24.21 28.19
N ASP N 253 41.61 23.62 28.41
CA ASP N 253 40.43 23.99 27.63
C ASP N 253 40.03 25.44 27.83
N LEU N 254 40.50 26.08 28.91
CA LEU N 254 40.10 27.45 29.22
C LEU N 254 40.24 28.37 28.01
N GLU N 255 41.34 28.22 27.27
CA GLU N 255 41.64 29.11 26.15
C GLU N 255 40.54 29.06 25.10
N GLN N 256 40.17 27.85 24.65
CA GLN N 256 39.17 27.71 23.59
C GLN N 256 37.76 28.01 24.10
N ILE N 257 37.48 27.68 25.37
CA ILE N 257 36.19 28.03 25.96
C ILE N 257 35.93 29.53 25.83
N VAL N 258 36.90 30.33 26.27
CA VAL N 258 36.77 31.78 26.21
C VAL N 258 36.55 32.23 24.78
N ASP N 259 37.32 31.68 23.84
CA ASP N 259 37.34 32.21 22.49
C ASP N 259 36.05 31.89 21.74
N ILE N 260 35.46 30.72 21.96
CA ILE N 260 34.15 30.44 21.36
C ILE N 260 33.06 31.25 22.04
N MET N 261 33.22 31.51 23.34
CA MET N 261 32.19 32.25 24.09
C MET N 261 31.96 33.63 23.51
N LEU N 262 33.05 34.39 23.26
CA LEU N 262 32.94 35.82 22.95
C LEU N 262 32.01 36.13 21.79
N PRO N 263 32.08 35.47 20.63
CA PRO N 263 31.15 35.84 19.55
C PRO N 263 29.69 35.58 19.93
N LEU N 264 29.44 34.62 20.83
CA LEU N 264 28.10 34.29 21.32
C LEU N 264 27.60 35.22 22.40
N ARG N 265 28.48 36.03 22.98
CA ARG N 265 28.16 36.87 24.12
C ARG N 265 28.02 38.34 23.77
N ILE N 266 28.84 38.85 22.84
CA ILE N 266 28.98 40.29 22.67
C ILE N 266 27.69 40.95 22.22
N ASN N 267 26.79 40.19 21.58
CA ASN N 267 25.48 40.70 21.20
C ASN N 267 24.38 40.17 22.11
N MET N 268 24.73 39.78 23.34
CA MET N 268 23.78 39.30 24.34
C MET N 268 22.81 38.24 23.80
N ALA N 269 23.19 37.57 22.70
CA ALA N 269 22.47 36.46 22.12
C ALA N 269 23.50 35.65 21.35
N PRO N 270 23.51 34.32 21.47
CA PRO N 270 22.60 33.52 22.31
C PRO N 270 22.82 33.56 23.82
N LEU N 271 23.97 34.06 24.31
CA LEU N 271 24.24 34.09 25.75
C LEU N 271 23.59 35.37 26.31
N GLN N 272 22.33 35.24 26.72
CA GLN N 272 21.59 36.42 27.18
C GLN N 272 21.91 36.78 28.61
N ASN N 273 22.31 35.79 29.42
CA ASN N 273 22.66 36.06 30.80
C ASN N 273 24.18 36.20 30.91
N VAL N 274 24.66 36.50 32.11
CA VAL N 274 26.07 36.58 32.42
C VAL N 274 26.61 35.18 32.68
N PRO N 275 27.31 34.56 31.73
CA PRO N 275 27.87 33.22 31.98
C PRO N 275 28.94 33.25 33.05
N VAL N 276 29.05 32.13 33.78
CA VAL N 276 30.12 31.93 34.74
C VAL N 276 30.87 30.66 34.36
N LEU N 277 32.18 30.66 34.59
CA LEU N 277 33.01 29.50 34.29
C LEU N 277 33.84 29.22 35.55
N ARG N 278 33.63 28.06 36.15
CA ARG N 278 34.18 27.73 37.46
C ARG N 278 35.07 26.50 37.35
N ASN N 279 36.23 26.55 37.99
CA ASN N 279 37.08 25.36 38.06
C ASN N 279 36.47 24.33 39.01
N ILE N 280 37.06 23.12 39.02
CA ILE N 280 36.45 22.04 39.79
C ILE N 280 36.71 22.22 41.28
N PHE N 281 37.74 22.99 41.65
CA PHE N 281 37.93 23.31 43.05
C PHE N 281 36.79 24.17 43.58
N MET N 282 36.34 25.15 42.79
CA MET N 282 35.22 25.98 43.20
C MET N 282 33.94 25.17 43.35
N ASP N 283 33.70 24.21 42.45
CA ASP N 283 32.45 23.43 42.46
C ASP N 283 32.46 22.40 43.58
N ALA N 284 33.56 21.67 43.74
CA ALA N 284 33.66 20.69 44.81
C ALA N 284 33.58 21.33 46.18
N ALA N 285 34.17 22.52 46.35
CA ALA N 285 34.01 23.25 47.60
C ALA N 285 32.54 23.56 47.90
N ALA N 286 31.70 23.69 46.88
CA ALA N 286 30.29 23.95 47.16
C ALA N 286 29.58 22.74 47.73
N VAL N 287 30.07 21.53 47.44
CA VAL N 287 29.36 20.29 47.75
C VAL N 287 30.18 19.31 48.57
N SER N 288 31.39 19.67 49.00
CA SER N 288 32.25 18.72 49.71
C SER N 288 33.23 19.47 50.60
N LYS N 289 33.95 18.71 51.42
CA LYS N 289 35.09 19.18 52.19
C LYS N 289 36.38 18.65 51.58
N ARG N 290 37.46 19.40 51.77
CA ARG N 290 38.73 19.05 51.13
C ARG N 290 39.20 17.65 51.53
N THR N 291 38.98 17.28 52.79
CA THR N 291 39.43 15.98 53.30
C THR N 291 38.72 14.80 52.65
N GLU N 292 37.63 15.03 51.89
CA GLU N 292 37.02 13.95 51.13
C GLU N 292 37.91 13.52 49.97
N TRP N 293 38.77 14.42 49.51
CA TRP N 293 39.53 14.22 48.30
C TRP N 293 41.02 14.02 48.55
N PHE N 294 41.52 14.48 49.70
CA PHE N 294 42.94 14.47 49.99
C PHE N 294 43.16 14.88 51.43
N ASP N 295 43.94 14.10 52.16
CA ASP N 295 44.01 14.20 53.60
C ASP N 295 45.22 14.98 54.10
N GLY N 296 46.17 15.30 53.22
CA GLY N 296 47.49 15.57 53.71
C GLY N 296 48.27 16.76 53.16
N ASP N 297 49.34 16.44 52.46
CA ASP N 297 50.49 17.33 52.38
C ASP N 297 50.38 18.26 51.16
N GLY N 298 50.14 19.52 51.43
CA GLY N 298 50.36 20.56 50.46
C GLY N 298 49.29 20.67 49.41
N PRO N 299 49.69 21.07 48.20
CA PRO N 299 48.73 21.22 47.10
C PRO N 299 48.21 19.85 46.68
N MET N 300 47.07 19.86 46.02
CA MET N 300 46.37 18.60 45.81
C MET N 300 46.90 17.90 44.57
N PRO N 301 47.23 16.61 44.66
CA PRO N 301 47.75 15.89 43.49
C PRO N 301 46.68 15.69 42.43
N ALA N 302 47.14 15.34 41.22
CA ALA N 302 46.26 15.26 40.06
C ALA N 302 45.30 14.08 40.16
N GLU N 303 45.77 12.94 40.70
CA GLU N 303 44.88 11.80 40.90
C GLU N 303 43.71 12.17 41.80
N ALA N 304 43.94 13.07 42.76
CA ALA N 304 42.88 13.52 43.66
C ALA N 304 41.90 14.45 42.94
N ILE N 305 42.39 15.29 42.01
CA ILE N 305 41.49 16.12 41.23
C ILE N 305 40.62 15.26 40.32
N GLU N 306 41.21 14.20 39.74
CA GLU N 306 40.42 13.39 38.82
C GLU N 306 39.32 12.66 39.55
N ARG N 307 39.55 12.31 40.83
CA ARG N 307 38.49 11.71 41.66
C ARG N 307 37.36 12.70 41.92
N MET N 308 37.69 13.95 42.28
CA MET N 308 36.69 15.02 42.30
C MET N 308 35.88 15.03 41.02
N LYS N 309 36.56 15.00 39.87
CA LYS N 309 35.90 15.11 38.56
C LYS N 309 34.96 13.94 38.30
N LYS N 310 35.43 12.71 38.55
CA LYS N 310 34.62 11.54 38.25
C LYS N 310 33.49 11.39 39.26
N ASP N 311 33.75 11.68 40.54
CA ASP N 311 32.72 11.51 41.58
C ASP N 311 31.53 12.47 41.37
N LEU N 312 31.80 13.73 41.07
CA LEU N 312 30.74 14.72 40.90
C LEU N 312 30.28 14.84 39.46
N ASP N 313 30.84 14.04 38.55
CA ASP N 313 30.56 14.12 37.12
C ASP N 313 30.68 15.57 36.65
N LEU N 314 31.86 16.15 36.86
CA LEU N 314 32.13 17.54 36.50
C LEU N 314 33.49 17.61 35.84
N GLY N 315 33.67 18.62 34.97
CA GLY N 315 34.96 18.84 34.33
C GLY N 315 35.91 19.64 35.21
N PHE N 316 37.11 19.88 34.69
CA PHE N 316 37.99 20.84 35.36
C PHE N 316 37.43 22.25 35.23
N TRP N 317 36.76 22.55 34.12
CA TRP N 317 36.06 23.81 33.93
C TRP N 317 34.59 23.53 33.68
N ASN N 318 33.73 24.25 34.37
CA ASN N 318 32.30 24.05 34.32
C ASN N 318 31.60 25.37 34.00
N PHE N 319 30.88 25.39 32.89
CA PHE N 319 30.23 26.56 32.31
C PHE N 319 28.75 26.56 32.67
N TYR N 320 28.27 27.64 33.29
CA TYR N 320 26.86 27.73 33.67
C TYR N 320 26.17 28.91 32.98
N GLY N 321 25.04 28.65 32.34
CA GLY N 321 24.34 29.69 31.63
C GLY N 321 22.83 29.49 31.71
N THR N 322 22.10 30.56 31.38
CA THR N 322 20.65 30.56 31.44
C THR N 322 20.05 31.25 30.21
N LEU N 323 19.04 30.63 29.62
CA LEU N 323 18.33 31.20 28.49
C LEU N 323 16.91 31.60 28.89
N TYR N 324 16.38 32.64 28.24
CA TYR N 324 15.06 33.18 28.58
C TYR N 324 14.25 33.38 27.31
N GLY N 325 12.92 33.23 27.43
CA GLY N 325 12.01 33.62 26.37
C GLY N 325 10.99 32.56 26.03
N PRO N 326 10.32 32.69 24.88
CA PRO N 326 9.46 31.62 24.40
C PRO N 326 10.23 30.34 24.23
N PRO N 327 9.58 29.18 24.40
CA PRO N 327 10.28 27.88 24.27
C PRO N 327 10.95 27.68 22.93
N PRO N 328 10.41 28.18 21.80
CA PRO N 328 11.20 28.08 20.55
C PRO N 328 12.56 28.78 20.64
N LEU N 329 12.56 30.05 21.08
CA LEU N 329 13.80 30.81 21.19
C LEU N 329 14.83 30.09 22.06
N ILE N 330 14.37 29.48 23.16
CA ILE N 330 15.29 28.78 24.06
C ILE N 330 15.97 27.64 23.34
N GLU N 331 15.22 26.86 22.55
CA GLU N 331 15.80 25.69 21.92
C GLU N 331 16.71 26.09 20.76
N MET N 332 16.40 27.18 20.05
CA MET N 332 17.31 27.66 19.02
C MET N 332 18.63 28.12 19.63
N TYR N 333 18.57 29.02 20.61
CA TYR N 333 19.78 29.48 21.31
C TYR N 333 20.55 28.30 21.92
N TYR N 334 19.84 27.39 22.60
CA TYR N 334 20.51 26.20 23.13
C TYR N 334 21.08 25.34 22.02
N GLY N 335 20.49 25.40 20.83
CA GLY N 335 21.06 24.72 19.68
C GLY N 335 22.36 25.35 19.23
N MET N 336 22.37 26.69 19.10
CA MET N 336 23.57 27.41 18.66
C MET N 336 24.72 27.22 19.64
N ILE N 337 24.40 27.16 20.94
CA ILE N 337 25.41 27.07 21.99
C ILE N 337 26.08 25.70 21.95
N LYS N 338 25.31 24.64 21.67
CA LYS N 338 25.86 23.28 21.63
C LYS N 338 26.75 23.08 20.42
N GLU N 339 26.29 23.52 19.24
CA GLU N 339 27.08 23.46 18.02
C GLU N 339 28.43 24.15 18.18
N ALA N 340 28.46 25.24 18.95
CA ALA N 340 29.67 26.04 19.12
C ALA N 340 30.61 25.42 20.14
N PHE N 341 30.13 25.16 21.35
CA PHE N 341 30.98 24.59 22.39
C PHE N 341 31.23 23.10 22.19
N GLY N 342 30.48 22.46 21.30
CA GLY N 342 30.74 21.07 20.96
C GLY N 342 31.91 20.83 20.02
N LYS N 343 32.57 21.90 19.55
CA LYS N 343 33.85 21.74 18.86
C LYS N 343 34.98 21.30 19.82
N ILE N 344 34.82 21.50 21.12
CA ILE N 344 35.87 21.22 22.10
C ILE N 344 35.83 19.76 22.52
N PRO N 345 36.86 18.96 22.21
CA PRO N 345 36.83 17.54 22.59
C PRO N 345 36.63 17.36 24.09
N GLY N 346 35.68 16.50 24.44
CA GLY N 346 35.39 16.21 25.82
C GLY N 346 34.40 17.14 26.48
N ALA N 347 33.64 17.93 25.71
CA ALA N 347 32.56 18.73 26.26
C ALA N 347 31.28 17.91 26.34
N ARG N 348 30.52 18.12 27.42
CA ARG N 348 29.27 17.43 27.68
C ARG N 348 28.28 18.43 28.23
N PHE N 349 27.00 18.25 27.88
CA PHE N 349 25.96 19.25 28.14
C PHE N 349 24.89 18.72 29.09
N PHE N 350 24.30 19.62 29.88
CA PHE N 350 23.37 19.25 30.94
C PHE N 350 22.41 20.41 31.19
N THR N 351 21.12 20.25 30.89
CA THR N 351 20.15 21.25 31.31
C THR N 351 19.84 21.11 32.81
N HIS N 352 19.13 22.10 33.35
CA HIS N 352 18.77 22.08 34.77
C HIS N 352 17.80 20.96 35.11
N GLU N 353 17.05 20.46 34.13
CA GLU N 353 16.13 19.36 34.36
C GLU N 353 16.83 18.00 34.41
N GLU N 354 18.11 17.91 34.04
CA GLU N 354 18.77 16.65 33.72
C GLU N 354 19.80 16.20 34.74
N ARG N 355 19.85 16.79 35.94
CA ARG N 355 20.93 16.44 36.86
C ARG N 355 20.51 16.67 38.32
N ASP N 356 20.08 15.59 38.99
CA ASP N 356 19.63 15.57 40.37
C ASP N 356 20.76 15.29 41.35
N ASP N 357 21.93 14.91 40.85
CA ASP N 357 23.01 14.34 41.63
C ASP N 357 23.73 15.44 42.42
N ARG N 358 24.76 15.00 43.17
CA ARG N 358 25.44 15.92 44.08
C ARG N 358 26.12 17.05 43.32
N GLY N 359 26.75 16.71 42.19
CA GLY N 359 27.47 17.72 41.43
C GLY N 359 26.56 18.73 40.76
N GLY N 360 25.32 18.34 40.42
CA GLY N 360 24.37 19.25 39.82
C GLY N 360 23.81 20.30 40.75
N HIS N 361 24.25 20.32 42.00
CA HIS N 361 23.71 21.25 42.98
C HIS N 361 24.11 22.68 42.63
N VAL N 362 25.34 22.87 42.12
CA VAL N 362 25.78 24.19 41.69
C VAL N 362 24.91 24.67 40.54
N LEU N 363 24.70 23.81 39.54
CA LEU N 363 23.76 24.09 38.48
C LEU N 363 22.38 24.48 39.04
N GLN N 364 21.87 23.70 39.99
CA GLN N 364 20.54 24.02 40.52
C GLN N 364 20.56 25.36 41.21
N ASP N 365 21.69 25.69 41.84
CA ASP N 365 21.85 26.97 42.53
C ASP N 365 21.92 28.12 41.52
N ARG N 366 22.72 27.97 40.46
CA ARG N 366 22.79 29.01 39.44
C ARG N 366 21.44 29.24 38.77
N HIS N 367 20.65 28.18 38.60
CA HIS N 367 19.32 28.32 38.00
C HIS N 367 18.41 29.22 38.84
N LYS N 368 18.55 29.17 40.18
CA LYS N 368 17.85 30.13 41.05
C LYS N 368 18.43 31.53 40.87
N ILE N 369 19.71 31.69 41.22
CA ILE N 369 20.43 32.97 41.09
C ILE N 369 20.12 33.64 39.76
N ASN N 370 20.14 32.87 38.65
CA ASN N 370 20.01 33.47 37.34
C ASN N 370 18.58 33.84 37.00
N ASN N 371 17.62 33.42 37.83
CA ASN N 371 16.24 33.84 37.71
C ASN N 371 15.82 34.78 38.83
N GLY N 372 16.79 35.24 39.63
CA GLY N 372 16.48 36.18 40.69
C GLY N 372 15.88 35.56 41.93
N ILE N 373 16.22 34.31 42.20
CA ILE N 373 15.75 33.66 43.43
C ILE N 373 16.94 33.63 44.38
N PRO N 374 17.01 34.54 45.34
CA PRO N 374 18.20 34.63 46.19
C PRO N 374 18.44 33.31 46.91
N SER N 375 19.70 33.08 47.25
CA SER N 375 20.11 31.83 47.86
C SER N 375 21.33 32.11 48.71
N LEU N 376 21.55 31.24 49.71
CA LEU N 376 22.82 31.20 50.44
C LEU N 376 23.50 29.85 50.34
N ASP N 377 23.04 28.98 49.43
CA ASP N 377 23.62 27.65 49.18
C ASP N 377 25.14 27.70 49.13
N GLU N 378 25.67 28.77 48.53
CA GLU N 378 27.09 28.93 48.31
C GLU N 378 27.90 29.09 49.59
N LEU N 379 27.26 29.35 50.74
CA LEU N 379 28.03 29.42 51.98
C LEU N 379 28.71 28.10 52.30
N GLN N 380 28.21 26.97 51.76
CA GLN N 380 28.82 25.68 51.98
C GLN N 380 30.27 25.64 51.50
N GLN N 381 30.67 26.60 50.65
CA GLN N 381 32.06 26.69 50.21
C GLN N 381 33.01 26.91 51.38
N LEU N 382 32.55 27.57 52.43
CA LEU N 382 33.44 27.82 53.54
C LEU N 382 33.60 26.59 54.43
N ASP N 383 32.93 25.48 54.12
CA ASP N 383 33.20 24.22 54.79
C ASP N 383 34.33 23.45 54.15
N TRP N 384 34.95 24.00 53.09
CA TRP N 384 36.08 23.34 52.44
C TRP N 384 37.18 22.97 53.45
N VAL N 385 37.40 23.82 54.44
CA VAL N 385 38.39 23.58 55.49
C VAL N 385 37.83 24.11 56.82
N PRO N 386 38.42 23.67 57.95
CA PRO N 386 37.96 24.18 59.26
C PRO N 386 38.13 25.68 59.40
N ASN N 387 37.14 26.32 60.05
CA ASN N 387 37.10 27.77 60.26
C ASN N 387 37.24 28.53 58.95
N GLY N 388 36.54 28.05 57.92
CA GLY N 388 36.65 28.57 56.57
C GLY N 388 36.38 30.04 56.39
N GLY N 389 37.38 30.78 55.90
CA GLY N 389 37.21 32.13 55.41
C GLY N 389 37.57 32.23 53.94
N HIS N 390 37.30 33.40 53.35
CA HIS N 390 37.78 33.67 52.01
C HIS N 390 38.12 35.15 51.83
N ILE N 391 39.09 35.39 50.93
CA ILE N 391 39.39 36.71 50.40
C ILE N 391 39.12 36.68 48.90
N GLY N 392 38.75 37.83 48.36
CA GLY N 392 38.47 37.92 46.94
C GLY N 392 39.55 38.70 46.19
N PHE N 393 40.28 38.03 45.32
CA PHE N 393 41.26 38.66 44.44
C PHE N 393 40.70 38.61 43.03
N VAL N 394 40.18 39.74 42.54
CA VAL N 394 39.45 39.73 41.27
C VAL N 394 40.05 40.67 40.22
N PRO N 395 41.06 40.22 39.49
CA PRO N 395 41.53 40.98 38.34
C PRO N 395 40.50 40.96 37.21
N VAL N 396 40.46 42.08 36.48
CA VAL N 396 39.65 42.22 35.26
C VAL N 396 40.50 41.73 34.09
N SER N 397 39.89 40.92 33.22
CA SER N 397 40.56 40.33 32.08
C SER N 397 39.82 40.68 30.80
N ALA N 398 40.56 40.78 29.70
CA ALA N 398 39.92 40.87 28.40
C ALA N 398 39.31 39.51 28.06
N PRO N 399 38.16 39.49 27.42
CA PRO N 399 37.57 38.17 27.11
C PRO N 399 38.35 37.53 25.96
N ASP N 400 39.52 37.01 26.31
CA ASP N 400 40.43 36.39 25.36
C ASP N 400 41.06 35.18 26.04
N GLY N 401 41.19 34.09 25.28
CA GLY N 401 41.63 32.84 25.87
C GLY N 401 43.04 32.91 26.41
N ARG N 402 43.97 33.40 25.60
CA ARG N 402 45.36 33.41 26.04
C ARG N 402 45.53 34.30 27.26
N GLU N 403 44.82 35.44 27.28
CA GLU N 403 44.87 36.31 28.45
C GLU N 403 44.31 35.60 29.67
N ALA N 404 43.14 34.96 29.51
CA ALA N 404 42.58 34.19 30.61
C ALA N 404 43.54 33.11 31.04
N MET N 405 44.15 32.43 30.06
CA MET N 405 45.07 31.36 30.39
C MET N 405 46.28 31.86 31.17
N LYS N 406 46.80 33.05 30.84
CA LYS N 406 47.98 33.52 31.56
C LYS N 406 47.63 34.05 32.94
N GLN N 407 46.39 34.53 33.13
CA GLN N 407 45.94 34.89 34.46
C GLN N 407 45.77 33.65 35.33
N PHE N 408 45.25 32.58 34.72
CA PHE N 408 45.08 31.30 35.41
C PHE N 408 46.40 30.78 35.97
N GLU N 409 47.46 30.77 35.14
CA GLU N 409 48.73 30.18 35.55
C GLU N 409 49.50 31.11 36.48
N MET N 410 49.39 32.43 36.28
CA MET N 410 50.03 33.33 37.23
C MET N 410 49.43 33.16 38.62
N VAL N 411 48.10 33.05 38.71
CA VAL N 411 47.49 32.90 40.02
C VAL N 411 47.72 31.49 40.57
N ARG N 412 47.50 30.47 39.73
CA ARG N 412 47.71 29.10 40.23
C ARG N 412 49.13 28.89 40.72
N ASN N 413 50.13 29.52 40.10
CA ASN N 413 51.51 29.29 40.51
C ASN N 413 51.80 29.90 41.87
N ARG N 414 51.34 31.14 42.11
CA ARG N 414 51.51 31.72 43.44
C ARG N 414 50.69 31.00 44.51
N ALA N 415 49.51 30.48 44.14
CA ALA N 415 48.71 29.75 45.12
C ALA N 415 49.39 28.46 45.55
N ASN N 416 50.09 27.80 44.63
CA ASN N 416 50.91 26.65 45.01
C ASN N 416 52.05 27.07 45.94
N GLU N 417 52.65 28.24 45.68
CA GLU N 417 53.78 28.71 46.47
C GLU N 417 53.38 28.98 47.91
N TYR N 418 52.26 29.66 48.12
CA TYR N 418 51.84 29.98 49.47
C TYR N 418 50.87 28.96 50.04
N ASN N 419 50.75 27.80 49.39
CA ASN N 419 50.07 26.65 50.00
C ASN N 419 48.58 26.90 50.19
N LYS N 420 47.95 27.49 49.18
CA LYS N 420 46.50 27.70 49.19
C LYS N 420 45.90 27.15 47.91
N ASP N 421 44.65 26.74 48.00
CA ASP N 421 43.91 26.23 46.84
C ASP N 421 43.32 27.39 46.04
N TYR N 422 43.34 27.25 44.72
CA TYR N 422 42.92 28.30 43.81
C TYR N 422 41.53 27.99 43.28
N MET N 423 40.53 28.70 43.81
CA MET N 423 39.13 28.58 43.37
C MET N 423 38.81 29.72 42.41
N ALA N 424 38.34 29.38 41.21
CA ALA N 424 38.18 30.36 40.16
C ALA N 424 36.74 30.40 39.67
N GLN N 425 36.24 31.62 39.45
CA GLN N 425 34.97 31.87 38.76
C GLN N 425 35.16 33.05 37.81
N PHE N 426 35.10 32.80 36.50
CA PHE N 426 35.14 33.87 35.50
C PHE N 426 33.73 34.37 35.25
N VAL N 427 33.49 35.65 35.49
CA VAL N 427 32.19 36.29 35.31
C VAL N 427 32.27 37.20 34.08
N ILE N 428 31.38 36.96 33.13
CA ILE N 428 31.66 37.29 31.74
C ILE N 428 30.68 38.35 31.27
N GLY N 429 31.18 39.57 31.08
CA GLY N 429 30.41 40.69 30.55
C GLY N 429 30.40 40.66 29.03
N LEU N 430 30.23 41.83 28.42
CA LEU N 430 30.24 41.86 26.96
C LEU N 430 31.65 41.99 26.41
N ARG N 431 32.47 42.81 27.07
CA ARG N 431 33.79 43.15 26.59
C ARG N 431 34.84 42.95 27.67
N GLU N 432 34.48 42.28 28.76
CA GLU N 432 35.33 42.21 29.94
C GLU N 432 34.93 41.00 30.76
N MET N 433 35.91 40.43 31.47
CA MET N 433 35.65 39.37 32.45
C MET N 433 36.19 39.74 33.82
N TYR N 434 35.41 39.44 34.85
CA TYR N 434 35.88 39.45 36.24
C TYR N 434 36.45 38.07 36.55
N HIS N 435 37.77 37.98 36.74
CA HIS N 435 38.40 36.70 37.10
C HIS N 435 38.40 36.56 38.62
N VAL N 436 37.31 36.02 39.17
CA VAL N 436 37.19 35.89 40.62
C VAL N 436 38.06 34.72 41.09
N CYS N 437 39.05 35.03 41.93
CA CYS N 437 39.89 34.03 42.59
C CYS N 437 39.55 34.07 44.09
N LEU N 438 38.86 33.04 44.57
CA LEU N 438 38.56 32.88 45.98
C LEU N 438 39.66 32.06 46.63
N PHE N 439 40.27 32.60 47.67
CA PHE N 439 41.24 31.85 48.44
C PHE N 439 40.57 31.51 49.76
N ILE N 440 40.20 30.23 49.92
CA ILE N 440 39.54 29.74 51.14
C ILE N 440 40.62 29.23 52.10
N TYR N 441 40.53 29.64 53.36
CA TYR N 441 41.59 29.36 54.31
C TYR N 441 41.03 29.29 55.73
N ASP N 442 41.92 28.92 56.65
CA ASP N 442 41.61 28.68 58.06
C ASP N 442 41.77 29.99 58.84
N THR N 443 40.64 30.61 59.21
CA THR N 443 40.72 31.91 59.89
C THR N 443 41.30 31.81 61.30
N ALA N 444 41.20 30.65 61.97
CA ALA N 444 41.80 30.49 63.29
C ALA N 444 43.31 30.58 63.23
N ASP N 445 43.91 30.27 62.08
CA ASP N 445 45.33 30.00 61.92
C ASP N 445 46.10 31.29 61.63
N PRO N 446 46.98 31.76 62.53
CA PRO N 446 47.71 33.00 62.23
C PRO N 446 48.59 32.91 60.99
N GLU N 447 49.29 31.79 60.78
CA GLU N 447 50.22 31.77 59.65
C GLU N 447 49.49 31.72 58.31
N ALA N 448 48.27 31.15 58.27
CA ALA N 448 47.49 31.13 57.04
C ALA N 448 46.91 32.51 56.75
N ARG N 449 46.47 33.25 57.77
CA ARG N 449 46.11 34.64 57.57
C ARG N 449 47.28 35.44 56.99
N GLU N 450 48.47 35.28 57.57
CA GLU N 450 49.63 36.00 57.05
C GLU N 450 50.05 35.48 55.68
N GLU N 451 49.83 34.19 55.42
CA GLU N 451 50.10 33.69 54.07
C GLU N 451 49.10 34.23 53.07
N ILE N 452 47.86 34.46 53.51
CA ILE N 452 46.87 35.06 52.62
C ILE N 452 47.25 36.50 52.28
N LEU N 453 47.68 37.28 53.29
CA LEU N 453 47.98 38.68 53.07
C LEU N 453 49.20 38.85 52.17
N GLN N 454 50.29 38.15 52.50
CA GLN N 454 51.52 38.27 51.71
C GLN N 454 51.33 37.77 50.28
N MET N 455 50.57 36.68 50.10
CA MET N 455 50.33 36.16 48.76
C MET N 455 49.51 37.13 47.90
N THR N 456 48.46 37.73 48.47
CA THR N 456 47.66 38.63 47.65
C THR N 456 48.41 39.94 47.37
N LYS N 457 49.21 40.42 48.32
CA LYS N 457 50.05 41.59 48.07
C LYS N 457 50.98 41.35 46.88
N VAL N 458 51.57 40.15 46.80
CA VAL N 458 52.43 39.76 45.67
C VAL N 458 51.62 39.65 44.38
N LEU N 459 50.39 39.12 44.46
CA LEU N 459 49.56 38.99 43.26
C LEU N 459 49.06 40.35 42.76
N VAL N 460 48.75 41.29 43.65
CA VAL N 460 48.34 42.62 43.21
C VAL N 460 49.49 43.29 42.44
N ARG N 461 50.73 43.16 42.94
CA ARG N 461 51.90 43.74 42.28
C ARG N 461 52.23 43.00 40.99
N GLU N 462 52.15 41.66 41.02
CA GLU N 462 52.50 40.87 39.86
C GLU N 462 51.48 41.03 38.74
N ALA N 463 50.21 41.18 39.10
CA ALA N 463 49.17 41.41 38.10
C ALA N 463 49.30 42.79 37.47
N ALA N 464 49.83 43.77 38.21
CA ALA N 464 49.99 45.10 37.64
C ALA N 464 51.16 45.14 36.66
N GLU N 465 52.29 44.49 37.01
CA GLU N 465 53.41 44.36 36.08
C GLU N 465 52.96 43.79 34.73
N ALA N 466 51.94 42.95 34.73
CA ALA N 466 51.45 42.30 33.52
C ALA N 466 50.30 43.05 32.87
N GLY N 467 49.92 44.23 33.40
CA GLY N 467 48.90 45.06 32.81
C GLY N 467 47.48 44.87 33.29
N TYR N 468 47.28 44.16 34.40
CA TYR N 468 45.95 43.83 34.91
C TYR N 468 45.70 44.55 36.24
N GLY N 469 44.48 45.06 36.39
CA GLY N 469 44.04 45.70 37.61
C GLY N 469 42.82 45.00 38.16
N GLU N 470 42.56 45.17 39.46
CA GLU N 470 41.40 44.57 40.09
C GLU N 470 40.24 45.57 40.15
N TYR N 471 39.02 45.06 40.07
CA TYR N 471 37.84 45.91 40.06
C TYR N 471 37.36 46.28 41.45
N ARG N 472 37.86 45.59 42.49
CA ARG N 472 37.29 45.61 43.82
C ARG N 472 38.23 44.82 44.74
N THR N 473 38.46 45.28 45.98
CA THR N 473 39.48 44.63 46.79
C THR N 473 39.18 44.80 48.28
N HIS N 474 39.93 44.04 49.08
CA HIS N 474 39.86 44.00 50.54
C HIS N 474 40.49 45.24 51.18
N ASN N 475 39.98 45.62 52.37
CA ASN N 475 40.58 46.71 53.16
C ASN N 475 42.08 46.66 53.14
N ALA N 476 42.64 45.47 53.39
CA ALA N 476 44.07 45.34 53.56
C ALA N 476 44.86 45.56 52.27
N LEU N 477 44.21 45.50 51.10
CA LEU N 477 44.95 45.62 49.84
C LEU N 477 44.62 46.88 49.06
N MET N 478 43.77 47.76 49.62
CA MET N 478 43.28 48.93 48.91
C MET N 478 44.40 49.91 48.55
N ASP N 479 45.29 50.22 49.50
CA ASP N 479 46.42 51.09 49.18
C ASP N 479 47.26 50.48 48.06
N ASP N 480 47.55 49.18 48.16
CA ASP N 480 48.35 48.52 47.13
C ASP N 480 47.66 48.60 45.77
N VAL N 481 46.33 48.53 45.76
CA VAL N 481 45.59 48.47 44.50
C VAL N 481 45.47 49.86 43.87
N MET N 482 45.15 50.88 44.66
CA MET N 482 45.12 52.23 44.10
C MET N 482 46.50 52.66 43.59
N ALA N 483 47.57 52.15 44.21
CA ALA N 483 48.92 52.50 43.79
C ALA N 483 49.26 51.99 42.39
N THR N 484 48.60 50.92 41.94
CA THR N 484 48.79 50.45 40.57
C THR N 484 48.16 51.39 39.54
N PHE N 485 47.12 52.14 39.91
CA PHE N 485 46.42 52.97 38.93
C PHE N 485 47.10 54.33 38.81
N ASN N 486 48.41 54.28 38.56
CA ASN N 486 49.30 55.41 38.80
C ASN N 486 49.68 56.17 37.53
N TRP N 487 48.93 56.03 36.44
CA TRP N 487 49.26 56.77 35.23
C TRP N 487 49.42 58.25 35.52
N GLY N 488 50.46 58.85 34.94
CA GLY N 488 50.65 60.29 35.07
C GLY N 488 51.09 60.72 36.46
N ASP N 489 52.02 59.96 37.05
CA ASP N 489 52.47 60.16 38.44
C ASP N 489 51.30 60.25 39.42
N GLY N 490 50.42 59.26 39.36
CA GLY N 490 49.38 59.16 40.38
C GLY N 490 48.24 60.13 40.16
N ALA N 491 47.93 60.44 38.90
CA ALA N 491 47.06 61.56 38.62
C ALA N 491 45.64 61.30 39.05
N LEU N 492 45.17 60.05 38.95
CA LEU N 492 43.81 59.73 39.33
C LEU N 492 43.63 59.92 40.84
N LEU N 493 44.58 59.44 41.63
CA LEU N 493 44.50 59.56 43.08
C LEU N 493 44.52 61.02 43.52
N LYS N 494 45.41 61.82 42.93
CA LYS N 494 45.46 63.24 43.28
C LYS N 494 44.12 63.91 43.00
N PHE N 495 43.47 63.54 41.89
CA PHE N 495 42.14 64.03 41.56
C PHE N 495 41.14 63.72 42.69
N HIS N 496 41.01 62.42 43.01
CA HIS N 496 40.11 62.00 44.08
C HIS N 496 40.45 62.70 45.39
N GLU N 497 41.73 62.67 45.78
CA GLU N 497 42.15 63.34 47.00
C GLU N 497 41.63 64.78 47.06
N LYS N 498 41.82 65.54 45.98
CA LYS N 498 41.35 66.93 45.96
C LYS N 498 39.82 67.03 46.11
N ILE N 499 39.06 66.10 45.53
CA ILE N 499 37.61 66.14 45.71
C ILE N 499 37.26 65.75 47.14
N LYS N 500 37.99 64.80 47.72
CA LYS N 500 37.73 64.38 49.09
C LYS N 500 37.95 65.53 50.08
N ASP N 501 39.09 66.22 49.97
CA ASP N 501 39.40 67.34 50.86
C ASP N 501 38.43 68.50 50.70
N ALA N 502 37.76 68.62 49.54
CA ALA N 502 36.83 69.73 49.34
C ALA N 502 35.48 69.46 50.00
N LEU N 503 35.03 68.22 50.01
CA LEU N 503 33.75 67.88 50.60
C LEU N 503 33.87 67.42 52.05
N ASP N 504 35.10 67.11 52.48
CA ASP N 504 35.36 66.49 53.79
C ASP N 504 36.58 67.16 54.41
N PRO N 505 36.50 68.47 54.72
CA PRO N 505 37.69 69.16 55.25
C PRO N 505 38.21 68.58 56.57
N ASN N 506 37.36 67.90 57.36
CA ASN N 506 37.78 67.35 58.65
C ASN N 506 38.20 65.90 58.57
N GLY N 507 38.07 65.28 57.39
CA GLY N 507 38.52 63.93 57.15
C GLY N 507 37.71 62.90 57.91
N ILE N 508 36.40 62.91 57.71
CA ILE N 508 35.46 62.13 58.52
C ILE N 508 35.16 60.77 57.88
N ILE N 509 34.73 60.74 56.62
CA ILE N 509 34.03 59.58 56.06
C ILE N 509 35.03 58.54 55.55
N ALA N 510 34.93 57.33 56.07
CA ALA N 510 35.73 56.14 55.72
C ALA N 510 37.10 56.46 55.15
N PRO N 511 37.99 57.09 55.92
CA PRO N 511 39.30 57.45 55.37
C PRO N 511 40.07 56.20 54.98
N GLY N 512 40.77 56.28 53.84
CA GLY N 512 41.50 55.17 53.28
C GLY N 512 40.72 54.26 52.36
N LYS N 513 39.39 54.45 52.24
CA LYS N 513 38.62 53.65 51.28
C LYS N 513 39.17 53.83 49.86
N SER N 514 39.36 52.71 49.16
CA SER N 514 39.94 52.69 47.81
C SER N 514 41.31 53.38 47.77
N GLY N 515 42.01 53.43 48.90
CA GLY N 515 43.26 54.16 49.02
C GLY N 515 43.17 55.67 49.06
N ILE N 516 41.98 56.25 49.28
CA ILE N 516 41.80 57.70 49.27
C ILE N 516 41.83 58.19 50.73
N TRP N 517 42.84 58.97 51.07
CA TRP N 517 42.93 59.51 52.41
C TRP N 517 42.77 61.02 52.42
N PRO N 518 42.00 61.57 53.36
CA PRO N 518 41.95 63.03 53.52
C PRO N 518 43.25 63.58 54.11
N GLN N 519 43.38 64.92 54.09
CA GLN N 519 44.65 65.58 54.34
C GLN N 519 45.30 65.13 55.66
N ARG N 520 44.52 65.09 56.74
CA ARG N 520 45.08 64.83 58.07
C ARG N 520 45.73 63.46 58.22
N PHE N 521 45.43 62.52 57.33
CA PHE N 521 45.98 61.17 57.44
C PHE N 521 47.08 60.86 56.44
N ARG N 522 47.35 61.74 55.47
CA ARG N 522 48.34 61.43 54.44
C ARG N 522 49.75 61.69 54.95
N GLY N 523 50.60 60.67 54.86
CA GLY N 523 51.93 60.69 55.43
C GLY N 523 52.09 59.85 56.67
N GLN N 524 51.05 59.11 57.09
CA GLN N 524 51.11 58.22 58.24
C GLN N 524 50.91 56.77 57.83
N ASN N 525 51.34 55.86 58.71
CA ASN N 525 50.98 54.46 58.65
C ASN N 525 49.54 54.31 58.14
N LEU N 526 48.62 54.64 59.02
CA LEU N 526 47.20 54.50 58.81
C LEU N 526 46.42 55.53 59.61
N THR O 2 -38.43 21.91 28.63
CA THR O 2 -39.46 20.91 28.37
C THR O 2 -40.09 20.43 29.69
N ARG O 3 -41.31 19.90 29.58
CA ARG O 3 -41.92 19.19 30.68
C ARG O 3 -41.33 17.78 30.76
N THR O 4 -41.06 17.32 31.98
CA THR O 4 -40.49 15.99 32.19
C THR O 4 -41.60 14.95 32.20
N LEU O 5 -41.49 13.94 31.33
CA LEU O 5 -42.55 12.96 31.17
C LEU O 5 -42.09 11.51 30.99
N PRO O 6 -42.75 10.57 31.67
CA PRO O 6 -42.34 9.14 31.66
C PRO O 6 -42.25 8.60 30.25
N PRO O 7 -41.25 7.77 29.96
CA PRO O 7 -40.99 7.32 28.58
C PRO O 7 -42.21 6.65 27.93
N GLY O 8 -42.57 7.14 26.74
CA GLY O 8 -43.71 6.59 26.03
C GLY O 8 -45.06 6.97 26.62
N VAL O 9 -45.15 8.10 27.32
CA VAL O 9 -46.38 8.52 27.97
C VAL O 9 -46.68 9.97 27.56
N SER O 10 -47.85 10.17 26.96
CA SER O 10 -48.28 11.46 26.41
C SER O 10 -48.33 12.55 27.47
N ASP O 11 -48.54 13.78 27.02
CA ASP O 11 -48.81 14.86 27.96
C ASP O 11 -50.15 14.68 28.66
N GLU O 12 -51.11 14.07 27.98
CA GLU O 12 -52.45 13.99 28.54
C GLU O 12 -52.64 12.73 29.36
N ARG O 13 -52.16 11.57 28.86
CA ARG O 13 -52.17 10.35 29.67
C ARG O 13 -51.53 10.61 31.03
N PHE O 14 -50.49 11.44 31.06
CA PHE O 14 -49.83 11.78 32.33
C PHE O 14 -50.74 12.61 33.23
N ASP O 15 -51.40 13.65 32.68
CA ASP O 15 -52.24 14.49 33.52
C ASP O 15 -53.46 13.73 33.98
N ALA O 16 -53.95 12.81 33.14
CA ALA O 16 -54.99 11.89 33.55
C ALA O 16 -54.57 11.13 34.81
N ALA O 17 -53.37 10.54 34.80
CA ALA O 17 -52.86 9.83 35.96
C ALA O 17 -52.59 10.77 37.13
N LEU O 18 -52.09 11.98 36.87
CA LEU O 18 -51.81 12.90 37.98
C LEU O 18 -53.06 13.19 38.78
N GLN O 19 -54.23 13.25 38.13
CA GLN O 19 -55.45 13.42 38.88
C GLN O 19 -55.87 12.10 39.51
N ARG O 20 -55.75 10.99 38.76
CA ARG O 20 -55.86 9.66 39.37
C ARG O 20 -55.17 9.62 40.73
N PHE O 21 -53.92 10.09 40.77
CA PHE O 21 -53.17 10.13 42.03
C PHE O 21 -53.85 11.05 43.05
N ARG O 22 -54.20 12.27 42.60
CA ARG O 22 -54.80 13.27 43.50
C ARG O 22 -56.10 12.76 44.12
N ASP O 23 -56.89 11.99 43.35
CA ASP O 23 -58.07 11.34 43.92
C ASP O 23 -57.69 10.48 45.12
N VAL O 24 -56.53 9.84 45.07
CA VAL O 24 -56.12 8.89 46.11
C VAL O 24 -55.58 9.62 47.33
N VAL O 25 -54.66 10.57 47.12
CA VAL O 25 -53.93 11.20 48.24
C VAL O 25 -54.54 12.55 48.64
N GLY O 26 -54.89 13.38 47.66
CA GLY O 26 -55.28 14.76 47.92
C GLY O 26 -54.51 15.73 47.05
N ASP O 27 -55.14 16.84 46.64
CA ASP O 27 -54.51 17.74 45.68
C ASP O 27 -53.21 18.30 46.23
N LYS O 28 -53.19 18.60 47.53
CA LYS O 28 -52.01 19.15 48.18
C LYS O 28 -50.79 18.26 47.99
N TRP O 29 -51.00 16.94 47.95
CA TRP O 29 -49.93 15.95 48.05
C TRP O 29 -49.56 15.32 46.70
N VAL O 30 -49.64 16.11 45.63
CA VAL O 30 -49.09 15.75 44.32
C VAL O 30 -48.44 17.00 43.77
N LEU O 31 -47.11 16.99 43.65
CA LEU O 31 -46.34 18.14 43.17
C LEU O 31 -45.90 17.87 41.74
N SER O 32 -46.17 18.81 40.81
CA SER O 32 -45.91 18.54 39.40
C SER O 32 -45.38 19.71 38.59
N THR O 33 -45.17 20.89 39.17
CA THR O 33 -44.57 22.00 38.42
C THR O 33 -43.09 22.14 38.75
N ALA O 34 -42.32 22.55 37.74
CA ALA O 34 -40.87 22.68 37.86
C ALA O 34 -40.46 23.48 39.11
N ASP O 35 -41.31 24.43 39.55
CA ASP O 35 -41.03 25.16 40.78
C ASP O 35 -41.07 24.25 42.00
N GLU O 36 -42.05 23.35 42.05
CA GLU O 36 -42.18 22.41 43.16
C GLU O 36 -41.22 21.23 43.04
N LEU O 37 -40.65 21.01 41.84
CA LEU O 37 -39.83 19.86 41.53
C LEU O 37 -38.34 20.05 41.77
N GLU O 38 -37.87 21.28 42.03
CA GLU O 38 -36.42 21.43 42.17
C GLU O 38 -35.93 21.17 43.57
N ALA O 39 -36.82 21.14 44.59
CA ALA O 39 -36.43 20.65 45.90
C ALA O 39 -36.30 19.13 45.94
N PHE O 40 -36.60 18.44 44.84
CA PHE O 40 -36.45 17.00 44.74
C PHE O 40 -35.46 16.59 43.66
N ARG O 41 -34.75 17.55 43.08
CA ARG O 41 -33.64 17.23 42.19
C ARG O 41 -32.42 16.79 43.00
N ASP O 42 -31.53 16.07 42.34
CA ASP O 42 -30.32 15.58 42.99
C ASP O 42 -29.49 16.71 43.58
N PRO O 43 -29.39 16.82 44.91
CA PRO O 43 -28.74 18.00 45.50
C PRO O 43 -27.24 18.03 45.36
N TYR O 44 -26.59 16.89 45.12
CA TYR O 44 -25.17 16.81 44.73
C TYR O 44 -25.12 16.23 43.33
N PRO O 45 -25.51 17.00 42.32
CA PRO O 45 -25.61 16.44 40.96
C PRO O 45 -24.26 16.00 40.42
N VAL O 46 -24.31 15.05 39.49
CA VAL O 46 -23.12 14.42 38.93
C VAL O 46 -23.25 14.44 37.41
N GLY O 47 -22.15 14.76 36.73
CA GLY O 47 -22.16 14.96 35.29
C GLY O 47 -22.52 16.39 34.91
N ALA O 48 -22.09 16.78 33.71
CA ALA O 48 -22.43 18.11 33.22
C ALA O 48 -23.90 18.19 32.88
N ALA O 49 -24.43 17.15 32.23
CA ALA O 49 -25.76 17.17 31.63
C ALA O 49 -26.84 17.08 32.69
N GLU O 50 -28.08 17.16 32.21
CA GLU O 50 -29.27 16.78 32.95
C GLU O 50 -29.26 15.27 33.21
N ALA O 51 -29.96 14.86 34.28
CA ALA O 51 -30.26 13.46 34.53
C ALA O 51 -31.13 13.33 35.78
N ASN O 52 -31.81 12.19 35.88
CA ASN O 52 -32.54 11.81 37.09
C ASN O 52 -33.63 12.82 37.43
N LEU O 53 -34.50 13.07 36.45
CA LEU O 53 -35.49 14.14 36.56
C LEU O 53 -36.84 13.62 37.05
N PRO O 54 -37.28 13.98 38.26
CA PRO O 54 -38.63 13.59 38.72
C PRO O 54 -39.72 14.28 37.91
N SER O 55 -40.78 13.54 37.61
CA SER O 55 -41.94 14.09 36.90
C SER O 55 -43.03 14.54 37.86
N ALA O 56 -43.15 13.88 39.01
CA ALA O 56 -44.11 14.29 40.04
C ALA O 56 -43.64 13.78 41.40
N VAL O 57 -44.36 14.17 42.45
CA VAL O 57 -44.08 13.71 43.80
C VAL O 57 -45.39 13.42 44.54
N VAL O 58 -45.76 12.17 44.61
CA VAL O 58 -46.91 11.74 45.41
C VAL O 58 -46.44 11.43 46.81
N SER O 59 -47.27 11.71 47.83
CA SER O 59 -46.87 11.56 49.24
C SER O 59 -48.01 10.92 50.04
N PRO O 60 -48.16 9.61 49.95
CA PRO O 60 -49.35 8.94 50.52
C PRO O 60 -49.38 9.00 52.04
N GLU O 61 -50.54 8.64 52.58
CA GLU O 61 -50.83 8.71 53.99
C GLU O 61 -50.90 7.34 54.66
N SER O 62 -50.93 6.26 53.89
CA SER O 62 -51.11 4.93 54.46
C SER O 62 -50.81 3.87 53.40
N THR O 63 -50.84 2.61 53.85
CA THR O 63 -50.59 1.48 52.94
C THR O 63 -51.63 1.43 51.84
N GLU O 64 -52.92 1.57 52.20
CA GLU O 64 -54.00 1.52 51.23
C GLU O 64 -53.79 2.53 50.11
N GLN O 65 -53.39 3.75 50.46
CA GLN O 65 -53.12 4.74 49.43
C GLN O 65 -51.96 4.28 48.54
N VAL O 66 -50.88 3.76 49.15
CA VAL O 66 -49.75 3.25 48.37
C VAL O 66 -50.19 2.14 47.43
N GLN O 67 -51.15 1.32 47.87
CA GLN O 67 -51.67 0.26 47.02
C GLN O 67 -52.37 0.83 45.79
N ASP O 68 -53.29 1.76 46.00
CA ASP O 68 -54.02 2.37 44.89
C ASP O 68 -53.08 3.13 43.96
N ILE O 69 -52.09 3.83 44.52
CA ILE O 69 -51.10 4.55 43.71
C ILE O 69 -50.35 3.59 42.80
N VAL O 70 -50.07 2.38 43.29
CA VAL O 70 -49.33 1.42 42.49
C VAL O 70 -50.23 0.87 41.37
N ARG O 71 -51.49 0.53 41.70
CA ARG O 71 -52.37 -0.02 40.67
C ARG O 71 -52.57 0.97 39.51
N ILE O 72 -52.78 2.26 39.84
CA ILE O 72 -52.84 3.29 38.81
C ILE O 72 -51.57 3.28 37.98
N ALA O 73 -50.41 3.34 38.66
CA ALA O 73 -49.13 3.32 37.96
C ALA O 73 -49.06 2.17 36.96
N ASN O 74 -49.66 1.03 37.31
CA ASN O 74 -49.66 -0.13 36.43
C ASN O 74 -50.56 0.07 35.24
N GLU O 75 -51.74 0.65 35.46
CA GLU O 75 -52.68 0.94 34.38
C GLU O 75 -52.04 1.78 33.30
N TYR O 76 -51.35 2.86 33.71
CA TYR O 76 -50.89 3.89 32.80
C TYR O 76 -49.43 3.70 32.37
N GLY O 77 -48.72 2.76 32.96
CA GLY O 77 -47.33 2.50 32.63
C GLY O 77 -46.36 3.57 33.09
N ILE O 78 -46.56 4.11 34.29
CA ILE O 78 -45.75 5.22 34.80
C ILE O 78 -44.79 4.70 35.86
N PRO O 79 -43.48 4.81 35.64
CA PRO O 79 -42.49 4.29 36.60
C PRO O 79 -42.48 5.07 37.91
N LEU O 80 -42.43 4.34 39.03
CA LEU O 80 -42.37 4.89 40.37
C LEU O 80 -40.97 4.73 40.95
N HIS O 81 -40.58 5.66 41.83
CA HIS O 81 -39.32 5.57 42.56
C HIS O 81 -39.64 5.78 44.04
N PRO O 82 -39.72 4.69 44.81
CA PRO O 82 -40.10 4.80 46.23
C PRO O 82 -38.95 5.23 47.12
N VAL O 83 -39.23 6.20 47.99
CA VAL O 83 -38.29 6.72 48.97
C VAL O 83 -39.02 6.92 50.30
N SER O 84 -38.24 7.25 51.33
CA SER O 84 -38.78 7.53 52.66
C SER O 84 -38.50 8.99 52.95
N THR O 85 -37.35 9.34 53.52
CA THR O 85 -36.94 10.71 53.78
C THR O 85 -36.37 11.41 52.54
N GLY O 86 -36.04 10.65 51.49
CA GLY O 86 -35.43 11.19 50.28
C GLY O 86 -34.07 11.82 50.45
N LYS O 87 -33.38 11.55 51.56
CA LYS O 87 -32.09 12.18 51.87
C LYS O 87 -30.89 11.32 51.49
N ASN O 88 -30.95 10.56 50.39
CA ASN O 88 -29.84 9.66 50.05
C ASN O 88 -28.72 10.41 49.35
N ASN O 89 -28.21 11.43 50.04
CA ASN O 89 -27.23 12.33 49.45
C ASN O 89 -25.87 11.63 49.36
N GLY O 90 -25.18 11.86 48.25
CA GLY O 90 -24.05 11.05 47.85
C GLY O 90 -24.41 9.98 46.86
N TYR O 91 -25.66 9.48 46.91
CA TYR O 91 -26.13 8.41 46.03
C TYR O 91 -27.37 8.83 45.24
N GLY O 92 -27.70 10.13 45.21
CA GLY O 92 -28.70 10.62 44.29
C GLY O 92 -29.89 11.30 44.93
N GLY O 93 -29.78 11.62 46.21
CA GLY O 93 -30.90 12.22 46.92
C GLY O 93 -32.16 11.39 46.76
N ALA O 94 -33.28 12.08 46.64
CA ALA O 94 -34.54 11.42 46.33
C ALA O 94 -34.71 11.20 44.83
N ALA O 95 -33.76 11.67 44.02
CA ALA O 95 -33.96 11.71 42.58
C ALA O 95 -34.06 10.29 42.02
N PRO O 96 -34.97 10.06 41.06
CA PRO O 96 -35.10 8.71 40.52
C PRO O 96 -33.94 8.35 39.62
N ARG O 97 -33.59 7.06 39.62
CA ARG O 97 -32.59 6.58 38.67
C ARG O 97 -33.01 6.91 37.25
N LEU O 98 -34.24 6.55 36.88
CA LEU O 98 -34.74 6.72 35.51
C LEU O 98 -35.58 8.00 35.45
N SER O 99 -35.16 8.95 34.62
CA SER O 99 -35.87 10.21 34.49
C SER O 99 -37.25 9.97 33.86
N GLY O 100 -38.23 10.72 34.32
CA GLY O 100 -39.61 10.47 34.00
C GLY O 100 -40.40 9.89 35.15
N SER O 101 -39.72 9.38 36.18
CA SER O 101 -40.37 8.61 37.23
C SER O 101 -41.03 9.51 38.27
N VAL O 102 -42.06 8.97 38.89
CA VAL O 102 -42.79 9.65 39.96
C VAL O 102 -42.18 9.21 41.29
N ILE O 103 -41.61 10.18 42.03
CA ILE O 103 -41.14 9.92 43.38
C ILE O 103 -42.34 9.71 44.31
N VAL O 104 -42.28 8.66 45.13
CA VAL O 104 -43.34 8.36 46.07
C VAL O 104 -42.81 8.55 47.49
N LYS O 105 -42.90 9.77 48.01
CA LYS O 105 -42.33 10.14 49.31
C LYS O 105 -43.21 9.58 50.42
N THR O 106 -43.02 8.29 50.68
CA THR O 106 -43.73 7.63 51.77
C THR O 106 -43.47 8.35 53.09
N GLY O 107 -42.24 8.81 53.28
CA GLY O 107 -41.84 9.40 54.53
C GLY O 107 -42.41 10.77 54.82
N GLU O 108 -43.07 11.41 53.85
CA GLU O 108 -43.66 12.72 54.15
C GLU O 108 -44.74 12.56 55.19
N ARG O 109 -45.80 11.79 54.87
CA ARG O 109 -46.92 11.67 55.79
C ARG O 109 -46.90 10.39 56.62
N MET O 110 -46.44 9.27 56.06
CA MET O 110 -46.27 8.03 56.84
C MET O 110 -44.99 8.18 57.65
N ASN O 111 -45.14 8.49 58.94
CA ASN O 111 -44.05 8.93 59.81
C ASN O 111 -44.34 8.63 61.28
N ARG O 112 -45.14 7.61 61.56
CA ARG O 112 -45.48 7.28 62.93
C ARG O 112 -44.48 6.27 63.51
N ILE O 113 -44.25 6.40 64.82
CA ILE O 113 -43.56 5.38 65.59
C ILE O 113 -44.66 4.47 66.12
N LEU O 114 -44.94 3.37 65.40
CA LEU O 114 -46.08 2.54 65.73
C LEU O 114 -45.86 1.71 67.00
N GLU O 115 -44.62 1.29 67.30
CA GLU O 115 -44.35 0.69 68.60
C GLU O 115 -42.87 0.77 68.92
N VAL O 116 -42.56 0.99 70.20
CA VAL O 116 -41.21 0.85 70.73
C VAL O 116 -41.33 0.03 72.00
N ASN O 117 -40.52 -1.01 72.12
CA ASN O 117 -40.73 -2.05 73.13
C ASN O 117 -39.54 -2.09 74.09
N GLU O 118 -39.75 -1.62 75.34
CA GLU O 118 -38.64 -1.55 76.30
C GLU O 118 -38.19 -2.93 76.76
N LYS O 119 -39.11 -3.89 76.78
CA LYS O 119 -38.81 -5.20 77.38
C LYS O 119 -38.02 -6.08 76.42
N TYR O 120 -38.42 -6.11 75.15
CA TYR O 120 -37.76 -6.89 74.12
C TYR O 120 -36.80 -6.07 73.28
N GLY O 121 -36.82 -4.74 73.43
CA GLY O 121 -35.88 -3.89 72.73
C GLY O 121 -36.04 -3.89 71.22
N TYR O 122 -37.12 -3.32 70.73
CA TYR O 122 -37.26 -3.17 69.29
C TYR O 122 -38.15 -1.98 69.00
N ALA O 123 -38.21 -1.61 67.73
CA ALA O 123 -39.10 -0.56 67.27
C ALA O 123 -39.79 -1.06 66.01
N LEU O 124 -41.00 -0.56 65.78
CA LEU O 124 -41.74 -0.79 64.53
C LEU O 124 -42.08 0.56 63.94
N LEU O 125 -41.62 0.82 62.71
CA LEU O 125 -41.56 2.17 62.19
C LEU O 125 -42.14 2.26 60.78
N GLU O 126 -42.80 3.41 60.51
CA GLU O 126 -43.14 3.83 59.16
C GLU O 126 -41.98 4.61 58.56
N PRO O 127 -41.90 4.70 57.23
CA PRO O 127 -40.67 5.23 56.61
C PRO O 127 -40.26 6.64 57.06
N GLY O 128 -41.19 7.49 57.51
CA GLY O 128 -40.85 8.87 57.79
C GLY O 128 -40.08 9.11 59.07
N VAL O 129 -40.09 8.13 59.97
CA VAL O 129 -39.39 8.25 61.24
C VAL O 129 -37.88 8.42 61.02
N THR O 130 -37.41 9.67 61.13
CA THR O 130 -35.98 9.94 61.07
C THR O 130 -35.28 9.44 62.34
N TYR O 131 -33.96 9.63 62.38
CA TYR O 131 -33.20 9.29 63.58
C TYR O 131 -33.47 10.29 64.70
N PHE O 132 -33.51 11.59 64.39
CA PHE O 132 -33.87 12.59 65.41
C PHE O 132 -35.25 12.31 66.00
N ASP O 133 -36.21 11.93 65.16
CA ASP O 133 -37.55 11.60 65.67
C ASP O 133 -37.48 10.43 66.64
N LEU O 134 -36.79 9.36 66.25
CA LEU O 134 -36.64 8.19 67.11
C LEU O 134 -35.87 8.55 68.38
N TYR O 135 -34.75 9.26 68.23
CA TYR O 135 -34.02 9.72 69.41
C TYR O 135 -34.94 10.52 70.34
N GLU O 136 -35.68 11.49 69.77
CA GLU O 136 -36.63 12.27 70.55
C GLU O 136 -37.58 11.38 71.35
N TYR O 137 -38.14 10.36 70.68
CA TYR O 137 -39.03 9.42 71.35
C TYR O 137 -38.35 8.79 72.55
N LEU O 138 -37.15 8.25 72.36
CA LEU O 138 -36.52 7.53 73.46
C LEU O 138 -36.15 8.45 74.61
N GLN O 139 -35.95 9.73 74.34
CA GLN O 139 -35.66 10.68 75.41
C GLN O 139 -36.91 10.98 76.23
N SER O 140 -37.99 11.41 75.55
CA SER O 140 -39.27 11.69 76.20
C SER O 140 -39.68 10.57 77.15
N HIS O 141 -39.63 9.32 76.68
CA HIS O 141 -40.14 8.21 77.44
C HIS O 141 -39.11 7.62 78.39
N ASP O 142 -37.95 8.26 78.51
CA ASP O 142 -36.92 7.82 79.44
C ASP O 142 -36.54 6.37 79.19
N SER O 143 -36.32 6.03 77.92
CA SER O 143 -36.04 4.65 77.53
C SER O 143 -34.62 4.24 77.96
N GLY O 144 -34.46 2.93 78.20
CA GLY O 144 -33.17 2.30 78.41
C GLY O 144 -32.51 1.83 77.12
N LEU O 145 -33.20 1.95 76.01
CA LEU O 145 -32.69 1.57 74.71
C LEU O 145 -31.96 2.72 74.04
N MET O 146 -31.06 2.38 73.13
CA MET O 146 -30.35 3.34 72.30
C MET O 146 -30.44 2.93 70.84
N LEU O 147 -30.47 3.93 69.96
CA LEU O 147 -30.55 3.64 68.55
C LEU O 147 -29.14 3.52 67.94
N ASP O 148 -29.10 3.31 66.63
CA ASP O 148 -27.85 3.26 65.89
C ASP O 148 -28.05 4.05 64.60
N CYS O 149 -27.23 5.07 64.38
CA CYS O 149 -27.43 6.03 63.29
C CYS O 149 -26.19 6.22 62.44
N PRO O 150 -26.37 6.54 61.16
CA PRO O 150 -25.24 7.00 60.34
C PRO O 150 -24.84 8.42 60.71
N ASP O 151 -23.84 8.98 60.02
CA ASP O 151 -23.26 10.25 60.42
C ASP O 151 -24.31 11.36 60.53
N LEU O 152 -25.32 11.37 59.67
CA LEU O 152 -26.31 12.42 59.65
C LEU O 152 -27.67 11.86 60.04
N GLY O 153 -28.21 12.33 61.17
CA GLY O 153 -29.48 11.89 61.71
C GLY O 153 -30.72 12.29 60.90
N TRP O 154 -30.58 12.99 59.77
CA TRP O 154 -31.78 13.49 59.10
C TRP O 154 -32.41 12.48 58.14
N GLY O 155 -31.74 11.35 57.87
CA GLY O 155 -32.32 10.29 57.08
C GLY O 155 -33.26 9.37 57.87
N SER O 156 -33.73 8.33 57.17
CA SER O 156 -34.78 7.43 57.67
C SER O 156 -34.18 6.12 58.15
N VAL O 157 -34.51 5.74 59.39
CA VAL O 157 -34.17 4.42 59.93
C VAL O 157 -34.52 3.38 58.87
N VAL O 158 -35.73 3.47 58.33
CA VAL O 158 -36.19 2.51 57.32
C VAL O 158 -35.42 2.71 56.01
N GLY O 159 -35.44 3.93 55.49
CA GLY O 159 -34.85 4.18 54.18
C GLY O 159 -33.36 3.87 54.14
N ASN O 160 -32.64 4.23 55.19
CA ASN O 160 -31.23 3.84 55.28
C ASN O 160 -31.10 2.30 55.26
N THR O 161 -31.90 1.60 56.07
CA THR O 161 -31.83 0.14 56.12
C THR O 161 -32.12 -0.48 54.75
N LEU O 162 -33.05 0.09 53.98
CA LEU O 162 -33.38 -0.51 52.69
C LEU O 162 -32.31 -0.28 51.62
N ASP O 163 -31.37 0.65 51.82
CA ASP O 163 -30.21 0.75 50.94
C ASP O 163 -28.97 0.14 51.58
N ARG O 164 -29.15 -0.47 52.76
CA ARG O 164 -28.14 -1.23 53.49
C ARG O 164 -27.01 -0.33 54.01
N GLY O 165 -27.39 0.81 54.53
CA GLY O 165 -26.40 1.69 55.12
C GLY O 165 -26.02 1.22 56.50
N VAL O 166 -25.00 1.86 57.05
CA VAL O 166 -24.39 1.36 58.28
C VAL O 166 -24.36 2.45 59.35
N GLY O 167 -24.16 2.01 60.58
CA GLY O 167 -23.90 2.87 61.71
C GLY O 167 -22.65 2.40 62.42
N TYR O 168 -22.46 2.84 63.65
CA TYR O 168 -21.15 2.70 64.28
C TYR O 168 -21.21 2.16 65.70
N THR O 169 -22.38 1.70 66.16
CA THR O 169 -22.52 0.97 67.44
C THR O 169 -22.41 -0.54 67.19
N PRO O 170 -22.51 -1.37 68.24
CA PRO O 170 -22.59 -2.82 67.98
C PRO O 170 -23.71 -3.21 67.03
N TYR O 171 -24.82 -2.48 67.04
CA TYR O 171 -25.91 -2.74 66.08
C TYR O 171 -25.73 -1.97 64.80
N GLY O 172 -24.50 -1.86 64.30
CA GLY O 172 -24.21 -1.01 63.16
C GLY O 172 -24.59 -1.56 61.80
N ASP O 173 -24.80 -2.88 61.68
CA ASP O 173 -25.29 -3.52 60.45
C ASP O 173 -26.82 -3.44 60.45
N HIS O 174 -27.37 -2.36 59.88
CA HIS O 174 -28.80 -2.09 60.06
C HIS O 174 -29.65 -3.22 59.52
N PHE O 175 -29.26 -3.80 58.38
CA PHE O 175 -30.06 -4.85 57.79
C PHE O 175 -30.12 -6.10 58.68
N MET O 176 -28.99 -6.46 59.28
CA MET O 176 -28.96 -7.62 60.17
C MET O 176 -30.01 -7.48 61.27
N TRP O 177 -30.10 -6.30 61.86
CA TRP O 177 -31.02 -6.05 62.97
C TRP O 177 -32.41 -5.65 62.50
N GLN O 178 -32.66 -5.62 61.20
CA GLN O 178 -34.02 -5.46 60.71
C GLN O 178 -34.81 -6.75 60.96
N THR O 179 -36.02 -6.62 61.53
CA THR O 179 -36.86 -7.78 61.84
C THR O 179 -38.30 -7.52 61.40
N GLY O 180 -38.69 -8.09 60.26
CA GLY O 180 -40.04 -7.93 59.75
C GLY O 180 -40.21 -6.69 58.89
N LEU O 181 -41.09 -6.80 57.89
CA LEU O 181 -41.51 -5.63 57.14
C LEU O 181 -42.87 -5.89 56.50
N GLU O 182 -43.49 -4.80 56.04
CA GLU O 182 -44.67 -4.81 55.20
C GLU O 182 -44.30 -4.12 53.90
N VAL O 183 -44.70 -4.70 52.77
CA VAL O 183 -44.27 -4.18 51.48
C VAL O 183 -45.40 -4.35 50.48
N VAL O 184 -45.64 -3.30 49.70
CA VAL O 184 -46.59 -3.34 48.60
C VAL O 184 -45.84 -3.79 47.36
N LEU O 185 -46.23 -4.95 46.85
CA LEU O 185 -45.56 -5.58 45.73
C LEU O 185 -45.90 -4.80 44.45
N PRO O 186 -45.19 -5.05 43.34
CA PRO O 186 -45.25 -4.13 42.20
C PRO O 186 -46.62 -3.95 41.56
N GLN O 187 -47.54 -4.92 41.67
CA GLN O 187 -48.87 -4.76 41.10
C GLN O 187 -49.91 -4.40 42.15
N GLY O 188 -49.50 -4.17 43.39
CA GLY O 188 -50.34 -3.55 44.39
C GLY O 188 -50.76 -4.45 45.53
N GLU O 189 -50.44 -5.74 45.47
CA GLU O 189 -50.78 -6.63 46.59
C GLU O 189 -49.84 -6.36 47.75
N VAL O 190 -50.36 -6.39 48.95
CA VAL O 190 -49.58 -6.10 50.15
C VAL O 190 -49.24 -7.41 50.86
N MET O 191 -48.06 -7.44 51.49
CA MET O 191 -47.42 -8.63 52.03
C MET O 191 -46.60 -8.27 53.26
N ARG O 192 -46.58 -9.17 54.24
CA ARG O 192 -45.77 -9.04 55.44
C ARG O 192 -44.81 -10.22 55.55
N THR O 193 -43.59 -9.94 56.00
CA THR O 193 -42.55 -10.97 56.06
C THR O 193 -42.41 -11.51 57.49
N GLY O 194 -41.92 -12.75 57.57
CA GLY O 194 -41.58 -13.30 58.87
C GLY O 194 -42.81 -13.66 59.66
N MET O 195 -42.76 -13.42 60.98
CA MET O 195 -43.91 -13.72 61.81
C MET O 195 -45.09 -12.80 61.54
N GLY O 196 -44.88 -11.66 60.87
CA GLY O 196 -45.99 -10.83 60.43
C GLY O 196 -46.88 -11.49 59.41
N ALA O 197 -46.41 -12.55 58.76
CA ALA O 197 -47.26 -13.31 57.87
C ALA O 197 -48.22 -14.23 58.62
N LEU O 198 -48.06 -14.38 59.94
CA LEU O 198 -48.99 -15.21 60.71
C LEU O 198 -49.99 -14.36 61.47
N PRO O 199 -51.29 -14.42 61.13
CA PRO O 199 -52.24 -13.48 61.74
C PRO O 199 -52.30 -13.66 63.25
N GLY O 200 -52.03 -12.57 63.97
CA GLY O 200 -52.14 -12.52 65.41
C GLY O 200 -50.84 -12.68 66.16
N SER O 201 -49.71 -12.80 65.45
CA SER O 201 -48.42 -13.03 66.08
C SER O 201 -47.85 -11.73 66.66
N ASP O 202 -47.42 -11.79 67.91
CA ASP O 202 -46.64 -10.71 68.52
C ASP O 202 -45.17 -10.84 68.21
N ALA O 203 -44.77 -11.81 67.39
CA ALA O 203 -43.37 -12.16 67.20
C ALA O 203 -42.76 -11.52 65.96
N TRP O 204 -43.46 -10.51 65.40
CA TRP O 204 -43.05 -9.94 64.12
C TRP O 204 -41.68 -9.28 64.20
N GLN O 205 -41.39 -8.60 65.30
CA GLN O 205 -40.13 -7.92 65.51
C GLN O 205 -39.21 -8.71 66.44
N LEU O 206 -39.58 -9.93 66.80
CA LEU O 206 -38.78 -10.77 67.68
C LEU O 206 -37.96 -11.82 66.95
N PHE O 207 -38.52 -12.41 65.90
CA PHE O 207 -37.91 -13.53 65.20
C PHE O 207 -37.94 -13.19 63.71
N PRO O 208 -36.79 -12.97 63.08
CA PRO O 208 -36.82 -12.43 61.69
C PRO O 208 -37.31 -13.42 60.63
N TYR O 209 -36.99 -14.71 60.75
CA TYR O 209 -37.01 -15.58 59.56
C TYR O 209 -38.41 -16.04 59.15
N GLY O 210 -39.34 -16.20 60.08
CA GLY O 210 -40.60 -16.81 59.68
C GLY O 210 -40.42 -18.25 59.22
N PHE O 211 -41.08 -18.59 58.13
CA PHE O 211 -41.13 -19.95 57.62
C PHE O 211 -40.99 -19.90 56.10
N GLY O 212 -40.25 -20.84 55.55
CA GLY O 212 -40.00 -20.85 54.13
C GLY O 212 -38.83 -19.95 53.77
N PRO O 213 -38.63 -19.74 52.47
CA PRO O 213 -37.49 -18.94 52.00
C PRO O 213 -37.53 -17.56 52.64
N PHE O 214 -36.35 -17.11 53.09
CA PHE O 214 -36.22 -15.82 53.78
C PHE O 214 -36.05 -14.70 52.76
N PRO O 215 -37.00 -13.74 52.64
CA PRO O 215 -37.00 -12.84 51.49
C PRO O 215 -36.60 -11.39 51.76
N ASP O 216 -36.44 -10.99 53.04
CA ASP O 216 -36.35 -9.57 53.37
C ASP O 216 -35.19 -8.88 52.67
N GLY O 217 -34.08 -9.59 52.47
CA GLY O 217 -32.94 -9.04 51.78
C GLY O 217 -33.17 -8.75 50.31
N MET O 218 -34.17 -9.40 49.69
CA MET O 218 -34.54 -9.07 48.31
C MET O 218 -35.18 -7.70 48.17
N PHE O 219 -35.60 -7.07 49.27
CA PHE O 219 -36.18 -5.74 49.23
C PHE O 219 -35.20 -4.67 49.68
N THR O 220 -33.89 -4.96 49.63
CA THR O 220 -32.87 -3.97 49.98
C THR O 220 -31.98 -3.77 48.77
N GLN O 221 -31.57 -2.53 48.54
CA GLN O 221 -30.93 -2.13 47.30
C GLN O 221 -31.66 -2.77 46.13
N SER O 222 -32.98 -2.56 46.10
CA SER O 222 -33.90 -3.36 45.29
C SER O 222 -35.07 -2.52 44.79
N ASN O 223 -35.73 -3.04 43.75
CA ASN O 223 -36.89 -2.38 43.14
C ASN O 223 -38.07 -3.34 43.07
N LEU O 224 -38.32 -4.07 44.17
CA LEU O 224 -39.36 -5.09 44.16
C LEU O 224 -40.63 -4.70 44.92
N GLY O 225 -40.71 -3.50 45.48
CA GLY O 225 -41.90 -3.11 46.21
C GLY O 225 -41.72 -1.79 46.91
N ILE O 226 -42.76 -1.38 47.64
CA ILE O 226 -42.75 -0.13 48.38
C ILE O 226 -43.01 -0.47 49.84
N VAL O 227 -41.94 -0.46 50.62
CA VAL O 227 -42.04 -0.86 52.02
C VAL O 227 -42.83 0.18 52.78
N THR O 228 -43.84 -0.26 53.52
CA THR O 228 -44.67 0.66 54.28
C THR O 228 -44.47 0.56 55.78
N LYS O 229 -44.01 -0.60 56.27
CA LYS O 229 -43.60 -0.76 57.66
C LYS O 229 -42.31 -1.58 57.70
N MET O 230 -41.53 -1.37 58.75
CA MET O 230 -40.32 -2.13 58.99
C MET O 230 -40.05 -2.17 60.49
N GLY O 231 -39.47 -3.27 60.94
CA GLY O 231 -39.04 -3.44 62.31
C GLY O 231 -37.52 -3.46 62.38
N ILE O 232 -36.99 -3.05 63.52
CA ILE O 232 -35.54 -3.10 63.74
C ILE O 232 -35.32 -3.29 65.23
N ALA O 233 -34.19 -3.91 65.58
CA ALA O 233 -33.87 -4.17 66.97
C ALA O 233 -33.18 -2.97 67.60
N LEU O 234 -33.44 -2.75 68.89
CA LEU O 234 -32.84 -1.66 69.64
C LEU O 234 -32.00 -2.22 70.78
N MET O 235 -30.73 -1.85 70.80
CA MET O 235 -29.79 -2.28 71.82
C MET O 235 -30.07 -1.58 73.16
N GLN O 236 -29.75 -2.26 74.26
CA GLN O 236 -29.81 -1.63 75.57
C GLN O 236 -28.59 -0.72 75.73
N ARG O 237 -28.82 0.51 76.15
CA ARG O 237 -27.70 1.45 76.34
C ARG O 237 -26.80 0.97 77.47
N PRO O 238 -25.49 0.93 77.28
CA PRO O 238 -24.59 0.37 78.31
C PRO O 238 -24.38 1.33 79.45
N PRO O 239 -23.91 0.83 80.61
CA PRO O 239 -23.89 1.67 81.81
C PRO O 239 -22.88 2.79 81.79
N ALA O 240 -21.99 2.81 80.81
CA ALA O 240 -20.97 3.85 80.65
C ALA O 240 -20.33 3.68 79.28
N SER O 241 -19.79 4.76 78.74
CA SER O 241 -19.09 4.70 77.47
C SER O 241 -17.93 5.69 77.45
N GLN O 242 -16.91 5.39 76.64
CA GLN O 242 -15.79 6.30 76.45
C GLN O 242 -15.29 6.23 75.01
N SER O 243 -15.22 7.37 74.36
CA SER O 243 -14.70 7.47 73.00
C SER O 243 -13.21 7.81 73.05
N PHE O 244 -12.51 7.53 71.95
CA PHE O 244 -11.09 7.82 71.88
C PHE O 244 -10.66 8.12 70.46
N LEU O 245 -9.51 8.78 70.36
CA LEU O 245 -8.88 9.15 69.09
C LEU O 245 -7.41 8.76 69.11
N ILE O 246 -6.94 8.09 68.07
CA ILE O 246 -5.51 7.84 67.85
C ILE O 246 -5.09 8.53 66.56
N THR O 247 -4.09 9.39 66.66
CA THR O 247 -3.48 10.06 65.52
C THR O 247 -2.22 9.32 65.11
N PHE O 248 -2.04 9.14 63.80
CA PHE O 248 -0.83 8.54 63.24
C PHE O 248 -0.25 9.48 62.19
N ASP O 249 1.07 9.62 62.20
CA ASP O 249 1.71 10.77 61.54
C ASP O 249 1.93 10.58 60.04
N LYS O 250 2.14 9.36 59.56
CA LYS O 250 2.58 9.14 58.18
C LYS O 250 1.51 8.47 57.32
N GLU O 251 1.37 8.92 56.07
CA GLU O 251 0.58 8.21 55.06
C GLU O 251 0.83 6.70 55.11
N GLU O 252 2.11 6.31 55.20
CA GLU O 252 2.52 4.92 55.12
C GLU O 252 2.02 4.08 56.27
N ASP O 253 1.62 4.71 57.38
CA ASP O 253 1.15 3.98 58.55
C ASP O 253 -0.13 3.19 58.30
N LEU O 254 -0.79 3.38 57.15
CA LEU O 254 -2.04 2.68 56.90
C LEU O 254 -1.88 1.18 57.06
N GLU O 255 -0.76 0.64 56.55
CA GLU O 255 -0.54 -0.81 56.52
C GLU O 255 -0.54 -1.42 57.91
N GLN O 256 0.12 -0.76 58.85
CA GLN O 256 0.25 -1.36 60.17
C GLN O 256 -0.97 -1.07 61.03
N ILE O 257 -1.58 0.10 60.86
CA ILE O 257 -2.80 0.42 61.60
C ILE O 257 -3.86 -0.64 61.33
N VAL O 258 -4.05 -1.00 60.06
CA VAL O 258 -5.04 -2.01 59.72
C VAL O 258 -4.63 -3.37 60.26
N ASP O 259 -3.35 -3.73 60.07
CA ASP O 259 -2.88 -5.04 60.50
C ASP O 259 -2.90 -5.19 62.03
N ILE O 260 -2.70 -4.10 62.78
CA ILE O 260 -2.83 -4.22 64.23
C ILE O 260 -4.30 -4.22 64.63
N MET O 261 -5.14 -3.58 63.82
CA MET O 261 -6.54 -3.44 64.20
C MET O 261 -7.26 -4.79 64.17
N LEU O 262 -7.10 -5.55 63.08
CA LEU O 262 -7.88 -6.78 62.88
C LEU O 262 -7.92 -7.70 64.10
N PRO O 263 -6.80 -8.13 64.69
CA PRO O 263 -6.89 -9.08 65.82
C PRO O 263 -7.62 -8.52 67.04
N LEU O 264 -7.74 -7.19 67.14
CA LEU O 264 -8.48 -6.54 68.22
C LEU O 264 -9.94 -6.34 67.87
N ARG O 265 -10.35 -6.71 66.67
CA ARG O 265 -11.69 -6.41 66.18
C ARG O 265 -12.54 -7.63 65.93
N ILE O 266 -11.95 -8.74 65.46
CA ILE O 266 -12.75 -9.85 64.96
C ILE O 266 -13.57 -10.52 66.06
N ASN O 267 -13.14 -10.43 67.33
CA ASN O 267 -13.89 -10.95 68.45
C ASN O 267 -14.79 -9.90 69.08
N MET O 268 -15.01 -8.77 68.39
CA MET O 268 -15.83 -7.68 68.89
C MET O 268 -15.34 -7.12 70.22
N ALA O 269 -14.10 -7.42 70.60
CA ALA O 269 -13.44 -6.93 71.81
C ALA O 269 -11.94 -7.08 71.63
N PRO O 270 -11.13 -6.09 72.03
CA PRO O 270 -11.54 -4.86 72.72
C PRO O 270 -12.28 -3.84 71.86
N LEU O 271 -12.16 -3.91 70.53
CA LEU O 271 -12.83 -2.95 69.63
C LEU O 271 -14.29 -3.34 69.49
N GLN O 272 -15.14 -2.74 70.34
CA GLN O 272 -16.53 -3.17 70.47
C GLN O 272 -17.47 -2.53 69.47
N ASN O 273 -17.21 -1.27 69.10
CA ASN O 273 -18.02 -0.52 68.16
C ASN O 273 -17.39 -0.67 66.77
N VAL O 274 -17.86 0.10 65.81
CA VAL O 274 -17.31 0.09 64.45
C VAL O 274 -16.21 1.15 64.38
N PRO O 275 -14.94 0.77 64.37
CA PRO O 275 -13.86 1.75 64.20
C PRO O 275 -13.97 2.46 62.85
N VAL O 276 -13.65 3.74 62.84
CA VAL O 276 -13.45 4.47 61.61
C VAL O 276 -12.03 5.01 61.60
N LEU O 277 -11.42 5.01 60.42
CA LEU O 277 -10.06 5.52 60.21
C LEU O 277 -10.15 6.53 59.06
N ARG O 278 -10.01 7.81 59.41
CA ARG O 278 -10.16 8.93 58.47
C ARG O 278 -8.83 9.63 58.28
N ASN O 279 -8.58 10.12 57.06
CA ASN O 279 -7.36 10.87 56.78
C ASN O 279 -7.55 12.36 57.11
N ILE O 280 -6.45 13.10 57.00
CA ILE O 280 -6.39 14.50 57.44
C ILE O 280 -7.34 15.36 56.62
N PHE O 281 -7.45 15.07 55.33
CA PHE O 281 -8.39 15.76 54.46
C PHE O 281 -9.82 15.67 55.02
N MET O 282 -10.26 14.46 55.37
CA MET O 282 -11.63 14.28 55.84
C MET O 282 -11.86 14.94 57.19
N ASP O 283 -10.90 14.82 58.11
CA ASP O 283 -11.03 15.48 59.39
C ASP O 283 -10.91 17.00 59.26
N ALA O 284 -10.17 17.48 58.26
CA ALA O 284 -10.05 18.93 58.09
C ALA O 284 -11.35 19.53 57.57
N ALA O 285 -12.00 18.87 56.60
CA ALA O 285 -13.21 19.41 55.98
C ALA O 285 -14.40 19.48 56.94
N ALA O 286 -14.36 18.78 58.07
CA ALA O 286 -15.43 18.91 59.04
C ALA O 286 -15.27 20.12 59.95
N VAL O 287 -14.10 20.76 59.95
CA VAL O 287 -13.80 21.89 60.83
C VAL O 287 -13.23 23.10 60.10
N SER O 288 -13.07 23.05 58.77
CA SER O 288 -12.41 24.15 58.07
C SER O 288 -12.67 24.08 56.56
N LYS O 289 -12.40 25.21 55.91
CA LYS O 289 -12.45 25.33 54.46
C LYS O 289 -11.08 25.00 53.87
N ARG O 290 -11.06 24.80 52.55
CA ARG O 290 -9.82 24.46 51.86
C ARG O 290 -8.86 25.66 51.79
N THR O 291 -9.43 26.86 51.64
CA THR O 291 -8.69 28.11 51.51
C THR O 291 -7.99 28.53 52.79
N GLU O 292 -8.29 27.91 53.93
CA GLU O 292 -7.47 28.09 55.13
C GLU O 292 -6.11 27.43 54.97
N TRP O 293 -5.99 26.46 54.07
CA TRP O 293 -4.77 25.67 53.91
C TRP O 293 -4.06 25.90 52.59
N PHE O 294 -4.82 26.19 51.54
CA PHE O 294 -4.27 26.30 50.19
C PHE O 294 -5.34 26.91 49.32
N ASP O 295 -4.93 27.75 48.36
CA ASP O 295 -5.87 28.57 47.63
C ASP O 295 -5.47 28.71 46.17
N GLY O 296 -4.82 27.70 45.61
CA GLY O 296 -4.30 27.83 44.26
C GLY O 296 -4.48 26.62 43.36
N ASP O 297 -3.39 26.20 42.72
CA ASP O 297 -3.45 25.16 41.69
C ASP O 297 -3.63 23.79 42.33
N GLY O 298 -4.77 23.17 42.05
CA GLY O 298 -4.90 21.74 42.13
C GLY O 298 -4.47 21.03 43.40
N PRO O 299 -3.69 19.95 43.24
CA PRO O 299 -3.44 19.03 44.36
C PRO O 299 -2.70 19.71 45.51
N MET O 300 -3.23 19.54 46.71
CA MET O 300 -2.71 20.23 47.88
C MET O 300 -1.26 19.82 48.15
N PRO O 301 -0.34 20.76 48.25
CA PRO O 301 1.08 20.40 48.40
C PRO O 301 1.35 19.85 49.79
N ALA O 302 2.54 19.27 49.93
CA ALA O 302 2.92 18.58 51.17
C ALA O 302 2.97 19.54 52.35
N GLU O 303 3.59 20.72 52.17
CA GLU O 303 3.73 21.67 53.27
C GLU O 303 2.39 22.08 53.82
N ALA O 304 1.35 22.10 52.96
CA ALA O 304 0.00 22.47 53.38
C ALA O 304 -0.67 21.38 54.20
N ILE O 305 -0.44 20.12 53.80
CA ILE O 305 -1.00 18.99 54.54
C ILE O 305 -0.48 19.00 55.97
N GLU O 306 0.78 19.37 56.16
CA GLU O 306 1.34 19.36 57.52
C GLU O 306 0.98 20.62 58.29
N ARG O 307 0.54 21.70 57.63
CA ARG O 307 -0.05 22.80 58.39
C ARG O 307 -1.43 22.40 58.90
N MET O 308 -2.18 21.64 58.09
CA MET O 308 -3.40 21.04 58.57
C MET O 308 -3.14 20.20 59.82
N LYS O 309 -2.08 19.40 59.79
CA LYS O 309 -1.82 18.45 60.89
C LYS O 309 -1.48 19.18 62.18
N LYS O 310 -0.55 20.14 62.15
CA LYS O 310 -0.10 20.76 63.38
C LYS O 310 -1.16 21.72 63.93
N ASP O 311 -1.75 22.54 63.04
CA ASP O 311 -2.83 23.44 63.44
C ASP O 311 -3.92 22.68 64.18
N LEU O 312 -4.48 21.64 63.56
CA LEU O 312 -5.53 20.85 64.19
C LEU O 312 -4.99 19.80 65.14
N ASP O 313 -3.67 19.65 65.23
CA ASP O 313 -3.03 18.60 66.02
C ASP O 313 -3.65 17.24 65.72
N LEU O 314 -3.74 16.90 64.44
CA LEU O 314 -4.22 15.60 63.99
C LEU O 314 -3.14 14.95 63.14
N GLY O 315 -3.27 13.63 62.96
CA GLY O 315 -2.34 12.90 62.12
C GLY O 315 -2.79 12.90 60.66
N PHE O 316 -2.02 12.19 59.82
CA PHE O 316 -2.54 11.90 58.48
C PHE O 316 -3.67 10.89 58.54
N TRP O 317 -3.53 9.86 59.37
CA TRP O 317 -4.59 8.88 59.59
C TRP O 317 -5.08 9.03 61.02
N ASN O 318 -6.40 9.11 61.21
CA ASN O 318 -7.01 9.32 62.52
C ASN O 318 -8.03 8.24 62.83
N PHE O 319 -7.84 7.54 63.95
CA PHE O 319 -8.60 6.36 64.35
C PHE O 319 -9.60 6.74 65.44
N TYR O 320 -10.89 6.45 65.23
CA TYR O 320 -11.94 6.83 66.16
C TYR O 320 -12.70 5.58 66.64
N GLY O 321 -12.75 5.38 67.96
CA GLY O 321 -13.45 4.24 68.51
C GLY O 321 -14.22 4.59 69.77
N THR O 322 -15.11 3.68 70.14
CA THR O 322 -15.86 3.83 71.38
C THR O 322 -15.89 2.50 72.13
N LEU O 323 -15.76 2.58 73.45
CA LEU O 323 -15.82 1.41 74.31
C LEU O 323 -17.03 1.53 75.24
N TYR O 324 -17.60 0.39 75.60
CA TYR O 324 -18.85 0.35 76.33
C TYR O 324 -18.74 -0.57 77.53
N GLY O 325 -19.54 -0.27 78.57
CA GLY O 325 -19.69 -1.17 79.71
C GLY O 325 -19.11 -0.60 81.00
N PRO O 326 -19.00 -1.44 82.02
CA PRO O 326 -18.44 -1.00 83.31
C PRO O 326 -17.13 -0.24 83.11
N PRO O 327 -16.84 0.72 83.97
CA PRO O 327 -15.55 1.43 83.88
C PRO O 327 -14.35 0.50 83.97
N PRO O 328 -14.38 -0.56 84.78
CA PRO O 328 -13.23 -1.51 84.77
C PRO O 328 -13.06 -2.24 83.44
N LEU O 329 -14.15 -2.51 82.72
CA LEU O 329 -14.01 -3.10 81.40
C LEU O 329 -13.50 -2.10 80.38
N ILE O 330 -13.90 -0.82 80.50
CA ILE O 330 -13.41 0.20 79.57
C ILE O 330 -11.92 0.40 79.73
N GLU O 331 -11.44 0.50 80.98
CA GLU O 331 -10.03 0.75 81.19
C GLU O 331 -9.20 -0.42 80.68
N MET O 332 -9.58 -1.66 81.02
CA MET O 332 -8.87 -2.84 80.49
C MET O 332 -8.75 -2.78 78.97
N TYR O 333 -9.89 -2.63 78.28
CA TYR O 333 -9.89 -2.64 76.82
C TYR O 333 -9.05 -1.50 76.26
N TYR O 334 -9.11 -0.33 76.89
CA TYR O 334 -8.33 0.82 76.43
C TYR O 334 -6.84 0.61 76.67
N GLY O 335 -6.49 -0.12 77.72
CA GLY O 335 -5.09 -0.48 77.90
C GLY O 335 -4.61 -1.43 76.82
N MET O 336 -5.42 -2.43 76.50
CA MET O 336 -5.07 -3.34 75.40
C MET O 336 -4.91 -2.58 74.09
N ILE O 337 -5.72 -1.53 73.88
CA ILE O 337 -5.69 -0.80 72.63
C ILE O 337 -4.48 0.13 72.57
N LYS O 338 -4.10 0.74 73.70
CA LYS O 338 -2.91 1.57 73.73
C LYS O 338 -1.64 0.74 73.53
N GLU O 339 -1.57 -0.43 74.15
CA GLU O 339 -0.41 -1.30 73.97
C GLU O 339 -0.24 -1.67 72.51
N ALA O 340 -1.33 -2.13 71.87
CA ALA O 340 -1.28 -2.55 70.48
C ALA O 340 -0.79 -1.43 69.58
N PHE O 341 -1.52 -0.31 69.56
CA PHE O 341 -1.23 0.78 68.63
C PHE O 341 -0.03 1.62 69.05
N GLY O 342 0.37 1.50 70.32
CA GLY O 342 1.62 2.09 70.78
C GLY O 342 2.84 1.58 70.04
N LYS O 343 2.77 0.37 69.46
CA LYS O 343 3.87 -0.17 68.66
C LYS O 343 4.19 0.69 67.43
N ILE O 344 3.26 1.51 66.97
CA ILE O 344 3.45 2.31 65.76
C ILE O 344 4.11 3.63 66.17
N PRO O 345 5.28 3.97 65.62
CA PRO O 345 5.97 5.21 66.03
C PRO O 345 5.17 6.45 65.66
N GLY O 346 5.07 7.36 66.62
CA GLY O 346 4.36 8.62 66.45
C GLY O 346 2.88 8.56 66.80
N ALA O 347 2.43 7.49 67.41
CA ALA O 347 1.02 7.35 67.73
C ALA O 347 0.70 8.14 68.99
N ARG O 348 -0.37 8.92 68.94
CA ARG O 348 -0.81 9.73 70.06
C ARG O 348 -2.30 9.49 70.33
N PHE O 349 -2.64 9.33 71.61
CA PHE O 349 -3.96 8.94 72.06
C PHE O 349 -4.65 10.08 72.82
N PHE O 350 -5.99 10.08 72.78
CA PHE O 350 -6.82 11.14 73.37
C PHE O 350 -8.20 10.58 73.69
N THR O 351 -8.63 10.66 74.95
CA THR O 351 -10.04 10.35 75.24
C THR O 351 -10.93 11.54 74.83
N HIS O 352 -12.25 11.32 74.89
CA HIS O 352 -13.16 12.40 74.52
C HIS O 352 -13.19 13.51 75.55
N GLU O 353 -12.73 13.22 76.77
CA GLU O 353 -12.62 14.23 77.82
C GLU O 353 -11.37 15.09 77.69
N GLU O 354 -10.38 14.66 76.90
CA GLU O 354 -9.05 15.26 76.93
C GLU O 354 -8.82 16.29 75.83
N ARG O 355 -9.74 16.44 74.88
CA ARG O 355 -9.53 17.35 73.75
C ARG O 355 -10.76 18.22 73.52
N ASP O 356 -10.65 19.50 73.87
CA ASP O 356 -11.71 20.48 73.68
C ASP O 356 -11.43 21.46 72.55
N ASP O 357 -10.30 21.31 71.86
CA ASP O 357 -9.93 22.23 70.79
C ASP O 357 -10.72 21.94 69.53
N ARG O 358 -10.40 22.67 68.45
CA ARG O 358 -11.13 22.55 67.19
C ARG O 358 -10.93 21.19 66.56
N GLY O 359 -9.66 20.76 66.43
CA GLY O 359 -9.37 19.46 65.86
C GLY O 359 -10.11 18.32 66.54
N GLY O 360 -10.32 18.43 67.84
CA GLY O 360 -11.10 17.45 68.57
C GLY O 360 -12.60 17.53 68.39
N HIS O 361 -13.08 18.37 67.46
CA HIS O 361 -14.52 18.45 67.22
C HIS O 361 -15.03 17.15 66.62
N VAL O 362 -14.23 16.49 65.78
CA VAL O 362 -14.69 15.25 65.15
C VAL O 362 -14.79 14.14 66.19
N LEU O 363 -13.80 14.06 67.09
CA LEU O 363 -13.91 13.12 68.21
C LEU O 363 -15.21 13.32 68.98
N GLN O 364 -15.58 14.57 69.27
CA GLN O 364 -16.84 14.82 69.96
C GLN O 364 -18.05 14.49 69.09
N ASP O 365 -17.91 14.54 67.77
CA ASP O 365 -18.98 14.09 66.90
C ASP O 365 -19.05 12.56 66.83
N ARG O 366 -17.90 11.88 66.85
CA ARG O 366 -17.94 10.43 66.90
C ARG O 366 -18.48 9.95 68.24
N HIS O 367 -18.16 10.67 69.32
CA HIS O 367 -18.61 10.26 70.65
C HIS O 367 -20.14 10.27 70.76
N LYS O 368 -20.80 11.15 70.00
CA LYS O 368 -22.26 11.16 69.99
C LYS O 368 -22.81 10.05 69.11
N ILE O 369 -22.45 10.07 67.82
CA ILE O 369 -22.92 9.07 66.85
C ILE O 369 -22.73 7.66 67.40
N ASN O 370 -21.54 7.39 67.96
CA ASN O 370 -21.27 6.07 68.50
C ASN O 370 -22.13 5.74 69.71
N ASN O 371 -22.79 6.74 70.29
CA ASN O 371 -23.62 6.51 71.46
C ASN O 371 -25.10 6.59 71.12
N GLY O 372 -25.47 6.61 69.84
CA GLY O 372 -26.86 6.69 69.46
C GLY O 372 -27.47 8.05 69.56
N ILE O 373 -26.65 9.10 69.57
CA ILE O 373 -27.08 10.49 69.64
C ILE O 373 -26.94 11.08 68.24
N PRO O 374 -28.04 11.27 67.49
CA PRO O 374 -27.92 11.75 66.11
C PRO O 374 -27.42 13.19 66.05
N SER O 375 -26.85 13.54 64.90
CA SER O 375 -26.19 14.83 64.75
C SER O 375 -26.12 15.22 63.28
N LEU O 376 -25.94 16.51 63.05
CA LEU O 376 -25.78 17.06 61.72
C LEU O 376 -24.43 17.73 61.54
N ASP O 377 -23.58 17.75 62.57
CA ASP O 377 -22.34 18.53 62.52
C ASP O 377 -21.47 18.17 61.32
N GLU O 378 -21.55 16.94 60.84
CA GLU O 378 -20.73 16.51 59.71
C GLU O 378 -21.15 17.14 58.39
N LEU O 379 -22.27 17.88 58.37
CA LEU O 379 -22.62 18.62 57.17
C LEU O 379 -21.59 19.69 56.85
N GLN O 380 -20.97 20.27 57.90
CA GLN O 380 -19.88 21.23 57.76
C GLN O 380 -18.82 20.77 56.76
N GLN O 381 -18.80 19.48 56.43
CA GLN O 381 -17.89 18.95 55.42
C GLN O 381 -18.18 19.48 54.02
N LEU O 382 -19.42 19.85 53.71
CA LEU O 382 -19.65 20.45 52.40
C LEU O 382 -19.43 21.96 52.39
N ASP O 383 -18.71 22.49 53.38
CA ASP O 383 -18.18 23.84 53.32
C ASP O 383 -16.78 23.89 52.73
N TRP O 384 -16.10 22.73 52.65
CA TRP O 384 -14.74 22.60 52.15
C TRP O 384 -14.48 23.48 50.93
N VAL O 385 -15.43 23.53 50.01
CA VAL O 385 -15.34 24.38 48.82
C VAL O 385 -16.72 24.95 48.53
N PRO O 386 -16.80 26.05 47.78
CA PRO O 386 -18.10 26.70 47.56
C PRO O 386 -19.12 25.78 46.91
N ASN O 387 -20.38 25.92 47.34
CA ASN O 387 -21.50 25.12 46.80
C ASN O 387 -21.25 23.62 46.97
N GLY O 388 -20.78 23.23 48.16
CA GLY O 388 -20.24 21.89 48.40
C GLY O 388 -21.16 20.70 48.23
N GLY O 389 -20.70 19.70 47.45
CA GLY O 389 -21.41 18.44 47.29
C GLY O 389 -20.45 17.26 47.33
N HIS O 390 -20.98 16.07 47.59
CA HIS O 390 -20.15 14.86 47.56
C HIS O 390 -20.81 13.73 46.79
N ILE O 391 -19.97 12.82 46.30
CA ILE O 391 -20.37 11.50 45.80
C ILE O 391 -19.69 10.44 46.66
N GLY O 392 -20.33 9.27 46.77
CA GLY O 392 -19.82 8.19 47.58
C GLY O 392 -19.29 7.02 46.78
N PHE O 393 -17.97 6.86 46.77
CA PHE O 393 -17.28 5.72 46.15
C PHE O 393 -16.77 4.84 47.29
N VAL O 394 -17.40 3.67 47.48
CA VAL O 394 -17.12 2.86 48.66
C VAL O 394 -16.76 1.42 48.30
N PRO O 395 -15.51 1.14 47.93
CA PRO O 395 -15.12 -0.24 47.68
C PRO O 395 -14.96 -1.06 48.96
N VAL O 396 -15.12 -2.37 48.81
CA VAL O 396 -14.99 -3.33 49.91
C VAL O 396 -13.57 -3.87 49.91
N SER O 397 -12.99 -3.95 51.12
CA SER O 397 -11.61 -4.36 51.35
C SER O 397 -11.58 -5.46 52.41
N ALA O 398 -10.70 -6.44 52.23
CA ALA O 398 -10.35 -7.31 53.33
C ALA O 398 -9.62 -6.49 54.40
N PRO O 399 -9.81 -6.80 55.67
CA PRO O 399 -9.05 -6.07 56.69
C PRO O 399 -7.59 -6.50 56.64
N ASP O 400 -6.84 -6.00 55.66
CA ASP O 400 -5.42 -6.27 55.51
C ASP O 400 -4.66 -5.01 55.14
N GLY O 401 -3.49 -4.81 55.75
CA GLY O 401 -2.75 -3.58 55.55
C GLY O 401 -2.28 -3.38 54.12
N ARG O 402 -1.72 -4.41 53.49
CA ARG O 402 -1.27 -4.23 52.12
C ARG O 402 -2.46 -4.00 51.19
N GLU O 403 -3.59 -4.64 51.47
CA GLU O 403 -4.75 -4.43 50.61
C GLU O 403 -5.29 -3.01 50.75
N ALA O 404 -5.25 -2.46 51.97
CA ALA O 404 -5.71 -1.09 52.18
C ALA O 404 -4.76 -0.10 51.51
N MET O 405 -3.46 -0.32 51.64
CA MET O 405 -2.50 0.54 50.96
C MET O 405 -2.68 0.51 49.44
N LYS O 406 -2.87 -0.67 48.86
CA LYS O 406 -3.02 -0.75 47.41
C LYS O 406 -4.28 -0.03 46.94
N GLN O 407 -5.36 -0.12 47.74
CA GLN O 407 -6.57 0.65 47.47
C GLN O 407 -6.33 2.15 47.65
N PHE O 408 -5.63 2.52 48.72
CA PHE O 408 -5.34 3.91 49.02
C PHE O 408 -4.54 4.57 47.90
N GLU O 409 -3.55 3.88 47.37
CA GLU O 409 -2.73 4.47 46.33
C GLU O 409 -3.42 4.42 44.97
N MET O 410 -4.28 3.42 44.74
CA MET O 410 -5.06 3.38 43.52
C MET O 410 -5.99 4.59 43.42
N VAL O 411 -6.68 4.92 44.51
CA VAL O 411 -7.70 5.97 44.45
C VAL O 411 -7.06 7.36 44.52
N ARG O 412 -6.03 7.53 45.36
CA ARG O 412 -5.34 8.81 45.45
C ARG O 412 -4.74 9.20 44.10
N ASN O 413 -4.12 8.24 43.42
CA ASN O 413 -3.63 8.44 42.06
C ASN O 413 -4.67 9.14 41.17
N ARG O 414 -5.88 8.55 41.06
CA ARG O 414 -6.89 9.11 40.16
C ARG O 414 -7.43 10.43 40.68
N ALA O 415 -7.72 10.51 41.99
CA ALA O 415 -8.17 11.77 42.56
C ALA O 415 -7.21 12.93 42.27
N ASN O 416 -5.89 12.62 42.13
CA ASN O 416 -4.93 13.65 41.74
C ASN O 416 -5.05 14.01 40.27
N GLU O 417 -5.31 13.01 39.42
CA GLU O 417 -5.38 13.22 37.99
C GLU O 417 -6.63 14.03 37.60
N TYR O 418 -7.79 13.72 38.21
CA TYR O 418 -9.02 14.46 37.95
C TYR O 418 -9.18 15.64 38.91
N ASN O 419 -8.05 16.16 39.40
CA ASN O 419 -7.94 17.26 40.35
C ASN O 419 -9.11 17.34 41.34
N LYS O 420 -9.19 16.31 42.17
CA LYS O 420 -10.11 16.27 43.31
C LYS O 420 -9.31 15.85 44.54
N ASP O 421 -9.72 16.35 45.70
CA ASP O 421 -9.04 15.98 46.93
C ASP O 421 -9.64 14.70 47.50
N TYR O 422 -8.76 13.84 48.03
CA TYR O 422 -9.12 12.47 48.41
C TYR O 422 -9.48 12.40 49.89
N MET O 423 -10.77 12.26 50.19
CA MET O 423 -11.27 12.03 51.54
C MET O 423 -11.54 10.55 51.74
N ALA O 424 -10.88 9.95 52.73
CA ALA O 424 -11.01 8.52 53.02
C ALA O 424 -11.54 8.30 54.44
N GLN O 425 -12.52 7.41 54.57
CA GLN O 425 -12.97 6.92 55.88
C GLN O 425 -13.13 5.40 55.74
N PHE O 426 -12.12 4.65 56.18
CA PHE O 426 -12.27 3.20 56.33
C PHE O 426 -13.23 2.89 57.47
N VAL O 427 -14.36 2.24 57.17
CA VAL O 427 -15.31 1.80 58.20
C VAL O 427 -15.17 0.28 58.34
N ILE O 428 -14.84 -0.19 59.54
CA ILE O 428 -14.22 -1.50 59.73
C ILE O 428 -15.14 -2.44 60.50
N GLY O 429 -15.73 -3.43 59.82
CA GLY O 429 -16.48 -4.51 60.45
C GLY O 429 -15.57 -5.54 61.09
N LEU O 430 -16.09 -6.77 61.24
CA LEU O 430 -15.29 -7.87 61.78
C LEU O 430 -14.31 -8.37 60.73
N ARG O 431 -14.81 -8.68 59.54
CA ARG O 431 -14.02 -9.37 58.53
C ARG O 431 -13.92 -8.57 57.24
N GLU O 432 -14.27 -7.29 57.26
CA GLU O 432 -14.47 -6.52 56.03
C GLU O 432 -14.40 -5.04 56.36
N MET O 433 -13.82 -4.26 55.45
CA MET O 433 -13.75 -2.80 55.56
C MET O 433 -14.45 -2.16 54.37
N TYR O 434 -15.35 -1.22 54.65
CA TYR O 434 -15.83 -0.29 53.64
C TYR O 434 -14.82 0.84 53.52
N HIS O 435 -14.29 1.04 52.30
CA HIS O 435 -13.32 2.11 52.01
C HIS O 435 -14.11 3.30 51.47
N VAL O 436 -14.60 4.15 52.37
CA VAL O 436 -15.45 5.27 51.98
C VAL O 436 -14.55 6.37 51.44
N CYS O 437 -14.67 6.66 50.16
CA CYS O 437 -13.95 7.76 49.48
C CYS O 437 -14.98 8.83 49.11
N LEU O 438 -15.05 9.89 49.91
CA LEU O 438 -15.94 11.02 49.64
C LEU O 438 -15.18 12.07 48.82
N PHE O 439 -15.65 12.33 47.61
CA PHE O 439 -15.05 13.37 46.78
C PHE O 439 -15.96 14.59 46.85
N ILE O 440 -15.48 15.64 47.54
CA ILE O 440 -16.26 16.87 47.74
C ILE O 440 -15.89 17.86 46.63
N TYR O 441 -16.91 18.52 46.06
CA TYR O 441 -16.74 19.28 44.82
C TYR O 441 -17.79 20.40 44.73
N ASP O 442 -17.63 21.25 43.70
CA ASP O 442 -18.50 22.40 43.47
C ASP O 442 -19.66 21.99 42.57
N THR O 443 -20.84 21.84 43.16
CA THR O 443 -22.03 21.46 42.43
C THR O 443 -22.42 22.47 41.36
N ALA O 444 -22.01 23.74 41.50
CA ALA O 444 -22.37 24.74 40.50
C ALA O 444 -21.53 24.60 39.23
N ASP O 445 -20.24 24.34 39.38
CA ASP O 445 -19.32 24.21 38.24
C ASP O 445 -19.69 23.00 37.37
N PRO O 446 -19.96 23.17 36.07
CA PRO O 446 -20.24 22.02 35.21
C PRO O 446 -19.02 21.15 34.89
N GLU O 447 -17.82 21.72 34.83
CA GLU O 447 -16.63 20.93 34.57
C GLU O 447 -16.23 20.06 35.77
N ALA O 448 -16.54 20.51 36.99
CA ALA O 448 -16.28 19.71 38.18
C ALA O 448 -17.31 18.60 38.35
N ARG O 449 -18.55 18.81 37.88
CA ARG O 449 -19.55 17.75 37.91
C ARG O 449 -19.22 16.63 36.93
N GLU O 450 -18.70 16.98 35.76
CA GLU O 450 -18.35 15.94 34.79
C GLU O 450 -17.11 15.18 35.22
N GLU O 451 -16.17 15.88 35.87
CA GLU O 451 -14.94 15.21 36.31
C GLU O 451 -15.26 14.16 37.36
N ILE O 452 -16.11 14.50 38.32
CA ILE O 452 -16.65 13.51 39.27
C ILE O 452 -17.16 12.29 38.51
N LEU O 453 -18.14 12.52 37.61
CA LEU O 453 -18.76 11.42 36.88
C LEU O 453 -17.75 10.57 36.11
N GLN O 454 -16.67 11.17 35.62
CA GLN O 454 -15.73 10.43 34.79
C GLN O 454 -14.56 9.86 35.57
N MET O 455 -14.23 10.42 36.74
CA MET O 455 -13.23 9.81 37.60
C MET O 455 -13.77 8.51 38.19
N THR O 456 -15.02 8.54 38.68
CA THR O 456 -15.59 7.36 39.32
C THR O 456 -15.80 6.22 38.32
N LYS O 457 -16.20 6.55 37.09
CA LYS O 457 -16.31 5.51 36.06
C LYS O 457 -14.99 4.77 35.90
N VAL O 458 -13.87 5.51 35.85
CA VAL O 458 -12.56 4.88 35.81
C VAL O 458 -12.34 4.05 37.07
N LEU O 459 -12.56 4.65 38.25
CA LEU O 459 -12.30 3.97 39.51
C LEU O 459 -13.13 2.70 39.67
N VAL O 460 -14.40 2.74 39.28
CA VAL O 460 -15.23 1.53 39.31
C VAL O 460 -14.62 0.45 38.43
N ARG O 461 -14.15 0.82 37.23
CA ARG O 461 -13.54 -0.16 36.34
C ARG O 461 -12.20 -0.65 36.87
N GLU O 462 -11.41 0.26 37.44
CA GLU O 462 -10.04 -0.06 37.83
C GLU O 462 -10.02 -0.86 39.13
N ALA O 463 -10.91 -0.51 40.06
CA ALA O 463 -11.03 -1.27 41.29
C ALA O 463 -11.52 -2.68 41.01
N ALA O 464 -12.54 -2.81 40.16
CA ALA O 464 -13.00 -4.12 39.74
C ALA O 464 -11.89 -4.94 39.09
N GLU O 465 -10.98 -4.29 38.36
CA GLU O 465 -9.90 -5.05 37.74
C GLU O 465 -8.94 -5.60 38.78
N ALA O 466 -8.88 -4.98 39.95
CA ALA O 466 -8.07 -5.55 41.01
C ALA O 466 -8.89 -6.44 41.94
N GLY O 467 -10.14 -6.76 41.58
CA GLY O 467 -10.98 -7.62 42.38
C GLY O 467 -11.71 -6.97 43.53
N TYR O 468 -11.99 -5.67 43.45
CA TYR O 468 -12.73 -4.97 44.49
C TYR O 468 -14.01 -4.42 43.89
N GLY O 469 -15.16 -4.78 44.48
CA GLY O 469 -16.42 -4.17 44.16
C GLY O 469 -16.82 -3.16 45.22
N GLU O 470 -17.91 -2.43 44.96
CA GLU O 470 -18.44 -1.47 45.91
C GLU O 470 -19.75 -1.96 46.52
N TYR O 471 -20.01 -1.57 47.76
CA TYR O 471 -21.16 -2.06 48.50
C TYR O 471 -22.43 -1.28 48.21
N ARG O 472 -22.32 -0.16 47.49
CA ARG O 472 -23.38 0.82 47.36
C ARG O 472 -22.90 1.92 46.42
N THR O 473 -23.78 2.44 45.56
CA THR O 473 -23.33 3.46 44.63
C THR O 473 -24.46 4.39 44.19
N HIS O 474 -24.03 5.46 43.51
CA HIS O 474 -24.88 6.53 43.01
C HIS O 474 -25.61 6.08 41.74
N ASN O 475 -26.79 6.68 41.51
CA ASN O 475 -27.60 6.42 40.32
C ASN O 475 -26.76 6.29 39.05
N ALA O 476 -25.92 7.30 38.79
CA ALA O 476 -25.14 7.36 37.55
C ALA O 476 -24.25 6.15 37.38
N LEU O 477 -23.88 5.49 38.48
CA LEU O 477 -22.87 4.44 38.44
C LEU O 477 -23.45 3.03 38.49
N MET O 478 -24.76 2.88 38.76
CA MET O 478 -25.34 1.59 39.10
C MET O 478 -25.10 0.55 37.99
N ASP O 479 -25.40 0.93 36.74
CA ASP O 479 -25.19 -0.01 35.64
C ASP O 479 -23.75 -0.48 35.59
N ASP O 480 -22.79 0.44 35.77
CA ASP O 480 -21.38 0.08 35.71
C ASP O 480 -20.99 -0.84 36.86
N VAL O 481 -21.57 -0.64 38.04
CA VAL O 481 -21.16 -1.42 39.20
C VAL O 481 -21.71 -2.85 39.09
N MET O 482 -23.00 -2.98 38.78
CA MET O 482 -23.60 -4.29 38.58
C MET O 482 -22.92 -5.04 37.45
N ALA O 483 -22.34 -4.31 36.49
CA ALA O 483 -21.62 -4.92 35.38
C ALA O 483 -20.34 -5.59 35.85
N THR O 484 -19.82 -5.25 37.02
CA THR O 484 -18.61 -5.90 37.52
C THR O 484 -18.90 -7.21 38.21
N PHE O 485 -20.10 -7.36 38.79
CA PHE O 485 -20.47 -8.59 39.49
C PHE O 485 -20.99 -9.65 38.51
N ASN O 486 -20.23 -9.90 37.45
CA ASN O 486 -20.68 -10.71 36.33
C ASN O 486 -19.97 -12.06 36.24
N TRP O 487 -19.73 -12.69 37.39
CA TRP O 487 -19.29 -14.07 37.38
C TRP O 487 -20.33 -14.94 36.66
N GLY O 488 -19.83 -15.98 36.02
CA GLY O 488 -20.64 -16.82 35.15
C GLY O 488 -21.51 -16.07 34.17
N ASP O 489 -20.90 -15.23 33.33
CA ASP O 489 -21.63 -14.52 32.26
C ASP O 489 -22.82 -13.74 32.82
N GLY O 490 -22.57 -12.95 33.86
CA GLY O 490 -23.62 -12.13 34.46
C GLY O 490 -24.78 -12.87 35.11
N ALA O 491 -24.51 -14.03 35.70
CA ALA O 491 -25.57 -14.88 36.23
C ALA O 491 -26.36 -14.20 37.33
N LEU O 492 -25.71 -13.33 38.12
CA LEU O 492 -26.41 -12.68 39.21
C LEU O 492 -27.42 -11.65 38.70
N LEU O 493 -27.07 -10.91 37.63
CA LEU O 493 -28.04 -10.02 37.01
C LEU O 493 -29.16 -10.81 36.35
N LYS O 494 -28.83 -11.88 35.61
CA LYS O 494 -29.87 -12.70 34.95
C LYS O 494 -30.83 -13.33 35.95
N PHE O 495 -30.33 -13.69 37.13
CA PHE O 495 -31.19 -14.11 38.23
C PHE O 495 -32.05 -12.94 38.71
N HIS O 496 -31.44 -11.78 38.94
CA HIS O 496 -32.22 -10.65 39.42
C HIS O 496 -33.27 -10.21 38.42
N GLU O 497 -33.01 -10.40 37.12
CA GLU O 497 -33.92 -9.94 36.08
C GLU O 497 -35.17 -10.83 36.00
N LYS O 498 -34.98 -12.14 36.07
CA LYS O 498 -36.14 -13.05 36.03
C LYS O 498 -37.03 -12.84 37.25
N ILE O 499 -36.45 -12.49 38.39
CA ILE O 499 -37.27 -12.16 39.55
C ILE O 499 -37.96 -10.81 39.35
N LYS O 500 -37.23 -9.82 38.84
CA LYS O 500 -37.84 -8.51 38.61
C LYS O 500 -39.05 -8.60 37.69
N ASP O 501 -38.94 -9.37 36.61
CA ASP O 501 -40.05 -9.46 35.69
C ASP O 501 -41.23 -10.27 36.23
N ALA O 502 -40.97 -11.31 37.03
CA ALA O 502 -42.07 -12.12 37.55
C ALA O 502 -42.94 -11.35 38.53
N LEU O 503 -42.35 -10.45 39.31
CA LEU O 503 -43.11 -9.65 40.26
C LEU O 503 -43.55 -8.31 39.68
N ASP O 504 -42.83 -7.79 38.68
CA ASP O 504 -43.11 -6.50 38.05
C ASP O 504 -43.28 -6.73 36.55
N PRO O 505 -44.44 -7.25 36.13
CA PRO O 505 -44.61 -7.60 34.71
C PRO O 505 -44.86 -6.40 33.80
N ASN O 506 -45.26 -5.25 34.34
CA ASN O 506 -45.42 -4.02 33.55
C ASN O 506 -44.29 -3.02 33.81
N GLY O 507 -43.16 -3.48 34.34
CA GLY O 507 -41.96 -2.67 34.51
C GLY O 507 -42.16 -1.35 35.22
N ILE O 508 -42.71 -1.37 36.42
CA ILE O 508 -43.24 -0.15 37.05
C ILE O 508 -42.34 0.38 38.15
N ILE O 509 -41.78 -0.47 39.04
CA ILE O 509 -41.13 0.04 40.25
C ILE O 509 -39.63 0.26 40.03
N ALA O 510 -39.15 1.45 40.41
CA ALA O 510 -37.83 2.07 40.22
C ALA O 510 -36.90 1.30 39.28
N PRO O 511 -37.15 1.34 37.96
CA PRO O 511 -36.30 0.59 37.04
C PRO O 511 -34.89 1.14 36.97
N GLY O 512 -33.92 0.23 36.79
CA GLY O 512 -32.52 0.57 36.78
C GLY O 512 -31.83 0.65 38.12
N LYS O 513 -32.58 0.59 39.22
CA LYS O 513 -31.97 0.47 40.54
C LYS O 513 -31.04 -0.73 40.56
N SER O 514 -29.86 -0.53 41.14
CA SER O 514 -28.82 -1.56 41.16
C SER O 514 -28.65 -2.22 39.80
N GLY O 515 -28.84 -1.44 38.72
CA GLY O 515 -28.69 -1.93 37.36
C GLY O 515 -29.71 -2.95 36.92
N ILE O 516 -30.81 -3.10 37.65
CA ILE O 516 -31.81 -4.14 37.40
C ILE O 516 -32.96 -3.50 36.63
N TRP O 517 -33.04 -3.82 35.33
CA TRP O 517 -34.01 -3.24 34.43
C TRP O 517 -35.07 -4.27 34.06
N PRO O 518 -36.36 -3.96 34.19
CA PRO O 518 -37.39 -4.85 33.66
C PRO O 518 -37.35 -4.89 32.13
N GLN O 519 -38.10 -5.84 31.55
CA GLN O 519 -37.86 -6.25 30.17
C GLN O 519 -38.22 -5.17 29.16
N ARG O 520 -39.18 -4.30 29.48
CA ARG O 520 -39.58 -3.29 28.50
C ARG O 520 -38.48 -2.27 28.26
N PHE O 521 -37.56 -2.09 29.22
CA PHE O 521 -36.48 -1.13 29.12
C PHE O 521 -35.14 -1.73 28.68
N ARG O 522 -35.03 -3.05 28.58
CA ARG O 522 -33.73 -3.69 28.39
C ARG O 522 -33.34 -3.68 26.92
N GLY O 523 -32.41 -2.79 26.58
CA GLY O 523 -31.90 -2.65 25.23
C GLY O 523 -31.60 -1.21 24.92
N GLN O 524 -32.41 -0.32 25.51
CA GLN O 524 -32.36 1.11 25.24
C GLN O 524 -31.03 1.70 25.72
N ASN O 525 -30.95 3.03 25.76
CA ASN O 525 -30.02 3.63 26.71
C ASN O 525 -30.70 3.56 28.07
N LEU O 526 -31.67 4.46 28.35
CA LEU O 526 -32.23 4.44 29.69
C LEU O 526 -33.78 4.44 29.79
N THR P 2 56.88 54.65 -61.24
CA THR P 2 57.98 54.14 -60.42
C THR P 2 58.40 52.76 -60.92
N ARG P 3 59.48 52.22 -60.35
CA ARG P 3 60.02 50.91 -60.70
C ARG P 3 59.50 49.90 -59.68
N THR P 4 58.83 48.86 -60.15
CA THR P 4 58.20 47.89 -59.25
C THR P 4 59.24 47.15 -58.42
N LEU P 5 59.12 47.24 -57.10
CA LEU P 5 60.07 46.57 -56.25
C LEU P 5 59.37 45.58 -55.32
N PRO P 6 60.04 44.52 -54.89
CA PRO P 6 59.46 43.66 -53.87
C PRO P 6 59.27 44.47 -52.59
N PRO P 7 58.19 44.23 -51.88
CA PRO P 7 57.95 44.92 -50.61
C PRO P 7 59.15 44.93 -49.68
N GLY P 8 59.56 46.11 -49.23
CA GLY P 8 60.56 46.24 -48.20
C GLY P 8 62.00 45.88 -48.57
N VAL P 9 62.35 45.94 -49.85
CA VAL P 9 63.73 45.63 -50.26
C VAL P 9 64.26 46.78 -51.12
N SER P 10 65.40 47.36 -50.71
CA SER P 10 65.96 48.56 -51.31
C SER P 10 66.24 48.39 -52.80
N ASP P 11 66.41 49.53 -53.47
CA ASP P 11 66.73 49.57 -54.89
C ASP P 11 68.02 48.80 -55.19
N GLU P 12 68.97 48.78 -54.26
CA GLU P 12 70.20 48.03 -54.44
C GLU P 12 69.96 46.55 -54.18
N ARG P 13 69.47 46.22 -52.97
CA ARG P 13 69.27 44.82 -52.57
C ARG P 13 68.58 44.01 -53.66
N PHE P 14 67.65 44.63 -54.39
CA PHE P 14 66.98 43.96 -55.49
C PHE P 14 67.91 43.80 -56.69
N ASP P 15 68.70 44.82 -57.00
CA ASP P 15 69.66 44.72 -58.10
C ASP P 15 70.75 43.72 -57.78
N ALA P 16 71.15 43.61 -56.51
CA ALA P 16 72.06 42.57 -56.08
C ALA P 16 71.49 41.19 -56.36
N ALA P 17 70.19 40.98 -56.08
CA ALA P 17 69.53 39.73 -56.42
C ALA P 17 69.43 39.54 -57.92
N LEU P 18 69.04 40.59 -58.66
CA LEU P 18 68.78 40.46 -60.09
C LEU P 18 69.99 39.92 -60.85
N GLN P 19 71.22 40.25 -60.43
CA GLN P 19 72.39 39.64 -61.07
C GLN P 19 72.62 38.23 -60.54
N ARG P 20 72.34 37.97 -59.25
CA ARG P 20 72.40 36.62 -58.73
C ARG P 20 71.49 35.69 -59.51
N PHE P 21 70.32 36.17 -59.94
CA PHE P 21 69.44 35.40 -60.81
C PHE P 21 70.09 35.16 -62.16
N ARG P 22 70.67 36.21 -62.76
CA ARG P 22 71.36 36.07 -64.04
C ARG P 22 72.56 35.14 -63.91
N ASP P 23 73.30 35.24 -62.80
CA ASP P 23 74.37 34.32 -62.42
C ASP P 23 73.97 32.88 -62.74
N VAL P 24 72.68 32.59 -62.58
CA VAL P 24 72.18 31.23 -62.58
C VAL P 24 71.49 30.83 -63.89
N VAL P 25 70.90 31.77 -64.63
CA VAL P 25 70.18 31.44 -65.85
C VAL P 25 70.71 32.18 -67.08
N GLY P 26 71.70 33.07 -66.90
CA GLY P 26 72.25 33.86 -68.00
C GLY P 26 71.38 35.08 -68.22
N ASP P 27 71.95 36.24 -68.55
CA ASP P 27 71.08 37.41 -68.39
C ASP P 27 70.14 37.66 -69.55
N LYS P 28 70.19 36.87 -70.62
CA LYS P 28 69.14 36.94 -71.61
C LYS P 28 67.80 36.57 -71.00
N TRP P 29 67.81 35.77 -69.92
CA TRP P 29 66.60 35.19 -69.35
C TRP P 29 66.18 35.83 -68.03
N VAL P 30 66.49 37.12 -67.83
CA VAL P 30 66.00 37.86 -66.68
C VAL P 30 65.52 39.21 -67.19
N LEU P 31 64.20 39.39 -67.25
CA LEU P 31 63.59 40.62 -67.74
C LEU P 31 63.30 41.56 -66.58
N SER P 32 63.37 42.88 -66.86
CA SER P 32 63.35 43.89 -65.79
C SER P 32 62.99 45.30 -66.25
N THR P 33 62.78 45.51 -67.55
CA THR P 33 62.37 46.82 -68.04
C THR P 33 60.85 46.88 -68.19
N ALA P 34 60.31 48.08 -68.01
CA ALA P 34 58.86 48.29 -68.08
C ALA P 34 58.30 47.78 -69.40
N ASP P 35 59.00 48.03 -70.51
CA ASP P 35 58.51 47.54 -71.79
C ASP P 35 58.54 46.02 -71.86
N GLU P 36 59.59 45.41 -71.27
CA GLU P 36 59.65 43.95 -71.19
C GLU P 36 58.51 43.39 -70.36
N LEU P 37 58.17 44.04 -69.24
CA LEU P 37 57.17 43.55 -68.30
C LEU P 37 55.74 43.71 -68.80
N GLU P 38 55.52 44.67 -69.71
CA GLU P 38 54.19 44.90 -70.27
C GLU P 38 53.48 43.60 -70.64
N ALA P 39 54.19 42.70 -71.29
CA ALA P 39 53.57 41.46 -71.77
C ALA P 39 53.17 40.53 -70.63
N PHE P 40 53.71 40.75 -69.43
CA PHE P 40 53.46 39.86 -68.30
C PHE P 40 52.50 40.47 -67.29
N ARG P 41 51.91 41.62 -67.59
CA ARG P 41 50.79 42.12 -66.79
C ARG P 41 49.51 41.46 -67.25
N ASP P 42 48.61 41.23 -66.30
CA ASP P 42 47.27 40.67 -66.49
C ASP P 42 46.62 41.17 -67.78
N PRO P 43 46.60 40.35 -68.84
CA PRO P 43 45.99 40.80 -70.12
C PRO P 43 44.52 41.15 -70.01
N TYR P 44 43.82 40.61 -69.01
CA TYR P 44 42.41 40.95 -68.75
C TYR P 44 42.34 41.57 -67.36
N PRO P 45 42.86 42.78 -67.19
CA PRO P 45 42.99 43.35 -65.84
C PRO P 45 41.63 43.58 -65.19
N VAL P 46 41.66 43.79 -63.88
CA VAL P 46 40.45 43.88 -63.09
C VAL P 46 40.62 45.04 -62.11
N GLY P 47 39.66 45.96 -62.13
CA GLY P 47 39.77 47.23 -61.44
C GLY P 47 40.15 48.35 -62.40
N ALA P 48 39.98 49.58 -61.93
CA ALA P 48 40.56 50.73 -62.62
C ALA P 48 41.97 51.00 -62.16
N ALA P 49 42.29 50.60 -60.93
CA ALA P 49 43.57 50.89 -60.32
C ALA P 49 44.68 49.97 -60.83
N GLU P 50 45.90 50.41 -60.61
CA GLU P 50 47.09 49.59 -60.65
C GLU P 50 46.91 48.35 -59.78
N ALA P 51 47.21 47.16 -60.35
CA ALA P 51 47.22 45.93 -59.56
C ALA P 51 48.01 44.83 -60.25
N ASN P 52 48.60 43.95 -59.42
CA ASN P 52 49.24 42.70 -59.85
C ASN P 52 50.44 42.99 -60.76
N LEU P 53 51.48 43.54 -60.13
CA LEU P 53 52.59 44.07 -60.90
C LEU P 53 53.85 43.24 -60.71
N PRO P 54 54.37 42.66 -61.78
CA PRO P 54 55.60 41.84 -61.67
C PRO P 54 56.84 42.73 -61.58
N SER P 55 57.68 42.46 -60.59
CA SER P 55 59.00 43.10 -60.60
C SER P 55 59.89 42.53 -61.71
N ALA P 56 60.16 41.23 -61.65
CA ALA P 56 61.04 40.57 -62.62
C ALA P 56 60.39 39.30 -63.15
N VAL P 57 60.94 38.80 -64.25
CA VAL P 57 60.61 37.48 -64.78
C VAL P 57 61.92 36.72 -64.93
N VAL P 58 61.96 35.48 -64.44
CA VAL P 58 63.14 34.63 -64.54
C VAL P 58 62.74 33.33 -65.23
N SER P 59 63.49 32.95 -66.27
CA SER P 59 63.18 31.82 -67.13
C SER P 59 64.22 30.72 -66.93
N PRO P 60 64.02 29.83 -65.97
CA PRO P 60 65.05 28.81 -65.68
C PRO P 60 65.02 27.66 -66.69
N GLU P 61 66.17 26.99 -66.74
CA GLU P 61 66.47 25.92 -67.70
C GLU P 61 66.32 24.54 -67.10
N SER P 62 66.51 24.42 -65.79
CA SER P 62 66.64 23.13 -65.13
C SER P 62 66.00 23.19 -63.76
N THR P 63 65.72 22.00 -63.20
CA THR P 63 65.30 21.92 -61.81
C THR P 63 66.39 22.42 -60.89
N GLU P 64 67.66 22.18 -61.25
CA GLU P 64 68.79 22.71 -60.49
C GLU P 64 68.73 24.23 -60.39
N GLN P 65 68.37 24.91 -61.49
CA GLN P 65 68.33 26.37 -61.48
C GLN P 65 67.18 26.88 -60.61
N VAL P 66 66.00 26.25 -60.73
CA VAL P 66 64.85 26.61 -59.90
C VAL P 66 65.20 26.50 -58.43
N GLN P 67 65.94 25.44 -58.07
CA GLN P 67 66.40 25.28 -56.70
C GLN P 67 67.29 26.45 -56.29
N ASP P 68 68.19 26.88 -57.19
CA ASP P 68 69.10 27.96 -56.84
C ASP P 68 68.36 29.30 -56.76
N ILE P 69 67.43 29.55 -57.69
CA ILE P 69 66.60 30.76 -57.63
C ILE P 69 65.86 30.85 -56.31
N VAL P 70 65.43 29.70 -55.78
CA VAL P 70 64.67 29.71 -54.53
C VAL P 70 65.57 30.02 -53.34
N ARG P 71 66.81 29.53 -53.36
CA ARG P 71 67.72 29.82 -52.25
C ARG P 71 68.12 31.29 -52.25
N ILE P 72 68.25 31.90 -53.44
CA ILE P 72 68.53 33.33 -53.54
C ILE P 72 67.36 34.13 -53.00
N ALA P 73 66.19 33.98 -53.62
CA ALA P 73 65.02 34.71 -53.16
C ALA P 73 64.80 34.53 -51.65
N ASN P 74 65.12 33.34 -51.12
CA ASN P 74 65.16 33.18 -49.68
C ASN P 74 66.17 34.13 -49.05
N GLU P 75 67.35 34.23 -49.66
CA GLU P 75 68.44 35.03 -49.11
C GLU P 75 68.05 36.51 -48.96
N TYR P 76 67.26 37.03 -49.88
CA TYR P 76 66.96 38.46 -49.95
C TYR P 76 65.48 38.75 -49.70
N GLY P 77 64.67 37.72 -49.46
CA GLY P 77 63.26 37.90 -49.17
C GLY P 77 62.47 38.30 -50.38
N ILE P 78 62.79 37.77 -51.55
CA ILE P 78 62.15 38.16 -52.81
C ILE P 78 60.98 37.21 -53.05
N PRO P 79 59.75 37.71 -53.16
CA PRO P 79 58.63 36.81 -53.40
C PRO P 79 58.62 36.31 -54.83
N LEU P 80 58.33 35.01 -54.99
CA LEU P 80 58.34 34.34 -56.28
C LEU P 80 56.93 33.89 -56.64
N HIS P 81 56.53 34.12 -57.88
CA HIS P 81 55.24 33.63 -58.38
C HIS P 81 55.50 32.64 -59.51
N PRO P 82 55.44 31.34 -59.24
CA PRO P 82 55.77 30.36 -60.27
C PRO P 82 54.60 30.09 -61.19
N VAL P 83 54.89 30.01 -62.49
CA VAL P 83 53.90 29.67 -63.51
C VAL P 83 54.51 28.67 -64.49
N SER P 84 53.67 28.17 -65.41
CA SER P 84 54.13 27.28 -66.48
C SER P 84 54.11 28.10 -67.76
N THR P 85 53.04 28.05 -68.55
CA THR P 85 52.91 28.88 -69.74
C THR P 85 52.38 30.28 -69.41
N GLY P 86 51.95 30.51 -68.17
CA GLY P 86 51.43 31.81 -67.76
C GLY P 86 50.20 32.26 -68.50
N LYS P 87 49.34 31.35 -68.93
CA LYS P 87 48.14 31.69 -69.68
C LYS P 87 46.86 31.58 -68.85
N ASN P 88 46.91 31.89 -67.56
CA ASN P 88 45.74 31.81 -66.68
C ASN P 88 44.82 33.03 -66.89
N ASN P 89 44.35 33.18 -68.13
CA ASN P 89 43.64 34.38 -68.54
C ASN P 89 42.19 34.27 -68.07
N GLY P 90 41.83 35.09 -67.09
CA GLY P 90 40.54 35.06 -66.42
C GLY P 90 40.76 35.07 -64.94
N TYR P 91 41.84 34.43 -64.53
CA TYR P 91 42.19 34.31 -63.14
C TYR P 91 43.42 35.14 -62.80
N GLY P 92 43.99 35.86 -63.78
CA GLY P 92 45.12 36.73 -63.55
C GLY P 92 46.22 36.69 -64.61
N GLY P 93 45.95 36.10 -65.78
CA GLY P 93 46.97 35.91 -66.80
C GLY P 93 48.21 35.22 -66.26
N ALA P 94 49.37 35.87 -66.39
CA ALA P 94 50.61 35.40 -65.77
C ALA P 94 50.95 36.18 -64.49
N ALA P 95 50.14 37.18 -64.14
CA ALA P 95 50.53 38.15 -63.13
C ALA P 95 50.50 37.53 -61.73
N PRO P 96 51.35 38.03 -60.83
CA PRO P 96 51.33 37.52 -59.45
C PRO P 96 50.11 38.06 -58.72
N ARG P 97 49.83 37.46 -57.56
CA ARG P 97 48.81 38.04 -56.68
C ARG P 97 49.37 39.24 -55.94
N LEU P 98 50.41 39.00 -55.14
CA LEU P 98 51.17 40.08 -54.55
C LEU P 98 51.96 40.82 -55.62
N SER P 99 51.96 42.14 -55.52
CA SER P 99 52.72 42.98 -56.43
C SER P 99 54.15 43.12 -55.94
N GLY P 100 55.09 43.20 -56.89
CA GLY P 100 56.49 43.28 -56.60
C GLY P 100 57.24 41.96 -56.54
N SER P 101 56.60 40.87 -56.92
CA SER P 101 57.16 39.52 -56.83
C SER P 101 57.63 39.03 -58.21
N VAL P 102 58.55 38.08 -58.21
CA VAL P 102 59.25 37.66 -59.43
C VAL P 102 58.51 36.47 -60.04
N ILE P 103 57.84 36.71 -61.17
CA ILE P 103 57.32 35.63 -62.00
C ILE P 103 58.48 34.72 -62.37
N VAL P 104 58.33 33.42 -62.10
CA VAL P 104 59.35 32.43 -62.48
C VAL P 104 58.79 31.56 -63.59
N LYS P 105 58.84 32.05 -64.83
CA LYS P 105 58.23 31.33 -65.94
C LYS P 105 59.01 30.07 -66.28
N THR P 106 58.61 28.95 -65.66
CA THR P 106 59.32 27.69 -65.87
C THR P 106 59.14 27.17 -67.29
N GLY P 107 57.92 27.26 -67.82
CA GLY P 107 57.62 26.70 -69.13
C GLY P 107 58.37 27.32 -70.29
N GLU P 108 59.10 28.40 -70.06
CA GLU P 108 59.83 29.04 -71.15
C GLU P 108 60.87 28.11 -71.74
N ARG P 109 61.80 27.64 -70.91
CA ARG P 109 62.81 26.69 -71.38
C ARG P 109 62.46 25.25 -71.03
N MET P 110 61.98 25.00 -69.80
CA MET P 110 61.59 23.65 -69.37
C MET P 110 60.28 23.25 -70.06
N ASN P 111 60.40 22.78 -71.29
CA ASN P 111 59.25 22.51 -72.14
C ASN P 111 59.40 21.18 -72.86
N ARG P 112 60.12 20.23 -72.27
CA ARG P 112 60.40 18.96 -72.90
C ARG P 112 59.36 17.92 -72.49
N ILE P 113 59.03 17.05 -73.44
CA ILE P 113 58.19 15.89 -73.20
C ILE P 113 59.14 14.75 -72.82
N LEU P 114 59.32 14.53 -71.50
CA LEU P 114 60.29 13.56 -71.02
C LEU P 114 59.93 12.11 -71.35
N GLU P 115 58.63 11.81 -71.53
CA GLU P 115 58.24 10.44 -71.84
C GLU P 115 56.77 10.42 -72.26
N VAL P 116 56.45 9.60 -73.26
CA VAL P 116 55.07 9.22 -73.56
C VAL P 116 55.05 7.72 -73.75
N ASN P 117 54.19 7.03 -73.00
CA ASN P 117 54.16 5.57 -72.93
C ASN P 117 52.87 5.08 -73.59
N GLU P 118 53.01 4.30 -74.67
CA GLU P 118 51.86 3.78 -75.41
C GLU P 118 51.21 2.61 -74.69
N LYS P 119 52.00 1.83 -73.98
CA LYS P 119 51.52 0.58 -73.41
C LYS P 119 50.68 0.83 -72.17
N TYR P 120 51.09 1.77 -71.32
CA TYR P 120 50.38 2.08 -70.09
C TYR P 120 49.59 3.37 -70.18
N GLY P 121 49.69 4.10 -71.29
CA GLY P 121 48.97 5.34 -71.50
C GLY P 121 49.24 6.41 -70.45
N TYR P 122 50.45 6.98 -70.48
CA TYR P 122 50.77 8.12 -69.63
C TYR P 122 51.82 9.00 -70.29
N ALA P 123 52.03 10.16 -69.68
CA ALA P 123 53.03 11.12 -70.11
C ALA P 123 53.68 11.72 -68.87
N LEU P 124 54.99 11.92 -68.94
CA LEU P 124 55.74 12.68 -67.95
C LEU P 124 56.17 13.98 -68.63
N LEU P 125 55.78 15.11 -68.04
CA LEU P 125 55.86 16.40 -68.72
C LEU P 125 56.58 17.42 -67.86
N GLU P 126 57.26 18.35 -68.55
CA GLU P 126 57.77 19.58 -67.96
C GLU P 126 56.73 20.69 -68.11
N PRO P 127 56.82 21.74 -67.30
CA PRO P 127 55.75 22.75 -67.29
C PRO P 127 55.40 23.39 -68.63
N GLY P 128 56.36 23.52 -69.55
CA GLY P 128 56.13 24.26 -70.78
C GLY P 128 55.45 23.52 -71.90
N VAL P 129 55.10 22.26 -71.71
CA VAL P 129 54.45 21.53 -72.79
C VAL P 129 53.01 22.05 -72.93
N THR P 130 52.65 22.47 -74.13
CA THR P 130 51.29 22.95 -74.34
C THR P 130 50.44 21.77 -74.78
N TYR P 131 49.15 22.05 -74.97
CA TYR P 131 48.29 21.03 -75.53
C TYR P 131 48.53 20.83 -77.02
N PHE P 132 48.99 21.87 -77.72
CA PHE P 132 49.47 21.68 -79.10
C PHE P 132 50.78 20.90 -79.11
N ASP P 133 51.70 21.25 -78.21
CA ASP P 133 52.98 20.53 -78.10
C ASP P 133 52.73 19.03 -77.95
N LEU P 134 51.85 18.65 -77.03
CA LEU P 134 51.63 17.23 -76.81
C LEU P 134 50.75 16.63 -77.90
N TYR P 135 49.78 17.40 -78.41
CA TYR P 135 49.00 16.91 -79.54
C TYR P 135 49.90 16.66 -80.75
N GLU P 136 50.85 17.58 -80.99
CA GLU P 136 51.77 17.42 -82.12
C GLU P 136 52.58 16.13 -81.97
N TYR P 137 53.16 15.93 -80.79
CA TYR P 137 53.85 14.68 -80.48
C TYR P 137 52.97 13.47 -80.78
N LEU P 138 51.81 13.38 -80.12
CA LEU P 138 50.94 12.21 -80.32
C LEU P 138 50.58 12.02 -81.79
N GLN P 139 50.45 13.12 -82.54
CA GLN P 139 50.21 13.03 -83.97
C GLN P 139 51.45 12.58 -84.74
N SER P 140 52.62 13.13 -84.41
CA SER P 140 53.86 12.73 -85.08
C SER P 140 54.16 11.22 -84.90
N HIS P 141 53.86 10.67 -83.72
CA HIS P 141 54.21 9.28 -83.42
C HIS P 141 53.05 8.33 -83.68
N ASP P 142 52.04 8.76 -84.43
CA ASP P 142 50.91 7.91 -84.77
C ASP P 142 50.34 7.21 -83.52
N SER P 143 50.16 8.00 -82.47
CA SER P 143 49.79 7.42 -81.17
C SER P 143 48.35 6.90 -81.15
N GLY P 144 48.12 5.87 -80.34
CA GLY P 144 46.78 5.42 -80.01
C GLY P 144 46.14 6.16 -78.86
N LEU P 145 46.88 7.06 -78.22
CA LEU P 145 46.42 7.88 -77.10
C LEU P 145 45.80 9.18 -77.58
N MET P 146 45.26 9.92 -76.62
CA MET P 146 44.67 11.23 -76.85
C MET P 146 44.77 12.01 -75.55
N LEU P 147 44.76 13.33 -75.67
CA LEU P 147 44.88 14.15 -74.48
C LEU P 147 43.50 14.68 -74.10
N ASP P 148 43.48 15.47 -73.03
CA ASP P 148 42.28 16.13 -72.55
C ASP P 148 42.62 17.60 -72.34
N CYS P 149 41.96 18.48 -73.10
CA CYS P 149 42.34 19.89 -73.12
C CYS P 149 41.17 20.79 -72.73
N PRO P 150 41.47 21.93 -72.12
CA PRO P 150 40.45 22.97 -71.96
C PRO P 150 40.04 23.57 -73.31
N ASP P 151 39.14 24.56 -73.28
CA ASP P 151 38.72 25.25 -74.50
C ASP P 151 39.90 25.86 -75.23
N LEU P 152 40.92 26.32 -74.51
CA LEU P 152 42.03 27.08 -75.07
C LEU P 152 43.31 26.24 -75.01
N GLY P 153 43.62 25.59 -76.14
CA GLY P 153 44.72 24.66 -76.24
C GLY P 153 46.12 25.23 -76.15
N TRP P 154 46.30 26.50 -75.80
CA TRP P 154 47.63 27.10 -75.78
C TRP P 154 48.21 27.16 -74.39
N GLY P 155 47.54 26.56 -73.41
CA GLY P 155 48.03 26.51 -72.05
C GLY P 155 48.90 25.30 -71.79
N SER P 156 49.28 25.14 -70.53
CA SER P 156 50.20 24.08 -70.10
C SER P 156 49.43 22.91 -69.48
N VAL P 157 49.78 21.69 -69.90
CA VAL P 157 49.21 20.51 -69.27
C VAL P 157 49.51 20.52 -67.77
N VAL P 158 50.73 20.89 -67.40
CA VAL P 158 51.08 21.00 -65.98
C VAL P 158 50.36 22.16 -65.32
N GLY P 159 50.37 23.33 -65.96
CA GLY P 159 49.89 24.52 -65.29
C GLY P 159 48.39 24.48 -65.04
N ASN P 160 47.64 24.12 -66.08
CA ASN P 160 46.19 23.95 -65.96
C ASN P 160 45.84 22.97 -64.85
N THR P 161 46.59 21.86 -64.75
CA THR P 161 46.36 20.87 -63.68
C THR P 161 46.60 21.47 -62.30
N LEU P 162 47.64 22.28 -62.16
CA LEU P 162 47.98 22.81 -60.84
C LEU P 162 46.97 23.84 -60.33
N ASP P 163 46.11 24.38 -61.20
CA ASP P 163 44.98 25.20 -60.77
C ASP P 163 43.68 24.38 -60.74
N ARG P 164 43.80 23.06 -60.87
CA ARG P 164 42.66 22.15 -61.01
C ARG P 164 41.69 22.63 -62.08
N GLY P 165 42.25 23.00 -63.22
CA GLY P 165 41.47 23.20 -64.43
C GLY P 165 40.92 21.88 -64.95
N VAL P 166 40.01 21.96 -65.91
CA VAL P 166 39.28 20.78 -66.33
C VAL P 166 39.11 20.79 -67.85
N GLY P 167 38.87 19.60 -68.39
CA GLY P 167 38.64 19.39 -69.81
C GLY P 167 37.33 18.67 -69.99
N TYR P 168 37.13 17.96 -71.09
CA TYR P 168 35.77 17.62 -71.49
C TYR P 168 35.63 16.20 -72.07
N THR P 169 36.69 15.39 -72.02
CA THR P 169 36.62 13.96 -72.33
C THR P 169 36.38 13.18 -71.03
N PRO P 170 36.29 11.84 -71.07
CA PRO P 170 36.18 11.09 -69.79
C PRO P 170 37.35 11.33 -68.85
N TYR P 171 38.48 11.83 -69.34
CA TYR P 171 39.61 12.18 -68.47
C TYR P 171 39.59 13.67 -68.17
N GLY P 172 38.37 14.21 -68.06
CA GLY P 172 38.20 15.64 -67.84
C GLY P 172 38.81 16.16 -66.55
N ASP P 173 38.71 15.40 -65.45
CA ASP P 173 39.22 15.89 -64.15
C ASP P 173 40.73 15.72 -64.14
N HIS P 174 41.46 16.81 -64.44
CA HIS P 174 42.90 16.70 -64.67
C HIS P 174 43.63 16.28 -63.43
N PHE P 175 43.22 16.80 -62.27
CA PHE P 175 43.96 16.47 -61.06
C PHE P 175 43.83 14.99 -60.73
N MET P 176 42.66 14.42 -60.94
CA MET P 176 42.46 13.00 -60.69
C MET P 176 43.48 12.17 -61.45
N TRP P 177 43.64 12.44 -62.73
CA TRP P 177 44.49 11.65 -63.58
C TRP P 177 45.97 12.05 -63.49
N GLN P 178 46.28 13.12 -62.75
CA GLN P 178 47.66 13.43 -62.45
C GLN P 178 48.26 12.31 -61.61
N THR P 179 49.49 11.91 -61.96
CA THR P 179 50.19 10.78 -61.34
C THR P 179 51.65 11.17 -61.16
N GLY P 180 52.01 11.60 -59.96
CA GLY P 180 53.40 11.92 -59.68
C GLY P 180 53.83 13.31 -60.11
N LEU P 181 54.59 13.97 -59.25
CA LEU P 181 55.14 15.25 -59.61
C LEU P 181 56.50 15.41 -58.91
N GLU P 182 57.29 16.33 -59.45
CA GLU P 182 58.53 16.79 -58.84
C GLU P 182 58.33 18.26 -58.50
N VAL P 183 58.72 18.65 -57.29
CA VAL P 183 58.52 20.03 -56.86
C VAL P 183 59.72 20.49 -56.03
N VAL P 184 60.04 21.78 -56.13
CA VAL P 184 61.07 22.43 -55.34
C VAL P 184 60.37 23.11 -54.18
N LEU P 185 60.61 22.62 -52.96
CA LEU P 185 59.94 23.17 -51.78
C LEU P 185 60.55 24.53 -51.42
N PRO P 186 59.88 25.32 -50.55
CA PRO P 186 60.19 26.75 -50.48
C PRO P 186 61.54 27.12 -49.87
N GLN P 187 62.41 26.14 -49.65
CA GLN P 187 63.78 26.43 -49.23
C GLN P 187 64.77 25.62 -50.03
N GLY P 188 64.49 25.41 -51.32
CA GLY P 188 65.47 24.86 -52.23
C GLY P 188 65.58 23.34 -52.26
N GLU P 189 65.07 22.63 -51.25
CA GLU P 189 65.11 21.18 -51.32
C GLU P 189 64.12 20.67 -52.35
N VAL P 190 64.47 19.55 -52.99
CA VAL P 190 63.66 18.97 -54.07
C VAL P 190 63.01 17.71 -53.55
N MET P 191 61.81 17.41 -54.07
CA MET P 191 61.03 16.29 -53.60
C MET P 191 60.27 15.66 -54.75
N ARG P 192 60.15 14.33 -54.71
CA ARG P 192 59.31 13.61 -55.65
C ARG P 192 58.21 12.88 -54.87
N THR P 193 57.01 12.83 -55.45
CA THR P 193 55.86 12.20 -54.81
C THR P 193 55.63 10.81 -55.39
N GLY P 194 54.84 10.03 -54.65
CA GLY P 194 54.39 8.75 -55.16
C GLY P 194 55.53 7.76 -55.23
N MET P 195 55.50 6.92 -56.27
CA MET P 195 56.59 5.98 -56.50
C MET P 195 57.87 6.69 -56.97
N GLY P 196 57.79 7.93 -57.45
CA GLY P 196 59.00 8.70 -57.72
C GLY P 196 59.85 8.97 -56.49
N ALA P 197 59.27 8.88 -55.29
CA ALA P 197 60.07 9.00 -54.08
C ALA P 197 60.85 7.73 -53.76
N LEU P 198 60.68 6.66 -54.54
CA LEU P 198 61.43 5.43 -54.33
C LEU P 198 62.45 5.25 -55.45
N PRO P 199 63.74 5.38 -55.16
CA PRO P 199 64.76 5.37 -56.24
C PRO P 199 64.72 4.09 -57.05
N GLY P 200 64.48 4.23 -58.36
CA GLY P 200 64.47 3.11 -59.30
C GLY P 200 63.09 2.68 -59.79
N SER P 201 62.01 3.17 -59.19
CA SER P 201 60.68 2.74 -59.57
C SER P 201 60.34 3.18 -60.99
N ASP P 202 59.80 2.26 -61.79
CA ASP P 202 59.23 2.57 -63.09
C ASP P 202 57.71 2.77 -62.99
N ALA P 203 57.22 3.11 -61.81
CA ALA P 203 55.79 3.16 -61.54
C ALA P 203 55.34 4.57 -61.21
N TRP P 204 56.23 5.55 -61.37
CA TRP P 204 55.96 6.93 -60.97
C TRP P 204 54.70 7.47 -61.61
N GLN P 205 54.39 7.03 -62.83
CA GLN P 205 53.21 7.45 -63.57
C GLN P 205 52.16 6.34 -63.67
N LEU P 206 52.33 5.24 -62.93
CA LEU P 206 51.34 4.18 -62.88
C LEU P 206 50.54 4.18 -61.60
N PHE P 207 51.19 4.46 -60.47
CA PHE P 207 50.54 4.39 -59.17
C PHE P 207 50.53 5.77 -58.54
N PRO P 208 49.36 6.40 -58.38
CA PRO P 208 49.32 7.76 -57.82
C PRO P 208 49.86 7.86 -56.41
N TYR P 209 49.53 6.92 -55.53
CA TYR P 209 49.49 7.24 -54.10
C TYR P 209 50.84 7.11 -53.39
N GLY P 210 51.64 6.11 -53.70
CA GLY P 210 52.89 5.93 -52.97
C GLY P 210 52.62 5.32 -51.60
N PHE P 211 53.22 5.89 -50.56
CA PHE P 211 53.15 5.36 -49.21
C PHE P 211 53.14 6.51 -48.22
N GLY P 212 52.32 6.40 -47.20
CA GLY P 212 52.13 7.48 -46.27
C GLY P 212 51.14 8.48 -46.81
N PRO P 213 51.12 9.67 -46.20
CA PRO P 213 50.12 10.68 -46.57
C PRO P 213 50.28 11.12 -48.02
N PHE P 214 49.16 11.31 -48.69
CA PHE P 214 49.08 11.62 -50.11
C PHE P 214 49.09 13.13 -50.28
N PRO P 215 50.25 13.70 -50.67
CA PRO P 215 50.41 15.15 -50.55
C PRO P 215 50.20 15.92 -51.85
N ASP P 216 49.98 15.21 -52.96
CA ASP P 216 49.99 15.88 -54.26
C ASP P 216 48.95 16.99 -54.32
N GLY P 217 47.74 16.73 -53.78
CA GLY P 217 46.70 17.73 -53.78
C GLY P 217 47.08 19.03 -53.10
N MET P 218 47.98 18.95 -52.13
CA MET P 218 48.46 20.14 -51.43
C MET P 218 49.32 21.05 -52.31
N PHE P 219 49.67 20.61 -53.52
CA PHE P 219 50.41 21.47 -54.45
C PHE P 219 49.54 21.97 -55.59
N THR P 220 48.24 21.67 -55.61
CA THR P 220 47.32 22.28 -56.56
C THR P 220 46.62 23.48 -55.90
N GLN P 221 46.37 24.52 -56.71
CA GLN P 221 45.80 25.78 -56.22
C GLN P 221 46.47 26.20 -54.91
N SER P 222 47.80 26.21 -54.92
CA SER P 222 48.57 26.20 -53.70
C SER P 222 49.82 27.06 -53.86
N ASN P 223 50.50 27.30 -52.75
CA ASN P 223 51.76 28.03 -52.74
C ASN P 223 52.76 27.32 -51.81
N LEU P 224 52.96 26.01 -52.02
CA LEU P 224 53.92 25.25 -51.25
C LEU P 224 55.16 24.85 -52.05
N GLY P 225 55.26 25.22 -53.32
CA GLY P 225 56.48 24.93 -54.08
C GLY P 225 56.38 25.34 -55.54
N ILE P 226 57.44 25.03 -56.29
CA ILE P 226 57.48 25.23 -57.73
C ILE P 226 57.67 23.86 -58.37
N VAL P 227 56.68 23.43 -59.14
CA VAL P 227 56.68 22.08 -59.71
C VAL P 227 57.57 22.07 -60.94
N THR P 228 58.42 21.05 -61.04
CA THR P 228 59.38 20.98 -62.13
C THR P 228 59.10 19.85 -63.12
N LYS P 229 58.51 18.73 -62.69
CA LYS P 229 57.90 17.75 -63.58
C LYS P 229 56.57 17.27 -62.99
N MET P 230 55.79 16.58 -63.82
CA MET P 230 54.47 16.15 -63.43
C MET P 230 53.96 15.13 -64.42
N GLY P 231 53.37 14.04 -63.91
CA GLY P 231 52.77 13.01 -64.74
C GLY P 231 51.25 13.12 -64.86
N ILE P 232 50.72 12.45 -65.88
CA ILE P 232 49.30 12.47 -66.17
C ILE P 232 48.95 11.27 -67.04
N ALA P 233 47.91 10.54 -66.64
CA ALA P 233 47.41 9.45 -67.47
C ALA P 233 46.76 9.98 -68.73
N LEU P 234 46.77 9.16 -69.77
CA LEU P 234 46.20 9.52 -71.06
C LEU P 234 45.33 8.36 -71.52
N MET P 235 44.18 8.69 -72.06
CA MET P 235 43.20 7.70 -72.45
C MET P 235 43.45 7.24 -73.88
N GLN P 236 43.10 6.00 -74.16
CA GLN P 236 43.13 5.50 -75.52
C GLN P 236 42.01 6.16 -76.36
N ARG P 237 42.35 6.55 -77.58
CA ARG P 237 41.35 7.17 -78.46
C ARG P 237 40.34 6.11 -78.89
N PRO P 238 39.05 6.36 -78.71
CA PRO P 238 38.05 5.35 -79.06
C PRO P 238 37.89 5.24 -80.56
N PRO P 239 37.37 4.10 -81.06
CA PRO P 239 37.36 3.84 -82.51
C PRO P 239 36.68 4.92 -83.33
N ALA P 240 35.62 5.52 -82.81
CA ALA P 240 34.94 6.62 -83.47
C ALA P 240 34.42 7.57 -82.40
N SER P 241 33.63 8.56 -82.83
CA SER P 241 32.88 9.42 -81.93
C SER P 241 31.79 10.11 -82.74
N GLN P 242 30.95 10.87 -82.04
CA GLN P 242 29.90 11.66 -82.67
C GLN P 242 29.47 12.70 -81.66
N SER P 243 29.64 13.97 -81.99
CA SER P 243 29.14 15.03 -81.13
C SER P 243 27.71 15.40 -81.52
N PHE P 244 27.03 16.13 -80.64
CA PHE P 244 25.65 16.52 -80.90
C PHE P 244 25.37 17.83 -80.18
N LEU P 245 24.25 18.45 -80.54
CA LEU P 245 23.81 19.71 -79.96
C LEU P 245 22.30 19.68 -79.80
N ILE P 246 21.82 20.17 -78.66
CA ILE P 246 20.39 20.33 -78.41
C ILE P 246 20.12 21.80 -78.12
N THR P 247 19.24 22.41 -78.92
CA THR P 247 18.80 23.77 -78.70
C THR P 247 17.54 23.76 -77.84
N PHE P 248 17.53 24.61 -76.82
CA PHE P 248 16.38 24.74 -75.94
C PHE P 248 15.92 26.19 -76.01
N ASP P 249 14.63 26.40 -76.32
CA ASP P 249 14.13 27.69 -76.77
C ASP P 249 14.03 28.71 -75.62
N LYS P 250 13.28 28.36 -74.57
CA LYS P 250 12.95 29.35 -73.54
C LYS P 250 14.06 29.48 -72.49
N GLU P 251 14.04 30.64 -71.82
CA GLU P 251 14.96 30.90 -70.70
C GLU P 251 14.81 29.89 -69.58
N GLU P 252 13.58 29.49 -69.28
CA GLU P 252 13.28 28.79 -68.04
C GLU P 252 13.35 27.28 -68.24
N ASP P 253 13.62 26.85 -69.47
CA ASP P 253 13.94 25.46 -69.78
C ASP P 253 15.15 24.96 -68.99
N LEU P 254 15.96 25.86 -68.43
CA LEU P 254 17.15 25.45 -67.70
C LEU P 254 16.83 24.39 -66.66
N GLU P 255 15.69 24.54 -65.98
CA GLU P 255 15.39 23.68 -64.85
C GLU P 255 15.08 22.25 -65.29
N GLN P 256 14.31 22.08 -66.36
CA GLN P 256 14.05 20.71 -66.82
C GLN P 256 15.25 20.11 -67.54
N ILE P 257 16.07 20.93 -68.23
CA ILE P 257 17.29 20.42 -68.86
C ILE P 257 18.19 19.73 -67.82
N VAL P 258 18.62 20.49 -66.81
CA VAL P 258 19.52 19.95 -65.80
C VAL P 258 18.91 18.71 -65.13
N ASP P 259 17.58 18.71 -64.91
CA ASP P 259 16.99 17.60 -64.16
C ASP P 259 16.79 16.34 -65.01
N ILE P 260 16.52 16.50 -66.30
CA ILE P 260 16.50 15.35 -67.20
C ILE P 260 17.89 14.77 -67.32
N MET P 261 18.91 15.59 -67.09
CA MET P 261 20.29 15.31 -67.45
C MET P 261 20.96 14.37 -66.45
N LEU P 262 20.63 14.48 -65.17
CA LEU P 262 21.42 13.76 -64.16
C LEU P 262 21.25 12.25 -64.25
N PRO P 263 20.03 11.69 -64.35
CA PRO P 263 19.93 10.25 -64.61
C PRO P 263 20.71 9.77 -65.84
N LEU P 264 20.94 10.64 -66.82
CA LEU P 264 21.68 10.24 -68.01
C LEU P 264 23.19 10.38 -67.83
N ARG P 265 23.63 10.97 -66.73
CA ARG P 265 25.02 11.35 -66.55
C ARG P 265 25.74 10.62 -65.44
N ILE P 266 25.04 10.32 -64.32
CA ILE P 266 25.69 9.86 -63.10
C ILE P 266 26.43 8.53 -63.29
N ASN P 267 25.95 7.67 -64.19
CA ASN P 267 26.64 6.43 -64.53
C ASN P 267 27.61 6.58 -65.69
N MET P 268 28.00 7.81 -66.03
CA MET P 268 28.88 8.10 -67.17
C MET P 268 28.34 7.56 -68.50
N ALA P 269 27.05 7.27 -68.58
CA ALA P 269 26.41 6.83 -69.82
C ALA P 269 24.90 6.95 -69.66
N PRO P 270 24.14 7.33 -70.72
CA PRO P 270 24.62 7.58 -72.09
C PRO P 270 25.51 8.81 -72.30
N LEU P 271 25.60 9.70 -71.31
CA LEU P 271 26.48 10.86 -71.43
C LEU P 271 27.88 10.50 -70.94
N GLN P 272 28.74 10.08 -71.88
CA GLN P 272 30.09 9.61 -71.57
C GLN P 272 31.09 10.74 -71.30
N ASN P 273 30.90 11.90 -71.89
CA ASN P 273 31.85 12.99 -71.73
C ASN P 273 31.26 14.04 -70.80
N VAL P 274 32.01 15.12 -70.57
CA VAL P 274 31.56 16.23 -69.75
C VAL P 274 30.64 17.14 -70.58
N PRO P 275 29.32 17.06 -70.42
CA PRO P 275 28.44 17.92 -71.22
C PRO P 275 28.51 19.37 -70.75
N VAL P 276 28.47 20.29 -71.72
CA VAL P 276 28.34 21.73 -71.44
C VAL P 276 26.97 22.19 -71.89
N LEU P 277 26.39 23.10 -71.14
CA LEU P 277 25.10 23.71 -71.45
C LEU P 277 25.35 25.23 -71.50
N ARG P 278 25.35 25.79 -72.71
CA ARG P 278 25.76 27.17 -72.97
C ARG P 278 24.54 28.01 -73.35
N ASN P 279 24.50 29.27 -72.89
CA ASN P 279 23.37 30.12 -73.26
C ASN P 279 23.60 30.79 -74.61
N ILE P 280 22.54 31.41 -75.14
CA ILE P 280 22.59 31.99 -76.49
C ILE P 280 23.64 33.08 -76.59
N PHE P 281 24.01 33.71 -75.48
CA PHE P 281 25.00 34.77 -75.51
C PHE P 281 26.40 34.22 -75.67
N MET P 282 26.78 33.27 -74.81
CA MET P 282 28.07 32.61 -74.92
C MET P 282 28.30 32.07 -76.32
N ASP P 283 27.25 31.49 -76.94
CA ASP P 283 27.42 30.87 -78.25
C ASP P 283 27.43 31.89 -79.38
N ALA P 284 26.64 32.96 -79.26
CA ALA P 284 26.70 34.02 -80.26
C ALA P 284 28.04 34.74 -80.23
N ALA P 285 28.60 34.98 -79.04
CA ALA P 285 29.89 35.64 -78.94
C ALA P 285 30.99 34.85 -79.65
N ALA P 286 30.84 33.53 -79.77
CA ALA P 286 31.80 32.72 -80.50
C ALA P 286 31.73 32.89 -82.01
N VAL P 287 30.68 33.55 -82.55
CA VAL P 287 30.49 33.63 -83.99
C VAL P 287 30.27 35.05 -84.47
N SER P 288 30.32 36.01 -83.55
CA SER P 288 29.79 37.34 -83.86
C SER P 288 30.24 38.33 -82.79
N LYS P 289 29.99 39.62 -83.07
CA LYS P 289 30.06 40.66 -82.06
C LYS P 289 28.67 41.25 -81.80
N ARG P 290 28.56 41.93 -80.65
CA ARG P 290 27.28 42.43 -80.16
C ARG P 290 26.55 43.29 -81.19
N THR P 291 27.29 44.16 -81.90
CA THR P 291 26.67 45.12 -82.79
C THR P 291 26.01 44.46 -84.00
N GLU P 292 26.34 43.20 -84.31
CA GLU P 292 25.56 42.49 -85.32
C GLU P 292 24.11 42.32 -84.89
N TRP P 293 23.83 42.43 -83.58
CA TRP P 293 22.49 42.26 -83.04
C TRP P 293 21.94 43.51 -82.38
N PHE P 294 22.75 44.25 -81.62
CA PHE P 294 22.24 45.40 -80.87
C PHE P 294 23.33 46.42 -80.63
N ASP P 295 23.00 47.69 -80.88
CA ASP P 295 24.01 48.72 -81.15
C ASP P 295 24.09 49.77 -80.05
N GLY P 296 23.62 49.49 -78.83
CA GLY P 296 23.78 50.51 -77.79
C GLY P 296 23.31 50.23 -76.38
N ASP P 297 22.02 50.54 -76.11
CA ASP P 297 21.30 50.55 -74.82
C ASP P 297 21.57 49.36 -73.91
N GLY P 298 22.63 49.48 -73.08
CA GLY P 298 22.94 48.58 -71.98
C GLY P 298 22.43 47.17 -72.22
N PRO P 299 21.59 46.67 -71.31
CA PRO P 299 21.10 45.30 -71.44
C PRO P 299 20.33 45.06 -72.74
N MET P 300 20.62 43.93 -73.38
CA MET P 300 20.15 43.74 -74.76
C MET P 300 18.69 43.30 -74.80
N PRO P 301 17.84 43.94 -75.59
CA PRO P 301 16.40 43.70 -75.48
C PRO P 301 15.94 42.39 -76.10
N ALA P 302 14.76 41.95 -75.65
CA ALA P 302 14.24 40.62 -75.97
C ALA P 302 14.21 40.36 -77.47
N GLU P 303 13.87 41.39 -78.25
CA GLU P 303 13.65 41.20 -79.69
C GLU P 303 14.95 40.96 -80.44
N ALA P 304 16.07 41.46 -79.92
CA ALA P 304 17.35 41.11 -80.50
C ALA P 304 17.71 39.65 -80.21
N ILE P 305 17.61 39.25 -78.92
CA ILE P 305 17.93 37.88 -78.50
C ILE P 305 17.26 36.85 -79.40
N GLU P 306 16.03 37.13 -79.84
CA GLU P 306 15.30 36.19 -80.70
C GLU P 306 15.81 36.14 -82.12
N ARG P 307 16.48 37.21 -82.59
CA ARG P 307 17.11 37.17 -83.90
C ARG P 307 18.48 36.50 -83.83
N MET P 308 19.22 36.72 -82.73
CA MET P 308 20.33 35.83 -82.41
C MET P 308 19.88 34.38 -82.53
N LYS P 309 18.74 34.05 -81.95
CA LYS P 309 18.27 32.67 -82.04
C LYS P 309 17.89 32.29 -83.47
N LYS P 310 17.17 33.15 -84.18
CA LYS P 310 16.67 32.73 -85.48
C LYS P 310 17.76 32.77 -86.54
N ASP P 311 18.69 33.75 -86.44
CA ASP P 311 19.81 33.76 -87.37
C ASP P 311 20.65 32.50 -87.21
N LEU P 312 21.02 32.18 -85.97
CA LEU P 312 21.98 31.12 -85.70
C LEU P 312 21.34 29.74 -85.69
N ASP P 313 20.01 29.65 -85.71
CA ASP P 313 19.29 28.40 -85.50
C ASP P 313 19.64 27.80 -84.13
N LEU P 314 19.98 28.66 -83.17
CA LEU P 314 20.25 28.29 -81.78
C LEU P 314 19.10 28.70 -80.86
N GLY P 315 19.12 28.16 -79.63
CA GLY P 315 18.21 28.54 -78.58
C GLY P 315 18.89 29.33 -77.49
N PHE P 316 18.11 29.61 -76.42
CA PHE P 316 18.68 30.30 -75.26
C PHE P 316 19.64 29.40 -74.49
N TRP P 317 19.41 28.09 -74.52
CA TRP P 317 20.27 27.13 -73.85
C TRP P 317 20.65 26.06 -74.86
N ASN P 318 21.94 25.82 -75.01
CA ASN P 318 22.44 24.89 -76.03
C ASN P 318 23.33 23.86 -75.35
N PHE P 319 23.04 22.59 -75.62
CA PHE P 319 23.61 21.46 -74.89
C PHE P 319 24.52 20.68 -75.82
N TYR P 320 25.81 20.65 -75.51
CA TYR P 320 26.79 19.97 -76.33
C TYR P 320 27.38 18.79 -75.56
N GLY P 321 27.34 17.61 -76.18
CA GLY P 321 28.10 16.46 -75.70
C GLY P 321 28.53 15.58 -76.85
N THR P 322 29.53 14.73 -76.58
CA THR P 322 30.06 13.78 -77.55
C THR P 322 29.87 12.35 -77.06
N LEU P 323 29.52 11.46 -78.00
CA LEU P 323 29.45 10.02 -77.77
C LEU P 323 30.64 9.32 -78.44
N TYR P 324 31.12 8.23 -77.82
CA TYR P 324 32.31 7.51 -78.25
C TYR P 324 32.01 6.04 -78.49
N GLY P 325 32.77 5.42 -79.39
CA GLY P 325 32.73 3.97 -79.55
C GLY P 325 32.09 3.48 -80.82
N PRO P 326 31.72 2.20 -80.84
CA PRO P 326 31.21 1.59 -82.08
C PRO P 326 29.90 2.20 -82.49
N PRO P 327 29.61 2.25 -83.78
CA PRO P 327 28.41 2.93 -84.30
C PRO P 327 27.09 2.42 -83.73
N PRO P 328 26.95 1.13 -83.40
CA PRO P 328 25.70 0.72 -82.71
C PRO P 328 25.60 1.21 -81.27
N LEU P 329 26.71 1.40 -80.57
CA LEU P 329 26.62 1.96 -79.22
C LEU P 329 26.28 3.44 -79.27
N ILE P 330 26.93 4.18 -80.18
CA ILE P 330 26.60 5.59 -80.36
C ILE P 330 25.13 5.77 -80.73
N GLU P 331 24.56 4.85 -81.52
CA GLU P 331 23.15 4.92 -81.83
C GLU P 331 22.30 4.70 -80.57
N MET P 332 22.62 3.68 -79.79
CA MET P 332 21.85 3.36 -78.58
C MET P 332 21.79 4.55 -77.64
N TYR P 333 22.95 5.12 -77.32
CA TYR P 333 23.01 6.23 -76.37
C TYR P 333 22.29 7.47 -76.91
N TYR P 334 22.48 7.79 -78.20
CA TYR P 334 21.82 8.95 -78.80
C TYR P 334 20.30 8.81 -78.75
N GLY P 335 19.80 7.61 -79.04
CA GLY P 335 18.38 7.34 -78.92
C GLY P 335 17.85 7.43 -77.50
N MET P 336 18.71 7.31 -76.50
CA MET P 336 18.29 7.59 -75.13
C MET P 336 18.31 9.09 -74.84
N ILE P 337 19.37 9.77 -75.28
CA ILE P 337 19.46 11.22 -75.11
C ILE P 337 18.31 11.95 -75.79
N LYS P 338 17.84 11.43 -76.94
CA LYS P 338 16.77 12.09 -77.68
C LYS P 338 15.41 11.88 -77.00
N GLU P 339 15.12 10.62 -76.61
CA GLU P 339 13.87 10.35 -75.91
C GLU P 339 13.78 11.17 -74.63
N ALA P 340 14.91 11.34 -73.94
CA ALA P 340 14.92 12.06 -72.67
C ALA P 340 14.75 13.56 -72.87
N PHE P 341 15.70 14.20 -73.57
CA PHE P 341 15.60 15.63 -73.76
C PHE P 341 14.51 16.03 -74.75
N GLY P 342 13.89 15.07 -75.43
CA GLY P 342 12.77 15.39 -76.28
C GLY P 342 11.49 15.71 -75.55
N LYS P 343 11.47 15.50 -74.23
CA LYS P 343 10.30 15.80 -73.41
C LYS P 343 10.17 17.29 -73.12
N ILE P 344 11.23 18.07 -73.32
CA ILE P 344 11.19 19.52 -73.12
C ILE P 344 10.63 20.16 -74.38
N PRO P 345 9.44 20.76 -74.35
CA PRO P 345 8.82 21.25 -75.59
C PRO P 345 9.68 22.31 -76.25
N GLY P 346 9.97 22.12 -77.55
CA GLY P 346 10.72 23.07 -78.34
C GLY P 346 12.21 22.76 -78.42
N ALA P 347 12.52 21.47 -78.42
CA ALA P 347 13.90 21.00 -78.36
C ALA P 347 14.28 20.38 -79.69
N ARG P 348 15.43 20.77 -80.23
CA ARG P 348 15.90 20.30 -81.52
C ARG P 348 17.33 19.76 -81.42
N PHE P 349 17.58 18.64 -82.10
CA PHE P 349 18.80 17.84 -82.01
C PHE P 349 19.55 17.86 -83.35
N PHE P 350 20.85 18.16 -83.31
CA PHE P 350 21.69 18.18 -84.51
C PHE P 350 23.03 17.48 -84.25
N THR P 351 23.38 16.52 -85.10
CA THR P 351 24.73 15.95 -85.02
C THR P 351 25.74 16.87 -85.72
N HIS P 352 27.02 16.69 -85.35
CA HIS P 352 28.09 17.47 -85.96
C HIS P 352 28.19 17.23 -87.46
N GLU P 353 27.60 16.13 -87.95
CA GLU P 353 27.45 15.95 -89.40
C GLU P 353 26.61 17.08 -90.01
N GLU P 354 25.47 17.38 -89.40
CA GLU P 354 24.37 18.03 -90.11
C GLU P 354 24.40 19.55 -90.07
N ARG P 355 25.34 20.18 -89.36
CA ARG P 355 25.37 21.65 -89.29
C ARG P 355 26.74 22.17 -89.70
N ASP P 356 26.84 22.61 -90.94
CA ASP P 356 28.03 23.27 -91.49
C ASP P 356 27.86 24.79 -91.59
N ASP P 357 26.76 25.33 -91.07
CA ASP P 357 26.48 26.76 -91.16
C ASP P 357 27.25 27.51 -90.07
N ARG P 358 27.00 28.82 -89.93
CA ARG P 358 27.69 29.59 -88.89
C ARG P 358 27.23 29.17 -87.51
N GLY P 359 25.92 29.01 -87.31
CA GLY P 359 25.42 28.67 -85.99
C GLY P 359 26.11 27.46 -85.39
N GLY P 360 26.37 26.45 -86.22
CA GLY P 360 27.03 25.23 -85.86
C GLY P 360 28.53 25.34 -85.71
N HIS P 361 29.12 26.54 -85.79
CA HIS P 361 30.57 26.64 -85.61
C HIS P 361 30.98 26.14 -84.25
N VAL P 362 30.15 26.40 -83.23
CA VAL P 362 30.48 25.96 -81.87
C VAL P 362 30.41 24.44 -81.77
N LEU P 363 29.35 23.84 -82.33
CA LEU P 363 29.23 22.39 -82.28
C LEU P 363 30.45 21.69 -82.91
N GLN P 364 31.08 22.30 -83.92
CA GLN P 364 32.26 21.71 -84.52
C GLN P 364 33.51 21.94 -83.68
N ASP P 365 33.55 22.99 -82.86
CA ASP P 365 34.69 23.23 -81.99
C ASP P 365 34.68 22.32 -80.76
N ARG P 366 33.49 22.11 -80.16
CA ARG P 366 33.40 21.14 -79.08
C ARG P 366 33.76 19.74 -79.58
N HIS P 367 33.32 19.41 -80.82
CA HIS P 367 33.68 18.14 -81.43
C HIS P 367 35.19 17.92 -81.49
N LYS P 368 35.96 19.00 -81.63
CA LYS P 368 37.42 18.88 -81.58
C LYS P 368 37.90 18.75 -80.14
N ILE P 369 37.48 19.66 -79.26
CA ILE P 369 37.96 19.61 -77.88
C ILE P 369 37.57 18.29 -77.22
N ASN P 370 36.35 17.82 -77.46
CA ASN P 370 35.86 16.57 -76.90
C ASN P 370 36.62 15.35 -77.42
N ASN P 371 37.28 15.46 -78.57
CA ASN P 371 38.09 14.37 -79.09
C ASN P 371 39.57 14.62 -78.87
N GLY P 372 39.91 15.52 -77.93
CA GLY P 372 41.29 15.80 -77.56
C GLY P 372 42.09 16.64 -78.54
N ILE P 373 41.44 17.22 -79.55
CA ILE P 373 42.11 18.05 -80.54
C ILE P 373 42.02 19.51 -80.06
N PRO P 374 43.12 20.14 -79.68
CA PRO P 374 43.04 21.44 -79.00
C PRO P 374 42.83 22.56 -80.01
N SER P 375 42.43 23.73 -79.50
CA SER P 375 41.87 24.74 -80.39
C SER P 375 42.01 26.14 -79.79
N LEU P 376 41.82 27.15 -80.65
CA LEU P 376 41.75 28.54 -80.24
C LEU P 376 40.58 29.28 -80.89
N ASP P 377 39.68 28.56 -81.57
CA ASP P 377 38.49 29.17 -82.16
C ASP P 377 37.68 29.95 -81.14
N GLU P 378 37.72 29.53 -79.87
CA GLU P 378 37.00 30.17 -78.77
C GLU P 378 37.65 31.47 -78.30
N LEU P 379 38.67 31.96 -79.00
CA LEU P 379 39.11 33.32 -78.75
C LEU P 379 38.27 34.33 -79.51
N GLN P 380 37.53 33.87 -80.53
CA GLN P 380 36.58 34.72 -81.26
C GLN P 380 35.52 35.29 -80.33
N GLN P 381 35.31 34.63 -79.19
CA GLN P 381 34.41 35.13 -78.15
C GLN P 381 34.84 36.50 -77.65
N LEU P 382 36.15 36.75 -77.55
CA LEU P 382 36.56 38.03 -76.99
C LEU P 382 36.37 39.19 -77.95
N ASP P 383 36.06 38.94 -79.23
CA ASP P 383 35.66 39.99 -80.15
C ASP P 383 34.16 40.31 -80.07
N TRP P 384 33.48 39.84 -79.02
CA TRP P 384 32.10 40.24 -78.73
C TRP P 384 31.95 41.76 -78.71
N VAL P 385 32.72 42.43 -77.85
CA VAL P 385 32.84 43.87 -77.84
C VAL P 385 34.28 44.21 -78.21
N PRO P 386 34.58 45.45 -78.60
CA PRO P 386 35.99 45.83 -78.79
C PRO P 386 36.78 45.71 -77.49
N ASN P 387 38.08 45.41 -77.66
CA ASN P 387 39.04 45.27 -76.55
C ASN P 387 38.59 44.22 -75.54
N GLY P 388 38.09 43.09 -76.05
CA GLY P 388 37.48 42.10 -75.21
C GLY P 388 38.43 41.37 -74.28
N GLY P 389 38.31 41.62 -72.98
CA GLY P 389 38.83 40.74 -71.96
C GLY P 389 37.72 39.93 -71.30
N HIS P 390 38.07 39.26 -70.19
CA HIS P 390 37.05 38.49 -69.49
C HIS P 390 37.52 38.16 -68.08
N ILE P 391 36.60 37.58 -67.30
CA ILE P 391 36.89 37.13 -65.94
C ILE P 391 36.03 35.91 -65.65
N GLY P 392 36.61 34.95 -64.92
CA GLY P 392 35.90 33.74 -64.53
C GLY P 392 35.23 33.82 -63.17
N PHE P 393 33.89 33.82 -63.17
CA PHE P 393 33.10 33.62 -61.96
C PHE P 393 32.45 32.25 -62.09
N VAL P 394 32.95 31.29 -61.31
CA VAL P 394 32.56 29.88 -61.45
C VAL P 394 32.14 29.28 -60.11
N PRO P 395 30.90 29.47 -59.66
CA PRO P 395 30.42 28.75 -58.49
C PRO P 395 30.10 27.30 -58.79
N VAL P 396 30.12 26.47 -57.74
CA VAL P 396 29.80 25.04 -57.84
C VAL P 396 28.33 24.83 -57.49
N SER P 397 27.61 24.14 -58.38
CA SER P 397 26.19 23.86 -58.22
C SER P 397 25.92 22.36 -58.10
N ALA P 398 24.92 22.04 -57.30
CA ALA P 398 24.34 20.71 -57.33
C ALA P 398 23.67 20.49 -58.68
N PRO P 399 23.68 19.28 -59.21
CA PRO P 399 23.07 19.06 -60.52
C PRO P 399 21.57 18.98 -60.41
N ASP P 400 20.95 20.10 -60.03
CA ASP P 400 19.52 20.18 -59.75
C ASP P 400 18.91 21.37 -60.48
N GLY P 401 17.73 21.15 -61.05
CA GLY P 401 17.13 22.16 -61.91
C GLY P 401 16.80 23.46 -61.21
N ARG P 402 16.35 23.40 -59.96
CA ARG P 402 15.95 24.65 -59.31
C ARG P 402 17.12 25.33 -58.64
N GLU P 403 18.14 24.58 -58.21
CA GLU P 403 19.35 25.23 -57.73
C GLU P 403 20.07 25.95 -58.85
N ALA P 404 20.09 25.36 -60.04
CA ALA P 404 20.69 25.98 -61.21
C ALA P 404 19.95 27.25 -61.59
N MET P 405 18.61 27.17 -61.63
CA MET P 405 17.78 28.34 -61.88
C MET P 405 18.02 29.43 -60.84
N LYS P 406 18.25 29.06 -59.58
CA LYS P 406 18.48 30.05 -58.56
C LYS P 406 19.82 30.76 -58.74
N GLN P 407 20.83 30.07 -59.27
CA GLN P 407 22.10 30.71 -59.60
C GLN P 407 21.97 31.54 -60.87
N PHE P 408 21.20 31.06 -61.84
CA PHE P 408 21.02 31.76 -63.10
C PHE P 408 20.41 33.14 -62.91
N GLU P 409 19.24 33.22 -62.27
CA GLU P 409 18.61 34.53 -62.08
C GLU P 409 19.43 35.37 -61.10
N MET P 410 20.01 34.76 -60.07
CA MET P 410 20.87 35.50 -59.16
C MET P 410 21.97 36.25 -59.89
N VAL P 411 22.68 35.56 -60.80
CA VAL P 411 23.81 36.19 -61.47
C VAL P 411 23.34 37.17 -62.53
N ARG P 412 22.34 36.77 -63.32
CA ARG P 412 21.79 37.69 -64.32
C ARG P 412 21.35 39.00 -63.70
N ASN P 413 20.82 38.94 -62.47
CA ASN P 413 20.38 40.16 -61.82
C ASN P 413 21.55 41.13 -61.68
N ARG P 414 22.63 40.72 -60.99
CA ARG P 414 23.80 41.59 -60.87
C ARG P 414 24.43 41.93 -62.22
N ALA P 415 24.24 41.08 -63.24
CA ALA P 415 24.82 41.39 -64.55
C ALA P 415 24.06 42.53 -65.21
N ASN P 416 22.74 42.56 -65.06
CA ASN P 416 21.96 43.71 -65.50
C ASN P 416 22.30 44.95 -64.70
N GLU P 417 22.61 44.80 -63.40
CA GLU P 417 22.82 45.97 -62.53
C GLU P 417 24.11 46.71 -62.87
N TYR P 418 25.21 45.98 -63.02
CA TYR P 418 26.50 46.56 -63.43
C TYR P 418 26.71 46.52 -64.95
N ASN P 419 25.61 46.62 -65.72
CA ASN P 419 25.55 46.63 -67.18
C ASN P 419 26.62 45.77 -67.84
N LYS P 420 26.46 44.46 -67.76
CA LYS P 420 27.32 43.49 -68.43
C LYS P 420 26.44 42.37 -68.94
N ASP P 421 26.71 41.90 -70.14
CA ASP P 421 26.07 40.69 -70.60
C ASP P 421 26.43 39.53 -69.65
N TYR P 422 25.70 38.42 -69.79
CA TYR P 422 25.80 37.27 -68.90
C TYR P 422 26.07 36.02 -69.74
N MET P 423 27.32 35.59 -69.79
CA MET P 423 27.69 34.39 -70.55
C MET P 423 27.89 33.22 -69.60
N ALA P 424 27.09 32.18 -69.76
CA ALA P 424 27.03 31.04 -68.84
C ALA P 424 27.37 29.78 -69.60
N GLN P 425 28.22 28.95 -69.01
CA GLN P 425 28.48 27.60 -69.49
C GLN P 425 28.46 26.66 -68.28
N PHE P 426 27.37 25.91 -68.12
CA PHE P 426 27.32 24.88 -67.08
C PHE P 426 28.17 23.69 -67.52
N VAL P 427 29.20 23.36 -66.74
CA VAL P 427 30.04 22.20 -67.01
C VAL P 427 29.64 21.12 -66.00
N ILE P 428 29.29 19.94 -66.51
CA ILE P 428 28.49 18.97 -65.78
C ILE P 428 29.34 17.73 -65.47
N GLY P 429 29.74 17.55 -64.20
CA GLY P 429 30.37 16.34 -63.74
C GLY P 429 29.34 15.27 -63.43
N LEU P 430 29.77 14.24 -62.68
CA LEU P 430 28.84 13.18 -62.30
C LEU P 430 27.82 13.69 -61.27
N ARG P 431 28.31 14.33 -60.21
CA ARG P 431 27.50 14.72 -59.07
C ARG P 431 27.59 16.21 -58.81
N GLU P 432 28.13 16.99 -59.74
CA GLU P 432 28.43 18.39 -59.48
C GLU P 432 28.40 19.15 -60.79
N MET P 433 28.20 20.46 -60.68
CA MET P 433 28.26 21.35 -61.82
C MET P 433 29.16 22.51 -61.49
N TYR P 434 30.02 22.89 -62.43
CA TYR P 434 30.65 24.19 -62.40
C TYR P 434 29.78 25.14 -63.21
N HIS P 435 29.38 26.26 -62.58
CA HIS P 435 28.52 27.25 -63.22
C HIS P 435 29.43 28.38 -63.71
N VAL P 436 29.98 28.22 -64.91
CA VAL P 436 30.96 29.17 -65.45
C VAL P 436 30.23 30.41 -65.97
N CYS P 437 30.45 31.54 -65.30
CA CYS P 437 29.88 32.83 -65.70
C CYS P 437 31.02 33.69 -66.24
N LEU P 438 31.10 33.77 -67.56
CA LEU P 438 32.05 34.63 -68.23
C LEU P 438 31.49 36.04 -68.29
N PHE P 439 32.34 37.04 -68.01
CA PHE P 439 31.98 38.46 -68.15
C PHE P 439 32.99 39.11 -69.10
N ILE P 440 32.63 39.18 -70.37
CA ILE P 440 33.42 39.85 -71.41
C ILE P 440 33.12 41.34 -71.36
N TYR P 441 34.16 42.16 -71.25
CA TYR P 441 34.00 43.61 -71.17
C TYR P 441 35.02 44.28 -72.08
N ASP P 442 34.97 45.61 -72.13
CA ASP P 442 35.99 46.41 -72.83
C ASP P 442 37.11 46.75 -71.84
N THR P 443 38.27 46.10 -72.01
CA THR P 443 39.37 46.22 -71.07
C THR P 443 39.93 47.64 -70.98
N ALA P 444 39.90 48.40 -72.09
CA ALA P 444 40.45 49.75 -72.11
C ALA P 444 39.75 50.64 -71.09
N ASP P 445 38.43 50.79 -71.25
CA ASP P 445 37.43 51.46 -70.42
C ASP P 445 37.65 51.25 -68.92
N PRO P 446 38.23 52.22 -68.19
CA PRO P 446 38.51 51.98 -66.76
C PRO P 446 37.26 51.91 -65.88
N GLU P 447 36.08 52.27 -66.39
CA GLU P 447 34.91 52.08 -65.54
C GLU P 447 34.30 50.71 -65.73
N ALA P 448 34.22 50.22 -66.98
CA ALA P 448 33.86 48.83 -67.22
C ALA P 448 34.75 47.88 -66.43
N ARG P 449 36.01 48.27 -66.21
CA ARG P 449 36.92 47.45 -65.40
C ARG P 449 36.57 47.52 -63.91
N GLU P 450 36.24 48.71 -63.41
CA GLU P 450 35.94 48.82 -61.98
C GLU P 450 34.59 48.21 -61.66
N GLU P 451 33.64 48.28 -62.60
CA GLU P 451 32.39 47.55 -62.49
C GLU P 451 32.68 46.06 -62.27
N ILE P 452 33.45 45.44 -63.17
CA ILE P 452 33.76 44.01 -63.05
C ILE P 452 34.22 43.67 -61.64
N LEU P 453 35.11 44.48 -61.06
CA LEU P 453 35.65 44.12 -59.75
C LEU P 453 34.59 44.21 -58.66
N GLN P 454 33.65 45.15 -58.75
CA GLN P 454 32.66 45.27 -57.69
C GLN P 454 31.47 44.34 -57.89
N MET P 455 31.05 44.12 -59.15
CA MET P 455 30.00 43.15 -59.44
C MET P 455 30.38 41.77 -58.92
N THR P 456 31.63 41.36 -59.12
CA THR P 456 32.04 40.02 -58.72
C THR P 456 32.40 39.93 -57.25
N LYS P 457 32.84 41.02 -56.62
CA LYS P 457 32.94 41.00 -55.16
C LYS P 457 31.58 40.77 -54.53
N VAL P 458 30.54 41.36 -55.14
CA VAL P 458 29.18 41.22 -54.61
C VAL P 458 28.69 39.79 -54.82
N LEU P 459 28.75 39.32 -56.08
CA LEU P 459 28.31 37.97 -56.41
C LEU P 459 28.99 36.93 -55.51
N VAL P 460 30.25 37.17 -55.15
CA VAL P 460 30.96 36.21 -54.29
C VAL P 460 30.35 36.18 -52.91
N ARG P 461 30.00 37.36 -52.36
CA ARG P 461 29.36 37.41 -51.05
C ARG P 461 27.92 36.94 -51.11
N GLU P 462 27.23 37.18 -52.23
CA GLU P 462 25.85 36.79 -52.45
C GLU P 462 25.70 35.32 -52.84
N ALA P 463 26.74 34.70 -53.37
CA ALA P 463 26.68 33.26 -53.62
C ALA P 463 26.84 32.49 -52.31
N ALA P 464 27.78 32.93 -51.46
CA ALA P 464 28.03 32.24 -50.20
C ALA P 464 26.88 32.46 -49.22
N GLU P 465 26.17 33.58 -49.36
CA GLU P 465 24.95 33.75 -48.61
C GLU P 465 23.96 32.64 -48.93
N ALA P 466 23.96 32.17 -50.18
CA ALA P 466 23.08 31.11 -50.66
C ALA P 466 23.64 29.70 -50.45
N GLY P 467 24.81 29.55 -49.84
CA GLY P 467 25.44 28.25 -49.70
C GLY P 467 26.30 27.80 -50.87
N TYR P 468 26.72 28.72 -51.75
CA TYR P 468 27.54 28.39 -52.90
C TYR P 468 28.96 28.92 -52.73
N GLY P 469 29.94 28.14 -53.23
CA GLY P 469 31.32 28.59 -53.33
C GLY P 469 31.83 28.41 -54.76
N GLU P 470 33.06 28.87 -54.97
CA GLU P 470 33.67 28.84 -56.30
C GLU P 470 34.94 27.98 -56.32
N TYR P 471 35.10 27.17 -57.37
CA TYR P 471 36.18 26.19 -57.40
C TYR P 471 37.54 26.79 -57.77
N ARG P 472 37.59 28.08 -58.07
CA ARG P 472 38.73 28.70 -58.73
C ARG P 472 38.37 30.17 -58.91
N THR P 473 39.28 31.10 -58.61
CA THR P 473 38.90 32.50 -58.78
C THR P 473 40.10 33.35 -59.14
N HIS P 474 39.79 34.57 -59.58
CA HIS P 474 40.76 35.59 -59.97
C HIS P 474 41.67 35.99 -58.80
N ASN P 475 42.83 36.55 -59.16
CA ASN P 475 43.75 37.17 -58.20
C ASN P 475 42.99 38.08 -57.25
N ALA P 476 42.14 38.95 -57.80
CA ALA P 476 41.49 39.99 -57.01
C ALA P 476 40.59 39.38 -55.94
N LEU P 477 39.83 38.35 -56.30
CA LEU P 477 38.80 37.76 -55.45
C LEU P 477 39.35 36.67 -54.51
N MET P 478 40.65 36.36 -54.58
CA MET P 478 41.21 35.23 -53.85
C MET P 478 41.01 35.35 -52.35
N ASP P 479 41.13 36.54 -51.80
CA ASP P 479 40.96 36.64 -50.36
C ASP P 479 39.50 36.60 -49.94
N ASP P 480 38.59 37.06 -50.79
CA ASP P 480 37.18 37.02 -50.38
C ASP P 480 36.59 35.64 -50.64
N VAL P 481 37.06 34.95 -51.68
CA VAL P 481 36.59 33.60 -51.95
C VAL P 481 36.98 32.66 -50.81
N MET P 482 38.23 32.75 -50.33
CA MET P 482 38.66 31.93 -49.19
C MET P 482 37.95 32.34 -47.91
N ALA P 483 37.53 33.60 -47.82
CA ALA P 483 36.78 34.05 -46.65
C ALA P 483 35.46 33.29 -46.51
N THR P 484 34.87 32.87 -47.63
CA THR P 484 33.59 32.18 -47.60
C THR P 484 33.68 30.78 -46.99
N PHE P 485 34.87 30.16 -47.00
CA PHE P 485 35.08 28.79 -46.51
C PHE P 485 35.53 28.79 -45.05
N ASN P 486 34.79 29.51 -44.21
CA ASN P 486 35.21 29.81 -42.85
C ASN P 486 34.45 29.01 -41.80
N TRP P 487 33.83 27.89 -42.19
CA TRP P 487 33.28 26.96 -41.21
C TRP P 487 34.28 26.67 -40.10
N GLY P 488 33.79 26.62 -38.87
CA GLY P 488 34.66 26.39 -37.75
C GLY P 488 35.55 27.55 -37.44
N ASP P 489 35.13 28.76 -37.81
CA ASP P 489 35.85 29.99 -37.50
C ASP P 489 37.22 29.99 -38.18
N GLY P 490 37.18 29.94 -39.51
CA GLY P 490 38.36 29.96 -40.35
C GLY P 490 39.24 28.74 -40.25
N ALA P 491 38.68 27.58 -39.89
CA ALA P 491 39.50 26.43 -39.53
C ALA P 491 40.32 25.90 -40.71
N LEU P 492 39.79 25.98 -41.92
CA LEU P 492 40.53 25.53 -43.11
C LEU P 492 41.68 26.48 -43.48
N LEU P 493 41.48 27.79 -43.30
CA LEU P 493 42.55 28.76 -43.49
C LEU P 493 43.63 28.63 -42.42
N LYS P 494 43.23 28.44 -41.16
CA LYS P 494 44.23 28.26 -40.12
C LYS P 494 45.06 27.00 -40.36
N PHE P 495 44.47 26.00 -41.03
CA PHE P 495 45.20 24.78 -41.34
C PHE P 495 46.24 25.04 -42.42
N HIS P 496 45.82 25.69 -43.51
CA HIS P 496 46.76 25.96 -44.59
C HIS P 496 47.88 26.88 -44.13
N GLU P 497 47.58 27.78 -43.19
CA GLU P 497 48.56 28.75 -42.73
C GLU P 497 49.68 28.08 -41.93
N LYS P 498 49.32 27.22 -40.97
CA LYS P 498 50.32 26.53 -40.18
C LYS P 498 51.17 25.58 -41.02
N ILE P 499 50.68 25.17 -42.19
CA ILE P 499 51.47 24.38 -43.12
C ILE P 499 52.38 25.27 -43.95
N LYS P 500 51.80 26.29 -44.59
CA LYS P 500 52.57 27.23 -45.40
C LYS P 500 53.73 27.83 -44.61
N ASP P 501 53.52 28.08 -43.32
CA ASP P 501 54.60 28.63 -42.51
C ASP P 501 55.67 27.60 -42.25
N ALA P 502 55.27 26.34 -42.04
CA ALA P 502 56.22 25.30 -41.66
C ALA P 502 57.16 24.94 -42.81
N LEU P 503 56.70 25.04 -44.05
CA LEU P 503 57.54 24.76 -45.20
C LEU P 503 58.17 26.01 -45.82
N ASP P 504 57.61 27.19 -45.56
CA ASP P 504 58.07 28.45 -46.16
C ASP P 504 58.19 29.51 -45.07
N PRO P 505 59.15 29.37 -44.15
CA PRO P 505 59.21 30.30 -43.01
C PRO P 505 59.79 31.69 -43.33
N ASN P 506 60.29 31.94 -44.55
CA ASN P 506 60.65 33.28 -44.99
C ASN P 506 59.62 33.89 -45.94
N GLY P 507 58.48 33.23 -46.12
CA GLY P 507 57.38 33.82 -46.85
C GLY P 507 57.67 34.10 -48.32
N ILE P 508 58.36 33.18 -48.98
CA ILE P 508 58.90 33.46 -50.30
C ILE P 508 57.92 33.10 -51.42
N ILE P 509 57.23 31.96 -51.33
CA ILE P 509 56.50 31.42 -52.47
C ILE P 509 55.09 32.00 -52.52
N ALA P 510 54.73 32.56 -53.70
CA ALA P 510 53.48 33.18 -54.13
C ALA P 510 52.54 33.51 -52.98
N PRO P 511 52.91 34.45 -52.11
CA PRO P 511 52.05 34.77 -50.95
C PRO P 511 50.73 35.33 -51.45
N GLY P 512 49.65 34.98 -50.73
CA GLY P 512 48.30 35.39 -51.07
C GLY P 512 47.60 34.53 -52.11
N LYS P 513 48.24 33.48 -52.61
CA LYS P 513 47.56 32.59 -53.54
C LYS P 513 46.45 31.82 -52.82
N SER P 514 45.30 31.73 -53.47
CA SER P 514 44.10 31.14 -52.87
C SER P 514 43.94 31.55 -51.40
N GLY P 515 44.28 32.81 -51.08
CA GLY P 515 44.00 33.43 -49.78
C GLY P 515 44.96 33.15 -48.65
N ILE P 516 46.12 32.53 -48.90
CA ILE P 516 47.00 32.06 -47.83
C ILE P 516 48.25 32.94 -47.77
N TRP P 517 48.44 33.62 -46.64
CA TRP P 517 49.53 34.58 -46.42
C TRP P 517 50.44 34.07 -45.30
N PRO P 518 51.75 34.14 -45.48
CA PRO P 518 52.69 33.74 -44.42
C PRO P 518 52.85 34.80 -43.33
N GLN P 519 53.44 34.35 -42.22
CA GLN P 519 53.58 35.09 -40.96
C GLN P 519 53.94 36.57 -41.11
N ARG P 520 54.80 36.90 -42.08
CA ARG P 520 55.34 38.24 -42.24
C ARG P 520 54.47 39.16 -43.09
N PHE P 521 53.42 38.61 -43.73
CA PHE P 521 52.48 39.40 -44.51
C PHE P 521 51.10 39.50 -43.87
N ARG P 522 50.90 38.89 -42.70
CA ARG P 522 49.56 38.63 -42.18
C ARG P 522 49.10 39.81 -41.34
N GLY P 523 48.14 40.57 -41.87
CA GLY P 523 47.62 41.76 -41.22
C GLY P 523 47.59 42.92 -42.18
N GLN P 524 48.52 42.91 -43.14
CA GLN P 524 48.75 44.00 -44.07
C GLN P 524 47.67 44.03 -45.15
N ASN P 525 47.66 45.11 -45.94
CA ASN P 525 46.67 45.19 -47.02
C ASN P 525 47.02 44.21 -48.10
N LEU P 526 48.21 44.31 -48.71
CA LEU P 526 48.66 43.30 -49.62
C LEU P 526 50.04 42.73 -49.25
#